data_2G46
#
_entry.id   2G46
#
_cell.length_a   1.000
_cell.length_b   1.000
_cell.length_c   1.000
_cell.angle_alpha   90.00
_cell.angle_beta   90.00
_cell.angle_gamma   90.00
#
_symmetry.space_group_name_H-M   'P 1'
#
loop_
_entity.id
_entity.type
_entity.pdbx_description
1 polymer 'PBCV-1 histone H3-Lys 27 methyltransferase'
2 polymer 'meK27 H3 Peptide'
3 non-polymer S-ADENOSYL-L-HOMOCYSTEINE
#
loop_
_entity_poly.entity_id
_entity_poly.type
_entity_poly.pdbx_seq_one_letter_code
_entity_poly.pdbx_strand_id
1 'polypeptide(L)'
;MFNDRVIVKKSPLGGYGVFARKSFEKGELVEECLCIVRHNDDWGTALEDYLFSRKNMSAMALGFGAIFNHSKDPNARHEL
TAGLKRMRIFTIKPIAIGEEITISYGDDYWLSRPRLTQN
;
A,B
2 'polypeptide(L)' GKAPRKQLATKAAR(MLZ)SAPATG C,D
#
# COMPACT_ATOMS: atom_id res chain seq x y z
N MET A 1 -3.79 -11.46 1.62
CA MET A 1 -3.28 -11.20 3.00
C MET A 1 -2.47 -12.39 3.50
N PHE A 2 -3.11 -13.49 3.77
CA PHE A 2 -2.36 -14.67 4.27
C PHE A 2 -1.51 -15.28 3.16
N ASN A 3 -0.35 -15.79 3.50
CA ASN A 3 0.53 -16.40 2.46
C ASN A 3 1.26 -17.63 3.04
N ASP A 4 1.52 -18.61 2.22
CA ASP A 4 2.22 -19.82 2.72
C ASP A 4 3.50 -19.46 3.46
N ARG A 5 4.04 -18.31 3.19
CA ARG A 5 5.31 -17.89 3.87
C ARG A 5 5.00 -17.13 5.16
N VAL A 6 3.98 -16.32 5.16
CA VAL A 6 3.63 -15.54 6.39
C VAL A 6 2.13 -15.23 6.43
N ILE A 7 1.71 -14.42 7.36
CA ILE A 7 0.26 -14.08 7.46
C ILE A 7 0.08 -12.75 8.19
N VAL A 8 -1.06 -12.13 8.04
CA VAL A 8 -1.29 -10.83 8.73
C VAL A 8 -2.05 -11.03 10.03
N LYS A 9 -1.62 -10.38 11.08
CA LYS A 9 -2.32 -10.51 12.38
C LYS A 9 -2.39 -9.12 13.07
N LYS A 10 -3.46 -8.76 13.75
CA LYS A 10 -4.65 -9.64 13.93
C LYS A 10 -4.25 -11.01 14.47
N SER A 11 -3.71 -11.05 15.67
CA SER A 11 -3.29 -12.34 16.27
C SER A 11 -4.03 -12.58 17.58
N PRO A 12 -3.90 -13.77 18.12
CA PRO A 12 -4.59 -14.11 19.39
C PRO A 12 -4.01 -13.28 20.54
N LEU A 13 -2.81 -12.77 20.38
CA LEU A 13 -2.20 -11.96 21.46
C LEU A 13 -1.25 -10.92 20.87
N GLY A 14 -1.55 -10.43 19.70
CA GLY A 14 -0.65 -9.41 19.08
C GLY A 14 -1.49 -8.31 18.43
N GLY A 15 -0.97 -7.12 18.33
CA GLY A 15 -1.74 -6.01 17.70
C GLY A 15 -1.89 -6.28 16.21
N TYR A 16 -1.40 -5.39 15.38
CA TYR A 16 -1.52 -5.60 13.92
C TYR A 16 -0.13 -5.78 13.28
N GLY A 17 0.58 -6.79 13.69
CA GLY A 17 1.94 -7.03 13.11
C GLY A 17 1.87 -8.21 12.15
N VAL A 18 2.99 -8.67 11.66
CA VAL A 18 2.95 -9.83 10.72
C VAL A 18 3.35 -11.11 11.45
N PHE A 19 2.91 -12.25 10.97
CA PHE A 19 3.27 -13.52 11.62
C PHE A 19 4.14 -14.36 10.69
N ALA A 20 5.27 -14.81 11.16
CA ALA A 20 6.16 -15.64 10.30
C ALA A 20 5.82 -17.12 10.44
N ARG A 21 4.96 -17.63 9.60
CA ARG A 21 4.63 -19.08 9.67
C ARG A 21 5.90 -19.90 9.48
N LYS A 22 6.90 -19.32 8.86
CA LYS A 22 8.18 -20.04 8.67
C LYS A 22 9.09 -19.81 9.88
N SER A 23 10.28 -20.39 9.92
CA SER A 23 10.77 -21.26 8.81
C SER A 23 11.70 -20.48 7.89
N PHE A 24 12.21 -19.36 8.34
CA PHE A 24 13.11 -18.55 7.49
C PHE A 24 14.56 -18.64 8.00
N GLU A 25 15.51 -18.25 7.20
CA GLU A 25 16.93 -18.32 7.64
C GLU A 25 17.49 -16.90 7.81
N LYS A 26 18.79 -16.78 7.92
CA LYS A 26 19.40 -15.44 8.08
C LYS A 26 19.63 -14.78 6.71
N GLY A 27 18.71 -13.94 6.30
CA GLY A 27 18.88 -13.27 4.98
C GLY A 27 17.86 -13.84 3.98
N GLU A 28 16.61 -13.87 4.34
CA GLU A 28 15.58 -14.41 3.42
C GLU A 28 14.54 -13.34 3.08
N LEU A 29 14.37 -13.05 1.82
CA LEU A 29 13.38 -12.02 1.42
C LEU A 29 11.96 -12.52 1.70
N VAL A 30 11.41 -12.14 2.83
CA VAL A 30 10.03 -12.60 3.18
C VAL A 30 9.00 -11.99 2.23
N GLU A 31 9.17 -10.73 1.90
CA GLU A 31 8.20 -10.07 0.96
C GLU A 31 8.75 -8.73 0.50
N GLU A 32 8.19 -8.18 -0.54
CA GLU A 32 8.69 -6.86 -1.04
C GLU A 32 7.58 -6.13 -1.79
N CYS A 33 7.49 -4.84 -1.64
CA CYS A 33 6.43 -4.07 -2.35
C CYS A 33 6.96 -2.69 -2.77
N LEU A 34 6.10 -1.87 -3.33
CA LEU A 34 6.56 -0.52 -3.76
C LEU A 34 6.25 0.51 -2.68
N CYS A 35 6.73 1.71 -2.84
CA CYS A 35 6.46 2.77 -1.82
C CYS A 35 6.35 4.13 -2.50
N ILE A 36 6.16 5.18 -1.74
CA ILE A 36 6.04 6.54 -2.36
C ILE A 36 7.09 7.47 -1.77
N VAL A 37 7.65 8.34 -2.57
CA VAL A 37 8.69 9.27 -2.05
C VAL A 37 8.22 10.72 -2.18
N ARG A 38 7.79 11.31 -1.10
CA ARG A 38 7.32 12.72 -1.16
C ARG A 38 8.07 13.57 -0.12
N HIS A 39 8.08 14.85 -0.29
CA HIS A 39 8.79 15.73 0.68
C HIS A 39 7.94 15.93 1.94
N ASN A 40 8.48 16.57 2.94
CA ASN A 40 7.71 16.80 4.20
C ASN A 40 6.51 17.72 3.91
N ASP A 41 6.25 18.69 4.77
CA ASP A 41 5.08 19.60 4.54
C ASP A 41 3.76 18.84 4.67
N ASP A 42 2.74 19.27 3.96
CA ASP A 42 1.41 18.60 4.05
C ASP A 42 1.55 17.07 3.98
N TRP A 43 2.47 16.59 3.20
CA TRP A 43 2.66 15.12 3.09
C TRP A 43 2.90 14.52 4.49
N GLY A 44 3.93 14.95 5.16
CA GLY A 44 4.23 14.38 6.51
C GLY A 44 3.02 14.55 7.41
N THR A 45 2.25 15.59 7.22
CA THR A 45 1.05 15.80 8.07
C THR A 45 -0.06 14.81 7.72
N ALA A 46 -0.67 14.97 6.58
CA ALA A 46 -1.77 14.05 6.18
C ALA A 46 -1.36 12.58 6.39
N LEU A 47 -0.17 12.24 6.01
CA LEU A 47 0.28 10.83 6.17
C LEU A 47 1.02 10.64 7.51
N GLU A 48 0.87 11.54 8.43
CA GLU A 48 1.57 11.39 9.74
C GLU A 48 1.14 10.09 10.43
N ASP A 49 1.76 8.99 10.09
CA ASP A 49 1.39 7.69 10.73
C ASP A 49 2.27 6.56 10.19
N TYR A 50 2.11 6.20 8.95
CA TYR A 50 2.94 5.11 8.36
C TYR A 50 3.85 5.66 7.28
N LEU A 51 4.73 6.55 7.63
CA LEU A 51 5.65 7.14 6.60
C LEU A 51 7.09 6.69 6.84
N PHE A 52 7.66 5.98 5.89
CA PHE A 52 9.08 5.57 6.03
C PHE A 52 9.96 6.67 5.45
N SER A 53 10.40 7.59 6.27
CA SER A 53 11.20 8.73 5.75
C SER A 53 12.69 8.46 5.85
N ARG A 54 13.45 8.94 4.90
CA ARG A 54 14.92 8.76 4.95
C ARG A 54 15.59 10.10 5.23
N LYS A 55 16.90 10.15 5.17
CA LYS A 55 17.59 11.43 5.46
C LYS A 55 17.58 12.31 4.21
N ASN A 56 16.43 12.84 3.89
CA ASN A 56 16.32 13.69 2.69
C ASN A 56 14.83 13.96 2.41
N MET A 57 13.97 13.07 2.83
CA MET A 57 12.54 13.27 2.58
C MET A 57 11.68 12.30 3.39
N SER A 58 10.42 12.21 3.07
CA SER A 58 9.51 11.27 3.79
C SER A 58 8.73 10.43 2.78
N ALA A 59 8.82 9.13 2.87
CA ALA A 59 8.09 8.27 1.89
C ALA A 59 6.93 7.55 2.56
N MET A 60 6.08 6.93 1.77
CA MET A 60 4.91 6.20 2.34
C MET A 60 5.16 4.69 2.30
N ALA A 61 4.59 3.95 3.21
CA ALA A 61 4.80 2.48 3.21
C ALA A 61 3.78 1.80 2.30
N LEU A 62 4.06 1.72 1.03
CA LEU A 62 3.12 1.09 0.08
C LEU A 62 2.72 -0.31 0.55
N GLY A 63 3.64 -1.24 0.52
CA GLY A 63 3.31 -2.62 0.96
C GLY A 63 3.08 -2.67 2.47
N PHE A 64 3.35 -3.79 3.08
CA PHE A 64 3.14 -3.91 4.55
C PHE A 64 4.34 -3.35 5.32
N GLY A 65 4.75 -2.16 5.02
CA GLY A 65 5.91 -1.57 5.74
C GLY A 65 5.43 -0.92 7.03
N ALA A 66 4.17 -0.54 7.09
CA ALA A 66 3.65 0.10 8.33
C ALA A 66 3.26 -0.96 9.36
N ILE A 67 2.52 -1.96 8.95
CA ILE A 67 2.08 -3.03 9.90
C ILE A 67 3.25 -3.52 10.77
N PHE A 68 4.46 -3.37 10.33
CA PHE A 68 5.62 -3.81 11.16
C PHE A 68 5.65 -3.04 12.47
N ASN A 69 5.36 -3.69 13.57
CA ASN A 69 5.35 -2.99 14.88
C ASN A 69 6.77 -2.90 15.44
N HIS A 70 6.91 -2.36 16.63
CA HIS A 70 8.27 -2.26 17.25
C HIS A 70 8.44 -3.35 18.30
N SER A 71 9.41 -4.21 18.13
CA SER A 71 9.62 -5.30 19.12
C SER A 71 11.02 -5.23 19.71
N LYS A 72 11.23 -5.81 20.87
CA LYS A 72 12.58 -5.78 21.49
C LYS A 72 13.53 -6.73 20.74
N ASP A 73 13.00 -7.67 20.01
CA ASP A 73 13.87 -8.62 19.27
C ASP A 73 13.27 -8.92 17.89
N PRO A 74 13.17 -7.90 17.06
CA PRO A 74 12.62 -8.10 15.70
C PRO A 74 13.51 -9.05 14.91
N ASN A 75 13.01 -10.19 14.55
CA ASN A 75 13.83 -11.17 13.78
C ASN A 75 13.65 -10.95 12.26
N ALA A 76 13.26 -9.77 11.87
CA ALA A 76 13.08 -9.50 10.41
C ALA A 76 13.15 -8.00 10.12
N ARG A 77 13.74 -7.63 9.02
CA ARG A 77 13.84 -6.17 8.69
C ARG A 77 13.47 -5.93 7.22
N HIS A 78 13.89 -4.82 6.68
CA HIS A 78 13.55 -4.51 5.26
C HIS A 78 14.72 -3.82 4.56
N GLU A 79 14.65 -3.70 3.27
CA GLU A 79 15.76 -3.02 2.52
C GLU A 79 15.18 -1.95 1.59
N LEU A 80 15.99 -1.02 1.16
CA LEU A 80 15.48 0.05 0.26
C LEU A 80 16.42 0.25 -0.93
N THR A 81 15.89 0.21 -2.13
CA THR A 81 16.75 0.40 -3.32
C THR A 81 17.24 1.84 -3.41
N ALA A 82 17.79 2.23 -4.52
CA ALA A 82 18.28 3.63 -4.66
C ALA A 82 17.15 4.62 -4.39
N GLY A 83 16.99 5.03 -3.15
CA GLY A 83 15.91 5.99 -2.83
C GLY A 83 14.78 5.25 -2.10
N LEU A 84 13.72 5.93 -1.77
CA LEU A 84 12.58 5.26 -1.07
C LEU A 84 11.57 4.72 -2.08
N LYS A 85 12.02 3.97 -3.04
CA LYS A 85 11.09 3.43 -4.07
C LYS A 85 10.74 1.96 -3.76
N ARG A 86 11.61 1.05 -4.13
CA ARG A 86 11.32 -0.39 -3.89
C ARG A 86 11.62 -0.77 -2.43
N MET A 87 10.70 -1.42 -1.78
CA MET A 87 10.93 -1.81 -0.36
C MET A 87 10.95 -3.35 -0.25
N ARG A 88 11.91 -3.88 0.47
CA ARG A 88 11.99 -5.37 0.61
C ARG A 88 11.90 -5.77 2.07
N ILE A 89 11.63 -7.01 2.34
CA ILE A 89 11.54 -7.47 3.76
C ILE A 89 12.39 -8.72 3.97
N PHE A 90 13.58 -8.57 4.48
CA PHE A 90 14.46 -9.75 4.71
C PHE A 90 14.25 -10.32 6.11
N THR A 91 14.99 -11.32 6.47
CA THR A 91 14.81 -11.93 7.82
C THR A 91 16.09 -11.79 8.65
N ILE A 92 16.31 -10.67 9.26
CA ILE A 92 17.50 -10.52 10.13
C ILE A 92 17.40 -11.55 11.25
N LYS A 93 18.17 -12.60 11.11
CA LYS A 93 18.18 -13.77 12.07
C LYS A 93 17.05 -14.74 11.71
N PRO A 94 17.42 -15.97 11.45
CA PRO A 94 16.42 -17.00 11.06
C PRO A 94 15.18 -16.94 11.95
N ILE A 95 14.03 -17.26 11.43
CA ILE A 95 12.80 -17.21 12.26
C ILE A 95 12.15 -18.60 12.35
N ALA A 96 11.45 -18.86 13.41
CA ALA A 96 10.78 -20.19 13.56
C ALA A 96 9.30 -20.08 13.21
N ILE A 97 8.67 -21.18 12.89
CA ILE A 97 7.23 -21.14 12.55
C ILE A 97 6.40 -20.67 13.73
N GLY A 98 5.74 -19.56 13.61
CA GLY A 98 4.92 -19.04 14.73
C GLY A 98 5.59 -17.81 15.34
N GLU A 99 6.36 -17.09 14.57
CA GLU A 99 7.03 -15.88 15.13
C GLU A 99 6.32 -14.62 14.65
N GLU A 100 6.78 -13.47 15.07
CA GLU A 100 6.13 -12.20 14.62
C GLU A 100 7.14 -11.37 13.81
N ILE A 101 6.79 -11.03 12.60
CA ILE A 101 7.71 -10.22 11.77
C ILE A 101 7.46 -8.72 12.00
N THR A 102 8.49 -8.00 12.31
CA THR A 102 8.34 -6.53 12.56
C THR A 102 9.67 -5.82 12.32
N ILE A 103 9.70 -4.52 12.42
CA ILE A 103 10.98 -3.78 12.19
C ILE A 103 11.13 -2.65 13.19
N SER A 104 12.34 -2.20 13.42
CA SER A 104 12.55 -1.08 14.39
C SER A 104 12.30 0.27 13.71
N TYR A 105 12.74 1.34 14.31
CA TYR A 105 12.52 2.68 13.70
C TYR A 105 13.86 3.40 13.53
N GLY A 106 14.36 4.01 14.57
CA GLY A 106 15.67 4.72 14.46
C GLY A 106 15.71 5.90 15.42
N ASP A 107 16.48 6.91 15.10
CA ASP A 107 16.57 8.11 15.99
C ASP A 107 15.16 8.58 16.36
N ASP A 108 14.33 8.81 15.39
CA ASP A 108 12.93 9.22 15.68
C ASP A 108 12.12 8.00 16.12
N TYR A 109 10.83 8.13 16.18
CA TYR A 109 9.97 6.97 16.59
C TYR A 109 10.54 6.26 17.82
N TRP A 110 10.11 6.67 18.99
CA TRP A 110 10.63 6.04 20.24
C TRP A 110 9.86 4.75 20.55
N LEU A 111 10.50 3.82 21.22
CA LEU A 111 9.84 2.52 21.52
C LEU A 111 9.10 2.60 22.87
N SER A 112 9.81 2.49 23.97
CA SER A 112 9.14 2.58 25.29
C SER A 112 10.17 2.51 26.42
N ARG A 113 10.60 1.34 26.78
CA ARG A 113 11.60 1.21 27.87
C ARG A 113 13.03 1.16 27.30
N PRO A 114 13.86 2.08 27.72
CA PRO A 114 15.26 2.11 27.23
C PRO A 114 16.03 0.89 27.74
N ARG A 115 15.64 -0.29 27.33
CA ARG A 115 16.35 -1.51 27.80
C ARG A 115 17.02 -2.23 26.62
N LEU A 116 17.59 -1.48 25.71
CA LEU A 116 18.25 -2.11 24.53
C LEU A 116 19.75 -1.82 24.55
N THR A 117 20.38 -1.98 25.69
CA THR A 117 21.85 -1.71 25.77
C THR A 117 22.46 -2.50 26.92
N GLN A 118 23.71 -2.88 26.80
CA GLN A 118 24.36 -3.65 27.89
C GLN A 118 25.45 -2.81 28.56
N ASN A 119 25.31 -1.51 28.54
CA ASN A 119 26.35 -0.64 29.16
C ASN A 119 25.74 0.16 30.32
N GLY B 1 10.81 22.54 30.12
CA GLY B 1 10.73 22.53 31.60
C GLY B 1 11.97 23.20 32.19
N LYS B 2 11.91 24.48 32.45
CA LYS B 2 13.10 25.18 33.02
C LYS B 2 14.34 24.92 32.15
N ALA B 3 14.20 25.03 30.86
CA ALA B 3 15.38 24.79 29.97
C ALA B 3 15.05 25.21 28.53
N PRO B 4 16.08 25.36 27.73
CA PRO B 4 15.89 25.76 26.32
C PRO B 4 15.17 24.65 25.54
N ARG B 5 13.95 24.88 25.14
CA ARG B 5 13.22 23.83 24.37
C ARG B 5 13.16 24.20 22.88
N LYS B 6 13.16 23.22 22.02
CA LYS B 6 13.11 23.52 20.56
C LYS B 6 11.95 22.77 19.90
N GLN B 7 10.88 23.46 19.58
CA GLN B 7 9.73 22.79 18.94
C GLN B 7 10.03 22.50 17.47
N LEU B 8 10.38 23.50 16.72
CA LEU B 8 10.70 23.29 15.28
C LEU B 8 12.05 22.58 15.13
N ALA B 9 12.24 21.87 14.05
CA ALA B 9 13.54 21.16 13.86
C ALA B 9 13.75 20.85 12.37
N THR B 10 14.86 21.28 11.82
CA THR B 10 15.12 21.01 10.38
C THR B 10 15.32 19.52 10.14
N LYS B 11 15.84 18.81 11.12
CA LYS B 11 16.05 17.36 10.95
C LYS B 11 14.86 16.58 11.53
N ALA B 12 13.66 17.02 11.25
CA ALA B 12 12.47 16.31 11.79
C ALA B 12 12.05 15.18 10.85
N ALA B 13 12.47 13.98 11.13
CA ALA B 13 12.10 12.83 10.26
C ALA B 13 10.99 12.00 10.90
N ARG B 14 10.69 10.86 10.36
CA ARG B 14 9.62 10.01 10.94
C ARG B 14 10.16 8.60 11.23
N SER B 16 13.01 5.77 10.88
CA SER B 16 14.45 5.65 10.49
C SER B 16 14.59 4.81 9.22
N ALA B 17 15.79 4.41 8.90
CA ALA B 17 16.00 3.58 7.67
C ALA B 17 16.72 2.27 8.04
N PRO B 18 16.90 1.42 7.06
CA PRO B 18 17.58 0.12 7.30
C PRO B 18 19.05 0.35 7.67
N ALA B 19 19.68 1.31 7.06
CA ALA B 19 21.11 1.58 7.37
C ALA B 19 21.54 2.93 6.80
N THR B 20 20.91 3.99 7.22
CA THR B 20 21.28 5.34 6.70
C THR B 20 21.04 6.40 7.77
N GLY B 21 21.99 6.60 8.65
CA GLY B 21 21.81 7.63 9.71
C GLY B 21 22.05 9.02 9.14
N MET C 1 5.90 -9.79 -4.93
CA MET C 1 5.27 -9.27 -6.18
C MET C 1 4.64 -10.43 -6.98
N PHE C 2 5.44 -11.29 -7.54
CA PHE C 2 4.89 -12.41 -8.32
C PHE C 2 4.21 -13.43 -7.40
N ASN C 3 3.14 -14.04 -7.85
CA ASN C 3 2.44 -15.04 -7.01
C ASN C 3 1.89 -16.17 -7.88
N ASP C 4 1.85 -17.37 -7.35
CA ASP C 4 1.34 -18.51 -8.16
C ASP C 4 -0.03 -18.20 -8.76
N ARG C 5 -0.75 -17.27 -8.19
CA ARG C 5 -2.10 -16.93 -8.73
C ARG C 5 -1.99 -15.81 -9.78
N VAL C 6 -1.12 -14.87 -9.56
CA VAL C 6 -0.98 -13.75 -10.55
C VAL C 6 0.43 -13.19 -10.52
N ILE C 7 0.67 -12.10 -11.20
CA ILE C 7 2.03 -11.50 -11.22
C ILE C 7 1.94 -10.01 -11.57
N VAL C 8 2.96 -9.25 -11.28
CA VAL C 8 2.93 -7.80 -11.60
C VAL C 8 3.65 -7.51 -12.91
N LYS C 9 3.06 -6.70 -13.75
CA LYS C 9 3.70 -6.36 -15.05
C LYS C 9 3.49 -4.86 -15.34
N LYS C 10 4.44 -4.15 -15.91
CA LYS C 10 5.76 -4.72 -16.33
C LYS C 10 5.56 -5.96 -17.22
N SER C 11 4.97 -5.78 -18.37
CA SER C 11 4.75 -6.93 -19.29
C SER C 11 5.45 -6.68 -20.62
N PRO C 12 5.49 -7.70 -21.45
CA PRO C 12 6.15 -7.57 -22.78
C PRO C 12 5.38 -6.58 -23.66
N LEU C 13 4.12 -6.36 -23.36
CA LEU C 13 3.32 -5.41 -24.19
C LEU C 13 2.24 -4.74 -23.33
N GLY C 14 2.52 -4.53 -22.07
CA GLY C 14 1.50 -3.88 -21.19
C GLY C 14 2.19 -2.86 -20.29
N GLY C 15 1.47 -1.85 -19.87
CA GLY C 15 2.08 -0.82 -18.99
C GLY C 15 2.36 -1.43 -17.61
N TYR C 16 1.77 -0.89 -16.57
CA TYR C 16 1.99 -1.44 -15.21
C TYR C 16 0.70 -2.03 -14.65
N GLY C 17 0.15 -3.00 -15.30
CA GLY C 17 -1.11 -3.63 -14.79
C GLY C 17 -0.80 -4.98 -14.17
N VAL C 18 -1.79 -5.75 -13.82
CA VAL C 18 -1.51 -7.08 -13.22
C VAL C 18 -1.74 -8.19 -14.25
N PHE C 19 -1.07 -9.30 -14.10
CA PHE C 19 -1.25 -10.42 -15.07
C PHE C 19 -1.91 -11.62 -14.38
N ALA C 20 -2.98 -12.12 -14.95
CA ALA C 20 -3.67 -13.28 -14.32
C ALA C 20 -3.09 -14.59 -14.85
N ARG C 21 -2.11 -15.13 -14.18
CA ARG C 21 -1.54 -16.43 -14.63
C ARG C 21 -2.65 -17.49 -14.66
N LYS C 22 -3.70 -17.28 -13.91
CA LYS C 22 -4.82 -18.24 -13.90
C LYS C 22 -5.83 -17.86 -14.99
N SER C 23 -6.90 -18.62 -15.18
CA SER C 23 -7.17 -19.82 -14.34
C SER C 23 -8.18 -19.48 -13.23
N PHE C 24 -8.88 -18.39 -13.37
CA PHE C 24 -9.87 -18.00 -12.32
C PHE C 24 -11.30 -18.21 -12.83
N GLU C 25 -12.26 -18.22 -11.94
CA GLU C 25 -13.67 -18.41 -12.38
C GLU C 25 -14.48 -17.12 -12.16
N LYS C 26 -15.77 -17.22 -12.22
CA LYS C 26 -16.62 -16.01 -12.02
C LYS C 26 -16.87 -15.77 -10.53
N GLY C 27 -16.08 -14.93 -9.91
CA GLY C 27 -16.28 -14.66 -8.45
C GLY C 27 -15.14 -15.28 -7.65
N GLU C 28 -13.92 -14.98 -8.02
CA GLU C 28 -12.76 -15.55 -7.28
C GLU C 28 -11.91 -14.44 -6.67
N LEU C 29 -11.72 -14.47 -5.38
CA LEU C 29 -10.89 -13.41 -4.73
C LEU C 29 -9.42 -13.56 -5.16
N VAL C 30 -9.00 -12.82 -6.15
CA VAL C 30 -7.60 -12.92 -6.62
C VAL C 30 -6.64 -12.40 -5.54
N GLU C 31 -7.00 -11.33 -4.90
CA GLU C 31 -6.11 -10.78 -3.83
C GLU C 31 -6.85 -9.71 -3.02
N GLU C 32 -6.34 -9.35 -1.88
CA GLU C 32 -7.01 -8.32 -1.05
C GLU C 32 -6.00 -7.64 -0.13
N CYS C 33 -6.15 -6.35 0.06
CA CYS C 33 -5.19 -5.61 0.95
C CYS C 33 -5.91 -4.51 1.71
N LEU C 34 -5.19 -3.73 2.47
CA LEU C 34 -5.84 -2.63 3.25
C LEU C 34 -5.76 -1.32 2.47
N CYS C 35 -6.44 -0.30 2.94
CA CYS C 35 -6.41 1.01 2.24
C CYS C 35 -6.49 2.15 3.26
N ILE C 36 -6.51 3.37 2.80
CA ILE C 36 -6.60 4.51 3.75
C ILE C 36 -7.82 5.37 3.44
N VAL C 37 -8.48 5.88 4.45
CA VAL C 37 -9.68 6.72 4.21
C VAL C 37 -9.45 8.15 4.70
N ARG C 38 -9.18 9.07 3.81
CA ARG C 38 -8.96 10.48 4.23
C ARG C 38 -9.89 11.41 3.47
N HIS C 39 -10.12 12.60 3.97
CA HIS C 39 -11.02 13.55 3.26
C HIS C 39 -10.28 14.22 2.10
N ASN C 40 -10.99 14.99 1.32
CA ASN C 40 -10.33 15.67 0.16
C ASN C 40 -9.28 16.69 0.66
N ASP C 41 -9.23 17.87 0.10
CA ASP C 41 -8.23 18.89 0.54
C ASP C 41 -6.80 18.43 0.20
N ASP C 42 -5.84 18.84 0.99
CA ASP C 42 -4.42 18.45 0.72
C ASP C 42 -4.30 16.97 0.38
N TRP C 43 -5.08 16.13 1.02
CA TRP C 43 -5.01 14.68 0.73
C TRP C 43 -5.22 14.43 -0.77
N GLY C 44 -6.35 14.83 -1.30
CA GLY C 44 -6.62 14.60 -2.74
C GLY C 44 -5.51 15.20 -3.58
N THR C 45 -4.92 16.27 -3.12
CA THR C 45 -3.81 16.90 -3.91
C THR C 45 -2.54 16.07 -3.84
N ALA C 46 -1.90 16.04 -2.69
CA ALA C 46 -0.64 15.25 -2.57
C ALA C 46 -0.81 13.84 -3.15
N LEU C 47 -1.91 13.21 -2.87
CA LEU C 47 -2.13 11.82 -3.39
C LEU C 47 -2.89 11.86 -4.72
N GLU C 48 -2.94 12.99 -5.38
CA GLU C 48 -3.68 13.05 -6.67
C GLU C 48 -3.07 12.07 -7.69
N ASP C 49 -3.48 10.84 -7.65
CA ASP C 49 -2.93 9.83 -8.60
C ASP C 49 -3.58 8.46 -8.38
N TYR C 50 -3.29 7.84 -7.27
CA TYR C 50 -3.88 6.50 -6.99
C TYR C 50 -4.82 6.58 -5.79
N LEU C 51 -5.86 7.35 -5.89
CA LEU C 51 -6.80 7.49 -4.74
C LEU C 51 -8.16 6.86 -5.06
N PHE C 52 -8.54 5.84 -4.34
CA PHE C 52 -9.88 5.24 -4.56
C PHE C 52 -10.90 5.98 -3.71
N SER C 53 -11.53 6.98 -4.26
CA SER C 53 -12.48 7.80 -3.45
C SER C 53 -13.92 7.30 -3.61
N ARG C 54 -14.68 7.38 -2.55
CA ARG C 54 -16.10 6.95 -2.63
C ARG C 54 -17.01 8.18 -2.53
N LYS C 55 -18.30 7.98 -2.50
CA LYS C 55 -19.22 9.15 -2.41
C LYS C 55 -19.28 9.66 -0.97
N ASN C 56 -18.23 10.28 -0.52
CA ASN C 56 -18.19 10.80 0.87
C ASN C 56 -16.76 11.25 1.19
N MET C 57 -15.79 10.67 0.55
CA MET C 57 -14.39 11.05 0.83
C MET C 57 -13.43 10.48 -0.22
N SER C 58 -12.15 10.55 0.05
CA SER C 58 -11.15 10.00 -0.90
C SER C 58 -10.18 9.08 -0.15
N ALA C 59 -10.05 7.85 -0.59
CA ALA C 59 -9.14 6.90 0.13
C ALA C 59 -7.90 6.60 -0.72
N MET C 60 -6.92 5.96 -0.13
CA MET C 60 -5.69 5.62 -0.88
C MET C 60 -5.67 4.13 -1.23
N ALA C 61 -5.05 3.76 -2.32
CA ALA C 61 -5.00 2.33 -2.71
C ALA C 61 -3.82 1.64 -2.02
N LEU C 62 -4.02 1.18 -0.81
CA LEU C 62 -2.93 0.50 -0.07
C LEU C 62 -2.33 -0.64 -0.90
N GLY C 63 -3.08 -1.69 -1.11
CA GLY C 63 -2.55 -2.83 -1.90
C GLY C 63 -2.39 -2.45 -3.36
N PHE C 64 -2.51 -3.39 -4.25
CA PHE C 64 -2.36 -3.09 -5.70
C PHE C 64 -3.67 -2.58 -6.29
N GLY C 65 -4.27 -1.59 -5.67
CA GLY C 65 -5.55 -1.05 -6.20
C GLY C 65 -5.26 -0.01 -7.29
N ALA C 66 -4.09 0.58 -7.25
CA ALA C 66 -3.74 1.60 -8.28
C ALA C 66 -3.24 0.93 -9.56
N ILE C 67 -2.32 0.01 -9.43
CA ILE C 67 -1.76 -0.69 -10.64
C ILE C 67 -2.88 -1.13 -11.60
N PHE C 68 -4.07 -1.31 -11.12
CA PHE C 68 -5.17 -1.74 -12.03
C PHE C 68 -5.42 -0.66 -13.08
N ASN C 69 -5.06 -0.94 -14.31
CA ASN C 69 -5.26 0.07 -15.40
C ASN C 69 -6.71 0.05 -15.91
N HIS C 70 -7.00 0.84 -16.90
CA HIS C 70 -8.39 0.85 -17.46
C HIS C 70 -8.43 0.06 -18.78
N SER C 71 -9.22 -0.98 -18.82
CA SER C 71 -9.30 -1.78 -20.06
C SER C 71 -10.72 -1.82 -20.61
N LYS C 72 -10.90 -2.10 -21.86
CA LYS C 72 -12.26 -2.16 -22.45
C LYS C 72 -12.99 -3.41 -21.97
N ASP C 73 -12.27 -4.41 -21.53
CA ASP C 73 -12.93 -5.66 -21.05
C ASP C 73 -12.22 -6.20 -19.80
N PRO C 74 -12.25 -5.43 -18.74
CA PRO C 74 -11.59 -5.86 -17.49
C PRO C 74 -12.27 -7.12 -16.96
N ASN C 75 -11.56 -8.22 -16.93
CA ASN C 75 -12.17 -9.49 -16.42
C ASN C 75 -11.93 -9.64 -14.92
N ALA C 76 -11.73 -8.55 -14.22
CA ALA C 76 -11.52 -8.65 -12.75
C ALA C 76 -11.83 -7.31 -12.08
N ARG C 77 -12.42 -7.34 -10.90
CA ARG C 77 -12.73 -6.06 -10.20
C ARG C 77 -12.33 -6.15 -8.73
N HIS C 78 -12.90 -5.31 -7.90
CA HIS C 78 -12.55 -5.33 -6.46
C HIS C 78 -13.77 -5.05 -5.59
N GLU C 79 -13.66 -5.27 -4.30
CA GLU C 79 -14.82 -5.01 -3.40
C GLU C 79 -14.37 -4.13 -2.23
N LEU C 80 -15.31 -3.51 -1.55
CA LEU C 80 -14.93 -2.63 -0.42
C LEU C 80 -15.82 -2.92 0.80
N THR C 81 -15.23 -3.17 1.94
CA THR C 81 -16.05 -3.45 3.15
C THR C 81 -16.76 -2.18 3.61
N ALA C 82 -17.31 -2.21 4.79
CA ALA C 82 -18.03 -1.00 5.31
C ALA C 82 -17.09 0.21 5.30
N GLY C 83 -17.07 0.94 4.21
CA GLY C 83 -16.19 2.14 4.14
C GLY C 83 -15.00 1.82 3.23
N LEU C 84 -14.08 2.74 3.09
CA LEU C 84 -12.89 2.50 2.23
C LEU C 84 -11.75 1.89 3.05
N LYS C 85 -12.01 0.85 3.78
CA LYS C 85 -10.94 0.23 4.61
C LYS C 85 -10.38 -1.02 3.94
N ARG C 86 -11.06 -2.14 4.06
CA ARG C 86 -10.54 -3.39 3.44
C ARG C 86 -10.85 -3.41 1.94
N MET C 87 -9.87 -3.71 1.12
CA MET C 87 -10.10 -3.76 -0.34
C MET C 87 -9.88 -5.18 -0.87
N ARG C 88 -10.77 -5.68 -1.68
CA ARG C 88 -10.61 -7.06 -2.21
C ARG C 88 -10.54 -7.05 -3.73
N ILE C 89 -10.07 -8.11 -4.33
CA ILE C 89 -9.98 -8.16 -5.81
C ILE C 89 -10.62 -9.45 -6.34
N PHE C 90 -11.85 -9.38 -6.78
CA PHE C 90 -12.52 -10.61 -7.30
C PHE C 90 -12.30 -10.74 -8.80
N THR C 91 -12.88 -11.73 -9.41
CA THR C 91 -12.67 -11.92 -10.88
C THR C 91 -13.99 -11.81 -11.63
N ILE C 92 -14.43 -10.62 -11.91
CA ILE C 92 -15.68 -10.47 -12.71
C ILE C 92 -15.48 -11.15 -14.05
N LYS C 93 -16.05 -12.32 -14.20
CA LYS C 93 -15.91 -13.16 -15.43
C LYS C 93 -14.62 -13.98 -15.35
N PRO C 94 -14.75 -15.30 -15.41
CA PRO C 94 -13.57 -16.19 -15.32
C PRO C 94 -12.42 -15.67 -16.19
N ILE C 95 -11.20 -15.93 -15.78
CA ILE C 95 -10.04 -15.44 -16.57
C ILE C 95 -9.18 -16.61 -17.03
N ALA C 96 -8.50 -16.47 -18.13
CA ALA C 96 -7.63 -17.58 -18.62
C ALA C 96 -6.17 -17.30 -18.27
N ILE C 97 -5.35 -18.32 -18.27
CA ILE C 97 -3.92 -18.12 -17.93
C ILE C 97 -3.24 -17.21 -18.97
N GLY C 98 -2.77 -16.06 -18.55
CA GLY C 98 -2.11 -15.14 -19.50
C GLY C 98 -3.02 -13.93 -19.77
N GLU C 99 -3.85 -13.59 -18.83
CA GLU C 99 -4.75 -12.41 -19.03
C GLU C 99 -4.24 -11.21 -18.25
N GLU C 100 -4.90 -10.09 -18.35
CA GLU C 100 -4.46 -8.89 -17.58
C GLU C 100 -5.54 -8.49 -16.57
N ILE C 101 -5.19 -8.42 -15.31
CA ILE C 101 -6.19 -8.02 -14.30
C ILE C 101 -6.21 -6.50 -14.12
N THR C 102 -7.36 -5.91 -14.23
CA THR C 102 -7.47 -4.43 -14.08
C THR C 102 -8.89 -4.06 -13.64
N ILE C 103 -9.14 -2.79 -13.39
CA ILE C 103 -10.52 -2.39 -12.97
C ILE C 103 -10.91 -1.07 -13.63
N SER C 104 -12.18 -0.80 -13.72
CA SER C 104 -12.63 0.48 -14.36
C SER C 104 -12.58 1.63 -13.34
N TYR C 105 -13.22 2.72 -13.64
CA TYR C 105 -13.21 3.87 -12.70
C TYR C 105 -14.64 4.28 -12.34
N GLY C 106 -15.29 5.03 -13.18
CA GLY C 106 -16.69 5.44 -12.87
C GLY C 106 -16.98 6.81 -13.48
N ASP C 107 -17.89 7.55 -12.90
CA ASP C 107 -18.22 8.91 -13.45
C ASP C 107 -16.94 9.70 -13.69
N ASP C 108 -16.11 9.81 -12.69
CA ASP C 108 -14.82 10.53 -12.87
C ASP C 108 -13.84 9.63 -13.63
N TYR C 109 -12.58 9.99 -13.66
CA TYR C 109 -11.57 9.15 -14.37
C TYR C 109 -12.09 8.70 -15.75
N TRP C 110 -11.79 9.46 -16.77
CA TRP C 110 -12.26 9.09 -18.13
C TRP C 110 -11.31 8.08 -18.78
N LEU C 111 -11.83 7.25 -19.66
CA LEU C 111 -10.96 6.22 -20.31
C LEU C 111 -10.33 6.78 -21.59
N SER C 112 -11.07 6.84 -22.67
CA SER C 112 -10.49 7.37 -23.94
C SER C 112 -11.56 7.42 -25.03
N ARG C 113 -11.81 6.32 -25.68
CA ARG C 113 -12.83 6.30 -26.76
C ARG C 113 -14.19 5.86 -26.21
N PRO C 114 -15.19 6.70 -26.37
CA PRO C 114 -16.54 6.34 -25.87
C PRO C 114 -17.13 5.19 -26.68
N ARG C 115 -16.52 4.03 -26.61
CA ARG C 115 -17.05 2.87 -27.38
C ARG C 115 -17.51 1.77 -26.42
N LEU C 116 -18.15 2.14 -25.34
CA LEU C 116 -18.63 1.12 -24.37
C LEU C 116 -20.16 1.13 -24.30
N THR C 117 -20.81 1.16 -25.43
CA THR C 117 -22.30 1.17 -25.42
C THR C 117 -22.84 0.62 -26.74
N GLN C 118 -24.00 0.01 -26.71
CA GLN C 118 -24.57 -0.56 -27.97
C GLN C 118 -25.82 0.21 -28.36
N ASN C 119 -25.90 1.47 -28.01
CA ASN C 119 -27.10 2.27 -28.38
C ASN C 119 -26.70 3.44 -29.28
N GLY D 1 -15.77 27.28 -23.29
CA GLY D 1 -15.77 27.67 -24.73
C GLY D 1 -17.14 28.24 -25.10
N LYS D 2 -17.30 29.53 -25.02
CA LYS D 2 -18.63 30.14 -25.37
C LYS D 2 -19.76 29.45 -24.60
N ALA D 3 -19.57 29.24 -23.32
CA ALA D 3 -20.63 28.57 -22.52
C ALA D 3 -20.31 28.66 -21.02
N PRO D 4 -21.30 28.40 -20.21
CA PRO D 4 -21.09 28.45 -18.74
C PRO D 4 -20.17 27.32 -18.28
N ARG D 5 -18.99 27.65 -17.85
CA ARG D 5 -18.03 26.60 -17.39
C ARG D 5 -17.97 26.58 -15.86
N LYS D 6 -17.75 25.42 -15.28
CA LYS D 6 -17.67 25.33 -13.80
C LYS D 6 -16.37 24.66 -13.38
N GLN D 7 -15.42 25.42 -12.90
CA GLN D 7 -14.13 24.81 -12.46
C GLN D 7 -14.30 24.10 -11.12
N LEU D 8 -14.78 24.80 -10.12
CA LEU D 8 -14.97 24.17 -8.79
C LEU D 8 -16.17 23.22 -8.82
N ALA D 9 -16.18 22.23 -7.97
CA ALA D 9 -17.33 21.28 -7.96
C ALA D 9 -17.41 20.57 -6.60
N THR D 10 -18.54 20.64 -5.95
CA THR D 10 -18.67 19.97 -4.63
C THR D 10 -18.60 18.45 -4.80
N LYS D 11 -19.05 17.94 -5.92
CA LYS D 11 -19.00 16.47 -6.15
C LYS D 11 -17.73 16.09 -6.92
N ALA D 12 -16.62 16.65 -6.54
CA ALA D 12 -15.34 16.34 -7.25
C ALA D 12 -14.69 15.09 -6.64
N ALA D 13 -14.91 13.95 -7.24
CA ALA D 13 -14.31 12.70 -6.70
C ALA D 13 -13.11 12.27 -7.55
N ARG D 14 -12.60 11.10 -7.32
CA ARG D 14 -11.43 10.62 -8.13
C ARG D 14 -11.74 9.27 -8.78
N SER D 16 -14.05 5.98 -9.16
CA SER D 16 -15.42 5.51 -8.80
C SER D 16 -15.35 4.36 -7.80
N ALA D 17 -16.45 3.69 -7.58
CA ALA D 17 -16.45 2.55 -6.62
C ALA D 17 -16.96 1.27 -7.31
N PRO D 18 -16.93 0.18 -6.60
CA PRO D 18 -17.39 -1.11 -7.17
C PRO D 18 -18.90 -1.05 -7.45
N ALA D 19 -19.66 -0.41 -6.59
CA ALA D 19 -21.12 -0.33 -6.82
C ALA D 19 -21.74 0.73 -5.91
N THR D 20 -21.33 1.95 -6.04
CA THR D 20 -21.89 3.03 -5.18
C THR D 20 -21.89 4.37 -5.93
N GLY D 21 -22.91 4.62 -6.71
CA GLY D 21 -22.96 5.90 -7.48
C GLY D 21 -23.40 7.03 -6.54
N MET A 1 -2.03 -10.89 3.30
CA MET A 1 -2.93 -11.80 4.05
C MET A 1 -2.31 -13.20 4.18
N PHE A 2 -3.09 -14.18 4.53
CA PHE A 2 -2.54 -15.56 4.68
C PHE A 2 -1.79 -15.98 3.41
N ASN A 3 -0.61 -16.52 3.56
CA ASN A 3 0.17 -16.96 2.37
C ASN A 3 1.07 -18.14 2.74
N ASP A 4 1.53 -18.88 1.76
CA ASP A 4 2.40 -20.06 2.06
C ASP A 4 3.76 -19.60 2.59
N ARG A 5 3.78 -18.92 3.71
CA ARG A 5 5.05 -18.44 4.30
C ARG A 5 4.74 -17.58 5.52
N VAL A 6 3.65 -16.86 5.48
CA VAL A 6 3.27 -15.99 6.64
C VAL A 6 1.76 -15.74 6.60
N ILE A 7 1.28 -14.88 7.46
CA ILE A 7 -0.18 -14.56 7.46
C ILE A 7 -0.43 -13.24 8.18
N VAL A 8 -1.58 -12.66 8.00
CA VAL A 8 -1.86 -11.36 8.67
C VAL A 8 -2.47 -11.59 10.06
N LYS A 9 -1.81 -11.12 11.07
CA LYS A 9 -2.34 -11.28 12.45
C LYS A 9 -1.92 -10.05 13.29
N LYS A 10 -2.81 -9.35 13.97
CA LYS A 10 -4.26 -9.74 14.06
C LYS A 10 -4.37 -11.19 14.58
N SER A 11 -3.58 -11.52 15.55
CA SER A 11 -3.62 -12.90 16.12
C SER A 11 -4.58 -12.94 17.33
N PRO A 12 -4.59 -14.04 18.03
CA PRO A 12 -5.48 -14.17 19.21
C PRO A 12 -5.30 -12.98 20.16
N LEU A 13 -6.27 -12.11 20.22
CA LEU A 13 -6.16 -10.93 21.14
C LEU A 13 -4.84 -10.19 20.89
N GLY A 14 -4.59 -9.78 19.68
CA GLY A 14 -3.33 -9.05 19.39
C GLY A 14 -3.60 -7.89 18.43
N GLY A 15 -2.68 -6.98 18.30
CA GLY A 15 -2.89 -5.83 17.37
C GLY A 15 -2.68 -6.30 15.93
N TYR A 16 -2.50 -5.40 15.01
CA TYR A 16 -2.29 -5.81 13.59
C TYR A 16 -0.79 -5.89 13.27
N GLY A 17 -0.24 -7.08 13.29
CA GLY A 17 1.20 -7.24 12.96
C GLY A 17 1.35 -8.39 11.97
N VAL A 18 2.52 -8.97 11.85
CA VAL A 18 2.68 -10.10 10.89
C VAL A 18 2.96 -11.40 11.65
N PHE A 19 2.36 -12.48 11.23
CA PHE A 19 2.61 -13.78 11.92
C PHE A 19 3.54 -14.64 11.06
N ALA A 20 4.45 -15.34 11.67
CA ALA A 20 5.39 -16.19 10.88
C ALA A 20 5.02 -17.67 10.97
N ARG A 21 4.21 -18.15 10.07
CA ARG A 21 3.83 -19.59 10.09
C ARG A 21 5.09 -20.44 9.94
N LYS A 22 6.10 -19.89 9.31
CA LYS A 22 7.38 -20.63 9.14
C LYS A 22 8.34 -20.28 10.28
N SER A 23 9.56 -20.79 10.30
CA SER A 23 10.05 -21.68 9.20
C SER A 23 11.10 -20.96 8.35
N PHE A 24 11.65 -19.88 8.86
CA PHE A 24 12.64 -19.10 8.06
C PHE A 24 14.01 -19.15 8.74
N GLU A 25 15.05 -18.87 7.99
CA GLU A 25 16.41 -18.89 8.57
C GLU A 25 16.90 -17.46 8.81
N LYS A 26 18.02 -17.30 9.45
CA LYS A 26 18.53 -15.93 9.72
C LYS A 26 19.05 -15.30 8.43
N GLY A 27 18.18 -14.78 7.61
CA GLY A 27 18.64 -14.16 6.33
C GLY A 27 17.73 -14.59 5.18
N GLU A 28 16.44 -14.66 5.42
CA GLU A 28 15.51 -15.06 4.33
C GLU A 28 14.51 -13.94 4.04
N LEU A 29 13.93 -13.95 2.87
CA LEU A 29 12.94 -12.89 2.53
C LEU A 29 11.53 -13.36 2.88
N VAL A 30 10.79 -12.57 3.63
CA VAL A 30 9.42 -12.98 4.01
C VAL A 30 8.40 -12.41 3.02
N GLU A 31 8.52 -11.15 2.69
CA GLU A 31 7.55 -10.55 1.73
C GLU A 31 8.03 -9.15 1.30
N GLU A 32 7.65 -8.74 0.12
CA GLU A 32 8.07 -7.39 -0.37
C GLU A 32 6.95 -6.78 -1.22
N CYS A 33 6.84 -5.47 -1.21
CA CYS A 33 5.76 -4.82 -2.01
C CYS A 33 6.23 -3.47 -2.56
N LEU A 34 5.30 -2.60 -2.87
CA LEU A 34 5.69 -1.27 -3.41
C LEU A 34 5.64 -0.21 -2.31
N CYS A 35 6.04 1.00 -2.62
CA CYS A 35 6.00 2.09 -1.61
C CYS A 35 5.79 3.43 -2.29
N ILE A 36 5.25 4.40 -1.60
CA ILE A 36 5.03 5.73 -2.22
C ILE A 36 6.21 6.65 -1.89
N VAL A 37 6.36 7.73 -2.61
CA VAL A 37 7.49 8.65 -2.33
C VAL A 37 7.08 10.11 -2.56
N ARG A 38 6.90 10.85 -1.50
CA ARG A 38 6.50 12.28 -1.65
C ARG A 38 7.64 13.20 -1.17
N HIS A 39 7.35 14.44 -0.93
CA HIS A 39 8.41 15.38 -0.47
C HIS A 39 7.98 16.12 0.79
N ASN A 40 7.76 15.41 1.86
CA ASN A 40 7.37 16.08 3.14
C ASN A 40 6.17 17.02 2.91
N ASP A 41 6.08 18.09 3.66
CA ASP A 41 4.92 19.03 3.51
C ASP A 41 3.60 18.31 3.78
N ASP A 42 2.55 18.64 3.06
CA ASP A 42 1.23 17.98 3.30
C ASP A 42 1.38 16.45 3.40
N TRP A 43 2.36 15.90 2.74
CA TRP A 43 2.57 14.43 2.81
C TRP A 43 2.95 14.01 4.23
N GLY A 44 3.83 14.73 4.85
CA GLY A 44 4.24 14.38 6.24
C GLY A 44 3.04 14.54 7.18
N THR A 45 2.26 15.56 6.99
CA THR A 45 1.07 15.75 7.87
C THR A 45 0.04 14.65 7.64
N ALA A 46 -0.54 14.59 6.49
CA ALA A 46 -1.55 13.53 6.21
C ALA A 46 -0.97 12.15 6.49
N LEU A 47 0.11 11.80 5.84
CA LEU A 47 0.72 10.46 6.08
C LEU A 47 1.76 10.54 7.19
N GLU A 48 1.41 11.12 8.31
CA GLU A 48 2.39 11.24 9.42
C GLU A 48 2.57 9.90 10.15
N ASP A 49 1.86 8.88 9.72
CA ASP A 49 2.00 7.56 10.38
C ASP A 49 2.24 6.47 9.32
N TYR A 50 2.83 5.38 9.70
CA TYR A 50 3.10 4.29 8.72
C TYR A 50 3.89 4.85 7.53
N LEU A 51 4.60 5.93 7.75
CA LEU A 51 5.39 6.53 6.63
C LEU A 51 6.88 6.50 6.93
N PHE A 52 7.66 5.91 6.07
CA PHE A 52 9.13 5.87 6.28
C PHE A 52 9.78 7.09 5.63
N SER A 53 10.42 7.92 6.41
CA SER A 53 11.04 9.15 5.82
C SER A 53 12.52 8.92 5.52
N ARG A 54 12.97 9.41 4.40
CA ARG A 54 14.41 9.25 4.02
C ARG A 54 15.14 10.58 4.11
N LYS A 55 16.42 10.59 3.88
CA LYS A 55 17.18 11.87 3.95
C LYS A 55 17.07 12.59 2.61
N ASN A 56 15.97 13.27 2.41
CA ASN A 56 15.75 13.98 1.14
C ASN A 56 14.26 14.02 0.82
N MET A 57 13.49 13.16 1.42
CA MET A 57 12.02 13.14 1.14
C MET A 57 11.30 12.15 2.07
N SER A 58 10.22 11.57 1.63
CA SER A 58 9.50 10.60 2.49
C SER A 58 8.78 9.55 1.64
N ALA A 59 8.35 8.47 2.23
CA ALA A 59 7.65 7.41 1.46
C ALA A 59 6.66 6.66 2.35
N MET A 60 5.65 6.07 1.77
CA MET A 60 4.65 5.31 2.59
C MET A 60 4.91 3.80 2.48
N ALA A 61 4.43 3.03 3.42
CA ALA A 61 4.65 1.56 3.36
C ALA A 61 3.56 0.90 2.53
N LEU A 62 3.81 0.69 1.26
CA LEU A 62 2.78 0.08 0.38
C LEU A 62 2.32 -1.28 0.94
N GLY A 63 3.16 -2.27 0.87
CA GLY A 63 2.76 -3.63 1.35
C GLY A 63 2.47 -3.59 2.85
N PHE A 64 3.01 -4.54 3.59
CA PHE A 64 2.76 -4.58 5.05
C PHE A 64 3.82 -3.77 5.81
N GLY A 65 4.21 -2.65 5.28
CA GLY A 65 5.24 -1.83 5.97
C GLY A 65 4.59 -1.03 7.11
N ALA A 66 3.29 -0.85 7.05
CA ALA A 66 2.60 -0.06 8.11
C ALA A 66 2.12 -0.97 9.25
N ILE A 67 1.47 -2.06 8.92
CA ILE A 67 0.95 -2.97 9.99
C ILE A 67 2.06 -3.42 10.93
N PHE A 68 3.30 -3.28 10.54
CA PHE A 68 4.42 -3.72 11.43
C PHE A 68 4.23 -3.16 12.84
N ASN A 69 4.42 -3.98 13.85
CA ASN A 69 4.23 -3.51 15.25
C ASN A 69 5.58 -3.13 15.88
N HIS A 70 5.62 -3.00 17.17
CA HIS A 70 6.91 -2.66 17.86
C HIS A 70 7.49 -3.93 18.50
N SER A 71 8.77 -3.95 18.74
CA SER A 71 9.38 -5.15 19.37
C SER A 71 10.86 -4.90 19.68
N LYS A 72 11.28 -5.19 20.89
CA LYS A 72 12.71 -4.97 21.25
C LYS A 72 13.61 -5.81 20.35
N ASP A 73 13.19 -6.99 20.00
CA ASP A 73 14.02 -7.86 19.13
C ASP A 73 13.24 -8.24 17.86
N PRO A 74 13.19 -7.33 16.92
CA PRO A 74 12.46 -7.58 15.66
C PRO A 74 13.12 -8.74 14.89
N ASN A 75 12.56 -9.91 14.98
CA ASN A 75 13.15 -11.07 14.25
C ASN A 75 13.29 -10.75 12.76
N ALA A 76 12.55 -9.80 12.27
CA ALA A 76 12.65 -9.45 10.82
C ALA A 76 12.82 -7.94 10.65
N ARG A 77 13.25 -7.50 9.50
CA ARG A 77 13.43 -6.05 9.26
C ARG A 77 13.04 -5.69 7.83
N HIS A 78 12.70 -4.46 7.58
CA HIS A 78 12.31 -4.05 6.21
C HIS A 78 13.53 -3.58 5.42
N GLU A 79 13.40 -3.45 4.13
CA GLU A 79 14.56 -3.01 3.30
C GLU A 79 14.08 -2.20 2.10
N LEU A 80 14.95 -1.43 1.50
CA LEU A 80 14.55 -0.62 0.32
C LEU A 80 15.43 -0.95 -0.88
N THR A 81 14.90 -0.86 -2.07
CA THR A 81 15.71 -1.16 -3.28
C THR A 81 16.70 -0.04 -3.56
N ALA A 82 17.64 0.18 -2.67
CA ALA A 82 18.64 1.26 -2.88
C ALA A 82 17.94 2.59 -3.16
N GLY A 83 16.87 2.86 -2.47
CA GLY A 83 16.13 4.14 -2.71
C GLY A 83 14.81 4.13 -1.95
N LEU A 84 13.74 4.53 -2.59
CA LEU A 84 12.42 4.55 -1.90
C LEU A 84 11.34 4.00 -2.82
N LYS A 85 11.71 3.20 -3.79
CA LYS A 85 10.71 2.65 -4.75
C LYS A 85 10.08 1.37 -4.19
N ARG A 86 10.82 0.31 -4.07
CA ARG A 86 10.24 -0.96 -3.58
C ARG A 86 10.67 -1.24 -2.13
N MET A 87 9.99 -2.14 -1.47
CA MET A 87 10.34 -2.47 -0.06
C MET A 87 10.37 -3.99 0.13
N ARG A 88 11.21 -4.47 1.00
CA ARG A 88 11.28 -5.94 1.24
C ARG A 88 11.28 -6.25 2.73
N ILE A 89 11.09 -7.49 3.09
CA ILE A 89 11.08 -7.85 4.54
C ILE A 89 11.94 -9.10 4.78
N PHE A 90 13.17 -8.91 5.15
CA PHE A 90 14.07 -10.08 5.40
C PHE A 90 13.98 -10.52 6.86
N THR A 91 14.72 -11.53 7.22
CA THR A 91 14.69 -12.01 8.64
C THR A 91 16.08 -11.86 9.28
N ILE A 92 16.32 -10.77 9.95
CA ILE A 92 17.65 -10.55 10.58
C ILE A 92 17.99 -11.71 11.51
N LYS A 93 17.00 -12.44 11.95
CA LYS A 93 17.28 -13.59 12.86
C LYS A 93 16.43 -14.80 12.47
N PRO A 94 16.85 -15.97 12.92
CA PRO A 94 16.10 -17.21 12.59
C PRO A 94 14.65 -17.11 13.10
N ILE A 95 13.76 -17.88 12.54
CA ILE A 95 12.34 -17.82 12.98
C ILE A 95 11.71 -19.22 12.94
N ALA A 96 10.97 -19.57 13.96
CA ALA A 96 10.32 -20.90 14.00
C ALA A 96 8.85 -20.80 13.61
N ILE A 97 8.24 -21.93 13.34
CA ILE A 97 6.80 -21.92 12.95
C ILE A 97 5.94 -21.44 14.13
N GLY A 98 5.37 -20.28 14.01
CA GLY A 98 4.52 -19.75 15.12
C GLY A 98 5.18 -18.51 15.71
N GLU A 99 6.02 -17.84 14.95
CA GLU A 99 6.69 -16.62 15.49
C GLU A 99 5.90 -15.38 15.06
N GLU A 100 6.37 -14.22 15.43
CA GLU A 100 5.67 -12.96 15.03
C GLU A 100 6.65 -12.02 14.33
N ILE A 101 6.36 -11.64 13.12
CA ILE A 101 7.29 -10.73 12.39
C ILE A 101 6.93 -9.27 12.65
N THR A 102 7.92 -8.48 13.00
CA THR A 102 7.68 -7.05 13.30
C THR A 102 9.01 -6.29 13.24
N ILE A 103 8.99 -5.04 12.84
CA ILE A 103 10.26 -4.27 12.76
C ILE A 103 10.25 -3.11 13.76
N SER A 104 11.40 -2.52 14.01
CA SER A 104 11.46 -1.39 14.97
C SER A 104 11.06 -0.08 14.28
N TYR A 105 11.45 1.04 14.83
CA TYR A 105 11.10 2.34 14.19
C TYR A 105 12.35 3.18 13.95
N GLY A 106 12.71 4.05 14.87
CA GLY A 106 13.93 4.88 14.66
C GLY A 106 14.20 5.74 15.90
N ASP A 107 15.34 6.36 15.96
CA ASP A 107 15.66 7.22 17.14
C ASP A 107 14.66 8.38 17.23
N ASP A 108 14.58 9.19 16.21
CA ASP A 108 13.63 10.32 16.23
C ASP A 108 12.20 9.81 16.44
N TYR A 109 11.86 8.71 15.81
CA TYR A 109 10.48 8.16 15.96
C TYR A 109 10.41 7.19 17.15
N TRP A 110 11.19 7.41 18.17
CA TRP A 110 11.13 6.51 19.35
C TRP A 110 12.07 7.02 20.45
N LEU A 111 12.27 6.24 21.48
CA LEU A 111 13.17 6.68 22.60
C LEU A 111 14.52 7.14 22.04
N SER A 112 15.21 7.98 22.76
CA SER A 112 16.53 8.47 22.29
C SER A 112 17.57 7.34 22.31
N ARG A 113 17.99 6.88 21.17
CA ARG A 113 18.99 5.79 21.13
C ARG A 113 18.53 4.61 22.00
N PRO A 114 17.70 3.77 21.43
CA PRO A 114 17.18 2.60 22.17
C PRO A 114 18.29 1.55 22.34
N ARG A 115 18.88 1.49 23.49
CA ARG A 115 19.97 0.50 23.72
C ARG A 115 19.39 -0.88 24.02
N LEU A 116 19.82 -1.89 23.29
CA LEU A 116 19.28 -3.26 23.53
C LEU A 116 20.43 -4.24 23.81
N THR A 117 21.56 -3.74 24.22
CA THR A 117 22.71 -4.65 24.51
C THR A 117 22.46 -5.42 25.82
N GLN A 118 22.90 -6.65 25.89
CA GLN A 118 22.69 -7.44 27.13
C GLN A 118 23.53 -6.85 28.28
N ASN A 119 23.01 -6.87 29.47
CA ASN A 119 23.78 -6.33 30.62
C ASN A 119 24.97 -7.23 30.96
N GLY B 1 18.15 32.96 37.45
CA GLY B 1 17.00 33.84 37.12
C GLY B 1 16.00 33.08 36.23
N LYS B 2 15.89 33.46 34.99
CA LYS B 2 14.93 32.76 34.08
C LYS B 2 15.66 32.30 32.82
N ALA B 3 16.93 32.02 32.92
CA ALA B 3 17.70 31.57 31.72
C ALA B 3 17.28 30.14 31.32
N PRO B 4 17.24 29.26 32.29
CA PRO B 4 16.86 27.85 31.99
C PRO B 4 15.43 27.79 31.42
N ARG B 5 15.29 28.03 30.14
CA ARG B 5 13.92 27.99 29.53
C ARG B 5 14.03 27.81 28.02
N LYS B 6 12.99 27.35 27.40
CA LYS B 6 13.02 27.15 25.92
C LYS B 6 14.25 26.32 25.51
N GLN B 7 14.33 25.11 25.98
CA GLN B 7 15.50 24.25 25.62
C GLN B 7 15.33 23.68 24.21
N LEU B 8 16.17 22.77 23.82
CA LEU B 8 16.07 22.17 22.46
C LEU B 8 15.06 21.02 22.47
N ALA B 9 14.57 20.65 21.31
CA ALA B 9 13.58 19.53 21.26
C ALA B 9 14.12 18.39 20.40
N THR B 10 13.72 17.18 20.69
CA THR B 10 14.22 16.03 19.89
C THR B 10 13.87 16.23 18.40
N LYS B 11 12.88 17.02 18.12
CA LYS B 11 12.49 17.26 16.70
C LYS B 11 12.27 15.93 15.99
N ALA B 12 11.14 15.30 16.20
CA ALA B 12 10.87 14.01 15.53
C ALA B 12 10.48 14.24 14.06
N ALA B 13 10.14 13.19 13.35
CA ALA B 13 9.77 13.35 11.92
C ALA B 13 9.04 12.11 11.42
N ARG B 14 9.72 11.01 11.32
CA ARG B 14 9.08 9.76 10.83
C ARG B 14 9.90 8.54 11.23
N SER B 16 12.68 5.99 11.57
CA SER B 16 14.13 6.14 11.26
C SER B 16 14.47 5.43 9.95
N ALA B 17 14.15 4.17 9.84
CA ALA B 17 14.47 3.42 8.59
C ALA B 17 15.97 3.53 8.25
N PRO B 18 16.38 2.83 7.23
CA PRO B 18 17.81 2.86 6.82
C PRO B 18 18.23 4.29 6.46
N ALA B 19 19.49 4.49 6.17
CA ALA B 19 19.97 5.85 5.81
C ALA B 19 20.76 5.80 4.51
N THR B 20 20.31 5.04 3.54
CA THR B 20 21.04 4.95 2.25
C THR B 20 21.20 6.34 1.63
N GLY B 21 21.97 6.44 0.58
CA GLY B 21 22.18 7.76 -0.08
C GLY B 21 20.83 8.44 -0.33
N MET C 1 3.87 -9.14 -5.70
CA MET C 1 4.93 -9.63 -6.62
C MET C 1 4.58 -11.04 -7.12
N PHE C 2 5.54 -11.74 -7.67
CA PHE C 2 5.26 -13.11 -8.18
C PHE C 2 4.62 -13.98 -7.10
N ASN C 3 3.56 -14.67 -7.43
CA ASN C 3 2.89 -15.54 -6.42
C ASN C 3 2.23 -16.73 -7.12
N ASP C 4 1.93 -17.77 -6.38
CA ASP C 4 1.29 -18.97 -7.00
C ASP C 4 -0.13 -18.65 -7.45
N ARG C 5 -0.28 -17.74 -8.37
CA ARG C 5 -1.63 -17.35 -8.87
C ARG C 5 -1.50 -16.17 -9.83
N VAL C 6 -0.57 -15.29 -9.56
CA VAL C 6 -0.36 -14.11 -10.44
C VAL C 6 1.06 -13.58 -10.27
N ILE C 7 1.36 -12.47 -10.86
CA ILE C 7 2.74 -11.90 -10.72
C ILE C 7 2.72 -10.41 -11.07
N VAL C 8 3.74 -9.69 -10.70
CA VAL C 8 3.77 -8.23 -11.01
C VAL C 8 4.39 -7.99 -12.38
N LYS C 9 3.65 -7.39 -13.27
CA LYS C 9 4.19 -7.08 -14.62
C LYS C 9 3.53 -5.80 -15.14
N LYS C 10 4.27 -4.79 -15.58
CA LYS C 10 5.76 -4.86 -15.71
C LYS C 10 6.16 -6.08 -16.56
N SER C 11 5.44 -6.30 -17.63
CA SER C 11 5.74 -7.44 -18.53
C SER C 11 6.68 -6.99 -19.66
N PRO C 12 6.89 -7.85 -20.62
CA PRO C 12 7.78 -7.51 -21.75
C PRO C 12 7.37 -6.17 -22.38
N LEU C 13 8.15 -5.15 -22.17
CA LEU C 13 7.81 -3.82 -22.76
C LEU C 13 6.38 -3.41 -22.40
N GLY C 14 6.06 -3.40 -21.13
CA GLY C 14 4.68 -3.01 -20.72
C GLY C 14 4.75 -2.11 -19.49
N GLY C 15 3.66 -1.45 -19.17
CA GLY C 15 3.65 -0.56 -17.97
C GLY C 15 3.55 -1.41 -16.71
N TYR C 16 3.20 -0.83 -15.60
CA TYR C 16 3.08 -1.63 -14.34
C TYR C 16 1.64 -2.07 -14.12
N GLY C 17 1.32 -3.29 -14.46
CA GLY C 17 -0.06 -3.80 -14.25
C GLY C 17 0.02 -5.18 -13.58
N VAL C 18 -1.01 -5.96 -13.66
CA VAL C 18 -0.94 -7.31 -13.03
C VAL C 18 -0.99 -8.40 -14.11
N PHE C 19 -0.18 -9.42 -13.96
CA PHE C 19 -0.19 -10.53 -14.96
C PHE C 19 -0.92 -11.74 -14.39
N ALA C 20 -1.69 -12.43 -15.19
CA ALA C 20 -2.44 -13.60 -14.68
C ALA C 20 -1.79 -14.91 -15.13
N ARG C 21 -0.89 -15.44 -14.34
CA ARG C 21 -0.25 -16.73 -14.71
C ARG C 21 -1.33 -17.81 -14.83
N LYS C 22 -2.42 -17.64 -14.13
CA LYS C 22 -3.52 -18.64 -14.22
C LYS C 22 -4.55 -18.18 -15.27
N SER C 23 -5.64 -18.90 -15.46
CA SER C 23 -5.95 -20.11 -14.66
C SER C 23 -7.11 -19.83 -13.69
N PHE C 24 -7.86 -18.79 -13.92
CA PHE C 24 -8.98 -18.45 -13.01
C PHE C 24 -10.32 -18.58 -13.73
N GLU C 25 -11.38 -18.70 -12.98
CA GLU C 25 -12.72 -18.82 -13.62
C GLU C 25 -13.47 -17.50 -13.50
N LYS C 26 -14.61 -17.38 -14.13
CA LYS C 26 -15.37 -16.12 -14.06
C LYS C 26 -16.01 -15.96 -12.67
N GLY C 27 -15.24 -15.51 -11.71
CA GLY C 27 -15.80 -15.32 -10.34
C GLY C 27 -14.82 -15.86 -9.30
N GLU C 28 -13.54 -15.62 -9.50
CA GLU C 28 -12.54 -16.11 -8.50
C GLU C 28 -11.77 -14.93 -7.89
N LEU C 29 -11.20 -15.13 -6.74
CA LEU C 29 -10.42 -14.03 -6.10
C LEU C 29 -8.95 -14.12 -6.50
N VAL C 30 -8.39 -13.04 -6.98
CA VAL C 30 -6.96 -13.08 -7.40
C VAL C 30 -6.07 -12.59 -6.26
N GLU C 31 -6.42 -11.52 -5.62
CA GLU C 31 -5.58 -11.00 -4.51
C GLU C 31 -6.31 -9.89 -3.75
N GLU C 32 -6.02 -9.72 -2.50
CA GLU C 32 -6.68 -8.65 -1.70
C GLU C 32 -5.70 -8.07 -0.68
N CYS C 33 -5.84 -6.81 -0.34
CA CYS C 33 -4.90 -6.21 0.64
C CYS C 33 -5.62 -5.15 1.49
N LEU C 34 -4.88 -4.23 2.05
CA LEU C 34 -5.52 -3.17 2.89
C LEU C 34 -5.67 -1.88 2.10
N CYS C 35 -6.28 -0.89 2.70
CA CYS C 35 -6.47 0.41 1.99
C CYS C 35 -6.52 1.55 3.00
N ILE C 36 -6.17 2.74 2.59
CA ILE C 36 -6.22 3.89 3.55
C ILE C 36 -7.55 4.62 3.41
N VAL C 37 -7.90 5.44 4.36
CA VAL C 37 -9.20 6.16 4.28
C VAL C 37 -9.07 7.56 4.89
N ARG C 38 -9.04 8.58 4.06
CA ARG C 38 -8.93 9.97 4.59
C ARG C 38 -10.22 10.74 4.31
N HIS C 39 -10.17 12.04 4.40
CA HIS C 39 -11.40 12.85 4.15
C HIS C 39 -11.14 13.96 3.14
N ASN C 40 -10.79 13.60 1.93
CA ASN C 40 -10.54 14.64 0.88
C ASN C 40 -9.54 15.70 1.39
N ASP C 41 -9.66 16.92 0.94
CA ASP C 41 -8.71 17.98 1.38
C ASP C 41 -7.27 17.61 0.99
N ASP C 42 -6.30 17.95 1.81
CA ASP C 42 -4.88 17.63 1.46
C ASP C 42 -4.74 16.18 0.97
N TRP C 43 -5.59 15.31 1.44
CA TRP C 43 -5.50 13.89 0.99
C TRP C 43 -5.81 13.78 -0.50
N GLY C 44 -6.82 14.47 -0.96
CA GLY C 44 -7.17 14.41 -2.41
C GLY C 44 -6.02 15.01 -3.23
N THR C 45 -5.45 16.09 -2.75
CA THR C 45 -4.33 16.73 -3.51
C THR C 45 -3.11 15.80 -3.52
N ALA C 46 -2.51 15.57 -2.39
CA ALA C 46 -1.31 14.68 -2.34
C ALA C 46 -1.62 13.33 -2.99
N LEU C 47 -2.60 12.64 -2.50
CA LEU C 47 -2.95 11.31 -3.09
C LEU C 47 -4.00 11.48 -4.19
N GLU C 48 -3.78 12.38 -5.11
CA GLU C 48 -4.76 12.59 -6.21
C GLU C 48 -4.68 11.47 -7.25
N ASP C 49 -3.79 10.53 -7.07
CA ASP C 49 -3.68 9.42 -8.04
C ASP C 49 -3.71 8.08 -7.31
N TYR C 50 -4.07 7.02 -7.97
CA TYR C 50 -4.12 5.69 -7.31
C TYR C 50 -5.00 5.76 -6.06
N LEU C 51 -5.90 6.71 -6.02
CA LEU C 51 -6.78 6.85 -4.83
C LEU C 51 -8.25 6.62 -5.19
N PHE C 52 -8.88 5.68 -4.54
CA PHE C 52 -10.32 5.42 -4.81
C PHE C 52 -11.19 6.30 -3.90
N SER C 53 -11.99 7.17 -4.47
CA SER C 53 -12.83 8.06 -3.62
C SER C 53 -14.24 7.50 -3.45
N ARG C 54 -14.76 7.59 -2.26
CA ARG C 54 -16.13 7.06 -2.01
C ARG C 54 -17.11 8.21 -1.76
N LYS C 55 -18.37 7.93 -1.64
CA LYS C 55 -19.36 9.00 -1.40
C LYS C 55 -19.37 9.37 0.09
N ASN C 56 -18.44 10.18 0.50
CA ASN C 56 -18.35 10.56 1.93
C ASN C 56 -16.89 10.80 2.31
N MET C 57 -15.96 10.28 1.54
CA MET C 57 -14.52 10.47 1.87
C MET C 57 -13.64 9.91 0.74
N SER C 58 -12.47 9.44 1.08
CA SER C 58 -11.58 8.87 0.03
C SER C 58 -10.65 7.80 0.63
N ALA C 59 -10.04 7.01 -0.21
CA ALA C 59 -9.14 5.94 0.30
C ALA C 59 -8.02 5.63 -0.71
N MET C 60 -6.92 5.11 -0.26
CA MET C 60 -5.81 4.79 -1.20
C MET C 60 -5.76 3.29 -1.48
N ALA C 61 -5.16 2.89 -2.56
CA ALA C 61 -5.09 1.43 -2.90
C ALA C 61 -3.87 0.80 -2.20
N LEU C 62 -4.07 0.23 -1.04
CA LEU C 62 -2.94 -0.39 -0.30
C LEU C 62 -2.22 -1.44 -1.16
N GLY C 63 -2.86 -2.56 -1.39
CA GLY C 63 -2.21 -3.65 -2.18
C GLY C 63 -1.95 -3.17 -3.61
N PHE C 64 -2.30 -3.98 -4.58
CA PHE C 64 -2.05 -3.59 -5.99
C PHE C 64 -3.25 -2.84 -6.57
N GLY C 65 -3.85 -1.98 -5.78
CA GLY C 65 -5.03 -1.22 -6.30
C GLY C 65 -4.54 -0.04 -7.16
N ALA C 66 -3.30 0.35 -7.01
CA ALA C 66 -2.78 1.50 -7.81
C ALA C 66 -2.15 1.02 -9.11
N ILE C 67 -1.29 0.03 -9.05
CA ILE C 67 -0.61 -0.46 -10.28
C ILE C 67 -1.63 -0.85 -11.36
N PHE C 68 -2.87 -1.06 -11.00
CA PHE C 68 -3.90 -1.46 -12.02
C PHE C 68 -3.83 -0.52 -13.23
N ASN C 69 -3.86 -1.08 -14.41
CA ASN C 69 -3.78 -0.23 -15.64
C ASN C 69 -5.18 0.03 -16.21
N HIS C 70 -5.25 0.47 -17.43
CA HIS C 70 -6.57 0.72 -18.07
C HIS C 70 -6.91 -0.42 -19.03
N SER C 71 -8.17 -0.61 -19.32
CA SER C 71 -8.54 -1.71 -20.26
C SER C 71 -10.04 -1.67 -20.56
N LYS C 72 -10.40 -1.71 -21.82
CA LYS C 72 -11.84 -1.68 -22.18
C LYS C 72 -12.57 -2.87 -21.57
N ASP C 73 -11.92 -4.00 -21.51
CA ASP C 73 -12.57 -5.20 -20.92
C ASP C 73 -11.72 -5.75 -19.75
N PRO C 74 -11.84 -5.11 -18.61
CA PRO C 74 -11.06 -5.55 -17.43
C PRO C 74 -11.48 -6.96 -17.01
N ASN C 75 -10.71 -7.94 -17.35
CA ASN C 75 -11.06 -9.34 -16.98
C ASN C 75 -11.25 -9.45 -15.46
N ALA C 76 -10.71 -8.53 -14.72
CA ALA C 76 -10.86 -8.59 -13.24
C ALA C 76 -11.32 -7.22 -12.69
N ARG C 77 -11.81 -7.19 -11.49
CA ARG C 77 -12.27 -5.91 -10.90
C ARG C 77 -11.95 -5.87 -9.40
N HIS C 78 -11.85 -4.69 -8.84
CA HIS C 78 -11.53 -4.59 -7.39
C HIS C 78 -12.82 -4.58 -6.56
N GLU C 79 -12.71 -4.76 -5.28
CA GLU C 79 -13.93 -4.77 -4.42
C GLU C 79 -13.60 -4.22 -3.03
N LEU C 80 -14.59 -3.82 -2.29
CA LEU C 80 -14.35 -3.27 -0.93
C LEU C 80 -15.15 -4.05 0.11
N THR C 81 -14.63 -4.17 1.31
CA THR C 81 -15.36 -4.93 2.36
C THR C 81 -16.55 -4.11 2.87
N ALA C 82 -17.51 -3.87 2.03
CA ALA C 82 -18.71 -3.08 2.46
C ALA C 82 -18.27 -1.76 3.10
N GLY C 83 -17.28 -1.12 2.55
CA GLY C 83 -16.80 0.16 3.14
C GLY C 83 -15.51 0.61 2.45
N LEU C 84 -14.54 1.02 3.21
CA LEU C 84 -13.25 1.46 2.62
C LEU C 84 -12.07 0.90 3.42
N LYS C 85 -12.28 -0.16 4.12
CA LYS C 85 -11.18 -0.75 4.96
C LYS C 85 -10.31 -1.70 4.13
N ARG C 86 -10.85 -2.81 3.71
CA ARG C 86 -10.04 -3.79 2.94
C ARG C 86 -10.40 -3.75 1.45
N MET C 87 -9.57 -4.31 0.62
CA MET C 87 -9.87 -4.33 -0.85
C MET C 87 -9.61 -5.72 -1.42
N ARG C 88 -10.35 -6.12 -2.42
CA ARG C 88 -10.13 -7.47 -3.02
C ARG C 88 -10.09 -7.37 -4.55
N ILE C 89 -9.65 -8.42 -5.20
CA ILE C 89 -9.58 -8.39 -6.69
C ILE C 89 -10.19 -9.67 -7.27
N PHE C 90 -11.44 -9.63 -7.64
CA PHE C 90 -12.09 -10.84 -8.21
C PHE C 90 -11.94 -10.87 -9.73
N THR C 91 -12.46 -11.87 -10.38
CA THR C 91 -12.36 -11.95 -11.86
C THR C 91 -13.75 -11.91 -12.49
N ILE C 92 -14.20 -10.74 -12.88
CA ILE C 92 -15.55 -10.64 -13.49
C ILE C 92 -15.67 -11.57 -14.70
N LYS C 93 -14.56 -11.95 -15.26
CA LYS C 93 -14.61 -12.86 -16.46
C LYS C 93 -13.55 -13.96 -16.34
N PRO C 94 -13.74 -15.02 -17.08
CA PRO C 94 -12.75 -16.14 -17.05
C PRO C 94 -11.37 -15.64 -17.45
N ILE C 95 -10.34 -16.35 -17.08
CA ILE C 95 -8.96 -15.91 -17.43
C ILE C 95 -8.07 -17.13 -17.71
N ALA C 96 -7.29 -17.05 -18.75
CA ALA C 96 -6.39 -18.20 -19.11
C ALA C 96 -4.96 -17.93 -18.64
N ILE C 97 -4.15 -18.95 -18.64
CA ILE C 97 -2.73 -18.77 -18.20
C ILE C 97 -1.99 -17.85 -19.17
N GLY C 98 -1.65 -16.67 -18.74
CA GLY C 98 -0.93 -15.73 -19.65
C GLY C 98 -1.82 -14.52 -19.93
N GLU C 99 -2.77 -14.24 -19.06
CA GLU C 99 -3.67 -13.07 -19.29
C GLU C 99 -3.13 -11.86 -18.54
N GLU C 100 -3.81 -10.74 -18.62
CA GLU C 100 -3.36 -9.53 -17.88
C GLU C 100 -4.50 -9.00 -17.02
N ILE C 101 -4.28 -8.90 -15.74
CA ILE C 101 -5.36 -8.41 -14.85
C ILE C 101 -5.30 -6.88 -14.71
N THR C 102 -6.43 -6.23 -14.89
CA THR C 102 -6.47 -4.75 -14.80
C THR C 102 -7.92 -4.28 -14.61
N ILE C 103 -8.13 -3.21 -13.91
CA ILE C 103 -9.52 -2.73 -13.69
C ILE C 103 -9.75 -1.38 -14.36
N SER C 104 -10.98 -0.97 -14.50
CA SER C 104 -11.27 0.34 -15.15
C SER C 104 -11.12 1.48 -14.14
N TYR C 105 -11.72 2.60 -14.40
CA TYR C 105 -11.62 3.74 -13.44
C TYR C 105 -13.02 4.25 -13.05
N GLY C 106 -13.54 5.24 -13.73
CA GLY C 106 -14.91 5.74 -13.37
C GLY C 106 -15.34 6.83 -14.36
N ASP C 107 -16.58 7.22 -14.31
CA ASP C 107 -17.06 8.28 -15.25
C ASP C 107 -16.31 9.58 -15.00
N ASP C 108 -16.37 10.10 -13.80
CA ASP C 108 -15.66 11.36 -13.50
C ASP C 108 -14.16 11.19 -13.76
N TYR C 109 -13.61 10.06 -13.43
CA TYR C 109 -12.16 9.83 -13.66
C TYR C 109 -11.90 9.24 -15.04
N TRP C 110 -12.71 9.57 -16.00
CA TRP C 110 -12.51 9.02 -17.37
C TRP C 110 -13.52 9.61 -18.35
N LEU C 111 -13.58 9.10 -19.55
CA LEU C 111 -14.56 9.62 -20.55
C LEU C 111 -15.96 9.67 -19.96
N SER C 112 -16.80 10.53 -20.47
CA SER C 112 -18.19 10.62 -19.93
C SER C 112 -19.00 9.36 -20.30
N ARG C 113 -19.30 8.55 -19.33
CA ARG C 113 -20.09 7.31 -19.61
C ARG C 113 -19.41 6.51 -20.73
N PRO C 114 -18.43 5.72 -20.35
CA PRO C 114 -17.70 4.89 -21.35
C PRO C 114 -18.58 3.74 -21.81
N ARG C 115 -19.16 3.87 -22.98
CA ARG C 115 -20.05 2.77 -23.49
C ARG C 115 -19.21 1.65 -24.10
N LEU C 116 -19.43 0.44 -23.68
CA LEU C 116 -18.64 -0.70 -24.24
C LEU C 116 -19.58 -1.77 -24.80
N THR C 117 -20.79 -1.42 -25.12
CA THR C 117 -21.74 -2.42 -25.68
C THR C 117 -21.37 -2.76 -27.13
N GLN C 118 -21.56 -3.99 -27.53
CA GLN C 118 -21.21 -4.37 -28.92
C GLN C 118 -22.15 -3.69 -29.90
N ASN C 119 -21.65 -3.31 -31.06
CA ASN C 119 -22.51 -2.63 -32.06
C ASN C 119 -23.49 -3.63 -32.67
N GLY D 1 -24.59 37.42 -28.47
CA GLY D 1 -23.62 38.39 -27.88
C GLY D 1 -22.50 37.63 -27.18
N LYS D 2 -22.45 37.69 -25.88
CA LYS D 2 -21.38 36.98 -25.13
C LYS D 2 -21.99 36.07 -24.06
N ALA D 3 -23.19 35.60 -24.28
CA ALA D 3 -23.84 34.71 -23.27
C ALA D 3 -23.16 33.34 -23.22
N PRO D 4 -22.96 32.75 -24.38
CA PRO D 4 -22.30 31.42 -24.44
C PRO D 4 -20.90 31.49 -23.84
N ARG D 5 -20.79 31.41 -22.54
CA ARG D 5 -19.44 31.47 -21.90
C ARG D 5 -19.49 30.90 -20.48
N LYS D 6 -18.38 30.49 -19.95
CA LYS D 6 -18.36 29.91 -18.58
C LYS D 6 -19.40 28.80 -18.45
N GLN D 7 -19.26 27.74 -19.21
CA GLN D 7 -20.23 26.63 -19.13
C GLN D 7 -19.96 25.76 -17.91
N LEU D 8 -20.61 24.64 -17.80
CA LEU D 8 -20.37 23.74 -16.63
C LEU D 8 -19.16 22.84 -16.88
N ALA D 9 -18.60 22.28 -15.85
CA ALA D 9 -17.41 21.39 -16.02
C ALA D 9 -17.71 19.99 -15.50
N THR D 10 -17.10 18.99 -16.08
CA THR D 10 -17.36 17.60 -15.61
C THR D 10 -17.05 17.47 -14.12
N LYS D 11 -16.22 18.34 -13.60
CA LYS D 11 -15.89 18.28 -12.15
C LYS D 11 -15.40 16.87 -11.78
N ALA D 12 -14.18 16.55 -12.10
CA ALA D 12 -13.64 15.20 -11.77
C ALA D 12 -13.31 15.11 -10.28
N ALA D 13 -12.77 14.00 -9.85
CA ALA D 13 -12.42 13.86 -8.40
C ALA D 13 -11.46 12.69 -8.20
N ARG D 14 -11.93 11.48 -8.41
CA ARG D 14 -11.05 10.30 -8.22
C ARG D 14 -11.62 9.08 -8.96
N SER D 16 -13.87 6.23 -10.05
CA SER D 16 -15.31 6.02 -9.77
C SER D 16 -15.51 4.94 -8.70
N ALA D 17 -14.94 3.79 -8.89
CA ALA D 17 -15.10 2.70 -7.89
C ALA D 17 -16.59 2.44 -7.61
N PRO D 18 -16.85 1.43 -6.81
CA PRO D 18 -18.26 1.09 -6.47
C PRO D 18 -18.95 2.27 -5.78
N ALA D 19 -20.22 2.15 -5.51
CA ALA D 19 -20.95 3.26 -4.83
C ALA D 19 -21.71 2.73 -3.62
N THR D 20 -21.11 1.85 -2.87
CA THR D 20 -21.81 1.29 -1.67
C THR D 20 -22.23 2.42 -0.72
N GLY D 21 -22.99 2.10 0.29
CA GLY D 21 -23.45 3.15 1.24
C GLY D 21 -22.25 3.98 1.72
N MET A 1 -5.07 -13.18 4.15
CA MET A 1 -3.86 -12.39 4.53
C MET A 1 -2.93 -13.23 5.40
N PHE A 2 -2.44 -14.32 4.90
CA PHE A 2 -1.53 -15.18 5.71
C PHE A 2 -1.03 -16.37 4.87
N ASN A 3 0.25 -16.63 4.92
CA ASN A 3 0.80 -17.78 4.14
C ASN A 3 1.61 -18.70 5.07
N ASP A 4 1.89 -19.89 4.63
CA ASP A 4 2.68 -20.83 5.49
C ASP A 4 3.98 -20.17 5.95
N ARG A 5 4.45 -19.18 5.24
CA ARG A 5 5.71 -18.51 5.64
C ARG A 5 5.46 -17.48 6.75
N VAL A 6 4.38 -16.75 6.66
CA VAL A 6 4.09 -15.73 7.71
C VAL A 6 2.59 -15.50 7.84
N ILE A 7 2.18 -14.64 8.72
CA ILE A 7 0.72 -14.37 8.89
C ILE A 7 0.50 -12.94 9.39
N VAL A 8 -0.71 -12.46 9.34
CA VAL A 8 -0.98 -11.08 9.82
C VAL A 8 -1.67 -11.08 11.19
N LYS A 9 -1.11 -10.40 12.15
CA LYS A 9 -1.74 -10.34 13.49
C LYS A 9 -1.86 -8.87 13.92
N LYS A 10 -2.91 -8.44 14.60
CA LYS A 10 -4.04 -9.34 15.00
C LYS A 10 -3.52 -10.57 15.75
N SER A 11 -2.82 -10.35 16.83
CA SER A 11 -2.27 -11.51 17.61
C SER A 11 -3.06 -11.68 18.91
N PRO A 12 -2.58 -12.58 19.75
CA PRO A 12 -3.26 -12.83 21.04
C PRO A 12 -3.38 -11.53 21.85
N LEU A 13 -2.29 -10.85 22.05
CA LEU A 13 -2.34 -9.57 22.83
C LEU A 13 -2.95 -8.46 21.98
N GLY A 14 -2.47 -8.28 20.78
CA GLY A 14 -3.02 -7.19 19.93
C GLY A 14 -1.89 -6.57 19.10
N GLY A 15 -2.13 -5.43 18.52
CA GLY A 15 -1.06 -4.77 17.70
C GLY A 15 -1.07 -5.36 16.29
N TYR A 16 -0.98 -4.52 15.29
CA TYR A 16 -0.98 -5.05 13.90
C TYR A 16 0.45 -5.18 13.36
N GLY A 17 1.04 -6.33 13.53
CA GLY A 17 2.42 -6.53 13.01
C GLY A 17 2.43 -7.79 12.13
N VAL A 18 3.59 -8.28 11.77
CA VAL A 18 3.61 -9.50 10.92
C VAL A 18 4.22 -10.66 11.70
N PHE A 19 3.52 -11.76 11.79
CA PHE A 19 4.04 -12.92 12.57
C PHE A 19 4.88 -13.83 11.68
N ALA A 20 5.69 -14.67 12.27
CA ALA A 20 6.54 -15.57 11.46
C ALA A 20 6.21 -17.03 11.76
N ARG A 21 5.38 -17.65 10.96
CA ARG A 21 5.05 -19.08 11.19
C ARG A 21 6.31 -19.94 11.02
N LYS A 22 7.30 -19.42 10.35
CA LYS A 22 8.56 -20.18 10.16
C LYS A 22 9.56 -19.85 11.29
N SER A 23 10.74 -20.42 11.31
CA SER A 23 11.18 -21.38 10.24
C SER A 23 12.16 -20.71 9.29
N PHE A 24 12.72 -19.59 9.68
CA PHE A 24 13.68 -18.89 8.78
C PHE A 24 15.10 -19.00 9.34
N GLU A 25 16.08 -18.63 8.55
CA GLU A 25 17.49 -18.69 9.03
C GLU A 25 17.99 -17.29 9.37
N LYS A 26 19.27 -17.13 9.55
CA LYS A 26 19.81 -15.79 9.88
C LYS A 26 19.96 -14.93 8.61
N GLY A 27 19.53 -15.43 7.48
CA GLY A 27 19.65 -14.63 6.23
C GLY A 27 18.62 -15.13 5.21
N GLU A 28 17.41 -14.62 5.26
CA GLU A 28 16.38 -15.07 4.29
C GLU A 28 15.37 -13.95 4.02
N LEU A 29 14.84 -13.90 2.84
CA LEU A 29 13.84 -12.84 2.52
C LEU A 29 12.44 -13.27 2.92
N VAL A 30 11.78 -12.51 3.77
CA VAL A 30 10.41 -12.88 4.20
C VAL A 30 9.39 -12.45 3.15
N GLU A 31 9.42 -11.21 2.77
CA GLU A 31 8.45 -10.72 1.74
C GLU A 31 8.94 -9.40 1.14
N GLU A 32 8.23 -8.86 0.20
CA GLU A 32 8.66 -7.58 -0.43
C GLU A 32 7.52 -6.95 -1.24
N CYS A 33 7.48 -5.65 -1.31
CA CYS A 33 6.40 -4.98 -2.09
C CYS A 33 6.91 -3.69 -2.72
N LEU A 34 6.03 -2.78 -3.04
CA LEU A 34 6.47 -1.50 -3.65
C LEU A 34 6.29 -0.35 -2.64
N CYS A 35 6.61 0.85 -3.04
CA CYS A 35 6.46 2.02 -2.11
C CYS A 35 6.05 3.26 -2.88
N ILE A 36 5.77 4.33 -2.20
CA ILE A 36 5.39 5.59 -2.90
C ILE A 36 6.44 6.67 -2.64
N VAL A 37 6.99 7.25 -3.66
CA VAL A 37 8.03 8.29 -3.45
C VAL A 37 7.41 9.70 -3.55
N ARG A 38 7.14 10.31 -2.43
CA ARG A 38 6.54 11.68 -2.45
C ARG A 38 7.47 12.67 -1.74
N HIS A 39 7.02 13.87 -1.53
CA HIS A 39 7.87 14.89 -0.85
C HIS A 39 7.41 15.08 0.60
N ASN A 40 7.85 16.13 1.24
CA ASN A 40 7.43 16.38 2.64
C ASN A 40 6.16 17.25 2.67
N ASP A 41 6.09 18.23 3.55
CA ASP A 41 4.89 19.11 3.61
C ASP A 41 3.61 18.27 3.85
N ASP A 42 2.53 18.56 3.16
CA ASP A 42 1.27 17.79 3.39
C ASP A 42 1.53 16.28 3.46
N TRP A 43 2.40 15.77 2.62
CA TRP A 43 2.68 14.31 2.65
C TRP A 43 3.16 13.90 4.03
N GLY A 44 4.07 14.65 4.60
CA GLY A 44 4.58 14.28 5.96
C GLY A 44 3.47 14.46 7.00
N THR A 45 2.49 15.26 6.70
CA THR A 45 1.38 15.47 7.67
C THR A 45 0.31 14.39 7.53
N ALA A 46 -0.33 14.33 6.40
CA ALA A 46 -1.40 13.29 6.20
C ALA A 46 -0.82 11.89 6.42
N LEU A 47 0.22 11.55 5.70
CA LEU A 47 0.81 10.19 5.86
C LEU A 47 1.89 10.21 6.95
N GLU A 48 1.56 10.70 8.10
CA GLU A 48 2.57 10.75 9.20
C GLU A 48 2.52 9.46 10.04
N ASP A 49 2.70 8.34 9.41
CA ASP A 49 2.66 7.05 10.18
C ASP A 49 3.40 5.96 9.41
N TYR A 50 2.79 5.42 8.39
CA TYR A 50 3.47 4.35 7.59
C TYR A 50 4.28 4.98 6.46
N LEU A 51 5.06 5.99 6.78
CA LEU A 51 5.83 6.68 5.72
C LEU A 51 7.35 6.55 5.95
N PHE A 52 8.01 5.79 5.12
CA PHE A 52 9.48 5.67 5.26
C PHE A 52 10.16 6.76 4.43
N SER A 53 10.67 7.78 5.07
CA SER A 53 11.30 8.90 4.30
C SER A 53 12.81 8.73 4.22
N ARG A 54 13.44 9.40 3.29
CA ARG A 54 14.91 9.32 3.14
C ARG A 54 15.52 10.71 3.12
N LYS A 55 16.79 10.81 2.86
CA LYS A 55 17.44 12.15 2.83
C LYS A 55 17.21 12.80 1.48
N ASN A 56 16.08 13.43 1.32
CA ASN A 56 15.76 14.08 0.02
C ASN A 56 14.24 14.15 -0.16
N MET A 57 13.51 13.32 0.54
CA MET A 57 12.02 13.36 0.41
C MET A 57 11.37 12.36 1.37
N SER A 58 10.10 12.12 1.19
CA SER A 58 9.40 11.15 2.08
C SER A 58 8.56 10.17 1.24
N ALA A 59 8.63 8.90 1.54
CA ALA A 59 7.86 7.91 0.72
C ALA A 59 7.00 7.03 1.61
N MET A 60 6.08 6.30 1.04
CA MET A 60 5.22 5.38 1.84
C MET A 60 5.80 3.97 1.81
N ALA A 61 5.27 3.09 2.62
CA ALA A 61 5.83 1.70 2.65
C ALA A 61 5.19 0.81 1.58
N LEU A 62 3.89 0.74 1.55
CA LEU A 62 3.23 -0.13 0.52
C LEU A 62 2.99 -1.54 1.07
N GLY A 63 4.00 -2.37 1.05
CA GLY A 63 3.84 -3.76 1.57
C GLY A 63 3.59 -3.74 3.07
N PHE A 64 4.10 -4.70 3.79
CA PHE A 64 3.91 -4.74 5.26
C PHE A 64 4.84 -3.76 5.96
N GLY A 65 4.79 -2.50 5.59
CA GLY A 65 5.68 -1.50 6.24
C GLY A 65 4.99 -0.92 7.47
N ALA A 66 3.73 -0.60 7.35
CA ALA A 66 2.99 -0.03 8.51
C ALA A 66 2.94 -1.04 9.65
N ILE A 67 2.58 -2.26 9.36
CA ILE A 67 2.48 -3.29 10.43
C ILE A 67 3.74 -3.32 11.30
N PHE A 68 4.85 -2.84 10.81
CA PHE A 68 6.09 -2.86 11.63
C PHE A 68 5.83 -2.26 13.03
N ASN A 69 5.91 -3.08 14.04
CA ASN A 69 5.62 -2.58 15.43
C ASN A 69 6.91 -2.32 16.21
N HIS A 70 6.79 -2.17 17.50
CA HIS A 70 8.00 -1.91 18.34
C HIS A 70 8.53 -3.22 18.92
N SER A 71 9.82 -3.37 18.97
CA SER A 71 10.41 -4.63 19.53
C SER A 71 11.85 -4.40 19.99
N LYS A 72 12.25 -5.02 21.06
CA LYS A 72 13.64 -4.83 21.55
C LYS A 72 14.60 -5.79 20.85
N ASP A 73 14.08 -6.84 20.28
CA ASP A 73 14.96 -7.81 19.56
C ASP A 73 14.50 -7.98 18.11
N PRO A 74 14.80 -6.98 17.31
CA PRO A 74 14.41 -7.04 15.87
C PRO A 74 15.01 -8.28 15.20
N ASN A 75 14.19 -9.26 14.93
CA ASN A 75 14.71 -10.50 14.28
C ASN A 75 14.75 -10.33 12.76
N ALA A 76 14.10 -9.33 12.23
CA ALA A 76 14.12 -9.13 10.76
C ALA A 76 14.18 -7.63 10.42
N ARG A 77 14.93 -7.27 9.41
CA ARG A 77 15.03 -5.84 9.02
C ARG A 77 14.38 -5.60 7.66
N HIS A 78 14.45 -4.39 7.16
CA HIS A 78 13.83 -4.10 5.84
C HIS A 78 14.87 -3.50 4.88
N GLU A 79 14.59 -3.54 3.61
CA GLU A 79 15.56 -2.97 2.62
C GLU A 79 14.84 -2.10 1.60
N LEU A 80 15.52 -1.15 1.02
CA LEU A 80 14.87 -0.27 0.02
C LEU A 80 15.75 -0.15 -1.23
N THR A 81 15.16 -0.16 -2.39
CA THR A 81 15.96 -0.04 -3.64
C THR A 81 16.40 1.41 -3.85
N ALA A 82 16.93 1.72 -5.00
CA ALA A 82 17.38 3.12 -5.26
C ALA A 82 16.22 3.96 -5.81
N GLY A 83 15.70 4.85 -5.02
CA GLY A 83 14.57 5.71 -5.51
C GLY A 83 13.35 5.54 -4.59
N LEU A 84 13.51 4.95 -3.44
CA LEU A 84 12.35 4.78 -2.52
C LEU A 84 11.18 4.14 -3.25
N LYS A 85 11.44 3.27 -4.18
CA LYS A 85 10.35 2.63 -4.95
C LYS A 85 10.05 1.23 -4.42
N ARG A 86 11.00 0.34 -4.51
CA ARG A 86 10.76 -1.06 -4.04
C ARG A 86 11.29 -1.27 -2.63
N MET A 87 10.83 -2.30 -1.96
CA MET A 87 11.31 -2.58 -0.58
C MET A 87 11.28 -4.08 -0.29
N ARG A 88 12.18 -4.57 0.51
CA ARG A 88 12.19 -6.02 0.82
C ARG A 88 12.31 -6.24 2.33
N ILE A 89 12.17 -7.46 2.78
CA ILE A 89 12.30 -7.74 4.24
C ILE A 89 13.15 -8.98 4.47
N PHE A 90 14.28 -8.84 5.11
CA PHE A 90 15.15 -10.01 5.36
C PHE A 90 15.12 -10.40 6.83
N THR A 91 15.69 -11.52 7.18
CA THR A 91 15.70 -11.95 8.61
C THR A 91 17.12 -11.89 9.16
N ILE A 92 17.55 -10.77 9.66
CA ILE A 92 18.92 -10.66 10.21
C ILE A 92 19.19 -11.78 11.22
N LYS A 93 18.16 -12.32 11.81
CA LYS A 93 18.36 -13.41 12.80
C LYS A 93 17.42 -14.58 12.50
N PRO A 94 17.84 -15.78 12.87
CA PRO A 94 17.00 -16.97 12.63
C PRO A 94 15.68 -16.85 13.40
N ILE A 95 14.61 -17.33 12.83
CA ILE A 95 13.30 -17.23 13.52
C ILE A 95 12.64 -18.61 13.64
N ALA A 96 12.01 -18.88 14.74
CA ALA A 96 11.34 -20.21 14.91
C ALA A 96 9.84 -20.08 14.63
N ILE A 97 9.17 -21.17 14.42
CA ILE A 97 7.71 -21.11 14.14
C ILE A 97 6.96 -20.56 15.36
N GLY A 98 6.24 -19.48 15.18
CA GLY A 98 5.49 -18.89 16.32
C GLY A 98 6.23 -17.66 16.85
N GLU A 99 6.79 -16.87 15.96
CA GLU A 99 7.52 -15.65 16.41
C GLU A 99 6.85 -14.40 15.86
N GLU A 100 7.26 -13.25 16.33
CA GLU A 100 6.65 -11.98 15.82
C GLU A 100 7.69 -11.16 15.06
N ILE A 101 7.40 -10.78 13.84
CA ILE A 101 8.36 -9.97 13.06
C ILE A 101 8.02 -8.48 13.15
N THR A 102 8.99 -7.68 13.53
CA THR A 102 8.78 -6.21 13.66
C THR A 102 10.12 -5.49 13.51
N ILE A 103 10.12 -4.18 13.52
CA ILE A 103 11.41 -3.45 13.39
C ILE A 103 11.36 -2.14 14.19
N SER A 104 12.50 -1.62 14.58
CA SER A 104 12.54 -0.35 15.35
C SER A 104 12.10 0.82 14.47
N TYR A 105 12.62 1.99 14.73
CA TYR A 105 12.24 3.18 13.90
C TYR A 105 13.47 4.00 13.54
N GLY A 106 14.07 4.65 14.50
CA GLY A 106 15.29 5.48 14.20
C GLY A 106 15.39 6.61 15.21
N ASP A 107 16.39 7.45 15.06
CA ASP A 107 16.55 8.59 16.02
C ASP A 107 15.36 9.54 15.92
N ASP A 108 14.89 9.79 14.73
CA ASP A 108 13.73 10.72 14.57
C ASP A 108 12.51 10.17 15.32
N TYR A 109 12.06 9.01 14.95
CA TYR A 109 10.88 8.43 15.64
C TYR A 109 11.26 7.99 17.06
N TRP A 110 10.82 8.72 18.05
CA TRP A 110 11.16 8.37 19.46
C TRP A 110 10.89 6.87 19.72
N LEU A 111 11.85 6.17 20.25
CA LEU A 111 11.66 4.71 20.50
C LEU A 111 11.07 4.48 21.91
N SER A 112 11.82 3.94 22.84
CA SER A 112 11.26 3.71 24.20
C SER A 112 12.32 3.18 25.16
N ARG A 113 12.69 3.97 26.13
CA ARG A 113 13.71 3.52 27.12
C ARG A 113 14.94 2.96 26.40
N PRO A 114 15.64 3.79 25.68
CA PRO A 114 16.85 3.35 24.95
C PRO A 114 17.89 2.81 25.92
N ARG A 115 18.23 1.56 25.80
CA ARG A 115 19.25 0.98 26.73
C ARG A 115 19.60 -0.45 26.31
N LEU A 116 18.63 -1.20 25.83
CA LEU A 116 18.91 -2.60 25.41
C LEU A 116 19.61 -3.36 26.55
N THR A 117 20.22 -4.48 26.24
CA THR A 117 20.92 -5.26 27.30
C THR A 117 22.26 -5.77 26.79
N GLN A 118 22.25 -6.57 25.76
CA GLN A 118 23.53 -7.10 25.21
C GLN A 118 23.53 -7.01 23.68
N ASN A 119 24.70 -6.97 23.08
CA ASN A 119 24.76 -6.89 21.60
C ASN A 119 25.36 -8.16 21.02
N GLY B 1 -2.53 26.14 25.36
CA GLY B 1 -3.28 25.63 24.18
C GLY B 1 -2.57 26.06 22.89
N LYS B 2 -3.29 26.62 21.97
CA LYS B 2 -2.67 27.06 20.69
C LYS B 2 -1.86 25.91 20.07
N ALA B 3 -2.49 25.13 19.23
CA ALA B 3 -1.77 23.99 18.60
C ALA B 3 -0.50 24.49 17.88
N PRO B 4 -0.68 25.41 16.95
CA PRO B 4 0.47 25.95 16.20
C PRO B 4 1.34 26.83 17.10
N ARG B 5 2.44 26.31 17.57
CA ARG B 5 3.33 27.12 18.47
C ARG B 5 4.67 27.38 17.79
N LYS B 6 5.15 26.44 17.01
CA LYS B 6 6.46 26.65 16.33
C LYS B 6 6.24 26.85 14.83
N GLN B 7 6.92 27.80 14.25
CA GLN B 7 6.75 28.05 12.79
C GLN B 7 7.35 26.89 11.98
N LEU B 8 6.62 25.81 11.84
CA LEU B 8 7.14 24.64 11.08
C LEU B 8 8.52 24.24 11.62
N ALA B 9 9.12 23.25 11.02
CA ALA B 9 10.46 22.81 11.50
C ALA B 9 11.16 21.97 10.42
N THR B 10 12.40 21.62 10.63
CA THR B 10 13.13 20.81 9.63
C THR B 10 13.71 19.54 10.27
N LYS B 11 12.87 18.75 10.88
CA LYS B 11 13.37 17.50 11.53
C LYS B 11 12.81 16.27 10.80
N ALA B 12 11.62 16.36 10.28
CA ALA B 12 11.03 15.20 9.56
C ALA B 12 11.08 13.94 10.45
N ALA B 13 10.20 13.86 11.42
CA ALA B 13 10.20 12.67 12.31
C ALA B 13 9.60 11.46 11.58
N ARG B 14 10.31 10.91 10.63
CA ARG B 14 9.78 9.73 9.88
C ARG B 14 10.67 8.52 10.13
N SER B 16 13.57 6.26 9.74
CA SER B 16 14.89 6.39 9.08
C SER B 16 15.03 5.37 7.95
N ALA B 17 15.99 5.55 7.08
CA ALA B 17 16.17 4.58 5.96
C ALA B 17 17.60 4.04 5.96
N PRO B 18 17.83 3.01 5.17
CA PRO B 18 19.17 2.39 5.09
C PRO B 18 20.17 3.37 4.46
N ALA B 19 19.72 4.14 3.49
CA ALA B 19 20.65 5.11 2.83
C ALA B 19 21.89 4.39 2.32
N THR B 20 21.84 3.83 1.15
CA THR B 20 23.02 3.11 0.61
C THR B 20 22.75 2.65 -0.83
N GLY B 21 23.71 2.02 -1.45
CA GLY B 21 23.51 1.54 -2.85
C GLY B 21 24.81 0.94 -3.38
N MET C 1 7.31 -10.51 -7.44
CA MET C 1 5.97 -9.87 -7.61
C MET C 1 5.18 -10.62 -8.69
N PHE C 2 4.91 -11.87 -8.49
CA PHE C 2 4.15 -12.65 -9.51
C PHE C 2 3.89 -14.08 -9.03
N ASN C 3 2.68 -14.56 -9.16
CA ASN C 3 2.38 -15.94 -8.71
C ASN C 3 1.71 -16.73 -9.85
N ASP C 4 1.66 -18.02 -9.75
CA ASP C 4 1.03 -18.83 -10.83
C ASP C 4 -0.38 -18.34 -11.13
N ARG C 5 -0.99 -17.66 -10.20
CA ARG C 5 -2.37 -17.15 -10.43
C ARG C 5 -2.34 -15.84 -11.24
N VAL C 6 -1.42 -14.97 -10.93
CA VAL C 6 -1.35 -13.68 -11.68
C VAL C 6 0.09 -13.15 -11.71
N ILE C 7 0.30 -12.03 -12.34
CA ILE C 7 1.69 -11.46 -12.41
C ILE C 7 1.63 -9.94 -12.53
N VAL C 8 2.73 -9.28 -12.33
CA VAL C 8 2.73 -7.79 -12.43
C VAL C 8 3.37 -7.32 -13.73
N LYS C 9 2.66 -6.53 -14.50
CA LYS C 9 3.23 -6.01 -15.77
C LYS C 9 3.05 -4.48 -15.80
N LYS C 10 4.00 -3.70 -16.32
CA LYS C 10 5.25 -4.24 -16.93
C LYS C 10 4.93 -5.31 -17.98
N SER C 11 4.18 -4.96 -18.98
CA SER C 11 3.82 -5.95 -20.03
C SER C 11 4.58 -5.64 -21.33
N PRO C 12 4.25 -6.36 -22.37
CA PRO C 12 4.93 -6.14 -23.68
C PRO C 12 4.78 -4.68 -24.11
N LEU C 13 3.58 -4.18 -24.14
CA LEU C 13 3.37 -2.75 -24.57
C LEU C 13 3.80 -1.81 -23.46
N GLY C 14 3.33 -2.03 -22.25
CA GLY C 14 3.70 -1.13 -21.13
C GLY C 14 2.51 -0.96 -20.20
N GLY C 15 2.55 0.03 -19.34
CA GLY C 15 1.41 0.24 -18.39
C GLY C 15 1.58 -0.68 -17.18
N TYR C 16 1.36 -0.17 -16.00
CA TYR C 16 1.51 -1.02 -14.78
C TYR C 16 0.14 -1.54 -14.33
N GLY C 17 -0.24 -2.70 -14.80
CA GLY C 17 -1.54 -3.28 -14.38
C GLY C 17 -1.29 -4.70 -13.86
N VAL C 18 -2.32 -5.47 -13.64
CA VAL C 18 -2.11 -6.85 -13.14
C VAL C 18 -2.52 -7.86 -14.23
N PHE C 19 -1.64 -8.76 -14.58
CA PHE C 19 -1.96 -9.74 -15.65
C PHE C 19 -2.60 -11.00 -15.03
N ALA C 20 -3.26 -11.79 -15.83
CA ALA C 20 -3.91 -13.01 -15.30
C ALA C 20 -3.33 -14.26 -15.97
N ARG C 21 -2.37 -14.90 -15.33
CA ARG C 21 -1.79 -16.13 -15.92
C ARG C 21 -2.88 -17.23 -16.01
N LYS C 22 -3.92 -17.08 -15.24
CA LYS C 22 -5.02 -18.09 -15.27
C LYS C 22 -6.09 -17.67 -16.29
N SER C 23 -7.15 -18.42 -16.48
CA SER C 23 -7.37 -19.69 -15.71
C SER C 23 -8.43 -19.47 -14.62
N PHE C 24 -9.19 -18.42 -14.72
CA PHE C 24 -10.24 -18.15 -13.69
C PHE C 24 -11.63 -18.37 -14.27
N GLU C 25 -12.63 -18.40 -13.43
CA GLU C 25 -14.01 -18.60 -13.93
C GLU C 25 -14.78 -17.27 -13.89
N LYS C 26 -16.07 -17.31 -14.06
CA LYS C 26 -16.86 -16.05 -14.03
C LYS C 26 -17.12 -15.59 -12.59
N GLY C 27 -16.57 -16.28 -11.62
CA GLY C 27 -16.78 -15.87 -10.20
C GLY C 27 -15.65 -16.42 -9.33
N GLU C 28 -14.57 -15.70 -9.23
CA GLU C 28 -13.43 -16.19 -8.40
C GLU C 28 -12.63 -15.01 -7.84
N LEU C 29 -12.08 -15.16 -6.67
CA LEU C 29 -11.28 -14.05 -6.06
C LEU C 29 -9.84 -14.12 -6.56
N VAL C 30 -9.36 -13.05 -7.16
CA VAL C 30 -7.96 -13.05 -7.65
C VAL C 30 -7.00 -12.72 -6.50
N GLU C 31 -7.24 -11.64 -5.81
CA GLU C 31 -6.34 -11.27 -4.68
C GLU C 31 -7.05 -10.26 -3.77
N GLU C 32 -6.41 -9.86 -2.70
CA GLU C 32 -7.04 -8.89 -1.77
C GLU C 32 -6.01 -8.30 -0.82
N CYS C 33 -6.21 -7.07 -0.39
CA CYS C 33 -5.24 -6.45 0.54
C CYS C 33 -5.95 -5.47 1.47
N LEU C 34 -5.24 -4.53 2.03
CA LEU C 34 -5.89 -3.55 2.95
C LEU C 34 -5.96 -2.17 2.29
N CYS C 35 -6.47 -1.19 2.97
CA CYS C 35 -6.56 0.17 2.39
C CYS C 35 -6.36 1.23 3.47
N ILE C 36 -6.30 2.48 3.08
CA ILE C 36 -6.13 3.56 4.10
C ILE C 36 -7.36 4.46 4.11
N VAL C 37 -7.97 4.64 5.23
CA VAL C 37 -9.20 5.50 5.28
C VAL C 37 -8.84 6.92 5.75
N ARG C 38 -8.73 7.84 4.83
CA ARG C 38 -8.38 9.24 5.22
C ARG C 38 -9.50 10.19 4.78
N HIS C 39 -9.28 11.47 4.90
CA HIS C 39 -10.32 12.45 4.48
C HIS C 39 -9.94 13.10 3.15
N ASN C 40 -10.59 14.18 2.79
CA ASN C 40 -10.26 14.86 1.51
C ASN C 40 -9.18 15.93 1.73
N ASP C 41 -9.32 17.09 1.13
CA ASP C 41 -8.29 18.15 1.32
C ASP C 41 -6.90 17.65 0.89
N ASP C 42 -5.87 17.95 1.65
CA ASP C 42 -4.49 17.52 1.26
C ASP C 42 -4.47 16.05 0.80
N TRP C 43 -5.21 15.19 1.45
CA TRP C 43 -5.23 13.77 1.04
C TRP C 43 -5.67 13.63 -0.41
N GLY C 44 -6.71 14.33 -0.78
CA GLY C 44 -7.20 14.25 -2.19
C GLY C 44 -6.17 14.88 -3.13
N THR C 45 -5.34 15.75 -2.61
CA THR C 45 -4.32 16.40 -3.48
C THR C 45 -3.07 15.53 -3.61
N ALA C 46 -2.39 15.29 -2.52
CA ALA C 46 -1.15 14.46 -2.59
C ALA C 46 -1.47 13.08 -3.16
N LEU C 47 -2.40 12.38 -2.58
CA LEU C 47 -2.75 11.03 -3.10
C LEU C 47 -3.85 11.13 -4.15
N GLU C 48 -3.65 11.96 -5.14
CA GLU C 48 -4.69 12.10 -6.21
C GLU C 48 -4.43 11.11 -7.34
N ASP C 49 -4.38 9.84 -7.04
CA ASP C 49 -4.13 8.83 -8.11
C ASP C 49 -4.65 7.46 -7.66
N TYR C 50 -3.92 6.79 -6.81
CA TYR C 50 -4.36 5.45 -6.34
C TYR C 50 -5.24 5.61 -5.09
N LEU C 51 -6.19 6.49 -5.14
CA LEU C 51 -7.05 6.74 -3.96
C LEU C 51 -8.51 6.40 -4.24
N PHE C 52 -9.01 5.35 -3.65
CA PHE C 52 -10.44 5.00 -3.83
C PHE C 52 -11.27 5.70 -2.76
N SER C 53 -11.99 6.74 -3.12
CA SER C 53 -12.77 7.48 -2.09
C SER C 53 -14.23 7.03 -2.09
N ARG C 54 -14.92 7.31 -1.02
CA ARG C 54 -16.36 6.91 -0.94
C ARG C 54 -17.21 8.12 -0.54
N LYS C 55 -18.48 7.91 -0.32
CA LYS C 55 -19.35 9.06 0.07
C LYS C 55 -19.19 9.36 1.55
N ASN C 56 -18.20 10.13 1.89
CA ASN C 56 -17.95 10.47 3.31
C ASN C 56 -16.47 10.78 3.53
N MET C 57 -15.62 10.30 2.66
CA MET C 57 -14.16 10.58 2.82
C MET C 57 -13.38 9.99 1.64
N SER C 58 -12.08 9.95 1.76
CA SER C 58 -11.24 9.39 0.66
C SER C 58 -10.22 8.40 1.24
N ALA C 59 -10.06 7.26 0.61
CA ALA C 59 -9.10 6.26 1.16
C ALA C 59 -8.12 5.79 0.08
N MET C 60 -7.07 5.12 0.46
CA MET C 60 -6.08 4.62 -0.53
C MET C 60 -6.39 3.16 -0.88
N ALA C 61 -5.77 2.63 -1.89
CA ALA C 61 -6.04 1.22 -2.29
C ALA C 61 -5.21 0.23 -1.46
N LEU C 62 -3.92 0.38 -1.44
CA LEU C 62 -3.09 -0.59 -0.67
C LEU C 62 -2.62 -1.74 -1.56
N GLY C 63 -3.45 -2.71 -1.78
CA GLY C 63 -3.06 -3.87 -2.63
C GLY C 63 -2.86 -3.41 -4.08
N PHE C 64 -3.23 -4.23 -5.02
CA PHE C 64 -3.07 -3.86 -6.45
C PHE C 64 -4.20 -2.92 -6.88
N GLY C 65 -4.36 -1.81 -6.21
CA GLY C 65 -5.43 -0.86 -6.58
C GLY C 65 -4.89 0.14 -7.60
N ALA C 66 -3.71 0.64 -7.38
CA ALA C 66 -3.14 1.62 -8.35
C ALA C 66 -2.93 0.97 -9.72
N ILE C 67 -2.35 -0.20 -9.75
CA ILE C 67 -2.09 -0.89 -11.05
C ILE C 67 -3.36 -0.91 -11.91
N PHE C 68 -4.53 -0.80 -11.33
CA PHE C 68 -5.77 -0.82 -12.16
C PHE C 68 -5.66 0.15 -13.33
N ASN C 69 -5.63 -0.37 -14.54
CA ASN C 69 -5.48 0.51 -15.73
C ASN C 69 -6.81 0.71 -16.44
N HIS C 70 -6.77 1.22 -17.64
CA HIS C 70 -8.03 1.46 -18.40
C HIS C 70 -8.34 0.26 -19.31
N SER C 71 -9.58 -0.10 -19.43
CA SER C 71 -9.95 -1.26 -20.31
C SER C 71 -11.42 -1.18 -20.70
N LYS C 72 -11.73 -1.56 -21.91
CA LYS C 72 -13.15 -1.50 -22.36
C LYS C 72 -13.90 -2.78 -21.95
N ASP C 73 -13.17 -3.84 -21.66
CA ASP C 73 -13.85 -5.10 -21.24
C ASP C 73 -13.32 -5.54 -19.87
N PRO C 74 -13.76 -4.87 -18.83
CA PRO C 74 -13.33 -5.22 -17.47
C PRO C 74 -13.66 -6.67 -17.14
N ASN C 75 -12.68 -7.53 -17.12
CA ASN C 75 -12.95 -8.96 -16.83
C ASN C 75 -12.97 -9.21 -15.31
N ALA C 76 -12.50 -8.27 -14.54
CA ALA C 76 -12.49 -8.46 -13.06
C ALA C 76 -12.82 -7.15 -12.35
N ARG C 77 -13.58 -7.21 -11.29
CA ARG C 77 -13.93 -5.96 -10.55
C ARG C 77 -13.29 -5.97 -9.16
N HIS C 78 -13.55 -4.96 -8.37
CA HIS C 78 -12.96 -4.91 -7.00
C HIS C 78 -14.05 -4.79 -5.94
N GLU C 79 -13.75 -5.09 -4.71
CA GLU C 79 -14.76 -5.00 -3.64
C GLU C 79 -14.17 -4.29 -2.40
N LEU C 80 -14.99 -3.67 -1.61
CA LEU C 80 -14.49 -2.97 -0.40
C LEU C 80 -15.33 -3.34 0.82
N THR C 81 -14.71 -3.54 1.95
CA THR C 81 -15.49 -3.90 3.18
C THR C 81 -16.18 -2.66 3.74
N ALA C 82 -16.71 -2.76 4.93
CA ALA C 82 -17.39 -1.58 5.53
C ALA C 82 -16.39 -0.73 6.30
N GLY C 83 -16.06 0.43 5.78
CA GLY C 83 -15.09 1.32 6.49
C GLY C 83 -13.89 1.63 5.58
N LEU C 84 -13.98 1.33 4.31
CA LEU C 84 -12.84 1.62 3.39
C LEU C 84 -11.54 1.03 3.95
N LYS C 85 -11.63 -0.08 4.63
CA LYS C 85 -10.40 -0.68 5.22
C LYS C 85 -9.87 -1.83 4.35
N ARG C 86 -10.64 -2.86 4.18
CA ARG C 86 -10.17 -4.02 3.38
C ARG C 86 -10.70 -3.95 1.94
N MET C 87 -10.09 -4.68 1.04
CA MET C 87 -10.55 -4.67 -0.37
C MET C 87 -10.25 -6.01 -1.03
N ARG C 88 -11.08 -6.44 -1.95
CA ARG C 88 -10.84 -7.74 -2.63
C ARG C 88 -10.97 -7.58 -4.15
N ILE C 89 -10.63 -8.59 -4.89
CA ILE C 89 -10.74 -8.50 -6.38
C ILE C 89 -11.36 -9.78 -6.94
N PHE C 90 -12.52 -9.67 -7.53
CA PHE C 90 -13.17 -10.89 -8.10
C PHE C 90 -13.11 -10.86 -9.63
N THR C 91 -13.49 -11.94 -10.25
CA THR C 91 -13.47 -11.98 -11.74
C THR C 91 -14.90 -12.06 -12.29
N ILE C 92 -15.54 -10.93 -12.48
CA ILE C 92 -16.93 -10.94 -13.01
C ILE C 92 -17.02 -11.79 -14.28
N LYS C 93 -15.93 -11.96 -14.97
CA LYS C 93 -15.96 -12.78 -16.21
C LYS C 93 -14.82 -13.80 -16.22
N PRO C 94 -15.03 -14.91 -16.88
CA PRO C 94 -13.98 -15.95 -16.95
C PRO C 94 -12.72 -15.39 -17.64
N ILE C 95 -11.56 -15.80 -17.20
CA ILE C 95 -10.31 -15.29 -17.83
C ILE C 95 -9.42 -16.44 -18.28
N ALA C 96 -8.79 -16.31 -19.42
CA ALA C 96 -7.90 -17.39 -19.90
C ALA C 96 -6.44 -17.07 -19.59
N ILE C 97 -5.57 -18.05 -19.65
CA ILE C 97 -4.13 -17.79 -19.35
C ILE C 97 -3.54 -16.81 -20.36
N GLY C 98 -3.03 -15.70 -19.90
CA GLY C 98 -2.43 -14.71 -20.83
C GLY C 98 -3.40 -13.54 -21.03
N GLU C 99 -4.07 -13.13 -19.99
CA GLU C 99 -5.02 -11.99 -20.12
C GLU C 99 -4.57 -10.81 -19.25
N GLU C 100 -5.19 -9.68 -19.40
CA GLU C 100 -4.80 -8.49 -18.57
C GLU C 100 -5.95 -8.10 -17.64
N ILE C 101 -5.68 -8.01 -16.36
CA ILE C 101 -6.76 -7.62 -15.41
C ILE C 101 -6.71 -6.12 -15.11
N THR C 102 -7.81 -5.44 -15.28
CA THR C 102 -7.86 -3.98 -15.02
C THR C 102 -9.31 -3.57 -14.70
N ILE C 103 -9.55 -2.33 -14.38
CA ILE C 103 -10.94 -1.90 -14.09
C ILE C 103 -11.17 -0.44 -14.51
N SER C 104 -12.39 -0.06 -14.77
CA SER C 104 -12.68 1.33 -15.19
C SER C 104 -12.43 2.31 -14.03
N TYR C 105 -13.17 3.39 -13.98
CA TYR C 105 -12.98 4.36 -12.87
C TYR C 105 -14.33 4.82 -12.33
N GLY C 106 -15.07 5.58 -13.09
CA GLY C 106 -16.39 6.06 -12.61
C GLY C 106 -16.74 7.38 -13.29
N ASP C 107 -17.86 7.95 -12.94
CA ASP C 107 -18.26 9.25 -13.57
C ASP C 107 -17.27 10.34 -13.20
N ASP C 108 -16.81 10.37 -11.99
CA ASP C 108 -15.83 11.42 -11.58
C ASP C 108 -14.56 11.32 -12.42
N TYR C 109 -13.88 10.21 -12.36
CA TYR C 109 -12.64 10.05 -13.17
C TYR C 109 -12.99 9.93 -14.65
N TRP C 110 -12.71 10.96 -15.41
CA TRP C 110 -13.03 10.92 -16.87
C TRP C 110 -12.51 9.62 -17.51
N LEU C 111 -13.35 8.92 -18.22
CA LEU C 111 -12.91 7.63 -18.83
C LEU C 111 -12.32 7.88 -20.24
N SER C 112 -12.99 7.47 -21.29
CA SER C 112 -12.43 7.70 -22.65
C SER C 112 -13.43 7.26 -23.73
N ARG C 113 -13.96 8.20 -24.48
CA ARG C 113 -14.92 7.84 -25.56
C ARG C 113 -16.00 6.88 -25.04
N PRO C 114 -16.81 7.37 -24.13
CA PRO C 114 -17.89 6.53 -23.55
C PRO C 114 -18.85 6.09 -24.65
N ARG C 115 -18.97 4.80 -24.88
CA ARG C 115 -19.89 4.30 -25.93
C ARG C 115 -19.96 2.77 -25.91
N LEU C 116 -18.86 2.12 -25.63
CA LEU C 116 -18.86 0.64 -25.60
C LEU C 116 -19.45 0.08 -26.89
N THR C 117 -19.84 -1.17 -26.90
CA THR C 117 -20.42 -1.77 -28.14
C THR C 117 -21.63 -2.63 -27.79
N GLN C 118 -21.44 -3.65 -27.01
CA GLN C 118 -22.58 -4.54 -26.64
C GLN C 118 -22.55 -4.84 -25.14
N ASN C 119 -23.67 -5.18 -24.57
CA ASN C 119 -23.71 -5.48 -23.11
C ASN C 119 -24.05 -6.96 -22.89
N GLY D 1 -2.99 31.81 -17.73
CA GLY D 1 -2.11 31.16 -16.72
C GLY D 1 -2.84 31.10 -15.38
N LYS D 2 -2.21 31.53 -14.31
CA LYS D 2 -2.87 31.49 -12.98
C LYS D 2 -3.42 30.10 -12.69
N ALA D 3 -2.64 29.26 -12.07
CA ALA D 3 -3.13 27.88 -11.76
C ALA D 3 -4.43 27.94 -10.96
N PRO D 4 -4.40 28.60 -9.83
CA PRO D 4 -5.61 28.71 -8.98
C PRO D 4 -6.64 29.62 -9.64
N ARG D 5 -7.65 29.05 -10.25
CA ARG D 5 -8.70 29.88 -10.91
C ARG D 5 -10.04 29.70 -10.20
N LYS D 6 -10.31 28.53 -9.70
CA LYS D 6 -11.61 28.31 -9.01
C LYS D 6 -11.39 28.15 -7.51
N GLN D 7 -12.21 28.78 -6.71
CA GLN D 7 -12.05 28.66 -5.23
C GLN D 7 -12.39 27.25 -4.77
N LEU D 8 -11.48 26.32 -4.91
CA LEU D 8 -11.75 24.93 -4.49
C LEU D 8 -13.05 24.43 -5.12
N ALA D 9 -13.45 23.22 -4.83
CA ALA D 9 -14.70 22.68 -5.41
C ALA D 9 -15.20 21.49 -4.61
N THR D 10 -16.37 20.98 -4.92
CA THR D 10 -16.90 19.82 -4.17
C THR D 10 -17.27 18.69 -5.13
N LYS D 11 -16.31 18.24 -5.91
CA LYS D 11 -16.60 17.13 -6.87
C LYS D 11 -15.81 15.87 -6.48
N ALA D 12 -14.64 16.04 -5.94
CA ALA D 12 -13.82 14.86 -5.54
C ALA D 12 -13.67 13.89 -6.72
N ALA D 13 -12.83 14.22 -7.66
CA ALA D 13 -12.64 13.32 -8.83
C ALA D 13 -11.80 12.10 -8.43
N ARG D 14 -12.37 11.20 -7.67
CA ARG D 14 -11.62 10.00 -7.25
C ARG D 14 -12.28 8.73 -7.81
N SER D 16 -14.70 5.96 -8.07
CA SER D 16 -16.01 5.67 -7.41
C SER D 16 -15.92 4.39 -6.60
N ALA D 17 -16.86 4.17 -5.73
CA ALA D 17 -16.84 2.93 -4.90
C ALA D 17 -18.15 2.14 -5.06
N PRO D 18 -18.15 0.92 -4.57
CA PRO D 18 -19.37 0.07 -4.68
C PRO D 18 -20.49 0.66 -3.82
N ALA D 19 -20.17 1.22 -2.69
CA ALA D 19 -21.22 1.79 -1.81
C ALA D 19 -22.31 0.75 -1.53
N THR D 20 -22.11 -0.08 -0.55
CA THR D 20 -23.13 -1.12 -0.22
C THR D 20 -22.73 -1.87 1.05
N GLY D 21 -23.55 -2.81 1.47
CA GLY D 21 -23.21 -3.58 2.70
C GLY D 21 -24.37 -4.53 3.04
N MET A 1 -3.43 -13.74 2.70
CA MET A 1 -2.53 -13.01 3.63
C MET A 1 -1.28 -13.84 3.97
N PHE A 2 -1.26 -15.10 3.57
CA PHE A 2 -0.07 -15.94 3.88
C PHE A 2 0.37 -16.71 2.64
N ASN A 3 1.46 -16.32 2.03
CA ASN A 3 1.93 -17.03 0.81
C ASN A 3 3.44 -16.90 0.64
N ASP A 4 3.95 -17.35 -0.46
CA ASP A 4 5.42 -17.24 -0.73
C ASP A 4 6.24 -17.86 0.40
N ARG A 5 6.51 -17.12 1.44
CA ARG A 5 7.35 -17.68 2.55
C ARG A 5 7.02 -16.98 3.87
N VAL A 6 5.91 -16.29 3.96
CA VAL A 6 5.59 -15.58 5.23
C VAL A 6 4.07 -15.42 5.39
N ILE A 7 3.62 -15.17 6.59
CA ILE A 7 2.16 -15.00 6.83
C ILE A 7 1.90 -13.65 7.50
N VAL A 8 0.72 -13.11 7.32
CA VAL A 8 0.41 -11.78 7.93
C VAL A 8 -0.46 -11.96 9.18
N LYS A 9 -0.20 -11.17 10.19
CA LYS A 9 -1.00 -11.26 11.44
C LYS A 9 -1.12 -9.85 12.06
N LYS A 10 -2.21 -9.46 12.69
CA LYS A 10 -3.40 -10.35 12.89
C LYS A 10 -2.97 -11.68 13.53
N SER A 11 -2.79 -11.67 14.83
CA SER A 11 -2.35 -12.91 15.54
C SER A 11 -3.36 -13.28 16.63
N PRO A 12 -3.03 -14.29 17.41
CA PRO A 12 -3.93 -14.73 18.49
C PRO A 12 -4.27 -13.56 19.42
N LEU A 13 -3.28 -12.94 20.00
CA LEU A 13 -3.54 -11.80 20.91
C LEU A 13 -3.89 -10.55 20.11
N GLY A 14 -3.34 -10.43 18.93
CA GLY A 14 -3.64 -9.23 18.09
C GLY A 14 -2.34 -8.69 17.50
N GLY A 15 -2.18 -7.40 17.46
CA GLY A 15 -0.93 -6.81 16.88
C GLY A 15 -0.91 -7.05 15.37
N TYR A 16 -0.38 -6.12 14.62
CA TYR A 16 -0.31 -6.29 13.14
C TYR A 16 1.14 -6.31 12.67
N GLY A 17 1.78 -7.44 12.75
CA GLY A 17 3.20 -7.53 12.30
C GLY A 17 3.36 -8.75 11.38
N VAL A 18 4.56 -9.12 11.03
CA VAL A 18 4.74 -10.31 10.14
C VAL A 18 5.06 -11.55 10.97
N PHE A 19 4.66 -12.70 10.49
CA PHE A 19 4.97 -13.96 11.19
C PHE A 19 5.90 -14.81 10.33
N ALA A 20 7.05 -15.15 10.84
CA ALA A 20 8.02 -15.94 10.02
C ALA A 20 7.80 -17.44 10.21
N ARG A 21 6.92 -18.02 9.44
CA ARG A 21 6.70 -19.49 9.53
C ARG A 21 8.01 -20.22 9.22
N LYS A 22 8.87 -19.57 8.46
CA LYS A 22 10.18 -20.18 8.12
C LYS A 22 11.21 -19.80 9.20
N SER A 23 12.45 -20.23 9.11
CA SER A 23 12.93 -21.04 7.96
C SER A 23 13.74 -20.14 7.00
N PHE A 24 14.22 -19.02 7.49
CA PHE A 24 15.00 -18.10 6.60
C PHE A 24 16.47 -18.07 7.02
N GLU A 25 17.35 -17.79 6.10
CA GLU A 25 18.80 -17.74 6.45
C GLU A 25 19.21 -16.29 6.75
N LYS A 26 20.49 -16.02 6.77
CA LYS A 26 20.95 -14.64 7.06
C LYS A 26 21.22 -13.89 5.75
N GLY A 27 20.53 -12.80 5.53
CA GLY A 27 20.74 -12.02 4.28
C GLY A 27 19.87 -12.60 3.16
N GLU A 28 18.62 -12.86 3.45
CA GLU A 28 17.72 -13.44 2.41
C GLU A 28 16.46 -12.60 2.27
N LEU A 29 16.12 -12.20 1.07
CA LEU A 29 14.89 -11.39 0.87
C LEU A 29 13.68 -12.09 1.50
N VAL A 30 12.60 -11.39 1.68
CA VAL A 30 11.40 -12.03 2.30
C VAL A 30 10.14 -11.68 1.49
N GLU A 31 9.70 -10.46 1.57
CA GLU A 31 8.48 -10.06 0.82
C GLU A 31 8.65 -8.67 0.20
N GLU A 32 9.54 -8.54 -0.74
CA GLU A 32 9.74 -7.21 -1.37
C GLU A 32 8.43 -6.71 -1.99
N CYS A 33 8.24 -5.42 -2.02
CA CYS A 33 6.98 -4.88 -2.61
C CYS A 33 7.24 -3.50 -3.22
N LEU A 34 6.19 -2.77 -3.52
CA LEU A 34 6.37 -1.43 -4.12
C LEU A 34 6.10 -0.33 -3.09
N CYS A 35 6.58 0.86 -3.31
CA CYS A 35 6.34 1.96 -2.34
C CYS A 35 5.92 3.23 -3.07
N ILE A 36 5.68 4.29 -2.35
CA ILE A 36 5.28 5.57 -3.03
C ILE A 36 6.38 6.62 -2.84
N VAL A 37 6.50 7.53 -3.77
CA VAL A 37 7.55 8.58 -3.65
C VAL A 37 6.92 9.97 -3.69
N ARG A 38 6.72 10.58 -2.54
CA ARG A 38 6.10 11.93 -2.52
C ARG A 38 6.91 12.88 -1.63
N HIS A 39 7.17 14.07 -2.10
CA HIS A 39 7.96 15.04 -1.28
C HIS A 39 7.37 15.17 0.12
N ASN A 40 7.98 15.97 0.96
CA ASN A 40 7.47 16.13 2.34
C ASN A 40 6.21 17.04 2.36
N ASP A 41 6.15 18.01 3.23
CA ASP A 41 4.96 18.90 3.28
C ASP A 41 3.69 18.11 3.58
N ASP A 42 2.57 18.50 3.03
CA ASP A 42 1.28 17.77 3.31
C ASP A 42 1.47 16.26 3.23
N TRP A 43 2.39 15.79 2.44
CA TRP A 43 2.61 14.33 2.34
C TRP A 43 2.92 13.73 3.71
N GLY A 44 3.90 14.25 4.38
CA GLY A 44 4.26 13.71 5.73
C GLY A 44 3.14 14.00 6.72
N THR A 45 2.70 15.23 6.79
CA THR A 45 1.61 15.58 7.76
C THR A 45 0.44 14.59 7.65
N ALA A 46 0.03 14.26 6.47
CA ALA A 46 -1.11 13.32 6.31
C ALA A 46 -0.64 11.87 6.52
N LEU A 47 0.42 11.48 5.87
CA LEU A 47 0.90 10.08 6.03
C LEU A 47 1.93 9.99 7.16
N GLU A 48 1.85 10.84 8.14
CA GLU A 48 2.84 10.79 9.26
C GLU A 48 2.67 9.49 10.06
N ASP A 49 3.13 8.39 9.54
CA ASP A 49 3.01 7.11 10.28
C ASP A 49 3.72 5.97 9.54
N TYR A 50 3.65 5.96 8.23
CA TYR A 50 4.30 4.86 7.46
C TYR A 50 5.11 5.44 6.29
N LEU A 51 5.94 6.40 6.54
CA LEU A 51 6.73 7.02 5.45
C LEU A 51 8.24 6.96 5.74
N PHE A 52 9.01 6.51 4.79
CA PHE A 52 10.48 6.52 4.97
C PHE A 52 11.03 7.84 4.42
N SER A 53 11.41 8.75 5.27
CA SER A 53 11.87 10.07 4.78
C SER A 53 13.36 10.06 4.47
N ARG A 54 13.70 10.16 3.21
CA ARG A 54 15.14 10.18 2.82
C ARG A 54 15.60 11.62 2.60
N LYS A 55 16.82 11.81 2.20
CA LYS A 55 17.32 13.20 2.00
C LYS A 55 16.90 13.70 0.62
N ASN A 56 15.70 14.20 0.54
CA ASN A 56 15.19 14.71 -0.76
C ASN A 56 13.66 14.62 -0.78
N MET A 57 13.10 13.71 -0.02
CA MET A 57 11.60 13.60 0.00
C MET A 57 11.16 12.53 1.00
N SER A 58 9.96 12.04 0.87
CA SER A 58 9.46 10.98 1.78
C SER A 58 8.62 9.97 1.00
N ALA A 59 8.95 8.71 1.10
CA ALA A 59 8.19 7.67 0.34
C ALA A 59 7.34 6.82 1.29
N MET A 60 6.29 6.24 0.80
CA MET A 60 5.44 5.37 1.68
C MET A 60 5.94 3.94 1.64
N ALA A 61 5.47 3.10 2.52
CA ALA A 61 5.94 1.68 2.54
C ALA A 61 5.14 0.84 1.54
N LEU A 62 3.94 1.25 1.23
CA LEU A 62 3.14 0.49 0.22
C LEU A 62 2.86 -0.92 0.71
N GLY A 63 3.69 -1.86 0.36
CA GLY A 63 3.46 -3.28 0.75
C GLY A 63 3.49 -3.41 2.28
N PHE A 64 4.00 -4.50 2.77
CA PHE A 64 4.05 -4.71 4.25
C PHE A 64 5.26 -4.00 4.86
N GLY A 65 5.44 -2.74 4.57
CA GLY A 65 6.61 -2.01 5.14
C GLY A 65 6.21 -1.36 6.46
N ALA A 66 4.94 -1.08 6.64
CA ALA A 66 4.49 -0.43 7.91
C ALA A 66 4.11 -1.49 8.95
N ILE A 67 3.40 -2.50 8.53
CA ILE A 67 2.94 -3.56 9.49
C ILE A 67 4.07 -4.00 10.43
N PHE A 68 5.32 -3.84 10.05
CA PHE A 68 6.42 -4.25 10.96
C PHE A 68 6.26 -3.56 12.32
N ASN A 69 6.56 -4.25 13.40
CA ASN A 69 6.38 -3.64 14.74
C ASN A 69 7.71 -3.55 15.49
N HIS A 70 7.66 -3.24 16.76
CA HIS A 70 8.91 -3.15 17.57
C HIS A 70 9.05 -4.41 18.43
N SER A 71 10.01 -5.25 18.14
CA SER A 71 10.19 -6.49 18.94
C SER A 71 11.55 -6.50 19.62
N LYS A 72 12.18 -5.36 19.75
CA LYS A 72 13.53 -5.32 20.41
C LYS A 72 14.47 -6.32 19.74
N ASP A 73 14.20 -6.68 18.52
CA ASP A 73 15.07 -7.66 17.81
C ASP A 73 14.62 -7.82 16.35
N PRO A 74 14.75 -6.75 15.61
CA PRO A 74 14.34 -6.78 14.18
C PRO A 74 15.13 -7.85 13.41
N ASN A 75 14.69 -9.07 13.48
CA ASN A 75 15.42 -10.16 12.76
C ASN A 75 15.45 -9.85 11.24
N ALA A 76 14.61 -8.98 10.78
CA ALA A 76 14.60 -8.65 9.33
C ALA A 76 14.59 -7.13 9.14
N ARG A 77 15.27 -6.64 8.14
CA ARG A 77 15.29 -5.17 7.90
C ARG A 77 14.68 -4.82 6.55
N HIS A 78 14.40 -3.57 6.31
CA HIS A 78 13.79 -3.17 5.01
C HIS A 78 14.83 -2.44 4.15
N GLU A 79 14.89 -2.76 2.89
CA GLU A 79 15.87 -2.09 1.99
C GLU A 79 15.16 -1.45 0.80
N LEU A 80 15.84 -0.62 0.06
CA LEU A 80 15.19 0.04 -1.12
C LEU A 80 16.03 -0.19 -2.38
N THR A 81 15.40 -0.29 -3.51
CA THR A 81 16.17 -0.50 -4.78
C THR A 81 16.91 0.78 -5.16
N ALA A 82 16.23 1.72 -5.75
CA ALA A 82 16.90 2.99 -6.15
C ALA A 82 15.86 4.04 -6.56
N GLY A 83 15.53 4.94 -5.66
CA GLY A 83 14.54 5.99 -6.01
C GLY A 83 13.30 5.85 -5.11
N LEU A 84 13.45 5.23 -3.96
CA LEU A 84 12.28 5.06 -3.05
C LEU A 84 11.11 4.45 -3.79
N LYS A 85 11.36 3.53 -4.69
CA LYS A 85 10.25 2.91 -5.46
C LYS A 85 9.96 1.49 -4.96
N ARG A 86 10.82 0.56 -5.26
CA ARG A 86 10.60 -0.84 -4.79
C ARG A 86 11.13 -1.02 -3.36
N MET A 87 10.99 -2.19 -2.81
CA MET A 87 11.49 -2.41 -1.42
C MET A 87 11.95 -3.86 -1.23
N ARG A 88 13.15 -4.05 -0.74
CA ARG A 88 13.67 -5.42 -0.52
C ARG A 88 13.86 -5.69 0.97
N ILE A 89 13.01 -6.49 1.55
CA ILE A 89 13.14 -6.79 3.00
C ILE A 89 14.03 -8.02 3.19
N PHE A 90 15.18 -7.85 3.77
CA PHE A 90 16.10 -9.00 3.97
C PHE A 90 16.05 -9.49 5.41
N THR A 91 16.77 -10.55 5.72
CA THR A 91 16.77 -11.07 7.11
C THR A 91 18.15 -10.90 7.73
N ILE A 92 18.35 -9.87 8.52
CA ILE A 92 19.68 -9.65 9.14
C ILE A 92 20.14 -10.92 9.87
N LYS A 93 19.23 -11.79 10.24
CA LYS A 93 19.63 -13.04 10.93
C LYS A 93 18.66 -14.17 10.57
N PRO A 94 19.17 -15.37 10.52
CA PRO A 94 18.33 -16.54 10.19
C PRO A 94 17.17 -16.65 11.17
N ILE A 95 15.96 -16.78 10.68
CA ILE A 95 14.80 -16.87 11.59
C ILE A 95 14.27 -18.31 11.67
N ALA A 96 13.74 -18.70 12.79
CA ALA A 96 13.22 -20.08 12.94
C ALA A 96 11.73 -20.14 12.65
N ILE A 97 11.19 -21.32 12.49
CA ILE A 97 9.74 -21.44 12.21
C ILE A 97 8.91 -21.09 13.44
N GLY A 98 8.03 -20.14 13.32
CA GLY A 98 7.18 -19.75 14.49
C GLY A 98 7.71 -18.45 15.10
N GLU A 99 8.12 -17.53 14.28
CA GLU A 99 8.65 -16.24 14.82
C GLU A 99 7.88 -15.05 14.22
N GLU A 100 8.36 -13.86 14.44
CA GLU A 100 7.65 -12.67 13.87
C GLU A 100 8.67 -11.71 13.24
N ILE A 101 8.47 -11.37 12.00
CA ILE A 101 9.43 -10.44 11.33
C ILE A 101 8.99 -8.99 11.54
N THR A 102 9.93 -8.12 11.82
CA THR A 102 9.59 -6.69 12.05
C THR A 102 10.80 -5.82 11.72
N ILE A 103 10.71 -4.53 11.97
CA ILE A 103 11.86 -3.63 11.68
C ILE A 103 11.89 -2.46 12.66
N SER A 104 13.03 -1.84 12.82
CA SER A 104 13.12 -0.69 13.77
C SER A 104 12.96 0.64 13.02
N TYR A 105 13.32 1.73 13.63
CA TYR A 105 13.17 3.05 12.95
C TYR A 105 14.45 3.88 13.11
N GLY A 106 14.76 4.29 14.31
CA GLY A 106 15.99 5.08 14.53
C GLY A 106 15.80 6.49 13.95
N ASP A 107 16.88 7.17 13.65
CA ASP A 107 16.78 8.54 13.07
C ASP A 107 15.95 9.45 13.99
N ASP A 108 14.65 9.46 13.83
CA ASP A 108 13.81 10.35 14.69
C ASP A 108 12.76 9.52 15.45
N TYR A 109 12.30 8.44 14.87
CA TYR A 109 11.29 7.60 15.56
C TYR A 109 11.74 7.26 16.98
N TRP A 110 11.29 8.01 17.94
CA TRP A 110 11.68 7.74 19.36
C TRP A 110 11.42 6.28 19.73
N LEU A 111 12.27 5.70 20.53
CA LEU A 111 12.08 4.28 20.93
C LEU A 111 11.27 4.19 22.21
N SER A 112 10.64 3.07 22.45
CA SER A 112 9.83 2.92 23.70
C SER A 112 10.74 2.96 24.92
N ARG A 113 10.26 2.51 26.05
CA ARG A 113 11.08 2.53 27.29
C ARG A 113 12.45 1.89 27.03
N PRO A 114 13.49 2.69 27.07
CA PRO A 114 14.86 2.16 26.84
C PRO A 114 15.21 1.09 27.86
N ARG A 115 14.96 -0.16 27.54
CA ARG A 115 15.29 -1.26 28.49
C ARG A 115 15.86 -2.46 27.74
N LEU A 116 15.16 -2.96 26.76
CA LEU A 116 15.66 -4.11 25.99
C LEU A 116 16.10 -5.25 26.92
N THR A 117 15.23 -6.19 27.19
CA THR A 117 15.59 -7.30 28.10
C THR A 117 16.90 -7.96 27.64
N GLN A 118 16.82 -8.89 26.72
CA GLN A 118 18.04 -9.61 26.22
C GLN A 118 19.03 -9.93 27.36
N ASN A 119 20.28 -10.10 27.04
CA ASN A 119 21.28 -10.40 28.11
C ASN A 119 22.53 -9.53 27.94
N GLY B 1 5.14 39.32 25.26
CA GLY B 1 6.15 38.22 25.27
C GLY B 1 5.62 37.04 26.08
N LYS B 2 5.62 35.87 25.52
CA LYS B 2 5.11 34.68 26.25
C LYS B 2 5.89 33.43 25.85
N ALA B 3 7.19 33.52 25.83
CA ALA B 3 8.00 32.34 25.45
C ALA B 3 9.49 32.59 25.75
N PRO B 4 9.83 32.60 27.01
CA PRO B 4 11.23 32.84 27.42
C PRO B 4 12.13 31.68 26.97
N ARG B 5 11.72 30.47 27.22
CA ARG B 5 12.55 29.30 26.80
C ARG B 5 11.64 28.15 26.34
N LYS B 6 10.79 28.39 25.40
CA LYS B 6 9.88 27.32 24.90
C LYS B 6 9.98 27.19 23.38
N GLN B 7 9.63 26.05 22.85
CA GLN B 7 9.69 25.88 21.37
C GLN B 7 8.78 24.72 20.93
N LEU B 8 8.47 24.64 19.67
CA LEU B 8 7.60 23.54 19.18
C LEU B 8 8.31 22.72 18.12
N ALA B 9 8.75 21.53 18.45
CA ALA B 9 9.45 20.69 17.45
C ALA B 9 9.60 19.25 17.97
N THR B 10 8.59 18.45 17.82
CA THR B 10 8.67 17.04 18.32
C THR B 10 8.59 16.06 17.15
N LYS B 11 8.02 16.47 16.05
CA LYS B 11 7.92 15.56 14.87
C LYS B 11 8.46 16.23 13.62
N ALA B 12 9.59 15.78 13.13
CA ALA B 12 10.17 16.40 11.91
C ALA B 12 10.53 15.32 10.89
N ALA B 13 11.43 14.44 11.25
CA ALA B 13 11.83 13.37 10.30
C ALA B 13 10.95 12.13 10.50
N ARG B 14 11.22 11.08 9.77
CA ARG B 14 10.39 9.85 9.92
C ARG B 14 11.30 8.62 10.04
N SER B 16 14.11 6.23 9.49
CA SER B 16 15.41 6.39 8.77
C SER B 16 15.42 5.53 7.50
N ALA B 17 16.45 5.62 6.72
CA ALA B 17 16.52 4.81 5.47
C ALA B 17 17.91 4.18 5.32
N PRO B 18 18.03 3.28 4.36
CA PRO B 18 19.33 2.61 4.13
C PRO B 18 20.41 3.64 3.79
N ALA B 19 20.04 4.74 3.20
CA ALA B 19 21.04 5.78 2.84
C ALA B 19 22.19 5.17 2.03
N THR B 20 22.05 5.14 0.74
CA THR B 20 23.12 4.54 -0.11
C THR B 20 24.47 5.18 0.22
N GLY B 21 25.52 4.75 -0.44
CA GLY B 21 26.86 5.34 -0.17
C GLY B 21 27.00 6.68 -0.88
N MET C 1 5.83 -11.74 -6.17
CA MET C 1 4.78 -10.96 -6.90
C MET C 1 3.71 -11.89 -7.46
N PHE C 2 3.92 -13.18 -7.40
CA PHE C 2 2.89 -14.12 -7.93
C PHE C 2 2.64 -15.25 -6.93
N ASN C 3 1.51 -15.25 -6.28
CA ASN C 3 1.22 -16.32 -5.29
C ASN C 3 -0.29 -16.50 -5.12
N ASP C 4 -0.68 -17.32 -4.17
CA ASP C 4 -2.13 -17.54 -3.91
C ASP C 4 -2.87 -17.99 -5.18
N ARG C 5 -3.30 -17.07 -5.99
CA ARG C 5 -4.04 -17.46 -7.23
C ARG C 5 -3.90 -16.39 -8.32
N VAL C 6 -2.94 -15.53 -8.20
CA VAL C 6 -2.78 -14.47 -9.24
C VAL C 6 -1.32 -14.00 -9.33
N ILE C 7 -0.97 -13.37 -10.42
CA ILE C 7 0.43 -12.88 -10.58
C ILE C 7 0.43 -11.38 -10.87
N VAL C 8 1.50 -10.70 -10.54
CA VAL C 8 1.55 -9.23 -10.78
C VAL C 8 2.39 -8.91 -12.02
N LYS C 9 1.96 -7.95 -12.79
CA LYS C 9 2.73 -7.56 -14.00
C LYS C 9 2.56 -6.05 -14.25
N LYS C 10 3.56 -5.32 -14.73
CA LYS C 10 4.88 -5.89 -15.13
C LYS C 10 4.68 -7.07 -16.10
N SER C 11 4.46 -6.75 -17.36
CA SER C 11 4.23 -7.83 -18.37
C SER C 11 5.25 -7.72 -19.50
N PRO C 12 5.08 -8.53 -20.52
CA PRO C 12 6.01 -8.52 -21.67
C PRO C 12 6.11 -7.10 -22.26
N LEU C 13 5.00 -6.54 -22.68
CA LEU C 13 5.04 -5.17 -23.25
C LEU C 13 5.17 -4.14 -22.15
N GLY C 14 4.65 -4.42 -20.99
CA GLY C 14 4.75 -3.45 -19.86
C GLY C 14 3.39 -3.33 -19.17
N GLY C 15 3.01 -2.14 -18.80
CA GLY C 15 1.69 -1.95 -18.12
C GLY C 15 1.75 -2.58 -16.72
N TYR C 16 1.09 -1.98 -15.77
CA TYR C 16 1.10 -2.54 -14.38
C TYR C 16 -0.30 -2.95 -13.96
N GLY C 17 -0.74 -4.12 -14.34
CA GLY C 17 -2.10 -4.58 -13.94
C GLY C 17 -2.00 -6.00 -13.39
N VAL C 18 -3.11 -6.65 -13.15
CA VAL C 18 -3.05 -8.03 -12.61
C VAL C 18 -3.17 -9.07 -13.73
N PHE C 19 -2.55 -10.20 -13.56
CA PHE C 19 -2.65 -11.28 -14.58
C PHE C 19 -3.38 -12.48 -13.99
N ALA C 20 -4.48 -12.88 -14.57
CA ALA C 20 -5.25 -14.01 -14.01
C ALA C 20 -4.77 -15.35 -14.57
N ARG C 21 -3.77 -15.94 -13.96
CA ARG C 21 -3.30 -17.27 -14.43
C ARG C 21 -4.45 -18.28 -14.33
N LYS C 22 -5.38 -18.02 -13.46
CA LYS C 22 -6.55 -18.93 -13.30
C LYS C 22 -7.67 -18.47 -14.27
N SER C 23 -8.81 -19.12 -14.32
CA SER C 23 -9.10 -20.27 -13.41
C SER C 23 -10.03 -19.82 -12.27
N PHE C 24 -10.72 -18.73 -12.46
CA PHE C 24 -11.62 -18.22 -11.40
C PHE C 24 -13.09 -18.35 -11.81
N GLU C 25 -13.97 -18.49 -10.87
CA GLU C 25 -15.42 -18.60 -11.20
C GLU C 25 -16.09 -17.24 -11.12
N LYS C 26 -17.40 -17.21 -11.11
CA LYS C 26 -18.11 -15.90 -11.03
C LYS C 26 -18.47 -15.57 -9.58
N GLY C 27 -17.98 -14.46 -9.08
CA GLY C 27 -18.29 -14.09 -7.67
C GLY C 27 -17.30 -14.77 -6.72
N GLU C 28 -16.04 -14.72 -7.05
CA GLU C 28 -15.01 -15.37 -6.17
C GLU C 28 -13.91 -14.38 -5.80
N LEU C 29 -13.62 -14.25 -4.53
CA LEU C 29 -12.55 -13.31 -4.11
C LEU C 29 -11.25 -13.59 -4.88
N VAL C 30 -10.31 -12.68 -4.85
CA VAL C 30 -9.04 -12.91 -5.59
C VAL C 30 -7.85 -12.56 -4.71
N GLU C 31 -7.63 -11.30 -4.46
CA GLU C 31 -6.47 -10.89 -3.61
C GLU C 31 -6.88 -9.76 -2.66
N GLU C 32 -7.75 -10.03 -1.73
CA GLU C 32 -8.17 -8.97 -0.77
C GLU C 32 -6.96 -8.42 -0.03
N CYS C 33 -7.00 -7.17 0.34
CA CYS C 33 -5.84 -6.58 1.08
C CYS C 33 -6.32 -5.48 2.02
N LEU C 34 -5.41 -4.67 2.51
CA LEU C 34 -5.82 -3.58 3.44
C LEU C 34 -5.77 -2.22 2.71
N CYS C 35 -6.45 -1.24 3.24
CA CYS C 35 -6.45 0.10 2.59
C CYS C 35 -6.24 1.20 3.64
N ILE C 36 -6.22 2.43 3.22
CA ILE C 36 -6.04 3.53 4.20
C ILE C 36 -7.31 4.38 4.28
N VAL C 37 -7.56 4.98 5.41
CA VAL C 37 -8.80 5.82 5.54
C VAL C 37 -8.42 7.24 5.96
N ARG C 38 -8.37 8.15 5.01
CA ARG C 38 -8.01 9.56 5.35
C ARG C 38 -9.00 10.54 4.72
N HIS C 39 -9.46 11.50 5.48
CA HIS C 39 -10.43 12.48 4.93
C HIS C 39 -9.92 13.08 3.61
N ASN C 40 -10.68 13.94 3.00
CA ASN C 40 -10.26 14.54 1.71
C ASN C 40 -9.19 15.62 1.95
N ASP C 41 -9.32 16.79 1.36
CA ASP C 41 -8.32 17.87 1.57
C ASP C 41 -6.93 17.43 1.09
N ASP C 42 -5.88 17.86 1.75
CA ASP C 42 -4.50 17.48 1.30
C ASP C 42 -4.41 15.99 0.99
N TRP C 43 -5.22 15.17 1.62
CA TRP C 43 -5.16 13.72 1.34
C TRP C 43 -5.40 13.45 -0.15
N GLY C 44 -6.48 13.94 -0.69
CA GLY C 44 -6.77 13.70 -2.13
C GLY C 44 -5.75 14.44 -2.99
N THR C 45 -5.54 15.70 -2.73
CA THR C 45 -4.57 16.48 -3.56
C THR C 45 -3.24 15.73 -3.69
N ALA C 46 -2.74 15.18 -2.62
CA ALA C 46 -1.44 14.45 -2.70
C ALA C 46 -1.64 13.05 -3.29
N LEU C 47 -2.60 12.33 -2.78
CA LEU C 47 -2.83 10.95 -3.30
C LEU C 47 -3.87 10.96 -4.43
N GLU C 48 -3.96 12.03 -5.16
CA GLU C 48 -4.96 12.10 -6.27
C GLU C 48 -4.58 11.10 -7.37
N ASP C 49 -4.83 9.84 -7.17
CA ASP C 49 -4.49 8.83 -8.21
C ASP C 49 -4.96 7.43 -7.80
N TYR C 50 -4.85 7.11 -6.53
CA TYR C 50 -5.27 5.74 -6.09
C TYR C 50 -6.13 5.84 -4.82
N LEU C 51 -7.13 6.68 -4.84
CA LEU C 51 -7.99 6.82 -3.62
C LEU C 51 -9.46 6.58 -3.95
N PHE C 52 -10.11 5.76 -3.17
CA PHE C 52 -11.58 5.55 -3.37
C PHE C 52 -12.33 6.55 -2.50
N SER C 53 -12.88 7.57 -3.10
CA SER C 53 -13.56 8.62 -2.29
C SER C 53 -15.02 8.25 -2.01
N ARG C 54 -15.34 7.97 -0.78
CA ARG C 54 -16.74 7.63 -0.43
C ARG C 54 -17.43 8.84 0.17
N LYS C 55 -18.69 8.71 0.54
CA LYS C 55 -19.41 9.88 1.10
C LYS C 55 -19.03 10.08 2.57
N ASN C 56 -17.95 10.75 2.81
CA ASN C 56 -17.49 10.98 4.21
C ASN C 56 -15.97 11.18 4.23
N MET C 57 -15.28 10.61 3.29
CA MET C 57 -13.79 10.79 3.25
C MET C 57 -13.20 10.10 2.01
N SER C 58 -11.92 9.83 2.04
CA SER C 58 -11.27 9.15 0.88
C SER C 58 -10.24 8.13 1.38
N ALA C 59 -10.34 6.90 0.97
CA ALA C 59 -9.37 5.87 1.45
C ALA C 59 -8.43 5.46 0.32
N MET C 60 -7.27 4.96 0.66
CA MET C 60 -6.30 4.53 -0.39
C MET C 60 -6.53 3.06 -0.73
N ALA C 61 -5.96 2.59 -1.80
CA ALA C 61 -6.16 1.17 -2.20
C ALA C 61 -5.19 0.26 -1.42
N LEU C 62 -4.08 0.77 -1.00
CA LEU C 62 -3.12 -0.05 -0.22
C LEU C 62 -2.60 -1.23 -1.04
N GLY C 63 -3.24 -2.35 -0.95
CA GLY C 63 -2.77 -3.56 -1.71
C GLY C 63 -2.83 -3.29 -3.21
N PHE C 64 -3.14 -4.29 -3.98
CA PHE C 64 -3.20 -4.12 -5.47
C PHE C 64 -4.54 -3.51 -5.89
N GLY C 65 -4.94 -2.42 -5.29
CA GLY C 65 -6.23 -1.80 -5.66
C GLY C 65 -5.99 -0.76 -6.77
N ALA C 66 -4.81 -0.22 -6.85
CA ALA C 66 -4.52 0.79 -7.89
C ALA C 66 -3.98 0.13 -9.17
N ILE C 67 -3.08 -0.81 -9.01
CA ILE C 67 -2.48 -1.48 -10.20
C ILE C 67 -3.53 -1.87 -11.25
N PHE C 68 -4.78 -2.03 -10.85
CA PHE C 68 -5.82 -2.39 -11.87
C PHE C 68 -5.82 -1.36 -13.00
N ASN C 69 -6.03 -1.79 -14.21
CA ASN C 69 -6.00 -0.83 -15.36
C ASN C 69 -7.35 -0.79 -16.08
N HIS C 70 -7.40 -0.16 -17.23
CA HIS C 70 -8.66 -0.11 -18.00
C HIS C 70 -8.61 -1.10 -19.17
N SER C 71 -9.39 -2.14 -19.12
CA SER C 71 -9.36 -3.15 -20.21
C SER C 71 -10.73 -3.23 -20.90
N LYS C 72 -11.55 -2.23 -20.74
CA LYS C 72 -12.90 -2.27 -21.38
C LYS C 72 -13.62 -3.56 -21.02
N ASP C 73 -13.25 -4.17 -19.93
CA ASP C 73 -13.91 -5.44 -19.52
C ASP C 73 -13.41 -5.88 -18.13
N PRO C 74 -13.70 -5.08 -17.13
CA PRO C 74 -13.25 -5.40 -15.76
C PRO C 74 -13.80 -6.76 -15.32
N ASN C 75 -13.15 -7.83 -15.68
CA ASN C 75 -13.65 -9.17 -15.28
C ASN C 75 -13.70 -9.29 -13.75
N ALA C 76 -13.00 -8.42 -13.05
CA ALA C 76 -13.02 -8.47 -11.57
C ALA C 76 -13.28 -7.07 -10.99
N ARG C 77 -14.00 -6.99 -9.91
CA ARG C 77 -14.28 -5.66 -9.30
C ARG C 77 -13.70 -5.58 -7.89
N HIS C 78 -13.64 -4.40 -7.34
CA HIS C 78 -13.08 -4.24 -5.97
C HIS C 78 -14.20 -3.96 -4.96
N GLU C 79 -14.17 -4.60 -3.82
CA GLU C 79 -15.23 -4.37 -2.80
C GLU C 79 -14.60 -3.95 -1.48
N LEU C 80 -15.40 -3.46 -0.56
CA LEU C 80 -14.84 -3.04 0.76
C LEU C 80 -15.59 -3.72 1.90
N THR C 81 -14.91 -3.99 2.99
CA THR C 81 -15.59 -4.65 4.14
C THR C 81 -16.54 -3.68 4.83
N ALA C 82 -16.02 -2.81 5.66
CA ALA C 82 -16.90 -1.83 6.36
C ALA C 82 -16.06 -0.75 7.03
N GLY C 83 -15.92 0.39 6.42
CA GLY C 83 -15.12 1.49 7.03
C GLY C 83 -13.91 1.80 6.15
N LEU C 84 -13.98 1.48 4.89
CA LEU C 84 -12.84 1.78 3.97
C LEU C 84 -11.53 1.21 4.56
N LYS C 85 -11.60 0.06 5.19
CA LYS C 85 -10.37 -0.52 5.79
C LYS C 85 -9.85 -1.68 4.93
N ARG C 86 -10.52 -2.80 4.97
CA ARG C 86 -10.06 -3.97 4.15
C ARG C 86 -10.59 -3.86 2.72
N MET C 87 -10.26 -4.81 1.88
CA MET C 87 -10.75 -4.76 0.48
C MET C 87 -10.95 -6.17 -0.08
N ARG C 88 -12.11 -6.42 -0.63
CA ARG C 88 -12.38 -7.78 -1.20
C ARG C 88 -12.57 -7.68 -2.72
N ILE C 89 -11.59 -8.12 -3.47
CA ILE C 89 -11.72 -8.07 -4.94
C ILE C 89 -12.37 -9.35 -5.46
N PHE C 90 -13.56 -9.25 -6.00
CA PHE C 90 -14.26 -10.47 -6.51
C PHE C 90 -14.17 -10.54 -8.03
N THR C 91 -14.69 -11.59 -8.60
CA THR C 91 -14.64 -11.74 -10.08
C THR C 91 -16.05 -11.66 -10.66
N ILE C 92 -16.45 -10.53 -11.16
CA ILE C 92 -17.83 -10.41 -11.73
C ILE C 92 -18.08 -11.51 -12.77
N LYS C 93 -17.04 -12.06 -13.33
CA LYS C 93 -17.21 -13.15 -14.34
C LYS C 93 -16.04 -14.13 -14.27
N PRO C 94 -16.34 -15.39 -14.53
CA PRO C 94 -15.28 -16.43 -14.50
C PRO C 94 -14.15 -16.06 -15.46
N ILE C 95 -12.93 -16.09 -15.00
CA ILE C 95 -11.79 -15.73 -15.88
C ILE C 95 -11.03 -16.98 -16.32
N ALA C 96 -10.47 -16.96 -17.50
CA ALA C 96 -9.72 -18.15 -17.99
C ALA C 96 -8.23 -18.00 -17.70
N ILE C 97 -7.47 -19.06 -17.84
CA ILE C 97 -6.01 -18.99 -17.57
C ILE C 97 -5.31 -18.18 -18.66
N GLY C 98 -4.60 -17.15 -18.29
CA GLY C 98 -3.88 -16.33 -19.30
C GLY C 98 -4.66 -15.04 -19.56
N GLU C 99 -5.20 -14.44 -18.53
CA GLU C 99 -5.97 -13.18 -18.73
C GLU C 99 -5.40 -12.07 -17.84
N GLU C 100 -6.09 -10.96 -17.73
CA GLU C 100 -5.60 -9.85 -16.88
C GLU C 100 -6.75 -9.29 -16.03
N ILE C 101 -6.59 -9.25 -14.74
CA ILE C 101 -7.67 -8.72 -13.87
C ILE C 101 -7.52 -7.21 -13.69
N THR C 102 -8.60 -6.48 -13.76
CA THR C 102 -8.53 -5.01 -13.60
C THR C 102 -9.86 -4.47 -13.07
N ILE C 103 -10.02 -3.18 -12.99
CA ILE C 103 -11.30 -2.61 -12.49
C ILE C 103 -11.57 -1.25 -13.14
N SER C 104 -12.81 -0.82 -13.15
CA SER C 104 -13.13 0.49 -13.77
C SER C 104 -13.18 1.59 -12.70
N TYR C 105 -13.76 2.72 -13.01
CA TYR C 105 -13.83 3.82 -12.01
C TYR C 105 -15.24 4.41 -11.97
N GLY C 106 -15.65 5.05 -13.04
CA GLY C 106 -17.02 5.65 -13.06
C GLY C 106 -17.07 6.86 -12.13
N ASP C 107 -18.24 7.24 -11.69
CA ASP C 107 -18.37 8.40 -10.78
C ASP C 107 -17.75 9.66 -11.41
N ASP C 108 -16.47 9.87 -11.23
CA ASP C 108 -15.83 11.08 -11.82
C ASP C 108 -14.67 10.68 -12.75
N TYR C 109 -14.01 9.59 -12.46
CA TYR C 109 -12.88 9.15 -13.32
C TYR C 109 -13.31 9.12 -14.80
N TRP C 110 -13.03 10.16 -15.52
CA TRP C 110 -13.41 10.19 -16.96
C TRP C 110 -12.91 8.95 -17.68
N LEU C 111 -13.66 8.46 -18.64
CA LEU C 111 -13.23 7.24 -19.37
C LEU C 111 -12.45 7.63 -20.64
N SER C 112 -11.64 6.75 -21.14
CA SER C 112 -10.86 7.07 -22.37
C SER C 112 -11.80 7.27 -23.57
N ARG C 113 -11.27 7.20 -24.76
CA ARG C 113 -12.12 7.40 -25.96
C ARG C 113 -13.35 6.47 -25.91
N PRO C 114 -14.52 7.06 -25.75
CA PRO C 114 -15.76 6.24 -25.68
C PRO C 114 -15.94 5.42 -26.96
N ARG C 115 -15.46 4.20 -26.96
CA ARG C 115 -15.60 3.35 -28.18
C ARG C 115 -15.93 1.91 -27.78
N LEU C 116 -15.12 1.32 -26.95
CA LEU C 116 -15.38 -0.08 -26.50
C LEU C 116 -15.65 -0.99 -27.71
N THR C 117 -14.63 -1.65 -28.19
CA THR C 117 -14.81 -2.56 -29.36
C THR C 117 -15.96 -3.53 -29.12
N GLN C 118 -15.69 -4.63 -28.46
CA GLN C 118 -16.75 -5.68 -28.19
C GLN C 118 -17.69 -5.85 -29.39
N ASN C 119 -18.89 -6.32 -29.15
CA ASN C 119 -19.84 -6.52 -30.27
C ASN C 119 -21.22 -5.96 -29.91
N GLY D 1 -12.85 42.87 -14.39
CA GLY D 1 -13.65 41.65 -14.70
C GLY D 1 -12.94 40.84 -15.78
N LYS D 2 -12.70 39.58 -15.54
CA LYS D 2 -12.01 38.74 -16.55
C LYS D 2 -12.55 37.30 -16.49
N ALA D 3 -13.85 37.13 -16.47
CA ALA D 3 -14.42 35.77 -16.42
C ALA D 3 -15.94 35.82 -16.67
N PRO D 4 -16.31 36.10 -17.90
CA PRO D 4 -17.74 36.17 -18.25
C PRO D 4 -18.40 34.79 -18.13
N ARG D 5 -17.78 33.78 -18.67
CA ARG D 5 -18.37 32.41 -18.59
C ARG D 5 -17.27 31.37 -18.43
N LYS D 6 -16.44 31.52 -17.44
CA LYS D 6 -15.34 30.52 -17.23
C LYS D 6 -15.36 29.99 -15.79
N GLN D 7 -14.79 28.84 -15.57
CA GLN D 7 -14.78 28.28 -14.19
C GLN D 7 -13.66 27.24 -14.04
N LEU D 8 -13.32 26.89 -12.84
CA LEU D 8 -12.23 25.89 -12.64
C LEU D 8 -12.76 24.70 -11.83
N ALA D 9 -12.99 23.59 -12.47
CA ALA D 9 -13.49 22.39 -11.74
C ALA D 9 -13.40 21.14 -12.62
N THR D 10 -12.25 20.52 -12.65
CA THR D 10 -12.09 19.31 -13.50
C THR D 10 -11.81 18.09 -12.63
N LYS D 11 -11.28 18.29 -11.45
CA LYS D 11 -10.98 17.14 -10.55
C LYS D 11 -11.60 17.36 -9.17
N ALA D 12 -12.61 16.60 -8.83
CA ALA D 12 -13.25 16.77 -7.50
C ALA D 12 -13.39 15.41 -6.81
N ALA D 13 -14.12 14.51 -7.39
CA ALA D 13 -14.30 13.17 -6.76
C ALA D 13 -13.21 12.21 -7.26
N ARG D 14 -13.26 10.98 -6.83
CA ARG D 14 -12.23 9.99 -7.28
C ARG D 14 -12.91 8.69 -7.73
N SER D 16 -15.23 5.78 -7.87
CA SER D 16 -16.50 5.51 -7.15
C SER D 16 -16.32 4.36 -6.15
N ALA D 17 -17.33 4.06 -5.38
CA ALA D 17 -17.21 2.95 -4.39
C ALA D 17 -18.46 2.06 -4.43
N PRO D 18 -18.38 0.95 -3.75
CA PRO D 18 -19.54 0.01 -3.71
C PRO D 18 -20.78 0.70 -3.14
N ALA D 19 -20.59 1.67 -2.28
CA ALA D 19 -21.75 2.38 -1.69
C ALA D 19 -22.74 1.37 -1.08
N THR D 20 -22.56 1.04 0.18
CA THR D 20 -23.48 0.06 0.82
C THR D 20 -24.94 0.50 0.63
N GLY D 21 -25.87 -0.26 1.14
CA GLY D 21 -27.30 0.12 1.00
C GLY D 21 -27.65 1.19 2.04
N MET A 1 -6.16 -12.08 2.20
CA MET A 1 -5.04 -11.76 3.12
C MET A 1 -4.38 -13.04 3.63
N PHE A 2 -3.84 -13.00 4.83
CA PHE A 2 -3.15 -14.20 5.43
C PHE A 2 -2.41 -15.03 4.37
N ASN A 3 -1.14 -14.76 4.19
CA ASN A 3 -0.35 -15.54 3.19
C ASN A 3 0.27 -16.77 3.84
N ASP A 4 0.37 -17.85 3.11
CA ASP A 4 0.95 -19.10 3.69
C ASP A 4 2.29 -18.81 4.37
N ARG A 5 3.14 -18.04 3.73
CA ARG A 5 4.46 -17.73 4.36
C ARG A 5 4.28 -16.85 5.59
N VAL A 6 3.35 -15.93 5.56
CA VAL A 6 3.14 -15.04 6.73
C VAL A 6 1.68 -14.61 6.81
N ILE A 7 1.12 -14.54 7.99
CA ILE A 7 -0.31 -14.12 8.11
C ILE A 7 -0.42 -12.78 8.83
N VAL A 8 -1.46 -12.04 8.56
CA VAL A 8 -1.63 -10.72 9.23
C VAL A 8 -2.41 -10.89 10.54
N LYS A 9 -1.93 -10.33 11.61
CA LYS A 9 -2.64 -10.45 12.90
C LYS A 9 -2.44 -9.19 13.75
N LYS A 10 -3.48 -8.49 14.19
CA LYS A 10 -4.90 -8.88 13.92
C LYS A 10 -5.20 -10.28 14.48
N SER A 11 -5.13 -10.43 15.78
CA SER A 11 -5.44 -11.76 16.39
C SER A 11 -5.93 -11.59 17.85
N PRO A 12 -5.07 -11.10 18.71
CA PRO A 12 -5.48 -10.89 20.13
C PRO A 12 -6.64 -9.91 20.20
N LEU A 13 -6.88 -9.34 21.36
CA LEU A 13 -8.00 -8.37 21.50
C LEU A 13 -7.82 -7.22 20.52
N GLY A 14 -6.60 -6.87 20.21
CA GLY A 14 -6.37 -5.74 19.27
C GLY A 14 -4.87 -5.65 18.94
N GLY A 15 -4.54 -5.16 17.78
CA GLY A 15 -3.10 -5.05 17.40
C GLY A 15 -2.94 -5.36 15.91
N TYR A 16 -1.98 -4.76 15.26
CA TYR A 16 -1.76 -5.03 13.81
C TYR A 16 -0.29 -5.22 13.50
N GLY A 17 0.19 -6.44 13.60
CA GLY A 17 1.63 -6.71 13.29
C GLY A 17 1.71 -7.91 12.37
N VAL A 18 2.89 -8.42 12.11
CA VAL A 18 3.00 -9.61 11.21
C VAL A 18 3.25 -10.88 12.03
N PHE A 19 2.62 -11.95 11.67
CA PHE A 19 2.83 -13.22 12.41
C PHE A 19 3.62 -14.20 11.56
N ALA A 20 4.73 -14.69 12.05
CA ALA A 20 5.56 -15.62 11.24
C ALA A 20 5.14 -17.08 11.47
N ARG A 21 4.34 -17.61 10.60
CA ARG A 21 3.94 -19.04 10.73
C ARG A 21 5.15 -19.94 10.47
N LYS A 22 6.16 -19.42 9.81
CA LYS A 22 7.37 -20.23 9.52
C LYS A 22 8.41 -19.97 10.63
N SER A 23 9.58 -20.59 10.59
CA SER A 23 9.94 -21.53 9.48
C SER A 23 10.91 -20.83 8.50
N PHE A 24 11.53 -19.77 8.92
CA PHE A 24 12.46 -19.04 8.01
C PHE A 24 13.91 -19.17 8.50
N GLU A 25 14.85 -18.85 7.67
CA GLU A 25 16.28 -18.95 8.10
C GLU A 25 16.85 -17.55 8.32
N LYS A 26 18.14 -17.41 8.24
CA LYS A 26 18.76 -16.08 8.47
C LYS A 26 19.10 -15.41 7.13
N GLY A 27 18.32 -14.43 6.73
CA GLY A 27 18.61 -13.74 5.44
C GLY A 27 17.59 -14.16 4.39
N GLU A 28 16.34 -14.28 4.76
CA GLU A 28 15.30 -14.69 3.78
C GLU A 28 14.28 -13.56 3.59
N LEU A 29 14.03 -13.20 2.36
CA LEU A 29 13.05 -12.10 2.09
C LEU A 29 11.65 -12.52 2.55
N VAL A 30 11.04 -11.74 3.39
CA VAL A 30 9.67 -12.08 3.86
C VAL A 30 8.64 -11.19 3.14
N GLU A 31 8.31 -11.54 1.93
CA GLU A 31 7.31 -10.74 1.14
C GLU A 31 7.82 -9.31 0.92
N GLU A 32 7.70 -8.81 -0.29
CA GLU A 32 8.17 -7.44 -0.57
C GLU A 32 7.03 -6.61 -1.18
N CYS A 33 7.12 -5.31 -1.13
CA CYS A 33 6.03 -4.47 -1.71
C CYS A 33 6.59 -3.14 -2.21
N LEU A 34 5.74 -2.21 -2.54
CA LEU A 34 6.22 -0.89 -3.04
C LEU A 34 5.91 0.21 -2.03
N CYS A 35 6.37 1.41 -2.27
CA CYS A 35 6.09 2.52 -1.32
C CYS A 35 5.78 3.80 -2.09
N ILE A 36 5.63 4.90 -1.41
CA ILE A 36 5.34 6.18 -2.11
C ILE A 36 6.46 7.19 -1.83
N VAL A 37 6.83 7.97 -2.80
CA VAL A 37 7.89 8.99 -2.56
C VAL A 37 7.30 10.40 -2.64
N ARG A 38 7.44 11.15 -1.59
CA ARG A 38 6.86 12.53 -1.58
C ARG A 38 7.69 13.46 -0.70
N HIS A 39 8.02 14.62 -1.20
CA HIS A 39 8.86 15.57 -0.41
C HIS A 39 8.26 15.83 0.97
N ASN A 40 8.84 16.73 1.72
CA ASN A 40 8.32 17.02 3.09
C ASN A 40 7.42 18.26 3.07
N ASP A 41 6.17 18.10 3.42
CA ASP A 41 5.23 19.25 3.43
C ASP A 41 3.87 18.77 3.96
N ASP A 42 2.78 19.25 3.40
CA ASP A 42 1.45 18.75 3.85
C ASP A 42 1.44 17.22 3.80
N TRP A 43 2.27 16.66 2.96
CA TRP A 43 2.37 15.18 2.89
C TRP A 43 2.69 14.61 4.27
N GLY A 44 3.77 15.06 4.87
CA GLY A 44 4.14 14.54 6.22
C GLY A 44 3.04 14.90 7.22
N THR A 45 2.33 15.96 6.99
CA THR A 45 1.25 16.35 7.93
C THR A 45 0.05 15.42 7.81
N ALA A 46 -0.35 15.11 6.60
CA ALA A 46 -1.52 14.19 6.42
C ALA A 46 -1.10 12.74 6.61
N LEU A 47 0.05 12.38 6.11
CA LEU A 47 0.51 10.96 6.27
C LEU A 47 1.34 10.80 7.54
N GLU A 48 1.16 11.66 8.50
CA GLU A 48 1.94 11.55 9.76
C GLU A 48 1.59 10.27 10.50
N ASP A 49 2.11 9.15 10.06
CA ASP A 49 1.79 7.86 10.74
C ASP A 49 2.72 6.74 10.25
N TYR A 50 2.64 6.41 9.00
CA TYR A 50 3.49 5.30 8.46
C TYR A 50 4.37 5.83 7.32
N LEU A 51 5.14 6.85 7.58
CA LEU A 51 6.01 7.43 6.51
C LEU A 51 7.48 7.13 6.78
N PHE A 52 8.08 6.31 5.95
CA PHE A 52 9.53 6.04 6.10
C PHE A 52 10.31 7.07 5.27
N SER A 53 10.86 8.07 5.91
CA SER A 53 11.56 9.13 5.16
C SER A 53 13.08 8.95 5.20
N ARG A 54 13.75 9.21 4.12
CA ARG A 54 15.23 9.08 4.10
C ARG A 54 15.88 10.46 4.24
N LYS A 55 17.17 10.54 4.07
CA LYS A 55 17.85 11.85 4.22
C LYS A 55 17.72 12.64 2.92
N ASN A 56 16.60 13.27 2.72
CA ASN A 56 16.38 14.05 1.48
C ASN A 56 14.88 14.16 1.18
N MET A 57 14.08 13.28 1.74
CA MET A 57 12.61 13.36 1.45
C MET A 57 11.84 12.37 2.31
N SER A 58 10.54 12.29 2.13
CA SER A 58 9.72 11.35 2.93
C SER A 58 8.93 10.41 2.01
N ALA A 59 8.78 9.17 2.39
CA ALA A 59 8.01 8.22 1.55
C ALA A 59 7.07 7.38 2.42
N MET A 60 6.07 6.77 1.84
CA MET A 60 5.15 5.93 2.66
C MET A 60 5.59 4.46 2.61
N ALA A 61 5.01 3.63 3.43
CA ALA A 61 5.43 2.19 3.44
C ALA A 61 4.68 1.40 2.36
N LEU A 62 3.64 1.95 1.82
CA LEU A 62 2.90 1.25 0.73
C LEU A 62 2.36 -0.10 1.21
N GLY A 63 3.09 -1.16 0.98
CA GLY A 63 2.61 -2.50 1.38
C GLY A 63 2.43 -2.59 2.90
N PHE A 64 2.92 -3.64 3.50
CA PHE A 64 2.78 -3.80 4.98
C PHE A 64 3.94 -3.14 5.71
N GLY A 65 4.35 -1.97 5.27
CA GLY A 65 5.46 -1.26 5.96
C GLY A 65 4.92 -0.56 7.21
N ALA A 66 3.63 -0.32 7.27
CA ALA A 66 3.05 0.37 8.45
C ALA A 66 2.70 -0.63 9.55
N ILE A 67 1.97 -1.66 9.21
CA ILE A 67 1.56 -2.68 10.23
C ILE A 67 2.75 -3.09 11.10
N PHE A 68 3.95 -2.97 10.62
CA PHE A 68 5.14 -3.36 11.44
C PHE A 68 5.07 -2.68 12.81
N ASN A 69 5.47 -3.37 13.84
CA ASN A 69 5.41 -2.76 15.21
C ASN A 69 6.83 -2.66 15.79
N HIS A 70 6.95 -2.06 16.95
CA HIS A 70 8.29 -1.94 17.59
C HIS A 70 8.48 -3.06 18.62
N SER A 71 9.12 -4.12 18.23
CA SER A 71 9.33 -5.25 19.18
C SER A 71 10.82 -5.44 19.48
N LYS A 72 11.15 -5.78 20.70
CA LYS A 72 12.58 -5.99 21.05
C LYS A 72 13.19 -7.06 20.16
N ASP A 73 14.38 -6.83 19.67
CA ASP A 73 15.03 -7.85 18.78
C ASP A 73 14.09 -8.20 17.61
N PRO A 74 13.89 -7.25 16.73
CA PRO A 74 13.01 -7.47 15.57
C PRO A 74 13.56 -8.61 14.69
N ASN A 75 12.93 -9.76 14.74
CA ASN A 75 13.42 -10.90 13.92
C ASN A 75 13.43 -10.53 12.44
N ALA A 76 12.70 -9.52 12.06
CA ALA A 76 12.65 -9.13 10.62
C ALA A 76 13.07 -7.66 10.45
N ARG A 77 13.65 -7.33 9.34
CA ARG A 77 14.07 -5.92 9.11
C ARG A 77 13.53 -5.42 7.77
N HIS A 78 13.94 -4.25 7.35
CA HIS A 78 13.44 -3.71 6.05
C HIS A 78 14.59 -3.11 5.24
N GLU A 79 14.43 -3.04 3.94
CA GLU A 79 15.50 -2.47 3.08
C GLU A 79 14.89 -1.59 1.98
N LEU A 80 15.29 -0.36 1.88
CA LEU A 80 14.72 0.54 0.83
C LEU A 80 15.57 0.47 -0.44
N THR A 81 14.96 0.66 -1.57
CA THR A 81 15.73 0.61 -2.85
C THR A 81 16.15 2.02 -3.27
N ALA A 82 17.23 2.13 -3.99
CA ALA A 82 17.69 3.48 -4.43
C ALA A 82 16.55 4.23 -5.13
N GLY A 83 15.86 5.08 -4.41
CA GLY A 83 14.73 5.83 -5.03
C GLY A 83 13.52 5.85 -4.09
N LEU A 84 13.58 5.15 -2.98
CA LEU A 84 12.42 5.14 -2.04
C LEU A 84 11.14 4.70 -2.76
N LYS A 85 11.28 4.02 -3.87
CA LYS A 85 10.08 3.58 -4.62
C LYS A 85 9.65 2.16 -4.20
N ARG A 86 10.53 1.39 -3.65
CA ARG A 86 10.16 0.01 -3.24
C ARG A 86 10.67 -0.30 -1.83
N MET A 87 10.08 -1.25 -1.17
CA MET A 87 10.53 -1.62 0.20
C MET A 87 10.72 -3.14 0.31
N ARG A 88 11.77 -3.59 0.94
CA ARG A 88 12.00 -5.05 1.06
C ARG A 88 11.95 -5.49 2.52
N ILE A 89 11.57 -6.71 2.77
CA ILE A 89 11.53 -7.20 4.17
C ILE A 89 12.34 -8.49 4.30
N PHE A 90 13.33 -8.50 5.14
CA PHE A 90 14.16 -9.72 5.30
C PHE A 90 14.05 -10.27 6.72
N THR A 91 14.88 -11.22 7.06
CA THR A 91 14.84 -11.78 8.44
C THR A 91 16.25 -11.85 9.02
N ILE A 92 16.64 -10.83 9.75
CA ILE A 92 18.03 -10.82 10.33
C ILE A 92 18.31 -12.12 11.07
N LYS A 93 17.31 -12.75 11.62
CA LYS A 93 17.53 -14.03 12.35
C LYS A 93 16.42 -15.04 12.01
N PRO A 94 16.80 -16.29 11.92
CA PRO A 94 15.81 -17.35 11.60
C PRO A 94 14.58 -17.24 12.51
N ILE A 95 13.43 -17.64 12.01
CA ILE A 95 12.20 -17.55 12.85
C ILE A 95 11.55 -18.92 13.00
N ALA A 96 10.87 -19.14 14.09
CA ALA A 96 10.20 -20.45 14.31
C ALA A 96 8.71 -20.32 14.01
N ILE A 97 8.04 -21.42 13.79
CA ILE A 97 6.57 -21.36 13.50
C ILE A 97 5.81 -20.84 14.72
N GLY A 98 5.52 -19.57 14.75
CA GLY A 98 4.78 -19.00 15.91
C GLY A 98 5.56 -17.80 16.46
N GLU A 99 6.09 -16.99 15.59
CA GLU A 99 6.87 -15.79 16.07
C GLU A 99 6.19 -14.50 15.60
N GLU A 100 6.61 -13.38 16.13
CA GLU A 100 6.00 -12.09 15.71
C GLU A 100 6.98 -11.31 14.83
N ILE A 101 6.62 -11.07 13.60
CA ILE A 101 7.54 -10.32 12.69
C ILE A 101 7.30 -8.81 12.80
N THR A 102 8.35 -8.07 13.01
CA THR A 102 8.22 -6.59 13.13
C THR A 102 9.56 -5.93 12.74
N ILE A 103 9.60 -4.62 12.72
CA ILE A 103 10.88 -3.94 12.37
C ILE A 103 11.05 -2.66 13.19
N SER A 104 12.26 -2.19 13.32
CA SER A 104 12.49 -0.95 14.11
C SER A 104 12.32 0.29 13.23
N TYR A 105 12.89 1.39 13.63
CA TYR A 105 12.77 2.63 12.81
C TYR A 105 14.13 3.31 12.66
N GLY A 106 14.74 3.69 13.75
CA GLY A 106 16.07 4.34 13.67
C GLY A 106 16.37 5.07 14.97
N ASP A 107 17.37 5.92 14.99
CA ASP A 107 17.70 6.65 16.25
C ASP A 107 16.53 7.57 16.65
N ASP A 108 15.84 8.12 15.69
CA ASP A 108 14.71 9.02 16.02
C ASP A 108 13.55 8.22 16.63
N TYR A 109 12.80 7.54 15.83
CA TYR A 109 11.66 6.74 16.36
C TYR A 109 12.12 5.83 17.49
N TRP A 110 11.72 6.11 18.70
CA TRP A 110 12.12 5.25 19.85
C TRP A 110 13.63 5.03 19.87
N LEU A 111 14.09 4.09 20.66
CA LEU A 111 15.55 3.82 20.74
C LEU A 111 16.10 3.42 19.37
N SER A 112 17.38 3.59 19.16
CA SER A 112 17.98 3.21 17.85
C SER A 112 17.87 1.69 17.63
N ARG A 113 18.50 0.91 18.47
CA ARG A 113 18.42 -0.56 18.31
C ARG A 113 18.30 -1.25 19.68
N PRO A 114 17.83 -2.47 19.65
CA PRO A 114 17.66 -3.23 20.91
C PRO A 114 19.00 -3.38 21.65
N ARG A 115 19.98 -3.96 20.99
CA ARG A 115 21.32 -4.15 21.63
C ARG A 115 21.21 -5.11 22.83
N LEU A 116 20.59 -4.68 23.89
CA LEU A 116 20.45 -5.57 25.08
C LEU A 116 21.82 -6.10 25.52
N THR A 117 22.48 -5.40 26.40
CA THR A 117 23.82 -5.85 26.87
C THR A 117 23.68 -7.14 27.68
N GLN A 118 24.74 -7.92 27.75
CA GLN A 118 24.67 -9.19 28.53
C GLN A 118 25.39 -9.02 29.87
N ASN A 119 24.72 -8.47 30.85
CA ASN A 119 25.36 -8.28 32.18
C ASN A 119 24.34 -7.81 33.20
N GLY B 1 17.91 20.27 34.85
CA GLY B 1 16.98 21.04 35.73
C GLY B 1 16.57 22.32 35.01
N LYS B 2 15.52 22.27 34.23
CA LYS B 2 15.06 23.50 33.52
C LYS B 2 13.55 23.66 33.67
N ALA B 3 13.01 23.30 34.80
CA ALA B 3 11.53 23.44 35.00
C ALA B 3 11.08 24.87 34.72
N PRO B 4 11.76 25.83 35.33
CA PRO B 4 11.39 27.25 35.12
C PRO B 4 11.30 27.58 33.63
N ARG B 5 10.11 27.56 33.08
CA ARG B 5 9.97 27.86 31.63
C ARG B 5 10.89 26.99 30.79
N LYS B 6 10.50 25.77 30.54
CA LYS B 6 11.37 24.87 29.73
C LYS B 6 11.35 25.31 28.26
N GLN B 7 12.49 25.48 27.66
CA GLN B 7 12.53 25.90 26.23
C GLN B 7 11.81 24.87 25.36
N LEU B 8 10.98 25.32 24.46
CA LEU B 8 10.24 24.38 23.57
C LEU B 8 11.21 23.66 22.63
N ALA B 9 10.70 22.92 21.68
CA ALA B 9 11.60 22.21 20.73
C ALA B 9 10.81 21.81 19.47
N THR B 10 11.44 21.88 18.33
CA THR B 10 10.74 21.49 17.07
C THR B 10 11.38 20.25 16.47
N LYS B 11 11.67 19.27 17.29
CA LYS B 11 12.28 18.02 16.76
C LYS B 11 11.27 17.20 15.97
N ALA B 12 11.07 17.53 14.72
CA ALA B 12 10.09 16.77 13.89
C ALA B 12 10.82 15.77 12.99
N ALA B 13 10.81 14.51 13.36
CA ALA B 13 11.50 13.49 12.52
C ALA B 13 10.57 12.31 12.25
N ARG B 14 10.86 11.54 11.24
CA ARG B 14 10.00 10.37 10.90
C ARG B 14 10.76 9.06 11.16
N SER B 16 13.40 6.27 10.81
CA SER B 16 14.77 6.28 10.21
C SER B 16 14.78 5.58 8.85
N ALA B 17 15.92 5.50 8.23
CA ALA B 17 16.00 4.82 6.90
C ALA B 17 17.39 4.20 6.70
N PRO B 18 17.43 2.91 6.45
CA PRO B 18 18.74 2.23 6.24
C PRO B 18 19.52 2.91 5.12
N ALA B 19 20.82 2.75 5.12
CA ALA B 19 21.65 3.37 4.04
C ALA B 19 22.09 2.32 3.02
N THR B 20 22.09 1.08 3.41
CA THR B 20 22.51 0.00 2.46
C THR B 20 21.65 0.04 1.20
N GLY B 21 21.74 -0.97 0.37
CA GLY B 21 20.91 -1.00 -0.86
C GLY B 21 21.10 0.31 -1.64
N MET C 1 8.31 -9.80 -5.56
CA MET C 1 7.10 -9.45 -6.36
C MET C 1 6.65 -10.66 -7.18
N PHE C 2 6.05 -10.42 -8.33
CA PHE C 2 5.56 -11.52 -9.22
C PHE C 2 5.02 -12.71 -8.42
N ASN C 3 3.74 -12.74 -8.16
CA ASN C 3 3.14 -13.87 -7.39
C ASN C 3 2.71 -14.99 -8.34
N ASP C 4 2.84 -16.22 -7.92
CA ASP C 4 2.45 -17.35 -8.80
C ASP C 4 1.05 -17.15 -9.38
N ARG C 5 0.11 -16.73 -8.57
CA ARG C 5 -1.27 -16.51 -9.07
C ARG C 5 -1.31 -15.34 -10.04
N VAL C 6 -0.56 -14.30 -9.77
CA VAL C 6 -0.55 -13.12 -10.68
C VAL C 6 0.81 -12.43 -10.63
N ILE C 7 1.29 -11.95 -11.75
CA ILE C 7 2.61 -11.28 -11.77
C ILE C 7 2.45 -9.79 -12.12
N VAL C 8 3.37 -8.97 -11.67
CA VAL C 8 3.27 -7.51 -11.98
C VAL C 8 4.01 -7.20 -13.28
N LYS C 9 3.38 -6.48 -14.16
CA LYS C 9 4.04 -6.14 -15.45
C LYS C 9 3.58 -4.75 -15.94
N LYS C 10 4.45 -3.80 -16.19
CA LYS C 10 5.94 -3.98 -16.04
C LYS C 10 6.44 -5.11 -16.94
N SER C 11 6.34 -4.93 -18.24
CA SER C 11 6.83 -5.98 -19.17
C SER C 11 7.21 -5.36 -20.53
N PRO C 12 6.25 -4.82 -21.24
CA PRO C 12 6.54 -4.21 -22.55
C PRO C 12 7.51 -3.04 -22.37
N LEU C 13 7.58 -2.16 -23.34
CA LEU C 13 8.52 -1.01 -23.23
C LEU C 13 8.19 -0.18 -21.98
N GLY C 14 6.94 -0.15 -21.59
CA GLY C 14 6.56 0.63 -20.37
C GLY C 14 5.10 0.36 -20.04
N GLY C 15 4.74 0.47 -18.79
CA GLY C 15 3.32 0.23 -18.38
C GLY C 15 3.29 -0.48 -17.03
N TYR C 16 2.27 -0.25 -16.24
CA TYR C 16 2.20 -0.91 -14.91
C TYR C 16 0.78 -1.44 -14.65
N GLY C 17 0.52 -2.66 -15.06
CA GLY C 17 -0.83 -3.25 -14.84
C GLY C 17 -0.66 -4.65 -14.25
N VAL C 18 -1.72 -5.41 -14.14
CA VAL C 18 -1.58 -6.78 -13.58
C VAL C 18 -1.65 -7.82 -14.70
N PHE C 19 -0.82 -8.83 -14.63
CA PHE C 19 -0.85 -9.88 -15.68
C PHE C 19 -1.42 -11.17 -15.10
N ALA C 20 -2.44 -11.70 -15.71
CA ALA C 20 -3.07 -12.95 -15.17
C ALA C 20 -2.42 -14.20 -15.76
N ARG C 21 -1.49 -14.78 -15.06
CA ARG C 21 -0.85 -16.03 -15.56
C ARG C 21 -1.87 -17.17 -15.55
N LYS C 22 -2.92 -17.03 -14.78
CA LYS C 22 -3.97 -18.09 -14.70
C LYS C 22 -5.09 -17.75 -15.70
N SER C 23 -6.13 -18.55 -15.82
CA SER C 23 -6.27 -19.80 -14.99
C SER C 23 -7.28 -19.56 -13.87
N PHE C 24 -8.10 -18.55 -13.99
CA PHE C 24 -9.10 -18.27 -12.91
C PHE C 24 -10.52 -18.52 -13.42
N GLU C 25 -11.46 -18.60 -12.53
CA GLU C 25 -12.87 -18.84 -12.96
C GLU C 25 -13.69 -17.55 -12.82
N LYS C 26 -14.98 -17.67 -12.69
CA LYS C 26 -15.83 -16.46 -12.56
C LYS C 26 -16.21 -16.23 -11.10
N GLY C 27 -15.60 -15.26 -10.46
CA GLY C 27 -15.94 -14.99 -9.03
C GLY C 27 -14.80 -15.48 -8.13
N GLU C 28 -13.58 -15.26 -8.53
CA GLU C 28 -12.43 -15.72 -7.70
C GLU C 28 -11.61 -14.52 -7.22
N LEU C 29 -11.36 -14.44 -5.93
CA LEU C 29 -10.58 -13.29 -5.40
C LEU C 29 -9.14 -13.32 -5.94
N VAL C 30 -8.72 -12.26 -6.56
CA VAL C 30 -7.34 -12.21 -7.11
C VAL C 30 -6.44 -11.37 -6.19
N GLU C 31 -5.99 -11.95 -5.10
CA GLU C 31 -5.12 -11.21 -4.14
C GLU C 31 -5.86 -10.00 -3.55
N GLU C 32 -5.76 -9.82 -2.26
CA GLU C 32 -6.44 -8.67 -1.62
C GLU C 32 -5.44 -7.85 -0.82
N CYS C 33 -5.75 -6.61 -0.53
CA CYS C 33 -4.80 -5.76 0.25
C CYS C 33 -5.56 -4.72 1.08
N LEU C 34 -4.86 -3.78 1.64
CA LEU C 34 -5.53 -2.73 2.46
C LEU C 34 -5.46 -1.37 1.78
N CYS C 35 -6.12 -0.38 2.32
CA CYS C 35 -6.08 0.97 1.70
C CYS C 35 -5.95 2.05 2.78
N ILE C 36 -6.04 3.29 2.40
CA ILE C 36 -5.94 4.39 3.41
C ILE C 36 -7.22 5.22 3.41
N VAL C 37 -7.67 5.63 4.55
CA VAL C 37 -8.91 6.47 4.59
C VAL C 37 -8.55 7.90 5.03
N ARG C 38 -8.88 8.87 4.21
CA ARG C 38 -8.54 10.27 4.57
C ARG C 38 -9.57 11.23 3.96
N HIS C 39 -10.07 12.15 4.75
CA HIS C 39 -11.09 13.11 4.24
C HIS C 39 -10.62 13.82 2.97
N ASN C 40 -11.39 14.75 2.48
CA ASN C 40 -10.99 15.48 1.23
C ASN C 40 -10.33 16.81 1.57
N ASP C 41 -9.09 16.97 1.20
CA ASP C 41 -8.36 18.24 1.47
C ASP C 41 -6.97 18.16 0.84
N ASP C 42 -5.95 18.67 1.49
CA ASP C 42 -4.57 18.54 0.93
C ASP C 42 -4.29 17.08 0.58
N TRP C 43 -4.98 16.18 1.23
CA TRP C 43 -4.81 14.74 0.91
C TRP C 43 -5.10 14.50 -0.57
N GLY C 44 -6.26 14.88 -1.02
CA GLY C 44 -6.61 14.67 -2.45
C GLY C 44 -5.64 15.46 -3.34
N THR C 45 -5.11 16.54 -2.83
CA THR C 45 -4.17 17.36 -3.65
C THR C 45 -2.82 16.64 -3.76
N ALA C 46 -2.30 16.11 -2.69
CA ALA C 46 -0.99 15.41 -2.75
C ALA C 46 -1.16 14.00 -3.32
N LEU C 47 -2.20 13.32 -2.93
CA LEU C 47 -2.43 11.93 -3.44
C LEU C 47 -3.28 11.96 -4.71
N GLU C 48 -3.30 13.06 -5.41
CA GLU C 48 -4.12 13.14 -6.66
C GLU C 48 -3.57 12.16 -7.71
N ASP C 49 -3.88 10.90 -7.58
CA ASP C 49 -3.38 9.91 -8.57
C ASP C 49 -4.06 8.56 -8.39
N TYR C 50 -3.87 7.93 -7.26
CA TYR C 50 -4.50 6.60 -7.03
C TYR C 50 -5.39 6.64 -5.78
N LEU C 51 -6.34 7.54 -5.77
CA LEU C 51 -7.23 7.66 -4.58
C LEU C 51 -8.64 7.17 -4.91
N PHE C 52 -9.06 6.08 -4.32
CA PHE C 52 -10.45 5.60 -4.52
C PHE C 52 -11.35 6.22 -3.47
N SER C 53 -12.08 7.24 -3.82
CA SER C 53 -12.94 7.93 -2.81
C SER C 53 -14.39 7.48 -2.90
N ARG C 54 -15.04 7.35 -1.77
CA ARG C 54 -16.48 6.95 -1.79
C ARG C 54 -17.36 8.18 -1.55
N LYS C 55 -18.64 7.98 -1.40
CA LYS C 55 -19.53 9.14 -1.17
C LYS C 55 -19.48 9.58 0.29
N ASN C 56 -18.47 10.33 0.63
CA ASN C 56 -18.33 10.79 2.04
C ASN C 56 -16.86 11.09 2.36
N MET C 57 -15.95 10.55 1.60
CA MET C 57 -14.51 10.81 1.87
C MET C 57 -13.61 10.21 0.78
N SER C 58 -12.31 10.34 0.93
CA SER C 58 -11.39 9.79 -0.09
C SER C 58 -10.40 8.81 0.54
N ALA C 59 -10.05 7.75 -0.14
CA ALA C 59 -9.09 6.77 0.43
C ALA C 59 -8.07 6.38 -0.65
N MET C 60 -6.95 5.82 -0.25
CA MET C 60 -5.94 5.39 -1.27
C MET C 60 -6.11 3.91 -1.58
N ALA C 61 -5.46 3.44 -2.61
CA ALA C 61 -5.62 2.00 -2.99
C ALA C 61 -4.70 1.11 -2.14
N LEU C 62 -3.72 1.68 -1.49
CA LEU C 62 -2.83 0.86 -0.62
C LEU C 62 -2.09 -0.20 -1.44
N GLY C 63 -2.61 -1.39 -1.50
CA GLY C 63 -1.92 -2.49 -2.24
C GLY C 63 -1.81 -2.15 -3.73
N PHE C 64 -2.15 -3.07 -4.57
CA PHE C 64 -2.05 -2.82 -6.04
C PHE C 64 -3.35 -2.21 -6.57
N GLY C 65 -3.92 -1.29 -5.85
CA GLY C 65 -5.18 -0.65 -6.33
C GLY C 65 -4.83 0.45 -7.35
N ALA C 66 -3.61 0.92 -7.35
CA ALA C 66 -3.21 1.98 -8.30
C ALA C 66 -2.74 1.37 -9.63
N ILE C 67 -1.83 0.43 -9.57
CA ILE C 67 -1.31 -0.19 -10.82
C ILE C 67 -2.45 -0.58 -11.78
N PHE C 68 -3.63 -0.80 -11.27
CA PHE C 68 -4.76 -1.17 -12.16
C PHE C 68 -4.90 -0.17 -13.30
N ASN C 69 -5.21 -0.62 -14.49
CA ASN C 69 -5.34 0.31 -15.64
C ASN C 69 -6.77 0.31 -16.18
N HIS C 70 -7.05 1.14 -17.14
CA HIS C 70 -8.43 1.18 -17.72
C HIS C 70 -8.48 0.35 -19.00
N SER C 71 -8.90 -0.88 -18.91
CA SER C 71 -8.96 -1.75 -20.12
C SER C 71 -10.40 -2.10 -20.45
N LYS C 72 -10.73 -2.18 -21.71
CA LYS C 72 -12.13 -2.54 -22.10
C LYS C 72 -12.49 -3.90 -21.52
N ASP C 73 -13.68 -4.03 -20.97
CA ASP C 73 -14.09 -5.33 -20.39
C ASP C 73 -13.06 -5.80 -19.35
N PRO C 74 -12.98 -5.08 -18.26
CA PRO C 74 -12.01 -5.44 -17.18
C PRO C 74 -12.31 -6.83 -16.64
N ASN C 75 -11.50 -7.80 -16.98
CA ASN C 75 -11.74 -9.19 -16.49
C ASN C 75 -11.74 -9.23 -14.96
N ALA C 76 -11.17 -8.23 -14.34
CA ALA C 76 -11.14 -8.22 -12.84
C ALA C 76 -11.78 -6.94 -12.31
N ARG C 77 -12.35 -7.01 -11.13
CA ARG C 77 -13.00 -5.81 -10.54
C ARG C 77 -12.49 -5.57 -9.12
N HIS C 78 -13.07 -4.65 -8.41
CA HIS C 78 -12.60 -4.38 -7.02
C HIS C 78 -13.79 -4.22 -6.07
N GLU C 79 -13.58 -4.46 -4.80
CA GLU C 79 -14.69 -4.33 -3.82
C GLU C 79 -14.19 -3.68 -2.53
N LEU C 80 -14.80 -2.59 -2.12
CA LEU C 80 -14.34 -1.91 -0.87
C LEU C 80 -15.10 -2.46 0.35
N THR C 81 -14.47 -2.46 1.49
CA THR C 81 -15.15 -2.97 2.71
C THR C 81 -15.80 -1.81 3.48
N ALA C 82 -16.84 -2.08 4.22
CA ALA C 82 -17.50 -0.99 4.99
C ALA C 82 -16.48 -0.25 5.85
N GLY C 83 -15.97 0.85 5.39
CA GLY C 83 -14.96 1.61 6.17
C GLY C 83 -13.82 2.09 5.27
N LEU C 84 -13.81 1.70 4.02
CA LEU C 84 -12.72 2.14 3.09
C LEU C 84 -11.36 1.76 3.68
N LYS C 85 -11.33 0.80 4.56
CA LYS C 85 -10.02 0.41 5.17
C LYS C 85 -9.37 -0.74 4.40
N ARG C 86 -10.14 -1.49 3.66
CA ARG C 86 -9.55 -2.63 2.90
C ARG C 86 -10.08 -2.67 1.47
N MET C 87 -9.36 -3.30 0.58
CA MET C 87 -9.82 -3.38 -0.84
C MET C 87 -9.73 -4.82 -1.33
N ARG C 88 -10.73 -5.27 -2.05
CA ARG C 88 -10.70 -6.67 -2.55
C ARG C 88 -10.66 -6.70 -4.08
N ILE C 89 -10.08 -7.72 -4.64
CA ILE C 89 -10.02 -7.83 -6.12
C ILE C 89 -10.61 -9.17 -6.58
N PHE C 90 -11.62 -9.14 -7.40
CA PHE C 90 -12.24 -10.41 -7.86
C PHE C 90 -12.11 -10.55 -9.38
N THR C 91 -12.77 -11.51 -9.95
CA THR C 91 -12.71 -11.69 -11.43
C THR C 91 -14.12 -11.84 -12.00
N ILE C 92 -14.73 -10.77 -12.44
CA ILE C 92 -16.11 -10.86 -12.98
C ILE C 92 -16.19 -11.96 -14.04
N LYS C 93 -15.13 -12.23 -14.74
CA LYS C 93 -15.16 -13.29 -15.78
C LYS C 93 -13.88 -14.14 -15.72
N PRO C 94 -14.03 -15.43 -15.96
CA PRO C 94 -12.86 -16.34 -15.93
C PRO C 94 -11.72 -15.78 -16.78
N ILE C 95 -10.50 -16.08 -16.42
CA ILE C 95 -9.35 -15.56 -17.19
C ILE C 95 -8.48 -16.70 -17.70
N ALA C 96 -7.83 -16.52 -18.82
CA ALA C 96 -6.94 -17.58 -19.37
C ALA C 96 -5.48 -17.27 -19.06
N ILE C 97 -4.63 -18.25 -19.14
CA ILE C 97 -3.19 -18.00 -18.84
C ILE C 97 -2.59 -17.06 -19.89
N GLY C 98 -2.52 -15.79 -19.59
CA GLY C 98 -1.95 -14.82 -20.56
C GLY C 98 -2.94 -13.67 -20.77
N GLU C 99 -3.58 -13.22 -19.72
CA GLU C 99 -4.56 -12.11 -19.86
C GLU C 99 -4.09 -10.88 -19.09
N GLU C 100 -4.72 -9.76 -19.30
CA GLU C 100 -4.32 -8.53 -18.55
C GLU C 100 -5.38 -8.19 -17.50
N ILE C 101 -5.01 -8.20 -16.25
CA ILE C 101 -6.00 -7.90 -15.17
C ILE C 101 -6.03 -6.40 -14.88
N THR C 102 -7.20 -5.82 -14.91
CA THR C 102 -7.34 -4.36 -14.62
C THR C 102 -8.73 -4.07 -14.07
N ILE C 103 -9.01 -2.85 -13.71
CA ILE C 103 -10.37 -2.52 -13.19
C ILE C 103 -10.80 -1.12 -13.65
N SER C 104 -12.08 -0.86 -13.64
CA SER C 104 -12.55 0.48 -14.08
C SER C 104 -12.56 1.46 -12.91
N TYR C 105 -13.33 2.51 -13.01
CA TYR C 105 -13.38 3.50 -11.90
C TYR C 105 -14.83 3.86 -11.56
N GLY C 106 -15.55 4.39 -12.51
CA GLY C 106 -16.96 4.76 -12.26
C GLY C 106 -17.45 5.72 -13.33
N ASP C 107 -18.58 6.35 -13.13
CA ASP C 107 -19.10 7.31 -14.14
C ASP C 107 -18.13 8.50 -14.29
N ASP C 108 -17.50 8.90 -13.24
CA ASP C 108 -16.54 10.04 -13.32
C ASP C 108 -15.31 9.64 -14.12
N TYR C 109 -14.40 8.92 -13.52
CA TYR C 109 -13.17 8.51 -14.24
C TYR C 109 -13.52 7.85 -15.58
N TRP C 110 -13.25 8.50 -16.67
CA TRP C 110 -13.53 7.90 -18.01
C TRP C 110 -14.99 7.44 -18.08
N LEU C 111 -15.33 6.65 -19.08
CA LEU C 111 -16.72 6.17 -19.22
C LEU C 111 -17.13 5.33 -18.01
N SER C 112 -18.40 5.20 -17.76
CA SER C 112 -18.86 4.39 -16.59
C SER C 112 -18.48 2.93 -16.77
N ARG C 113 -19.00 2.29 -17.79
CA ARG C 113 -18.67 0.85 -18.02
C ARG C 113 -18.49 0.58 -19.51
N PRO C 114 -17.82 -0.50 -19.81
CA PRO C 114 -17.59 -0.87 -21.23
C PRO C 114 -18.92 -1.07 -21.97
N ARG C 115 -19.74 -1.96 -21.49
CA ARG C 115 -21.06 -2.22 -22.15
C ARG C 115 -20.86 -2.80 -23.56
N LEU C 116 -20.36 -2.01 -24.47
CA LEU C 116 -20.14 -2.53 -25.86
C LEU C 116 -21.42 -3.16 -26.41
N THR C 117 -22.23 -2.38 -27.07
CA THR C 117 -23.49 -2.94 -27.64
C THR C 117 -23.18 -3.93 -28.76
N GLN C 118 -24.08 -4.84 -29.03
CA GLN C 118 -23.84 -5.83 -30.10
C GLN C 118 -24.64 -5.46 -31.36
N ASN C 119 -24.13 -4.57 -32.17
CA ASN C 119 -24.86 -4.16 -33.39
C ASN C 119 -23.98 -3.27 -34.26
N GLY D 1 -22.58 24.97 -28.54
CA GLY D 1 -21.84 26.09 -29.19
C GLY D 1 -21.62 27.22 -28.18
N LYS D 2 -20.55 27.15 -27.44
CA LYS D 2 -20.27 28.21 -26.43
C LYS D 2 -18.81 28.67 -26.53
N ALA D 3 -18.29 28.73 -27.72
CA ALA D 3 -16.87 29.16 -27.88
C ALA D 3 -16.65 30.54 -27.25
N PRO D 4 -17.51 31.47 -27.57
CA PRO D 4 -17.39 32.84 -27.02
C PRO D 4 -17.28 32.78 -25.48
N ARG D 5 -16.08 32.84 -24.97
CA ARG D 5 -15.91 32.79 -23.49
C ARG D 5 -16.64 31.58 -22.90
N LYS D 6 -16.03 30.43 -22.98
CA LYS D 6 -16.69 29.21 -22.42
C LYS D 6 -16.66 29.24 -20.89
N GLN D 7 -17.79 29.05 -20.26
CA GLN D 7 -17.83 29.08 -18.78
C GLN D 7 -16.89 28.01 -18.20
N LEU D 8 -16.12 28.36 -17.21
CA LEU D 8 -15.18 27.35 -16.62
C LEU D 8 -15.96 26.26 -15.89
N ALA D 9 -15.29 25.42 -15.16
CA ALA D 9 -15.99 24.33 -14.44
C ALA D 9 -15.09 23.76 -13.33
N THR D 10 -15.67 23.44 -12.19
CA THR D 10 -14.85 22.87 -11.09
C THR D 10 -15.22 21.42 -10.83
N LYS D 11 -15.39 20.65 -11.88
CA LYS D 11 -15.76 19.21 -11.69
C LYS D 11 -14.56 18.42 -11.14
N ALA D 12 -14.38 18.44 -9.85
CA ALA D 12 -13.24 17.68 -9.26
C ALA D 12 -13.73 16.37 -8.64
N ALA D 13 -13.53 15.27 -9.32
CA ALA D 13 -13.99 13.96 -8.78
C ALA D 13 -12.86 12.94 -8.83
N ARG D 14 -12.96 11.90 -8.05
CA ARG D 14 -11.89 10.86 -8.05
C ARG D 14 -12.42 9.54 -8.62
N SER D 16 -14.52 6.31 -9.01
CA SER D 16 -15.84 5.94 -8.43
C SER D 16 -15.66 4.92 -7.29
N ALA D 17 -16.74 4.48 -6.71
CA ALA D 17 -16.64 3.48 -5.61
C ALA D 17 -17.89 2.60 -5.57
N PRO D 18 -17.70 1.30 -5.65
CA PRO D 18 -18.85 0.37 -5.64
C PRO D 18 -19.68 0.58 -4.38
N ALA D 19 -20.93 0.19 -4.40
CA ALA D 19 -21.80 0.37 -3.20
C ALA D 19 -22.00 -0.98 -2.49
N THR D 20 -21.81 -2.06 -3.19
CA THR D 20 -21.99 -3.40 -2.55
C THR D 20 -21.08 -3.53 -1.34
N GLY D 21 -20.96 -4.72 -0.79
CA GLY D 21 -20.08 -4.92 0.39
C GLY D 21 -20.45 -3.91 1.49
N MET A 1 -3.05 -12.61 1.75
CA MET A 1 -2.44 -12.32 3.07
C MET A 1 -1.58 -13.49 3.53
N PHE A 2 -2.14 -14.45 4.22
CA PHE A 2 -1.34 -15.63 4.68
C PHE A 2 -0.64 -16.27 3.49
N ASN A 3 0.56 -16.77 3.70
CA ASN A 3 1.30 -17.41 2.59
C ASN A 3 2.16 -18.57 3.13
N ASP A 4 2.60 -19.44 2.26
CA ASP A 4 3.43 -20.60 2.72
C ASP A 4 4.81 -20.11 3.18
N ARG A 5 4.84 -19.29 4.20
CA ARG A 5 6.13 -18.77 4.73
C ARG A 5 5.87 -17.82 5.90
N VAL A 6 4.80 -17.08 5.82
CA VAL A 6 4.45 -16.13 6.91
C VAL A 6 2.95 -15.86 6.91
N ILE A 7 2.48 -15.03 7.81
CA ILE A 7 1.02 -14.73 7.84
C ILE A 7 0.78 -13.41 8.57
N VAL A 8 -0.40 -12.87 8.46
CA VAL A 8 -0.68 -11.58 9.15
C VAL A 8 -1.62 -11.78 10.34
N LYS A 9 -1.42 -11.02 11.38
CA LYS A 9 -2.29 -11.14 12.58
C LYS A 9 -2.56 -9.72 13.13
N LYS A 10 -3.73 -9.40 13.64
CA LYS A 10 -4.86 -10.38 13.77
C LYS A 10 -4.39 -11.65 14.50
N SER A 11 -3.87 -11.48 15.69
CA SER A 11 -3.39 -12.65 16.47
C SER A 11 -4.40 -12.99 17.59
N PRO A 12 -4.04 -13.93 18.43
CA PRO A 12 -4.93 -14.32 19.54
C PRO A 12 -5.34 -13.09 20.36
N LEU A 13 -4.40 -12.26 20.72
CA LEU A 13 -4.73 -11.05 21.51
C LEU A 13 -3.65 -9.98 21.32
N GLY A 14 -3.04 -9.93 20.17
CA GLY A 14 -1.98 -8.91 19.94
C GLY A 14 -2.54 -7.79 19.08
N GLY A 15 -1.70 -7.08 18.37
CA GLY A 15 -2.18 -5.98 17.50
C GLY A 15 -2.20 -6.43 16.05
N TYR A 16 -1.94 -5.55 15.13
CA TYR A 16 -1.93 -5.96 13.69
C TYR A 16 -0.50 -6.02 13.16
N GLY A 17 0.22 -7.05 13.47
CA GLY A 17 1.61 -7.19 12.97
C GLY A 17 1.67 -8.40 12.02
N VAL A 18 2.86 -8.86 11.70
CA VAL A 18 2.95 -10.05 10.81
C VAL A 18 3.62 -11.20 11.57
N PHE A 19 3.03 -12.36 11.56
CA PHE A 19 3.61 -13.50 12.33
C PHE A 19 4.60 -14.29 11.47
N ALA A 20 5.48 -15.01 12.09
CA ALA A 20 6.47 -15.82 11.32
C ALA A 20 6.13 -17.31 11.42
N ARG A 21 5.44 -17.82 10.44
CA ARG A 21 5.09 -19.27 10.45
C ARG A 21 6.35 -20.11 10.22
N LYS A 22 7.39 -19.51 9.69
CA LYS A 22 8.65 -20.26 9.46
C LYS A 22 9.63 -19.99 10.63
N SER A 23 10.80 -20.59 10.65
CA SER A 23 11.25 -21.51 9.56
C SER A 23 12.32 -20.82 8.70
N PHE A 24 12.97 -19.82 9.23
CA PHE A 24 14.01 -19.10 8.44
C PHE A 24 15.39 -19.31 9.06
N GLU A 25 16.43 -19.20 8.27
CA GLU A 25 17.80 -19.38 8.82
C GLU A 25 18.34 -18.06 9.36
N LYS A 26 18.87 -17.22 8.51
CA LYS A 26 19.36 -15.89 8.98
C LYS A 26 19.85 -15.06 7.79
N GLY A 27 18.99 -14.26 7.23
CA GLY A 27 19.39 -13.42 6.06
C GLY A 27 18.57 -13.81 4.84
N GLU A 28 17.44 -14.46 5.04
CA GLU A 28 16.60 -14.86 3.88
C GLU A 28 15.47 -13.84 3.66
N LEU A 29 15.01 -13.71 2.45
CA LEU A 29 13.91 -12.73 2.18
C LEU A 29 12.56 -13.30 2.62
N VAL A 30 11.89 -12.63 3.50
CA VAL A 30 10.57 -13.12 3.98
C VAL A 30 9.47 -12.69 3.02
N GLU A 31 9.47 -11.44 2.64
CA GLU A 31 8.42 -10.94 1.70
C GLU A 31 8.71 -9.49 1.31
N GLU A 32 8.40 -9.12 0.09
CA GLU A 32 8.66 -7.73 -0.35
C GLU A 32 7.41 -7.12 -0.98
N CYS A 33 7.24 -5.83 -0.85
CA CYS A 33 6.03 -5.17 -1.43
C CYS A 33 6.42 -3.82 -2.04
N LEU A 34 5.47 -2.91 -2.13
CA LEU A 34 5.80 -1.58 -2.72
C LEU A 34 5.77 -0.49 -1.65
N CYS A 35 6.12 0.71 -2.02
CA CYS A 35 6.09 1.83 -1.03
C CYS A 35 5.71 3.12 -1.74
N ILE A 36 5.34 4.14 -1.01
CA ILE A 36 4.97 5.42 -1.68
C ILE A 36 6.05 6.47 -1.43
N VAL A 37 6.34 7.29 -2.41
CA VAL A 37 7.40 8.32 -2.23
C VAL A 37 6.81 9.72 -2.35
N ARG A 38 6.94 10.52 -1.33
CA ARG A 38 6.39 11.90 -1.39
C ARG A 38 7.23 12.85 -0.54
N HIS A 39 7.41 14.07 -0.98
CA HIS A 39 8.23 15.04 -0.20
C HIS A 39 7.65 15.21 1.21
N ASN A 40 8.13 16.18 1.94
CA ASN A 40 7.62 16.37 3.33
C ASN A 40 6.71 17.60 3.41
N ASP A 41 5.42 17.40 3.43
CA ASP A 41 4.47 18.52 3.51
C ASP A 41 3.09 18.00 3.97
N ASP A 42 2.02 18.42 3.36
CA ASP A 42 0.69 17.88 3.75
C ASP A 42 0.73 16.36 3.75
N TRP A 43 1.61 15.80 2.96
CA TRP A 43 1.77 14.31 2.92
C TRP A 43 2.10 13.80 4.32
N GLY A 44 3.16 14.30 4.91
CA GLY A 44 3.54 13.84 6.28
C GLY A 44 2.37 14.07 7.23
N THR A 45 1.62 15.12 7.03
CA THR A 45 0.47 15.40 7.93
C THR A 45 -0.65 14.38 7.69
N ALA A 46 -1.28 14.41 6.55
CA ALA A 46 -2.38 13.45 6.27
C ALA A 46 -1.90 12.02 6.52
N LEU A 47 -0.80 11.64 5.94
CA LEU A 47 -0.29 10.25 6.13
C LEU A 47 0.64 10.19 7.34
N GLU A 48 0.32 10.88 8.40
CA GLU A 48 1.21 10.86 9.60
C GLU A 48 1.17 9.49 10.28
N ASP A 49 1.57 8.45 9.59
CA ASP A 49 1.56 7.09 10.18
C ASP A 49 2.08 6.06 9.18
N TYR A 50 2.86 5.11 9.62
CA TYR A 50 3.39 4.06 8.70
C TYR A 50 4.25 4.69 7.60
N LEU A 51 4.93 5.78 7.91
CA LEU A 51 5.78 6.43 6.88
C LEU A 51 7.27 6.18 7.16
N PHE A 52 8.00 5.82 6.14
CA PHE A 52 9.47 5.64 6.31
C PHE A 52 10.19 6.79 5.60
N SER A 53 10.69 7.74 6.34
CA SER A 53 11.34 8.92 5.70
C SER A 53 12.83 8.68 5.48
N ARG A 54 13.29 8.87 4.28
CA ARG A 54 14.75 8.70 3.99
C ARG A 54 15.42 10.07 3.91
N LYS A 55 16.68 10.10 3.55
CA LYS A 55 17.39 11.41 3.49
C LYS A 55 17.08 12.08 2.16
N ASN A 56 15.88 12.59 2.04
CA ASN A 56 15.47 13.25 0.78
C ASN A 56 13.97 13.53 0.81
N MET A 57 13.20 12.71 1.47
CA MET A 57 11.73 12.95 1.52
C MET A 57 11.04 11.93 2.43
N SER A 58 9.73 11.86 2.38
CA SER A 58 8.99 10.89 3.24
C SER A 58 8.25 9.87 2.36
N ALA A 59 8.26 8.63 2.73
CA ALA A 59 7.56 7.60 1.90
C ALA A 59 6.68 6.72 2.79
N MET A 60 5.82 5.93 2.19
CA MET A 60 4.96 5.04 3.02
C MET A 60 5.45 3.59 2.91
N ALA A 61 4.89 2.70 3.68
CA ALA A 61 5.36 1.29 3.64
C ALA A 61 4.67 0.51 2.52
N LEU A 62 3.42 0.80 2.27
CA LEU A 62 2.73 0.09 1.14
C LEU A 62 2.23 -1.29 1.59
N GLY A 63 3.01 -2.31 1.34
CA GLY A 63 2.57 -3.69 1.69
C GLY A 63 2.57 -3.87 3.21
N PHE A 64 3.36 -4.78 3.70
CA PHE A 64 3.39 -5.04 5.17
C PHE A 64 4.43 -4.16 5.86
N GLY A 65 4.74 -3.03 5.31
CA GLY A 65 5.76 -2.14 5.94
C GLY A 65 5.13 -1.42 7.13
N ALA A 66 3.83 -1.29 7.14
CA ALA A 66 3.16 -0.58 8.27
C ALA A 66 2.77 -1.56 9.38
N ILE A 67 2.17 -2.66 9.03
CA ILE A 67 1.77 -3.67 10.07
C ILE A 67 2.92 -3.95 11.03
N PHE A 68 4.14 -3.76 10.58
CA PHE A 68 5.31 -4.01 11.46
C PHE A 68 5.12 -3.39 12.85
N ASN A 69 5.01 -4.21 13.86
CA ASN A 69 4.79 -3.68 15.24
C ASN A 69 6.13 -3.49 15.95
N HIS A 70 6.09 -3.01 17.17
CA HIS A 70 7.36 -2.83 17.93
C HIS A 70 7.53 -3.97 18.95
N SER A 71 8.55 -4.76 18.80
CA SER A 71 8.75 -5.89 19.74
C SER A 71 10.16 -5.83 20.35
N LYS A 72 10.25 -5.93 21.65
CA LYS A 72 11.60 -5.88 22.31
C LYS A 72 12.55 -6.89 21.66
N ASP A 73 12.01 -7.90 21.04
CA ASP A 73 12.88 -8.92 20.39
C ASP A 73 12.72 -8.86 18.87
N PRO A 74 13.25 -7.81 18.29
CA PRO A 74 13.16 -7.66 16.81
C PRO A 74 13.94 -8.77 16.11
N ASN A 75 13.24 -9.64 15.45
CA ASN A 75 13.93 -10.76 14.76
C ASN A 75 13.84 -10.60 13.24
N ALA A 76 13.54 -9.41 12.77
CA ALA A 76 13.45 -9.20 11.30
C ALA A 76 13.83 -7.76 10.94
N ARG A 77 14.12 -7.52 9.69
CA ARG A 77 14.49 -6.13 9.27
C ARG A 77 14.00 -5.86 7.85
N HIS A 78 13.86 -4.61 7.50
CA HIS A 78 13.36 -4.28 6.13
C HIS A 78 14.49 -3.67 5.29
N GLU A 79 14.37 -3.71 4.00
CA GLU A 79 15.43 -3.12 3.13
C GLU A 79 14.80 -2.43 1.92
N LEU A 80 15.36 -1.32 1.50
CA LEU A 80 14.79 -0.60 0.33
C LEU A 80 15.69 -0.77 -0.90
N THR A 81 15.14 -0.60 -2.07
CA THR A 81 15.97 -0.76 -3.29
C THR A 81 16.62 0.56 -3.70
N ALA A 82 17.55 1.05 -2.92
CA ALA A 82 18.22 2.34 -3.25
C ALA A 82 17.17 3.42 -3.54
N GLY A 83 16.06 3.38 -2.85
CA GLY A 83 15.00 4.40 -3.09
C GLY A 83 13.76 4.04 -2.27
N LEU A 84 12.79 4.91 -2.22
CA LEU A 84 11.56 4.61 -1.46
C LEU A 84 10.51 3.99 -2.38
N LYS A 85 10.93 3.25 -3.36
CA LYS A 85 9.97 2.63 -4.31
C LYS A 85 9.58 1.22 -3.86
N ARG A 86 10.49 0.28 -4.00
CA ARG A 86 10.18 -1.12 -3.58
C ARG A 86 10.71 -1.39 -2.18
N MET A 87 10.19 -2.40 -1.52
CA MET A 87 10.67 -2.72 -0.15
C MET A 87 10.70 -4.23 0.06
N ARG A 88 11.73 -4.72 0.71
CA ARG A 88 11.81 -6.20 0.96
C ARG A 88 11.89 -6.47 2.47
N ILE A 89 11.80 -7.70 2.87
CA ILE A 89 11.87 -8.02 4.32
C ILE A 89 12.81 -9.20 4.57
N PHE A 90 13.80 -9.01 5.40
CA PHE A 90 14.77 -10.12 5.68
C PHE A 90 14.63 -10.59 7.13
N THR A 91 15.45 -11.51 7.55
CA THR A 91 15.38 -12.00 8.96
C THR A 91 16.74 -11.85 9.62
N ILE A 92 16.95 -10.78 10.34
CA ILE A 92 18.26 -10.57 11.03
C ILE A 92 18.65 -11.81 11.83
N LYS A 93 17.69 -12.60 12.23
CA LYS A 93 18.01 -13.81 13.01
C LYS A 93 17.04 -14.95 12.67
N PRO A 94 17.48 -16.17 12.91
CA PRO A 94 16.64 -17.35 12.61
C PRO A 94 15.32 -17.30 13.37
N ILE A 95 14.27 -17.81 12.79
CA ILE A 95 12.95 -17.79 13.47
C ILE A 95 12.30 -19.18 13.41
N ALA A 96 11.59 -19.55 14.43
CA ALA A 96 10.93 -20.89 14.44
C ALA A 96 9.45 -20.76 14.07
N ILE A 97 8.82 -21.84 13.69
CA ILE A 97 7.38 -21.78 13.33
C ILE A 97 6.53 -21.44 14.55
N GLY A 98 5.93 -20.29 14.59
CA GLY A 98 5.09 -19.91 15.75
C GLY A 98 5.65 -18.66 16.42
N GLU A 99 6.34 -17.83 15.68
CA GLU A 99 6.90 -16.59 16.28
C GLU A 99 6.23 -15.36 15.66
N GLU A 100 6.59 -14.18 16.08
CA GLU A 100 5.97 -12.96 15.50
C GLU A 100 7.01 -12.12 14.77
N ILE A 101 6.68 -11.64 13.61
CA ILE A 101 7.63 -10.80 12.83
C ILE A 101 7.28 -9.31 13.00
N THR A 102 8.26 -8.55 13.41
CA THR A 102 8.06 -7.08 13.61
C THR A 102 9.40 -6.36 13.48
N ILE A 103 9.39 -5.05 13.45
CA ILE A 103 10.69 -4.32 13.33
C ILE A 103 10.63 -2.99 14.09
N SER A 104 11.76 -2.39 14.32
CA SER A 104 11.79 -1.10 15.06
C SER A 104 11.62 0.08 14.09
N TYR A 105 11.91 1.27 14.53
CA TYR A 105 11.78 2.45 13.64
C TYR A 105 13.12 3.20 13.55
N GLY A 106 13.56 3.78 14.63
CA GLY A 106 14.86 4.51 14.61
C GLY A 106 15.05 5.24 15.93
N ASP A 107 16.27 5.48 16.32
CA ASP A 107 16.52 6.20 17.60
C ASP A 107 15.70 7.48 17.67
N ASP A 108 15.34 8.02 16.53
CA ASP A 108 14.52 9.26 16.52
C ASP A 108 13.03 8.92 16.64
N TYR A 109 12.54 8.09 15.77
CA TYR A 109 11.10 7.71 15.82
C TYR A 109 10.83 6.80 17.03
N TRP A 110 11.09 7.28 18.22
CA TRP A 110 10.83 6.45 19.43
C TRP A 110 11.27 7.19 20.70
N LEU A 111 11.44 6.50 21.79
CA LEU A 111 11.86 7.17 23.04
C LEU A 111 13.21 7.86 22.85
N SER A 112 13.88 8.20 23.92
CA SER A 112 15.21 8.87 23.79
C SER A 112 16.27 8.09 24.57
N ARG A 113 17.43 7.92 23.99
CA ARG A 113 18.51 7.16 24.68
C ARG A 113 17.98 5.81 25.15
N PRO A 114 17.46 5.05 24.22
CA PRO A 114 16.92 3.71 24.56
C PRO A 114 18.07 2.77 24.92
N ARG A 115 17.93 2.03 25.99
CA ARG A 115 19.02 1.11 26.40
C ARG A 115 18.47 -0.29 26.66
N LEU A 116 17.95 -0.93 25.65
CA LEU A 116 17.38 -2.29 25.83
C LEU A 116 18.50 -3.32 26.00
N THR A 117 19.55 -3.21 25.23
CA THR A 117 20.66 -4.20 25.35
C THR A 117 22.01 -3.50 25.24
N GLN A 118 23.07 -4.14 25.67
CA GLN A 118 24.42 -3.52 25.60
C GLN A 118 24.92 -3.50 24.16
N ASN A 119 24.23 -2.81 23.28
CA ASN A 119 24.68 -2.75 21.86
C ASN A 119 25.44 -1.45 21.59
N GLY B 1 10.72 39.37 31.57
CA GLY B 1 10.36 37.92 31.64
C GLY B 1 9.95 37.43 30.26
N LYS B 2 10.66 37.82 29.23
CA LYS B 2 10.31 37.36 27.86
C LYS B 2 11.32 36.34 27.36
N ALA B 3 10.98 35.07 27.42
CA ALA B 3 11.93 34.03 26.94
C ALA B 3 11.15 32.75 26.56
N PRO B 4 10.24 32.90 25.64
CA PRO B 4 9.44 31.73 25.19
C PRO B 4 10.33 30.71 24.48
N ARG B 5 9.93 29.47 24.46
CA ARG B 5 10.75 28.43 23.78
C ARG B 5 9.87 27.31 23.24
N LYS B 6 8.61 27.58 23.03
CA LYS B 6 7.69 26.53 22.50
C LYS B 6 7.09 26.98 21.16
N GLN B 7 7.85 27.66 20.36
CA GLN B 7 7.31 28.12 19.04
C GLN B 7 8.07 27.45 17.89
N LEU B 8 9.36 27.32 18.01
CA LEU B 8 10.14 26.68 16.92
C LEU B 8 11.24 25.78 17.51
N ALA B 9 11.00 25.22 18.67
CA ALA B 9 12.03 24.33 19.29
C ALA B 9 11.60 22.87 19.19
N THR B 10 10.94 22.51 18.13
CA THR B 10 10.49 21.10 17.97
C THR B 10 10.96 20.53 16.64
N LYS B 11 10.82 19.25 16.44
CA LYS B 11 11.27 18.63 15.16
C LYS B 11 10.26 17.59 14.69
N ALA B 12 10.30 17.23 13.43
CA ALA B 12 9.34 16.21 12.91
C ALA B 12 10.10 15.07 12.25
N ALA B 13 10.60 14.14 13.02
CA ALA B 13 11.35 12.99 12.42
C ALA B 13 10.42 11.78 12.26
N ARG B 14 10.65 10.99 11.24
CA ARG B 14 9.79 9.80 11.03
C ARG B 14 10.58 8.51 11.28
N SER B 16 13.27 6.05 11.17
CA SER B 16 14.65 6.12 10.64
C SER B 16 14.85 5.09 9.54
N ALA B 17 16.07 4.85 9.14
CA ALA B 17 16.33 3.85 8.06
C ALA B 17 17.17 2.70 8.61
N PRO B 18 17.26 1.64 7.84
CA PRO B 18 18.04 0.45 8.27
C PRO B 18 19.52 0.83 8.45
N ALA B 19 20.26 0.91 7.39
CA ALA B 19 21.70 1.26 7.52
C ALA B 19 22.33 1.44 6.13
N THR B 20 21.64 2.10 5.23
CA THR B 20 22.20 2.30 3.87
C THR B 20 23.17 3.49 3.87
N GLY B 21 24.18 3.45 4.68
CA GLY B 21 25.16 4.58 4.72
C GLY B 21 24.44 5.85 5.16
N MET C 1 5.06 -10.98 -3.93
CA MET C 1 4.44 -10.49 -5.19
C MET C 1 3.85 -11.66 -5.99
N PHE C 2 4.63 -12.28 -6.84
CA PHE C 2 4.11 -13.43 -7.63
C PHE C 2 3.52 -14.49 -6.70
N ASN C 3 2.46 -15.13 -7.11
CA ASN C 3 1.83 -16.17 -6.26
C ASN C 3 1.25 -17.29 -7.12
N ASP C 4 0.98 -18.44 -6.53
CA ASP C 4 0.42 -19.57 -7.32
C ASP C 4 -1.01 -19.26 -7.77
N ARG C 5 -1.18 -18.24 -8.56
CA ARG C 5 -2.53 -17.86 -9.06
C ARG C 5 -2.44 -16.61 -9.93
N VAL C 6 -1.55 -15.72 -9.59
CA VAL C 6 -1.38 -14.49 -10.40
C VAL C 6 0.04 -13.93 -10.20
N ILE C 7 0.36 -12.84 -10.84
CA ILE C 7 1.72 -12.26 -10.68
C ILE C 7 1.71 -10.78 -11.05
N VAL C 8 2.74 -10.06 -10.71
CA VAL C 8 2.76 -8.60 -11.04
C VAL C 8 3.76 -8.32 -12.16
N LYS C 9 3.44 -7.38 -13.01
CA LYS C 9 4.36 -7.02 -14.12
C LYS C 9 4.34 -5.49 -14.30
N LYS C 10 5.44 -4.82 -14.61
CA LYS C 10 6.74 -5.51 -14.88
C LYS C 10 6.58 -6.60 -15.93
N SER C 11 6.09 -6.25 -17.08
CA SER C 11 5.89 -7.25 -18.16
C SER C 11 6.97 -7.10 -19.23
N PRO C 12 6.84 -7.85 -20.30
CA PRO C 12 7.83 -7.77 -21.40
C PRO C 12 8.01 -6.33 -21.86
N LEU C 13 6.92 -5.63 -22.09
CA LEU C 13 7.01 -4.22 -22.54
C LEU C 13 5.74 -3.46 -22.19
N GLY C 14 5.09 -3.82 -21.12
CA GLY C 14 3.83 -3.12 -20.74
C GLY C 14 4.12 -2.15 -19.58
N GLY C 15 3.12 -1.83 -18.81
CA GLY C 15 3.33 -0.91 -17.67
C GLY C 15 3.39 -1.71 -16.37
N TYR C 16 2.93 -1.14 -15.29
CA TYR C 16 2.96 -1.89 -13.99
C TYR C 16 1.56 -2.36 -13.61
N GLY C 17 1.08 -3.41 -14.22
CA GLY C 17 -0.26 -3.94 -13.88
C GLY C 17 -0.10 -5.33 -13.26
N VAL C 18 -1.16 -6.08 -13.16
CA VAL C 18 -1.05 -7.45 -12.59
C VAL C 18 -1.44 -8.47 -13.66
N PHE C 19 -0.62 -9.47 -13.87
CA PHE C 19 -0.92 -10.47 -14.93
C PHE C 19 -1.75 -11.63 -14.38
N ALA C 20 -2.45 -12.33 -15.22
CA ALA C 20 -3.26 -13.48 -14.77
C ALA C 20 -2.61 -14.80 -15.17
N ARG C 21 -1.86 -15.40 -14.30
CA ARG C 21 -1.22 -16.69 -14.62
C ARG C 21 -2.28 -17.80 -14.70
N LYS C 22 -3.44 -17.56 -14.14
CA LYS C 22 -4.53 -18.57 -14.20
C LYS C 22 -5.50 -18.22 -15.35
N SER C 23 -6.52 -19.01 -15.61
CA SER C 23 -6.80 -20.25 -14.81
C SER C 23 -8.01 -20.01 -13.90
N PHE C 24 -8.85 -19.06 -14.23
CA PHE C 24 -10.04 -18.78 -13.38
C PHE C 24 -11.32 -19.09 -14.14
N GLU C 25 -12.39 -19.39 -13.45
CA GLU C 25 -13.67 -19.69 -14.14
C GLU C 25 -14.45 -18.40 -14.38
N LYS C 26 -15.18 -17.93 -13.41
CA LYS C 26 -15.93 -16.65 -13.58
C LYS C 26 -16.61 -16.25 -12.28
N GLY C 27 -15.96 -15.46 -11.47
CA GLY C 27 -16.57 -15.04 -10.18
C GLY C 27 -15.71 -15.55 -9.02
N GLU C 28 -14.48 -15.90 -9.26
CA GLU C 28 -13.61 -16.41 -8.17
C GLU C 28 -12.72 -15.27 -7.63
N LEU C 29 -12.34 -15.36 -6.38
CA LEU C 29 -11.48 -14.29 -5.80
C LEU C 29 -10.03 -14.46 -6.25
N VAL C 30 -9.48 -13.46 -6.89
CA VAL C 30 -8.07 -13.56 -7.36
C VAL C 30 -7.12 -13.17 -6.23
N GLU C 31 -7.39 -12.08 -5.56
CA GLU C 31 -6.51 -11.65 -4.45
C GLU C 31 -7.11 -10.43 -3.74
N GLU C 32 -6.92 -10.33 -2.45
CA GLU C 32 -7.49 -9.16 -1.71
C GLU C 32 -6.41 -8.49 -0.86
N CYS C 33 -6.51 -7.21 -0.66
CA CYS C 33 -5.49 -6.49 0.16
C CYS C 33 -6.16 -5.44 1.04
N LEU C 34 -5.44 -4.41 1.42
CA LEU C 34 -6.04 -3.37 2.29
C LEU C 34 -6.21 -2.07 1.51
N CYS C 35 -6.81 -1.08 2.12
CA CYS C 35 -6.99 0.23 1.44
C CYS C 35 -6.92 1.36 2.48
N ILE C 36 -6.74 2.58 2.04
CA ILE C 36 -6.67 3.70 3.02
C ILE C 36 -7.94 4.54 2.94
N VAL C 37 -8.43 5.01 4.05
CA VAL C 37 -9.67 5.83 4.03
C VAL C 37 -9.39 7.25 4.54
N ARG C 38 -9.65 8.24 3.72
CA ARG C 38 -9.40 9.64 4.16
C ARG C 38 -10.40 10.59 3.49
N HIS C 39 -10.85 11.60 4.20
CA HIS C 39 -11.81 12.56 3.61
C HIS C 39 -11.25 13.18 2.33
N ASN C 40 -11.89 14.19 1.82
CA ASN C 40 -11.39 14.83 0.56
C ASN C 40 -10.76 16.19 0.86
N ASP C 41 -9.45 16.25 0.89
CA ASP C 41 -8.75 17.52 1.17
C ASP C 41 -7.29 17.40 0.71
N ASP C 42 -6.35 17.87 1.49
CA ASP C 42 -4.92 17.71 1.10
C ASP C 42 -4.65 16.25 0.73
N TRP C 43 -5.42 15.35 1.28
CA TRP C 43 -5.25 13.91 0.95
C TRP C 43 -5.43 13.70 -0.56
N GLY C 44 -6.54 14.12 -1.09
CA GLY C 44 -6.77 13.95 -2.55
C GLY C 44 -5.65 14.64 -3.32
N THR C 45 -5.14 15.73 -2.81
CA THR C 45 -4.05 16.44 -3.52
C THR C 45 -2.75 15.63 -3.45
N ALA C 46 -2.18 15.50 -2.28
CA ALA C 46 -0.91 14.73 -2.14
C ALA C 46 -1.07 13.34 -2.76
N LEU C 47 -2.10 12.63 -2.39
CA LEU C 47 -2.29 11.26 -2.95
C LEU C 47 -3.14 11.32 -4.21
N GLU C 48 -2.95 12.30 -5.04
CA GLU C 48 -3.77 12.40 -6.28
C GLU C 48 -3.42 11.29 -7.27
N ASP C 49 -3.61 10.05 -6.88
CA ASP C 49 -3.30 8.91 -7.77
C ASP C 49 -3.63 7.59 -7.09
N TYR C 50 -4.17 6.65 -7.82
CA TYR C 50 -4.50 5.31 -7.22
C TYR C 50 -5.51 5.48 -6.08
N LEU C 51 -6.39 6.44 -6.17
CA LEU C 51 -7.40 6.64 -5.09
C LEU C 51 -8.79 6.18 -5.54
N PHE C 52 -9.47 5.45 -4.70
CA PHE C 52 -10.86 5.03 -5.03
C PHE C 52 -11.83 5.80 -4.14
N SER C 53 -12.49 6.79 -4.67
CA SER C 53 -13.39 7.62 -3.82
C SER C 53 -14.80 7.04 -3.79
N ARG C 54 -15.34 6.85 -2.61
CA ARG C 54 -16.73 6.33 -2.50
C ARG C 54 -17.67 7.47 -2.13
N LYS C 55 -18.93 7.17 -1.94
CA LYS C 55 -19.90 8.24 -1.59
C LYS C 55 -19.77 8.62 -0.12
N ASN C 56 -18.71 9.30 0.22
CA ASN C 56 -18.49 9.69 1.63
C ASN C 56 -17.08 10.26 1.81
N MET C 57 -16.14 9.80 1.02
CA MET C 57 -14.74 10.32 1.15
C MET C 57 -13.83 9.72 0.08
N SER C 58 -12.54 9.90 0.23
CA SER C 58 -11.59 9.33 -0.77
C SER C 58 -10.68 8.30 -0.10
N ALA C 59 -10.42 7.20 -0.75
CA ALA C 59 -9.55 6.16 -0.15
C ALA C 59 -8.47 5.71 -1.14
N MET C 60 -7.49 4.99 -0.69
CA MET C 60 -6.42 4.51 -1.62
C MET C 60 -6.60 3.01 -1.89
N ALA C 61 -5.86 2.48 -2.83
CA ALA C 61 -6.02 1.03 -3.15
C ALA C 61 -5.22 0.16 -2.18
N LEU C 62 -4.07 0.60 -1.77
CA LEU C 62 -3.27 -0.21 -0.80
C LEU C 62 -2.48 -1.31 -1.51
N GLY C 63 -3.04 -2.50 -1.58
CA GLY C 63 -2.31 -3.63 -2.21
C GLY C 63 -2.21 -3.42 -3.73
N PHE C 64 -2.79 -4.32 -4.48
CA PHE C 64 -2.71 -4.20 -5.97
C PHE C 64 -3.90 -3.40 -6.52
N GLY C 65 -4.45 -2.52 -5.74
CA GLY C 65 -5.61 -1.72 -6.23
C GLY C 65 -5.10 -0.61 -7.15
N ALA C 66 -3.86 -0.23 -7.03
CA ALA C 66 -3.32 0.85 -7.89
C ALA C 66 -2.71 0.28 -9.16
N ILE C 67 -1.89 -0.74 -9.04
CA ILE C 67 -1.25 -1.35 -10.25
C ILE C 67 -2.30 -1.59 -11.35
N PHE C 68 -3.53 -1.76 -10.97
CA PHE C 68 -4.60 -2.02 -11.97
C PHE C 68 -4.50 -1.05 -13.15
N ASN C 69 -4.18 -1.55 -14.32
CA ASN C 69 -4.04 -0.66 -15.51
C ASN C 69 -5.37 -0.56 -16.27
N HIS C 70 -5.39 0.20 -17.33
CA HIS C 70 -6.63 0.32 -18.13
C HIS C 70 -6.52 -0.54 -19.39
N SER C 71 -7.36 -1.52 -19.53
CA SER C 71 -7.30 -2.40 -20.73
C SER C 71 -8.66 -2.46 -21.41
N LYS C 72 -8.69 -2.25 -22.71
CA LYS C 72 -10.00 -2.29 -23.44
C LYS C 72 -10.74 -3.60 -23.13
N ASP C 73 -10.01 -4.62 -22.74
CA ASP C 73 -10.68 -5.92 -22.43
C ASP C 73 -10.58 -6.21 -20.92
N PRO C 74 -11.33 -5.46 -20.15
CA PRO C 74 -11.33 -5.66 -18.68
C PRO C 74 -11.88 -7.05 -18.33
N ASN C 75 -11.04 -7.90 -17.83
CA ASN C 75 -11.49 -9.28 -17.50
C ASN C 75 -11.49 -9.48 -15.98
N ALA C 76 -11.47 -8.42 -15.22
CA ALA C 76 -11.47 -8.56 -13.74
C ALA C 76 -12.16 -7.36 -13.08
N ARG C 77 -12.53 -7.50 -11.84
CA ARG C 77 -13.21 -6.37 -11.14
C ARG C 77 -12.83 -6.37 -9.65
N HIS C 78 -12.95 -5.25 -9.00
CA HIS C 78 -12.59 -5.18 -7.55
C HIS C 78 -13.84 -5.03 -6.69
N GLU C 79 -13.76 -5.36 -5.44
CA GLU C 79 -14.95 -5.24 -4.54
C GLU C 79 -14.51 -4.76 -3.16
N LEU C 80 -15.30 -3.92 -2.54
CA LEU C 80 -14.94 -3.42 -1.19
C LEU C 80 -15.82 -4.07 -0.12
N THR C 81 -15.37 -4.09 1.11
CA THR C 81 -16.18 -4.72 2.19
C THR C 81 -17.11 -3.68 2.84
N ALA C 82 -18.08 -3.22 2.11
CA ALA C 82 -19.02 -2.21 2.70
C ALA C 82 -18.24 -1.05 3.31
N GLY C 83 -17.12 -0.69 2.74
CA GLY C 83 -16.31 0.42 3.30
C GLY C 83 -14.99 0.53 2.53
N LEU C 84 -14.23 1.55 2.77
CA LEU C 84 -12.94 1.70 2.05
C LEU C 84 -11.81 1.08 2.88
N LYS C 85 -12.10 0.05 3.62
CA LYS C 85 -11.05 -0.58 4.47
C LYS C 85 -10.37 -1.74 3.74
N ARG C 86 -11.07 -2.82 3.56
CA ARG C 86 -10.45 -3.99 2.86
C ARG C 86 -10.87 -4.01 1.39
N MET C 87 -10.13 -4.69 0.56
CA MET C 87 -10.49 -4.75 -0.88
C MET C 87 -10.20 -6.14 -1.46
N ARG C 88 -11.08 -6.65 -2.28
CA ARG C 88 -10.84 -7.99 -2.88
C ARG C 88 -10.82 -7.89 -4.40
N ILE C 89 -10.44 -8.94 -5.09
CA ILE C 89 -10.40 -8.89 -6.58
C ILE C 89 -11.07 -10.13 -7.17
N PHE C 90 -12.05 -9.94 -8.02
CA PHE C 90 -12.75 -11.10 -8.63
C PHE C 90 -12.46 -11.15 -10.13
N THR C 91 -13.07 -12.09 -10.83
CA THR C 91 -12.85 -12.18 -12.30
C THR C 91 -14.19 -12.14 -13.03
N ILE C 92 -14.59 -10.98 -13.49
CA ILE C 92 -15.90 -10.87 -14.20
C ILE C 92 -15.99 -11.92 -15.32
N LYS C 93 -14.88 -12.38 -15.81
CA LYS C 93 -14.91 -13.41 -16.88
C LYS C 93 -13.73 -14.38 -16.74
N PRO C 94 -13.90 -15.56 -17.30
CA PRO C 94 -12.83 -16.58 -17.22
C PRO C 94 -11.53 -16.08 -17.83
N ILE C 95 -10.42 -16.52 -17.30
CA ILE C 95 -9.11 -16.08 -17.85
C ILE C 95 -8.19 -17.28 -18.06
N ALA C 96 -7.38 -17.23 -19.08
CA ALA C 96 -6.46 -18.37 -19.35
C ALA C 96 -5.05 -18.05 -18.84
N ILE C 97 -4.22 -19.05 -18.69
CA ILE C 97 -2.84 -18.80 -18.20
C ILE C 97 -2.04 -18.01 -19.23
N GLY C 98 -1.70 -16.79 -18.93
CA GLY C 98 -0.90 -15.97 -19.90
C GLY C 98 -1.70 -14.72 -20.29
N GLU C 99 -2.58 -14.27 -19.44
CA GLU C 99 -3.36 -13.04 -19.77
C GLU C 99 -2.98 -11.90 -18.82
N GLU C 100 -3.57 -10.75 -18.99
CA GLU C 100 -3.24 -9.62 -18.07
C GLU C 100 -4.45 -9.21 -17.25
N ILE C 101 -4.26 -8.98 -15.98
CA ILE C 101 -5.40 -8.57 -15.12
C ILE C 101 -5.38 -7.05 -14.90
N THR C 102 -6.47 -6.41 -15.20
CA THR C 102 -6.57 -4.93 -15.02
C THR C 102 -8.04 -4.54 -14.83
N ILE C 103 -8.31 -3.31 -14.49
CA ILE C 103 -9.73 -2.89 -14.30
C ILE C 103 -9.92 -1.43 -14.72
N SER C 104 -11.15 -1.02 -14.89
CA SER C 104 -11.41 0.39 -15.30
C SER C 104 -11.54 1.29 -14.07
N TYR C 105 -12.05 2.48 -14.24
CA TYR C 105 -12.21 3.40 -13.08
C TYR C 105 -13.67 3.82 -12.93
N GLY C 106 -14.19 4.55 -13.87
CA GLY C 106 -15.61 4.98 -13.78
C GLY C 106 -15.91 5.97 -14.91
N ASP C 107 -17.14 6.06 -15.33
CA ASP C 107 -17.50 7.02 -16.42
C ASP C 107 -16.95 8.41 -16.11
N ASP C 108 -16.75 8.71 -14.85
CA ASP C 108 -16.21 10.05 -14.47
C ASP C 108 -14.69 10.04 -14.54
N TYR C 109 -14.05 9.13 -13.85
CA TYR C 109 -12.56 9.06 -13.88
C TYR C 109 -12.07 8.56 -15.24
N TRP C 110 -12.38 9.25 -16.30
CA TRP C 110 -11.92 8.82 -17.66
C TRP C 110 -12.46 9.76 -18.74
N LEU C 111 -12.45 9.34 -19.97
CA LEU C 111 -12.97 10.22 -21.06
C LEU C 111 -14.44 10.55 -20.82
N SER C 112 -15.12 11.01 -21.83
CA SER C 112 -16.55 11.36 -21.66
C SER C 112 -17.41 10.61 -22.68
N ARG C 113 -18.53 10.08 -22.26
CA ARG C 113 -19.40 9.32 -23.21
C ARG C 113 -18.59 8.25 -23.94
N PRO C 114 -17.94 7.40 -23.18
CA PRO C 114 -17.13 6.32 -23.78
C PRO C 114 -18.04 5.30 -24.45
N ARG C 115 -17.72 4.90 -25.65
CA ARG C 115 -18.59 3.91 -26.35
C ARG C 115 -17.74 2.76 -26.90
N LEU C 116 -17.13 1.99 -26.03
CA LEU C 116 -16.28 0.87 -26.48
C LEU C 116 -17.15 -0.29 -26.99
N THR C 117 -18.23 -0.59 -26.30
CA THR C 117 -19.10 -1.70 -26.74
C THR C 117 -20.58 -1.33 -26.58
N GLN C 118 -21.45 -2.04 -27.24
CA GLN C 118 -22.90 -1.73 -27.14
C GLN C 118 -23.45 -2.17 -25.78
N ASN C 119 -22.96 -1.60 -24.71
CA ASN C 119 -23.45 -1.99 -23.35
C ASN C 119 -24.47 -0.97 -22.85
N GLY D 1 -18.31 43.11 -21.53
CA GLY D 1 -17.66 41.82 -21.91
C GLY D 1 -17.19 41.08 -20.66
N LYS D 2 -18.01 41.06 -19.63
CA LYS D 2 -17.61 40.35 -18.38
C LYS D 2 -18.40 39.05 -18.22
N ALA D 3 -17.80 37.95 -18.56
CA ALA D 3 -18.51 36.65 -18.43
C ALA D 3 -17.51 35.49 -18.30
N PRO D 4 -16.68 35.57 -17.30
CA PRO D 4 -15.67 34.51 -17.08
C PRO D 4 -16.35 33.19 -16.70
N ARG D 5 -15.69 32.09 -16.95
CA ARG D 5 -16.31 30.77 -16.61
C ARG D 5 -15.22 29.75 -16.28
N LYS D 6 -14.06 30.20 -15.90
CA LYS D 6 -12.96 29.25 -15.56
C LYS D 6 -12.50 29.45 -14.12
N GLN D 7 -13.42 29.75 -13.23
CA GLN D 7 -13.04 29.96 -11.81
C GLN D 7 -13.67 28.89 -10.92
N LEU D 8 -14.90 28.54 -11.17
CA LEU D 8 -15.57 27.50 -10.34
C LEU D 8 -16.43 26.59 -11.21
N ALA D 9 -16.05 26.39 -12.45
CA ALA D 9 -16.85 25.51 -13.35
C ALA D 9 -16.12 24.18 -13.56
N THR D 10 -15.43 23.70 -12.56
CA THR D 10 -14.71 22.41 -12.72
C THR D 10 -15.09 21.45 -11.60
N LYS D 11 -14.69 20.21 -11.70
CA LYS D 11 -15.04 19.22 -10.65
C LYS D 11 -13.85 18.31 -10.36
N ALA D 12 -13.86 17.65 -9.23
CA ALA D 12 -12.73 16.74 -8.90
C ALA D 12 -13.25 15.33 -8.59
N ALA D 13 -13.52 14.55 -9.59
CA ALA D 13 -14.03 13.17 -9.35
C ALA D 13 -12.88 12.16 -9.40
N ARG D 14 -12.96 11.11 -8.64
CA ARG D 14 -11.88 10.09 -8.64
C ARG D 14 -12.37 8.78 -9.25
N SER D 16 -14.49 5.90 -9.96
CA SER D 16 -15.88 5.57 -9.54
C SER D 16 -15.89 4.26 -8.73
N ALA D 17 -17.06 3.71 -8.51
CA ALA D 17 -17.13 2.45 -7.73
C ALA D 17 -17.69 1.31 -8.62
N PRO D 18 -17.58 0.11 -8.12
CA PRO D 18 -18.08 -1.07 -8.89
C PRO D 18 -19.60 -0.95 -9.10
N ALA D 19 -20.37 -1.28 -8.11
CA ALA D 19 -21.85 -1.19 -8.27
C ALA D 19 -22.55 -1.50 -6.93
N THR D 20 -22.04 -0.97 -5.86
CA THR D 20 -22.68 -1.22 -4.53
C THR D 20 -23.87 -0.29 -4.33
N GLY D 21 -24.83 -0.32 -5.21
CA GLY D 21 -26.01 0.57 -5.07
C GLY D 21 -25.56 2.03 -5.12
N MET A 1 -2.96 -12.38 1.34
CA MET A 1 -2.34 -11.98 2.63
C MET A 1 -1.40 -13.08 3.14
N PHE A 2 -1.93 -14.03 3.85
CA PHE A 2 -1.07 -15.14 4.37
C PHE A 2 -0.24 -15.76 3.24
N ASN A 3 1.00 -16.08 3.51
CA ASN A 3 1.86 -16.68 2.45
C ASN A 3 2.63 -17.87 3.02
N ASP A 4 3.04 -18.78 2.17
CA ASP A 4 3.79 -19.97 2.66
C ASP A 4 5.05 -19.55 3.43
N ARG A 5 5.49 -18.33 3.25
CA ARG A 5 6.71 -17.87 3.96
C ARG A 5 6.36 -17.08 5.22
N VAL A 6 5.22 -16.42 5.23
CA VAL A 6 4.83 -15.63 6.42
C VAL A 6 3.30 -15.52 6.51
N ILE A 7 2.82 -14.73 7.42
CA ILE A 7 1.34 -14.57 7.54
C ILE A 7 1.01 -13.23 8.19
N VAL A 8 -0.23 -12.80 8.11
CA VAL A 8 -0.60 -11.49 8.71
C VAL A 8 -1.27 -11.69 10.07
N LYS A 9 -0.92 -10.89 11.03
CA LYS A 9 -1.53 -11.00 12.38
C LYS A 9 -1.74 -9.59 12.95
N LYS A 10 -2.79 -9.31 13.69
CA LYS A 10 -3.84 -10.33 14.05
C LYS A 10 -3.19 -11.58 14.67
N SER A 11 -2.63 -11.42 15.83
CA SER A 11 -2.00 -12.58 16.54
C SER A 11 -2.57 -12.69 17.96
N PRO A 12 -2.19 -13.73 18.65
CA PRO A 12 -2.68 -13.92 20.04
C PRO A 12 -2.38 -12.66 20.87
N LEU A 13 -3.37 -11.83 21.08
CA LEU A 13 -3.14 -10.59 21.86
C LEU A 13 -1.99 -9.77 21.27
N GLY A 14 -2.02 -9.54 19.99
CA GLY A 14 -0.93 -8.74 19.35
C GLY A 14 -1.53 -7.69 18.43
N GLY A 15 -0.74 -6.73 18.02
CA GLY A 15 -1.26 -5.67 17.11
C GLY A 15 -1.28 -6.18 15.68
N TYR A 16 -1.09 -5.32 14.72
CA TYR A 16 -1.10 -5.78 13.29
C TYR A 16 0.34 -5.89 12.76
N GLY A 17 1.06 -6.89 13.18
CA GLY A 17 2.45 -7.07 12.67
C GLY A 17 2.46 -8.24 11.69
N VAL A 18 3.62 -8.76 11.36
CA VAL A 18 3.65 -9.92 10.42
C VAL A 18 4.36 -11.10 11.09
N PHE A 19 3.76 -12.26 11.04
CA PHE A 19 4.38 -13.44 11.69
C PHE A 19 5.31 -14.17 10.72
N ALA A 20 6.23 -14.94 11.23
CA ALA A 20 7.18 -15.67 10.33
C ALA A 20 6.94 -17.17 10.43
N ARG A 21 6.33 -17.76 9.42
CA ARG A 21 6.11 -19.23 9.44
C ARG A 21 7.45 -19.95 9.43
N LYS A 22 8.45 -19.34 8.85
CA LYS A 22 9.81 -19.96 8.84
C LYS A 22 10.54 -19.57 10.13
N SER A 23 11.78 -19.98 10.33
CA SER A 23 12.53 -20.78 9.32
C SER A 23 13.46 -19.88 8.50
N PHE A 24 13.65 -18.65 8.92
CA PHE A 24 14.52 -17.73 8.14
C PHE A 24 15.93 -17.69 8.74
N GLU A 25 16.89 -17.29 7.96
CA GLU A 25 18.29 -17.21 8.47
C GLU A 25 18.59 -15.79 8.96
N LYS A 26 19.84 -15.41 8.97
CA LYS A 26 20.19 -14.04 9.43
C LYS A 26 20.33 -13.10 8.23
N GLY A 27 19.60 -13.34 7.18
CA GLY A 27 19.69 -12.45 5.98
C GLY A 27 18.92 -13.08 4.82
N GLU A 28 17.64 -12.84 4.74
CA GLU A 28 16.83 -13.42 3.63
C GLU A 28 15.67 -12.49 3.28
N LEU A 29 15.55 -12.09 2.04
CA LEU A 29 14.43 -11.19 1.65
C LEU A 29 13.09 -11.80 2.06
N VAL A 30 12.35 -11.13 2.88
CA VAL A 30 11.04 -11.68 3.32
C VAL A 30 9.96 -11.41 2.26
N GLU A 31 9.82 -10.17 1.84
CA GLU A 31 8.80 -9.85 0.81
C GLU A 31 8.97 -8.41 0.31
N GLU A 32 9.65 -8.23 -0.79
CA GLU A 32 9.84 -6.85 -1.32
C GLU A 32 8.56 -6.35 -2.00
N CYS A 33 8.36 -5.06 -2.03
CA CYS A 33 7.13 -4.51 -2.67
C CYS A 33 7.38 -3.12 -3.24
N LEU A 34 6.36 -2.31 -3.30
CA LEU A 34 6.54 -0.93 -3.85
C LEU A 34 6.36 0.11 -2.75
N CYS A 35 6.64 1.35 -3.04
CA CYS A 35 6.47 2.43 -2.02
C CYS A 35 6.13 3.75 -2.69
N ILE A 36 5.41 4.60 -2.02
CA ILE A 36 5.08 5.92 -2.63
C ILE A 36 6.13 6.95 -2.23
N VAL A 37 6.48 7.84 -3.12
CA VAL A 37 7.53 8.84 -2.78
C VAL A 37 6.96 10.26 -2.83
N ARG A 38 7.16 11.01 -1.78
CA ARG A 38 6.63 12.41 -1.75
C ARG A 38 7.52 13.29 -0.87
N HIS A 39 7.22 14.55 -0.77
CA HIS A 39 8.05 15.45 0.08
C HIS A 39 7.47 15.52 1.49
N ASN A 40 8.01 16.36 2.34
CA ASN A 40 7.48 16.47 3.72
C ASN A 40 6.26 17.40 3.77
N ASP A 41 6.14 18.20 4.80
CA ASP A 41 4.98 19.14 4.90
C ASP A 41 3.64 18.38 4.88
N ASP A 42 2.67 18.82 4.12
CA ASP A 42 1.33 18.14 4.10
C ASP A 42 1.49 16.61 4.05
N TRP A 43 2.30 16.12 3.15
CA TRP A 43 2.50 14.65 3.05
C TRP A 43 2.85 14.08 4.44
N GLY A 44 3.76 14.70 5.14
CA GLY A 44 4.15 14.19 6.49
C GLY A 44 2.91 14.05 7.37
N THR A 45 2.05 15.02 7.37
CA THR A 45 0.83 14.94 8.22
C THR A 45 -0.19 13.97 7.62
N ALA A 46 -0.65 14.22 6.43
CA ALA A 46 -1.66 13.31 5.80
C ALA A 46 -1.18 11.86 5.88
N LEU A 47 0.00 11.58 5.38
CA LEU A 47 0.51 10.18 5.43
C LEU A 47 1.33 9.93 6.69
N GLU A 48 1.11 10.71 7.73
CA GLU A 48 1.87 10.48 8.99
C GLU A 48 1.79 9.01 9.40
N ASP A 49 2.76 8.53 10.13
CA ASP A 49 2.78 7.09 10.54
C ASP A 49 2.84 6.20 9.29
N TYR A 50 3.49 5.07 9.41
CA TYR A 50 3.60 4.15 8.22
C TYR A 50 4.39 4.83 7.10
N LEU A 51 5.06 5.92 7.39
CA LEU A 51 5.82 6.64 6.32
C LEU A 51 7.33 6.54 6.57
N PHE A 52 8.02 5.77 5.78
CA PHE A 52 9.50 5.65 5.94
C PHE A 52 10.18 6.72 5.09
N SER A 53 10.92 7.61 5.69
CA SER A 53 11.58 8.69 4.90
C SER A 53 13.08 8.49 4.84
N ARG A 54 13.66 8.65 3.68
CA ARG A 54 15.13 8.49 3.55
C ARG A 54 15.80 9.87 3.49
N LYS A 55 17.08 9.91 3.22
CA LYS A 55 17.78 11.22 3.17
C LYS A 55 17.53 11.88 1.81
N ASN A 56 16.32 12.33 1.62
CA ASN A 56 15.97 12.98 0.33
C ASN A 56 14.47 13.32 0.33
N MET A 57 13.67 12.51 0.98
CA MET A 57 12.20 12.80 1.02
C MET A 57 11.47 11.75 1.86
N SER A 58 10.18 11.79 1.89
CA SER A 58 9.40 10.79 2.68
C SER A 58 8.62 9.87 1.75
N ALA A 59 8.44 8.63 2.13
CA ALA A 59 7.69 7.69 1.25
C ALA A 59 6.82 6.75 2.08
N MET A 60 5.73 6.29 1.54
CA MET A 60 4.84 5.37 2.30
C MET A 60 5.24 3.92 2.06
N ALA A 61 4.91 3.04 2.97
CA ALA A 61 5.30 1.61 2.80
C ALA A 61 4.23 0.85 2.00
N LEU A 62 4.42 0.76 0.70
CA LEU A 62 3.44 0.03 -0.15
C LEU A 62 3.25 -1.39 0.37
N GLY A 63 4.27 -2.19 0.30
CA GLY A 63 4.14 -3.61 0.79
C GLY A 63 3.77 -3.60 2.27
N PHE A 64 4.02 -4.69 2.94
CA PHE A 64 3.68 -4.77 4.40
C PHE A 64 4.71 -3.97 5.21
N GLY A 65 4.84 -2.71 4.95
CA GLY A 65 5.82 -1.88 5.71
C GLY A 65 5.15 -1.28 6.94
N ALA A 66 3.90 -0.91 6.83
CA ALA A 66 3.20 -0.31 7.99
C ALA A 66 2.94 -1.36 9.07
N ILE A 67 2.55 -2.55 8.68
CA ILE A 67 2.28 -3.61 9.69
C ILE A 67 3.45 -3.79 10.65
N PHE A 68 4.66 -3.61 10.19
CA PHE A 68 5.83 -3.79 11.09
C PHE A 68 5.64 -3.00 12.39
N ASN A 69 5.64 -3.67 13.51
CA ASN A 69 5.45 -2.97 14.80
C ASN A 69 6.81 -2.67 15.45
N HIS A 70 6.81 -1.98 16.56
CA HIS A 70 8.10 -1.66 17.23
C HIS A 70 8.40 -2.70 18.32
N SER A 71 9.36 -3.55 18.09
CA SER A 71 9.69 -4.60 19.10
C SER A 71 11.11 -4.38 19.64
N LYS A 72 11.27 -4.37 20.93
CA LYS A 72 12.62 -4.18 21.51
C LYS A 72 13.60 -5.20 20.93
N ASP A 73 13.11 -6.33 20.49
CA ASP A 73 14.01 -7.35 19.90
C ASP A 73 13.84 -7.39 18.38
N PRO A 74 14.40 -6.42 17.70
CA PRO A 74 14.28 -6.36 16.23
C PRO A 74 14.93 -7.58 15.59
N ASN A 75 14.13 -8.51 15.12
CA ASN A 75 14.70 -9.73 14.47
C ASN A 75 14.77 -9.53 12.96
N ALA A 76 14.00 -8.62 12.43
CA ALA A 76 14.02 -8.38 10.95
C ALA A 76 14.31 -6.91 10.66
N ARG A 77 14.39 -6.55 9.41
CA ARG A 77 14.67 -5.13 9.06
C ARG A 77 14.02 -4.78 7.72
N HIS A 78 13.97 -3.51 7.39
CA HIS A 78 13.35 -3.11 6.09
C HIS A 78 14.37 -2.34 5.24
N GLU A 79 14.56 -2.77 4.02
CA GLU A 79 15.53 -2.07 3.13
C GLU A 79 14.79 -1.31 2.04
N LEU A 80 15.49 -0.52 1.26
CA LEU A 80 14.82 0.24 0.17
C LEU A 80 15.44 -0.12 -1.18
N THR A 81 14.63 -0.12 -2.21
CA THR A 81 15.15 -0.47 -3.56
C THR A 81 15.02 0.72 -4.50
N ALA A 82 15.95 0.90 -5.39
CA ALA A 82 15.88 2.04 -6.35
C ALA A 82 15.68 3.35 -5.59
N GLY A 83 16.26 3.45 -4.42
CA GLY A 83 16.11 4.70 -3.63
C GLY A 83 14.81 4.65 -2.81
N LEU A 84 13.76 5.20 -3.33
CA LEU A 84 12.47 5.18 -2.58
C LEU A 84 11.37 4.56 -3.45
N LYS A 85 11.74 3.71 -4.37
CA LYS A 85 10.72 3.07 -5.26
C LYS A 85 10.21 1.77 -4.63
N ARG A 86 11.02 0.74 -4.65
CA ARG A 86 10.58 -0.55 -4.06
C ARG A 86 11.20 -0.76 -2.68
N MET A 87 10.87 -1.83 -2.02
CA MET A 87 11.45 -2.08 -0.67
C MET A 87 11.87 -3.55 -0.54
N ARG A 88 12.86 -3.81 0.26
CA ARG A 88 13.35 -5.20 0.44
C ARG A 88 13.55 -5.51 1.92
N ILE A 89 12.65 -6.26 2.51
CA ILE A 89 12.79 -6.58 3.96
C ILE A 89 13.62 -7.86 4.14
N PHE A 90 14.46 -7.88 5.13
CA PHE A 90 15.31 -9.10 5.36
C PHE A 90 15.21 -9.54 6.81
N THR A 91 16.07 -10.43 7.21
CA THR A 91 16.05 -10.90 8.63
C THR A 91 17.41 -10.73 9.28
N ILE A 92 17.61 -9.66 10.00
CA ILE A 92 18.93 -9.44 10.66
C ILE A 92 19.24 -10.58 11.63
N LYS A 93 18.26 -11.35 12.01
CA LYS A 93 18.50 -12.48 12.95
C LYS A 93 17.61 -13.67 12.58
N PRO A 94 18.19 -14.85 12.56
CA PRO A 94 17.43 -16.07 12.21
C PRO A 94 16.08 -16.13 12.96
N ILE A 95 15.03 -16.46 12.29
CA ILE A 95 13.70 -16.52 12.97
C ILE A 95 13.17 -17.96 12.97
N ALA A 96 12.54 -18.37 14.04
CA ALA A 96 12.02 -19.77 14.11
C ALA A 96 10.60 -19.84 13.55
N ILE A 97 10.15 -21.02 13.24
CA ILE A 97 8.77 -21.17 12.68
C ILE A 97 7.72 -20.75 13.73
N GLY A 98 7.00 -19.70 13.47
CA GLY A 98 5.96 -19.25 14.44
C GLY A 98 6.51 -18.08 15.26
N GLU A 99 7.21 -17.17 14.62
CA GLU A 99 7.77 -16.01 15.37
C GLU A 99 7.05 -14.72 14.94
N GLU A 100 7.41 -13.62 15.54
CA GLU A 100 6.75 -12.32 15.18
C GLU A 100 7.76 -11.40 14.48
N ILE A 101 7.50 -11.08 13.24
CA ILE A 101 8.44 -10.17 12.51
C ILE A 101 8.01 -8.72 12.67
N THR A 102 8.92 -7.89 13.14
CA THR A 102 8.60 -6.45 13.35
C THR A 102 9.90 -5.64 13.34
N ILE A 103 9.92 -4.52 12.68
CA ILE A 103 11.17 -3.69 12.64
C ILE A 103 11.06 -2.52 13.62
N SER A 104 12.14 -1.83 13.86
CA SER A 104 12.09 -0.67 14.80
C SER A 104 12.13 0.65 14.03
N TYR A 105 12.36 1.74 14.72
CA TYR A 105 12.41 3.06 14.03
C TYR A 105 13.75 3.74 14.29
N GLY A 106 14.07 3.98 15.54
CA GLY A 106 15.36 4.63 15.89
C GLY A 106 15.38 6.06 15.32
N ASP A 107 16.24 6.89 15.85
CA ASP A 107 16.33 8.30 15.34
C ASP A 107 14.98 9.01 15.46
N ASP A 108 14.88 9.95 16.37
CA ASP A 108 13.61 10.73 16.54
C ASP A 108 12.42 9.83 16.84
N TYR A 109 11.87 9.19 15.83
CA TYR A 109 10.67 8.32 16.04
C TYR A 109 10.82 7.45 17.29
N TRP A 110 10.03 7.71 18.29
CA TRP A 110 10.10 6.89 19.54
C TRP A 110 11.55 6.74 20.02
N LEU A 111 11.80 5.76 20.85
CA LEU A 111 13.19 5.56 21.36
C LEU A 111 14.20 5.54 20.20
N SER A 112 15.34 6.15 20.40
CA SER A 112 16.37 6.16 19.33
C SER A 112 17.03 4.79 19.21
N ARG A 113 18.28 4.75 18.84
CA ARG A 113 19.00 3.44 18.71
C ARG A 113 18.77 2.57 19.95
N PRO A 114 17.94 1.56 19.82
CA PRO A 114 17.66 0.66 20.97
C PRO A 114 18.87 -0.24 21.26
N ARG A 115 19.71 0.15 22.16
CA ARG A 115 20.91 -0.68 22.48
C ARG A 115 20.53 -1.81 23.44
N LEU A 116 20.33 -2.99 22.93
CA LEU A 116 19.97 -4.13 23.81
C LEU A 116 20.78 -5.38 23.45
N THR A 117 21.03 -6.24 24.40
CA THR A 117 21.82 -7.47 24.10
C THR A 117 21.01 -8.72 24.45
N GLN A 118 21.41 -9.86 23.94
CA GLN A 118 20.66 -11.11 24.25
C GLN A 118 20.53 -11.29 25.76
N ASN A 119 19.38 -10.98 26.30
CA ASN A 119 19.19 -11.14 27.78
C ASN A 119 20.31 -10.42 28.55
N GLY B 1 1.22 33.42 37.59
CA GLY B 1 0.60 32.27 36.87
C GLY B 1 1.46 31.89 35.67
N LYS B 2 1.58 32.77 34.70
CA LYS B 2 2.41 32.47 33.51
C LYS B 2 1.99 31.12 32.90
N ALA B 3 2.79 30.59 32.02
CA ALA B 3 2.44 29.28 31.39
C ALA B 3 3.66 28.34 31.38
N PRO B 4 3.40 27.07 31.29
CA PRO B 4 4.50 26.07 31.27
C PRO B 4 5.44 26.33 30.09
N ARG B 5 6.71 26.48 30.36
CA ARG B 5 7.68 26.72 29.25
C ARG B 5 8.11 25.40 28.62
N LYS B 6 7.62 25.10 27.46
CA LYS B 6 8.01 23.81 26.79
C LYS B 6 8.23 24.04 25.30
N GLN B 7 9.15 23.31 24.71
CA GLN B 7 9.41 23.48 23.26
C GLN B 7 8.15 23.14 22.44
N LEU B 8 8.10 23.58 21.22
CA LEU B 8 6.90 23.28 20.38
C LEU B 8 7.29 22.42 19.18
N ALA B 9 8.53 22.47 18.77
CA ALA B 9 8.97 21.65 17.60
C ALA B 9 10.42 21.22 17.77
N THR B 10 10.72 19.98 17.52
CA THR B 10 12.11 19.49 17.67
C THR B 10 12.49 18.59 16.49
N LYS B 11 12.63 19.14 15.31
CA LYS B 11 12.99 18.31 14.14
C LYS B 11 12.04 17.13 14.00
N ALA B 12 10.88 17.34 13.44
CA ALA B 12 9.91 16.22 13.27
C ALA B 12 10.34 15.32 12.12
N ALA B 13 11.00 14.23 12.42
CA ALA B 13 11.46 13.31 11.34
C ALA B 13 10.60 12.04 11.33
N ARG B 14 10.60 11.32 10.25
CA ARG B 14 9.79 10.07 10.17
C ARG B 14 10.61 8.88 10.66
N SER B 16 13.51 6.19 10.83
CA SER B 16 14.92 6.22 10.35
C SER B 16 15.04 5.44 9.03
N ALA B 17 16.21 5.40 8.46
CA ALA B 17 16.40 4.66 7.18
C ALA B 17 17.77 3.99 7.14
N PRO B 18 17.82 2.79 6.61
CA PRO B 18 19.11 2.05 6.53
C PRO B 18 20.01 2.69 5.47
N ALA B 19 21.08 2.01 5.11
CA ALA B 19 21.99 2.57 4.08
C ALA B 19 21.81 1.82 2.75
N THR B 20 22.00 2.50 1.66
CA THR B 20 21.84 1.83 0.33
C THR B 20 22.91 2.30 -0.63
N GLY B 21 23.91 1.49 -0.89
CA GLY B 21 24.99 1.89 -1.82
C GLY B 21 25.36 0.71 -2.72
N MET C 1 5.32 -10.82 -4.70
CA MET C 1 4.56 -10.23 -5.83
C MET C 1 3.81 -11.32 -6.61
N PHE C 2 4.47 -11.96 -7.56
CA PHE C 2 3.80 -13.03 -8.33
C PHE C 2 3.16 -14.06 -7.39
N ASN C 3 1.98 -14.52 -7.72
CA ASN C 3 1.29 -15.52 -6.86
C ASN C 3 0.72 -16.66 -7.71
N ASP C 4 0.52 -17.80 -7.13
CA ASP C 4 -0.03 -18.95 -7.90
C ASP C 4 -1.38 -18.59 -8.54
N ARG C 5 -2.02 -17.56 -8.05
CA ARG C 5 -3.34 -17.17 -8.61
C ARG C 5 -3.19 -16.04 -9.63
N VAL C 6 -2.20 -15.21 -9.47
CA VAL C 6 -2.01 -14.09 -10.43
C VAL C 6 -0.54 -13.67 -10.48
N ILE C 7 -0.23 -12.61 -11.17
CA ILE C 7 1.17 -12.15 -11.25
C ILE C 7 1.23 -10.65 -11.53
N VAL C 8 2.37 -10.03 -11.34
CA VAL C 8 2.46 -8.57 -11.60
C VAL C 8 3.09 -8.30 -12.96
N LYS C 9 2.56 -7.35 -13.68
CA LYS C 9 3.12 -7.02 -15.02
C LYS C 9 3.04 -5.49 -15.21
N LYS C 10 3.99 -4.85 -15.86
CA LYS C 10 5.18 -5.53 -16.46
C LYS C 10 4.75 -6.67 -17.39
N SER C 11 4.10 -6.35 -18.47
CA SER C 11 3.66 -7.39 -19.44
C SER C 11 4.16 -7.03 -20.85
N PRO C 12 3.95 -7.92 -21.78
CA PRO C 12 4.39 -7.65 -23.17
C PRO C 12 3.83 -6.31 -23.66
N LEU C 13 4.64 -5.29 -23.65
CA LEU C 13 4.15 -3.95 -24.10
C LEU C 13 2.91 -3.54 -23.30
N GLY C 14 2.96 -3.62 -22.01
CA GLY C 14 1.77 -3.23 -21.19
C GLY C 14 2.22 -2.34 -20.03
N GLY C 15 1.30 -1.68 -19.38
CA GLY C 15 1.66 -0.81 -18.24
C GLY C 15 1.84 -1.65 -16.97
N TYR C 16 1.55 -1.11 -15.83
CA TYR C 16 1.71 -1.90 -14.57
C TYR C 16 0.35 -2.41 -14.07
N GLY C 17 -0.20 -3.39 -14.73
CA GLY C 17 -1.51 -3.94 -14.30
C GLY C 17 -1.26 -5.31 -13.65
N VAL C 18 -2.28 -6.09 -13.45
CA VAL C 18 -2.08 -7.44 -12.84
C VAL C 18 -2.58 -8.52 -13.79
N PHE C 19 -1.79 -9.52 -14.03
CA PHE C 19 -2.22 -10.61 -14.97
C PHE C 19 -2.96 -11.71 -14.21
N ALA C 20 -3.76 -12.48 -14.89
CA ALA C 20 -4.50 -13.57 -14.22
C ALA C 20 -4.01 -14.94 -14.69
N ARG C 21 -3.26 -15.63 -13.87
CA ARG C 21 -2.77 -16.98 -14.26
C ARG C 21 -3.97 -17.92 -14.43
N LYS C 22 -5.02 -17.67 -13.72
CA LYS C 22 -6.25 -18.52 -13.85
C LYS C 22 -7.10 -17.96 -15.01
N SER C 23 -8.26 -18.53 -15.30
CA SER C 23 -8.79 -19.68 -14.52
C SER C 23 -9.84 -19.20 -13.51
N PHE C 24 -10.26 -17.97 -13.59
CA PHE C 24 -11.25 -17.45 -12.61
C PHE C 24 -12.66 -17.52 -13.18
N GLU C 25 -13.65 -17.51 -12.31
CA GLU C 25 -15.06 -17.57 -12.78
C GLU C 25 -15.63 -16.16 -12.88
N LYS C 26 -16.92 -16.02 -12.81
CA LYS C 26 -17.53 -14.67 -12.90
C LYS C 26 -17.79 -14.10 -11.50
N GLY C 27 -16.96 -14.46 -10.55
CA GLY C 27 -17.16 -13.93 -9.16
C GLY C 27 -16.23 -14.68 -8.20
N GLU C 28 -15.02 -14.23 -8.07
CA GLU C 28 -14.06 -14.91 -7.14
C GLU C 28 -13.06 -13.89 -6.57
N LEU C 29 -12.97 -13.80 -5.27
CA LEU C 29 -12.01 -12.84 -4.66
C LEU C 29 -10.60 -13.08 -5.21
N VAL C 30 -10.03 -12.08 -5.84
CA VAL C 30 -8.66 -12.24 -6.40
C VAL C 30 -7.61 -12.05 -5.32
N GLU C 31 -7.66 -10.97 -4.60
CA GLU C 31 -6.67 -10.73 -3.52
C GLU C 31 -7.07 -9.51 -2.67
N GLU C 32 -7.71 -9.74 -1.55
CA GLU C 32 -8.12 -8.60 -0.69
C GLU C 32 -6.93 -8.06 0.08
N CYS C 33 -6.95 -6.81 0.44
CA CYS C 33 -5.81 -6.22 1.19
C CYS C 33 -6.28 -5.08 2.10
N LEU C 34 -5.43 -4.13 2.37
CA LEU C 34 -5.82 -3.00 3.25
C LEU C 34 -5.88 -1.69 2.45
N CYS C 35 -6.37 -0.64 3.06
CA CYS C 35 -6.44 0.66 2.34
C CYS C 35 -6.32 1.82 3.33
N ILE C 36 -5.78 2.93 2.90
CA ILE C 36 -5.67 4.10 3.82
C ILE C 36 -6.91 4.97 3.70
N VAL C 37 -7.37 5.53 4.78
CA VAL C 37 -8.60 6.38 4.71
C VAL C 37 -8.29 7.81 5.12
N ARG C 38 -8.66 8.75 4.30
CA ARG C 38 -8.40 10.18 4.63
C ARG C 38 -9.48 11.07 4.00
N HIS C 39 -9.41 12.36 4.23
CA HIS C 39 -10.43 13.26 3.63
C HIS C 39 -9.94 13.79 2.28
N ASN C 40 -10.66 14.70 1.69
CA ASN C 40 -10.23 15.25 0.37
C ASN C 40 -9.21 16.38 0.56
N ASP C 41 -9.27 17.42 -0.23
CA ASP C 41 -8.31 18.56 -0.09
C ASP C 41 -6.86 18.07 -0.27
N ASP C 42 -5.94 18.48 0.58
CA ASP C 42 -4.51 18.08 0.42
C ASP C 42 -4.38 16.59 0.08
N TRP C 43 -5.04 15.74 0.82
CA TRP C 43 -4.97 14.28 0.53
C TRP C 43 -5.29 14.02 -0.94
N GLY C 44 -6.33 14.62 -1.46
CA GLY C 44 -6.68 14.40 -2.88
C GLY C 44 -5.48 14.71 -3.78
N THR C 45 -4.82 15.80 -3.54
CA THR C 45 -3.64 16.17 -4.39
C THR C 45 -2.44 15.27 -4.05
N ALA C 46 -1.98 15.30 -2.84
CA ALA C 46 -0.80 14.47 -2.46
C ALA C 46 -1.00 13.02 -2.90
N LEU C 47 -2.09 12.41 -2.50
CA LEU C 47 -2.34 11.00 -2.90
C LEU C 47 -3.16 10.93 -4.18
N GLU C 48 -3.13 11.96 -4.98
CA GLU C 48 -3.90 11.93 -6.26
C GLU C 48 -3.59 10.64 -7.03
N ASP C 49 -4.50 10.20 -7.86
CA ASP C 49 -4.28 8.92 -8.62
C ASP C 49 -4.11 7.75 -7.65
N TYR C 50 -4.54 6.58 -8.04
CA TYR C 50 -4.44 5.39 -7.13
C TYR C 50 -5.28 5.61 -5.87
N LEU C 51 -6.15 6.59 -5.87
CA LEU C 51 -6.97 6.86 -4.66
C LEU C 51 -8.44 6.56 -4.91
N PHE C 52 -8.94 5.49 -4.34
CA PHE C 52 -10.39 5.17 -4.52
C PHE C 52 -11.21 5.83 -3.42
N SER C 53 -12.12 6.69 -3.78
CA SER C 53 -12.92 7.40 -2.74
C SER C 53 -14.37 6.91 -2.73
N ARG C 54 -14.90 6.66 -1.56
CA ARG C 54 -16.32 6.21 -1.47
C ARG C 54 -17.22 7.37 -1.05
N LYS C 55 -18.47 7.12 -0.82
CA LYS C 55 -19.39 8.22 -0.41
C LYS C 55 -19.18 8.54 1.06
N ASN C 56 -18.07 9.16 1.37
CA ASN C 56 -17.77 9.51 2.78
C ASN C 56 -16.37 10.12 2.87
N MET C 57 -15.46 9.66 2.03
CA MET C 57 -14.07 10.22 2.06
C MET C 57 -13.21 9.56 0.97
N SER C 58 -11.94 9.84 0.96
CA SER C 58 -11.05 9.24 -0.06
C SER C 58 -10.06 8.27 0.60
N ALA C 59 -9.70 7.22 -0.07
CA ALA C 59 -8.75 6.25 0.53
C ALA C 59 -7.76 5.73 -0.53
N MET C 60 -6.58 5.35 -0.12
CA MET C 60 -5.57 4.84 -1.09
C MET C 60 -5.70 3.32 -1.22
N ALA C 61 -5.26 2.78 -2.33
CA ALA C 61 -5.37 1.31 -2.53
C ALA C 61 -4.16 0.58 -1.94
N LEU C 62 -4.26 0.14 -0.72
CA LEU C 62 -3.13 -0.58 -0.08
C LEU C 62 -2.70 -1.77 -0.95
N GLY C 63 -3.57 -2.74 -1.09
CA GLY C 63 -3.21 -3.94 -1.91
C GLY C 63 -2.92 -3.50 -3.35
N PHE C 64 -3.00 -4.41 -4.27
CA PHE C 64 -2.73 -4.06 -5.70
C PHE C 64 -3.92 -3.28 -6.28
N GLY C 65 -4.26 -2.16 -5.70
CA GLY C 65 -5.42 -1.38 -6.22
C GLY C 65 -4.92 -0.38 -7.27
N ALA C 66 -3.75 0.18 -7.06
CA ALA C 66 -3.22 1.18 -8.03
C ALA C 66 -2.84 0.49 -9.35
N ILE C 67 -2.22 -0.66 -9.28
CA ILE C 67 -1.81 -1.37 -10.53
C ILE C 67 -2.98 -1.51 -11.50
N PHE C 68 -4.18 -1.69 -11.01
CA PHE C 68 -5.35 -1.85 -11.92
C PHE C 68 -5.37 -0.74 -12.98
N ASN C 69 -5.30 -1.10 -14.22
CA ASN C 69 -5.31 -0.06 -15.31
C ASN C 69 -6.72 0.12 -15.84
N HIS C 70 -6.91 1.06 -16.75
CA HIS C 70 -8.26 1.29 -17.31
C HIS C 70 -8.42 0.52 -18.63
N SER C 71 -9.19 -0.53 -18.62
CA SER C 71 -9.38 -1.33 -19.87
C SER C 71 -10.84 -1.26 -20.33
N LYS C 72 -11.06 -0.95 -21.58
CA LYS C 72 -12.46 -0.88 -22.09
C LYS C 72 -13.21 -2.17 -21.78
N ASP C 73 -12.51 -3.26 -21.64
CA ASP C 73 -13.18 -4.55 -21.34
C ASP C 73 -12.92 -4.95 -19.87
N PRO C 74 -13.62 -4.29 -18.97
CA PRO C 74 -13.44 -4.57 -17.53
C PRO C 74 -13.82 -6.02 -17.21
N ASN C 75 -12.85 -6.87 -17.01
CA ASN C 75 -13.16 -8.29 -16.68
C ASN C 75 -13.18 -8.50 -15.17
N ALA C 76 -12.58 -7.62 -14.43
CA ALA C 76 -12.56 -7.76 -12.95
C ALA C 76 -13.09 -6.49 -12.28
N ARG C 77 -13.18 -6.49 -10.98
CA ARG C 77 -13.69 -5.27 -10.28
C ARG C 77 -13.05 -5.15 -8.90
N HIS C 78 -13.21 -4.02 -8.25
CA HIS C 78 -12.62 -3.85 -6.90
C HIS C 78 -13.70 -3.53 -5.88
N GLU C 79 -13.76 -4.27 -4.81
CA GLU C 79 -14.79 -4.01 -3.77
C GLU C 79 -14.15 -3.42 -2.51
N LEU C 80 -14.94 -2.99 -1.57
CA LEU C 80 -14.35 -2.42 -0.32
C LEU C 80 -14.83 -3.21 0.90
N THR C 81 -13.99 -3.33 1.89
CA THR C 81 -14.38 -4.09 3.11
C THR C 81 -14.41 -3.17 4.33
N ALA C 82 -15.32 -3.40 5.24
CA ALA C 82 -15.40 -2.54 6.45
C ALA C 82 -15.48 -1.06 6.05
N GLY C 83 -16.13 -0.78 4.95
CA GLY C 83 -16.24 0.64 4.49
C GLY C 83 -15.00 1.02 3.69
N LEU C 84 -14.03 1.62 4.32
CA LEU C 84 -12.80 2.02 3.60
C LEU C 84 -11.56 1.41 4.27
N LYS C 85 -11.73 0.31 4.96
CA LYS C 85 -10.57 -0.32 5.64
C LYS C 85 -9.87 -1.31 4.71
N ARG C 86 -10.48 -2.44 4.46
CA ARG C 86 -9.84 -3.45 3.57
C ARG C 86 -10.48 -3.41 2.18
N MET C 87 -10.00 -4.21 1.27
CA MET C 87 -10.59 -4.21 -0.11
C MET C 87 -10.75 -5.65 -0.60
N ARG C 88 -11.73 -5.88 -1.44
CA ARG C 88 -11.96 -7.26 -1.96
C ARG C 88 -12.17 -7.21 -3.48
N ILE C 89 -11.18 -7.60 -4.24
CA ILE C 89 -11.32 -7.58 -5.72
C ILE C 89 -11.92 -8.90 -6.22
N PHE C 90 -12.80 -8.83 -7.18
CA PHE C 90 -13.42 -10.08 -7.71
C PHE C 90 -13.33 -10.13 -9.23
N THR C 91 -14.03 -11.03 -9.86
CA THR C 91 -13.99 -11.12 -11.34
C THR C 91 -15.40 -11.05 -11.92
N ILE C 92 -15.81 -9.89 -12.35
CA ILE C 92 -17.19 -9.75 -12.92
C ILE C 92 -17.34 -10.66 -14.15
N LYS C 93 -16.25 -11.11 -14.71
CA LYS C 93 -16.33 -12.00 -15.91
C LYS C 93 -15.22 -13.05 -15.85
N PRO C 94 -15.58 -14.29 -16.12
CA PRO C 94 -14.58 -15.39 -16.11
C PRO C 94 -13.31 -15.00 -16.85
N ILE C 95 -12.17 -15.30 -16.30
CA ILE C 95 -10.89 -14.94 -16.97
C ILE C 95 -10.12 -16.22 -17.34
N ALA C 96 -9.47 -16.22 -18.47
CA ALA C 96 -8.72 -17.43 -18.89
C ALA C 96 -7.28 -17.37 -18.38
N ILE C 97 -6.61 -18.48 -18.38
CA ILE C 97 -5.20 -18.51 -17.89
C ILE C 97 -4.31 -17.66 -18.79
N GLY C 98 -3.76 -16.59 -18.27
CA GLY C 98 -2.87 -15.73 -19.10
C GLY C 98 -3.66 -14.51 -19.59
N GLU C 99 -4.47 -13.94 -18.75
CA GLU C 99 -5.27 -12.74 -19.17
C GLU C 99 -4.78 -11.50 -18.43
N GLU C 100 -5.35 -10.36 -18.73
CA GLU C 100 -4.92 -9.11 -18.04
C GLU C 100 -6.03 -8.59 -17.14
N ILE C 101 -5.79 -8.55 -15.85
CA ILE C 101 -6.83 -8.05 -14.91
C ILE C 101 -6.69 -6.53 -14.70
N THR C 102 -7.74 -5.81 -14.95
CA THR C 102 -7.70 -4.32 -14.78
C THR C 102 -9.13 -3.79 -14.56
N ILE C 103 -9.31 -2.90 -13.63
CA ILE C 103 -10.68 -2.36 -13.40
C ILE C 103 -10.84 -0.99 -14.04
N SER C 104 -12.03 -0.46 -14.08
CA SER C 104 -12.24 0.88 -14.71
C SER C 104 -12.47 1.94 -13.62
N TYR C 105 -12.94 3.10 -14.01
CA TYR C 105 -13.18 4.17 -13.00
C TYR C 105 -14.63 4.64 -13.09
N GLY C 106 -15.05 5.11 -14.23
CA GLY C 106 -16.45 5.58 -14.39
C GLY C 106 -16.70 6.79 -13.48
N ASP C 107 -17.71 7.56 -13.78
CA ASP C 107 -18.04 8.75 -12.93
C ASP C 107 -16.85 9.71 -12.87
N ASP C 108 -16.96 10.85 -13.50
CA ASP C 108 -15.87 11.88 -13.47
C ASP C 108 -14.53 11.30 -13.99
N TYR C 109 -13.84 10.55 -13.18
CA TYR C 109 -12.51 10.00 -13.60
C TYR C 109 -12.56 9.45 -15.04
N TRP C 110 -11.89 10.10 -15.95
CA TRP C 110 -11.87 9.62 -17.36
C TRP C 110 -13.29 9.33 -17.86
N LEU C 111 -13.41 8.55 -18.90
CA LEU C 111 -14.75 8.24 -19.45
C LEU C 111 -15.69 7.75 -18.34
N SER C 112 -16.92 8.15 -18.37
CA SER C 112 -17.89 7.71 -17.33
C SER C 112 -18.29 6.25 -17.57
N ARG C 113 -19.49 5.88 -17.21
CA ARG C 113 -19.94 4.48 -17.42
C ARG C 113 -19.63 4.01 -18.85
N PRO C 114 -18.64 3.17 -18.98
CA PRO C 114 -18.26 2.66 -20.32
C PRO C 114 -19.29 1.65 -20.81
N ARG C 115 -20.23 2.09 -21.59
CA ARG C 115 -21.28 1.15 -22.11
C ARG C 115 -20.75 0.39 -23.33
N LEU C 116 -20.32 -0.82 -23.14
CA LEU C 116 -19.79 -1.63 -24.28
C LEU C 116 -20.36 -3.04 -24.24
N THR C 117 -20.50 -3.68 -25.38
CA THR C 117 -21.03 -5.06 -25.41
C THR C 117 -20.03 -6.01 -26.06
N GLN C 118 -20.20 -7.29 -25.87
CA GLN C 118 -19.26 -8.27 -26.48
C GLN C 118 -19.16 -8.04 -27.99
N ASN C 119 -18.12 -7.39 -28.44
CA ASN C 119 -17.98 -7.13 -29.89
C ASN C 119 -19.24 -6.48 -30.46
N GLY D 1 -8.78 40.99 -28.07
CA GLY D 1 -7.92 39.84 -27.66
C GLY D 1 -8.65 39.02 -26.59
N LYS D 2 -8.87 39.59 -25.44
CA LYS D 2 -9.58 38.84 -24.37
C LYS D 2 -8.91 37.49 -24.12
N ALA D 3 -9.54 36.61 -23.40
CA ALA D 3 -8.94 35.29 -23.12
C ALA D 3 -9.97 34.17 -23.35
N PRO D 4 -9.47 32.98 -23.58
CA PRO D 4 -10.38 31.82 -23.83
C PRO D 4 -11.29 31.60 -22.62
N ARG D 5 -12.57 31.56 -22.83
CA ARG D 5 -13.52 31.35 -21.70
C ARG D 5 -13.68 29.85 -21.43
N LYS D 6 -13.08 29.36 -20.37
CA LYS D 6 -13.21 27.91 -20.07
C LYS D 6 -13.39 27.70 -18.56
N GLN D 7 -14.12 26.70 -18.18
CA GLN D 7 -14.34 26.43 -16.72
C GLN D 7 -13.01 26.16 -16.04
N LEU D 8 -12.97 26.26 -14.73
CA LEU D 8 -11.70 26.00 -14.00
C LEU D 8 -11.87 24.81 -13.05
N ALA D 9 -13.08 24.53 -12.64
CA ALA D 9 -13.30 23.38 -11.72
C ALA D 9 -14.66 22.74 -12.00
N THR D 10 -14.71 21.44 -12.07
CA THR D 10 -16.01 20.75 -12.33
C THR D 10 -16.16 19.52 -11.42
N LYS D 11 -16.34 19.73 -10.15
CA LYS D 11 -16.49 18.58 -9.21
C LYS D 11 -15.33 17.60 -9.39
N ALA D 12 -14.21 17.88 -8.79
CA ALA D 12 -13.04 16.96 -8.91
C ALA D 12 -13.25 15.73 -8.04
N ALA D 13 -13.72 14.65 -8.60
CA ALA D 13 -13.94 13.42 -7.79
C ALA D 13 -12.87 12.37 -8.11
N ARG D 14 -12.70 11.41 -7.24
CA ARG D 14 -11.67 10.36 -7.48
C ARG D 14 -12.29 9.20 -8.27
N SER D 16 -14.66 6.14 -9.11
CA SER D 16 -16.02 5.79 -8.63
C SER D 16 -15.94 4.69 -7.56
N ALA D 17 -17.06 4.29 -7.01
CA ALA D 17 -17.05 3.25 -5.96
C ALA D 17 -18.28 2.34 -6.09
N PRO D 18 -18.09 1.05 -5.89
CA PRO D 18 -19.21 0.10 -6.00
C PRO D 18 -20.16 0.26 -4.81
N ALA D 19 -21.07 -0.66 -4.63
CA ALA D 19 -22.01 -0.56 -3.49
C ALA D 19 -21.64 -1.56 -2.40
N THR D 20 -21.89 -1.23 -1.16
CA THR D 20 -21.55 -2.17 -0.06
C THR D 20 -22.64 -2.16 1.01
N GLY D 21 -23.46 -3.19 1.04
CA GLY D 21 -24.54 -3.23 2.06
C GLY D 21 -24.66 -4.65 2.62
N MET A 1 -2.88 -12.01 1.02
CA MET A 1 -3.01 -11.76 2.48
C MET A 1 -2.22 -12.80 3.27
N PHE A 2 -2.20 -14.02 2.81
CA PHE A 2 -1.44 -15.08 3.54
C PHE A 2 -0.47 -15.79 2.61
N ASN A 3 0.79 -15.79 2.94
CA ASN A 3 1.80 -16.47 2.08
C ASN A 3 2.60 -17.48 2.90
N ASP A 4 3.03 -18.56 2.29
CA ASP A 4 3.81 -19.59 3.02
C ASP A 4 4.90 -18.95 3.88
N ARG A 5 5.67 -18.07 3.31
CA ARG A 5 6.76 -17.41 4.10
C ARG A 5 6.16 -16.66 5.30
N VAL A 6 5.11 -15.92 5.08
CA VAL A 6 4.49 -15.16 6.21
C VAL A 6 3.01 -14.89 5.93
N ILE A 7 2.22 -14.77 6.96
CA ILE A 7 0.77 -14.49 6.74
C ILE A 7 0.39 -13.15 7.35
N VAL A 8 -0.76 -12.63 7.04
CA VAL A 8 -1.16 -11.31 7.62
C VAL A 8 -1.89 -11.51 8.95
N LYS A 9 -1.45 -10.84 9.96
CA LYS A 9 -2.11 -10.95 11.30
C LYS A 9 -2.06 -9.58 11.99
N LYS A 10 -3.10 -9.12 12.67
CA LYS A 10 -4.33 -9.93 12.92
C LYS A 10 -3.94 -11.28 13.54
N SER A 11 -3.56 -11.24 14.79
CA SER A 11 -3.14 -12.48 15.49
C SER A 11 -3.84 -12.58 16.86
N PRO A 12 -3.58 -13.66 17.55
CA PRO A 12 -4.21 -13.85 18.88
C PRO A 12 -3.69 -12.81 19.87
N LEU A 13 -2.44 -12.46 19.79
CA LEU A 13 -1.89 -11.44 20.72
C LEU A 13 -2.51 -10.07 20.44
N GLY A 14 -2.83 -9.80 19.21
CA GLY A 14 -3.44 -8.48 18.87
C GLY A 14 -2.38 -7.58 18.22
N GLY A 15 -2.63 -7.11 17.03
CA GLY A 15 -1.65 -6.23 16.35
C GLY A 15 -1.66 -6.52 14.85
N TYR A 16 -1.69 -5.51 14.03
CA TYR A 16 -1.71 -5.73 12.56
C TYR A 16 -0.29 -5.78 12.00
N GLY A 17 0.47 -6.77 12.36
CA GLY A 17 1.85 -6.90 11.82
C GLY A 17 1.91 -8.12 10.89
N VAL A 18 3.09 -8.58 10.58
CA VAL A 18 3.17 -9.79 9.70
C VAL A 18 3.58 -10.99 10.54
N PHE A 19 2.90 -12.10 10.38
CA PHE A 19 3.23 -13.29 11.20
C PHE A 19 4.28 -14.15 10.51
N ALA A 20 5.17 -14.75 11.26
CA ALA A 20 6.23 -15.60 10.64
C ALA A 20 5.81 -17.07 10.69
N ARG A 21 5.12 -17.54 9.69
CA ARG A 21 4.72 -18.98 9.68
C ARG A 21 5.95 -19.88 9.64
N LYS A 22 7.08 -19.35 9.24
CA LYS A 22 8.32 -20.17 9.20
C LYS A 22 9.04 -20.13 10.55
N SER A 23 10.15 -20.82 10.72
CA SER A 23 10.74 -21.63 9.60
C SER A 23 11.85 -20.85 8.91
N PHE A 24 12.25 -19.73 9.46
CA PHE A 24 13.32 -18.92 8.81
C PHE A 24 14.63 -19.06 9.58
N GLU A 25 15.74 -18.70 8.98
CA GLU A 25 17.04 -18.79 9.69
C GLU A 25 17.50 -17.39 10.13
N LYS A 26 18.78 -17.16 10.17
CA LYS A 26 19.27 -15.82 10.59
C LYS A 26 19.85 -15.05 9.39
N GLY A 27 18.99 -14.42 8.63
CA GLY A 27 19.48 -13.66 7.44
C GLY A 27 18.77 -14.16 6.19
N GLU A 28 17.48 -14.32 6.24
CA GLU A 28 16.74 -14.80 5.04
C GLU A 28 15.56 -13.87 4.72
N LEU A 29 15.27 -13.68 3.46
CA LEU A 29 14.14 -12.80 3.08
C LEU A 29 12.82 -13.52 3.34
N VAL A 30 11.81 -12.81 3.80
CA VAL A 30 10.51 -13.47 4.10
C VAL A 30 9.38 -12.83 3.29
N GLU A 31 9.55 -11.61 2.87
CA GLU A 31 8.48 -10.94 2.08
C GLU A 31 8.98 -9.60 1.53
N GLU A 32 8.42 -9.16 0.44
CA GLU A 32 8.87 -7.87 -0.16
C GLU A 32 7.71 -7.14 -0.82
N CYS A 33 7.74 -5.84 -0.87
CA CYS A 33 6.63 -5.08 -1.51
C CYS A 33 7.15 -3.76 -2.11
N LEU A 34 6.26 -2.83 -2.36
CA LEU A 34 6.70 -1.53 -2.94
C LEU A 34 6.47 -0.39 -1.95
N CYS A 35 6.80 0.82 -2.32
CA CYS A 35 6.59 1.97 -1.40
C CYS A 35 6.32 3.24 -2.20
N ILE A 36 5.95 4.30 -1.54
CA ILE A 36 5.68 5.58 -2.27
C ILE A 36 6.82 6.57 -2.03
N VAL A 37 7.18 7.34 -3.00
CA VAL A 37 8.29 8.31 -2.80
C VAL A 37 7.82 9.74 -3.10
N ARG A 38 7.31 10.42 -2.10
CA ARG A 38 6.84 11.81 -2.32
C ARG A 38 7.67 12.78 -1.48
N HIS A 39 7.40 14.06 -1.59
CA HIS A 39 8.17 15.05 -0.78
C HIS A 39 7.48 15.25 0.56
N ASN A 40 8.08 16.01 1.45
CA ASN A 40 7.45 16.24 2.78
C ASN A 40 6.26 17.20 2.65
N ASP A 41 6.14 18.17 3.54
CA ASP A 41 4.99 19.14 3.46
C ASP A 41 3.67 18.42 3.73
N ASP A 42 2.60 18.84 3.10
CA ASP A 42 1.27 18.18 3.33
C ASP A 42 1.40 16.66 3.30
N TRP A 43 2.34 16.16 2.56
CA TRP A 43 2.52 14.68 2.50
C TRP A 43 3.02 14.16 3.86
N GLY A 44 4.07 14.74 4.36
CA GLY A 44 4.62 14.28 5.67
C GLY A 44 3.54 14.41 6.75
N THR A 45 2.57 15.27 6.55
CA THR A 45 1.51 15.43 7.58
C THR A 45 0.42 14.38 7.40
N ALA A 46 -0.33 14.43 6.32
CA ALA A 46 -1.41 13.45 6.10
C ALA A 46 -0.93 12.02 6.38
N LEU A 47 0.19 11.64 5.81
CA LEU A 47 0.71 10.27 6.05
C LEU A 47 1.68 10.25 7.23
N GLU A 48 1.48 11.08 8.22
CA GLU A 48 2.41 11.11 9.38
C GLU A 48 2.26 9.84 10.22
N ASP A 49 2.57 8.70 9.65
CA ASP A 49 2.44 7.43 10.42
C ASP A 49 3.25 6.31 9.76
N TYR A 50 2.82 5.87 8.61
CA TYR A 50 3.56 4.77 7.92
C TYR A 50 4.48 5.36 6.85
N LEU A 51 5.04 6.51 7.11
CA LEU A 51 5.92 7.16 6.10
C LEU A 51 7.39 6.97 6.47
N PHE A 52 8.13 6.29 5.64
CA PHE A 52 9.59 6.11 5.91
C PHE A 52 10.36 7.27 5.27
N SER A 53 10.80 8.21 6.08
CA SER A 53 11.50 9.40 5.50
C SER A 53 13.01 9.16 5.42
N ARG A 54 13.61 9.60 4.35
CA ARG A 54 15.09 9.46 4.22
C ARG A 54 15.73 10.83 4.03
N LYS A 55 17.02 10.87 3.80
CA LYS A 55 17.69 12.19 3.64
C LYS A 55 17.50 12.69 2.21
N ASN A 56 16.34 13.24 1.94
CA ASN A 56 16.06 13.74 0.58
C ASN A 56 14.55 13.93 0.41
N MET A 57 13.74 13.16 1.11
CA MET A 57 12.26 13.31 0.98
C MET A 57 11.54 12.35 1.93
N SER A 58 10.27 12.10 1.68
CA SER A 58 9.51 11.16 2.55
C SER A 58 8.81 10.11 1.69
N ALA A 59 8.76 8.88 2.15
CA ALA A 59 8.11 7.82 1.34
C ALA A 59 7.08 7.04 2.18
N MET A 60 6.36 6.14 1.57
CA MET A 60 5.36 5.33 2.33
C MET A 60 5.80 3.87 2.36
N ALA A 61 5.15 3.06 3.15
CA ALA A 61 5.55 1.62 3.22
C ALA A 61 4.87 0.83 2.11
N LEU A 62 3.65 1.15 1.79
CA LEU A 62 2.95 0.44 0.68
C LEU A 62 2.51 -0.96 1.11
N GLY A 63 3.29 -1.96 0.82
CA GLY A 63 2.90 -3.35 1.16
C GLY A 63 2.86 -3.52 2.69
N PHE A 64 3.52 -4.53 3.19
CA PHE A 64 3.51 -4.78 4.65
C PHE A 64 4.61 -3.97 5.35
N GLY A 65 4.75 -2.71 5.01
CA GLY A 65 5.79 -1.87 5.66
C GLY A 65 5.20 -1.20 6.89
N ALA A 66 3.91 -0.98 6.90
CA ALA A 66 3.27 -0.31 8.07
C ALA A 66 2.82 -1.34 9.10
N ILE A 67 2.37 -2.48 8.66
CA ILE A 67 1.91 -3.53 9.61
C ILE A 67 2.92 -3.74 10.74
N PHE A 68 4.20 -3.65 10.45
CA PHE A 68 5.24 -3.85 11.50
C PHE A 68 4.89 -3.08 12.78
N ASN A 69 4.91 -3.73 13.90
CA ASN A 69 4.56 -3.04 15.18
C ASN A 69 5.81 -2.84 16.04
N HIS A 70 5.65 -2.29 17.21
CA HIS A 70 6.83 -2.07 18.11
C HIS A 70 6.98 -3.26 19.06
N SER A 71 8.12 -3.88 19.07
CA SER A 71 8.32 -5.05 19.97
C SER A 71 9.77 -5.09 20.50
N LYS A 72 9.98 -5.74 21.60
CA LYS A 72 11.37 -5.81 22.16
C LYS A 72 12.07 -7.08 21.66
N ASP A 73 11.68 -7.57 20.52
CA ASP A 73 12.33 -8.79 19.96
C ASP A 73 12.15 -8.86 18.45
N PRO A 74 12.77 -7.94 17.76
CA PRO A 74 12.66 -7.91 16.27
C PRO A 74 13.19 -9.21 15.67
N ASN A 75 12.33 -10.02 15.13
CA ASN A 75 12.78 -11.29 14.51
C ASN A 75 13.10 -11.08 13.04
N ALA A 76 12.62 -10.02 12.46
CA ALA A 76 12.90 -9.76 11.01
C ALA A 76 12.88 -8.26 10.71
N ARG A 77 13.96 -7.75 10.18
CA ARG A 77 14.00 -6.30 9.84
C ARG A 77 13.62 -6.10 8.39
N HIS A 78 13.77 -4.90 7.87
CA HIS A 78 13.43 -4.65 6.45
C HIS A 78 14.57 -3.93 5.74
N GLU A 79 14.72 -4.14 4.47
CA GLU A 79 15.82 -3.47 3.72
C GLU A 79 15.23 -2.53 2.65
N LEU A 80 15.83 -1.40 2.46
CA LEU A 80 15.30 -0.46 1.43
C LEU A 80 16.31 -0.30 0.29
N THR A 81 15.86 -0.41 -0.93
CA THR A 81 16.81 -0.27 -2.08
C THR A 81 17.55 1.06 -2.00
N ALA A 82 18.36 1.36 -2.97
CA ALA A 82 19.11 2.64 -2.96
C ALA A 82 18.16 3.81 -2.76
N GLY A 83 16.91 3.64 -3.10
CA GLY A 83 15.92 4.74 -2.93
C GLY A 83 14.74 4.24 -2.09
N LEU A 84 13.65 4.96 -2.11
CA LEU A 84 12.46 4.53 -1.32
C LEU A 84 11.42 3.91 -2.23
N LYS A 85 11.83 3.09 -3.16
CA LYS A 85 10.87 2.48 -4.11
C LYS A 85 10.39 1.11 -3.61
N ARG A 86 11.28 0.15 -3.53
CA ARG A 86 10.86 -1.20 -3.08
C ARG A 86 11.33 -1.47 -1.65
N MET A 87 10.58 -2.22 -0.90
CA MET A 87 10.99 -2.53 0.50
C MET A 87 11.26 -4.03 0.65
N ARG A 88 12.05 -4.41 1.62
CA ARG A 88 12.37 -5.85 1.81
C ARG A 88 12.10 -6.29 3.24
N ILE A 89 12.20 -7.57 3.49
CA ILE A 89 11.95 -8.07 4.87
C ILE A 89 12.86 -9.27 5.16
N PHE A 90 14.01 -9.02 5.72
CA PHE A 90 14.96 -10.13 6.01
C PHE A 90 14.85 -10.56 7.48
N THR A 91 15.12 -11.80 7.77
CA THR A 91 15.04 -12.28 9.18
C THR A 91 16.40 -12.08 9.87
N ILE A 92 16.47 -11.21 10.85
CA ILE A 92 17.77 -10.99 11.55
C ILE A 92 18.08 -12.15 12.49
N LYS A 93 17.12 -12.99 12.77
CA LYS A 93 17.38 -14.14 13.68
C LYS A 93 16.50 -15.34 13.27
N PRO A 94 16.94 -16.52 13.64
CA PRO A 94 16.17 -17.74 13.29
C PRO A 94 14.76 -17.69 13.89
N ILE A 95 13.76 -17.82 13.07
CA ILE A 95 12.36 -17.79 13.60
C ILE A 95 11.71 -19.17 13.48
N ALA A 96 10.87 -19.51 14.42
CA ALA A 96 10.20 -20.85 14.37
C ALA A 96 8.78 -20.70 13.84
N ILE A 97 8.23 -21.75 13.30
CA ILE A 97 6.84 -21.67 12.75
C ILE A 97 5.86 -21.29 13.87
N GLY A 98 5.29 -20.12 13.79
CA GLY A 98 4.33 -19.69 14.84
C GLY A 98 4.90 -18.48 15.58
N GLU A 99 5.66 -17.66 14.90
CA GLU A 99 6.25 -16.45 15.56
C GLU A 99 5.65 -15.17 14.96
N GLU A 100 5.92 -14.05 15.55
CA GLU A 100 5.38 -12.78 15.00
C GLU A 100 6.52 -11.93 14.42
N ILE A 101 6.29 -11.30 13.31
CA ILE A 101 7.37 -10.48 12.69
C ILE A 101 7.05 -8.99 12.82
N THR A 102 7.94 -8.26 13.44
CA THR A 102 7.74 -6.79 13.61
C THR A 102 9.10 -6.09 13.64
N ILE A 103 9.19 -4.91 13.09
CA ILE A 103 10.50 -4.19 13.09
C ILE A 103 10.43 -2.96 13.99
N SER A 104 11.55 -2.34 14.27
CA SER A 104 11.56 -1.14 15.14
C SER A 104 11.51 0.13 14.29
N TYR A 105 11.74 1.27 14.89
CA TYR A 105 11.70 2.54 14.13
C TYR A 105 13.03 3.29 14.29
N GLY A 106 13.36 3.68 15.49
CA GLY A 106 14.65 4.39 15.72
C GLY A 106 14.58 5.79 15.11
N ASP A 107 15.70 6.47 15.05
CA ASP A 107 15.74 7.85 14.48
C ASP A 107 14.91 8.82 15.34
N ASP A 108 13.62 8.66 15.37
CA ASP A 108 12.78 9.58 16.18
C ASP A 108 11.60 8.84 16.81
N TYR A 109 11.01 7.91 16.09
CA TYR A 109 9.84 7.16 16.64
C TYR A 109 10.12 6.65 18.06
N TRP A 110 9.51 7.25 19.04
CA TRP A 110 9.70 6.82 20.44
C TRP A 110 11.20 6.76 20.80
N LEU A 111 11.82 5.61 20.72
CA LEU A 111 13.27 5.53 21.08
C LEU A 111 14.16 5.75 19.85
N SER A 112 15.43 5.63 20.00
CA SER A 112 16.36 5.83 18.85
C SER A 112 17.50 4.80 18.89
N ARG A 113 18.12 4.64 20.03
CA ARG A 113 19.23 3.65 20.13
C ARG A 113 19.11 2.86 21.44
N PRO A 114 17.99 2.21 21.63
CA PRO A 114 17.77 1.41 22.85
C PRO A 114 18.77 0.26 22.95
N ARG A 115 19.28 -0.18 21.82
CA ARG A 115 20.28 -1.28 21.85
C ARG A 115 19.73 -2.48 22.63
N LEU A 116 18.88 -3.26 22.01
CA LEU A 116 18.30 -4.44 22.71
C LEU A 116 19.26 -5.63 22.62
N THR A 117 19.00 -6.67 23.38
CA THR A 117 19.88 -7.88 23.34
C THR A 117 21.34 -7.48 23.60
N GLN A 118 21.56 -6.34 24.22
CA GLN A 118 22.96 -5.91 24.50
C GLN A 118 22.96 -4.62 25.32
N ASN A 119 23.97 -4.44 26.13
CA ASN A 119 24.04 -3.21 26.96
C ASN A 119 22.75 -3.03 27.75
N GLY B 1 2.08 32.06 32.54
CA GLY B 1 2.36 30.61 32.72
C GLY B 1 2.46 29.93 31.34
N LYS B 2 2.98 30.62 30.38
CA LYS B 2 3.11 30.01 29.02
C LYS B 2 4.58 29.88 28.62
N ALA B 3 5.43 30.73 29.14
CA ALA B 3 6.87 30.65 28.81
C ALA B 3 7.06 30.63 27.28
N PRO B 4 6.67 31.70 26.64
CA PRO B 4 6.81 31.79 25.16
C PRO B 4 8.28 31.66 24.75
N ARG B 5 9.17 32.25 25.50
CA ARG B 5 10.61 32.17 25.15
C ARG B 5 11.03 30.70 24.96
N LYS B 6 11.12 29.95 26.02
CA LYS B 6 11.52 28.53 25.89
C LYS B 6 10.40 27.71 25.25
N GLN B 7 10.36 26.42 25.51
CA GLN B 7 9.30 25.56 24.92
C GLN B 7 9.40 25.54 23.39
N LEU B 8 8.97 26.59 22.74
CA LEU B 8 9.04 26.63 21.26
C LEU B 8 8.35 25.39 20.66
N ALA B 9 8.35 25.26 19.37
CA ALA B 9 7.70 24.09 18.73
C ALA B 9 8.70 22.94 18.59
N THR B 10 8.21 21.75 18.31
CA THR B 10 9.12 20.58 18.16
C THR B 10 8.35 19.39 17.59
N LYS B 11 9.05 18.44 17.02
CA LYS B 11 8.35 17.26 16.46
C LYS B 11 9.36 16.15 16.14
N ALA B 12 9.11 14.96 16.62
CA ALA B 12 10.05 13.84 16.35
C ALA B 12 9.27 12.58 15.92
N ALA B 13 9.39 12.19 14.68
CA ALA B 13 8.66 10.99 14.21
C ALA B 13 9.29 10.44 12.92
N ARG B 14 8.50 9.89 12.03
CA ARG B 14 9.05 9.34 10.76
C ARG B 14 10.04 8.21 11.05
N SER B 16 13.18 5.92 10.74
CA SER B 16 14.53 6.12 10.14
C SER B 16 14.73 5.19 8.93
N ALA B 17 15.92 4.72 8.72
CA ALA B 17 16.18 3.81 7.57
C ALA B 17 17.41 2.94 7.86
N PRO B 18 17.41 1.75 7.29
CA PRO B 18 18.54 0.83 7.49
C PRO B 18 19.83 1.40 6.89
N ALA B 19 20.94 0.74 7.09
CA ALA B 19 22.22 1.26 6.53
C ALA B 19 22.07 1.53 5.03
N THR B 20 21.84 0.52 4.25
CA THR B 20 21.69 0.72 2.78
C THR B 20 22.88 1.51 2.22
N GLY B 21 24.06 0.95 2.29
CA GLY B 21 25.25 1.67 1.75
C GLY B 21 26.36 0.67 1.47
N MET C 1 5.14 -10.58 -4.26
CA MET C 1 5.16 -9.95 -5.60
C MET C 1 4.53 -10.89 -6.64
N PHE C 2 4.74 -12.17 -6.51
CA PHE C 2 4.16 -13.13 -7.49
C PHE C 2 3.36 -14.21 -6.76
N ASN C 3 2.11 -14.37 -7.10
CA ASN C 3 1.28 -15.40 -6.44
C ASN C 3 0.64 -16.31 -7.50
N ASP C 4 0.43 -17.56 -7.18
CA ASP C 4 -0.19 -18.51 -8.16
C ASP C 4 -1.40 -17.87 -8.83
N ARG C 5 -2.30 -17.32 -8.06
CA ARG C 5 -3.51 -16.69 -8.65
C ARG C 5 -3.12 -15.57 -9.62
N VAL C 6 -2.21 -14.73 -9.22
CA VAL C 6 -1.78 -13.61 -10.11
C VAL C 6 -0.36 -13.16 -9.76
N ILE C 7 0.35 -12.63 -10.71
CA ILE C 7 1.74 -12.16 -10.43
C ILE C 7 1.83 -10.65 -10.68
N VAL C 8 2.90 -10.03 -10.24
CA VAL C 8 3.03 -8.56 -10.45
C VAL C 8 3.72 -8.28 -11.79
N LYS C 9 3.12 -7.45 -12.60
CA LYS C 9 3.73 -7.10 -13.91
C LYS C 9 3.40 -5.63 -14.23
N LYS C 10 4.32 -4.84 -14.76
CA LYS C 10 5.67 -5.33 -15.21
C LYS C 10 5.49 -6.51 -16.16
N SER C 11 5.06 -6.23 -17.36
CA SER C 11 4.83 -7.31 -18.36
C SER C 11 5.48 -6.93 -19.69
N PRO C 12 5.39 -7.83 -20.65
CA PRO C 12 5.98 -7.56 -21.99
C PRO C 12 5.25 -6.41 -22.68
N LEU C 13 3.96 -6.33 -22.50
CA LEU C 13 3.19 -5.23 -23.15
C LEU C 13 3.56 -3.88 -22.52
N GLY C 14 3.89 -3.88 -21.26
CA GLY C 14 4.27 -2.59 -20.59
C GLY C 14 3.09 -2.11 -19.74
N GLY C 15 3.31 -1.92 -18.46
CA GLY C 15 2.21 -1.44 -17.58
C GLY C 15 2.35 -2.09 -16.21
N TYR C 16 2.22 -1.32 -15.16
CA TYR C 16 2.36 -1.90 -13.79
C TYR C 16 0.98 -2.35 -13.27
N GLY C 17 0.41 -3.36 -13.88
CA GLY C 17 -0.90 -3.86 -13.39
C GLY C 17 -0.70 -5.25 -12.81
N VAL C 18 -1.76 -6.00 -12.62
CA VAL C 18 -1.60 -7.38 -12.08
C VAL C 18 -1.82 -8.39 -13.22
N PHE C 19 -0.95 -9.35 -13.34
CA PHE C 19 -1.09 -10.33 -14.45
C PHE C 19 -1.95 -11.53 -14.00
N ALA C 20 -2.75 -12.07 -14.87
CA ALA C 20 -3.60 -13.22 -14.50
C ALA C 20 -2.94 -14.53 -14.93
N ARG C 21 -2.13 -15.11 -14.08
CA ARG C 21 -1.48 -16.40 -14.44
C ARG C 21 -2.53 -17.49 -14.64
N LYS C 22 -3.72 -17.29 -14.13
CA LYS C 22 -4.79 -18.31 -14.29
C LYS C 22 -5.55 -18.07 -15.61
N SER C 23 -6.53 -18.89 -15.94
CA SER C 23 -6.92 -20.04 -15.07
C SER C 23 -8.13 -19.67 -14.20
N PHE C 24 -8.74 -18.54 -14.44
CA PHE C 24 -9.91 -18.14 -13.62
C PHE C 24 -11.21 -18.31 -14.40
N GLU C 25 -12.32 -18.33 -13.73
CA GLU C 25 -13.63 -18.48 -14.44
C GLU C 25 -14.34 -17.13 -14.51
N LYS C 26 -15.64 -17.13 -14.50
CA LYS C 26 -16.39 -15.84 -14.56
C LYS C 26 -17.03 -15.52 -13.21
N GLY C 27 -16.27 -14.97 -12.30
CA GLY C 27 -16.84 -14.62 -10.97
C GLY C 27 -16.00 -15.29 -9.87
N GLU C 28 -14.70 -15.18 -9.96
CA GLU C 28 -13.83 -15.81 -8.92
C GLU C 28 -12.83 -14.79 -8.37
N LEU C 29 -12.53 -14.89 -7.11
CA LEU C 29 -11.55 -13.93 -6.50
C LEU C 29 -10.13 -14.31 -6.94
N VAL C 30 -9.30 -13.33 -7.20
CA VAL C 30 -7.92 -13.65 -7.65
C VAL C 30 -6.87 -13.04 -6.70
N GLU C 31 -7.24 -12.01 -5.99
CA GLU C 31 -6.26 -11.38 -5.04
C GLU C 31 -6.97 -10.34 -4.17
N GLU C 32 -6.45 -10.09 -3.00
CA GLU C 32 -7.11 -9.11 -2.09
C GLU C 32 -6.05 -8.36 -1.26
N CYS C 33 -6.33 -7.14 -0.88
CA CYS C 33 -5.35 -6.39 -0.05
C CYS C 33 -6.06 -5.38 0.86
N LEU C 34 -5.35 -4.40 1.34
CA LEU C 34 -5.98 -3.40 2.24
C LEU C 34 -5.99 -2.01 1.57
N CYS C 35 -6.52 -1.03 2.24
CA CYS C 35 -6.57 0.34 1.65
C CYS C 35 -6.49 1.40 2.76
N ILE C 36 -6.33 2.64 2.40
CA ILE C 36 -6.27 3.71 3.44
C ILE C 36 -7.58 4.50 3.45
N VAL C 37 -8.03 4.94 4.59
CA VAL C 37 -9.30 5.70 4.63
C VAL C 37 -9.08 7.07 5.28
N ARG C 38 -8.74 8.05 4.51
CA ARG C 38 -8.51 9.42 5.07
C ARG C 38 -9.54 10.39 4.51
N HIS C 39 -9.51 11.63 4.95
CA HIS C 39 -10.47 12.63 4.42
C HIS C 39 -9.89 13.29 3.17
N ASN C 40 -10.65 14.13 2.51
CA ASN C 40 -10.13 14.80 1.28
C ASN C 40 -9.13 15.90 1.66
N ASP C 41 -9.22 17.07 1.05
CA ASP C 41 -8.26 18.18 1.38
C ASP C 41 -6.84 17.80 0.94
N ASP C 42 -5.84 18.24 1.65
CA ASP C 42 -4.43 17.93 1.26
C ASP C 42 -4.28 16.44 0.91
N TRP C 43 -5.09 15.60 1.49
CA TRP C 43 -5.00 14.15 1.16
C TRP C 43 -5.46 13.91 -0.28
N GLY C 44 -6.62 14.40 -0.63
CA GLY C 44 -7.12 14.19 -2.01
C GLY C 44 -6.14 14.79 -3.02
N THR C 45 -5.33 15.72 -2.60
CA THR C 45 -4.36 16.34 -3.54
C THR C 45 -3.10 15.49 -3.64
N ALA C 46 -2.33 15.41 -2.57
CA ALA C 46 -1.06 14.61 -2.61
C ALA C 46 -1.30 13.24 -3.25
N LEU C 47 -2.32 12.54 -2.82
CA LEU C 47 -2.60 11.19 -3.40
C LEU C 47 -3.60 11.30 -4.55
N GLU C 48 -3.59 12.38 -5.28
CA GLU C 48 -4.56 12.53 -6.40
C GLU C 48 -4.22 11.55 -7.53
N ASP C 49 -4.30 10.28 -7.29
CA ASP C 49 -3.98 9.29 -8.36
C ASP C 49 -4.54 7.92 -8.01
N TYR C 50 -3.99 7.28 -7.00
CA TYR C 50 -4.49 5.93 -6.62
C TYR C 50 -5.45 6.05 -5.44
N LEU C 51 -6.21 7.10 -5.39
CA LEU C 51 -7.16 7.30 -4.26
C LEU C 51 -8.59 6.94 -4.67
N PHE C 52 -9.16 5.95 -4.04
CA PHE C 52 -10.57 5.58 -4.35
C PHE C 52 -11.51 6.38 -3.45
N SER C 53 -12.13 7.39 -3.98
CA SER C 53 -13.02 8.24 -3.12
C SER C 53 -14.45 7.73 -3.11
N ARG C 54 -15.08 7.76 -1.96
CA ARG C 54 -16.50 7.31 -1.87
C ARG C 54 -17.36 8.44 -1.32
N LYS C 55 -18.63 8.21 -1.15
CA LYS C 55 -19.52 9.30 -0.63
C LYS C 55 -19.35 9.44 0.88
N ASN C 56 -18.30 10.10 1.28
CA ASN C 56 -18.04 10.29 2.73
C ASN C 56 -16.59 10.71 2.95
N MET C 57 -15.70 10.29 2.09
CA MET C 57 -14.26 10.68 2.25
C MET C 57 -13.41 10.13 1.09
N SER C 58 -12.13 10.07 1.27
CA SER C 58 -11.24 9.54 0.20
C SER C 58 -10.33 8.44 0.75
N ALA C 59 -10.08 7.41 -0.01
CA ALA C 59 -9.21 6.31 0.50
C ALA C 59 -8.11 5.98 -0.50
N MET C 60 -7.21 5.10 -0.14
CA MET C 60 -6.11 4.70 -1.08
C MET C 60 -6.27 3.23 -1.49
N ALA C 61 -5.56 2.79 -2.47
CA ALA C 61 -5.68 1.37 -2.91
C ALA C 61 -4.82 0.47 -2.01
N LEU C 62 -3.66 0.92 -1.64
CA LEU C 62 -2.81 0.09 -0.75
C LEU C 62 -2.13 -1.05 -1.51
N GLY C 63 -2.71 -2.21 -1.49
CA GLY C 63 -2.09 -3.38 -2.19
C GLY C 63 -2.10 -3.15 -3.69
N PHE C 64 -2.59 -4.10 -4.44
CA PHE C 64 -2.61 -3.96 -5.92
C PHE C 64 -3.86 -3.22 -6.39
N GLY C 65 -4.19 -2.14 -5.75
CA GLY C 65 -5.40 -1.37 -6.16
C GLY C 65 -4.99 -0.30 -7.18
N ALA C 66 -3.77 0.14 -7.12
CA ALA C 66 -3.31 1.19 -8.07
C ALA C 66 -2.73 0.56 -9.33
N ILE C 67 -2.06 -0.56 -9.20
CA ILE C 67 -1.47 -1.24 -10.39
C ILE C 67 -2.48 -1.32 -11.55
N PHE C 68 -3.73 -1.55 -11.24
CA PHE C 68 -4.77 -1.67 -12.31
C PHE C 68 -4.62 -0.54 -13.34
N ASN C 69 -4.57 -0.88 -14.60
CA ASN C 69 -4.41 0.17 -15.65
C ASN C 69 -5.71 0.34 -16.44
N HIS C 70 -5.70 1.19 -17.42
CA HIS C 70 -6.94 1.41 -18.24
C HIS C 70 -6.91 0.49 -19.47
N SER C 71 -7.93 -0.30 -19.64
CA SER C 71 -7.96 -1.23 -20.81
C SER C 71 -9.39 -1.38 -21.33
N LYS C 72 -9.54 -1.76 -22.58
CA LYS C 72 -10.91 -1.95 -23.13
C LYS C 72 -11.36 -3.40 -22.98
N ASP C 73 -10.84 -4.10 -21.99
CA ASP C 73 -11.24 -5.51 -21.78
C ASP C 73 -10.97 -5.93 -20.33
N PRO C 74 -11.72 -5.35 -19.42
CA PRO C 74 -11.55 -5.66 -17.99
C PRO C 74 -11.81 -7.15 -17.74
N ASN C 75 -10.79 -7.90 -17.43
CA ASN C 75 -10.99 -9.35 -17.16
C ASN C 75 -11.28 -9.59 -15.68
N ALA C 76 -10.96 -8.63 -14.84
CA ALA C 76 -11.22 -8.82 -13.39
C ALA C 76 -11.46 -7.46 -12.70
N ARG C 77 -12.59 -7.30 -12.06
CA ARG C 77 -12.87 -6.01 -11.37
C ARG C 77 -12.46 -6.13 -9.90
N HIS C 78 -12.81 -5.15 -9.10
CA HIS C 78 -12.44 -5.20 -7.66
C HIS C 78 -13.68 -4.92 -6.80
N GLU C 79 -13.72 -5.47 -5.61
CA GLU C 79 -14.89 -5.21 -4.73
C GLU C 79 -14.44 -4.49 -3.46
N LEU C 80 -15.21 -3.58 -2.97
CA LEU C 80 -14.82 -2.84 -1.74
C LEU C 80 -15.79 -3.16 -0.60
N THR C 81 -15.28 -3.51 0.55
CA THR C 81 -16.17 -3.83 1.70
C THR C 81 -17.14 -2.68 1.97
N ALA C 82 -17.96 -2.80 2.97
CA ALA C 82 -18.93 -1.72 3.29
C ALA C 82 -18.20 -0.38 3.40
N GLY C 83 -16.93 -0.40 3.69
CA GLY C 83 -16.16 0.88 3.81
C GLY C 83 -14.95 0.83 2.88
N LEU C 84 -14.01 1.71 3.08
CA LEU C 84 -12.80 1.72 2.21
C LEU C 84 -11.62 1.08 2.95
N LYS C 85 -11.84 0.00 3.62
CA LYS C 85 -10.74 -0.64 4.39
C LYS C 85 -10.05 -1.73 3.56
N ARG C 86 -10.75 -2.78 3.23
CA ARG C 86 -10.12 -3.88 2.44
C ARG C 86 -10.60 -3.85 0.99
N MET C 87 -9.76 -4.24 0.08
CA MET C 87 -10.16 -4.26 -1.36
C MET C 87 -10.18 -5.69 -1.89
N ARG C 88 -10.93 -5.94 -2.93
CA ARG C 88 -11.00 -7.32 -3.48
C ARG C 88 -10.70 -7.33 -4.98
N ILE C 89 -10.59 -8.50 -5.55
CA ILE C 89 -10.31 -8.59 -7.01
C ILE C 89 -11.00 -9.81 -7.61
N PHE C 90 -12.21 -9.65 -8.08
CA PHE C 90 -12.96 -10.80 -8.65
C PHE C 90 -12.84 -10.82 -10.18
N THR C 91 -12.89 -11.98 -10.78
CA THR C 91 -12.80 -12.06 -12.27
C THR C 91 -14.20 -11.94 -12.88
N ILE C 92 -14.46 -10.89 -13.61
CA ILE C 92 -15.81 -10.73 -14.23
C ILE C 92 -15.95 -11.65 -15.45
N LYS C 93 -14.87 -12.20 -15.93
CA LYS C 93 -14.96 -13.11 -17.10
C LYS C 93 -13.87 -14.19 -17.02
N PRO C 94 -14.11 -15.29 -17.67
CA PRO C 94 -13.11 -16.41 -17.65
C PRO C 94 -11.77 -15.95 -18.20
N ILE C 95 -10.72 -16.10 -17.45
CA ILE C 95 -9.37 -15.67 -17.94
C ILE C 95 -8.49 -16.89 -18.18
N ALA C 96 -7.64 -16.84 -19.18
CA ALA C 96 -6.74 -17.99 -19.47
C ALA C 96 -5.34 -17.73 -18.92
N ILE C 97 -4.59 -18.75 -18.65
CA ILE C 97 -3.22 -18.57 -18.11
C ILE C 97 -2.37 -17.75 -19.09
N GLY C 98 -2.02 -16.55 -18.72
CA GLY C 98 -1.19 -15.69 -19.61
C GLY C 98 -2.01 -14.46 -20.02
N GLU C 99 -2.86 -13.99 -19.15
CA GLU C 99 -3.69 -12.79 -19.48
C GLU C 99 -3.30 -11.62 -18.57
N GLU C 100 -3.79 -10.45 -18.86
CA GLU C 100 -3.47 -9.27 -17.99
C GLU C 100 -4.71 -8.83 -17.22
N ILE C 101 -4.55 -8.48 -15.97
CA ILE C 101 -5.73 -8.05 -15.17
C ILE C 101 -5.70 -6.54 -14.91
N THR C 102 -6.72 -5.86 -15.32
CA THR C 102 -6.80 -4.38 -15.12
C THR C 102 -8.25 -3.95 -14.97
N ILE C 103 -8.52 -2.99 -14.13
CA ILE C 103 -9.95 -2.54 -13.95
C ILE C 103 -10.14 -1.13 -14.51
N SER C 104 -11.37 -0.70 -14.61
CA SER C 104 -11.62 0.68 -15.15
C SER C 104 -11.77 1.68 -14.00
N TYR C 105 -12.21 2.87 -14.30
CA TYR C 105 -12.37 3.90 -13.22
C TYR C 105 -13.82 4.39 -13.19
N GLY C 106 -14.27 5.00 -14.25
CA GLY C 106 -15.67 5.50 -14.30
C GLY C 106 -15.82 6.69 -13.35
N ASP C 107 -17.05 7.12 -13.12
CA ASP C 107 -17.30 8.28 -12.20
C ASP C 107 -16.70 9.57 -12.79
N ASP C 108 -15.40 9.66 -12.86
CA ASP C 108 -14.77 10.90 -13.40
C ASP C 108 -13.51 10.56 -14.19
N TYR C 109 -12.74 9.61 -13.74
CA TYR C 109 -11.47 9.26 -14.45
C TYR C 109 -11.72 9.08 -15.96
N TRP C 110 -11.27 10.01 -16.74
CA TRP C 110 -11.45 9.92 -18.22
C TRP C 110 -12.92 9.67 -18.59
N LEU C 111 -13.33 8.45 -18.80
CA LEU C 111 -14.75 8.20 -19.18
C LEU C 111 -15.61 7.94 -17.93
N SER C 112 -16.85 7.62 -18.12
CA SER C 112 -17.74 7.35 -16.95
C SER C 112 -18.68 6.18 -17.26
N ARG C 113 -19.31 6.20 -18.40
CA ARG C 113 -20.22 5.08 -18.77
C ARG C 113 -20.04 4.69 -20.23
N PRO C 114 -18.82 4.31 -20.57
CA PRO C 114 -18.52 3.91 -21.96
C PRO C 114 -19.31 2.67 -22.35
N ARG C 115 -19.68 1.86 -21.38
CA ARG C 115 -20.46 0.64 -21.69
C ARG C 115 -19.73 -0.20 -22.76
N LEU C 116 -18.74 -0.95 -22.35
CA LEU C 116 -17.99 -1.78 -23.34
C LEU C 116 -18.71 -3.11 -23.56
N THR C 117 -18.31 -3.86 -24.55
CA THR C 117 -18.97 -5.17 -24.83
C THR C 117 -20.48 -4.99 -24.99
N GLN C 118 -20.93 -3.80 -25.28
CA GLN C 118 -22.39 -3.58 -25.45
C GLN C 118 -22.66 -2.15 -25.92
N ASN C 119 -23.73 -1.95 -26.65
CA ASN C 119 -24.04 -0.58 -27.14
C ASN C 119 -22.84 0.02 -27.87
N GLY D 1 -9.00 38.35 -23.38
CA GLY D 1 -9.02 36.97 -23.93
C GLY D 1 -8.92 35.96 -22.79
N LYS D 2 -9.52 36.28 -21.66
CA LYS D 2 -9.48 35.33 -20.51
C LYS D 2 -10.88 34.83 -20.17
N ALA D 3 -11.88 35.61 -20.45
CA ALA D 3 -13.28 35.19 -20.15
C ALA D 3 -13.40 34.75 -18.69
N PRO D 4 -13.17 35.68 -17.79
CA PRO D 4 -13.26 35.37 -16.34
C PRO D 4 -14.66 34.87 -15.98
N ARG D 5 -15.67 35.45 -16.56
CA ARG D 5 -17.06 35.02 -16.25
C ARG D 5 -17.21 33.50 -16.44
N LYS D 6 -17.20 33.04 -17.66
CA LYS D 6 -17.35 31.58 -17.91
C LYS D 6 -16.07 30.85 -17.49
N GLN D 7 -15.81 29.70 -18.07
CA GLN D 7 -14.58 28.92 -17.72
C GLN D 7 -14.61 28.50 -16.25
N LEU D 8 -14.35 29.41 -15.35
CA LEU D 8 -14.35 29.06 -13.90
C LEU D 8 -13.44 27.86 -13.64
N ALA D 9 -13.36 27.41 -12.42
CA ALA D 9 -12.48 26.25 -12.10
C ALA D 9 -13.24 24.93 -12.28
N THR D 10 -12.55 23.84 -12.31
CA THR D 10 -13.23 22.52 -12.47
C THR D 10 -12.23 21.39 -12.22
N LYS D 11 -12.73 20.21 -11.92
CA LYS D 11 -11.80 19.06 -11.66
C LYS D 11 -12.58 17.74 -11.66
N ALA D 12 -12.16 16.79 -12.43
CA ALA D 12 -12.86 15.48 -12.45
C ALA D 12 -11.85 14.33 -12.36
N ALA D 13 -11.85 13.62 -11.26
CA ALA D 13 -10.89 12.49 -11.11
C ALA D 13 -11.36 11.53 -10.01
N ARG D 14 -10.44 10.92 -9.29
CA ARG D 14 -10.82 9.97 -8.21
C ARG D 14 -11.61 8.79 -8.79
N SER D 16 -14.27 5.96 -9.09
CA SER D 16 -15.61 5.75 -8.45
C SER D 16 -15.59 4.53 -7.53
N ALA D 17 -16.68 3.81 -7.45
CA ALA D 17 -16.71 2.61 -6.58
C ALA D 17 -17.78 1.62 -7.08
N PRO D 18 -17.54 0.36 -6.84
CA PRO D 18 -18.50 -0.69 -7.28
C PRO D 18 -19.84 -0.51 -6.56
N ALA D 19 -20.82 -1.30 -6.91
CA ALA D 19 -22.15 -1.19 -6.25
C ALA D 19 -21.99 -1.28 -4.72
N THR D 20 -21.55 -2.41 -4.22
CA THR D 20 -21.36 -2.55 -2.76
C THR D 20 -22.65 -2.16 -2.03
N GLY D 21 -23.71 -2.89 -2.24
CA GLY D 21 -24.99 -2.56 -1.54
C GLY D 21 -25.89 -3.80 -1.52
N MET A 1 -4.16 -11.88 1.61
CA MET A 1 -3.33 -11.54 2.80
C MET A 1 -2.38 -12.68 3.14
N PHE A 2 -2.86 -13.69 3.82
CA PHE A 2 -1.98 -14.84 4.20
C PHE A 2 -1.23 -15.37 2.96
N ASN A 3 0.02 -15.73 3.13
CA ASN A 3 0.81 -16.24 1.98
C ASN A 3 1.75 -17.36 2.45
N ASP A 4 1.94 -18.36 1.63
CA ASP A 4 2.84 -19.49 2.01
C ASP A 4 4.16 -18.97 2.58
N ARG A 5 4.63 -17.85 2.10
CA ARG A 5 5.91 -17.30 2.60
C ARG A 5 5.68 -16.62 3.96
N VAL A 6 4.64 -15.85 4.08
CA VAL A 6 4.35 -15.16 5.37
C VAL A 6 2.86 -14.88 5.50
N ILE A 7 2.35 -14.90 6.70
CA ILE A 7 0.90 -14.62 6.89
C ILE A 7 0.71 -13.33 7.68
N VAL A 8 -0.48 -12.79 7.71
CA VAL A 8 -0.70 -11.52 8.46
C VAL A 8 -1.09 -11.81 9.91
N LYS A 9 -0.34 -11.30 10.83
CA LYS A 9 -0.68 -11.49 12.27
C LYS A 9 -0.16 -10.27 13.05
N LYS A 10 -0.96 -9.60 13.88
CA LYS A 10 -2.34 -10.06 14.21
C LYS A 10 -2.31 -11.52 14.66
N SER A 11 -1.31 -11.86 15.43
CA SER A 11 -1.16 -13.25 15.94
C SER A 11 -2.48 -13.76 16.54
N PRO A 12 -2.57 -15.05 16.74
CA PRO A 12 -3.80 -15.64 17.31
C PRO A 12 -4.14 -14.95 18.64
N LEU A 13 -3.18 -14.32 19.27
CA LEU A 13 -3.44 -13.63 20.55
C LEU A 13 -3.77 -12.16 20.31
N GLY A 14 -2.99 -11.50 19.49
CA GLY A 14 -3.27 -10.06 19.21
C GLY A 14 -2.00 -9.38 18.68
N GLY A 15 -2.10 -8.17 18.22
CA GLY A 15 -0.90 -7.46 17.70
C GLY A 15 -1.10 -7.15 16.21
N TYR A 16 -0.13 -6.55 15.59
CA TYR A 16 -0.25 -6.24 14.13
C TYR A 16 1.13 -6.19 13.48
N GLY A 17 1.58 -7.28 12.96
CA GLY A 17 2.93 -7.31 12.31
C GLY A 17 2.95 -8.37 11.22
N VAL A 18 4.11 -8.67 10.69
CA VAL A 18 4.17 -9.71 9.61
C VAL A 18 4.64 -11.03 10.22
N PHE A 19 3.89 -12.08 10.06
CA PHE A 19 4.29 -13.38 10.66
C PHE A 19 5.19 -14.18 9.71
N ALA A 20 6.30 -14.63 10.19
CA ALA A 20 7.23 -15.42 9.34
C ALA A 20 7.01 -16.91 9.56
N ARG A 21 6.05 -17.50 8.88
CA ARG A 21 5.80 -18.95 9.04
C ARG A 21 7.09 -19.73 8.76
N LYS A 22 7.97 -19.16 7.98
CA LYS A 22 9.26 -19.83 7.67
C LYS A 22 10.26 -19.51 8.79
N SER A 23 11.48 -20.00 8.74
CA SER A 23 11.96 -20.81 7.58
C SER A 23 12.81 -19.93 6.63
N PHE A 24 13.21 -18.77 7.08
CA PHE A 24 14.00 -17.87 6.20
C PHE A 24 15.45 -17.83 6.67
N GLU A 25 16.39 -17.77 5.76
CA GLU A 25 17.81 -17.72 6.17
C GLU A 25 18.26 -16.27 6.35
N LYS A 26 19.44 -16.06 6.87
CA LYS A 26 19.92 -14.66 7.07
C LYS A 26 20.15 -13.99 5.72
N GLY A 27 19.23 -13.17 5.30
CA GLY A 27 19.38 -12.49 3.99
C GLY A 27 18.25 -12.92 3.05
N GLU A 28 17.63 -14.04 3.33
CA GLU A 28 16.52 -14.52 2.45
C GLU A 28 15.48 -13.42 2.26
N LEU A 29 15.20 -13.06 1.04
CA LEU A 29 14.19 -12.00 0.78
C LEU A 29 12.80 -12.48 1.21
N VAL A 30 12.25 -11.87 2.23
CA VAL A 30 10.88 -12.29 2.69
C VAL A 30 9.82 -11.85 1.68
N GLU A 31 9.81 -10.59 1.33
CA GLU A 31 8.80 -10.10 0.35
C GLU A 31 9.08 -8.64 0.00
N GLU A 32 8.83 -8.26 -1.23
CA GLU A 32 9.08 -6.85 -1.64
C GLU A 32 7.82 -6.25 -2.25
N CYS A 33 7.73 -4.94 -2.25
CA CYS A 33 6.50 -4.29 -2.82
C CYS A 33 6.86 -2.91 -3.38
N LEU A 34 5.86 -2.15 -3.77
CA LEU A 34 6.12 -0.79 -4.31
C LEU A 34 5.87 0.26 -3.23
N CYS A 35 6.27 1.47 -3.46
CA CYS A 35 6.03 2.53 -2.43
C CYS A 35 5.76 3.88 -3.09
N ILE A 36 5.19 4.79 -2.37
CA ILE A 36 4.91 6.14 -2.96
C ILE A 36 6.09 7.08 -2.67
N VAL A 37 6.36 7.99 -3.55
CA VAL A 37 7.52 8.91 -3.32
C VAL A 37 7.07 10.37 -3.36
N ARG A 38 6.70 10.92 -2.23
CA ARG A 38 6.24 12.34 -2.20
C ARG A 38 7.18 13.16 -1.32
N HIS A 39 7.06 14.46 -1.37
CA HIS A 39 7.92 15.32 -0.51
C HIS A 39 7.27 15.52 0.86
N ASN A 40 7.88 16.32 1.70
CA ASN A 40 7.30 16.55 3.06
C ASN A 40 6.03 17.42 2.95
N ASP A 41 5.87 18.38 3.83
CA ASP A 41 4.65 19.27 3.78
C ASP A 41 3.39 18.45 4.09
N ASP A 42 2.27 18.81 3.51
CA ASP A 42 1.00 18.08 3.78
C ASP A 42 1.21 16.56 3.72
N TRP A 43 2.07 16.11 2.84
CA TRP A 43 2.33 14.64 2.76
C TRP A 43 2.69 14.08 4.13
N GLY A 44 3.70 14.61 4.76
CA GLY A 44 4.11 14.11 6.09
C GLY A 44 2.95 14.29 7.08
N THR A 45 2.15 15.31 6.89
CA THR A 45 1.01 15.53 7.84
C THR A 45 -0.04 14.43 7.68
N ALA A 46 -0.68 14.37 6.54
CA ALA A 46 -1.72 13.32 6.33
C ALA A 46 -1.08 11.93 6.47
N LEU A 47 -0.02 11.69 5.76
CA LEU A 47 0.64 10.35 5.84
C LEU A 47 1.72 10.32 6.93
N GLU A 48 1.52 11.04 8.00
CA GLU A 48 2.54 11.07 9.08
C GLU A 48 2.86 9.66 9.58
N ASP A 49 2.01 8.70 9.32
CA ASP A 49 2.28 7.31 9.80
C ASP A 49 2.66 6.39 8.64
N TYR A 50 3.35 5.32 8.94
CA TYR A 50 3.75 4.35 7.88
C TYR A 50 4.51 5.06 6.76
N LEU A 51 5.16 6.15 7.05
CA LEU A 51 5.90 6.89 6.00
C LEU A 51 7.41 6.74 6.19
N PHE A 52 8.04 5.95 5.38
CA PHE A 52 9.52 5.79 5.48
C PHE A 52 10.21 6.84 4.63
N SER A 53 10.77 7.85 5.25
CA SER A 53 11.43 8.94 4.47
C SER A 53 12.95 8.82 4.54
N ARG A 54 13.63 9.20 3.50
CA ARG A 54 15.12 9.12 3.53
C ARG A 54 15.71 10.53 3.43
N LYS A 55 16.99 10.63 3.19
CA LYS A 55 17.62 11.98 3.12
C LYS A 55 17.40 12.56 1.73
N ASN A 56 16.22 13.06 1.51
CA ASN A 56 15.89 13.65 0.18
C ASN A 56 14.37 13.82 0.06
N MET A 57 13.60 13.00 0.73
CA MET A 57 12.12 13.13 0.63
C MET A 57 11.42 12.12 1.54
N SER A 58 10.14 11.91 1.33
CA SER A 58 9.39 10.93 2.17
C SER A 58 8.61 9.97 1.27
N ALA A 59 8.55 8.71 1.63
CA ALA A 59 7.81 7.73 0.80
C ALA A 59 6.90 6.86 1.67
N MET A 60 5.80 6.42 1.14
CA MET A 60 4.87 5.56 1.94
C MET A 60 5.18 4.08 1.70
N ALA A 61 4.84 3.23 2.63
CA ALA A 61 5.11 1.78 2.44
C ALA A 61 3.94 1.13 1.70
N LEU A 62 4.02 1.06 0.40
CA LEU A 62 2.91 0.47 -0.41
C LEU A 62 2.54 -0.92 0.12
N GLY A 63 3.39 -1.88 -0.07
CA GLY A 63 3.08 -3.26 0.39
C GLY A 63 2.89 -3.29 1.91
N PHE A 64 3.10 -4.41 2.53
CA PHE A 64 2.90 -4.51 4.00
C PHE A 64 4.20 -4.18 4.75
N GLY A 65 4.79 -3.05 4.48
CA GLY A 65 6.04 -2.67 5.20
C GLY A 65 5.72 -1.83 6.45
N ALA A 66 4.53 -1.31 6.55
CA ALA A 66 4.19 -0.44 7.71
C ALA A 66 3.58 -1.23 8.89
N ILE A 67 3.50 -2.53 8.79
CA ILE A 67 2.90 -3.31 9.91
C ILE A 67 3.95 -3.68 10.94
N PHE A 68 5.19 -3.67 10.57
CA PHE A 68 6.26 -4.05 11.52
C PHE A 68 6.15 -3.26 12.83
N ASN A 69 6.44 -3.88 13.94
CA ASN A 69 6.35 -3.15 15.25
C ASN A 69 7.75 -2.99 15.84
N HIS A 70 7.83 -2.75 17.12
CA HIS A 70 9.15 -2.62 17.79
C HIS A 70 9.47 -3.93 18.53
N SER A 71 10.68 -4.41 18.42
CA SER A 71 11.03 -5.68 19.13
C SER A 71 12.52 -5.71 19.46
N LYS A 72 13.10 -4.58 19.79
CA LYS A 72 14.56 -4.54 20.12
C LYS A 72 15.38 -5.05 18.94
N ASP A 73 15.52 -6.35 18.82
CA ASP A 73 16.28 -6.91 17.67
C ASP A 73 15.31 -7.38 16.59
N PRO A 74 15.03 -6.51 15.65
CA PRO A 74 14.09 -6.86 14.55
C PRO A 74 14.60 -8.07 13.79
N ASN A 75 13.98 -9.21 13.98
CA ASN A 75 14.42 -10.44 13.25
C ASN A 75 14.56 -10.16 11.75
N ALA A 76 13.86 -9.17 11.25
CA ALA A 76 13.95 -8.87 9.80
C ALA A 76 13.90 -7.35 9.57
N ARG A 77 14.36 -6.89 8.44
CA ARG A 77 14.34 -5.43 8.16
C ARG A 77 13.89 -5.18 6.72
N HIS A 78 13.93 -3.95 6.28
CA HIS A 78 13.49 -3.65 4.88
C HIS A 78 14.64 -3.04 4.08
N GLU A 79 14.44 -2.86 2.80
CA GLU A 79 15.52 -2.28 1.95
C GLU A 79 14.92 -1.35 0.90
N LEU A 80 15.68 -0.40 0.42
CA LEU A 80 15.14 0.53 -0.61
C LEU A 80 16.02 0.50 -1.86
N THR A 81 15.42 0.61 -3.02
CA THR A 81 16.21 0.58 -4.27
C THR A 81 16.99 1.89 -4.44
N ALA A 82 16.30 2.99 -4.64
CA ALA A 82 16.99 4.29 -4.81
C ALA A 82 15.98 5.43 -4.91
N GLY A 83 14.86 5.18 -5.54
CA GLY A 83 13.84 6.26 -5.70
C GLY A 83 12.66 5.98 -4.76
N LEU A 84 12.89 5.30 -3.67
CA LEU A 84 11.78 5.01 -2.72
C LEU A 84 10.58 4.40 -3.46
N LYS A 85 10.82 3.70 -4.53
CA LYS A 85 9.69 3.11 -5.29
C LYS A 85 9.51 1.64 -4.93
N ARG A 86 10.58 0.93 -4.69
CA ARG A 86 10.46 -0.52 -4.34
C ARG A 86 11.05 -0.79 -2.95
N MET A 87 10.37 -1.56 -2.15
CA MET A 87 10.88 -1.87 -0.79
C MET A 87 10.92 -3.39 -0.57
N ARG A 88 12.08 -3.94 -0.39
CA ARG A 88 12.18 -5.42 -0.17
C ARG A 88 12.35 -5.73 1.31
N ILE A 89 11.59 -6.65 1.84
CA ILE A 89 11.74 -6.99 3.28
C ILE A 89 12.78 -8.11 3.43
N PHE A 90 13.99 -7.76 3.76
CA PHE A 90 15.05 -8.79 3.90
C PHE A 90 15.10 -9.33 5.33
N THR A 91 16.12 -10.08 5.66
CA THR A 91 16.23 -10.63 7.04
C THR A 91 17.64 -10.39 7.59
N ILE A 92 17.82 -9.38 8.38
CA ILE A 92 19.17 -9.11 8.93
C ILE A 92 19.70 -10.35 9.66
N LYS A 93 18.83 -11.22 10.07
CA LYS A 93 19.28 -12.46 10.77
C LYS A 93 18.34 -13.63 10.43
N PRO A 94 18.81 -14.83 10.66
CA PRO A 94 17.99 -16.03 10.37
C PRO A 94 16.64 -15.95 11.06
N ILE A 95 15.66 -16.64 10.56
CA ILE A 95 14.30 -16.61 11.18
C ILE A 95 13.70 -18.03 11.21
N ALA A 96 13.14 -18.42 12.31
CA ALA A 96 12.54 -19.77 12.41
C ALA A 96 11.05 -19.74 12.14
N ILE A 97 10.44 -20.88 11.95
CA ILE A 97 8.98 -20.93 11.69
C ILE A 97 8.20 -20.41 12.90
N GLY A 98 7.44 -19.36 12.74
CA GLY A 98 6.66 -18.82 13.88
C GLY A 98 7.37 -17.59 14.45
N GLU A 99 8.06 -16.85 13.62
CA GLU A 99 8.77 -15.64 14.12
C GLU A 99 8.01 -14.37 13.72
N GLU A 100 7.94 -13.39 14.58
CA GLU A 100 7.22 -12.14 14.21
C GLU A 100 8.19 -11.18 13.52
N ILE A 101 7.89 -10.79 12.31
CA ILE A 101 8.78 -9.88 11.56
C ILE A 101 8.42 -8.42 11.85
N THR A 102 9.38 -7.66 12.32
CA THR A 102 9.13 -6.22 12.61
C THR A 102 10.40 -5.40 12.30
N ILE A 103 10.38 -4.13 12.57
CA ILE A 103 11.59 -3.30 12.30
C ILE A 103 11.64 -2.11 13.25
N SER A 104 12.79 -1.52 13.42
CA SER A 104 12.91 -0.36 14.34
C SER A 104 12.77 0.95 13.57
N TYR A 105 12.98 2.06 14.23
CA TYR A 105 12.86 3.38 13.53
C TYR A 105 14.15 4.19 13.71
N GLY A 106 14.47 4.56 14.91
CA GLY A 106 15.73 5.32 15.16
C GLY A 106 15.58 6.74 14.62
N ASP A 107 16.67 7.42 14.39
CA ASP A 107 16.61 8.81 13.87
C ASP A 107 15.79 9.71 14.81
N ASP A 108 14.48 9.74 14.64
CA ASP A 108 13.64 10.60 15.52
C ASP A 108 12.48 9.79 16.11
N TYR A 109 11.94 8.87 15.37
CA TYR A 109 10.80 8.06 15.89
C TYR A 109 11.11 7.51 17.29
N TRP A 110 10.58 8.14 18.31
CA TRP A 110 10.83 7.65 19.69
C TRP A 110 10.45 6.17 19.80
N LEU A 111 11.38 5.33 20.16
CA LEU A 111 11.10 3.87 20.26
C LEU A 111 10.46 3.53 21.61
N SER A 112 10.71 2.35 22.11
CA SER A 112 10.11 1.96 23.41
C SER A 112 11.19 1.69 24.45
N ARG A 113 11.69 2.72 25.08
CA ARG A 113 12.76 2.52 26.11
C ARG A 113 13.90 1.67 25.55
N PRO A 114 14.41 2.08 24.41
CA PRO A 114 15.52 1.34 23.77
C PRO A 114 16.78 1.41 24.63
N ARG A 115 17.31 2.58 24.82
CA ARG A 115 18.56 2.74 25.65
C ARG A 115 19.73 2.02 24.98
N LEU A 116 19.75 0.71 25.02
CA LEU A 116 20.86 -0.04 24.37
C LEU A 116 22.21 0.47 24.87
N THR A 117 22.33 0.72 26.15
CA THR A 117 23.63 1.21 26.70
C THR A 117 24.74 0.20 26.41
N GLN A 118 25.97 0.65 26.40
CA GLN A 118 27.10 -0.28 26.13
C GLN A 118 27.84 -0.62 27.43
N ASN A 119 27.12 -0.97 28.46
CA ASN A 119 27.78 -1.30 29.75
C ASN A 119 27.37 -2.70 30.21
N GLY B 1 10.24 15.35 30.94
CA GLY B 1 9.86 16.77 30.71
C GLY B 1 9.72 17.48 32.05
N LYS B 2 10.05 18.75 32.09
CA LYS B 2 9.94 19.50 33.38
C LYS B 2 8.70 20.40 33.36
N ALA B 3 8.40 21.00 32.25
CA ALA B 3 7.22 21.89 32.18
C ALA B 3 6.27 21.42 31.07
N PRO B 4 5.00 21.73 31.23
CA PRO B 4 3.99 21.34 30.21
C PRO B 4 4.24 22.05 28.89
N ARG B 5 4.37 21.32 27.82
CA ARG B 5 4.62 21.96 26.50
C ARG B 5 3.29 22.18 25.76
N LYS B 6 3.26 23.10 24.84
CA LYS B 6 2.00 23.37 24.09
C LYS B 6 2.21 23.13 22.60
N GLN B 7 3.34 23.54 22.07
CA GLN B 7 3.61 23.33 20.62
C GLN B 7 3.97 21.86 20.36
N LEU B 8 3.95 21.46 19.11
CA LEU B 8 4.30 20.04 18.79
C LEU B 8 4.95 19.95 17.42
N ALA B 9 5.58 18.85 17.11
CA ALA B 9 6.24 18.71 15.79
C ALA B 9 5.51 17.66 14.93
N THR B 10 4.95 18.08 13.82
CA THR B 10 4.23 17.12 12.95
C THR B 10 5.08 16.77 11.72
N LYS B 11 5.86 17.69 11.26
CA LYS B 11 6.72 17.42 10.06
C LYS B 11 8.06 16.83 10.50
N ALA B 12 8.91 16.49 9.57
CA ALA B 12 10.23 15.91 9.92
C ALA B 12 10.05 14.72 10.88
N ALA B 13 11.13 14.25 11.45
CA ALA B 13 11.03 13.10 12.39
C ALA B 13 10.28 11.94 11.73
N ARG B 14 10.84 11.38 10.69
CA ARG B 14 10.17 10.24 10.00
C ARG B 14 10.88 8.93 10.32
N SER B 16 13.58 6.20 10.03
CA SER B 16 14.95 6.15 9.46
C SER B 16 14.99 5.24 8.24
N ALA B 17 16.10 5.21 7.55
CA ALA B 17 16.19 4.33 6.34
C ALA B 17 17.63 3.85 6.14
N PRO B 18 17.80 2.85 5.31
CA PRO B 18 19.16 2.32 5.02
C PRO B 18 20.04 3.40 4.40
N ALA B 19 21.26 3.06 4.06
CA ALA B 19 22.16 4.07 3.45
C ALA B 19 22.24 5.32 4.32
N THR B 20 23.02 5.28 5.36
CA THR B 20 23.13 6.47 6.25
C THR B 20 24.52 6.57 6.85
N GLY B 21 25.53 6.69 6.03
CA GLY B 21 26.92 6.78 6.54
C GLY B 21 27.31 5.46 7.21
N MET C 1 6.40 -9.98 -4.58
CA MET C 1 5.46 -9.53 -5.65
C MET C 1 4.73 -10.71 -6.26
N PHE C 2 5.36 -11.41 -7.18
CA PHE C 2 4.71 -12.59 -7.82
C PHE C 2 4.11 -13.52 -6.76
N ASN C 3 2.95 -14.06 -7.03
CA ASN C 3 2.32 -14.99 -6.04
C ASN C 3 1.59 -16.12 -6.77
N ASP C 4 1.61 -17.30 -6.22
CA ASP C 4 0.93 -18.46 -6.87
C ASP C 4 -0.49 -18.08 -7.31
N ARG C 5 -1.14 -17.22 -6.56
CA ARG C 5 -2.52 -16.82 -6.94
C ARG C 5 -2.49 -15.81 -8.08
N VAL C 6 -1.60 -14.84 -8.00
CA VAL C 6 -1.50 -13.82 -9.08
C VAL C 6 -0.10 -13.23 -9.12
N ILE C 7 0.37 -12.87 -10.29
CA ILE C 7 1.73 -12.28 -10.40
C ILE C 7 1.64 -10.82 -10.85
N VAL C 8 2.71 -10.08 -10.73
CA VAL C 8 2.66 -8.65 -11.15
C VAL C 8 3.04 -8.49 -12.63
N LYS C 9 2.16 -7.93 -13.40
CA LYS C 9 2.47 -7.70 -14.84
C LYS C 9 1.70 -6.44 -15.30
N LYS C 10 2.32 -5.46 -15.94
CA LYS C 10 3.76 -5.55 -16.37
C LYS C 10 3.98 -6.84 -17.16
N SER C 11 3.03 -7.17 -17.99
CA SER C 11 3.13 -8.40 -18.83
C SER C 11 4.49 -8.48 -19.52
N PRO C 12 4.82 -9.64 -20.03
CA PRO C 12 6.11 -9.83 -20.73
C PRO C 12 6.26 -8.79 -21.83
N LEU C 13 5.17 -8.24 -22.30
CA LEU C 13 5.25 -7.21 -23.38
C LEU C 13 5.31 -5.80 -22.78
N GLY C 14 4.45 -5.51 -21.83
CA GLY C 14 4.46 -4.16 -21.21
C GLY C 14 3.11 -3.89 -20.53
N GLY C 15 3.00 -2.83 -19.80
CA GLY C 15 1.72 -2.51 -19.12
C GLY C 15 1.92 -2.55 -17.61
N TYR C 16 0.88 -2.31 -16.86
CA TYR C 16 1.00 -2.33 -15.37
C TYR C 16 -0.34 -2.71 -14.73
N GLY C 17 -0.56 -3.97 -14.50
CA GLY C 17 -1.85 -4.39 -13.89
C GLY C 17 -1.63 -5.67 -13.08
N VAL C 18 -2.68 -6.31 -12.65
CA VAL C 18 -2.52 -7.57 -11.87
C VAL C 18 -2.76 -8.78 -12.78
N PHE C 19 -1.81 -9.66 -12.88
CA PHE C 19 -1.98 -10.84 -13.78
C PHE C 19 -2.68 -11.98 -13.05
N ALA C 20 -3.71 -12.52 -13.64
CA ALA C 20 -4.43 -13.66 -13.02
C ALA C 20 -3.94 -14.99 -13.59
N ARG C 21 -2.87 -15.52 -13.07
CA ARG C 21 -2.36 -16.83 -13.58
C ARG C 21 -3.48 -17.87 -13.50
N LYS C 22 -4.41 -17.68 -12.61
CA LYS C 22 -5.54 -18.65 -12.49
C LYS C 22 -6.63 -18.27 -13.50
N SER C 23 -7.73 -18.97 -13.59
CA SER C 23 -8.00 -20.11 -12.65
C SER C 23 -8.95 -19.67 -11.54
N PHE C 24 -9.58 -18.54 -11.69
CA PHE C 24 -10.50 -18.04 -10.63
C PHE C 24 -11.95 -18.17 -11.08
N GLU C 25 -12.84 -18.51 -10.18
CA GLU C 25 -14.27 -18.64 -10.58
C GLU C 25 -14.98 -17.30 -10.40
N LYS C 26 -16.20 -17.19 -10.87
CA LYS C 26 -16.94 -15.91 -10.72
C LYS C 26 -17.24 -15.64 -9.25
N GLY C 27 -16.48 -14.79 -8.63
CA GLY C 27 -16.70 -14.49 -7.19
C GLY C 27 -15.47 -14.91 -6.38
N GLU C 28 -14.67 -15.79 -6.91
CA GLU C 28 -13.46 -16.24 -6.18
C GLU C 28 -12.63 -15.05 -5.72
N LEU C 29 -12.36 -14.94 -4.45
CA LEU C 29 -11.56 -13.80 -3.93
C LEU C 29 -10.13 -13.88 -4.47
N VAL C 30 -9.74 -12.96 -5.29
CA VAL C 30 -8.35 -12.98 -5.82
C VAL C 30 -7.34 -12.60 -4.74
N GLU C 31 -7.55 -11.49 -4.09
CA GLU C 31 -6.62 -11.06 -3.01
C GLU C 31 -7.14 -9.81 -2.31
N GLU C 32 -6.93 -9.70 -1.02
CA GLU C 32 -7.42 -8.51 -0.29
C GLU C 32 -6.27 -7.83 0.47
N CYS C 33 -6.42 -6.58 0.78
CA CYS C 33 -5.33 -5.86 1.51
C CYS C 33 -5.90 -4.75 2.38
N LEU C 34 -5.05 -3.94 2.95
CA LEU C 34 -5.54 -2.82 3.81
C LEU C 34 -5.53 -1.51 3.02
N CYS C 35 -6.15 -0.48 3.52
CA CYS C 35 -6.15 0.81 2.79
C CYS C 35 -6.11 1.98 3.77
N ILE C 36 -5.74 3.15 3.30
CA ILE C 36 -5.71 4.34 4.20
C ILE C 36 -7.05 5.07 4.13
N VAL C 37 -7.46 5.68 5.21
CA VAL C 37 -8.77 6.38 5.21
C VAL C 37 -8.59 7.85 5.60
N ARG C 38 -8.37 8.70 4.64
CA ARG C 38 -8.20 10.16 4.96
C ARG C 38 -9.31 10.98 4.30
N HIS C 39 -9.44 12.23 4.67
CA HIS C 39 -10.48 13.08 4.05
C HIS C 39 -9.93 13.73 2.77
N ASN C 40 -10.71 14.58 2.14
CA ASN C 40 -10.24 15.23 0.89
C ASN C 40 -9.15 16.27 1.21
N ASP C 41 -9.21 17.44 0.60
CA ASP C 41 -8.18 18.50 0.87
C ASP C 41 -6.79 18.03 0.38
N ASP C 42 -5.74 18.45 1.05
CA ASP C 42 -4.36 18.07 0.60
C ASP C 42 -4.29 16.57 0.29
N TRP C 43 -5.01 15.77 1.02
CA TRP C 43 -4.99 14.30 0.75
C TRP C 43 -5.29 14.02 -0.73
N GLY C 44 -6.41 14.49 -1.21
CA GLY C 44 -6.77 14.26 -2.63
C GLY C 44 -5.71 14.89 -3.53
N THR C 45 -5.11 15.96 -3.11
CA THR C 45 -4.07 16.62 -3.96
C THR C 45 -2.83 15.74 -4.06
N ALA C 46 -2.14 15.53 -2.97
CA ALA C 46 -0.92 14.68 -3.01
C ALA C 46 -1.27 13.26 -3.48
N LEU C 47 -2.26 12.66 -2.88
CA LEU C 47 -2.64 11.27 -3.28
C LEU C 47 -3.75 11.31 -4.34
N GLU C 48 -3.73 12.29 -5.20
CA GLU C 48 -4.79 12.38 -6.25
C GLU C 48 -4.86 11.10 -7.09
N ASP C 49 -3.83 10.28 -7.06
CA ASP C 49 -3.85 9.04 -7.88
C ASP C 49 -4.00 7.80 -6.98
N TYR C 50 -4.50 6.72 -7.53
CA TYR C 50 -4.66 5.47 -6.74
C TYR C 50 -5.50 5.72 -5.49
N LEU C 51 -6.35 6.71 -5.52
CA LEU C 51 -7.17 7.01 -4.32
C LEU C 51 -8.64 6.63 -4.55
N PHE C 52 -9.08 5.56 -3.96
CA PHE C 52 -10.50 5.15 -4.11
C PHE C 52 -11.34 5.82 -3.03
N SER C 53 -12.11 6.82 -3.39
CA SER C 53 -12.92 7.53 -2.37
C SER C 53 -14.40 7.16 -2.49
N ARG C 54 -15.10 7.13 -1.38
CA ARG C 54 -16.55 6.78 -1.43
C ARG C 54 -17.38 7.98 -0.99
N LYS C 55 -18.65 7.78 -0.79
CA LYS C 55 -19.53 8.91 -0.36
C LYS C 55 -19.35 9.18 1.13
N ASN C 56 -18.27 9.83 1.48
CA ASN C 56 -18.00 10.13 2.91
C ASN C 56 -16.55 10.56 3.08
N MET C 57 -15.66 10.08 2.24
CA MET C 57 -14.23 10.47 2.38
C MET C 57 -13.39 9.87 1.25
N SER C 58 -12.09 9.85 1.42
CA SER C 58 -11.21 9.27 0.36
C SER C 58 -10.22 8.29 1.00
N ALA C 59 -9.95 7.19 0.35
CA ALA C 59 -9.00 6.20 0.91
C ALA C 59 -7.98 5.75 -0.14
N MET C 60 -6.79 5.42 0.27
CA MET C 60 -5.75 4.96 -0.70
C MET C 60 -5.77 3.44 -0.83
N ALA C 61 -5.33 2.93 -1.94
CA ALA C 61 -5.30 1.44 -2.11
C ALA C 61 -4.00 0.87 -1.54
N LEU C 62 -4.02 0.48 -0.29
CA LEU C 62 -2.78 -0.06 0.35
C LEU C 62 -2.18 -1.18 -0.50
N GLY C 63 -2.83 -2.31 -0.56
CA GLY C 63 -2.28 -3.46 -1.34
C GLY C 63 -2.15 -3.07 -2.81
N PHE C 64 -2.17 -4.03 -3.69
CA PHE C 64 -2.02 -3.74 -5.14
C PHE C 64 -3.39 -3.50 -5.79
N GLY C 65 -4.16 -2.58 -5.27
CA GLY C 65 -5.49 -2.30 -5.88
C GLY C 65 -5.39 -1.13 -6.88
N ALA C 66 -4.31 -0.39 -6.85
CA ALA C 66 -4.20 0.78 -7.76
C ALA C 66 -3.50 0.44 -9.08
N ILE C 67 -3.17 -0.81 -9.30
CA ILE C 67 -2.48 -1.17 -10.58
C ILE C 67 -3.48 -1.47 -11.68
N PHE C 68 -4.70 -1.79 -11.32
CA PHE C 68 -5.70 -2.13 -12.35
C PHE C 68 -5.79 -1.04 -13.42
N ASN C 69 -6.00 -1.41 -14.65
CA ASN C 69 -6.11 -0.39 -15.74
C ASN C 69 -7.54 -0.35 -16.28
N HIS C 70 -7.71 0.16 -17.47
CA HIS C 70 -9.05 0.19 -18.09
C HIS C 70 -9.16 -0.93 -19.13
N SER C 71 -10.24 -1.65 -19.16
CA SER C 71 -10.38 -2.76 -20.15
C SER C 71 -11.85 -2.99 -20.49
N LYS C 72 -12.64 -1.95 -20.54
CA LYS C 72 -14.09 -2.10 -20.85
C LYS C 72 -14.76 -3.04 -19.84
N ASP C 73 -14.65 -4.33 -20.04
CA ASP C 73 -15.25 -5.28 -19.08
C ASP C 73 -14.17 -5.81 -18.13
N PRO C 74 -14.01 -5.14 -17.01
CA PRO C 74 -12.97 -5.57 -16.03
C PRO C 74 -13.22 -7.01 -15.58
N ASN C 75 -12.41 -7.92 -16.04
CA ASN C 75 -12.58 -9.35 -15.64
C ASN C 75 -12.70 -9.47 -14.12
N ALA C 76 -12.19 -8.52 -13.39
CA ALA C 76 -12.28 -8.59 -11.90
C ALA C 76 -12.50 -7.20 -11.32
N ARG C 77 -13.00 -7.12 -10.11
CA ARG C 77 -13.24 -5.80 -9.48
C ARG C 77 -12.78 -5.82 -8.02
N HIS C 78 -13.04 -4.77 -7.29
CA HIS C 78 -12.60 -4.73 -5.86
C HIS C 78 -13.81 -4.56 -4.94
N GLU C 79 -13.61 -4.67 -3.65
CA GLU C 79 -14.74 -4.53 -2.70
C GLU C 79 -14.28 -3.78 -1.45
N LEU C 80 -15.18 -3.14 -0.76
CA LEU C 80 -14.80 -2.40 0.48
C LEU C 80 -15.59 -2.89 1.68
N THR C 81 -14.98 -2.95 2.83
CA THR C 81 -15.71 -3.43 4.03
C THR C 81 -16.71 -2.38 4.51
N ALA C 82 -16.23 -1.26 4.96
CA ALA C 82 -17.14 -0.18 5.45
C ALA C 82 -16.35 1.07 5.84
N GLY C 83 -15.19 0.89 6.39
CA GLY C 83 -14.38 2.08 6.80
C GLY C 83 -13.21 2.28 5.85
N LEU C 84 -13.35 1.84 4.63
CA LEU C 84 -12.24 2.00 3.64
C LEU C 84 -10.93 1.47 4.21
N LYS C 85 -10.99 0.51 5.09
CA LYS C 85 -9.73 -0.03 5.69
C LYS C 85 -9.29 -1.31 4.98
N ARG C 86 -10.23 -2.13 4.56
CA ARG C 86 -9.85 -3.40 3.87
C ARG C 86 -10.44 -3.43 2.45
N MET C 87 -9.65 -3.84 1.49
CA MET C 87 -10.15 -3.91 0.09
C MET C 87 -9.91 -5.30 -0.49
N ARG C 88 -10.96 -6.01 -0.81
CA ARG C 88 -10.78 -7.38 -1.39
C ARG C 88 -10.97 -7.35 -2.90
N ILE C 89 -10.06 -7.95 -3.63
CA ILE C 89 -10.20 -7.97 -5.11
C ILE C 89 -11.01 -9.19 -5.54
N PHE C 90 -12.29 -9.01 -5.79
CA PHE C 90 -13.15 -10.16 -6.18
C PHE C 90 -13.14 -10.34 -7.70
N THR C 91 -14.01 -11.17 -8.20
CA THR C 91 -14.07 -11.37 -9.67
C THR C 91 -15.52 -11.29 -10.16
N ILE C 92 -15.93 -10.17 -10.68
CA ILE C 92 -17.33 -10.04 -11.16
C ILE C 92 -17.65 -11.14 -12.17
N LYS C 93 -16.64 -11.71 -12.78
CA LYS C 93 -16.87 -12.81 -13.76
C LYS C 93 -15.72 -13.82 -13.71
N PRO C 94 -15.97 -15.00 -14.23
CA PRO C 94 -14.93 -16.05 -14.23
C PRO C 94 -13.64 -15.54 -14.88
N ILE C 95 -12.53 -16.14 -14.55
CA ILE C 95 -11.23 -15.70 -15.14
C ILE C 95 -10.38 -16.93 -15.50
N ALA C 96 -9.80 -16.92 -16.67
CA ALA C 96 -8.97 -18.07 -17.10
C ALA C 96 -7.48 -17.82 -16.81
N ILE C 97 -6.67 -18.85 -16.90
CA ILE C 97 -5.22 -18.66 -16.65
C ILE C 97 -4.60 -17.74 -17.70
N GLY C 98 -4.05 -16.62 -17.27
CA GLY C 98 -3.42 -15.69 -18.25
C GLY C 98 -4.38 -14.51 -18.50
N GLU C 99 -5.16 -14.14 -17.53
CA GLU C 99 -6.10 -13.00 -17.72
C GLU C 99 -5.58 -11.76 -17.01
N GLU C 100 -5.72 -10.60 -17.60
CA GLU C 100 -5.24 -9.36 -16.93
C GLU C 100 -6.33 -8.80 -16.04
N ILE C 101 -6.05 -8.66 -14.77
CA ILE C 101 -7.09 -8.15 -13.82
C ILE C 101 -7.02 -6.62 -13.75
N THR C 102 -8.12 -5.97 -14.02
CA THR C 102 -8.16 -4.48 -13.95
C THR C 102 -9.54 -4.03 -13.46
N ILE C 103 -9.78 -2.74 -13.41
CA ILE C 103 -11.10 -2.25 -12.95
C ILE C 103 -11.42 -0.89 -13.59
N SER C 104 -12.67 -0.51 -13.62
CA SER C 104 -13.03 0.80 -14.23
C SER C 104 -13.11 1.89 -13.16
N TYR C 105 -13.56 3.06 -13.53
CA TYR C 105 -13.66 4.16 -12.52
C TYR C 105 -15.08 4.72 -12.50
N GLY C 106 -15.51 5.30 -13.59
CA GLY C 106 -16.89 5.86 -13.65
C GLY C 106 -16.99 7.11 -12.78
N ASP C 107 -18.18 7.48 -12.39
CA ASP C 107 -18.36 8.71 -11.55
C ASP C 107 -17.76 9.94 -12.23
N ASP C 108 -16.48 10.17 -12.06
CA ASP C 108 -15.85 11.36 -12.70
C ASP C 108 -14.59 10.96 -13.46
N TYR C 109 -13.85 10.00 -12.96
CA TYR C 109 -12.60 9.58 -13.66
C TYR C 109 -12.86 9.34 -15.14
N TRP C 110 -12.49 10.27 -15.98
CA TRP C 110 -12.70 10.10 -17.44
C TRP C 110 -12.05 8.79 -17.91
N LEU C 111 -12.84 7.90 -18.47
CA LEU C 111 -12.28 6.59 -18.91
C LEU C 111 -11.65 6.72 -20.31
N SER C 112 -11.69 5.67 -21.08
CA SER C 112 -11.07 5.72 -22.43
C SER C 112 -12.13 5.50 -23.52
N ARG C 113 -12.84 6.54 -23.88
CA ARG C 113 -13.89 6.40 -24.93
C ARG C 113 -14.84 5.23 -24.60
N PRO C 114 -15.37 5.25 -23.40
CA PRO C 114 -16.29 4.18 -22.97
C PRO C 114 -17.57 4.20 -23.80
N ARG C 115 -18.32 5.28 -23.71
CA ARG C 115 -19.61 5.38 -24.48
C ARG C 115 -20.60 4.31 -24.00
N LEU C 116 -20.37 3.08 -24.35
CA LEU C 116 -21.30 1.99 -23.92
C LEU C 116 -22.75 2.34 -24.30
N THR C 117 -22.96 2.86 -25.48
CA THR C 117 -24.34 3.21 -25.90
C THR C 117 -25.23 1.97 -25.87
N GLN C 118 -26.52 2.16 -25.77
CA GLN C 118 -27.45 0.99 -25.74
C GLN C 118 -28.16 0.84 -27.09
N ASN C 119 -27.43 0.91 -28.16
CA ASN C 119 -28.07 0.77 -29.50
C ASN C 119 -27.42 -0.39 -30.28
N GLY D 1 -14.03 20.25 -26.46
CA GLY D 1 -13.91 21.62 -25.89
C GLY D 1 -13.95 22.65 -27.02
N LYS D 2 -14.52 23.80 -26.75
CA LYS D 2 -14.60 24.84 -27.81
C LYS D 2 -13.55 25.93 -27.58
N ALA D 3 -13.34 26.30 -26.34
CA ALA D 3 -12.33 27.36 -26.04
C ALA D 3 -11.26 26.82 -25.07
N PRO D 4 -10.08 27.40 -25.15
CA PRO D 4 -8.98 26.96 -24.26
C PRO D 4 -9.31 27.28 -22.80
N ARG D 5 -9.25 26.30 -21.94
CA ARG D 5 -9.56 26.54 -20.50
C ARG D 5 -8.27 26.83 -19.73
N LYS D 6 -8.38 27.50 -18.61
CA LYS D 6 -7.16 27.80 -17.80
C LYS D 6 -7.27 27.17 -16.42
N GLN D 7 -8.42 27.22 -15.81
CA GLN D 7 -8.59 26.62 -14.46
C GLN D 7 -8.66 25.10 -14.56
N LEU D 8 -8.52 24.41 -13.46
CA LEU D 8 -8.58 22.92 -13.50
C LEU D 8 -9.15 22.38 -12.18
N ALA D 9 -9.54 21.14 -12.16
CA ALA D 9 -10.11 20.55 -10.92
C ALA D 9 -9.17 19.50 -10.34
N THR D 10 -8.65 19.73 -9.16
CA THR D 10 -7.73 18.75 -8.54
C THR D 10 -8.45 17.96 -7.45
N LYS D 11 -9.38 18.57 -6.77
CA LYS D 11 -10.12 17.86 -5.69
C LYS D 11 -11.34 17.14 -6.26
N ALA D 12 -12.06 16.43 -5.44
CA ALA D 12 -13.27 15.72 -5.95
C ALA D 12 -12.91 14.85 -7.16
N ALA D 13 -13.90 14.33 -7.84
CA ALA D 13 -13.64 13.49 -9.03
C ALA D 13 -12.65 12.36 -8.67
N ARG D 14 -13.05 11.47 -7.80
CA ARG D 14 -12.15 10.36 -7.40
C ARG D 14 -12.62 9.05 -8.04
N SER D 16 -14.75 5.87 -8.45
CA SER D 16 -16.07 5.42 -7.92
C SER D 16 -15.88 4.26 -6.95
N ALA D 17 -16.93 3.84 -6.30
CA ALA D 17 -16.81 2.69 -5.35
C ALA D 17 -18.13 1.92 -5.28
N PRO D 18 -18.07 0.74 -4.71
CA PRO D 18 -19.28 -0.10 -4.58
C PRO D 18 -20.34 0.61 -3.72
N ALA D 19 -21.45 -0.04 -3.48
CA ALA D 19 -22.51 0.60 -2.64
C ALA D 19 -22.86 1.99 -3.18
N THR D 20 -23.65 2.06 -4.21
CA THR D 20 -24.02 3.39 -4.78
C THR D 20 -25.43 3.35 -5.35
N GLY D 21 -26.40 3.08 -4.52
CA GLY D 21 -27.81 3.03 -5.02
C GLY D 21 -27.97 1.85 -5.98
N MET A 1 -4.67 -12.41 3.23
CA MET A 1 -3.78 -11.73 4.21
C MET A 1 -2.77 -12.73 4.79
N PHE A 2 -2.46 -13.76 4.04
CA PHE A 2 -1.48 -14.77 4.54
C PHE A 2 -1.02 -15.67 3.40
N ASN A 3 0.27 -15.82 3.23
CA ASN A 3 0.78 -16.69 2.13
C ASN A 3 1.62 -17.84 2.71
N ASP A 4 1.91 -18.83 1.91
CA ASP A 4 2.72 -19.99 2.41
C ASP A 4 4.16 -19.55 2.69
N ARG A 5 4.33 -18.67 3.65
CA ARG A 5 5.70 -18.18 4.00
C ARG A 5 5.60 -17.14 5.11
N VAL A 6 4.55 -16.36 5.12
CA VAL A 6 4.38 -15.33 6.17
C VAL A 6 2.90 -15.02 6.39
N ILE A 7 2.55 -14.48 7.51
CA ILE A 7 1.11 -14.16 7.77
C ILE A 7 0.98 -12.76 8.37
N VAL A 8 -0.19 -12.17 8.26
CA VAL A 8 -0.37 -10.80 8.82
C VAL A 8 -1.06 -10.86 10.19
N LYS A 9 -0.36 -10.46 11.22
CA LYS A 9 -0.97 -10.44 12.58
C LYS A 9 -0.77 -9.06 13.19
N LYS A 10 -1.72 -8.49 13.91
CA LYS A 10 -3.02 -9.18 14.24
C LYS A 10 -2.74 -10.56 14.84
N SER A 11 -2.00 -10.61 15.90
CA SER A 11 -1.67 -11.91 16.54
C SER A 11 -2.41 -12.06 17.88
N PRO A 12 -2.26 -13.21 18.49
CA PRO A 12 -2.93 -13.47 19.79
C PRO A 12 -2.33 -12.59 20.89
N LEU A 13 -1.13 -12.12 20.67
CA LEU A 13 -0.48 -11.26 21.71
C LEU A 13 0.56 -10.34 21.07
N GLY A 14 0.15 -9.56 20.09
CA GLY A 14 1.12 -8.64 19.42
C GLY A 14 0.37 -7.46 18.81
N GLY A 15 0.82 -6.96 17.71
CA GLY A 15 0.13 -5.81 17.06
C GLY A 15 -0.01 -6.07 15.55
N TYR A 16 -0.27 -5.05 14.79
CA TYR A 16 -0.41 -5.24 13.32
C TYR A 16 0.96 -5.38 12.66
N GLY A 17 1.73 -6.35 13.07
CA GLY A 17 3.07 -6.58 12.45
C GLY A 17 2.98 -7.80 11.52
N VAL A 18 4.10 -8.33 11.10
CA VAL A 18 4.04 -9.54 10.22
C VAL A 18 4.63 -10.75 10.96
N PHE A 19 3.94 -11.86 10.96
CA PHE A 19 4.44 -13.05 11.69
C PHE A 19 5.34 -13.89 10.80
N ALA A 20 6.39 -14.43 11.36
CA ALA A 20 7.33 -15.26 10.55
C ALA A 20 6.95 -16.74 10.64
N ARG A 21 6.17 -17.21 9.71
CA ARG A 21 5.80 -18.67 9.71
C ARG A 21 7.05 -19.52 9.46
N LYS A 22 8.11 -18.91 8.99
CA LYS A 22 9.37 -19.67 8.74
C LYS A 22 10.41 -19.25 9.80
N SER A 23 11.61 -19.80 9.80
CA SER A 23 12.01 -20.81 8.78
C SER A 23 12.91 -20.14 7.74
N PHE A 24 13.52 -19.03 8.07
CA PHE A 24 14.38 -18.32 7.09
C PHE A 24 15.84 -18.33 7.55
N GLU A 25 16.75 -18.09 6.66
CA GLU A 25 18.20 -18.06 7.05
C GLU A 25 18.66 -16.61 7.23
N LYS A 26 19.84 -16.42 7.74
CA LYS A 26 20.34 -15.03 7.95
C LYS A 26 20.70 -14.38 6.60
N GLY A 27 19.75 -13.75 5.96
CA GLY A 27 20.05 -13.11 4.64
C GLY A 27 19.10 -13.67 3.59
N GLU A 28 17.82 -13.65 3.84
CA GLU A 28 16.85 -14.18 2.83
C GLU A 28 15.77 -13.14 2.54
N LEU A 29 15.44 -12.97 1.29
CA LEU A 29 14.38 -11.97 0.94
C LEU A 29 13.03 -12.42 1.48
N VAL A 30 12.45 -11.66 2.37
CA VAL A 30 11.12 -12.02 2.92
C VAL A 30 10.03 -11.24 2.19
N GLU A 31 9.58 -11.74 1.07
CA GLU A 31 8.54 -11.03 0.28
C GLU A 31 9.03 -9.62 -0.11
N GLU A 32 8.21 -8.87 -0.77
CA GLU A 32 8.62 -7.49 -1.19
C GLU A 32 7.40 -6.60 -1.34
N CYS A 33 7.59 -5.31 -1.31
CA CYS A 33 6.42 -4.39 -1.43
C CYS A 33 6.82 -3.06 -2.09
N LEU A 34 5.88 -2.33 -2.60
CA LEU A 34 6.19 -1.02 -3.23
C LEU A 34 5.97 0.12 -2.23
N CYS A 35 6.26 1.33 -2.60
CA CYS A 35 6.07 2.46 -1.65
C CYS A 35 5.72 3.76 -2.38
N ILE A 36 5.27 4.74 -1.65
CA ILE A 36 4.95 6.06 -2.28
C ILE A 36 6.07 7.04 -1.95
N VAL A 37 6.28 8.04 -2.76
CA VAL A 37 7.37 9.01 -2.47
C VAL A 37 6.84 10.45 -2.59
N ARG A 38 6.89 11.19 -1.50
CA ARG A 38 6.40 12.60 -1.54
C ARG A 38 7.38 13.52 -0.79
N HIS A 39 7.50 14.74 -1.21
CA HIS A 39 8.45 15.67 -0.54
C HIS A 39 7.84 16.24 0.76
N ASN A 40 7.48 15.40 1.69
CA ASN A 40 6.93 15.90 2.98
C ASN A 40 5.81 16.93 2.75
N ASP A 41 5.75 17.97 3.55
CA ASP A 41 4.67 19.00 3.40
C ASP A 41 3.30 18.39 3.73
N ASP A 42 2.26 18.80 3.05
CA ASP A 42 0.90 18.24 3.35
C ASP A 42 0.97 16.72 3.42
N TRP A 43 1.78 16.11 2.61
CA TRP A 43 1.93 14.63 2.66
C TRP A 43 2.51 14.23 4.02
N GLY A 44 3.38 15.05 4.56
CA GLY A 44 3.98 14.72 5.88
C GLY A 44 2.89 14.65 6.94
N THR A 45 2.18 15.73 7.15
CA THR A 45 1.12 15.71 8.20
C THR A 45 -0.01 14.76 7.80
N ALA A 46 -0.46 14.82 6.58
CA ALA A 46 -1.54 13.88 6.16
C ALA A 46 -1.07 12.45 6.39
N LEU A 47 -0.03 12.06 5.73
CA LEU A 47 0.51 10.68 5.93
C LEU A 47 1.60 10.67 7.00
N GLU A 48 1.47 11.47 8.03
CA GLU A 48 2.50 11.49 9.10
C GLU A 48 2.48 10.18 9.90
N ASP A 49 2.74 9.08 9.23
CA ASP A 49 2.73 7.76 9.91
C ASP A 49 3.03 6.66 8.88
N TYR A 50 3.72 5.63 9.26
CA TYR A 50 4.06 4.55 8.28
C TYR A 50 4.82 5.16 7.10
N LEU A 51 5.50 6.25 7.33
CA LEU A 51 6.23 6.93 6.22
C LEU A 51 7.75 6.73 6.33
N PHE A 52 8.33 6.01 5.42
CA PHE A 52 9.80 5.83 5.43
C PHE A 52 10.45 6.95 4.62
N SER A 53 11.11 7.87 5.28
CA SER A 53 11.71 9.00 4.54
C SER A 53 13.24 8.88 4.46
N ARG A 54 13.81 9.29 3.37
CA ARG A 54 15.28 9.25 3.22
C ARG A 54 15.84 10.66 3.00
N LYS A 55 17.06 10.78 2.58
CA LYS A 55 17.65 12.13 2.40
C LYS A 55 17.21 12.69 1.05
N ASN A 56 15.98 13.12 1.00
CA ASN A 56 15.44 13.68 -0.27
C ASN A 56 13.93 13.93 -0.11
N MET A 57 13.26 13.09 0.62
CA MET A 57 11.78 13.27 0.83
C MET A 57 11.22 12.16 1.71
N SER A 58 9.93 12.13 1.90
CA SER A 58 9.32 11.07 2.75
C SER A 58 8.48 10.12 1.90
N ALA A 59 8.62 8.84 2.11
CA ALA A 59 7.83 7.87 1.30
C ALA A 59 6.88 7.06 2.20
N MET A 60 6.04 6.24 1.62
CA MET A 60 5.09 5.44 2.45
C MET A 60 5.31 3.94 2.23
N ALA A 61 4.86 3.13 3.15
CA ALA A 61 5.02 1.66 2.99
C ALA A 61 3.83 1.07 2.22
N LEU A 62 4.00 0.84 0.94
CA LEU A 62 2.88 0.28 0.12
C LEU A 62 2.42 -1.07 0.68
N GLY A 63 3.13 -2.12 0.36
CA GLY A 63 2.72 -3.48 0.84
C GLY A 63 2.77 -3.54 2.37
N PHE A 64 3.41 -4.55 2.91
CA PHE A 64 3.46 -4.69 4.38
C PHE A 64 4.70 -3.97 4.94
N GLY A 65 4.95 -2.77 4.50
CA GLY A 65 6.12 -2.01 5.02
C GLY A 65 5.70 -1.18 6.24
N ALA A 66 4.43 -0.92 6.38
CA ALA A 66 3.97 -0.11 7.54
C ALA A 66 3.61 -1.01 8.72
N ILE A 67 2.93 -2.10 8.48
CA ILE A 67 2.55 -3.02 9.60
C ILE A 67 3.78 -3.31 10.47
N PHE A 68 4.95 -3.22 9.91
CA PHE A 68 6.19 -3.49 10.70
C PHE A 68 6.16 -2.71 12.01
N ASN A 69 6.70 -3.28 13.06
CA ASN A 69 6.70 -2.57 14.38
C ASN A 69 8.13 -2.33 14.85
N HIS A 70 8.29 -1.62 15.94
CA HIS A 70 9.66 -1.35 16.47
C HIS A 70 9.97 -2.28 17.63
N SER A 71 10.86 -3.22 17.44
CA SER A 71 11.20 -4.16 18.54
C SER A 71 12.71 -4.13 18.82
N LYS A 72 13.10 -4.32 20.05
CA LYS A 72 14.54 -4.32 20.38
C LYS A 72 15.28 -5.40 19.59
N ASP A 73 16.32 -5.04 18.90
CA ASP A 73 17.07 -6.05 18.09
C ASP A 73 16.12 -6.80 17.17
N PRO A 74 15.63 -6.11 16.15
CA PRO A 74 14.69 -6.73 15.19
C PRO A 74 15.34 -7.93 14.50
N ASN A 75 14.60 -8.66 13.71
CA ASN A 75 15.18 -9.82 12.99
C ASN A 75 15.11 -9.62 11.49
N ALA A 76 14.35 -8.65 11.03
CA ALA A 76 14.26 -8.42 9.56
C ALA A 76 14.53 -6.94 9.25
N ARG A 77 15.18 -6.67 8.15
CA ARG A 77 15.46 -5.26 7.79
C ARG A 77 14.84 -4.92 6.43
N HIS A 78 14.78 -3.66 6.08
CA HIS A 78 14.16 -3.28 4.79
C HIS A 78 15.22 -2.77 3.81
N GLU A 79 14.93 -2.79 2.54
CA GLU A 79 15.90 -2.30 1.53
C GLU A 79 15.22 -1.37 0.53
N LEU A 80 15.83 -0.27 0.18
CA LEU A 80 15.20 0.65 -0.80
C LEU A 80 16.04 0.72 -2.08
N THR A 81 15.39 0.85 -3.21
CA THR A 81 16.14 0.91 -4.50
C THR A 81 17.20 2.02 -4.44
N ALA A 82 16.80 3.24 -4.59
CA ALA A 82 17.79 4.36 -4.55
C ALA A 82 17.10 5.70 -4.33
N GLY A 83 16.22 6.08 -5.22
CA GLY A 83 15.51 7.39 -5.05
C GLY A 83 14.12 7.15 -4.48
N LEU A 84 13.99 6.27 -3.51
CA LEU A 84 12.65 6.00 -2.91
C LEU A 84 11.68 5.49 -3.98
N LYS A 85 11.23 4.26 -3.86
CA LYS A 85 10.27 3.70 -4.86
C LYS A 85 9.85 2.28 -4.44
N ARG A 86 10.66 1.30 -4.73
CA ARG A 86 10.32 -0.09 -4.34
C ARG A 86 11.31 -0.58 -3.29
N MET A 87 10.85 -1.30 -2.31
CA MET A 87 11.78 -1.81 -1.26
C MET A 87 11.45 -3.26 -0.91
N ARG A 88 12.31 -3.91 -0.16
CA ARG A 88 12.07 -5.33 0.19
C ARG A 88 12.25 -5.56 1.70
N ILE A 89 12.07 -6.77 2.14
CA ILE A 89 12.27 -7.08 3.59
C ILE A 89 13.17 -8.30 3.74
N PHE A 90 14.39 -8.10 4.19
CA PHE A 90 15.32 -9.25 4.32
C PHE A 90 15.33 -9.76 5.76
N THR A 91 16.25 -10.64 6.08
CA THR A 91 16.33 -11.17 7.47
C THR A 91 17.77 -11.04 8.00
N ILE A 92 18.04 -10.02 8.76
CA ILE A 92 19.42 -9.84 9.30
C ILE A 92 19.83 -11.04 10.16
N LYS A 93 18.89 -11.84 10.57
CA LYS A 93 19.22 -13.02 11.40
C LYS A 93 18.24 -14.17 11.14
N PRO A 94 18.66 -15.38 11.42
CA PRO A 94 17.78 -16.56 11.20
C PRO A 94 16.47 -16.40 11.96
N ILE A 95 15.37 -16.83 11.40
CA ILE A 95 14.07 -16.69 12.10
C ILE A 95 13.38 -18.05 12.24
N ALA A 96 12.74 -18.29 13.35
CA ALA A 96 12.06 -19.59 13.57
C ALA A 96 10.61 -19.54 13.06
N ILE A 97 10.07 -20.67 12.69
CA ILE A 97 8.66 -20.71 12.18
C ILE A 97 7.72 -19.93 13.10
N GLY A 98 8.06 -19.80 14.35
CA GLY A 98 7.17 -19.06 15.29
C GLY A 98 7.85 -17.75 15.70
N GLU A 99 8.13 -16.90 14.75
CA GLU A 99 8.83 -15.62 15.09
C GLU A 99 7.94 -14.41 14.78
N GLU A 100 8.30 -13.27 15.30
CA GLU A 100 7.53 -12.03 15.00
C GLU A 100 8.41 -11.10 14.17
N ILE A 101 8.03 -10.84 12.95
CA ILE A 101 8.88 -9.98 12.08
C ILE A 101 8.52 -8.49 12.24
N THR A 102 9.52 -7.69 12.52
CA THR A 102 9.31 -6.23 12.70
C THR A 102 10.62 -5.49 12.40
N ILE A 103 10.54 -4.28 11.89
CA ILE A 103 11.79 -3.54 11.58
C ILE A 103 11.91 -2.28 12.44
N SER A 104 13.10 -1.80 12.66
CA SER A 104 13.29 -0.58 13.48
C SER A 104 13.25 0.66 12.58
N TYR A 105 13.52 1.82 13.14
CA TYR A 105 13.50 3.05 12.31
C TYR A 105 14.84 3.77 12.40
N GLY A 106 15.17 4.29 13.57
CA GLY A 106 16.47 5.00 13.73
C GLY A 106 16.50 5.70 15.08
N ASP A 107 17.53 6.46 15.35
CA ASP A 107 17.62 7.16 16.66
C ASP A 107 16.61 8.31 16.72
N ASP A 108 16.35 8.94 15.61
CA ASP A 108 15.38 10.06 15.60
C ASP A 108 13.95 9.53 15.75
N TYR A 109 13.46 8.81 14.78
CA TYR A 109 12.07 8.28 14.87
C TYR A 109 12.00 7.19 15.96
N TRP A 110 12.07 7.58 17.20
CA TRP A 110 11.98 6.58 18.30
C TRP A 110 11.45 7.23 19.57
N LEU A 111 11.76 6.66 20.70
CA LEU A 111 11.26 7.24 21.99
C LEU A 111 12.11 8.44 22.41
N SER A 112 13.32 8.20 22.83
CA SER A 112 14.19 9.33 23.25
C SER A 112 15.66 8.95 23.17
N ARG A 113 16.16 8.23 24.13
CA ARG A 113 17.60 7.83 24.10
C ARG A 113 17.78 6.40 24.63
N PRO A 114 17.17 5.46 23.94
CA PRO A 114 17.26 4.04 24.35
C PRO A 114 18.67 3.49 24.06
N ARG A 115 19.23 3.85 22.94
CA ARG A 115 20.59 3.35 22.59
C ARG A 115 20.65 1.83 22.63
N LEU A 116 19.51 1.18 22.55
CA LEU A 116 19.48 -0.31 22.57
C LEU A 116 20.35 -0.86 23.70
N THR A 117 20.35 -0.23 24.84
CA THR A 117 21.19 -0.72 25.97
C THR A 117 20.36 -0.79 27.26
N GLN A 118 19.99 0.33 27.80
CA GLN A 118 19.20 0.33 29.06
C GLN A 118 18.35 1.60 29.15
N ASN A 119 17.50 1.83 28.18
CA ASN A 119 16.64 3.05 28.21
C ASN A 119 17.50 4.30 28.41
N GLY B 1 13.40 13.09 35.38
CA GLY B 1 12.28 13.55 36.24
C GLY B 1 10.98 12.85 35.82
N LYS B 2 9.95 13.59 35.57
CA LYS B 2 8.66 12.97 35.15
C LYS B 2 7.71 14.03 34.59
N ALA B 3 8.10 14.69 33.53
CA ALA B 3 7.23 15.73 32.93
C ALA B 3 6.35 15.13 31.83
N PRO B 4 5.14 15.62 31.72
CA PRO B 4 4.22 15.11 30.68
C PRO B 4 4.81 15.32 29.28
N ARG B 5 5.55 16.37 29.09
CA ARG B 5 6.16 16.64 27.75
C ARG B 5 5.07 16.61 26.67
N LYS B 6 4.41 17.71 26.45
CA LYS B 6 3.34 17.75 25.42
C LYS B 6 3.96 17.72 24.02
N GLN B 7 3.77 16.65 23.29
CA GLN B 7 4.34 16.56 21.92
C GLN B 7 5.85 16.84 21.95
N LEU B 8 6.51 16.72 20.83
CA LEU B 8 7.97 16.99 20.80
C LEU B 8 8.30 17.95 19.66
N ALA B 9 9.55 18.30 19.50
CA ALA B 9 9.93 19.24 18.40
C ALA B 9 9.47 18.67 17.05
N THR B 10 9.85 17.46 16.74
CA THR B 10 9.44 16.87 15.43
C THR B 10 9.80 17.81 14.28
N LYS B 11 11.03 18.22 14.21
CA LYS B 11 11.44 19.13 13.10
C LYS B 11 11.21 18.46 11.75
N ALA B 12 11.96 17.42 11.46
CA ALA B 12 11.79 16.72 10.15
C ALA B 12 12.67 15.48 10.11
N ALA B 13 12.25 14.41 10.72
CA ALA B 13 13.06 13.17 10.71
C ALA B 13 12.16 11.93 10.78
N ARG B 14 11.78 11.40 9.65
CA ARG B 14 10.90 10.19 9.66
C ARG B 14 11.72 8.94 9.98
N SER B 16 14.51 6.26 9.64
CA SER B 16 15.83 6.26 8.94
C SER B 16 15.76 5.39 7.67
N ALA B 17 16.82 5.35 6.92
CA ALA B 17 16.82 4.53 5.68
C ALA B 17 18.26 4.22 5.23
N PRO B 18 18.38 3.32 4.29
CA PRO B 18 19.71 2.94 3.77
C PRO B 18 20.42 4.17 3.17
N ALA B 19 19.71 4.95 2.41
CA ALA B 19 20.33 6.16 1.82
C ALA B 19 21.61 5.79 1.07
N THR B 20 21.49 5.33 -0.15
CA THR B 20 22.71 4.95 -0.93
C THR B 20 23.06 6.05 -1.93
N GLY B 21 24.28 6.05 -2.40
CA GLY B 21 24.68 7.10 -3.39
C GLY B 21 24.93 8.42 -2.66
N MET C 1 6.77 -10.09 -6.05
CA MET C 1 5.76 -9.36 -6.86
C MET C 1 4.94 -10.35 -7.70
N PHE C 2 4.84 -11.58 -7.26
CA PHE C 2 4.07 -12.59 -8.02
C PHE C 2 3.80 -13.82 -7.16
N ASN C 3 2.57 -14.24 -7.08
CA ASN C 3 2.24 -15.45 -6.25
C ASN C 3 1.63 -16.54 -7.12
N ASP C 4 1.54 -17.75 -6.61
CA ASP C 4 0.95 -18.86 -7.40
C ASP C 4 -0.54 -18.63 -7.62
N ARG C 5 -0.90 -17.60 -8.33
CA ARG C 5 -2.33 -17.30 -8.58
C ARG C 5 -2.46 -16.00 -9.39
N VAL C 6 -1.57 -15.07 -9.16
CA VAL C 6 -1.61 -13.79 -9.92
C VAL C 6 -0.22 -13.17 -10.00
N ILE C 7 0.00 -12.30 -10.95
CA ILE C 7 1.35 -11.67 -11.07
C ILE C 7 1.21 -10.16 -11.29
N VAL C 8 2.25 -9.42 -11.00
CA VAL C 8 2.17 -7.94 -11.19
C VAL C 8 2.82 -7.52 -12.50
N LYS C 9 2.05 -7.00 -13.42
CA LYS C 9 2.62 -6.54 -14.71
C LYS C 9 2.15 -5.09 -14.96
N LYS C 10 2.96 -4.20 -15.49
CA LYS C 10 4.36 -4.53 -15.94
C LYS C 10 4.34 -5.74 -16.88
N SER C 11 3.59 -5.66 -17.94
CA SER C 11 3.50 -6.79 -18.89
C SER C 11 4.23 -6.45 -20.21
N PRO C 12 4.29 -7.42 -21.09
CA PRO C 12 4.98 -7.19 -22.39
C PRO C 12 4.20 -6.20 -23.25
N LEU C 13 2.94 -6.02 -22.96
CA LEU C 13 2.12 -5.06 -23.77
C LEU C 13 0.95 -4.55 -22.94
N GLY C 14 1.21 -3.99 -21.79
CA GLY C 14 0.10 -3.47 -20.94
C GLY C 14 0.64 -2.36 -20.03
N GLY C 15 0.11 -2.25 -18.83
CA GLY C 15 0.59 -1.19 -17.90
C GLY C 15 0.81 -1.80 -16.51
N TYR C 16 0.88 -0.97 -15.51
CA TYR C 16 1.08 -1.51 -14.13
C TYR C 16 -0.23 -2.06 -13.57
N GLY C 17 -0.80 -3.03 -14.23
CA GLY C 17 -2.07 -3.65 -13.72
C GLY C 17 -1.74 -5.03 -13.14
N VAL C 18 -2.73 -5.84 -12.91
CA VAL C 18 -2.43 -7.20 -12.36
C VAL C 18 -2.80 -8.26 -13.40
N PHE C 19 -1.91 -9.19 -13.66
CA PHE C 19 -2.20 -10.23 -14.68
C PHE C 19 -2.91 -11.42 -14.06
N ALA C 20 -3.85 -11.99 -14.77
CA ALA C 20 -4.60 -13.15 -14.23
C ALA C 20 -3.95 -14.46 -14.67
N ARG C 21 -3.08 -15.01 -13.87
CA ARG C 21 -2.45 -16.31 -14.24
C ARG C 21 -3.51 -17.42 -14.25
N LYS C 22 -4.66 -17.16 -13.67
CA LYS C 22 -5.75 -18.18 -13.67
C LYS C 22 -6.87 -17.70 -14.60
N SER C 23 -7.95 -18.44 -14.79
CA SER C 23 -8.15 -19.73 -14.06
C SER C 23 -9.13 -19.54 -12.92
N PHE C 24 -9.93 -18.50 -12.97
CA PHE C 24 -10.90 -18.25 -11.87
C PHE C 24 -12.34 -18.40 -12.38
N GLU C 25 -13.27 -18.58 -11.48
CA GLU C 25 -14.69 -18.71 -11.89
C GLU C 25 -15.42 -17.37 -11.70
N LYS C 26 -16.63 -17.28 -12.19
CA LYS C 26 -17.38 -16.00 -12.05
C LYS C 26 -17.83 -15.80 -10.60
N GLY C 27 -17.00 -15.19 -9.79
CA GLY C 27 -17.39 -14.97 -8.37
C GLY C 27 -16.34 -15.60 -7.45
N GLU C 28 -15.09 -15.28 -7.65
CA GLU C 28 -14.03 -15.86 -6.79
C GLU C 28 -13.15 -14.74 -6.20
N LEU C 29 -12.82 -14.83 -4.94
CA LEU C 29 -11.98 -13.78 -4.32
C LEU C 29 -10.57 -13.82 -4.92
N VAL C 30 -10.16 -12.77 -5.56
CA VAL C 30 -8.79 -12.72 -6.15
C VAL C 30 -7.86 -11.96 -5.21
N GLU C 31 -7.31 -12.64 -4.24
CA GLU C 31 -6.40 -11.97 -3.26
C GLU C 31 -7.14 -10.83 -2.55
N GLU C 32 -6.46 -10.12 -1.69
CA GLU C 32 -7.12 -9.01 -0.96
C GLU C 32 -6.09 -7.96 -0.54
N CYS C 33 -6.51 -6.77 -0.24
CA CYS C 33 -5.53 -5.71 0.14
C CYS C 33 -6.16 -4.70 1.09
N LEU C 34 -5.35 -3.96 1.80
CA LEU C 34 -5.90 -2.93 2.74
C LEU C 34 -5.91 -1.56 2.06
N CYS C 35 -6.42 -0.55 2.72
CA CYS C 35 -6.46 0.80 2.09
C CYS C 35 -6.34 1.90 3.14
N ILE C 36 -6.10 3.11 2.70
CA ILE C 36 -6.03 4.26 3.65
C ILE C 36 -7.31 5.07 3.55
N VAL C 37 -7.69 5.77 4.57
CA VAL C 37 -8.95 6.57 4.50
C VAL C 37 -8.69 8.00 4.99
N ARG C 38 -8.90 8.96 4.14
CA ARG C 38 -8.68 10.39 4.55
C ARG C 38 -9.82 11.26 4.01
N HIS C 39 -10.17 12.30 4.74
CA HIS C 39 -11.28 13.19 4.28
C HIS C 39 -10.82 14.16 3.20
N ASN C 40 -10.33 13.66 2.10
CA ASN C 40 -9.90 14.57 0.99
C ASN C 40 -8.98 15.69 1.52
N ASP C 41 -9.13 16.90 1.00
CA ASP C 41 -8.27 18.04 1.45
C ASP C 41 -6.81 17.81 1.01
N ASP C 42 -5.85 18.21 1.81
CA ASP C 42 -4.42 18.00 1.42
C ASP C 42 -4.20 16.56 0.95
N TRP C 43 -4.87 15.63 1.56
CA TRP C 43 -4.74 14.21 1.14
C TRP C 43 -5.27 14.07 -0.30
N GLY C 44 -6.27 14.82 -0.64
CA GLY C 44 -6.83 14.74 -2.01
C GLY C 44 -5.76 15.14 -3.02
N THR C 45 -5.28 16.35 -2.94
CA THR C 45 -4.25 16.80 -3.92
C THR C 45 -2.95 16.01 -3.74
N ALA C 46 -2.50 15.83 -2.53
CA ALA C 46 -1.25 15.04 -2.32
C ALA C 46 -1.44 13.64 -2.93
N LEU C 47 -2.41 12.91 -2.43
CA LEU C 47 -2.66 11.56 -2.97
C LEU C 47 -3.76 11.62 -4.05
N GLU C 48 -3.79 12.66 -4.84
CA GLU C 48 -4.84 12.76 -5.90
C GLU C 48 -4.57 11.72 -7.00
N ASP C 49 -4.61 10.47 -6.65
CA ASP C 49 -4.37 9.38 -7.64
C ASP C 49 -4.44 8.03 -6.93
N TYR C 50 -4.94 7.01 -7.59
CA TYR C 50 -5.04 5.68 -6.92
C TYR C 50 -5.89 5.82 -5.64
N LEU C 51 -6.77 6.78 -5.61
CA LEU C 51 -7.59 7.01 -4.39
C LEU C 51 -9.04 6.58 -4.60
N PHE C 52 -9.46 5.55 -3.90
CA PHE C 52 -10.88 5.10 -4.01
C PHE C 52 -11.72 5.84 -2.97
N SER C 53 -12.54 6.76 -3.38
CA SER C 53 -13.34 7.54 -2.40
C SER C 53 -14.80 7.13 -2.41
N ARG C 54 -15.42 7.13 -1.26
CA ARG C 54 -16.86 6.77 -1.18
C ARG C 54 -17.66 7.95 -0.62
N LYS C 55 -18.89 7.74 -0.27
CA LYS C 55 -19.72 8.85 0.27
C LYS C 55 -19.35 9.13 1.72
N ASN C 56 -18.23 9.75 1.94
CA ASN C 56 -17.78 10.07 3.32
C ASN C 56 -16.35 10.62 3.27
N MET C 57 -15.54 10.13 2.38
CA MET C 57 -14.14 10.64 2.26
C MET C 57 -13.39 9.90 1.14
N SER C 58 -12.11 10.17 0.99
CA SER C 58 -11.34 9.49 -0.09
C SER C 58 -10.32 8.52 0.53
N ALA C 59 -10.22 7.34 0.00
CA ALA C 59 -9.25 6.35 0.56
C ALA C 59 -8.19 5.99 -0.49
N MET C 60 -7.20 5.21 -0.11
CA MET C 60 -6.13 4.84 -1.08
C MET C 60 -6.06 3.33 -1.26
N ALA C 61 -5.48 2.88 -2.33
CA ALA C 61 -5.36 1.40 -2.56
C ALA C 61 -4.07 0.88 -1.93
N LEU C 62 -4.17 0.30 -0.76
CA LEU C 62 -2.96 -0.23 -0.07
C LEU C 62 -2.26 -1.29 -0.94
N GLY C 63 -2.75 -2.49 -0.92
CA GLY C 63 -2.10 -3.59 -1.71
C GLY C 63 -2.17 -3.27 -3.21
N PHE C 64 -2.61 -4.21 -4.00
CA PHE C 64 -2.67 -3.97 -5.47
C PHE C 64 -4.03 -3.38 -5.87
N GLY C 65 -4.49 -2.39 -5.15
CA GLY C 65 -5.79 -1.76 -5.49
C GLY C 65 -5.55 -0.59 -6.44
N ALA C 66 -4.35 -0.07 -6.48
CA ALA C 66 -4.07 1.08 -7.38
C ALA C 66 -3.58 0.60 -8.73
N ILE C 67 -2.71 -0.37 -8.76
CA ILE C 67 -2.18 -0.89 -10.06
C ILE C 67 -3.34 -1.18 -11.02
N PHE C 68 -4.50 -1.45 -10.49
CA PHE C 68 -5.68 -1.72 -11.35
C PHE C 68 -5.82 -0.65 -12.43
N ASN C 69 -6.26 -1.03 -13.60
CA ASN C 69 -6.42 -0.02 -14.70
C ASN C 69 -7.89 0.08 -15.14
N HIS C 70 -8.19 0.99 -16.02
CA HIS C 70 -9.59 1.12 -16.49
C HIS C 70 -9.75 0.48 -17.87
N SER C 71 -10.44 -0.62 -17.95
CA SER C 71 -10.62 -1.29 -19.26
C SER C 71 -12.10 -1.49 -19.57
N LYS C 72 -12.48 -1.42 -20.82
CA LYS C 72 -13.90 -1.60 -21.19
C LYS C 72 -14.41 -2.96 -20.71
N ASP C 73 -15.49 -2.99 -19.98
CA ASP C 73 -16.03 -4.29 -19.49
C ASP C 73 -14.93 -5.06 -18.75
N PRO C 74 -14.56 -4.58 -17.59
CA PRO C 74 -13.50 -5.24 -16.78
C PRO C 74 -13.92 -6.68 -16.43
N ASN C 75 -13.03 -7.42 -15.84
CA ASN C 75 -13.36 -8.83 -15.46
C ASN C 75 -13.31 -9.01 -13.94
N ALA C 76 -12.75 -8.07 -13.23
CA ALA C 76 -12.67 -8.19 -11.75
C ALA C 76 -13.20 -6.92 -11.08
N ARG C 77 -13.87 -7.06 -9.96
CA ARG C 77 -14.41 -5.87 -9.27
C ARG C 77 -13.84 -5.77 -7.86
N HIS C 78 -14.00 -4.65 -7.20
CA HIS C 78 -13.44 -4.50 -5.83
C HIS C 78 -14.57 -4.46 -4.78
N GLU C 79 -14.25 -4.76 -3.56
CA GLU C 79 -15.29 -4.73 -2.48
C GLU C 79 -14.77 -3.98 -1.27
N LEU C 80 -15.57 -3.14 -0.67
CA LEU C 80 -15.10 -2.39 0.53
C LEU C 80 -15.91 -2.81 1.76
N THR C 81 -15.28 -2.85 2.91
CA THR C 81 -16.00 -3.25 4.15
C THR C 81 -17.26 -2.39 4.33
N ALA C 82 -17.10 -1.20 4.81
CA ALA C 82 -18.28 -0.31 5.02
C ALA C 82 -17.84 1.15 5.16
N GLY C 83 -17.04 1.45 6.14
CA GLY C 83 -16.60 2.86 6.33
C GLY C 83 -15.19 3.03 5.77
N LEU C 84 -14.91 2.48 4.62
CA LEU C 84 -13.56 2.61 4.01
C LEU C 84 -12.49 2.04 4.94
N LYS C 85 -11.82 0.99 4.53
CA LYS C 85 -10.76 0.38 5.37
C LYS C 85 -10.09 -0.77 4.63
N ARG C 86 -10.70 -1.94 4.64
CA ARG C 86 -10.11 -3.09 3.92
C ARG C 86 -11.01 -3.48 2.75
N MET C 87 -10.43 -3.83 1.63
CA MET C 87 -11.28 -4.22 0.46
C MET C 87 -10.69 -5.44 -0.24
N ARG C 88 -11.43 -6.02 -1.15
CA ARG C 88 -10.93 -7.25 -1.84
C ARG C 88 -11.10 -7.11 -3.36
N ILE C 89 -10.70 -8.12 -4.10
CA ILE C 89 -10.86 -8.07 -5.58
C ILE C 89 -11.53 -9.36 -6.06
N PHE C 90 -12.76 -9.29 -6.48
CA PHE C 90 -13.46 -10.52 -6.94
C PHE C 90 -13.41 -10.63 -8.46
N THR C 91 -14.14 -11.56 -9.01
CA THR C 91 -14.16 -11.72 -10.49
C THR C 91 -15.60 -11.73 -11.01
N ILE C 92 -16.07 -10.61 -11.50
CA ILE C 92 -17.47 -10.56 -12.02
C ILE C 92 -17.67 -11.56 -13.16
N LYS C 93 -16.59 -12.04 -13.74
CA LYS C 93 -16.72 -13.01 -14.86
C LYS C 93 -15.53 -13.98 -14.85
N PRO C 94 -15.72 -15.14 -15.45
CA PRO C 94 -14.64 -16.15 -15.51
C PRO C 94 -13.39 -15.55 -16.17
N ILE C 95 -12.23 -15.91 -15.70
CA ILE C 95 -10.98 -15.36 -16.31
C ILE C 95 -10.06 -16.49 -16.76
N ALA C 96 -9.40 -16.32 -17.88
CA ALA C 96 -8.49 -17.37 -18.39
C ALA C 96 -7.07 -17.19 -17.85
N ILE C 97 -6.32 -18.25 -17.75
CA ILE C 97 -4.93 -18.15 -17.23
C ILE C 97 -4.15 -17.01 -17.88
N GLY C 98 -4.53 -16.63 -19.08
CA GLY C 98 -3.82 -15.52 -19.77
C GLY C 98 -4.74 -14.31 -19.85
N GLU C 99 -5.16 -13.78 -18.73
CA GLU C 99 -6.09 -12.61 -18.75
C GLU C 99 -5.44 -11.39 -18.12
N GLU C 100 -6.00 -10.24 -18.35
CA GLU C 100 -5.48 -8.99 -17.71
C GLU C 100 -6.50 -8.48 -16.70
N ILE C 101 -6.16 -8.47 -15.45
CA ILE C 101 -7.14 -8.04 -14.42
C ILE C 101 -7.07 -6.53 -14.20
N THR C 102 -8.21 -5.87 -14.28
CA THR C 102 -8.27 -4.40 -14.09
C THR C 102 -9.69 -4.01 -13.65
N ILE C 103 -9.83 -2.99 -12.85
CA ILE C 103 -11.19 -2.59 -12.39
C ILE C 103 -11.56 -1.20 -12.92
N SER C 104 -12.83 -0.91 -13.04
CA SER C 104 -13.24 0.43 -13.53
C SER C 104 -13.43 1.38 -12.34
N TYR C 105 -13.91 2.58 -12.60
CA TYR C 105 -14.11 3.54 -11.48
C TYR C 105 -15.57 4.00 -11.43
N GLY C 106 -16.00 4.72 -12.43
CA GLY C 106 -17.42 5.19 -12.44
C GLY C 106 -17.61 6.20 -13.59
N ASP C 107 -18.76 6.79 -13.69
CA ASP C 107 -19.01 7.78 -14.77
C ASP C 107 -18.22 9.06 -14.51
N ASP C 108 -18.08 9.43 -13.26
CA ASP C 108 -17.33 10.68 -12.94
C ASP C 108 -15.82 10.48 -13.18
N TYR C 109 -15.20 9.64 -12.40
CA TYR C 109 -13.73 9.41 -12.59
C TYR C 109 -13.48 8.67 -13.91
N TRP C 110 -13.64 9.35 -15.02
CA TRP C 110 -13.39 8.68 -16.32
C TRP C 110 -13.01 9.73 -17.38
N LEU C 111 -13.23 9.42 -18.64
CA LEU C 111 -12.85 10.38 -19.71
C LEU C 111 -13.93 11.47 -19.84
N SER C 112 -15.08 11.14 -20.35
CA SER C 112 -16.16 12.16 -20.49
C SER C 112 -17.54 11.50 -20.55
N ARG C 113 -17.90 10.97 -21.69
CA ARG C 113 -19.24 10.32 -21.80
C ARG C 113 -19.15 9.05 -22.68
N PRO C 114 -18.37 8.11 -22.23
CA PRO C 114 -18.21 6.84 -22.99
C PRO C 114 -19.48 5.99 -22.89
N ARG C 115 -20.08 5.93 -21.73
CA ARG C 115 -21.31 5.13 -21.56
C ARG C 115 -21.09 3.68 -21.99
N LEU C 116 -19.84 3.25 -22.04
CA LEU C 116 -19.54 1.84 -22.44
C LEU C 116 -20.32 1.45 -23.70
N THR C 117 -20.45 2.34 -24.65
CA THR C 117 -21.20 2.01 -25.88
C THR C 117 -20.40 2.42 -27.13
N GLN C 118 -20.26 3.69 -27.35
CA GLN C 118 -19.50 4.16 -28.54
C GLN C 118 -18.89 5.55 -28.29
N ASN C 119 -18.10 5.67 -27.26
CA ASN C 119 -17.48 7.00 -26.96
C ASN C 119 -18.56 8.08 -26.86
N GLY D 1 -16.30 18.95 -31.24
CA GLY D 1 -15.29 19.82 -31.92
C GLY D 1 -13.89 19.28 -31.66
N LYS D 2 -13.00 20.12 -31.19
CA LYS D 2 -11.62 19.65 -30.91
C LYS D 2 -10.87 20.69 -30.06
N ALA D 3 -11.36 20.97 -28.89
CA ALA D 3 -10.68 21.98 -28.02
C ALA D 3 -9.70 21.29 -27.08
N PRO D 4 -8.59 21.95 -26.81
CA PRO D 4 -7.57 21.38 -25.90
C PRO D 4 -8.17 21.10 -24.52
N ARG D 5 -9.09 21.92 -24.09
CA ARG D 5 -9.71 21.71 -22.74
C ARG D 5 -8.62 21.62 -21.67
N LYS D 6 -8.16 22.73 -21.17
CA LYS D 6 -7.11 22.70 -20.12
C LYS D 6 -7.69 22.20 -18.80
N GLN D 7 -7.29 21.03 -18.36
CA GLN D 7 -7.81 20.49 -17.07
C GLN D 7 -9.34 20.49 -17.08
N LEU D 8 -9.95 19.97 -16.05
CA LEU D 8 -11.44 19.95 -15.99
C LEU D 8 -11.92 20.50 -14.65
N ALA D 9 -13.21 20.57 -14.45
CA ALA D 9 -13.74 21.10 -13.17
C ALA D 9 -13.16 20.32 -11.99
N THR D 10 -13.30 19.02 -12.00
CA THR D 10 -12.76 18.20 -10.88
C THR D 10 -13.26 18.73 -9.54
N LYS D 11 -14.55 18.87 -9.40
CA LYS D 11 -15.10 19.38 -8.11
C LYS D 11 -14.73 18.44 -6.96
N ALA D 12 -15.26 17.25 -6.97
CA ALA D 12 -14.94 16.28 -5.89
C ALA D 12 -15.58 14.92 -6.18
N ALA D 13 -14.97 14.15 -7.03
CA ALA D 13 -15.55 12.81 -7.36
C ALA D 13 -14.43 11.82 -7.72
N ARG D 14 -13.94 11.10 -6.75
CA ARG D 14 -12.85 10.12 -7.03
C ARG D 14 -13.43 8.86 -7.69
N SER D 16 -15.66 5.71 -8.11
CA SER D 16 -16.94 5.29 -7.49
C SER D 16 -16.69 4.16 -6.48
N ALA D 17 -17.71 3.73 -5.80
CA ALA D 17 -17.53 2.63 -4.80
C ALA D 17 -18.88 1.97 -4.48
N PRO D 18 -18.81 0.84 -3.81
CA PRO D 18 -20.05 0.11 -3.45
C PRO D 18 -20.95 0.99 -2.58
N ALA D 19 -20.39 1.67 -1.63
CA ALA D 19 -21.22 2.56 -0.75
C ALA D 19 -22.39 1.77 -0.16
N THR D 20 -22.17 1.06 0.89
CA THR D 20 -23.27 0.26 1.52
C THR D 20 -23.81 0.98 2.75
N GLY D 21 -25.01 0.65 3.17
CA GLY D 21 -25.57 1.31 4.38
C GLY D 21 -26.08 2.71 4.00
N MET A 1 -3.03 -10.75 1.08
CA MET A 1 -2.09 -10.27 2.14
C MET A 1 -1.74 -11.41 3.09
N PHE A 2 -1.87 -12.63 2.64
CA PHE A 2 -1.54 -13.79 3.52
C PHE A 2 -1.10 -14.99 2.68
N ASN A 3 0.06 -14.92 2.09
CA ASN A 3 0.53 -16.05 1.24
C ASN A 3 2.05 -16.11 1.17
N ASP A 4 2.64 -15.32 0.31
CA ASP A 4 4.13 -15.35 0.09
C ASP A 4 4.91 -15.48 1.40
N ARG A 5 5.12 -16.68 1.86
CA ARG A 5 5.91 -16.91 3.10
C ARG A 5 5.58 -15.91 4.21
N VAL A 6 4.43 -15.27 4.19
CA VAL A 6 4.12 -14.28 5.26
C VAL A 6 2.60 -14.05 5.37
N ILE A 7 2.15 -13.61 6.51
CA ILE A 7 0.70 -13.30 6.68
C ILE A 7 0.55 -12.08 7.59
N VAL A 8 -0.41 -11.23 7.31
CA VAL A 8 -0.58 -10.01 8.13
C VAL A 8 -1.51 -10.27 9.31
N LYS A 9 -1.14 -9.80 10.47
CA LYS A 9 -2.01 -9.99 11.68
C LYS A 9 -1.95 -8.72 12.53
N LYS A 10 -3.03 -8.30 13.18
CA LYS A 10 -4.32 -9.05 13.20
C LYS A 10 -4.08 -10.49 13.64
N SER A 11 -3.50 -10.66 14.80
CA SER A 11 -3.23 -12.02 15.34
C SER A 11 -4.10 -12.28 16.57
N PRO A 12 -3.97 -13.48 17.11
CA PRO A 12 -4.77 -13.83 18.32
C PRO A 12 -4.24 -13.08 19.54
N LEU A 13 -3.01 -12.69 19.51
CA LEU A 13 -2.44 -11.95 20.68
C LEU A 13 -1.43 -10.90 20.18
N GLY A 14 -1.59 -10.43 18.99
CA GLY A 14 -0.63 -9.43 18.44
C GLY A 14 -1.40 -8.25 17.82
N GLY A 15 -0.71 -7.19 17.48
CA GLY A 15 -1.40 -6.02 16.87
C GLY A 15 -1.34 -6.15 15.34
N TYR A 16 -1.23 -5.06 14.64
CA TYR A 16 -1.18 -5.13 13.15
C TYR A 16 0.27 -5.13 12.67
N GLY A 17 0.99 -6.18 12.94
CA GLY A 17 2.40 -6.27 12.49
C GLY A 17 2.52 -7.41 11.46
N VAL A 18 3.70 -7.88 11.19
CA VAL A 18 3.85 -8.98 10.21
C VAL A 18 4.01 -10.32 10.93
N PHE A 19 3.35 -11.33 10.48
CA PHE A 19 3.50 -12.66 11.13
C PHE A 19 4.44 -13.54 10.31
N ALA A 20 5.43 -14.09 10.93
CA ALA A 20 6.41 -14.93 10.19
C ALA A 20 5.96 -16.39 10.15
N ARG A 21 5.35 -16.79 9.07
CA ARG A 21 4.94 -18.22 8.93
C ARG A 21 6.18 -19.08 8.62
N LYS A 22 7.23 -18.46 8.15
CA LYS A 22 8.47 -19.22 7.86
C LYS A 22 9.43 -19.10 9.06
N SER A 23 10.60 -19.69 9.02
CA SER A 23 11.07 -20.46 7.83
C SER A 23 12.06 -19.62 7.03
N PHE A 24 12.71 -18.69 7.67
CA PHE A 24 13.68 -17.81 6.94
C PHE A 24 15.10 -18.02 7.46
N GLU A 25 16.07 -17.65 6.68
CA GLU A 25 17.49 -17.80 7.13
C GLU A 25 18.05 -16.45 7.59
N LYS A 26 19.34 -16.30 7.61
CA LYS A 26 19.93 -15.00 8.05
C LYS A 26 20.27 -14.15 6.83
N GLY A 27 19.33 -13.39 6.35
CA GLY A 27 19.59 -12.54 5.15
C GLY A 27 18.88 -13.13 3.93
N GLU A 28 17.59 -12.90 3.82
CA GLU A 28 16.85 -13.47 2.65
C GLU A 28 15.59 -12.64 2.38
N LEU A 29 15.31 -12.38 1.13
CA LEU A 29 14.09 -11.58 0.80
C LEU A 29 12.86 -12.23 1.45
N VAL A 30 11.84 -11.47 1.73
CA VAL A 30 10.63 -12.06 2.37
C VAL A 30 9.37 -11.49 1.72
N GLU A 31 9.29 -10.20 1.61
CA GLU A 31 8.10 -9.56 1.00
C GLU A 31 8.42 -8.14 0.56
N GLU A 32 8.37 -7.87 -0.72
CA GLU A 32 8.69 -6.51 -1.20
C GLU A 32 7.53 -5.96 -2.03
N CYS A 33 7.26 -4.68 -1.94
CA CYS A 33 6.12 -4.11 -2.71
C CYS A 33 6.49 -2.75 -3.31
N LEU A 34 5.51 -1.96 -3.67
CA LEU A 34 5.78 -0.64 -4.26
C LEU A 34 5.76 0.46 -3.19
N CYS A 35 6.01 1.68 -3.56
CA CYS A 35 5.99 2.79 -2.55
C CYS A 35 5.59 4.10 -3.21
N ILE A 36 5.13 5.05 -2.45
CA ILE A 36 4.74 6.37 -3.05
C ILE A 36 5.80 7.42 -2.70
N VAL A 37 6.60 7.81 -3.65
CA VAL A 37 7.66 8.82 -3.35
C VAL A 37 7.11 10.24 -3.55
N ARG A 38 7.17 11.05 -2.52
CA ARG A 38 6.66 12.45 -2.65
C ARG A 38 7.59 13.41 -1.92
N HIS A 39 7.68 14.63 -2.40
CA HIS A 39 8.59 15.62 -1.73
C HIS A 39 8.11 15.91 -0.31
N ASN A 40 8.71 16.88 0.34
CA ASN A 40 8.30 17.20 1.73
C ASN A 40 7.31 18.38 1.73
N ASP A 41 6.10 18.14 2.14
CA ASP A 41 5.08 19.22 2.17
C ASP A 41 3.77 18.70 2.77
N ASP A 42 2.63 19.07 2.23
CA ASP A 42 1.34 18.54 2.77
C ASP A 42 1.42 17.01 2.89
N TRP A 43 2.23 16.40 2.08
CA TRP A 43 2.42 14.93 2.15
C TRP A 43 3.18 14.58 3.44
N GLY A 44 4.21 15.32 3.74
CA GLY A 44 5.00 15.04 4.97
C GLY A 44 4.06 15.11 6.18
N THR A 45 3.02 15.89 6.09
CA THR A 45 2.07 15.99 7.25
C THR A 45 0.96 14.95 7.12
N ALA A 46 0.14 15.06 6.10
CA ALA A 46 -0.97 14.08 5.93
C ALA A 46 -0.43 12.65 6.07
N LEU A 47 0.51 12.28 5.24
CA LEU A 47 1.12 10.94 5.36
C LEU A 47 2.35 11.00 6.27
N GLU A 48 2.28 11.76 7.33
CA GLU A 48 3.45 11.87 8.24
C GLU A 48 3.75 10.54 8.93
N ASP A 49 2.89 9.57 8.80
CA ASP A 49 3.15 8.25 9.44
C ASP A 49 3.31 7.17 8.37
N TYR A 50 3.75 6.01 8.76
CA TYR A 50 3.92 4.91 7.78
C TYR A 50 4.77 5.38 6.59
N LEU A 51 5.60 6.35 6.79
CA LEU A 51 6.43 6.86 5.65
C LEU A 51 7.92 6.62 5.91
N PHE A 52 8.60 5.99 5.00
CA PHE A 52 10.06 5.81 5.16
C PHE A 52 10.76 7.01 4.53
N SER A 53 11.24 7.91 5.34
CA SER A 53 11.85 9.15 4.78
C SER A 53 13.34 8.96 4.50
N ARG A 54 13.74 9.13 3.27
CA ARG A 54 15.19 8.99 2.93
C ARG A 54 15.84 10.37 2.91
N LYS A 55 17.11 10.43 2.60
CA LYS A 55 17.79 11.75 2.61
C LYS A 55 17.55 12.44 1.27
N ASN A 56 16.41 13.05 1.12
CA ASN A 56 16.07 13.73 -0.15
C ASN A 56 14.55 13.85 -0.28
N MET A 57 13.80 13.00 0.38
CA MET A 57 12.31 13.09 0.30
C MET A 57 11.66 12.06 1.21
N SER A 58 10.34 12.01 1.21
CA SER A 58 9.63 11.03 2.07
C SER A 58 8.72 10.13 1.21
N ALA A 59 8.67 8.86 1.50
CA ALA A 59 7.81 7.96 0.66
C ALA A 59 6.96 7.05 1.55
N MET A 60 5.82 6.62 1.06
CA MET A 60 4.95 5.72 1.87
C MET A 60 5.32 4.26 1.61
N ALA A 61 5.03 3.40 2.54
CA ALA A 61 5.37 1.95 2.37
C ALA A 61 4.23 1.21 1.67
N LEU A 62 4.28 1.10 0.37
CA LEU A 62 3.20 0.38 -0.36
C LEU A 62 3.02 -1.04 0.18
N GLY A 63 4.09 -1.66 0.60
CA GLY A 63 3.99 -3.06 1.11
C GLY A 63 3.65 -3.03 2.61
N PHE A 64 4.30 -3.87 3.38
CA PHE A 64 4.01 -3.90 4.85
C PHE A 64 4.94 -2.94 5.59
N GLY A 65 5.51 -1.98 4.89
CA GLY A 65 6.42 -1.02 5.57
C GLY A 65 5.66 -0.24 6.63
N ALA A 66 4.36 -0.17 6.53
CA ALA A 66 3.57 0.60 7.53
C ALA A 66 3.14 -0.28 8.69
N ILE A 67 2.40 -1.33 8.42
CA ILE A 67 1.93 -2.22 9.52
C ILE A 67 3.08 -2.71 10.40
N PHE A 68 4.30 -2.63 9.93
CA PHE A 68 5.43 -3.11 10.76
C PHE A 68 5.37 -2.54 12.18
N ASN A 69 5.79 -3.29 13.16
CA ASN A 69 5.73 -2.79 14.56
C ASN A 69 7.14 -2.69 15.15
N HIS A 70 7.26 -2.11 16.31
CA HIS A 70 8.61 -1.98 16.94
C HIS A 70 8.88 -3.15 17.88
N SER A 71 10.12 -3.54 18.01
CA SER A 71 10.46 -4.67 18.91
C SER A 71 11.95 -4.64 19.26
N LYS A 72 12.27 -4.75 20.53
CA LYS A 72 13.70 -4.72 20.94
C LYS A 72 14.52 -5.73 20.13
N ASP A 73 13.89 -6.78 19.68
CA ASP A 73 14.64 -7.80 18.89
C ASP A 73 14.06 -7.89 17.47
N PRO A 74 14.39 -6.93 16.65
CA PRO A 74 13.91 -6.92 15.25
C PRO A 74 14.47 -8.11 14.48
N ASN A 75 13.67 -9.12 14.25
CA ASN A 75 14.16 -10.30 13.50
C ASN A 75 14.34 -9.97 12.01
N ALA A 76 13.86 -8.83 11.58
CA ALA A 76 14.01 -8.48 10.14
C ALA A 76 14.17 -6.97 9.98
N ARG A 77 14.69 -6.54 8.86
CA ARG A 77 14.88 -5.09 8.61
C ARG A 77 14.24 -4.68 7.29
N HIS A 78 13.88 -3.43 7.16
CA HIS A 78 13.24 -2.98 5.89
C HIS A 78 14.29 -2.51 4.87
N GLU A 79 14.16 -2.89 3.64
CA GLU A 79 15.14 -2.46 2.61
C GLU A 79 14.46 -1.61 1.55
N LEU A 80 15.21 -0.92 0.74
CA LEU A 80 14.60 -0.07 -0.31
C LEU A 80 15.10 -0.48 -1.69
N THR A 81 14.39 -0.08 -2.72
CA THR A 81 14.79 -0.47 -4.09
C THR A 81 14.78 0.76 -5.01
N ALA A 82 15.91 1.09 -5.57
CA ALA A 82 15.98 2.28 -6.46
C ALA A 82 15.41 3.51 -5.76
N GLY A 83 16.05 3.95 -4.71
CA GLY A 83 15.55 5.14 -3.96
C GLY A 83 14.32 4.75 -3.15
N LEU A 84 13.20 5.37 -3.41
CA LEU A 84 11.97 5.04 -2.65
C LEU A 84 10.89 4.49 -3.60
N LYS A 85 11.29 3.91 -4.70
CA LYS A 85 10.29 3.38 -5.65
C LYS A 85 9.72 2.05 -5.15
N ARG A 86 10.56 1.09 -4.89
CA ARG A 86 10.07 -0.22 -4.39
C ARG A 86 10.64 -0.51 -3.00
N MET A 87 9.94 -1.24 -2.18
CA MET A 87 10.45 -1.54 -0.83
C MET A 87 10.67 -3.06 -0.66
N ARG A 88 11.64 -3.44 0.13
CA ARG A 88 11.90 -4.89 0.33
C ARG A 88 11.90 -5.22 1.83
N ILE A 89 11.77 -6.47 2.17
CA ILE A 89 11.78 -6.86 3.61
C ILE A 89 12.65 -8.10 3.79
N PHE A 90 13.76 -7.96 4.47
CA PHE A 90 14.66 -9.13 4.66
C PHE A 90 14.69 -9.57 6.13
N THR A 91 15.42 -10.60 6.42
CA THR A 91 15.49 -11.08 7.83
C THR A 91 16.94 -11.08 8.33
N ILE A 92 17.33 -10.07 9.06
CA ILE A 92 18.73 -10.02 9.58
C ILE A 92 19.05 -11.33 10.32
N LYS A 93 18.06 -11.96 10.88
CA LYS A 93 18.30 -13.24 11.60
C LYS A 93 17.23 -14.27 11.21
N PRO A 94 17.64 -15.52 11.12
CA PRO A 94 16.69 -16.59 10.75
C PRO A 94 15.42 -16.51 11.61
N ILE A 95 14.28 -16.84 11.04
CA ILE A 95 13.01 -16.75 11.82
C ILE A 95 12.32 -18.11 11.86
N ALA A 96 11.61 -18.39 12.92
CA ALA A 96 10.90 -19.69 13.03
C ALA A 96 9.49 -19.57 12.46
N ILE A 97 8.95 -20.65 11.96
CA ILE A 97 7.59 -20.61 11.37
C ILE A 97 6.57 -20.01 12.34
N GLY A 98 6.87 -20.01 13.61
CA GLY A 98 5.91 -19.44 14.60
C GLY A 98 6.51 -18.16 15.20
N GLU A 99 6.81 -17.18 14.39
CA GLU A 99 7.39 -15.93 14.94
C GLU A 99 6.68 -14.70 14.37
N GLU A 100 7.08 -13.53 14.78
CA GLU A 100 6.45 -12.29 14.24
C GLU A 100 7.51 -11.36 13.67
N ILE A 101 7.32 -10.91 12.46
CA ILE A 101 8.33 -10.02 11.84
C ILE A 101 8.00 -8.55 12.15
N THR A 102 9.00 -7.80 12.57
CA THR A 102 8.77 -6.36 12.89
C THR A 102 10.07 -5.57 12.66
N ILE A 103 9.97 -4.27 12.62
CA ILE A 103 11.21 -3.46 12.40
C ILE A 103 11.22 -2.24 13.33
N SER A 104 12.39 -1.71 13.60
CA SER A 104 12.48 -0.52 14.49
C SER A 104 12.42 0.78 13.68
N TYR A 105 12.81 1.87 14.26
CA TYR A 105 12.78 3.16 13.52
C TYR A 105 14.10 3.90 13.69
N GLY A 106 14.49 4.15 14.91
CA GLY A 106 15.78 4.85 15.16
C GLY A 106 15.69 6.30 14.69
N ASP A 107 16.61 7.13 15.12
CA ASP A 107 16.59 8.55 14.68
C ASP A 107 15.24 9.22 14.96
N ASP A 108 15.18 10.01 16.01
CA ASP A 108 13.91 10.73 16.36
C ASP A 108 12.73 9.78 16.60
N TYR A 109 12.20 9.21 15.55
CA TYR A 109 11.02 8.30 15.69
C TYR A 109 11.15 7.36 16.90
N TRP A 110 10.39 7.60 17.93
CA TRP A 110 10.43 6.73 19.14
C TRP A 110 11.87 6.43 19.56
N LEU A 111 12.09 5.30 20.19
CA LEU A 111 13.46 4.94 20.65
C LEU A 111 14.51 5.19 19.56
N SER A 112 15.63 5.73 19.94
CA SER A 112 16.71 5.98 18.93
C SER A 112 17.94 5.13 19.23
N ARG A 113 18.07 4.68 20.45
CA ARG A 113 19.24 3.82 20.81
C ARG A 113 19.38 2.66 19.82
N PRO A 114 20.43 1.89 19.97
CA PRO A 114 20.68 0.75 19.06
C PRO A 114 19.49 -0.21 19.05
N ARG A 115 19.70 -1.41 18.59
CA ARG A 115 18.58 -2.39 18.51
C ARG A 115 18.76 -3.50 19.55
N LEU A 116 19.13 -3.14 20.75
CA LEU A 116 19.32 -4.18 21.81
C LEU A 116 20.19 -5.32 21.31
N THR A 117 21.47 -5.28 21.58
CA THR A 117 22.36 -6.38 21.12
C THR A 117 22.48 -7.45 22.20
N GLN A 118 22.21 -8.69 21.86
CA GLN A 118 22.31 -9.78 22.87
C GLN A 118 21.46 -9.44 24.10
N ASN A 119 20.17 -9.50 23.98
CA ASN A 119 19.29 -9.18 25.15
C ASN A 119 19.22 -10.37 26.10
N GLY B 1 1.36 31.26 32.66
CA GLY B 1 1.71 29.85 32.97
C GLY B 1 0.94 28.92 32.03
N LYS B 2 -0.01 28.18 32.54
CA LYS B 2 -0.80 27.26 31.67
C LYS B 2 0.14 26.35 30.88
N ALA B 3 -0.40 25.43 30.12
CA ALA B 3 0.46 24.51 29.33
C ALA B 3 1.49 23.82 30.25
N PRO B 4 1.00 22.99 31.13
CA PRO B 4 1.90 22.26 32.07
C PRO B 4 2.93 21.45 31.30
N ARG B 5 4.06 22.03 30.97
CA ARG B 5 5.10 21.29 30.23
C ARG B 5 4.50 20.65 28.96
N LYS B 6 3.97 21.44 28.09
CA LYS B 6 3.36 20.89 26.84
C LYS B 6 3.98 21.54 25.61
N GLN B 7 5.27 21.42 25.44
CA GLN B 7 5.93 22.04 24.26
C GLN B 7 7.38 21.58 24.16
N LEU B 8 7.63 20.51 23.43
CA LEU B 8 9.02 20.01 23.30
C LEU B 8 9.42 19.95 21.82
N ALA B 9 8.53 19.53 20.98
CA ALA B 9 8.86 19.45 19.52
C ALA B 9 7.57 19.53 18.68
N THR B 10 7.70 19.71 17.40
CA THR B 10 6.49 19.80 16.54
C THR B 10 6.59 18.81 15.37
N LYS B 11 7.74 18.71 14.77
CA LYS B 11 7.90 17.78 13.62
C LYS B 11 8.88 16.66 13.97
N ALA B 12 8.91 15.61 13.21
CA ALA B 12 9.84 14.49 13.50
C ALA B 12 10.74 14.22 12.29
N ALA B 13 11.48 13.14 12.33
CA ALA B 13 12.37 12.82 11.17
C ALA B 13 11.91 11.51 10.51
N ARG B 14 10.64 11.20 10.59
CA ARG B 14 10.14 9.96 9.96
C ARG B 14 11.00 8.76 10.34
N SER B 16 14.12 6.45 10.13
CA SER B 16 15.52 6.57 9.62
C SER B 16 15.71 5.70 8.38
N ALA B 17 16.82 5.84 7.71
CA ALA B 17 17.07 5.00 6.50
C ALA B 17 18.42 4.29 6.62
N PRO B 18 18.48 3.09 6.10
CA PRO B 18 19.74 2.30 6.18
C PRO B 18 20.80 2.87 5.23
N ALA B 19 21.81 2.12 4.93
CA ALA B 19 22.88 2.62 4.02
C ALA B 19 22.93 1.78 2.74
N THR B 20 22.46 2.31 1.65
CA THR B 20 22.48 1.54 0.37
C THR B 20 22.48 2.50 -0.82
N GLY B 21 22.04 2.03 -1.97
CA GLY B 21 22.01 2.91 -3.17
C GLY B 21 20.99 4.03 -2.95
N MET C 1 5.13 -9.27 -3.99
CA MET C 1 4.07 -8.75 -4.89
C MET C 1 3.88 -9.67 -6.10
N PHE C 2 4.26 -10.91 -5.97
CA PHE C 2 4.10 -11.86 -7.11
C PHE C 2 3.94 -13.28 -6.58
N ASN C 3 2.81 -13.59 -6.01
CA ASN C 3 2.61 -14.96 -5.47
C ASN C 3 1.12 -15.32 -5.39
N ASP C 4 0.44 -14.89 -4.36
CA ASP C 4 -1.00 -15.25 -4.15
C ASP C 4 -1.82 -15.20 -5.46
N ARG C 5 -1.82 -16.27 -6.20
CA ARG C 5 -2.62 -16.34 -7.46
C ARG C 5 -2.53 -15.05 -8.29
N VAL C 6 -1.53 -14.23 -8.10
CA VAL C 6 -1.45 -12.97 -8.90
C VAL C 6 -0.01 -12.44 -8.95
N ILE C 7 0.29 -11.65 -9.95
CA ILE C 7 1.64 -11.04 -10.03
C ILE C 7 1.54 -9.63 -10.62
N VAL C 8 2.32 -8.71 -10.12
CA VAL C 8 2.23 -7.31 -10.62
C VAL C 8 3.14 -7.10 -11.83
N LYS C 9 2.63 -6.44 -12.84
CA LYS C 9 3.45 -6.16 -14.05
C LYS C 9 3.12 -4.74 -14.57
N LYS C 10 4.07 -3.98 -15.09
CA LYS C 10 5.47 -4.45 -15.30
C LYS C 10 5.48 -5.75 -16.09
N SER C 11 4.89 -5.74 -17.25
CA SER C 11 4.84 -6.95 -18.11
C SER C 11 5.68 -6.74 -19.37
N PRO C 12 5.74 -7.76 -20.20
CA PRO C 12 6.52 -7.66 -21.45
C PRO C 12 5.81 -6.74 -22.45
N LEU C 13 4.52 -6.61 -22.32
CA LEU C 13 3.78 -5.72 -23.26
C LEU C 13 2.62 -5.05 -22.52
N GLY C 14 2.75 -4.86 -21.24
CA GLY C 14 1.65 -4.21 -20.46
C GLY C 14 2.22 -3.12 -19.56
N GLY C 15 1.37 -2.32 -18.97
CA GLY C 15 1.86 -1.22 -18.09
C GLY C 15 1.91 -1.73 -16.63
N TYR C 16 1.63 -0.89 -15.69
CA TYR C 16 1.67 -1.33 -14.26
C TYR C 16 0.27 -1.72 -13.79
N GLY C 17 -0.25 -2.80 -14.32
CA GLY C 17 -1.60 -3.26 -13.89
C GLY C 17 -1.45 -4.61 -13.18
N VAL C 18 -2.52 -5.35 -13.03
CA VAL C 18 -2.41 -6.67 -12.35
C VAL C 18 -2.37 -7.79 -13.40
N PHE C 19 -1.50 -8.74 -13.21
CA PHE C 19 -1.44 -9.87 -14.18
C PHE C 19 -2.16 -11.09 -13.60
N ALA C 20 -3.07 -11.65 -14.35
CA ALA C 20 -3.84 -12.81 -13.83
C ALA C 20 -3.12 -14.13 -14.15
N ARG C 21 -2.39 -14.66 -13.21
CA ARG C 21 -1.72 -15.97 -13.43
C ARG C 21 -2.76 -17.09 -13.34
N LYS C 22 -3.88 -16.83 -12.73
CA LYS C 22 -4.96 -17.85 -12.63
C LYS C 22 -5.98 -17.63 -13.76
N SER C 23 -7.02 -18.42 -13.87
CA SER C 23 -7.27 -19.54 -12.91
C SER C 23 -8.37 -19.12 -11.92
N PHE C 24 -9.20 -18.20 -12.30
CA PHE C 24 -10.28 -17.73 -11.37
C PHE C 24 -11.67 -18.07 -11.93
N GLU C 25 -12.65 -18.09 -11.07
CA GLU C 25 -14.03 -18.40 -11.54
C GLU C 25 -14.84 -17.10 -11.65
N LYS C 26 -16.15 -17.20 -11.63
CA LYS C 26 -16.98 -15.97 -11.72
C LYS C 26 -17.42 -15.52 -10.33
N GLY C 27 -16.60 -14.74 -9.67
CA GLY C 27 -16.96 -14.27 -8.30
C GLY C 27 -16.10 -15.00 -7.27
N GLU C 28 -14.87 -14.58 -7.11
CA GLU C 28 -13.97 -15.25 -6.14
C GLU C 28 -12.88 -14.29 -5.65
N LEU C 29 -12.57 -14.29 -4.38
CA LEU C 29 -11.51 -13.39 -3.87
C LEU C 29 -10.22 -13.62 -4.66
N VAL C 30 -9.37 -12.63 -4.75
CA VAL C 30 -8.11 -12.80 -5.52
C VAL C 30 -6.94 -12.17 -4.76
N GLU C 31 -7.10 -10.96 -4.32
CA GLU C 31 -6.00 -10.29 -3.57
C GLU C 31 -6.57 -9.10 -2.79
N GLU C 32 -6.49 -9.16 -1.49
CA GLU C 32 -7.04 -8.04 -0.68
C GLU C 32 -5.94 -7.49 0.26
N CYS C 33 -5.93 -6.20 0.50
CA CYS C 33 -4.87 -5.63 1.37
C CYS C 33 -5.46 -4.56 2.30
N LEU C 34 -4.61 -3.71 2.84
CA LEU C 34 -5.09 -2.64 3.75
C LEU C 34 -5.33 -1.35 2.98
N CYS C 35 -5.77 -0.31 3.64
CA CYS C 35 -6.01 0.99 2.95
C CYS C 35 -5.84 2.15 3.92
N ILE C 36 -5.59 3.32 3.42
CA ILE C 36 -5.43 4.51 4.32
C ILE C 36 -6.67 5.39 4.25
N VAL C 37 -7.49 5.38 5.26
CA VAL C 37 -8.71 6.21 5.24
C VAL C 37 -8.43 7.61 5.78
N ARG C 38 -8.69 8.62 5.00
CA ARG C 38 -8.43 10.01 5.45
C ARG C 38 -9.56 10.95 5.00
N HIS C 39 -9.86 11.95 5.77
CA HIS C 39 -10.95 12.89 5.38
C HIS C 39 -10.61 13.61 4.07
N ASN C 40 -11.41 14.57 3.69
CA ASN C 40 -11.14 15.31 2.42
C ASN C 40 -10.39 16.61 2.71
N ASP C 41 -9.17 16.71 2.25
CA ASP C 41 -8.37 17.94 2.50
C ASP C 41 -7.02 17.83 1.77
N ASP C 42 -5.95 18.28 2.38
CA ASP C 42 -4.61 18.15 1.72
C ASP C 42 -4.41 16.72 1.23
N TRP C 43 -5.06 15.78 1.87
CA TRP C 43 -4.97 14.36 1.43
C TRP C 43 -5.72 14.20 0.10
N GLY C 44 -6.88 14.78 -0.01
CA GLY C 44 -7.66 14.67 -1.28
C GLY C 44 -6.82 15.21 -2.43
N THR C 45 -5.93 16.13 -2.16
CA THR C 45 -5.08 16.68 -3.25
C THR C 45 -3.78 15.88 -3.39
N ALA C 46 -2.95 15.89 -2.38
CA ALA C 46 -1.67 15.12 -2.47
C ALA C 46 -1.95 13.70 -2.94
N LEU C 47 -2.77 12.97 -2.24
CA LEU C 47 -3.12 11.60 -2.69
C LEU C 47 -4.39 11.66 -3.54
N GLU C 48 -4.51 12.64 -4.39
CA GLU C 48 -5.74 12.76 -5.23
C GLU C 48 -5.82 11.61 -6.24
N ASP C 49 -4.79 10.81 -6.36
CA ASP C 49 -4.84 9.66 -7.31
C ASP C 49 -4.74 8.34 -6.54
N TYR C 50 -4.98 7.24 -7.21
CA TYR C 50 -4.90 5.93 -6.53
C TYR C 50 -5.76 5.92 -5.26
N LEU C 51 -6.76 6.74 -5.21
CA LEU C 51 -7.62 6.78 -3.98
C LEU C 51 -9.05 6.35 -4.29
N PHE C 52 -9.54 5.38 -3.56
CA PHE C 52 -10.96 4.98 -3.75
C PHE C 52 -11.83 5.84 -2.84
N SER C 53 -12.51 6.80 -3.40
CA SER C 53 -13.30 7.72 -2.54
C SER C 53 -14.71 7.19 -2.31
N ARG C 54 -15.08 6.97 -1.07
CA ARG C 54 -16.45 6.48 -0.77
C ARG C 54 -17.35 7.65 -0.39
N LYS C 55 -18.60 7.41 -0.13
CA LYS C 55 -19.51 8.52 0.24
C LYS C 55 -19.32 8.90 1.71
N ASN C 56 -18.30 9.66 2.00
CA ASN C 56 -18.03 10.06 3.39
C ASN C 56 -16.56 10.45 3.55
N MET C 57 -15.70 9.94 2.69
CA MET C 57 -14.25 10.28 2.80
C MET C 57 -13.46 9.65 1.64
N SER C 58 -12.17 9.84 1.63
CA SER C 58 -11.33 9.26 0.55
C SER C 58 -10.23 8.38 1.16
N ALA C 59 -9.96 7.25 0.56
CA ALA C 59 -8.91 6.35 1.13
C ALA C 59 -7.95 5.86 0.05
N MET C 60 -6.73 5.54 0.41
CA MET C 60 -5.75 5.05 -0.60
C MET C 60 -5.83 3.53 -0.72
N ALA C 61 -5.45 2.99 -1.85
CA ALA C 61 -5.50 1.51 -2.02
C ALA C 61 -4.21 0.86 -1.55
N LEU C 62 -4.17 0.42 -0.31
CA LEU C 62 -2.95 -0.23 0.22
C LEU C 62 -2.55 -1.43 -0.67
N GLY C 63 -3.50 -2.11 -1.22
CA GLY C 63 -3.17 -3.30 -2.07
C GLY C 63 -2.91 -2.84 -3.51
N PHE C 64 -3.44 -3.57 -4.47
CA PHE C 64 -3.23 -3.18 -5.89
C PHE C 64 -4.34 -2.26 -6.37
N GLY C 65 -5.05 -1.63 -5.46
CA GLY C 65 -6.16 -0.72 -5.87
C GLY C 65 -5.61 0.43 -6.71
N ALA C 66 -4.33 0.71 -6.59
CA ALA C 66 -3.74 1.84 -7.37
C ALA C 66 -3.22 1.37 -8.72
N ILE C 67 -2.30 0.44 -8.72
CA ILE C 67 -1.72 -0.04 -10.00
C ILE C 67 -2.81 -0.51 -10.98
N PHE C 68 -3.99 -0.78 -10.50
CA PHE C 68 -5.07 -1.25 -11.42
C PHE C 68 -5.17 -0.35 -12.65
N ASN C 69 -5.51 -0.90 -13.78
CA ASN C 69 -5.61 -0.07 -15.01
C ASN C 69 -7.05 -0.09 -15.56
N HIS C 70 -7.33 0.72 -16.54
CA HIS C 70 -8.70 0.74 -17.11
C HIS C 70 -8.81 -0.19 -18.31
N SER C 71 -9.96 -0.77 -18.53
CA SER C 71 -10.13 -1.69 -19.68
C SER C 71 -11.62 -1.85 -20.01
N LYS C 72 -11.97 -1.72 -21.27
CA LYS C 72 -13.40 -1.85 -21.66
C LYS C 72 -13.98 -3.16 -21.12
N ASP C 73 -13.15 -4.16 -20.95
CA ASP C 73 -13.66 -5.46 -20.43
C ASP C 73 -13.01 -5.79 -19.08
N PRO C 74 -13.47 -5.14 -18.04
CA PRO C 74 -12.91 -5.38 -16.69
C PRO C 74 -13.21 -6.81 -16.24
N ASN C 75 -12.23 -7.67 -16.27
CA ASN C 75 -12.46 -9.08 -15.84
C ASN C 75 -12.62 -9.16 -14.32
N ALA C 76 -12.33 -8.09 -13.62
CA ALA C 76 -12.46 -8.13 -12.13
C ALA C 76 -12.91 -6.77 -11.60
N ARG C 77 -13.43 -6.74 -10.40
CA ARG C 77 -13.88 -5.45 -9.80
C ARG C 77 -13.25 -5.26 -8.42
N HIS C 78 -13.12 -4.04 -7.98
CA HIS C 78 -12.51 -3.80 -6.64
C HIS C 78 -13.57 -3.80 -5.54
N GLU C 79 -13.31 -4.45 -4.44
CA GLU C 79 -14.30 -4.47 -3.34
C GLU C 79 -13.73 -3.79 -2.10
N LEU C 80 -14.56 -3.48 -1.14
CA LEU C 80 -14.06 -2.80 0.09
C LEU C 80 -14.40 -3.64 1.33
N THR C 81 -13.72 -3.38 2.41
CA THR C 81 -13.98 -4.16 3.65
C THR C 81 -14.16 -3.21 4.84
N ALA C 82 -15.30 -3.25 5.48
CA ALA C 82 -15.53 -2.35 6.65
C ALA C 82 -15.24 -0.90 6.26
N GLY C 83 -16.00 -0.35 5.36
CA GLY C 83 -15.76 1.06 4.93
C GLY C 83 -14.53 1.12 4.05
N LEU C 84 -13.52 1.86 4.45
CA LEU C 84 -12.28 1.97 3.63
C LEU C 84 -11.09 1.42 4.40
N LYS C 85 -11.32 0.53 5.32
CA LYS C 85 -10.19 -0.04 6.11
C LYS C 85 -9.41 -1.06 5.29
N ARG C 86 -10.08 -2.06 4.80
CA ARG C 86 -9.37 -3.09 3.98
C ARG C 86 -9.96 -3.15 2.57
N MET C 87 -9.17 -3.50 1.60
CA MET C 87 -9.69 -3.55 0.20
C MET C 87 -9.64 -4.98 -0.33
N ARG C 88 -10.56 -5.35 -1.19
CA ARG C 88 -10.56 -6.72 -1.75
C ARG C 88 -10.57 -6.67 -3.28
N ILE C 89 -10.23 -7.75 -3.92
CA ILE C 89 -10.24 -7.77 -5.41
C ILE C 89 -10.89 -9.08 -5.89
N PHE C 90 -12.03 -8.99 -6.52
CA PHE C 90 -12.72 -10.22 -6.98
C PHE C 90 -12.74 -10.29 -8.52
N THR C 91 -13.28 -11.34 -9.06
CA THR C 91 -13.33 -11.45 -10.55
C THR C 91 -14.78 -11.61 -11.02
N ILE C 92 -15.39 -10.54 -11.47
CA ILE C 92 -16.80 -10.64 -11.96
C ILE C 92 -16.92 -11.75 -13.01
N LYS C 93 -15.85 -12.03 -13.71
CA LYS C 93 -15.90 -13.11 -14.72
C LYS C 93 -14.63 -13.98 -14.61
N PRO C 94 -14.80 -15.26 -14.84
CA PRO C 94 -13.65 -16.20 -14.76
C PRO C 94 -12.46 -15.67 -15.56
N ILE C 95 -11.26 -15.91 -15.10
CA ILE C 95 -10.07 -15.40 -15.84
C ILE C 95 -9.14 -16.54 -16.22
N ALA C 96 -8.45 -16.42 -17.32
CA ALA C 96 -7.52 -17.50 -17.76
C ALA C 96 -6.13 -17.25 -17.17
N ILE C 97 -5.37 -18.30 -16.96
CA ILE C 97 -4.01 -18.15 -16.37
C ILE C 97 -3.17 -17.14 -17.18
N GLY C 98 -3.54 -16.89 -18.40
CA GLY C 98 -2.75 -15.92 -19.22
C GLY C 98 -3.59 -14.67 -19.49
N GLU C 99 -4.02 -14.00 -18.46
CA GLU C 99 -4.86 -12.78 -18.67
C GLU C 99 -4.36 -11.62 -17.81
N GLU C 100 -4.98 -10.48 -17.91
CA GLU C 100 -4.56 -9.31 -17.09
C GLU C 100 -5.75 -8.77 -16.29
N ILE C 101 -5.58 -8.61 -15.01
CA ILE C 101 -6.71 -8.09 -14.18
C ILE C 101 -6.67 -6.57 -14.11
N THR C 102 -7.80 -5.95 -14.33
CA THR C 102 -7.86 -4.45 -14.28
C THR C 102 -9.26 -4.00 -13.86
N ILE C 103 -9.41 -2.76 -13.50
CA ILE C 103 -10.75 -2.27 -13.07
C ILE C 103 -11.04 -0.89 -13.67
N SER C 104 -12.29 -0.54 -13.78
CA SER C 104 -12.64 0.79 -14.36
C SER C 104 -12.78 1.83 -13.24
N TYR C 105 -13.40 2.94 -13.54
CA TYR C 105 -13.56 3.99 -12.49
C TYR C 105 -15.01 4.49 -12.48
N GLY C 106 -15.50 4.95 -13.59
CA GLY C 106 -16.91 5.44 -13.66
C GLY C 106 -17.06 6.72 -12.83
N ASP C 107 -18.12 7.43 -13.04
CA ASP C 107 -18.36 8.69 -12.26
C ASP C 107 -17.16 9.64 -12.37
N ASP C 108 -17.29 10.66 -13.19
CA ASP C 108 -16.21 11.69 -13.35
C ASP C 108 -14.89 11.05 -13.82
N TYR C 109 -14.20 10.36 -12.95
CA TYR C 109 -12.88 9.75 -13.32
C TYR C 109 -12.91 9.13 -14.72
N TRP C 110 -12.25 9.76 -15.66
CA TRP C 110 -12.20 9.21 -17.05
C TRP C 110 -13.58 8.75 -17.53
N LEU C 111 -13.61 7.79 -18.41
CA LEU C 111 -14.93 7.30 -18.96
C LEU C 111 -15.94 7.08 -17.83
N SER C 112 -17.17 7.46 -18.06
CA SER C 112 -18.21 7.27 -17.01
C SER C 112 -19.28 6.29 -17.51
N ARG C 113 -19.39 6.12 -18.81
CA ARG C 113 -20.39 5.18 -19.38
C ARG C 113 -20.27 3.81 -18.70
N PRO C 114 -21.18 2.93 -19.04
CA PRO C 114 -21.17 1.56 -18.44
C PRO C 114 -19.82 0.88 -18.67
N ARG C 115 -19.77 -0.42 -18.52
CA ARG C 115 -18.49 -1.15 -18.71
C ARG C 115 -18.53 -1.99 -19.99
N LEU C 116 -19.02 -1.43 -21.05
CA LEU C 116 -19.07 -2.19 -22.34
C LEU C 116 -19.69 -3.57 -22.14
N THR C 117 -20.95 -3.71 -22.38
CA THR C 117 -21.62 -5.04 -22.21
C THR C 117 -21.58 -5.81 -23.53
N GLN C 118 -21.09 -7.02 -23.50
CA GLN C 118 -21.02 -7.83 -24.75
C GLN C 118 -20.33 -7.04 -25.86
N ASN C 119 -19.03 -6.88 -25.77
CA ASN C 119 -18.29 -6.13 -26.81
C ASN C 119 -18.05 -7.01 -28.04
N GLY D 1 -8.46 37.58 -24.03
CA GLY D 1 -8.55 36.24 -24.68
C GLY D 1 -7.58 35.28 -24.00
N LYS D 2 -6.55 34.88 -24.69
CA LYS D 2 -5.57 33.94 -24.07
C LYS D 2 -6.28 32.69 -23.54
N ALA D 3 -5.54 31.74 -23.03
CA ALA D 3 -6.18 30.50 -22.50
C ALA D 3 -7.10 29.88 -23.55
N PRO D 4 -6.52 29.39 -24.62
CA PRO D 4 -7.32 28.77 -25.71
C PRO D 4 -8.14 27.61 -25.16
N ARG D 5 -9.33 27.87 -24.70
CA ARG D 5 -10.19 26.78 -24.15
C ARG D 5 -9.42 25.98 -23.10
N LYS D 6 -8.99 26.62 -22.05
CA LYS D 6 -8.23 25.90 -20.99
C LYS D 6 -8.90 26.10 -19.63
N GLN D 7 -10.13 25.71 -19.50
CA GLN D 7 -10.83 25.87 -18.20
C GLN D 7 -12.17 25.13 -18.21
N LEU D 8 -12.19 23.90 -17.77
CA LEU D 8 -13.46 23.13 -17.76
C LEU D 8 -13.76 22.63 -16.34
N ALA D 9 -12.76 22.19 -15.63
CA ALA D 9 -12.99 21.70 -14.24
C ALA D 9 -11.71 21.81 -13.42
N THR D 10 -11.81 21.64 -12.13
CA THR D 10 -10.58 21.74 -11.27
C THR D 10 -10.44 20.50 -10.38
N LYS D 11 -11.52 20.04 -9.83
CA LYS D 11 -11.45 18.84 -8.95
C LYS D 11 -12.23 17.68 -9.58
N ALA D 12 -12.02 16.49 -9.08
CA ALA D 12 -12.75 15.32 -9.65
C ALA D 12 -13.52 14.59 -8.55
N ALA D 13 -14.06 13.44 -8.84
CA ALA D 13 -14.80 12.67 -7.81
C ALA D 13 -14.09 11.36 -7.49
N ARG D 14 -12.79 11.33 -7.65
CA ARG D 14 -12.03 10.08 -7.35
C ARG D 14 -12.68 8.87 -8.02
N SER D 16 -15.31 6.04 -8.39
CA SER D 16 -16.68 5.77 -7.85
C SER D 16 -16.65 4.59 -6.87
N ALA D 17 -17.73 4.35 -6.18
CA ALA D 17 -17.76 3.21 -5.22
C ALA D 17 -18.97 2.31 -5.51
N PRO D 18 -18.78 1.02 -5.32
CA PRO D 18 -19.86 0.05 -5.57
C PRO D 18 -20.96 0.17 -4.51
N ALA D 19 -21.80 -0.82 -4.41
CA ALA D 19 -22.90 -0.76 -3.40
C ALA D 19 -22.73 -1.88 -2.37
N THR D 20 -22.31 -1.56 -1.18
CA THR D 20 -22.13 -2.61 -0.14
C THR D 20 -22.24 -2.00 1.26
N GLY D 21 -21.67 -2.63 2.25
CA GLY D 21 -21.73 -2.08 3.63
C GLY D 21 -20.95 -0.78 3.69
N MET A 1 -4.14 -12.48 2.26
CA MET A 1 -2.90 -11.81 2.76
C MET A 1 -1.93 -12.85 3.33
N PHE A 2 -2.35 -13.60 4.30
CA PHE A 2 -1.45 -14.63 4.90
C PHE A 2 -0.95 -15.60 3.82
N ASN A 3 0.29 -15.99 3.90
CA ASN A 3 0.84 -16.94 2.89
C ASN A 3 1.59 -18.07 3.59
N ASP A 4 1.86 -19.14 2.88
CA ASP A 4 2.59 -20.29 3.50
C ASP A 4 3.85 -19.80 4.22
N ARG A 5 4.38 -18.67 3.83
CA ARG A 5 5.60 -18.15 4.48
C ARG A 5 5.27 -17.51 5.83
N VAL A 6 4.24 -16.70 5.88
CA VAL A 6 3.87 -16.03 7.15
C VAL A 6 2.38 -15.72 7.18
N ILE A 7 1.94 -14.99 8.17
CA ILE A 7 0.50 -14.63 8.26
C ILE A 7 0.34 -13.24 8.85
N VAL A 8 -0.61 -12.46 8.39
CA VAL A 8 -0.77 -11.08 8.91
C VAL A 8 -1.72 -11.06 10.11
N LYS A 9 -1.23 -10.66 11.25
CA LYS A 9 -2.09 -10.59 12.46
C LYS A 9 -2.09 -9.15 12.99
N LYS A 10 -3.19 -8.62 13.52
CA LYS A 10 -4.47 -9.36 13.65
C LYS A 10 -4.27 -10.71 14.35
N SER A 11 -4.02 -10.68 15.63
CA SER A 11 -3.81 -11.93 16.40
C SER A 11 -4.96 -12.12 17.41
N PRO A 12 -4.83 -13.11 18.27
CA PRO A 12 -5.88 -13.38 19.27
C PRO A 12 -5.70 -12.49 20.50
N LEU A 13 -4.78 -11.56 20.48
CA LEU A 13 -4.57 -10.67 21.66
C LEU A 13 -4.70 -9.21 21.25
N GLY A 14 -4.15 -8.84 20.12
CA GLY A 14 -4.24 -7.42 19.66
C GLY A 14 -2.86 -6.97 19.18
N GLY A 15 -2.83 -6.03 18.27
CA GLY A 15 -1.52 -5.53 17.76
C GLY A 15 -1.36 -5.94 16.29
N TYR A 16 -1.14 -5.01 15.42
CA TYR A 16 -0.97 -5.35 13.98
C TYR A 16 0.51 -5.57 13.65
N GLY A 17 0.91 -6.80 13.50
CA GLY A 17 2.32 -7.10 13.17
C GLY A 17 2.36 -8.35 12.28
N VAL A 18 3.53 -8.89 12.02
CA VAL A 18 3.58 -10.11 11.18
C VAL A 18 3.86 -11.35 12.02
N PHE A 19 3.29 -12.46 11.65
CA PHE A 19 3.53 -13.72 12.41
C PHE A 19 4.38 -14.67 11.57
N ALA A 20 5.53 -15.05 12.05
CA ALA A 20 6.42 -15.94 11.26
C ALA A 20 6.12 -17.41 11.53
N ARG A 21 5.23 -17.99 10.78
CA ARG A 21 4.94 -19.44 10.97
C ARG A 21 6.23 -20.25 10.79
N LYS A 22 7.16 -19.71 10.06
CA LYS A 22 8.46 -20.42 9.84
C LYS A 22 9.47 -19.91 10.88
N SER A 23 10.70 -20.41 10.90
CA SER A 23 11.15 -21.43 9.91
C SER A 23 12.05 -20.77 8.86
N PHE A 24 12.65 -19.66 9.19
CA PHE A 24 13.53 -18.97 8.21
C PHE A 24 14.99 -19.02 8.66
N GLU A 25 15.91 -18.82 7.75
CA GLU A 25 17.35 -18.85 8.12
C GLU A 25 17.83 -17.44 8.50
N LYS A 26 19.11 -17.21 8.42
CA LYS A 26 19.64 -15.86 8.77
C LYS A 26 19.87 -15.03 7.52
N GLY A 27 18.81 -14.55 6.91
CA GLY A 27 18.96 -13.72 5.68
C GLY A 27 18.44 -14.48 4.47
N GLU A 28 17.14 -14.54 4.31
CA GLU A 28 16.56 -15.26 3.14
C GLU A 28 15.39 -14.47 2.55
N LEU A 29 15.31 -13.19 2.84
CA LEU A 29 14.20 -12.37 2.30
C LEU A 29 12.83 -12.92 2.75
N VAL A 30 11.87 -12.07 2.95
CA VAL A 30 10.53 -12.56 3.40
C VAL A 30 9.43 -12.04 2.46
N GLU A 31 9.55 -10.81 2.04
CA GLU A 31 8.51 -10.24 1.13
C GLU A 31 8.98 -8.89 0.58
N GLU A 32 8.38 -8.44 -0.50
CA GLU A 32 8.80 -7.13 -1.07
C GLU A 32 7.63 -6.50 -1.85
N CYS A 33 7.51 -5.20 -1.79
CA CYS A 33 6.40 -4.53 -2.53
C CYS A 33 6.83 -3.12 -2.98
N LEU A 34 5.89 -2.30 -3.37
CA LEU A 34 6.24 -0.93 -3.82
C LEU A 34 5.99 0.08 -2.70
N CYS A 35 6.32 1.33 -2.92
CA CYS A 35 6.08 2.35 -1.88
C CYS A 35 5.69 3.69 -2.52
N ILE A 36 4.97 4.51 -1.81
CA ILE A 36 4.58 5.83 -2.38
C ILE A 36 5.59 6.89 -1.93
N VAL A 37 6.55 7.19 -2.76
CA VAL A 37 7.59 8.18 -2.36
C VAL A 37 7.14 9.59 -2.73
N ARG A 38 6.92 10.43 -1.74
CA ARG A 38 6.47 11.82 -2.03
C ARG A 38 7.40 12.83 -1.35
N HIS A 39 7.57 13.98 -1.93
CA HIS A 39 8.46 15.01 -1.32
C HIS A 39 7.96 15.36 0.09
N ASN A 40 8.81 15.92 0.91
CA ASN A 40 8.38 16.28 2.30
C ASN A 40 7.40 17.45 2.26
N ASP A 41 6.16 17.21 2.63
CA ASP A 41 5.14 18.30 2.61
C ASP A 41 3.82 17.77 3.18
N ASP A 42 2.71 18.19 2.64
CA ASP A 42 1.40 17.66 3.14
C ASP A 42 1.42 16.14 3.18
N TRP A 43 2.25 15.53 2.38
CA TRP A 43 2.37 14.05 2.38
C TRP A 43 2.95 13.57 3.72
N GLY A 44 4.08 14.09 4.10
CA GLY A 44 4.71 13.66 5.39
C GLY A 44 3.71 13.88 6.53
N THR A 45 2.89 14.89 6.42
CA THR A 45 1.91 15.17 7.51
C THR A 45 0.72 14.22 7.41
N ALA A 46 -0.02 14.30 6.34
CA ALA A 46 -1.21 13.39 6.18
C ALA A 46 -0.81 11.93 6.42
N LEU A 47 0.21 11.47 5.76
CA LEU A 47 0.64 10.05 5.95
C LEU A 47 1.70 9.95 7.05
N GLU A 48 1.65 10.83 8.03
CA GLU A 48 2.66 10.80 9.13
C GLU A 48 2.89 9.38 9.65
N ASP A 49 1.92 8.51 9.50
CA ASP A 49 2.10 7.11 9.98
C ASP A 49 2.47 6.18 8.82
N TYR A 50 3.18 5.14 9.12
CA TYR A 50 3.59 4.15 8.08
C TYR A 50 4.46 4.81 6.99
N LEU A 51 5.04 5.95 7.29
CA LEU A 51 5.91 6.62 6.28
C LEU A 51 7.38 6.44 6.63
N PHE A 52 8.15 5.89 5.74
CA PHE A 52 9.61 5.77 5.98
C PHE A 52 10.29 7.03 5.46
N SER A 53 10.71 7.89 6.35
CA SER A 53 11.31 9.17 5.89
C SER A 53 12.82 9.02 5.65
N ARG A 54 13.25 9.25 4.44
CA ARG A 54 14.70 9.15 4.12
C ARG A 54 15.33 10.54 4.12
N LYS A 55 16.60 10.61 3.83
CA LYS A 55 17.27 11.95 3.85
C LYS A 55 17.05 12.63 2.50
N ASN A 56 15.91 13.24 2.35
CA ASN A 56 15.58 13.92 1.07
C ASN A 56 14.08 13.87 0.81
N MET A 57 13.38 12.95 1.45
CA MET A 57 11.91 12.86 1.24
C MET A 57 11.31 11.77 2.13
N SER A 58 10.12 11.33 1.80
CA SER A 58 9.47 10.25 2.61
C SER A 58 8.69 9.30 1.70
N ALA A 59 8.52 8.08 2.10
CA ALA A 59 7.78 7.11 1.25
C ALA A 59 6.87 6.22 2.09
N MET A 60 5.73 5.85 1.57
CA MET A 60 4.81 4.97 2.35
C MET A 60 5.12 3.51 2.09
N ALA A 61 4.83 2.65 3.03
CA ALA A 61 5.12 1.20 2.82
C ALA A 61 3.93 0.52 2.12
N LEU A 62 4.11 0.16 0.88
CA LEU A 62 3.01 -0.51 0.13
C LEU A 62 2.54 -1.77 0.86
N GLY A 63 3.19 -2.88 0.63
CA GLY A 63 2.77 -4.15 1.29
C GLY A 63 2.74 -3.95 2.81
N PHE A 64 2.61 -5.02 3.55
CA PHE A 64 2.57 -4.92 5.04
C PHE A 64 3.96 -4.60 5.60
N GLY A 65 4.55 -3.52 5.17
CA GLY A 65 5.88 -3.14 5.72
C GLY A 65 5.67 -2.19 6.90
N ALA A 66 4.55 -1.52 6.96
CA ALA A 66 4.29 -0.57 8.08
C ALA A 66 3.58 -1.25 9.25
N ILE A 67 3.35 -2.53 9.18
CA ILE A 67 2.67 -3.22 10.33
C ILE A 67 3.71 -3.74 11.33
N PHE A 68 4.97 -3.70 10.99
CA PHE A 68 6.01 -4.19 11.94
C PHE A 68 5.89 -3.45 13.28
N ASN A 69 5.88 -4.17 14.37
CA ASN A 69 5.73 -3.50 15.70
C ASN A 69 7.09 -3.31 16.37
N HIS A 70 7.11 -2.72 17.54
CA HIS A 70 8.40 -2.50 18.25
C HIS A 70 8.81 -3.77 19.01
N SER A 71 9.90 -4.36 18.63
CA SER A 71 10.36 -5.60 19.33
C SER A 71 11.86 -5.53 19.63
N LYS A 72 12.27 -6.01 20.77
CA LYS A 72 13.73 -5.99 21.10
C LYS A 72 14.51 -6.82 20.08
N ASP A 73 15.44 -6.22 19.40
CA ASP A 73 16.23 -6.97 18.38
C ASP A 73 15.30 -7.61 17.35
N PRO A 74 14.92 -6.84 16.36
CA PRO A 74 14.01 -7.35 15.30
C PRO A 74 14.69 -8.48 14.52
N ASN A 75 14.27 -9.70 14.73
CA ASN A 75 14.89 -10.84 14.00
C ASN A 75 14.76 -10.65 12.48
N ALA A 76 13.87 -9.79 12.05
CA ALA A 76 13.71 -9.57 10.59
C ALA A 76 13.69 -8.07 10.28
N ARG A 77 14.62 -7.62 9.49
CA ARG A 77 14.67 -6.17 9.14
C ARG A 77 14.12 -5.93 7.73
N HIS A 78 14.26 -4.74 7.23
CA HIS A 78 13.74 -4.45 5.86
C HIS A 78 14.83 -3.80 5.01
N GLU A 79 14.65 -3.79 3.71
CA GLU A 79 15.69 -3.18 2.83
C GLU A 79 15.02 -2.39 1.70
N LEU A 80 15.74 -1.48 1.10
CA LEU A 80 15.15 -0.68 -0.02
C LEU A 80 15.94 -0.92 -1.30
N THR A 81 15.29 -0.83 -2.44
CA THR A 81 16.01 -1.06 -3.73
C THR A 81 17.00 0.07 -4.01
N ALA A 82 18.03 0.16 -3.21
CA ALA A 82 19.04 1.24 -3.43
C ALA A 82 18.38 2.61 -3.55
N GLY A 83 17.38 2.87 -2.75
CA GLY A 83 16.70 4.19 -2.82
C GLY A 83 15.30 4.10 -2.21
N LEU A 84 14.33 4.68 -2.84
CA LEU A 84 12.94 4.63 -2.28
C LEU A 84 11.95 4.23 -3.37
N LYS A 85 11.74 2.96 -3.57
CA LYS A 85 10.78 2.50 -4.60
C LYS A 85 10.23 1.11 -4.26
N ARG A 86 11.10 0.18 -3.94
CA ARG A 86 10.62 -1.19 -3.58
C ARG A 86 11.16 -1.59 -2.20
N MET A 87 10.29 -1.93 -1.30
CA MET A 87 10.75 -2.32 0.06
C MET A 87 10.89 -3.84 0.18
N ARG A 88 11.71 -4.30 1.07
CA ARG A 88 11.90 -5.77 1.24
C ARG A 88 11.99 -6.12 2.73
N ILE A 89 11.83 -7.36 3.06
CA ILE A 89 11.93 -7.76 4.49
C ILE A 89 12.88 -8.95 4.65
N PHE A 90 14.11 -8.70 5.01
CA PHE A 90 15.09 -9.81 5.17
C PHE A 90 15.09 -10.33 6.60
N THR A 91 15.55 -11.54 6.80
CA THR A 91 15.59 -12.10 8.18
C THR A 91 17.01 -12.05 8.73
N ILE A 92 17.41 -10.93 9.26
CA ILE A 92 18.78 -10.81 9.80
C ILE A 92 19.07 -11.94 10.80
N LYS A 93 18.05 -12.50 11.38
CA LYS A 93 18.26 -13.61 12.36
C LYS A 93 17.24 -14.73 12.13
N PRO A 94 17.72 -15.95 12.13
CA PRO A 94 16.81 -17.12 11.93
C PRO A 94 15.55 -17.01 12.79
N ILE A 95 14.42 -17.38 12.27
CA ILE A 95 13.17 -17.27 13.07
C ILE A 95 12.54 -18.65 13.29
N ALA A 96 12.00 -18.88 14.45
CA ALA A 96 11.38 -20.21 14.74
C ALA A 96 9.91 -20.20 14.34
N ILE A 97 9.29 -21.36 14.27
CA ILE A 97 7.86 -21.41 13.89
C ILE A 97 6.98 -20.87 15.02
N GLY A 98 6.12 -19.93 14.72
CA GLY A 98 5.24 -19.36 15.78
C GLY A 98 5.87 -18.09 16.35
N GLU A 99 6.72 -17.45 15.60
CA GLU A 99 7.36 -16.20 16.09
C GLU A 99 6.67 -14.98 15.51
N GLU A 100 7.16 -13.80 15.79
CA GLU A 100 6.52 -12.58 15.23
C GLU A 100 7.55 -11.73 14.48
N ILE A 101 7.29 -11.42 13.24
CA ILE A 101 8.25 -10.61 12.45
C ILE A 101 7.95 -9.11 12.61
N THR A 102 8.95 -8.34 12.91
CA THR A 102 8.76 -6.86 13.07
C THR A 102 10.07 -6.14 12.79
N ILE A 103 10.17 -4.88 13.14
CA ILE A 103 11.44 -4.13 12.90
C ILE A 103 11.63 -3.07 13.97
N SER A 104 12.55 -2.16 13.76
CA SER A 104 12.80 -1.09 14.75
C SER A 104 12.17 0.23 14.28
N TYR A 105 12.76 1.34 14.63
CA TYR A 105 12.19 2.64 14.18
C TYR A 105 13.30 3.59 13.73
N GLY A 106 13.90 4.32 14.64
CA GLY A 106 14.98 5.26 14.24
C GLY A 106 15.53 5.98 15.47
N ASP A 107 15.67 7.28 15.40
CA ASP A 107 16.19 8.04 16.56
C ASP A 107 15.10 8.89 17.20
N ASP A 108 13.90 8.86 16.66
CA ASP A 108 12.80 9.67 17.25
C ASP A 108 11.50 8.87 17.31
N TYR A 109 11.21 8.11 16.29
CA TYR A 109 9.96 7.31 16.29
C TYR A 109 10.00 6.24 17.39
N TRP A 110 9.27 6.46 18.46
CA TRP A 110 9.24 5.46 19.57
C TRP A 110 10.65 5.16 20.09
N LEU A 111 11.34 4.23 19.47
CA LEU A 111 12.71 3.88 19.96
C LEU A 111 13.57 5.14 20.15
N SER A 112 14.74 4.99 20.72
CA SER A 112 15.63 6.16 20.94
C SER A 112 14.94 7.21 21.82
N ARG A 113 14.43 6.81 22.96
CA ARG A 113 13.78 7.79 23.88
C ARG A 113 13.22 7.09 25.12
N PRO A 114 12.40 6.10 24.89
CA PRO A 114 11.78 5.35 26.02
C PRO A 114 12.73 4.29 26.58
N ARG A 115 13.98 4.29 26.13
CA ARG A 115 14.94 3.27 26.64
C ARG A 115 14.39 1.86 26.40
N LEU A 116 15.21 0.86 26.57
CA LEU A 116 14.74 -0.53 26.35
C LEU A 116 14.94 -1.39 27.61
N THR A 117 13.91 -2.03 28.07
CA THR A 117 14.04 -2.87 29.28
C THR A 117 12.92 -3.93 29.32
N GLN A 118 13.24 -5.13 28.92
CA GLN A 118 12.19 -6.21 28.92
C GLN A 118 10.98 -5.79 28.08
N ASN A 119 10.85 -6.33 26.90
CA ASN A 119 9.69 -5.96 26.04
C ASN A 119 9.61 -4.44 25.88
N GLY B 1 19.30 22.10 24.66
CA GLY B 1 18.59 23.39 24.42
C GLY B 1 17.27 23.40 25.19
N LYS B 2 16.42 22.44 24.92
CA LYS B 2 15.11 22.40 25.64
C LYS B 2 14.37 23.73 25.51
N ALA B 3 14.12 24.17 24.30
CA ALA B 3 13.42 25.48 24.12
C ALA B 3 12.53 25.43 22.88
N PRO B 4 11.77 26.47 22.68
CA PRO B 4 10.87 26.54 21.49
C PRO B 4 11.67 26.38 20.20
N ARG B 5 12.54 27.31 19.92
CA ARG B 5 13.35 27.21 18.67
C ARG B 5 12.44 26.98 17.45
N LYS B 6 11.21 27.42 17.53
CA LYS B 6 10.28 27.23 16.39
C LYS B 6 10.36 28.43 15.44
N GLN B 7 11.24 28.37 14.48
CA GLN B 7 11.38 29.51 13.52
C GLN B 7 11.70 28.98 12.12
N LEU B 8 10.68 28.66 11.35
CA LEU B 8 10.93 28.14 9.98
C LEU B 8 11.89 26.96 10.01
N ALA B 9 11.91 26.24 11.10
CA ALA B 9 12.83 25.06 11.19
C ALA B 9 12.19 23.96 12.04
N THR B 10 11.20 23.29 11.51
CA THR B 10 10.54 22.19 12.28
C THR B 10 10.85 20.84 11.64
N LYS B 11 11.86 20.17 12.12
CA LYS B 11 12.22 18.84 11.54
C LYS B 11 11.11 17.83 11.81
N ALA B 12 11.36 16.57 11.55
CA ALA B 12 10.31 15.53 11.79
C ALA B 12 10.94 14.14 11.77
N ALA B 13 11.38 13.70 10.63
CA ALA B 13 12.01 12.35 10.55
C ALA B 13 11.09 11.28 11.14
N ARG B 14 10.15 10.80 10.36
CA ARG B 14 9.22 9.76 10.88
C ARG B 14 9.98 8.47 11.19
N SER B 16 13.30 6.36 10.93
CA SER B 16 14.74 6.51 10.59
C SER B 16 15.10 5.69 9.36
N ALA B 17 14.45 4.56 9.17
CA ALA B 17 14.75 3.70 7.99
C ALA B 17 16.23 3.36 7.95
N PRO B 18 16.59 2.48 7.03
CA PRO B 18 18.02 2.08 6.89
C PRO B 18 18.88 3.28 6.50
N ALA B 19 20.12 3.04 6.16
CA ALA B 19 21.00 4.17 5.76
C ALA B 19 20.91 4.42 4.26
N THR B 20 21.20 5.61 3.81
CA THR B 20 21.12 5.91 2.36
C THR B 20 22.13 6.99 1.98
N GLY B 21 23.40 6.74 2.19
CA GLY B 21 24.44 7.75 1.84
C GLY B 21 25.83 7.12 1.95
N MET C 1 6.32 -10.50 -5.38
CA MET C 1 4.97 -9.97 -5.71
C MET C 1 4.19 -10.99 -6.54
N PHE C 2 4.71 -11.37 -7.67
CA PHE C 2 3.99 -12.36 -8.53
C PHE C 2 3.71 -13.64 -7.75
N ASN C 3 2.56 -14.22 -7.95
CA ASN C 3 2.22 -15.48 -7.22
C ASN C 3 1.67 -16.52 -8.20
N ASP C 4 1.61 -17.77 -7.79
CA ASP C 4 1.09 -18.82 -8.70
C ASP C 4 -0.27 -18.42 -9.29
N ARG C 5 -0.97 -17.54 -8.63
CA ARG C 5 -2.30 -17.11 -9.16
C ARG C 5 -2.12 -16.08 -10.28
N VAL C 6 -1.26 -15.12 -10.10
CA VAL C 6 -1.06 -14.09 -11.16
C VAL C 6 0.36 -13.51 -11.08
N ILE C 7 0.63 -12.49 -11.84
CA ILE C 7 1.98 -11.86 -11.81
C ILE C 7 1.86 -10.35 -12.02
N VAL C 8 2.67 -9.57 -11.35
CA VAL C 8 2.56 -8.10 -11.50
C VAL C 8 3.45 -7.60 -12.64
N LYS C 9 2.86 -7.01 -13.64
CA LYS C 9 3.66 -6.46 -14.77
C LYS C 9 3.38 -4.96 -14.92
N LYS C 10 4.34 -4.12 -15.28
CA LYS C 10 5.74 -4.57 -15.58
C LYS C 10 5.77 -5.71 -16.61
N SER C 11 5.48 -5.38 -17.83
CA SER C 11 5.48 -6.42 -18.91
C SER C 11 6.61 -6.14 -19.91
N PRO C 12 6.63 -6.87 -20.99
CA PRO C 12 7.69 -6.68 -22.01
C PRO C 12 7.31 -5.56 -22.98
N LEU C 13 6.24 -4.85 -22.72
CA LEU C 13 5.84 -3.75 -23.64
C LEU C 13 5.71 -2.43 -22.86
N GLY C 14 5.13 -2.48 -21.70
CA GLY C 14 4.98 -1.24 -20.89
C GLY C 14 3.56 -1.17 -20.33
N GLY C 15 3.38 -0.52 -19.21
CA GLY C 15 2.03 -0.42 -18.61
C GLY C 15 1.98 -1.22 -17.31
N TYR C 16 1.63 -0.59 -16.22
CA TYR C 16 1.56 -1.31 -14.92
C TYR C 16 0.16 -1.88 -14.69
N GLY C 17 0.00 -3.16 -14.86
CA GLY C 17 -1.34 -3.80 -14.65
C GLY C 17 -1.12 -5.21 -14.11
N VAL C 18 -2.15 -6.00 -14.03
CA VAL C 18 -1.96 -7.39 -13.51
C VAL C 18 -2.02 -8.40 -14.66
N PHE C 19 -1.27 -9.44 -14.57
CA PHE C 19 -1.29 -10.49 -15.64
C PHE C 19 -1.93 -11.76 -15.09
N ALA C 20 -3.01 -12.20 -15.67
CA ALA C 20 -3.70 -13.41 -15.14
C ALA C 20 -3.15 -14.68 -15.79
N ARG C 21 -2.14 -15.27 -15.20
CA ARG C 21 -1.60 -16.54 -15.74
C ARG C 21 -2.70 -17.59 -15.80
N LYS C 22 -3.70 -17.44 -14.97
CA LYS C 22 -4.84 -18.40 -14.96
C LYS C 22 -5.97 -17.84 -15.85
N SER C 23 -7.09 -18.53 -16.02
CA SER C 23 -7.30 -19.84 -15.34
C SER C 23 -8.28 -19.65 -14.17
N PHE C 24 -9.09 -18.62 -14.22
CA PHE C 24 -10.04 -18.37 -13.11
C PHE C 24 -11.48 -18.58 -13.59
N GLU C 25 -12.39 -18.78 -12.67
CA GLU C 25 -13.81 -18.99 -13.07
C GLU C 25 -14.56 -17.64 -13.08
N LYS C 26 -15.85 -17.68 -12.95
CA LYS C 26 -16.63 -16.40 -12.96
C LYS C 26 -16.96 -15.96 -11.53
N GLY C 27 -16.00 -15.48 -10.81
CA GLY C 27 -16.27 -15.03 -9.42
C GLY C 27 -15.57 -15.97 -8.42
N GLU C 28 -14.28 -15.82 -8.26
CA GLU C 28 -13.54 -16.71 -7.31
C GLU C 28 -12.52 -15.89 -6.51
N LEU C 29 -12.68 -14.60 -6.47
CA LEU C 29 -11.71 -13.74 -5.71
C LEU C 29 -10.29 -13.90 -6.26
N VAL C 30 -9.50 -12.87 -6.22
CA VAL C 30 -8.11 -12.97 -6.76
C VAL C 30 -7.11 -12.51 -5.70
N GLU C 31 -7.42 -11.47 -4.97
CA GLU C 31 -6.49 -10.98 -3.93
C GLU C 31 -7.17 -9.93 -3.06
N GLU C 32 -6.64 -9.66 -1.90
CA GLU C 32 -7.26 -8.64 -1.01
C GLU C 32 -6.20 -8.03 -0.08
N CYS C 33 -6.32 -6.76 0.21
CA CYS C 33 -5.33 -6.11 1.11
C CYS C 33 -6.00 -4.97 1.90
N LEU C 34 -5.21 -4.12 2.50
CA LEU C 34 -5.80 -2.99 3.29
C LEU C 34 -5.77 -1.70 2.46
N CYS C 35 -6.30 -0.64 3.00
CA CYS C 35 -6.29 0.66 2.25
C CYS C 35 -6.12 1.82 3.22
N ILE C 36 -5.59 2.91 2.76
CA ILE C 36 -5.43 4.10 3.66
C ILE C 36 -6.63 5.03 3.48
N VAL C 37 -7.61 4.92 4.33
CA VAL C 37 -8.81 5.78 4.20
C VAL C 37 -8.61 7.12 4.92
N ARG C 38 -8.58 8.20 4.19
CA ARG C 38 -8.39 9.52 4.83
C ARG C 38 -9.50 10.48 4.41
N HIS C 39 -9.87 11.40 5.27
CA HIS C 39 -10.94 12.37 4.91
C HIS C 39 -10.55 13.16 3.66
N ASN C 40 -11.52 13.74 3.00
CA ASN C 40 -11.20 14.51 1.76
C ASN C 40 -10.45 15.80 2.11
N ASP C 41 -9.20 15.89 1.72
CA ASP C 41 -8.40 17.11 2.02
C ASP C 41 -7.02 16.99 1.37
N ASP C 42 -5.98 17.45 2.02
CA ASP C 42 -4.62 17.33 1.43
C ASP C 42 -4.37 15.88 0.98
N TRP C 43 -5.05 14.95 1.59
CA TRP C 43 -4.88 13.52 1.22
C TRP C 43 -5.41 13.31 -0.21
N GLY C 44 -6.63 13.68 -0.47
CA GLY C 44 -7.21 13.49 -1.84
C GLY C 44 -6.31 14.19 -2.87
N THR C 45 -5.68 15.26 -2.49
CA THR C 45 -4.80 15.98 -3.45
C THR C 45 -3.45 15.27 -3.58
N ALA C 46 -2.71 15.20 -2.51
CA ALA C 46 -1.37 14.52 -2.56
C ALA C 46 -1.50 13.13 -3.17
N LEU C 47 -2.40 12.33 -2.68
CA LEU C 47 -2.57 10.95 -3.24
C LEU C 47 -3.63 10.95 -4.34
N GLU C 48 -3.77 12.04 -5.06
CA GLU C 48 -4.79 12.11 -6.15
C GLU C 48 -4.77 10.85 -7.02
N ASP C 49 -3.66 10.17 -7.07
CA ASP C 49 -3.59 8.93 -7.91
C ASP C 49 -3.76 7.68 -7.04
N TYR C 50 -4.27 6.63 -7.61
CA TYR C 50 -4.46 5.35 -6.85
C TYR C 50 -5.40 5.55 -5.67
N LEU C 51 -6.19 6.59 -5.66
CA LEU C 51 -7.13 6.81 -4.53
C LEU C 51 -8.57 6.47 -4.94
N PHE C 52 -9.19 5.56 -4.22
CA PHE C 52 -10.61 5.25 -4.52
C PHE C 52 -11.50 6.19 -3.71
N SER C 53 -12.09 7.17 -4.35
CA SER C 53 -12.91 8.15 -3.59
C SER C 53 -14.34 7.67 -3.42
N ARG C 54 -14.78 7.50 -2.20
CA ARG C 54 -16.17 7.06 -1.94
C ARG C 54 -17.05 8.26 -1.59
N LYS C 55 -18.31 8.03 -1.36
CA LYS C 55 -19.20 9.16 -1.01
C LYS C 55 -19.06 9.52 0.46
N ASN C 56 -18.04 10.26 0.79
CA ASN C 56 -17.81 10.65 2.20
C ASN C 56 -16.32 10.80 2.47
N MET C 57 -15.48 10.22 1.64
CA MET C 57 -14.01 10.35 1.84
C MET C 57 -13.25 9.65 0.71
N SER C 58 -11.99 9.37 0.93
CA SER C 58 -11.19 8.68 -0.11
C SER C 58 -10.22 7.69 0.54
N ALA C 59 -9.85 6.65 -0.16
CA ALA C 59 -8.91 5.65 0.43
C ALA C 59 -7.88 5.19 -0.60
N MET C 60 -6.68 4.92 -0.17
CA MET C 60 -5.63 4.45 -1.13
C MET C 60 -5.67 2.93 -1.26
N ALA C 61 -5.26 2.41 -2.39
CA ALA C 61 -5.28 0.93 -2.56
C ALA C 61 -3.97 0.32 -2.04
N LEU C 62 -4.03 -0.38 -0.93
CA LEU C 62 -2.81 -0.99 -0.37
C LEU C 62 -2.13 -1.91 -1.39
N GLY C 63 -2.58 -3.15 -1.47
CA GLY C 63 -1.95 -4.10 -2.42
C GLY C 63 -2.00 -3.53 -3.84
N PHE C 64 -1.70 -4.34 -4.82
CA PHE C 64 -1.72 -3.84 -6.22
C PHE C 64 -3.16 -3.65 -6.72
N GLY C 65 -3.93 -2.84 -6.04
CA GLY C 65 -5.32 -2.58 -6.50
C GLY C 65 -5.33 -1.34 -7.39
N ALA C 66 -4.34 -0.49 -7.25
CA ALA C 66 -4.30 0.75 -8.09
C ALA C 66 -3.51 0.53 -9.38
N ILE C 67 -3.04 -0.66 -9.64
CA ILE C 67 -2.29 -0.89 -10.91
C ILE C 67 -3.25 -1.32 -12.03
N PHE C 68 -4.48 -1.60 -11.72
CA PHE C 68 -5.44 -2.01 -12.77
C PHE C 68 -5.49 -0.95 -13.88
N ASN C 69 -5.40 -1.34 -15.12
CA ASN C 69 -5.42 -0.35 -16.23
C ASN C 69 -6.80 -0.25 -16.85
N HIS C 70 -6.96 0.62 -17.83
CA HIS C 70 -8.29 0.77 -18.48
C HIS C 70 -8.49 -0.32 -19.55
N SER C 71 -9.45 -1.18 -19.36
CA SER C 71 -9.69 -2.26 -20.36
C SER C 71 -11.18 -2.39 -20.66
N LYS C 72 -11.54 -2.64 -21.89
CA LYS C 72 -12.97 -2.79 -22.23
C LYS C 72 -13.57 -3.99 -21.47
N ASP C 73 -14.57 -3.75 -20.67
CA ASP C 73 -15.18 -4.87 -19.90
C ASP C 73 -14.11 -5.58 -19.05
N PRO C 74 -13.86 -5.03 -17.89
CA PRO C 74 -12.84 -5.62 -16.98
C PRO C 74 -13.28 -7.02 -16.53
N ASN C 75 -12.65 -8.04 -17.03
CA ASN C 75 -13.03 -9.42 -16.63
C ASN C 75 -12.90 -9.61 -15.12
N ALA C 76 -12.16 -8.74 -14.46
CA ALA C 76 -11.99 -8.88 -12.99
C ALA C 76 -12.24 -7.53 -12.31
N ARG C 77 -13.22 -7.47 -11.44
CA ARG C 77 -13.51 -6.19 -10.74
C ARG C 77 -12.97 -6.23 -9.31
N HIS C 78 -13.31 -5.25 -8.51
CA HIS C 78 -12.82 -5.23 -7.11
C HIS C 78 -13.98 -5.03 -6.13
N GLU C 79 -13.77 -5.32 -4.88
CA GLU C 79 -14.86 -5.16 -3.88
C GLU C 79 -14.32 -4.58 -2.58
N LEU C 80 -15.17 -3.99 -1.78
CA LEU C 80 -14.71 -3.42 -0.49
C LEU C 80 -15.40 -4.12 0.68
N THR C 81 -14.74 -4.20 1.81
CA THR C 81 -15.36 -4.88 2.99
C THR C 81 -16.54 -4.06 3.52
N ALA C 82 -17.60 -3.95 2.76
CA ALA C 82 -18.78 -3.19 3.24
C ALA C 82 -18.37 -1.79 3.71
N GLY C 83 -17.46 -1.16 3.03
CA GLY C 83 -17.03 0.20 3.45
C GLY C 83 -15.66 0.52 2.85
N LEU C 84 -14.78 1.09 3.63
CA LEU C 84 -13.43 1.45 3.11
C LEU C 84 -12.34 0.97 4.07
N LYS C 85 -11.91 -0.25 3.93
CA LYS C 85 -10.85 -0.77 4.84
C LYS C 85 -10.07 -1.90 4.15
N ARG C 86 -10.76 -2.86 3.60
CA ARG C 86 -10.06 -3.98 2.90
C ARG C 86 -10.55 -4.10 1.46
N MET C 87 -9.66 -4.04 0.51
CA MET C 87 -10.08 -4.14 -0.91
C MET C 87 -9.95 -5.58 -1.41
N ARG C 88 -10.71 -5.94 -2.40
CA ARG C 88 -10.63 -7.33 -2.95
C ARG C 88 -10.71 -7.30 -4.48
N ILE C 89 -10.34 -8.37 -5.12
CA ILE C 89 -10.39 -8.40 -6.61
C ILE C 89 -11.12 -9.66 -7.08
N PHE C 90 -12.38 -9.55 -7.39
CA PHE C 90 -13.15 -10.75 -7.84
C PHE C 90 -13.11 -10.88 -9.36
N THR C 91 -13.33 -12.06 -9.86
CA THR C 91 -13.31 -12.25 -11.35
C THR C 91 -14.74 -12.31 -11.89
N ILE C 92 -15.34 -11.18 -12.13
CA ILE C 92 -16.74 -11.19 -12.64
C ILE C 92 -16.84 -12.05 -13.90
N LYS C 93 -15.75 -12.26 -14.59
CA LYS C 93 -15.79 -13.09 -15.83
C LYS C 93 -14.57 -14.03 -15.87
N PRO C 94 -14.82 -15.28 -16.19
CA PRO C 94 -13.71 -16.27 -16.28
C PRO C 94 -12.53 -15.70 -17.07
N ILE C 95 -11.33 -15.99 -16.64
CA ILE C 95 -10.14 -15.45 -17.36
C ILE C 95 -9.29 -16.59 -17.91
N ALA C 96 -8.75 -16.42 -19.08
CA ALA C 96 -7.91 -17.48 -19.69
C ALA C 96 -6.44 -17.32 -19.28
N ILE C 97 -5.63 -18.31 -19.50
CA ILE C 97 -4.19 -18.20 -19.12
C ILE C 97 -3.46 -17.24 -20.06
N GLY C 98 -2.78 -16.26 -19.51
CA GLY C 98 -2.05 -15.29 -20.38
C GLY C 98 -2.91 -14.05 -20.62
N GLU C 99 -3.84 -13.79 -19.73
CA GLU C 99 -4.73 -12.61 -19.90
C GLU C 99 -4.24 -11.46 -19.01
N GLU C 100 -4.95 -10.37 -18.99
CA GLU C 100 -4.52 -9.22 -18.13
C GLU C 100 -5.67 -8.81 -17.20
N ILE C 101 -5.43 -8.78 -15.91
CA ILE C 101 -6.50 -8.39 -14.97
C ILE C 101 -6.48 -6.87 -14.72
N THR C 102 -7.62 -6.24 -14.84
CA THR C 102 -7.70 -4.77 -14.61
C THR C 102 -9.11 -4.39 -14.18
N ILE C 103 -9.44 -3.12 -14.19
CA ILE C 103 -10.81 -2.71 -13.79
C ILE C 103 -11.23 -1.45 -14.55
N SER C 104 -12.31 -0.83 -14.13
CA SER C 104 -12.77 0.41 -14.83
C SER C 104 -12.37 1.65 -14.02
N TYR C 105 -13.17 2.69 -14.07
CA TYR C 105 -12.83 3.92 -13.30
C TYR C 105 -14.09 4.49 -12.63
N GLY C 106 -14.83 5.31 -13.34
CA GLY C 106 -16.06 5.90 -12.72
C GLY C 106 -16.76 6.80 -13.74
N ASP C 107 -17.13 7.98 -13.34
CA ASP C 107 -17.82 8.91 -14.29
C ASP C 107 -16.91 10.08 -14.67
N ASP C 108 -15.71 10.14 -14.13
CA ASP C 108 -14.80 11.27 -14.48
C ASP C 108 -13.38 10.75 -14.71
N TYR C 109 -12.93 9.82 -13.92
CA TYR C 109 -11.55 9.30 -14.10
C TYR C 109 -11.42 8.55 -15.43
N TRP C 110 -10.78 9.16 -16.40
CA TRP C 110 -10.60 8.51 -17.72
C TRP C 110 -11.95 8.10 -18.33
N LEU C 111 -12.44 6.94 -17.99
CA LEU C 111 -13.74 6.47 -18.57
C LEU C 111 -14.81 7.56 -18.46
N SER C 112 -15.96 7.35 -19.06
CA SER C 112 -17.05 8.35 -18.99
C SER C 112 -16.60 9.70 -19.56
N ARG C 113 -16.05 9.71 -20.75
CA ARG C 113 -15.62 11.00 -21.38
C ARG C 113 -14.98 10.74 -22.74
N PRO C 114 -13.98 9.90 -22.76
CA PRO C 114 -13.27 9.59 -24.02
C PRO C 114 -14.04 8.55 -24.86
N ARG C 115 -15.24 8.21 -24.46
CA ARG C 115 -16.02 7.19 -25.23
C ARG C 115 -15.22 5.89 -25.35
N LEU C 116 -15.85 4.84 -25.78
CA LEU C 116 -15.13 3.55 -25.91
C LEU C 116 -15.20 3.03 -27.35
N THR C 117 -14.09 2.72 -27.95
CA THR C 117 -14.10 2.21 -29.35
C THR C 117 -12.82 1.41 -29.63
N GLN C 118 -12.89 0.11 -29.55
CA GLN C 118 -11.67 -0.72 -29.81
C GLN C 118 -10.53 -0.31 -28.87
N ASN C 119 -10.27 -1.10 -27.87
CA ASN C 119 -9.16 -0.76 -26.93
C ASN C 119 -9.35 0.66 -26.37
N GLY D 1 -23.67 23.77 -18.55
CA GLY D 1 -23.19 25.06 -17.97
C GLY D 1 -21.92 25.50 -18.69
N LYS D 2 -20.90 24.68 -18.67
CA LYS D 2 -19.62 25.06 -19.34
C LYS D 2 -19.15 26.43 -18.86
N ALA D 3 -18.95 26.59 -17.57
CA ALA D 3 -18.48 27.90 -17.06
C ALA D 3 -17.56 27.71 -15.84
N PRO D 4 -16.99 28.78 -15.37
CA PRO D 4 -16.08 28.71 -14.20
C PRO D 4 -16.80 28.08 -13.01
N ARG D 5 -17.82 28.74 -12.51
CA ARG D 5 -18.56 28.17 -11.34
C ARG D 5 -17.60 27.82 -10.21
N LYS D 6 -16.46 28.47 -10.15
CA LYS D 6 -15.49 28.17 -9.08
C LYS D 6 -15.75 29.04 -7.85
N GLN D 7 -16.58 28.58 -6.96
CA GLN D 7 -16.89 29.39 -5.74
C GLN D 7 -17.06 28.47 -4.52
N LEU D 8 -15.99 28.16 -3.85
CA LEU D 8 -16.09 27.28 -2.66
C LEU D 8 -16.83 25.99 -3.01
N ALA D 9 -16.74 25.57 -4.25
CA ALA D 9 -17.44 24.31 -4.66
C ALA D 9 -16.63 23.60 -5.75
N THR D 10 -15.53 23.01 -5.40
CA THR D 10 -14.70 22.29 -6.40
C THR D 10 -14.74 20.78 -6.15
N LYS D 11 -15.63 20.08 -6.80
CA LYS D 11 -15.72 18.61 -6.58
C LYS D 11 -14.44 17.92 -7.09
N ALA D 12 -14.46 16.61 -7.16
CA ALA D 12 -13.26 15.88 -7.65
C ALA D 12 -13.62 14.44 -8.00
N ALA D 13 -13.94 13.64 -7.01
CA ALA D 13 -14.31 12.23 -7.29
C ALA D 13 -13.22 11.54 -8.12
N ARG D 14 -12.19 11.05 -7.47
CA ARG D 14 -11.10 10.37 -8.23
C ARG D 14 -11.62 9.08 -8.87
N SER D 16 -14.50 6.41 -9.23
CA SER D 16 -15.94 6.20 -8.87
C SER D 16 -16.09 5.03 -7.90
N ALA D 17 -15.24 4.05 -8.01
CA ALA D 17 -15.34 2.87 -7.08
C ALA D 17 -16.74 2.26 -7.15
N PRO D 18 -16.92 1.13 -6.50
CA PRO D 18 -18.23 0.45 -6.51
C PRO D 18 -19.29 1.33 -5.83
N ALA D 19 -20.44 0.79 -5.58
CA ALA D 19 -21.52 1.59 -4.92
C ALA D 19 -21.43 1.46 -3.40
N THR D 20 -21.91 2.43 -2.69
CA THR D 20 -21.85 2.35 -1.20
C THR D 20 -23.02 3.10 -0.57
N GLY D 21 -24.23 2.68 -0.85
CA GLY D 21 -25.42 3.36 -0.28
C GLY D 21 -26.68 2.54 -0.58
N MET A 1 -4.01 -12.89 3.96
CA MET A 1 -3.62 -12.24 5.24
C MET A 1 -2.78 -13.20 6.10
N PHE A 2 -3.06 -14.47 6.03
CA PHE A 2 -2.29 -15.46 6.84
C PHE A 2 -1.76 -16.58 5.95
N ASN A 3 -0.46 -16.62 5.74
CA ASN A 3 0.13 -17.69 4.89
C ASN A 3 1.07 -18.56 5.73
N ASP A 4 1.22 -19.81 5.37
CA ASP A 4 2.12 -20.71 6.13
C ASP A 4 3.47 -20.06 6.38
N ARG A 5 3.89 -19.18 5.52
CA ARG A 5 5.20 -18.50 5.71
C ARG A 5 5.09 -17.43 6.79
N VAL A 6 4.08 -16.61 6.74
CA VAL A 6 3.92 -15.54 7.77
C VAL A 6 2.45 -15.16 7.91
N ILE A 7 2.07 -14.63 9.04
CA ILE A 7 0.65 -14.23 9.23
C ILE A 7 0.56 -12.78 9.72
N VAL A 8 -0.55 -12.13 9.49
CA VAL A 8 -0.68 -10.71 9.93
C VAL A 8 -1.45 -10.63 11.26
N LYS A 9 -0.94 -9.86 12.18
CA LYS A 9 -1.63 -9.71 13.50
C LYS A 9 -1.76 -8.21 13.85
N LYS A 10 -2.84 -7.76 14.45
CA LYS A 10 -3.99 -8.63 14.86
C LYS A 10 -3.51 -9.81 15.69
N SER A 11 -2.94 -9.56 16.84
CA SER A 11 -2.45 -10.66 17.72
C SER A 11 -3.25 -10.68 19.02
N PRO A 12 -2.88 -11.58 19.91
CA PRO A 12 -3.58 -11.70 21.20
C PRO A 12 -3.40 -10.41 22.02
N LEU A 13 -2.19 -10.09 22.39
CA LEU A 13 -1.95 -8.86 23.20
C LEU A 13 -1.04 -7.89 22.43
N GLY A 14 -0.26 -8.40 21.52
CA GLY A 14 0.67 -7.50 20.76
C GLY A 14 -0.16 -6.52 19.91
N GLY A 15 0.49 -5.57 19.30
CA GLY A 15 -0.24 -4.60 18.45
C GLY A 15 -0.28 -5.09 17.01
N TYR A 16 -0.51 -4.21 16.07
CA TYR A 16 -0.54 -4.65 14.64
C TYR A 16 0.87 -4.92 14.13
N GLY A 17 1.39 -6.09 14.41
CA GLY A 17 2.77 -6.43 13.94
C GLY A 17 2.69 -7.68 13.06
N VAL A 18 3.80 -8.28 12.71
CA VAL A 18 3.74 -9.49 11.86
C VAL A 18 4.16 -10.73 12.66
N PHE A 19 3.57 -11.86 12.37
CA PHE A 19 3.95 -13.10 13.12
C PHE A 19 4.68 -14.06 12.18
N ALA A 20 5.88 -14.44 12.53
CA ALA A 20 6.65 -15.37 11.65
C ALA A 20 6.43 -16.82 12.06
N ARG A 21 5.47 -17.47 11.46
CA ARG A 21 5.22 -18.90 11.79
C ARG A 21 6.47 -19.73 11.47
N LYS A 22 7.32 -19.22 10.61
CA LYS A 22 8.56 -19.96 10.26
C LYS A 22 9.70 -19.54 11.21
N SER A 23 10.91 -20.06 11.06
CA SER A 23 11.21 -21.05 9.97
C SER A 23 12.09 -20.41 8.89
N PHE A 24 12.68 -19.28 9.18
CA PHE A 24 13.53 -18.59 8.17
C PHE A 24 15.00 -18.68 8.55
N GLU A 25 15.87 -18.72 7.57
CA GLU A 25 17.33 -18.79 7.88
C GLU A 25 17.92 -17.37 7.95
N LYS A 26 19.21 -17.25 7.83
CA LYS A 26 19.82 -15.89 7.88
C LYS A 26 20.02 -15.33 6.47
N GLY A 27 18.95 -15.00 5.80
CA GLY A 27 19.07 -14.45 4.42
C GLY A 27 17.95 -15.00 3.55
N GLU A 28 16.73 -14.65 3.83
CA GLU A 28 15.59 -15.15 3.02
C GLU A 28 14.59 -14.02 2.74
N LEU A 29 14.34 -13.73 1.50
CA LEU A 29 13.38 -12.63 1.17
C LEU A 29 11.97 -13.00 1.64
N VAL A 30 11.44 -12.26 2.58
CA VAL A 30 10.06 -12.54 3.06
C VAL A 30 9.05 -11.69 2.31
N GLU A 31 8.78 -12.03 1.08
CA GLU A 31 7.79 -11.25 0.26
C GLU A 31 8.25 -9.79 0.12
N GLU A 32 7.83 -9.13 -0.93
CA GLU A 32 8.24 -7.71 -1.14
C GLU A 32 7.24 -7.00 -2.06
N CYS A 33 7.23 -5.70 -2.04
CA CYS A 33 6.28 -4.96 -2.92
C CYS A 33 6.85 -3.60 -3.31
N LEU A 34 6.06 -2.76 -3.92
CA LEU A 34 6.56 -1.41 -4.34
C LEU A 34 6.33 -0.39 -3.23
N CYS A 35 6.53 0.87 -3.51
CA CYS A 35 6.31 1.91 -2.47
C CYS A 35 5.82 3.20 -3.12
N ILE A 36 5.22 4.08 -2.36
CA ILE A 36 4.74 5.36 -2.95
C ILE A 36 5.79 6.45 -2.73
N VAL A 37 6.54 6.78 -3.73
CA VAL A 37 7.62 7.79 -3.56
C VAL A 37 7.07 9.20 -3.81
N ARG A 38 7.31 10.11 -2.89
CA ARG A 38 6.82 11.50 -3.07
C ARG A 38 7.82 12.49 -2.47
N HIS A 39 7.87 13.69 -2.98
CA HIS A 39 8.82 14.70 -2.43
C HIS A 39 8.47 15.02 -0.98
N ASN A 40 9.22 15.90 -0.36
CA ASN A 40 8.92 16.26 1.06
C ASN A 40 7.93 17.41 1.13
N ASP A 41 6.75 17.15 1.61
CA ASP A 41 5.71 18.23 1.71
C ASP A 41 4.45 17.68 2.39
N ASP A 42 3.29 18.08 1.96
CA ASP A 42 2.03 17.54 2.57
C ASP A 42 2.09 16.01 2.61
N TRP A 43 2.85 15.43 1.71
CA TRP A 43 2.99 13.94 1.69
C TRP A 43 3.47 13.43 3.05
N GLY A 44 4.66 13.81 3.44
CA GLY A 44 5.19 13.34 4.76
C GLY A 44 4.23 13.78 5.87
N THR A 45 3.52 14.85 5.68
CA THR A 45 2.58 15.31 6.73
C THR A 45 1.38 14.36 6.84
N ALA A 46 0.55 14.32 5.83
CA ALA A 46 -0.64 13.42 5.89
C ALA A 46 -0.20 11.96 6.09
N LEU A 47 0.77 11.51 5.34
CA LEU A 47 1.23 10.10 5.49
C LEU A 47 2.34 10.01 6.53
N GLU A 48 2.24 10.72 7.61
CA GLU A 48 3.30 10.66 8.65
C GLU A 48 3.13 9.43 9.53
N ASP A 49 3.18 8.25 8.95
CA ASP A 49 3.03 7.02 9.76
C ASP A 49 3.95 5.92 9.23
N TYR A 50 3.55 5.23 8.19
CA TYR A 50 4.41 4.14 7.63
C TYR A 50 5.21 4.69 6.45
N LEU A 51 5.90 5.78 6.66
CA LEU A 51 6.68 6.40 5.56
C LEU A 51 8.18 6.28 5.80
N PHE A 52 8.92 5.84 4.81
CA PHE A 52 10.40 5.74 4.96
C PHE A 52 11.07 7.03 4.47
N SER A 53 12.36 7.10 4.50
CA SER A 53 13.04 8.34 4.02
C SER A 53 14.36 8.02 3.32
N ARG A 54 14.49 8.45 2.10
CA ARG A 54 15.75 8.20 1.34
C ARG A 54 16.48 9.52 1.15
N LYS A 55 17.67 9.49 0.62
CA LYS A 55 18.44 10.75 0.45
C LYS A 55 17.99 11.44 -0.83
N ASN A 56 16.79 11.96 -0.82
CA ASN A 56 16.24 12.63 -2.02
C ASN A 56 14.74 12.83 -1.82
N MET A 57 14.12 11.97 -1.04
CA MET A 57 12.67 12.10 -0.80
C MET A 57 12.18 11.05 0.21
N SER A 58 10.89 10.91 0.32
CA SER A 58 10.33 9.87 1.25
C SER A 58 9.48 8.89 0.45
N ALA A 59 9.11 7.78 1.04
CA ALA A 59 8.28 6.79 0.29
C ALA A 59 7.38 6.00 1.24
N MET A 60 6.26 5.54 0.76
CA MET A 60 5.35 4.73 1.62
C MET A 60 5.71 3.25 1.51
N ALA A 61 5.41 2.49 2.52
CA ALA A 61 5.77 1.04 2.47
C ALA A 61 4.65 0.23 1.80
N LEU A 62 4.74 0.04 0.51
CA LEU A 62 3.69 -0.74 -0.21
C LEU A 62 3.54 -2.13 0.41
N GLY A 63 4.63 -2.79 0.69
CA GLY A 63 4.55 -4.15 1.28
C GLY A 63 3.90 -4.08 2.67
N PHE A 64 4.38 -4.85 3.61
CA PHE A 64 3.78 -4.82 4.97
C PHE A 64 4.48 -3.79 5.85
N GLY A 65 5.30 -2.94 5.28
CA GLY A 65 6.04 -1.93 6.09
C GLY A 65 5.07 -1.22 7.05
N ALA A 66 3.83 -1.08 6.66
CA ALA A 66 2.85 -0.42 7.57
C ALA A 66 2.62 -1.29 8.80
N ILE A 67 1.89 -2.36 8.66
CA ILE A 67 1.62 -3.25 9.82
C ILE A 67 2.92 -3.75 10.44
N PHE A 68 4.00 -3.68 9.73
CA PHE A 68 5.30 -4.11 10.31
C PHE A 68 5.52 -3.42 11.67
N ASN A 69 5.90 -4.16 12.68
CA ASN A 69 6.08 -3.52 14.02
C ASN A 69 7.55 -3.45 14.40
N HIS A 70 7.84 -2.87 15.54
CA HIS A 70 9.25 -2.77 16.01
C HIS A 70 9.50 -3.81 17.10
N SER A 71 10.74 -4.18 17.31
CA SER A 71 11.04 -5.19 18.37
C SER A 71 12.43 -4.95 18.96
N LYS A 72 12.57 -5.11 20.25
CA LYS A 72 13.91 -4.92 20.88
C LYS A 72 14.96 -5.79 20.17
N ASP A 73 14.54 -6.91 19.65
CA ASP A 73 15.50 -7.80 18.94
C ASP A 73 15.15 -7.87 17.46
N PRO A 74 15.81 -7.05 16.67
CA PRO A 74 15.54 -7.02 15.21
C PRO A 74 15.66 -8.42 14.61
N ASN A 75 14.60 -8.92 14.04
CA ASN A 75 14.66 -10.29 13.43
C ASN A 75 14.57 -10.19 11.91
N ALA A 76 14.05 -9.10 11.39
CA ALA A 76 13.95 -8.95 9.91
C ALA A 76 14.12 -7.49 9.53
N ARG A 77 14.64 -7.23 8.36
CA ARG A 77 14.84 -5.82 7.92
C ARG A 77 14.22 -5.61 6.53
N HIS A 78 14.43 -4.46 5.95
CA HIS A 78 13.84 -4.20 4.60
C HIS A 78 14.91 -3.69 3.64
N GLU A 79 14.56 -3.49 2.40
CA GLU A 79 15.56 -3.01 1.41
C GLU A 79 14.93 -1.93 0.51
N LEU A 80 15.73 -1.05 -0.03
CA LEU A 80 15.19 0.01 -0.93
C LEU A 80 15.90 -0.03 -2.28
N THR A 81 15.16 0.07 -3.35
CA THR A 81 15.80 0.04 -4.70
C THR A 81 16.38 1.42 -5.03
N ALA A 82 16.77 1.63 -6.26
CA ALA A 82 17.36 2.94 -6.65
C ALA A 82 16.36 4.06 -6.37
N GLY A 83 16.38 4.60 -5.17
CA GLY A 83 15.44 5.71 -4.84
C GLY A 83 14.12 5.12 -4.33
N LEU A 84 14.17 4.34 -3.28
CA LEU A 84 12.91 3.74 -2.73
C LEU A 84 12.18 2.95 -3.83
N LYS A 85 11.03 3.41 -4.28
CA LYS A 85 10.28 2.69 -5.34
C LYS A 85 9.96 1.25 -4.90
N ARG A 86 10.87 0.34 -5.09
CA ARG A 86 10.60 -1.08 -4.70
C ARG A 86 11.19 -1.37 -3.32
N MET A 87 10.48 -2.11 -2.52
CA MET A 87 11.00 -2.44 -1.16
C MET A 87 10.90 -3.94 -0.91
N ARG A 88 11.85 -4.49 -0.20
CA ARG A 88 11.81 -5.95 0.10
C ARG A 88 11.90 -6.19 1.60
N ILE A 89 11.53 -7.36 2.04
CA ILE A 89 11.61 -7.67 3.50
C ILE A 89 12.50 -8.89 3.72
N PHE A 90 13.73 -8.70 4.09
CA PHE A 90 14.64 -9.85 4.30
C PHE A 90 14.70 -10.25 5.77
N THR A 91 15.55 -11.19 6.10
CA THR A 91 15.66 -11.63 7.53
C THR A 91 17.12 -11.55 8.00
N ILE A 92 17.48 -10.50 8.69
CA ILE A 92 18.89 -10.37 9.15
C ILE A 92 19.29 -11.59 9.98
N LYS A 93 18.35 -12.27 10.57
CA LYS A 93 18.69 -13.46 11.40
C LYS A 93 17.61 -14.53 11.25
N PRO A 94 18.02 -15.78 11.31
CA PRO A 94 17.06 -16.91 11.19
C PRO A 94 15.97 -16.78 12.25
N ILE A 95 14.73 -16.80 11.83
CA ILE A 95 13.62 -16.68 12.82
C ILE A 95 13.07 -18.07 13.17
N ALA A 96 12.67 -18.27 14.40
CA ALA A 96 12.15 -19.60 14.81
C ALA A 96 10.64 -19.66 14.59
N ILE A 97 10.10 -20.84 14.45
CA ILE A 97 8.63 -20.97 14.23
C ILE A 97 7.86 -20.52 15.47
N GLY A 98 7.13 -19.44 15.37
CA GLY A 98 6.36 -18.96 16.55
C GLY A 98 6.95 -17.62 17.02
N GLU A 99 7.49 -16.85 16.12
CA GLU A 99 8.08 -15.54 16.52
C GLU A 99 7.31 -14.40 15.88
N GLU A 100 7.81 -13.20 15.97
CA GLU A 100 7.10 -12.04 15.35
C GLU A 100 8.07 -11.25 14.46
N ILE A 101 7.64 -10.91 13.28
CA ILE A 101 8.53 -10.13 12.37
C ILE A 101 8.33 -8.63 12.60
N THR A 102 9.42 -7.92 12.76
CA THR A 102 9.35 -6.45 13.01
C THR A 102 10.68 -5.79 12.64
N ILE A 103 10.70 -4.49 12.51
CA ILE A 103 11.97 -3.81 12.14
C ILE A 103 12.20 -2.59 13.05
N SER A 104 13.41 -2.10 13.10
CA SER A 104 13.71 -0.91 13.96
C SER A 104 13.55 0.37 13.14
N TYR A 105 13.66 1.51 13.78
CA TYR A 105 13.52 2.79 13.02
C TYR A 105 14.73 3.69 13.27
N GLY A 106 14.86 4.23 14.45
CA GLY A 106 16.03 5.11 14.73
C GLY A 106 15.91 6.40 13.92
N ASP A 107 16.98 7.14 13.78
CA ASP A 107 16.95 8.40 13.00
C ASP A 107 15.88 9.35 13.55
N ASP A 108 14.65 9.21 13.12
CA ASP A 108 13.57 10.12 13.63
C ASP A 108 12.77 9.40 14.72
N TYR A 109 12.44 8.15 14.50
CA TYR A 109 11.64 7.40 15.51
C TYR A 109 12.41 7.31 16.83
N TRP A 110 11.72 7.42 17.93
CA TRP A 110 12.41 7.35 19.26
C TRP A 110 11.90 6.15 20.06
N LEU A 111 11.65 5.05 19.41
CA LEU A 111 11.15 3.85 20.15
C LEU A 111 12.06 3.54 21.34
N SER A 112 11.49 3.05 22.41
CA SER A 112 12.29 2.71 23.62
C SER A 112 12.99 3.96 24.18
N ARG A 113 12.83 4.22 25.45
CA ARG A 113 13.49 5.39 26.06
C ARG A 113 14.99 5.15 26.31
N PRO A 114 15.27 4.05 26.95
CA PRO A 114 16.67 3.70 27.28
C PRO A 114 17.40 3.14 26.06
N ARG A 115 16.69 2.80 25.02
CA ARG A 115 17.36 2.28 23.80
C ARG A 115 18.24 1.08 24.15
N LEU A 116 19.27 0.84 23.37
CA LEU A 116 20.16 -0.31 23.67
C LEU A 116 21.60 0.18 23.87
N THR A 117 21.81 1.06 24.80
CA THR A 117 23.19 1.56 25.05
C THR A 117 23.54 1.43 26.54
N GLN A 118 24.55 0.67 26.85
CA GLN A 118 24.94 0.49 28.27
C GLN A 118 23.74 0.05 29.11
N ASN A 119 23.89 -0.01 30.41
CA ASN A 119 22.76 -0.44 31.27
C ASN A 119 22.63 0.48 32.49
N GLY B 1 5.60 29.46 33.85
CA GLY B 1 6.03 28.28 33.05
C GLY B 1 4.98 27.17 33.19
N LYS B 2 4.64 26.53 32.11
CA LYS B 2 3.63 25.43 32.19
C LYS B 2 3.51 24.74 30.83
N ALA B 3 2.97 25.41 29.84
CA ALA B 3 2.83 24.78 28.50
C ALA B 3 3.70 25.52 27.48
N PRO B 4 4.92 25.03 27.32
CA PRO B 4 5.86 25.66 26.35
C PRO B 4 5.31 25.54 24.93
N ARG B 5 5.44 26.56 24.13
CA ARG B 5 4.93 26.50 22.74
C ARG B 5 6.06 26.10 21.78
N LYS B 6 7.01 26.97 21.58
CA LYS B 6 8.14 26.65 20.66
C LYS B 6 7.61 26.19 19.30
N GLN B 7 8.46 25.70 18.44
CA GLN B 7 7.99 25.24 17.10
C GLN B 7 6.96 24.12 17.25
N LEU B 8 6.64 23.45 16.18
CA LEU B 8 5.64 22.35 16.27
C LEU B 8 6.02 21.21 15.32
N ALA B 9 6.87 20.32 15.75
CA ALA B 9 7.29 19.19 14.87
C ALA B 9 7.77 19.71 13.52
N THR B 10 9.04 19.94 13.39
CA THR B 10 9.57 20.45 12.09
C THR B 10 9.55 19.35 11.03
N LYS B 11 9.99 18.17 11.37
CA LYS B 11 9.99 17.06 10.38
C LYS B 11 9.30 15.83 10.95
N ALA B 12 8.34 15.28 10.24
CA ALA B 12 7.63 14.08 10.76
C ALA B 12 8.62 12.96 11.07
N ALA B 13 8.24 12.03 11.89
CA ALA B 13 9.17 10.91 12.24
C ALA B 13 9.20 9.88 11.10
N ARG B 14 10.29 9.83 10.38
CA ARG B 14 10.39 8.85 9.25
C ARG B 14 11.35 7.72 9.62
N SER B 16 14.65 5.42 9.28
CA SER B 16 16.02 5.58 8.69
C SER B 16 16.15 4.73 7.43
N ALA B 17 17.36 4.51 6.98
CA ALA B 17 17.55 3.70 5.74
C ALA B 17 18.72 2.72 5.93
N PRO B 18 18.65 1.61 5.23
CA PRO B 18 19.72 0.58 5.35
C PRO B 18 21.08 1.19 4.99
N ALA B 19 21.10 2.11 4.07
CA ALA B 19 22.40 2.73 3.67
C ALA B 19 22.42 4.21 4.09
N THR B 20 22.93 4.50 5.25
CA THR B 20 22.98 5.91 5.71
C THR B 20 24.41 6.42 5.72
N GLY B 21 25.15 6.18 4.67
CA GLY B 21 26.56 6.65 4.62
C GLY B 21 27.47 5.49 4.19
N MET C 1 6.31 -10.42 -7.81
CA MET C 1 5.72 -9.55 -8.86
C MET C 1 4.99 -10.40 -9.92
N PHE C 2 5.49 -11.57 -10.20
CA PHE C 2 4.85 -12.44 -11.22
C PHE C 2 4.57 -13.83 -10.64
N ASN C 3 3.33 -14.16 -10.42
CA ASN C 3 2.99 -15.50 -9.87
C ASN C 3 2.15 -16.29 -10.88
N ASP C 4 2.24 -17.59 -10.85
CA ASP C 4 1.46 -18.43 -11.80
C ASP C 4 -0.01 -17.99 -11.84
N ARG C 5 -0.49 -17.45 -10.76
CA ARG C 5 -1.92 -16.99 -10.74
C ARG C 5 -2.08 -15.68 -11.50
N VAL C 6 -1.21 -14.73 -11.25
CA VAL C 6 -1.31 -13.42 -11.96
C VAL C 6 0.06 -12.76 -12.05
N ILE C 7 0.26 -11.89 -13.00
CA ILE C 7 1.57 -11.20 -13.12
C ILE C 7 1.38 -9.69 -13.21
N VAL C 8 2.37 -8.93 -12.84
CA VAL C 8 2.23 -7.45 -12.90
C VAL C 8 2.87 -6.88 -14.18
N LYS C 9 2.18 -6.01 -14.86
CA LYS C 9 2.73 -5.41 -16.11
C LYS C 9 2.58 -3.88 -16.05
N LYS C 10 3.52 -3.08 -16.54
CA LYS C 10 4.76 -3.60 -17.19
C LYS C 10 4.43 -4.61 -18.30
N SER C 11 3.74 -4.17 -19.32
CA SER C 11 3.39 -5.09 -20.44
C SER C 11 4.09 -4.63 -21.73
N PRO C 12 3.80 -5.32 -22.81
CA PRO C 12 4.41 -4.97 -24.11
C PRO C 12 3.96 -3.58 -24.55
N LEU C 13 2.68 -3.41 -24.79
CA LEU C 13 2.18 -2.07 -25.23
C LEU C 13 1.18 -1.52 -24.23
N GLY C 14 0.57 -2.36 -23.45
CA GLY C 14 -0.43 -1.88 -22.46
C GLY C 14 0.27 -1.03 -21.40
N GLY C 15 -0.48 -0.39 -20.55
CA GLY C 15 0.13 0.46 -19.49
C GLY C 15 0.36 -0.38 -18.22
N TYR C 16 0.50 0.25 -17.09
CA TYR C 16 0.71 -0.51 -15.84
C TYR C 16 -0.59 -1.16 -15.39
N GLY C 17 -0.93 -2.29 -15.94
CA GLY C 17 -2.17 -2.99 -15.54
C GLY C 17 -1.82 -4.39 -15.02
N VAL C 18 -2.79 -5.24 -14.82
CA VAL C 18 -2.46 -6.61 -14.32
C VAL C 18 -2.73 -7.65 -15.41
N PHE C 19 -1.93 -8.69 -15.45
CA PHE C 19 -2.15 -9.75 -16.48
C PHE C 19 -2.63 -11.03 -15.82
N ALA C 20 -3.78 -11.52 -16.22
CA ALA C 20 -4.32 -12.77 -15.60
C ALA C 20 -3.88 -14.00 -16.37
N ARG C 21 -2.78 -14.60 -15.99
CA ARG C 21 -2.32 -15.83 -16.69
C ARG C 21 -3.38 -16.93 -16.57
N LYS C 22 -4.24 -16.81 -15.60
CA LYS C 22 -5.31 -17.83 -15.41
C LYS C 22 -6.57 -17.40 -16.19
N SER C 23 -7.65 -18.17 -16.15
CA SER C 23 -7.71 -19.43 -15.35
C SER C 23 -8.60 -19.25 -14.12
N PHE C 24 -9.39 -18.21 -14.09
CA PHE C 24 -10.27 -17.98 -12.90
C PHE C 24 -11.73 -18.23 -13.26
N GLU C 25 -12.51 -18.68 -12.30
CA GLU C 25 -13.95 -18.93 -12.58
C GLU C 25 -14.77 -17.68 -12.25
N LYS C 26 -16.05 -17.82 -12.07
CA LYS C 26 -16.89 -16.64 -11.74
C LYS C 26 -17.07 -16.51 -10.24
N GLY C 27 -16.03 -16.17 -9.53
CA GLY C 27 -16.14 -16.02 -8.05
C GLY C 27 -14.88 -16.56 -7.39
N GLU C 28 -13.77 -15.92 -7.60
CA GLU C 28 -12.50 -16.40 -6.97
C GLU C 28 -11.69 -15.22 -6.44
N LEU C 29 -11.39 -15.21 -5.17
CA LEU C 29 -10.62 -14.07 -4.59
C LEU C 29 -9.21 -14.05 -5.17
N VAL C 30 -8.88 -13.01 -5.90
CA VAL C 30 -7.51 -12.90 -6.47
C VAL C 30 -6.61 -12.10 -5.55
N GLU C 31 -6.18 -12.69 -4.46
CA GLU C 31 -5.30 -11.97 -3.49
C GLU C 31 -5.97 -10.71 -2.96
N GLU C 32 -5.60 -10.28 -1.78
CA GLU C 32 -6.23 -9.06 -1.21
C GLU C 32 -5.31 -8.43 -0.16
N CYS C 33 -5.52 -7.19 0.18
CA CYS C 33 -4.64 -6.53 1.20
C CYS C 33 -5.41 -5.44 1.95
N LEU C 34 -4.73 -4.66 2.74
CA LEU C 34 -5.41 -3.58 3.51
C LEU C 34 -5.44 -2.28 2.70
N CYS C 35 -5.83 -1.20 3.30
CA CYS C 35 -5.87 0.10 2.57
C CYS C 35 -5.56 1.25 3.53
N ILE C 36 -5.18 2.38 3.02
CA ILE C 36 -4.88 3.54 3.91
C ILE C 36 -6.11 4.44 4.00
N VAL C 37 -6.83 4.35 5.08
CA VAL C 37 -8.07 5.17 5.21
C VAL C 37 -7.75 6.55 5.80
N ARG C 38 -8.22 7.59 5.18
CA ARG C 38 -7.96 8.96 5.70
C ARG C 38 -9.14 9.87 5.40
N HIS C 39 -9.37 10.87 6.21
CA HIS C 39 -10.51 11.78 5.98
C HIS C 39 -10.34 12.53 4.65
N ASN C 40 -11.25 13.39 4.31
CA ASN C 40 -11.13 14.14 3.03
C ASN C 40 -10.36 15.44 3.23
N ASP C 41 -9.18 15.53 2.68
CA ASP C 41 -8.36 16.77 2.83
C ASP C 41 -7.08 16.65 2.00
N ASP C 42 -5.97 17.13 2.50
CA ASP C 42 -4.70 17.00 1.72
C ASP C 42 -4.50 15.55 1.28
N TRP C 43 -5.08 14.63 2.01
CA TRP C 43 -4.96 13.19 1.64
C TRP C 43 -5.45 12.97 0.21
N GLY C 44 -6.70 13.20 -0.03
CA GLY C 44 -7.25 13.01 -1.40
C GLY C 44 -6.46 13.87 -2.40
N THR C 45 -5.93 14.97 -1.94
CA THR C 45 -5.15 15.86 -2.86
C THR C 45 -3.82 15.20 -3.24
N ALA C 46 -2.93 15.05 -2.30
CA ALA C 46 -1.61 14.43 -2.63
C ALA C 46 -1.81 13.01 -3.20
N LEU C 47 -2.63 12.23 -2.58
CA LEU C 47 -2.85 10.83 -3.08
C LEU C 47 -4.02 10.80 -4.07
N GLU C 48 -4.10 11.78 -4.93
CA GLU C 48 -5.22 11.79 -5.92
C GLU C 48 -4.90 10.87 -7.10
N ASP C 49 -4.72 9.61 -6.84
CA ASP C 49 -4.41 8.66 -7.96
C ASP C 49 -5.08 7.31 -7.71
N TYR C 50 -4.50 6.48 -6.90
CA TYR C 50 -5.12 5.15 -6.63
C TYR C 50 -5.92 5.22 -5.33
N LEU C 51 -6.80 6.17 -5.22
CA LEU C 51 -7.59 6.34 -3.96
C LEU C 51 -9.07 6.02 -4.18
N PHE C 52 -9.64 5.20 -3.34
CA PHE C 52 -11.08 4.88 -3.47
C PHE C 52 -11.92 5.86 -2.64
N SER C 53 -13.22 5.69 -2.61
CA SER C 53 -14.06 6.62 -1.81
C SER C 53 -15.23 5.89 -1.18
N ARG C 54 -15.35 5.97 0.12
CA ARG C 54 -16.49 5.32 0.82
C ARG C 54 -17.42 6.38 1.39
N LYS C 55 -18.57 6.00 1.86
CA LYS C 55 -19.51 7.01 2.42
C LYS C 55 -19.08 7.43 3.82
N ASN C 56 -17.99 8.15 3.92
CA ASN C 56 -17.48 8.58 5.23
C ASN C 56 -16.06 9.09 5.06
N MET C 57 -15.36 8.58 4.07
CA MET C 57 -13.97 9.04 3.83
C MET C 57 -13.38 8.38 2.57
N SER C 58 -12.10 8.51 2.37
CA SER C 58 -11.45 7.87 1.20
C SER C 58 -10.37 6.89 1.68
N ALA C 59 -9.88 6.06 0.81
CA ALA C 59 -8.85 5.07 1.26
C ALA C 59 -7.90 4.72 0.11
N MET C 60 -6.67 4.37 0.42
CA MET C 60 -5.71 4.00 -0.65
C MET C 60 -5.81 2.49 -0.93
N ALA C 61 -5.47 2.07 -2.11
CA ALA C 61 -5.56 0.62 -2.44
C ALA C 61 -4.27 -0.10 -2.03
N LEU C 62 -4.23 -0.63 -0.84
CA LEU C 62 -3.01 -1.37 -0.37
C LEU C 62 -2.67 -2.49 -1.35
N GLY C 63 -3.65 -3.25 -1.76
CA GLY C 63 -3.39 -4.38 -2.69
C GLY C 63 -2.86 -3.83 -4.02
N PHE C 64 -3.28 -4.42 -5.12
CA PHE C 64 -2.79 -3.93 -6.45
C PHE C 64 -3.73 -2.85 -7.01
N GLY C 65 -4.63 -2.35 -6.21
CA GLY C 65 -5.58 -1.31 -6.70
C GLY C 65 -4.83 -0.21 -7.46
N ALA C 66 -3.60 0.04 -7.09
CA ALA C 66 -2.81 1.08 -7.81
C ALA C 66 -2.52 0.61 -9.24
N ILE C 67 -1.61 -0.31 -9.40
CA ILE C 67 -1.28 -0.82 -10.76
C ILE C 67 -2.52 -1.36 -11.46
N PHE C 68 -3.54 -1.67 -10.73
CA PHE C 68 -4.79 -2.17 -11.37
C PHE C 68 -5.23 -1.21 -12.48
N ASN C 69 -5.55 -1.71 -13.64
CA ASN C 69 -5.93 -0.81 -14.76
C ASN C 69 -7.43 -0.91 -15.07
N HIS C 70 -7.88 -0.13 -16.02
CA HIS C 70 -9.32 -0.18 -16.40
C HIS C 70 -9.49 -0.92 -17.72
N SER C 71 -10.65 -1.45 -17.99
CA SER C 71 -10.85 -2.20 -19.27
C SER C 71 -12.29 -2.08 -19.73
N LYS C 72 -12.50 -1.93 -21.01
CA LYS C 72 -13.90 -1.82 -21.54
C LYS C 72 -14.73 -3.02 -21.06
N ASP C 73 -14.09 -4.15 -20.87
CA ASP C 73 -14.83 -5.34 -20.39
C ASP C 73 -14.36 -5.73 -18.98
N PRO C 74 -15.09 -5.27 -18.00
CA PRO C 74 -14.73 -5.57 -16.59
C PRO C 74 -14.56 -7.07 -16.38
N ASN C 75 -13.40 -7.50 -15.98
CA ASN C 75 -13.18 -8.95 -15.75
C ASN C 75 -13.00 -9.23 -14.26
N ALA C 76 -12.63 -8.25 -13.50
CA ALA C 76 -12.45 -8.45 -12.03
C ALA C 76 -12.84 -7.19 -11.26
N ARG C 77 -13.30 -7.35 -10.06
CA ARG C 77 -13.70 -6.16 -9.25
C ARG C 77 -13.03 -6.19 -7.88
N HIS C 78 -13.38 -5.29 -7.00
CA HIS C 78 -12.75 -5.28 -5.66
C HIS C 78 -13.82 -5.23 -4.57
N GLU C 79 -13.42 -5.30 -3.33
CA GLU C 79 -14.41 -5.27 -2.21
C GLU C 79 -13.91 -4.38 -1.07
N LEU C 80 -14.80 -3.81 -0.32
CA LEU C 80 -14.38 -2.94 0.82
C LEU C 80 -14.97 -3.45 2.13
N THR C 81 -14.19 -3.49 3.18
CA THR C 81 -14.71 -3.99 4.48
C THR C 81 -15.49 -2.87 5.19
N ALA C 82 -15.82 -3.06 6.43
CA ALA C 82 -16.59 -2.01 7.17
C ALA C 82 -15.82 -0.69 7.17
N GLY C 83 -16.02 0.12 6.16
CA GLY C 83 -15.32 1.43 6.10
C GLY C 83 -13.95 1.24 5.43
N LEU C 84 -13.95 0.76 4.21
CA LEU C 84 -12.66 0.56 3.49
C LEU C 84 -11.71 -0.33 4.32
N LYS C 85 -10.63 0.20 4.83
CA LYS C 85 -9.69 -0.63 5.65
C LYS C 85 -9.16 -1.82 4.85
N ARG C 86 -9.90 -2.91 4.81
CA ARG C 86 -9.42 -4.09 4.05
C ARG C 86 -10.04 -4.14 2.66
N MET C 87 -9.27 -4.49 1.67
CA MET C 87 -9.83 -4.56 0.29
C MET C 87 -9.50 -5.90 -0.36
N ARG C 88 -10.39 -6.42 -1.16
CA ARG C 88 -10.14 -7.72 -1.83
C ARG C 88 -10.28 -7.58 -3.34
N ILE C 89 -9.77 -8.52 -4.09
CA ILE C 89 -9.89 -8.45 -5.57
C ILE C 89 -10.57 -9.72 -6.09
N PHE C 90 -11.84 -9.65 -6.36
CA PHE C 90 -12.56 -10.87 -6.84
C PHE C 90 -12.65 -10.88 -8.36
N THR C 91 -13.36 -11.84 -8.91
CA THR C 91 -13.50 -11.92 -10.39
C THR C 91 -14.98 -11.99 -10.78
N ILE C 92 -15.56 -10.88 -11.16
CA ILE C 92 -16.99 -10.90 -11.54
C ILE C 92 -17.26 -11.92 -12.65
N LYS C 93 -16.26 -12.24 -13.42
CA LYS C 93 -16.45 -13.23 -14.52
C LYS C 93 -15.19 -14.09 -14.70
N PRO C 94 -15.39 -15.33 -15.07
CA PRO C 94 -14.25 -16.25 -15.28
C PRO C 94 -13.27 -15.67 -16.30
N ILE C 95 -12.02 -15.56 -15.94
CA ILE C 95 -11.02 -14.99 -16.89
C ILE C 95 -10.28 -16.12 -17.60
N ALA C 96 -9.95 -15.92 -18.86
CA ALA C 96 -9.23 -16.98 -19.61
C ALA C 96 -7.72 -16.83 -19.45
N ILE C 97 -6.98 -17.89 -19.64
CA ILE C 97 -5.50 -17.80 -19.50
C ILE C 97 -4.91 -16.91 -20.60
N GLY C 98 -4.37 -15.78 -20.25
CA GLY C 98 -3.78 -14.88 -21.28
C GLY C 98 -4.62 -13.60 -21.37
N GLU C 99 -5.21 -13.19 -20.28
CA GLU C 99 -6.05 -11.95 -20.30
C GLU C 99 -5.43 -10.89 -19.39
N GLU C 100 -6.14 -9.82 -19.16
CA GLU C 100 -5.60 -8.75 -18.26
C GLU C 100 -6.60 -8.40 -17.18
N ILE C 101 -6.16 -8.31 -15.95
CA ILE C 101 -7.11 -7.96 -14.85
C ILE C 101 -7.19 -6.44 -14.69
N THR C 102 -8.39 -5.93 -14.62
CA THR C 102 -8.58 -4.45 -14.49
C THR C 102 -9.96 -4.16 -13.91
N ILE C 103 -10.20 -2.96 -13.44
CA ILE C 103 -11.54 -2.63 -12.88
C ILE C 103 -12.04 -1.30 -13.42
N SER C 104 -13.32 -1.04 -13.31
CA SER C 104 -13.86 0.25 -13.82
C SER C 104 -13.87 1.29 -12.70
N TYR C 105 -14.23 2.51 -13.00
CA TYR C 105 -14.24 3.56 -11.94
C TYR C 105 -15.61 4.26 -11.90
N GLY C 106 -15.92 5.05 -12.89
CA GLY C 106 -17.24 5.75 -12.91
C GLY C 106 -17.28 6.78 -11.77
N ASP C 107 -18.44 7.24 -11.43
CA ASP C 107 -18.56 8.26 -10.34
C ASP C 107 -17.71 9.50 -10.65
N ASP C 108 -16.46 9.48 -10.31
CA ASP C 108 -15.59 10.67 -10.60
C ASP C 108 -14.75 10.40 -11.84
N TYR C 109 -14.20 9.22 -11.97
CA TYR C 109 -13.37 8.92 -13.17
C TYR C 109 -14.20 9.03 -14.45
N TRP C 110 -13.62 9.54 -15.50
CA TRP C 110 -14.38 9.68 -16.78
C TRP C 110 -13.74 8.85 -17.89
N LEU C 111 -13.27 7.67 -17.55
CA LEU C 111 -12.62 6.82 -18.60
C LEU C 111 -13.55 6.66 -19.80
N SER C 112 -12.98 6.58 -20.98
CA SER C 112 -13.81 6.42 -22.22
C SER C 112 -14.74 7.62 -22.40
N ARG C 113 -14.73 8.21 -23.56
CA ARG C 113 -15.62 9.37 -23.82
C ARG C 113 -17.06 8.92 -24.08
N PRO C 114 -17.20 7.98 -24.99
CA PRO C 114 -18.56 7.49 -25.36
C PRO C 114 -19.09 6.52 -24.31
N ARG C 115 -18.25 6.06 -23.42
CA ARG C 115 -18.72 5.11 -22.37
C ARG C 115 -19.41 3.90 -22.99
N LEU C 116 -20.32 3.30 -22.28
CA LEU C 116 -21.04 2.12 -22.83
C LEU C 116 -22.55 2.37 -22.87
N THR C 117 -22.97 3.41 -23.53
CA THR C 117 -24.42 3.69 -23.61
C THR C 117 -24.86 3.88 -25.06
N GLN C 118 -25.75 3.05 -25.53
CA GLN C 118 -26.21 3.18 -26.95
C GLN C 118 -25.01 3.19 -27.91
N ASN C 119 -25.24 3.44 -29.16
CA ASN C 119 -24.12 3.46 -30.14
C ASN C 119 -24.24 4.67 -31.07
N GLY D 1 -12.53 35.65 -25.19
CA GLY D 1 -12.69 34.24 -24.72
C GLY D 1 -11.49 33.41 -25.18
N LYS D 2 -10.95 32.59 -24.31
CA LYS D 2 -9.79 31.76 -24.70
C LYS D 2 -9.44 30.77 -23.58
N ALA D 3 -8.96 31.26 -22.47
CA ALA D 3 -8.62 30.35 -21.34
C ALA D 3 -9.52 30.63 -20.14
N PRO D 4 -10.63 29.91 -20.08
CA PRO D 4 -11.58 30.09 -18.95
C PRO D 4 -10.92 29.69 -17.63
N ARG D 5 -11.16 30.46 -16.60
CA ARG D 5 -10.56 30.13 -15.27
C ARG D 5 -11.52 29.30 -14.43
N LYS D 6 -12.59 29.90 -13.97
CA LYS D 6 -13.57 29.14 -13.15
C LYS D 6 -12.87 28.46 -11.97
N GLN D 7 -13.57 27.63 -11.25
CA GLN D 7 -12.93 26.93 -10.10
C GLN D 7 -11.74 26.10 -10.56
N LEU D 8 -11.23 25.24 -9.72
CA LEU D 8 -10.07 24.40 -10.12
C LEU D 8 -10.17 23.01 -9.49
N ALA D 9 -10.89 22.12 -10.12
CA ALA D 9 -11.04 20.75 -9.56
C ALA D 9 -11.51 20.81 -8.11
N THR D 10 -12.79 20.75 -7.88
CA THR D 10 -13.30 20.82 -6.48
C THR D 10 -13.01 19.50 -5.75
N LYS D 11 -13.27 18.40 -6.38
CA LYS D 11 -13.01 17.09 -5.72
C LYS D 11 -12.15 16.19 -6.62
N ALA D 12 -11.08 15.67 -6.10
CA ALA D 12 -10.21 14.79 -6.94
C ALA D 12 -11.01 13.62 -7.51
N ALA D 13 -10.54 13.01 -8.55
CA ALA D 13 -11.29 11.87 -9.16
C ALA D 13 -11.07 10.59 -8.33
N ARG D 14 -12.08 10.16 -7.62
CA ARG D 14 -11.92 8.93 -6.79
C ARG D 14 -12.70 7.78 -7.42
N SER D 16 -15.52 4.89 -7.61
CA SER D 16 -16.85 4.64 -6.97
C SER D 16 -16.75 3.50 -5.96
N ALA D 17 -17.86 2.95 -5.55
CA ALA D 17 -17.83 1.83 -4.58
C ALA D 17 -18.82 0.73 -4.99
N PRO D 18 -18.52 -0.48 -4.61
CA PRO D 18 -19.40 -1.62 -4.96
C PRO D 18 -20.81 -1.39 -4.42
N ALA D 19 -20.93 -0.75 -3.28
CA ALA D 19 -22.28 -0.50 -2.70
C ALA D 19 -22.57 1.00 -2.72
N THR D 20 -23.21 1.48 -3.75
CA THR D 20 -23.53 2.93 -3.82
C THR D 20 -25.04 3.15 -3.65
N GLY D 21 -25.63 2.52 -2.68
CA GLY D 21 -27.10 2.70 -2.47
C GLY D 21 -27.76 1.33 -2.34
N MET A 1 -4.81 -12.44 3.33
CA MET A 1 -4.50 -12.69 4.76
C MET A 1 -3.99 -14.13 4.94
N PHE A 2 -3.13 -14.34 5.91
CA PHE A 2 -2.60 -15.71 6.14
C PHE A 2 -2.02 -16.28 4.84
N ASN A 3 -0.93 -15.72 4.38
CA ASN A 3 -0.30 -16.23 3.13
C ASN A 3 0.71 -17.32 3.46
N ASP A 4 0.29 -18.33 4.16
CA ASP A 4 1.22 -19.45 4.51
C ASP A 4 2.49 -18.93 5.19
N ARG A 5 3.49 -18.57 4.43
CA ARG A 5 4.77 -18.08 5.04
C ARG A 5 4.49 -16.99 6.07
N VAL A 6 3.49 -16.17 5.85
CA VAL A 6 3.22 -15.08 6.83
C VAL A 6 1.73 -14.69 6.82
N ILE A 7 1.18 -14.46 7.98
CA ILE A 7 -0.26 -14.07 8.05
C ILE A 7 -0.38 -12.64 8.60
N VAL A 8 -1.51 -12.01 8.40
CA VAL A 8 -1.67 -10.62 8.91
C VAL A 8 -2.60 -10.60 10.12
N LYS A 9 -2.12 -10.13 11.24
CA LYS A 9 -2.98 -10.09 12.46
C LYS A 9 -3.17 -8.63 12.91
N LYS A 10 -4.33 -8.23 13.41
CA LYS A 10 -5.50 -9.14 13.60
C LYS A 10 -5.10 -10.40 14.38
N SER A 11 -4.68 -10.25 15.60
CA SER A 11 -4.27 -11.43 16.42
C SER A 11 -5.21 -11.59 17.62
N PRO A 12 -5.03 -12.67 18.34
CA PRO A 12 -5.87 -12.93 19.54
C PRO A 12 -5.76 -11.77 20.53
N LEU A 13 -4.61 -11.15 20.59
CA LEU A 13 -4.43 -10.02 21.55
C LEU A 13 -5.01 -8.73 20.96
N GLY A 14 -4.88 -8.54 19.67
CA GLY A 14 -5.43 -7.31 19.04
C GLY A 14 -4.30 -6.57 18.32
N GLY A 15 -4.53 -5.33 17.98
CA GLY A 15 -3.47 -4.55 17.27
C GLY A 15 -3.36 -5.04 15.83
N TYR A 16 -2.44 -4.49 15.08
CA TYR A 16 -2.28 -4.93 13.66
C TYR A 16 -0.82 -5.25 13.36
N GLY A 17 -0.33 -6.34 13.89
CA GLY A 17 1.07 -6.74 13.64
C GLY A 17 1.08 -7.98 12.72
N VAL A 18 2.21 -8.57 12.50
CA VAL A 18 2.24 -9.77 11.61
C VAL A 18 2.61 -11.03 12.41
N PHE A 19 2.28 -12.18 11.90
CA PHE A 19 2.62 -13.44 12.61
C PHE A 19 3.49 -14.33 11.73
N ALA A 20 4.61 -14.77 12.25
CA ALA A 20 5.51 -15.63 11.45
C ALA A 20 5.15 -17.11 11.63
N ARG A 21 4.37 -17.64 10.74
CA ARG A 21 4.00 -19.08 10.84
C ARG A 21 5.25 -19.94 10.67
N LYS A 22 6.24 -19.42 10.00
CA LYS A 22 7.51 -20.19 9.80
C LYS A 22 8.44 -19.97 11.01
N SER A 23 9.61 -20.57 11.04
CA SER A 23 10.09 -21.45 9.94
C SER A 23 11.13 -20.73 9.08
N PHE A 24 11.61 -19.59 9.53
CA PHE A 24 12.62 -18.84 8.73
C PHE A 24 14.01 -18.95 9.35
N GLU A 25 15.03 -18.87 8.55
CA GLU A 25 16.42 -18.95 9.08
C GLU A 25 16.96 -17.55 9.36
N LYS A 26 18.25 -17.38 9.30
CA LYS A 26 18.83 -16.03 9.56
C LYS A 26 19.18 -15.34 8.24
N GLY A 27 18.20 -14.96 7.48
CA GLY A 27 18.47 -14.28 6.18
C GLY A 27 17.81 -15.06 5.04
N GLU A 28 16.51 -14.95 4.91
CA GLU A 28 15.82 -15.68 3.81
C GLU A 28 14.77 -14.79 3.13
N LEU A 29 14.74 -13.52 3.47
CA LEU A 29 13.73 -12.59 2.85
C LEU A 29 12.32 -13.06 3.19
N VAL A 30 11.48 -12.16 3.63
CA VAL A 30 10.11 -12.57 3.98
C VAL A 30 9.12 -12.13 2.89
N GLU A 31 8.81 -10.87 2.82
CA GLU A 31 7.86 -10.40 1.78
C GLU A 31 8.37 -9.13 1.11
N GLU A 32 7.86 -8.81 -0.05
CA GLU A 32 8.31 -7.57 -0.75
C GLU A 32 7.11 -6.87 -1.39
N CYS A 33 7.10 -5.56 -1.38
CA CYS A 33 5.95 -4.83 -1.99
C CYS A 33 6.42 -3.47 -2.51
N LEU A 34 5.51 -2.65 -2.99
CA LEU A 34 5.91 -1.32 -3.52
C LEU A 34 5.69 -0.24 -2.44
N CYS A 35 6.09 0.97 -2.71
CA CYS A 35 5.90 2.05 -1.71
C CYS A 35 5.71 3.41 -2.39
N ILE A 36 5.30 4.40 -1.65
CA ILE A 36 5.10 5.75 -2.25
C ILE A 36 6.31 6.64 -1.93
N VAL A 37 6.62 7.58 -2.78
CA VAL A 37 7.79 8.46 -2.52
C VAL A 37 7.34 9.93 -2.58
N ARG A 38 6.78 10.43 -1.50
CA ARG A 38 6.33 11.85 -1.50
C ARG A 38 7.23 12.70 -0.60
N HIS A 39 7.44 13.94 -0.96
CA HIS A 39 8.29 14.82 -0.12
C HIS A 39 7.68 14.98 1.28
N ASN A 40 8.26 15.79 2.11
CA ASN A 40 7.71 15.98 3.48
C ASN A 40 6.67 17.11 3.49
N ASP A 41 6.69 17.98 4.48
CA ASP A 41 5.70 19.10 4.53
C ASP A 41 4.27 18.55 4.58
N ASP A 42 3.36 19.08 3.80
CA ASP A 42 1.94 18.59 3.84
C ASP A 42 1.90 17.05 3.83
N TRP A 43 2.90 16.42 3.28
CA TRP A 43 2.91 14.93 3.25
C TRP A 43 3.07 14.39 4.68
N GLY A 44 4.13 14.75 5.35
CA GLY A 44 4.34 14.25 6.74
C GLY A 44 3.12 14.60 7.60
N THR A 45 2.40 15.62 7.24
CA THR A 45 1.20 16.00 8.04
C THR A 45 0.01 15.13 7.67
N ALA A 46 -0.46 15.22 6.46
CA ALA A 46 -1.63 14.39 6.05
C ALA A 46 -1.36 12.91 6.35
N LEU A 47 -0.30 12.37 5.81
CA LEU A 47 0.04 10.95 6.08
C LEU A 47 0.97 10.85 7.29
N GLU A 48 0.61 11.44 8.39
CA GLU A 48 1.52 11.39 9.58
C GLU A 48 1.58 9.98 10.19
N ASP A 49 1.94 8.99 9.42
CA ASP A 49 2.02 7.59 9.96
C ASP A 49 2.32 6.61 8.83
N TYR A 50 2.92 5.49 9.15
CA TYR A 50 3.20 4.45 8.11
C TYR A 50 4.10 5.01 7.01
N LEU A 51 4.85 6.03 7.28
CA LEU A 51 5.73 6.60 6.22
C LEU A 51 7.19 6.23 6.46
N PHE A 52 7.77 5.42 5.60
CA PHE A 52 9.21 5.10 5.74
C PHE A 52 10.01 6.14 4.97
N SER A 53 10.59 7.08 5.65
CA SER A 53 11.31 8.17 4.95
C SER A 53 12.83 7.93 4.91
N ARG A 54 13.49 8.53 3.97
CA ARG A 54 14.97 8.38 3.88
C ARG A 54 15.64 9.74 4.05
N LYS A 55 16.93 9.81 3.85
CA LYS A 55 17.62 11.12 4.02
C LYS A 55 17.48 11.93 2.73
N ASN A 56 16.35 12.56 2.57
CA ASN A 56 16.09 13.35 1.34
C ASN A 56 14.59 13.49 1.10
N MET A 57 13.80 12.61 1.67
CA MET A 57 12.33 12.72 1.45
C MET A 57 11.57 11.68 2.31
N SER A 58 10.30 11.52 2.05
CA SER A 58 9.52 10.54 2.86
C SER A 58 8.75 9.58 1.92
N ALA A 59 8.52 8.38 2.35
CA ALA A 59 7.78 7.41 1.50
C ALA A 59 6.72 6.67 2.32
N MET A 60 5.93 5.84 1.68
CA MET A 60 4.88 5.09 2.42
C MET A 60 5.08 3.58 2.26
N ALA A 61 4.58 2.81 3.17
CA ALA A 61 4.72 1.33 3.06
C ALA A 61 3.55 0.75 2.26
N LEU A 62 3.71 0.62 0.98
CA LEU A 62 2.60 0.11 0.13
C LEU A 62 2.08 -1.22 0.67
N GLY A 63 2.85 -2.27 0.53
CA GLY A 63 2.40 -3.61 1.01
C GLY A 63 2.21 -3.58 2.53
N PHE A 64 2.63 -4.61 3.20
CA PHE A 64 2.47 -4.66 4.68
C PHE A 64 3.65 -3.97 5.37
N GLY A 65 4.01 -2.80 4.94
CA GLY A 65 5.16 -2.09 5.57
C GLY A 65 4.66 -1.29 6.78
N ALA A 66 3.39 -0.97 6.82
CA ALA A 66 2.86 -0.19 7.98
C ALA A 66 2.44 -1.13 9.11
N ILE A 67 1.64 -2.12 8.80
CA ILE A 67 1.17 -3.08 9.85
C ILE A 67 2.30 -3.51 10.78
N PHE A 68 3.53 -3.46 10.34
CA PHE A 68 4.66 -3.86 11.22
C PHE A 68 4.63 -3.05 12.53
N ASN A 69 4.96 -3.67 13.63
CA ASN A 69 4.93 -2.94 14.93
C ASN A 69 6.31 -2.91 15.58
N HIS A 70 6.41 -2.31 16.73
CA HIS A 70 7.71 -2.26 17.47
C HIS A 70 7.70 -3.29 18.60
N SER A 71 8.83 -3.79 18.99
CA SER A 71 8.86 -4.80 20.09
C SER A 71 10.25 -4.86 20.75
N LYS A 72 11.02 -3.82 20.63
CA LYS A 72 12.38 -3.83 21.25
C LYS A 72 13.16 -5.08 20.82
N ASP A 73 12.80 -5.65 19.70
CA ASP A 73 13.50 -6.87 19.22
C ASP A 73 12.98 -7.25 17.83
N PRO A 74 13.26 -6.40 16.87
CA PRO A 74 12.79 -6.65 15.48
C PRO A 74 13.46 -7.89 14.89
N ASN A 75 12.84 -9.03 15.01
CA ASN A 75 13.44 -10.26 14.44
C ASN A 75 13.61 -10.11 12.92
N ALA A 76 12.82 -9.26 12.32
CA ALA A 76 12.93 -9.05 10.85
C ALA A 76 13.05 -7.56 10.55
N ARG A 77 14.05 -7.17 9.80
CA ARG A 77 14.22 -5.73 9.47
C ARG A 77 13.64 -5.42 8.09
N HIS A 78 13.85 -4.23 7.60
CA HIS A 78 13.30 -3.86 6.26
C HIS A 78 14.44 -3.61 5.27
N GLU A 79 14.16 -3.71 4.00
CA GLU A 79 15.22 -3.51 2.97
C GLU A 79 14.65 -2.69 1.80
N LEU A 80 15.29 -1.61 1.46
CA LEU A 80 14.78 -0.78 0.33
C LEU A 80 15.64 -0.98 -0.92
N THR A 81 15.02 -1.22 -2.05
CA THR A 81 15.80 -1.43 -3.30
C THR A 81 16.64 -0.19 -3.60
N ALA A 82 17.16 -0.10 -4.79
CA ALA A 82 18.00 1.08 -5.16
C ALA A 82 17.12 2.33 -5.30
N GLY A 83 16.79 2.95 -4.20
CA GLY A 83 15.94 4.17 -4.25
C GLY A 83 14.90 4.14 -3.14
N LEU A 84 13.65 4.10 -3.48
CA LEU A 84 12.59 4.08 -2.42
C LEU A 84 11.23 3.74 -3.05
N LYS A 85 11.17 2.75 -3.89
CA LYS A 85 9.88 2.39 -4.53
C LYS A 85 9.48 0.95 -4.17
N ARG A 86 10.41 0.16 -3.69
CA ARG A 86 10.07 -1.23 -3.32
C ARG A 86 10.60 -1.57 -1.93
N MET A 87 9.91 -2.42 -1.20
CA MET A 87 10.37 -2.78 0.16
C MET A 87 10.63 -4.28 0.27
N ARG A 88 11.42 -4.69 1.22
CA ARG A 88 11.72 -6.14 1.40
C ARG A 88 11.93 -6.46 2.88
N ILE A 89 11.08 -7.25 3.46
CA ILE A 89 11.24 -7.58 4.90
C ILE A 89 12.15 -8.79 5.09
N PHE A 90 13.27 -8.61 5.72
CA PHE A 90 14.21 -9.74 5.93
C PHE A 90 14.18 -10.21 7.38
N THR A 91 14.69 -11.39 7.64
CA THR A 91 14.69 -11.91 9.04
C THR A 91 16.10 -11.88 9.63
N ILE A 92 16.49 -10.77 10.21
CA ILE A 92 17.85 -10.68 10.80
C ILE A 92 18.10 -11.84 11.77
N LYS A 93 17.05 -12.41 12.30
CA LYS A 93 17.21 -13.55 13.25
C LYS A 93 16.26 -14.68 12.89
N PRO A 94 16.73 -15.90 13.04
CA PRO A 94 15.88 -17.08 12.73
C PRO A 94 14.57 -17.02 13.52
N ILE A 95 13.46 -17.17 12.84
CA ILE A 95 12.15 -17.11 13.56
C ILE A 95 11.54 -18.52 13.64
N ALA A 96 10.96 -18.86 14.76
CA ALA A 96 10.34 -20.20 14.89
C ALA A 96 8.88 -20.15 14.47
N ILE A 97 8.28 -21.28 14.24
CA ILE A 97 6.84 -21.29 13.82
C ILE A 97 5.94 -20.89 14.98
N GLY A 98 5.30 -19.76 14.88
CA GLY A 98 4.41 -19.32 15.98
C GLY A 98 4.96 -18.04 16.62
N GLU A 99 5.48 -17.14 15.82
CA GLU A 99 6.04 -15.88 16.39
C GLU A 99 5.33 -14.66 15.79
N GLU A 100 5.77 -13.48 16.13
CA GLU A 100 5.13 -12.26 15.55
C GLU A 100 6.19 -11.40 14.86
N ILE A 101 5.97 -11.06 13.63
CA ILE A 101 6.96 -10.21 12.90
C ILE A 101 6.63 -8.73 13.12
N THR A 102 7.61 -7.98 13.57
CA THR A 102 7.38 -6.54 13.83
C THR A 102 8.71 -5.78 13.75
N ILE A 103 8.70 -4.58 13.22
CA ILE A 103 9.97 -3.81 13.12
C ILE A 103 9.84 -2.46 13.82
N SER A 104 10.90 -1.96 14.39
CA SER A 104 10.84 -0.65 15.10
C SER A 104 11.03 0.50 14.11
N TYR A 105 11.26 1.69 14.62
CA TYR A 105 11.46 2.85 13.69
C TYR A 105 12.80 3.53 13.97
N GLY A 106 12.96 4.10 15.14
CA GLY A 106 14.23 4.77 15.48
C GLY A 106 13.95 6.02 16.32
N ASP A 107 14.98 6.65 16.82
CA ASP A 107 14.78 7.86 17.69
C ASP A 107 13.77 8.84 17.06
N ASP A 108 13.70 8.89 15.76
CA ASP A 108 12.76 9.84 15.11
C ASP A 108 11.31 9.45 15.39
N TYR A 109 10.99 8.19 15.31
CA TYR A 109 9.58 7.75 15.53
C TYR A 109 9.46 6.99 16.84
N TRP A 110 8.74 7.53 17.78
CA TRP A 110 8.54 6.84 19.10
C TRP A 110 9.90 6.59 19.79
N LEU A 111 10.64 5.61 19.37
CA LEU A 111 11.95 5.30 20.02
C LEU A 111 12.78 6.58 20.21
N SER A 112 13.77 6.53 21.05
CA SER A 112 14.60 7.74 21.30
C SER A 112 16.02 7.37 21.72
N ARG A 113 17.00 7.75 20.95
CA ARG A 113 18.41 7.43 21.30
C ARG A 113 18.57 5.95 21.68
N PRO A 114 18.06 5.08 20.84
CA PRO A 114 18.15 3.64 21.12
C PRO A 114 19.57 3.13 20.84
N ARG A 115 20.02 2.15 21.59
CA ARG A 115 21.39 1.62 21.37
C ARG A 115 21.35 0.09 21.23
N LEU A 116 20.53 -0.56 22.02
CA LEU A 116 20.44 -2.05 21.92
C LEU A 116 21.83 -2.68 21.98
N THR A 117 22.70 -2.15 22.78
CA THR A 117 24.07 -2.72 22.88
C THR A 117 24.44 -2.98 24.34
N GLN A 118 25.33 -3.90 24.59
CA GLN A 118 25.74 -4.20 25.99
C GLN A 118 27.26 -4.11 26.13
N ASN A 119 27.74 -3.57 27.22
CA ASN A 119 29.20 -3.47 27.41
C ASN A 119 29.57 -3.73 28.87
N GLY B 1 3.33 32.86 25.90
CA GLY B 1 4.17 31.78 26.50
C GLY B 1 5.00 31.11 25.40
N LYS B 2 6.07 30.46 25.76
CA LYS B 2 6.92 29.78 24.74
C LYS B 2 7.16 28.33 25.13
N ALA B 3 6.66 27.40 24.37
CA ALA B 3 6.87 25.97 24.70
C ALA B 3 6.45 25.68 26.13
N PRO B 4 5.21 25.25 26.29
CA PRO B 4 4.69 24.95 27.65
C PRO B 4 5.53 23.86 28.31
N ARG B 5 5.93 22.86 27.57
CA ARG B 5 6.75 21.77 28.18
C ARG B 5 8.02 21.53 27.35
N LYS B 6 8.46 22.53 26.61
CA LYS B 6 9.68 22.36 25.79
C LYS B 6 9.59 21.11 24.92
N GLN B 7 8.72 21.11 23.95
CA GLN B 7 8.58 19.92 23.07
C GLN B 7 9.54 20.01 21.88
N LEU B 8 10.62 19.28 21.93
CA LEU B 8 11.60 19.33 20.81
C LEU B 8 10.97 18.77 19.53
N ALA B 9 10.41 19.62 18.70
CA ALA B 9 9.79 19.14 17.44
C ALA B 9 10.87 18.65 16.47
N THR B 10 10.59 17.61 15.73
CA THR B 10 11.60 17.09 14.76
C THR B 10 11.02 17.08 13.34
N LYS B 11 11.07 18.18 12.66
CA LYS B 11 10.53 18.23 11.27
C LYS B 11 11.57 17.73 10.28
N ALA B 12 11.90 16.47 10.32
CA ALA B 12 12.92 15.93 9.38
C ALA B 12 12.86 14.40 9.36
N ALA B 13 12.56 13.83 8.21
CA ALA B 13 12.49 12.34 8.11
C ALA B 13 11.52 11.79 9.16
N ARG B 14 11.25 10.51 9.10
CA ARG B 14 10.30 9.90 10.09
C ARG B 14 10.79 8.50 10.48
N SER B 16 13.23 5.51 10.45
CA SER B 16 14.65 5.29 10.04
C SER B 16 14.72 4.38 8.81
N ALA B 17 15.77 4.49 8.04
CA ALA B 17 15.90 3.65 6.82
C ALA B 17 17.30 3.79 6.21
N PRO B 18 17.78 2.72 5.62
CA PRO B 18 19.13 2.75 5.00
C PRO B 18 19.20 3.85 3.94
N ALA B 19 20.29 3.91 3.21
CA ALA B 19 20.42 4.96 2.17
C ALA B 19 21.57 4.62 1.21
N THR B 20 21.25 4.39 -0.03
CA THR B 20 22.32 4.05 -1.02
C THR B 20 22.10 4.80 -2.34
N GLY B 21 22.74 4.38 -3.39
CA GLY B 21 22.56 5.07 -4.70
C GLY B 21 23.13 6.49 -4.61
N MET C 1 6.80 -10.17 -6.08
CA MET C 1 6.53 -10.09 -7.53
C MET C 1 6.30 -11.49 -8.12
N PHE C 2 5.49 -11.59 -9.14
CA PHE C 2 5.22 -12.93 -9.74
C PHE C 2 4.75 -13.90 -8.66
N ASN C 3 3.59 -13.69 -8.12
CA ASN C 3 3.07 -14.61 -7.08
C ASN C 3 2.26 -15.74 -7.72
N ASP C 4 2.87 -16.44 -8.65
CA ASP C 4 2.15 -17.58 -9.32
C ASP C 4 0.81 -17.13 -9.90
N ARG C 5 -0.24 -17.17 -9.12
CA ARG C 5 -1.58 -16.77 -9.63
C ARG C 5 -1.52 -15.41 -10.33
N VAL C 6 -0.69 -14.52 -9.86
CA VAL C 6 -0.62 -13.18 -10.50
C VAL C 6 0.77 -12.55 -10.33
N ILE C 7 1.27 -11.92 -11.36
CA ILE C 7 2.61 -11.27 -11.27
C ILE C 7 2.46 -9.76 -11.41
N VAL C 8 3.45 -9.01 -11.01
CA VAL C 8 3.36 -7.52 -11.12
C VAL C 8 4.27 -7.03 -12.24
N LYS C 9 3.70 -6.37 -13.23
CA LYS C 9 4.53 -5.86 -14.35
C LYS C 9 4.45 -4.32 -14.39
N LYS C 10 5.51 -3.60 -14.73
CA LYS C 10 6.83 -4.20 -15.10
C LYS C 10 6.67 -5.26 -16.19
N SER C 11 6.22 -4.87 -17.35
CA SER C 11 6.03 -5.84 -18.46
C SER C 11 6.98 -5.51 -19.62
N PRO C 12 7.00 -6.37 -20.60
CA PRO C 12 7.87 -6.16 -21.79
C PRO C 12 7.54 -4.82 -22.45
N LEU C 13 6.30 -4.41 -22.39
CA LEU C 13 5.91 -3.12 -23.03
C LEU C 13 6.24 -1.96 -22.10
N GLY C 14 6.08 -2.14 -20.82
CA GLY C 14 6.40 -1.04 -19.87
C GLY C 14 5.16 -0.73 -19.03
N GLY C 15 5.15 0.40 -18.36
CA GLY C 15 3.98 0.77 -17.52
C GLY C 15 3.96 -0.11 -16.26
N TYR C 16 2.97 0.06 -15.44
CA TYR C 16 2.90 -0.76 -14.19
C TYR C 16 1.52 -1.42 -14.05
N GLY C 17 1.25 -2.40 -14.88
CA GLY C 17 -0.06 -3.10 -14.79
C GLY C 17 0.16 -4.50 -14.23
N VAL C 18 -0.85 -5.34 -14.23
CA VAL C 18 -0.66 -6.71 -13.68
C VAL C 18 -0.80 -7.75 -14.80
N PHE C 19 -0.26 -8.92 -14.59
CA PHE C 19 -0.36 -9.98 -15.62
C PHE C 19 -1.05 -11.21 -15.05
N ALA C 20 -2.06 -11.69 -15.71
CA ALA C 20 -2.80 -12.88 -15.20
C ALA C 20 -2.17 -14.17 -15.74
N ARG C 21 -1.29 -14.77 -14.99
CA ARG C 21 -0.67 -16.05 -15.45
C ARG C 21 -1.74 -17.13 -15.57
N LYS C 22 -2.81 -16.99 -14.83
CA LYS C 22 -3.91 -18.00 -14.90
C LYS C 22 -4.87 -17.63 -16.04
N SER C 23 -5.91 -18.40 -16.28
CA SER C 23 -6.21 -19.62 -15.47
C SER C 23 -7.37 -19.34 -14.50
N PHE C 24 -8.06 -18.24 -14.66
CA PHE C 24 -9.18 -17.92 -13.73
C PHE C 24 -10.53 -18.10 -14.43
N GLU C 25 -11.54 -18.42 -13.68
CA GLU C 25 -12.89 -18.60 -14.28
C GLU C 25 -13.69 -17.30 -14.20
N LYS C 26 -14.98 -17.38 -14.16
CA LYS C 26 -15.81 -16.14 -14.08
C LYS C 26 -16.27 -15.89 -12.65
N GLY C 27 -15.36 -15.56 -11.77
CA GLY C 27 -15.76 -15.30 -10.35
C GLY C 27 -14.96 -16.23 -9.42
N GLU C 28 -13.71 -15.93 -9.21
CA GLU C 28 -12.89 -16.79 -8.31
C GLU C 28 -12.02 -15.94 -7.37
N LEU C 29 -12.22 -14.64 -7.37
CA LEU C 29 -11.40 -13.75 -6.49
C LEU C 29 -9.92 -13.84 -6.87
N VAL C 30 -9.27 -12.73 -7.04
CA VAL C 30 -7.83 -12.78 -7.42
C VAL C 30 -6.95 -12.48 -6.20
N GLU C 31 -6.88 -11.24 -5.79
CA GLU C 31 -6.02 -10.90 -4.62
C GLU C 31 -6.75 -9.96 -3.67
N GLU C 32 -6.31 -9.87 -2.44
CA GLU C 32 -6.97 -8.97 -1.46
C GLU C 32 -5.93 -8.27 -0.60
N CYS C 33 -6.15 -7.02 -0.27
CA CYS C 33 -5.17 -6.28 0.56
C CYS C 33 -5.87 -5.21 1.40
N LEU C 34 -5.12 -4.41 2.11
CA LEU C 34 -5.75 -3.35 2.95
C LEU C 34 -5.73 -2.01 2.20
N CYS C 35 -6.36 -1.01 2.75
CA CYS C 35 -6.38 0.33 2.08
C CYS C 35 -6.42 1.45 3.10
N ILE C 36 -6.22 2.67 2.67
CA ILE C 36 -6.27 3.82 3.61
C ILE C 36 -7.61 4.53 3.48
N VAL C 37 -8.08 5.14 4.53
CA VAL C 37 -9.40 5.85 4.46
C VAL C 37 -9.23 7.30 4.91
N ARG C 38 -8.78 8.16 4.04
CA ARG C 38 -8.59 9.59 4.42
C ARG C 38 -9.63 10.47 3.74
N HIS C 39 -10.07 11.51 4.39
CA HIS C 39 -11.07 12.41 3.77
C HIS C 39 -10.51 13.04 2.50
N ASN C 40 -11.23 13.93 1.88
CA ASN C 40 -10.73 14.57 0.63
C ASN C 40 -9.92 15.84 0.97
N ASP C 41 -10.10 16.91 0.23
CA ASP C 41 -9.34 18.17 0.52
C ASP C 41 -7.82 17.90 0.39
N ASP C 42 -7.02 18.37 1.33
CA ASP C 42 -5.54 18.16 1.23
C ASP C 42 -5.21 16.71 0.84
N TRP C 43 -6.08 15.79 1.16
CA TRP C 43 -5.82 14.37 0.80
C TRP C 43 -5.88 14.20 -0.73
N GLY C 44 -6.98 14.54 -1.33
CA GLY C 44 -7.11 14.40 -2.81
C GLY C 44 -5.98 15.17 -3.49
N THR C 45 -5.45 16.17 -2.85
CA THR C 45 -4.35 16.96 -3.46
C THR C 45 -3.01 16.24 -3.28
N ALA C 46 -2.57 16.10 -2.06
CA ALA C 46 -1.26 15.41 -1.84
C ALA C 46 -1.26 14.04 -2.53
N LEU C 47 -2.20 13.20 -2.20
CA LEU C 47 -2.28 11.86 -2.84
C LEU C 47 -3.18 11.92 -4.07
N GLU C 48 -2.94 12.84 -4.97
CA GLU C 48 -3.83 12.95 -6.17
C GLU C 48 -3.63 11.76 -7.13
N ASP C 49 -3.79 10.54 -6.65
CA ASP C 49 -3.63 9.35 -7.54
C ASP C 49 -3.73 8.06 -6.72
N TYR C 50 -4.12 6.99 -7.35
CA TYR C 50 -4.20 5.67 -6.64
C TYR C 50 -5.18 5.74 -5.47
N LEU C 51 -6.11 6.66 -5.50
CA LEU C 51 -7.07 6.75 -4.36
C LEU C 51 -8.45 6.21 -4.76
N PHE C 52 -8.85 5.11 -4.17
CA PHE C 52 -10.21 4.58 -4.44
C PHE C 52 -11.19 5.23 -3.47
N SER C 53 -11.94 6.20 -3.92
CA SER C 53 -12.84 6.92 -2.98
C SER C 53 -14.28 6.41 -3.08
N ARG C 54 -15.05 6.61 -2.04
CA ARG C 54 -16.47 6.18 -2.05
C ARG C 54 -17.38 7.39 -1.88
N LYS C 55 -18.66 7.18 -1.77
CA LYS C 55 -19.59 8.33 -1.60
C LYS C 55 -19.57 8.79 -0.14
N ASN C 56 -18.58 9.55 0.23
CA ASN C 56 -18.48 10.02 1.63
C ASN C 56 -17.02 10.36 1.97
N MET C 57 -16.09 9.82 1.24
CA MET C 57 -14.65 10.12 1.54
C MET C 57 -13.73 9.50 0.48
N SER C 58 -12.45 9.50 0.73
CA SER C 58 -11.50 8.92 -0.26
C SER C 58 -10.57 7.92 0.42
N ALA C 59 -10.12 6.93 -0.30
CA ALA C 59 -9.21 5.91 0.31
C ALA C 59 -8.04 5.62 -0.62
N MET C 60 -7.11 4.80 -0.20
CA MET C 60 -5.95 4.47 -1.06
C MET C 60 -5.86 2.97 -1.31
N ALA C 61 -5.23 2.57 -2.38
CA ALA C 61 -5.10 1.11 -2.66
C ALA C 61 -3.84 0.56 -1.98
N LEU C 62 -3.96 0.07 -0.78
CA LEU C 62 -2.76 -0.44 -0.05
C LEU C 62 -2.02 -1.48 -0.89
N GLY C 63 -2.59 -2.63 -1.07
CA GLY C 63 -1.89 -3.70 -1.86
C GLY C 63 -1.73 -3.23 -3.31
N PHE C 64 -1.95 -4.11 -4.25
CA PHE C 64 -1.78 -3.74 -5.68
C PHE C 64 -3.07 -3.11 -6.22
N GLY C 65 -3.65 -2.18 -5.51
CA GLY C 65 -4.91 -1.54 -5.99
C GLY C 65 -4.57 -0.38 -6.92
N ALA C 66 -3.39 0.16 -6.82
CA ALA C 66 -3.00 1.30 -7.71
C ALA C 66 -2.43 0.78 -9.03
N ILE C 67 -1.46 -0.09 -8.95
CA ILE C 67 -0.83 -0.64 -10.18
C ILE C 67 -1.86 -1.00 -11.26
N PHE C 68 -3.07 -1.29 -10.87
CA PHE C 68 -4.11 -1.64 -11.88
C PHE C 68 -4.24 -0.52 -12.92
N ASN C 69 -4.47 -0.88 -14.16
CA ASN C 69 -4.57 0.17 -15.22
C ASN C 69 -5.94 0.13 -15.90
N HIS C 70 -6.13 0.97 -16.87
CA HIS C 70 -7.43 0.99 -17.61
C HIS C 70 -7.24 0.31 -18.98
N SER C 71 -8.27 -0.26 -19.54
CA SER C 71 -8.12 -0.93 -20.86
C SER C 71 -9.46 -1.06 -21.57
N LYS C 72 -10.43 -0.24 -21.22
CA LYS C 72 -11.75 -0.33 -21.89
C LYS C 72 -12.28 -1.76 -21.83
N ASP C 73 -11.82 -2.53 -20.89
CA ASP C 73 -12.29 -3.94 -20.77
C ASP C 73 -11.70 -4.58 -19.50
N PRO C 74 -12.12 -4.08 -18.37
CA PRO C 74 -11.61 -4.60 -17.08
C PRO C 74 -12.04 -6.05 -16.86
N ASN C 75 -11.23 -6.98 -17.24
CA ASN C 75 -11.59 -8.42 -17.04
C ASN C 75 -11.77 -8.70 -15.55
N ALA C 76 -11.15 -7.92 -14.71
CA ALA C 76 -11.29 -8.12 -13.24
C ALA C 76 -11.69 -6.81 -12.56
N ARG C 77 -12.73 -6.83 -11.78
CA ARG C 77 -13.16 -5.57 -11.10
C ARG C 77 -12.64 -5.54 -9.66
N HIS C 78 -13.07 -4.59 -8.88
CA HIS C 78 -12.59 -4.50 -7.47
C HIS C 78 -13.75 -4.72 -6.50
N GLU C 79 -13.45 -5.11 -5.30
CA GLU C 79 -14.52 -5.36 -4.30
C GLU C 79 -14.11 -4.80 -2.93
N LEU C 80 -14.94 -3.99 -2.34
CA LEU C 80 -14.59 -3.41 -1.02
C LEU C 80 -15.39 -4.08 0.10
N THR C 81 -14.74 -4.49 1.14
CA THR C 81 -15.46 -5.16 2.26
C THR C 81 -16.51 -4.22 2.84
N ALA C 82 -17.03 -4.55 4.00
CA ALA C 82 -18.06 -3.66 4.61
C ALA C 82 -17.43 -2.36 5.11
N GLY C 83 -17.22 -1.43 4.23
CA GLY C 83 -16.62 -0.13 4.65
C GLY C 83 -15.60 0.32 3.60
N LEU C 84 -14.35 0.41 3.98
CA LEU C 84 -13.31 0.86 3.01
C LEU C 84 -11.91 0.62 3.58
N LYS C 85 -11.67 -0.54 4.14
CA LYS C 85 -10.33 -0.82 4.71
C LYS C 85 -9.68 -2.01 4.00
N ARG C 86 -10.45 -2.79 3.29
CA ARG C 86 -9.86 -3.97 2.59
C ARG C 86 -10.32 -4.00 1.13
N MET C 87 -9.49 -4.50 0.25
CA MET C 87 -9.89 -4.56 -1.19
C MET C 87 -9.86 -6.00 -1.69
N ARG C 88 -10.58 -6.28 -2.75
CA ARG C 88 -10.61 -7.66 -3.31
C ARG C 88 -10.76 -7.60 -4.82
N ILE C 89 -9.78 -8.05 -5.56
CA ILE C 89 -9.88 -8.00 -7.04
C ILE C 89 -10.54 -9.27 -7.58
N PHE C 90 -11.69 -9.12 -8.20
CA PHE C 90 -12.40 -10.32 -8.73
C PHE C 90 -12.30 -10.37 -10.26
N THR C 91 -12.58 -11.50 -10.84
CA THR C 91 -12.49 -11.63 -12.32
C THR C 91 -13.89 -11.69 -12.93
N ILE C 92 -14.47 -10.57 -13.24
CA ILE C 92 -15.83 -10.57 -13.83
C ILE C 92 -15.86 -11.45 -15.09
N LYS C 93 -14.72 -11.66 -15.70
CA LYS C 93 -14.69 -12.51 -16.92
C LYS C 93 -13.54 -13.52 -16.83
N PRO C 94 -13.77 -14.71 -17.32
CA PRO C 94 -12.72 -15.76 -17.28
C PRO C 94 -11.45 -15.27 -17.96
N ILE C 95 -10.32 -15.39 -17.31
CA ILE C 95 -9.05 -14.91 -17.93
C ILE C 95 -8.19 -16.11 -18.33
N ALA C 96 -7.58 -16.04 -19.49
CA ALA C 96 -6.71 -17.17 -19.94
C ALA C 96 -5.28 -16.96 -19.44
N ILE C 97 -4.48 -18.00 -19.49
CA ILE C 97 -3.07 -17.86 -19.03
C ILE C 97 -2.26 -17.01 -20.00
N GLY C 98 -1.84 -15.85 -19.58
CA GLY C 98 -1.04 -14.98 -20.49
C GLY C 98 -1.84 -13.70 -20.80
N GLU C 99 -2.50 -13.15 -19.82
CA GLU C 99 -3.29 -11.90 -20.05
C GLU C 99 -2.82 -10.79 -19.12
N GLU C 100 -3.46 -9.66 -19.17
CA GLU C 100 -3.05 -8.53 -18.27
C GLU C 100 -4.25 -8.09 -17.42
N ILE C 101 -4.09 -8.06 -16.13
CA ILE C 101 -5.21 -7.63 -15.25
C ILE C 101 -5.18 -6.11 -15.07
N THR C 102 -6.27 -5.45 -15.34
CA THR C 102 -6.32 -3.97 -15.21
C THR C 102 -7.77 -3.51 -14.99
N ILE C 103 -7.97 -2.51 -14.18
CA ILE C 103 -9.36 -2.04 -13.93
C ILE C 103 -9.48 -0.55 -14.25
N SER C 104 -10.62 -0.12 -14.71
CA SER C 104 -10.79 1.33 -15.06
C SER C 104 -11.19 2.12 -13.82
N TYR C 105 -11.64 3.34 -13.98
CA TYR C 105 -12.03 4.17 -12.81
C TYR C 105 -13.49 4.64 -12.97
N GLY C 106 -13.75 5.47 -13.94
CA GLY C 106 -15.12 5.97 -14.16
C GLY C 106 -15.08 7.42 -14.63
N ASP C 107 -16.20 7.97 -14.99
CA ASP C 107 -16.24 9.37 -15.50
C ASP C 107 -15.44 10.32 -14.60
N ASP C 108 -15.36 10.03 -13.34
CA ASP C 108 -14.62 10.93 -12.41
C ASP C 108 -13.11 10.89 -12.71
N TYR C 109 -12.57 9.73 -12.94
CA TYR C 109 -11.11 9.63 -13.21
C TYR C 109 -10.86 9.27 -14.67
N TRP C 110 -10.24 10.17 -15.41
CA TRP C 110 -9.94 9.89 -16.86
C TRP C 110 -11.23 9.61 -17.65
N LEU C 111 -11.76 8.42 -17.53
CA LEU C 111 -13.01 8.08 -18.29
C LEU C 111 -14.05 9.19 -18.18
N SER C 112 -15.03 9.19 -19.05
CA SER C 112 -16.06 10.26 -19.01
C SER C 112 -17.39 9.76 -19.57
N ARG C 113 -18.42 9.75 -18.77
CA ARG C 113 -19.76 9.28 -19.26
C ARG C 113 -19.64 7.95 -20.02
N PRO C 114 -18.97 7.00 -19.41
CA PRO C 114 -18.80 5.68 -20.06
C PRO C 114 -20.09 4.88 -20.00
N ARG C 115 -20.37 4.07 -20.99
CA ARG C 115 -21.61 3.26 -20.98
C ARG C 115 -21.29 1.79 -21.24
N LEU C 116 -20.36 1.52 -22.13
CA LEU C 116 -20.00 0.11 -22.43
C LEU C 116 -21.25 -0.73 -22.71
N THR C 117 -22.22 -0.17 -23.38
CA THR C 117 -23.45 -0.93 -23.69
C THR C 117 -23.78 -0.85 -25.18
N GLN C 118 -24.48 -1.82 -25.69
CA GLN C 118 -24.83 -1.80 -27.15
C GLN C 118 -26.34 -1.96 -27.34
N ASN C 119 -26.91 -1.24 -28.25
CA ASN C 119 -28.39 -1.35 -28.48
C ASN C 119 -28.70 -1.27 -29.97
N GLY D 1 -9.61 37.28 -16.38
CA GLY D 1 -10.24 36.27 -17.28
C GLY D 1 -10.93 35.20 -16.43
N LYS D 2 -11.86 34.49 -17.00
CA LYS D 2 -12.57 33.42 -16.22
C LYS D 2 -12.55 32.11 -16.99
N ALA D 3 -11.87 31.11 -16.47
CA ALA D 3 -11.82 29.80 -17.18
C ALA D 3 -11.35 29.98 -18.63
N PRO D 4 -10.07 29.84 -18.83
CA PRO D 4 -9.50 30.01 -20.20
C PRO D 4 -10.14 29.00 -21.16
N ARG D 5 -10.34 27.79 -20.73
CA ARG D 5 -10.95 26.77 -21.63
C ARG D 5 -12.15 26.10 -20.95
N LYS D 6 -12.75 26.77 -19.99
CA LYS D 6 -13.93 26.18 -19.30
C LYS D 6 -13.61 24.78 -18.79
N GLN D 7 -12.74 24.67 -17.81
CA GLN D 7 -12.38 23.34 -17.27
C GLN D 7 -13.34 22.94 -16.15
N LEU D 8 -14.27 22.07 -16.42
CA LEU D 8 -15.24 21.65 -15.37
C LEU D 8 -14.51 20.89 -14.25
N ALA D 9 -14.12 21.57 -13.22
CA ALA D 9 -13.41 20.89 -12.09
C ALA D 9 -14.38 19.98 -11.33
N THR D 10 -13.91 18.85 -10.88
CA THR D 10 -14.79 17.91 -10.13
C THR D 10 -14.22 17.63 -8.74
N LYS D 11 -14.48 18.50 -7.79
CA LYS D 11 -13.95 18.27 -6.42
C LYS D 11 -14.88 17.35 -5.64
N ALA D 12 -14.97 16.10 -6.03
CA ALA D 12 -15.86 15.15 -5.30
C ALA D 12 -15.53 13.71 -5.67
N ALA D 13 -15.12 12.92 -4.71
CA ALA D 13 -14.78 11.50 -5.00
C ALA D 13 -13.73 11.42 -6.11
N ARG D 14 -13.22 10.25 -6.37
CA ARG D 14 -12.20 10.10 -7.44
C ARG D 14 -12.41 8.79 -8.22
N SER D 16 -14.26 5.52 -9.07
CA SER D 16 -15.61 4.95 -8.79
C SER D 16 -15.51 3.75 -7.84
N ALA D 17 -16.56 3.46 -7.12
CA ALA D 17 -16.52 2.31 -6.17
C ALA D 17 -17.93 2.03 -5.61
N PRO D 18 -18.20 0.78 -5.34
CA PRO D 18 -19.52 0.40 -4.79
C PRO D 18 -19.80 1.14 -3.49
N ALA D 19 -20.87 0.82 -2.82
CA ALA D 19 -21.20 1.52 -1.55
C ALA D 19 -22.25 0.73 -0.76
N THR D 20 -21.90 0.24 0.39
CA THR D 20 -22.88 -0.54 1.20
C THR D 20 -22.80 -0.13 2.68
N GLY D 21 -23.35 -0.92 3.56
CA GLY D 21 -23.29 -0.58 5.00
C GLY D 21 -24.12 0.69 5.26
N MET A 1 -2.64 -10.87 4.24
CA MET A 1 -3.06 -11.76 5.34
C MET A 1 -2.08 -12.93 5.49
N PHE A 2 -2.26 -13.99 4.74
CA PHE A 2 -1.33 -15.15 4.86
C PHE A 2 -0.80 -15.57 3.50
N ASN A 3 0.47 -15.85 3.41
CA ASN A 3 1.06 -16.29 2.11
C ASN A 3 2.22 -17.26 2.36
N ASP A 4 2.63 -17.98 1.35
CA ASP A 4 3.76 -18.96 1.53
C ASP A 4 5.08 -18.23 1.80
N ARG A 5 5.15 -17.49 2.88
CA ARG A 5 6.38 -16.75 3.22
C ARG A 5 6.18 -15.98 4.52
N VAL A 6 4.99 -15.45 4.72
CA VAL A 6 4.71 -14.68 5.96
C VAL A 6 3.20 -14.66 6.23
N ILE A 7 2.81 -14.21 7.40
CA ILE A 7 1.36 -14.12 7.71
C ILE A 7 1.10 -12.89 8.59
N VAL A 8 -0.04 -12.26 8.44
CA VAL A 8 -0.32 -11.03 9.23
C VAL A 8 -0.99 -11.38 10.56
N LYS A 9 -0.25 -11.36 11.62
CA LYS A 9 -0.83 -11.65 12.96
C LYS A 9 -0.52 -10.45 13.87
N LYS A 10 -1.43 -9.96 14.70
CA LYS A 10 -2.81 -10.56 14.87
C LYS A 10 -2.73 -12.08 15.13
N SER A 11 -1.91 -12.49 16.06
CA SER A 11 -1.85 -13.94 16.41
C SER A 11 -2.58 -14.19 17.73
N PRO A 12 -2.19 -13.49 18.78
CA PRO A 12 -2.85 -13.65 20.09
C PRO A 12 -3.98 -12.63 20.24
N LEU A 13 -4.65 -12.30 19.18
CA LEU A 13 -5.74 -11.28 19.26
C LEU A 13 -5.18 -9.98 19.83
N GLY A 14 -4.11 -9.49 19.26
CA GLY A 14 -3.50 -8.22 19.78
C GLY A 14 -3.54 -7.14 18.70
N GLY A 15 -2.41 -6.61 18.35
CA GLY A 15 -2.39 -5.53 17.34
C GLY A 15 -2.05 -6.12 15.96
N TYR A 16 -1.44 -5.34 15.11
CA TYR A 16 -1.10 -5.85 13.74
C TYR A 16 0.43 -5.93 13.56
N GLY A 17 0.96 -7.12 13.49
CA GLY A 17 2.43 -7.27 13.28
C GLY A 17 2.69 -8.38 12.26
N VAL A 18 3.92 -8.56 11.85
CA VAL A 18 4.20 -9.64 10.85
C VAL A 18 4.71 -10.89 11.58
N PHE A 19 4.14 -12.03 11.27
CA PHE A 19 4.59 -13.28 11.93
C PHE A 19 5.37 -14.15 10.94
N ALA A 20 6.50 -14.66 11.35
CA ALA A 20 7.31 -15.50 10.43
C ALA A 20 7.03 -16.99 10.68
N ARG A 21 6.04 -17.53 10.00
CA ARG A 21 5.75 -18.99 10.17
C ARG A 21 7.00 -19.80 9.84
N LYS A 22 7.83 -19.26 9.00
CA LYS A 22 9.10 -19.98 8.63
C LYS A 22 10.17 -19.68 9.70
N SER A 23 11.36 -20.22 9.59
CA SER A 23 11.75 -21.07 8.41
C SER A 23 12.63 -20.25 7.46
N PHE A 24 13.21 -19.19 7.95
CA PHE A 24 14.06 -18.33 7.07
C PHE A 24 15.52 -18.43 7.50
N GLU A 25 16.43 -18.28 6.58
CA GLU A 25 17.88 -18.33 6.95
C GLU A 25 18.37 -16.93 7.32
N LYS A 26 19.66 -16.71 7.25
CA LYS A 26 20.19 -15.36 7.59
C LYS A 26 20.03 -14.40 6.40
N GLY A 27 19.50 -14.86 5.30
CA GLY A 27 19.32 -13.96 4.13
C GLY A 27 18.23 -14.52 3.21
N GLU A 28 17.01 -14.53 3.66
CA GLU A 28 15.90 -15.06 2.80
C GLU A 28 14.88 -13.95 2.51
N LEU A 29 14.68 -13.64 1.26
CA LEU A 29 13.70 -12.57 0.92
C LEU A 29 12.34 -12.86 1.57
N VAL A 30 11.81 -11.91 2.28
CA VAL A 30 10.49 -12.13 2.94
C VAL A 30 9.38 -11.41 2.17
N GLU A 31 9.02 -11.92 1.03
CA GLU A 31 7.95 -11.28 0.20
C GLU A 31 8.32 -9.82 -0.10
N GLU A 32 7.66 -9.22 -1.06
CA GLU A 32 7.98 -7.81 -1.41
C GLU A 32 6.80 -7.17 -2.13
N CYS A 33 6.69 -5.87 -2.09
CA CYS A 33 5.56 -5.18 -2.78
C CYS A 33 6.00 -3.81 -3.29
N LEU A 34 5.06 -2.95 -3.58
CA LEU A 34 5.42 -1.59 -4.08
C LEU A 34 5.44 -0.59 -2.94
N CYS A 35 5.71 0.65 -3.24
CA CYS A 35 5.71 1.70 -2.19
C CYS A 35 5.29 3.04 -2.81
N ILE A 36 5.20 4.07 -2.02
CA ILE A 36 4.79 5.38 -2.58
C ILE A 36 5.94 6.39 -2.48
N VAL A 37 6.14 7.17 -3.50
CA VAL A 37 7.26 8.15 -3.47
C VAL A 37 6.71 9.58 -3.57
N ARG A 38 6.85 10.35 -2.52
CA ARG A 38 6.34 11.74 -2.56
C ARG A 38 7.23 12.67 -1.72
N HIS A 39 7.16 13.95 -1.97
CA HIS A 39 8.03 14.91 -1.20
C HIS A 39 7.54 15.03 0.24
N ASN A 40 8.12 15.93 1.00
CA ASN A 40 7.70 16.11 2.41
C ASN A 40 6.52 17.08 2.50
N ASP A 41 6.52 17.99 3.45
CA ASP A 41 5.40 18.97 3.57
C ASP A 41 4.07 18.22 3.85
N ASP A 42 2.98 18.64 3.25
CA ASP A 42 1.68 17.97 3.52
C ASP A 42 1.82 16.44 3.46
N TRP A 43 2.76 15.94 2.72
CA TRP A 43 2.96 14.47 2.65
C TRP A 43 3.29 13.93 4.04
N GLY A 44 4.31 14.44 4.66
CA GLY A 44 4.68 13.94 6.02
C GLY A 44 3.50 14.12 6.96
N THR A 45 2.71 15.16 6.78
CA THR A 45 1.55 15.37 7.67
C THR A 45 0.47 14.31 7.41
N ALA A 46 -0.19 14.38 6.28
CA ALA A 46 -1.25 13.38 5.98
C ALA A 46 -0.69 11.96 6.14
N LEU A 47 0.40 11.66 5.48
CA LEU A 47 0.99 10.30 5.61
C LEU A 47 1.99 10.26 6.75
N GLU A 48 1.64 10.78 7.89
CA GLU A 48 2.58 10.76 9.05
C GLU A 48 2.73 9.34 9.61
N ASP A 49 1.96 8.41 9.11
CA ASP A 49 2.06 7.01 9.62
C ASP A 49 2.48 6.08 8.49
N TYR A 50 3.23 5.05 8.81
CA TYR A 50 3.68 4.10 7.75
C TYR A 50 4.44 4.84 6.64
N LEU A 51 5.22 5.82 7.01
CA LEU A 51 5.96 6.61 5.99
C LEU A 51 7.47 6.58 6.26
N PHE A 52 8.24 6.12 5.32
CA PHE A 52 9.72 6.09 5.50
C PHE A 52 10.37 7.30 4.83
N SER A 53 11.24 7.98 5.51
CA SER A 53 11.89 9.19 4.89
C SER A 53 13.22 8.81 4.25
N ARG A 54 13.41 9.17 3.02
CA ARG A 54 14.68 8.86 2.32
C ARG A 54 15.53 10.13 2.20
N LYS A 55 16.75 10.01 1.75
CA LYS A 55 17.61 11.22 1.63
C LYS A 55 17.29 11.93 0.31
N ASN A 56 16.26 12.73 0.33
CA ASN A 56 15.84 13.44 -0.90
C ASN A 56 14.32 13.59 -0.92
N MET A 57 13.61 12.79 -0.14
CA MET A 57 12.13 12.89 -0.11
C MET A 57 11.55 11.94 0.94
N SER A 58 10.30 11.62 0.84
CA SER A 58 9.68 10.70 1.83
C SER A 58 8.71 9.74 1.12
N ALA A 59 8.98 8.47 1.18
CA ALA A 59 8.08 7.49 0.50
C ALA A 59 7.29 6.67 1.53
N MET A 60 6.14 6.19 1.15
CA MET A 60 5.32 5.38 2.10
C MET A 60 5.63 3.89 1.92
N ALA A 61 4.99 3.05 2.68
CA ALA A 61 5.23 1.58 2.54
C ALA A 61 4.31 1.03 1.46
N LEU A 62 3.87 -0.19 1.59
CA LEU A 62 2.98 -0.79 0.54
C LEU A 62 2.57 -2.20 0.96
N GLY A 63 3.47 -3.14 0.88
CA GLY A 63 3.12 -4.53 1.28
C GLY A 63 3.04 -4.61 2.80
N PHE A 64 3.94 -5.35 3.41
CA PHE A 64 3.93 -5.47 4.89
C PHE A 64 4.83 -4.39 5.51
N GLY A 65 4.90 -3.24 4.91
CA GLY A 65 5.77 -2.16 5.46
C GLY A 65 4.98 -1.28 6.43
N ALA A 66 3.69 -1.26 6.32
CA ALA A 66 2.87 -0.39 7.23
C ALA A 66 2.45 -1.12 8.50
N ILE A 67 2.44 -2.42 8.50
CA ILE A 67 2.01 -3.16 9.73
C ILE A 67 3.20 -3.51 10.64
N PHE A 68 4.40 -3.21 10.22
CA PHE A 68 5.58 -3.54 11.09
C PHE A 68 5.42 -2.90 12.46
N ASN A 69 5.93 -3.55 13.48
CA ASN A 69 5.83 -2.98 14.86
C ASN A 69 7.23 -2.70 15.40
N HIS A 70 7.34 -2.44 16.68
CA HIS A 70 8.69 -2.19 17.26
C HIS A 70 9.15 -3.42 18.05
N SER A 71 10.44 -3.64 18.13
CA SER A 71 10.93 -4.82 18.89
C SER A 71 12.41 -4.63 19.25
N LYS A 72 12.85 -5.19 20.35
CA LYS A 72 14.27 -5.03 20.76
C LYS A 72 15.18 -6.00 20.01
N ASP A 73 14.62 -6.97 19.33
CA ASP A 73 15.47 -7.95 18.58
C ASP A 73 14.92 -8.17 17.17
N PRO A 74 14.99 -7.15 16.36
CA PRO A 74 14.49 -7.26 14.96
C PRO A 74 15.25 -8.36 14.21
N ASN A 75 14.62 -9.47 13.97
CA ASN A 75 15.30 -10.57 13.24
C ASN A 75 15.27 -10.34 11.73
N ALA A 76 14.58 -9.32 11.27
CA ALA A 76 14.52 -9.05 9.81
C ALA A 76 14.44 -7.55 9.55
N ARG A 77 14.96 -7.10 8.44
CA ARG A 77 14.88 -5.65 8.12
C ARG A 77 14.24 -5.45 6.75
N HIS A 78 14.44 -4.31 6.14
CA HIS A 78 13.84 -4.07 4.80
C HIS A 78 14.88 -3.51 3.82
N GLU A 79 14.56 -3.49 2.55
CA GLU A 79 15.53 -2.98 1.55
C GLU A 79 14.79 -2.24 0.43
N LEU A 80 15.34 -1.15 -0.05
CA LEU A 80 14.68 -0.40 -1.14
C LEU A 80 15.40 -0.64 -2.47
N THR A 81 14.68 -0.66 -3.55
CA THR A 81 15.33 -0.89 -4.87
C THR A 81 16.27 0.27 -5.21
N ALA A 82 15.75 1.45 -5.35
CA ALA A 82 16.62 2.61 -5.69
C ALA A 82 15.84 3.93 -5.56
N GLY A 83 14.62 3.96 -6.04
CA GLY A 83 13.82 5.21 -5.95
C GLY A 83 12.61 4.99 -5.05
N LEU A 84 12.77 4.27 -3.97
CA LEU A 84 11.63 4.02 -3.05
C LEU A 84 10.43 3.45 -3.83
N LYS A 85 10.66 2.46 -4.63
CA LYS A 85 9.55 1.88 -5.42
C LYS A 85 9.22 0.47 -4.94
N ARG A 86 10.03 -0.51 -5.29
CA ARG A 86 9.75 -1.90 -4.83
C ARG A 86 10.39 -2.14 -3.45
N MET A 87 9.62 -2.59 -2.51
CA MET A 87 10.18 -2.84 -1.15
C MET A 87 10.46 -4.32 -0.94
N ARG A 88 11.69 -4.69 -0.73
CA ARG A 88 12.02 -6.13 -0.51
C ARG A 88 12.46 -6.35 0.94
N ILE A 89 11.70 -7.10 1.69
CA ILE A 89 12.08 -7.35 3.11
C ILE A 89 12.96 -8.58 3.21
N PHE A 90 13.98 -8.54 4.01
CA PHE A 90 14.88 -9.72 4.14
C PHE A 90 15.06 -10.10 5.62
N THR A 91 15.80 -11.14 5.89
CA THR A 91 16.02 -11.54 7.30
C THR A 91 17.49 -11.42 7.67
N ILE A 92 17.87 -10.33 8.28
CA ILE A 92 19.30 -10.14 8.67
C ILE A 92 19.81 -11.36 9.43
N LYS A 93 18.98 -11.97 10.23
CA LYS A 93 19.43 -13.17 10.99
C LYS A 93 18.42 -14.32 10.82
N PRO A 94 18.91 -15.53 10.90
CA PRO A 94 18.04 -16.71 10.73
C PRO A 94 16.81 -16.61 11.64
N ILE A 95 15.64 -16.84 11.09
CA ILE A 95 14.40 -16.76 11.90
C ILE A 95 13.77 -18.16 12.03
N ALA A 96 13.17 -18.45 13.15
CA ALA A 96 12.56 -19.79 13.35
C ALA A 96 11.06 -19.76 13.08
N ILE A 97 10.43 -20.90 12.98
CA ILE A 97 8.96 -20.94 12.72
C ILE A 97 8.20 -20.37 13.92
N GLY A 98 7.65 -19.20 13.78
CA GLY A 98 6.89 -18.59 14.92
C GLY A 98 7.67 -17.38 15.44
N GLU A 99 8.30 -16.64 14.56
CA GLU A 99 9.07 -15.44 15.02
C GLU A 99 8.26 -14.16 14.76
N GLU A 100 8.52 -13.12 15.49
CA GLU A 100 7.76 -11.85 15.26
C GLU A 100 8.58 -10.87 14.43
N ILE A 101 8.18 -10.64 13.20
CA ILE A 101 8.92 -9.68 12.34
C ILE A 101 8.35 -8.27 12.52
N THR A 102 9.17 -7.36 12.96
CA THR A 102 8.68 -5.97 13.21
C THR A 102 9.72 -4.91 12.78
N ILE A 103 10.85 -5.32 12.24
CA ILE A 103 11.92 -4.37 11.83
C ILE A 103 12.04 -3.19 12.82
N SER A 104 12.36 -2.02 12.35
CA SER A 104 12.47 -0.86 13.29
C SER A 104 12.38 0.46 12.52
N TYR A 105 12.67 1.55 13.18
CA TYR A 105 12.59 2.87 12.49
C TYR A 105 13.95 3.58 12.58
N GLY A 106 14.36 3.97 13.76
CA GLY A 106 15.68 4.65 13.90
C GLY A 106 15.50 6.15 13.62
N ASP A 107 16.57 6.83 13.32
CA ASP A 107 16.48 8.29 13.03
C ASP A 107 15.82 9.02 14.21
N ASP A 108 14.53 9.13 14.22
CA ASP A 108 13.85 9.84 15.35
C ASP A 108 12.42 9.32 15.53
N TYR A 109 12.15 8.10 15.12
CA TYR A 109 10.79 7.54 15.27
C TYR A 109 10.75 6.61 16.47
N TRP A 110 10.09 7.02 17.53
CA TRP A 110 10.00 6.17 18.76
C TRP A 110 11.40 5.86 19.31
N LEU A 111 12.09 4.93 18.72
CA LEU A 111 13.45 4.56 19.21
C LEU A 111 14.40 5.75 19.10
N SER A 112 14.50 6.34 17.94
CA SER A 112 15.43 7.49 17.74
C SER A 112 16.85 7.10 18.17
N ARG A 113 17.20 7.28 19.42
CA ARG A 113 18.55 6.88 19.88
C ARG A 113 18.51 5.45 20.43
N PRO A 114 19.45 4.63 20.00
CA PRO A 114 19.49 3.23 20.47
C PRO A 114 19.75 3.17 21.97
N ARG A 115 20.99 3.20 22.38
CA ARG A 115 21.30 3.15 23.84
C ARG A 115 20.56 1.99 24.52
N LEU A 116 20.83 0.78 24.10
CA LEU A 116 20.13 -0.39 24.72
C LEU A 116 20.83 -0.79 26.03
N THR A 117 20.55 -0.10 27.09
CA THR A 117 21.19 -0.44 28.39
C THR A 117 20.26 -0.09 29.56
N GLN A 118 20.02 1.18 29.77
CA GLN A 118 19.14 1.61 30.89
C GLN A 118 19.65 1.03 32.21
N ASN A 119 20.87 1.30 32.55
CA ASN A 119 21.42 0.77 33.83
C ASN A 119 22.83 1.33 34.08
N GLY B 1 -5.48 29.03 30.78
CA GLY B 1 -4.77 27.71 30.83
C GLY B 1 -3.26 27.94 30.91
N LYS B 2 -2.49 26.93 30.67
CA LYS B 2 -1.01 27.09 30.72
C LYS B 2 -0.38 26.77 29.36
N ALA B 3 -0.60 25.58 28.86
CA ALA B 3 -0.01 25.22 27.54
C ALA B 3 -1.13 24.93 26.53
N PRO B 4 -1.53 25.96 25.81
CA PRO B 4 -2.60 25.80 24.80
C PRO B 4 -2.15 24.86 23.67
N ARG B 5 -1.11 25.22 22.97
CA ARG B 5 -0.62 24.35 21.88
C ARG B 5 0.77 24.81 21.41
N LYS B 6 1.78 24.04 21.69
CA LYS B 6 3.15 24.42 21.26
C LYS B 6 4.05 23.19 21.14
N GLN B 7 3.52 22.11 20.62
CA GLN B 7 4.33 20.88 20.49
C GLN B 7 4.62 20.60 19.01
N LEU B 8 3.61 20.55 18.19
CA LEU B 8 3.84 20.30 16.74
C LEU B 8 4.50 21.50 16.07
N ALA B 9 5.78 21.43 15.82
CA ALA B 9 6.48 22.58 15.18
C ALA B 9 7.51 22.07 14.15
N THR B 10 8.45 22.88 13.80
CA THR B 10 9.48 22.46 12.81
C THR B 10 10.25 21.23 13.32
N LYS B 11 9.85 20.06 12.89
CA LYS B 11 10.56 18.82 13.35
C LYS B 11 10.51 17.76 12.25
N ALA B 12 9.34 17.33 11.87
CA ALA B 12 9.23 16.30 10.81
C ALA B 12 10.09 15.08 11.15
N ALA B 13 9.51 14.08 11.75
CA ALA B 13 10.28 12.86 12.10
C ALA B 13 9.69 11.63 11.40
N ARG B 14 10.53 10.74 10.93
CA ARG B 14 10.01 9.54 10.23
C ARG B 14 10.91 8.33 10.49
N SER B 16 13.90 6.16 9.66
CA SER B 16 15.13 6.21 8.82
C SER B 16 15.13 5.05 7.81
N ALA B 17 16.09 5.01 6.93
CA ALA B 17 16.14 3.91 5.93
C ALA B 17 17.59 3.66 5.48
N PRO B 18 17.82 2.50 4.92
CA PRO B 18 19.19 2.14 4.46
C PRO B 18 19.60 3.05 3.30
N ALA B 19 20.83 3.51 3.31
CA ALA B 19 21.29 4.40 2.20
C ALA B 19 21.61 3.58 0.96
N THR B 20 20.62 2.96 0.38
CA THR B 20 20.87 2.14 -0.84
C THR B 20 21.99 1.12 -0.59
N GLY B 21 21.64 -0.10 -0.30
CA GLY B 21 22.69 -1.13 -0.04
C GLY B 21 22.22 -2.05 1.09
N MET C 1 4.44 -8.76 -6.66
CA MET C 1 5.01 -9.26 -7.95
C MET C 1 4.26 -10.51 -8.43
N PHE C 2 4.64 -11.67 -7.96
CA PHE C 2 3.94 -12.91 -8.42
C PHE C 2 3.51 -13.76 -7.22
N ASN C 3 2.32 -14.29 -7.25
CA ASN C 3 1.84 -15.14 -6.13
C ASN C 3 0.88 -16.21 -6.66
N ASP C 4 0.61 -17.23 -5.89
CA ASP C 4 -0.30 -18.31 -6.35
C ASP C 4 -1.75 -17.78 -6.47
N ARG C 5 -1.96 -16.83 -7.33
CA ARG C 5 -3.33 -16.25 -7.51
C ARG C 5 -3.28 -15.16 -8.57
N VAL C 6 -2.22 -14.38 -8.58
CA VAL C 6 -2.10 -13.28 -9.58
C VAL C 6 -0.62 -12.92 -9.78
N ILE C 7 -0.33 -12.12 -10.77
CA ILE C 7 1.08 -11.68 -11.00
C ILE C 7 1.10 -10.25 -11.52
N VAL C 8 2.09 -9.48 -11.17
CA VAL C 8 2.13 -8.06 -11.61
C VAL C 8 2.85 -7.93 -12.96
N LYS C 9 2.09 -7.77 -14.01
CA LYS C 9 2.71 -7.59 -15.35
C LYS C 9 2.17 -6.27 -15.95
N LYS C 10 2.97 -5.44 -16.58
CA LYS C 10 4.42 -5.71 -16.86
C LYS C 10 4.63 -7.09 -17.49
N SER C 11 3.88 -7.40 -18.53
CA SER C 11 4.09 -8.69 -19.23
C SER C 11 4.84 -8.45 -20.56
N PRO C 12 4.31 -7.59 -21.40
CA PRO C 12 4.98 -7.29 -22.69
C PRO C 12 5.90 -6.07 -22.53
N LEU C 13 6.51 -5.91 -21.39
CA LEU C 13 7.39 -4.72 -21.17
C LEU C 13 6.59 -3.44 -21.40
N GLY C 14 5.45 -3.32 -20.78
CA GLY C 14 4.61 -2.10 -20.98
C GLY C 14 4.47 -1.34 -19.66
N GLY C 15 3.26 -1.12 -19.22
CA GLY C 15 3.05 -0.37 -17.96
C GLY C 15 2.85 -1.34 -16.79
N TYR C 16 2.10 -0.94 -15.80
CA TYR C 16 1.88 -1.83 -14.63
C TYR C 16 0.40 -2.24 -14.52
N GLY C 17 0.10 -3.48 -14.77
CA GLY C 17 -1.31 -3.94 -14.67
C GLY C 17 -1.35 -5.31 -13.97
N VAL C 18 -2.51 -5.82 -13.67
CA VAL C 18 -2.59 -7.14 -13.00
C VAL C 18 -2.86 -8.24 -14.03
N PHE C 19 -2.09 -9.29 -14.01
CA PHE C 19 -2.31 -10.40 -14.98
C PHE C 19 -2.90 -11.61 -14.27
N ALA C 20 -3.91 -12.20 -14.84
CA ALA C 20 -4.55 -13.39 -14.19
C ALA C 20 -4.00 -14.67 -14.80
N ARG C 21 -2.93 -15.19 -14.25
CA ARG C 21 -2.37 -16.47 -14.78
C ARG C 21 -3.44 -17.55 -14.72
N LYS C 22 -4.35 -17.42 -13.79
CA LYS C 22 -5.45 -18.42 -13.66
C LYS C 22 -6.57 -18.07 -14.66
N SER C 23 -7.64 -18.83 -14.73
CA SER C 23 -7.85 -20.00 -13.84
C SER C 23 -8.85 -19.63 -12.74
N PHE C 24 -9.63 -18.60 -12.95
CA PHE C 24 -10.61 -18.17 -11.93
C PHE C 24 -12.04 -18.41 -12.41
N GLU C 25 -12.95 -18.66 -11.52
CA GLU C 25 -14.36 -18.88 -11.95
C GLU C 25 -15.12 -17.55 -11.96
N LYS C 26 -16.42 -17.60 -11.88
CA LYS C 26 -17.19 -16.33 -11.88
C LYS C 26 -17.20 -15.70 -10.49
N GLY C 27 -16.58 -16.32 -9.51
CA GLY C 27 -16.56 -15.73 -8.14
C GLY C 27 -15.38 -16.30 -7.37
N GLU C 28 -14.18 -15.97 -7.76
CA GLU C 28 -12.99 -16.49 -7.03
C GLU C 28 -12.19 -15.33 -6.43
N LEU C 29 -12.02 -15.32 -5.13
CA LEU C 29 -11.25 -14.22 -4.48
C LEU C 29 -9.88 -14.08 -5.14
N VAL C 30 -9.54 -12.90 -5.57
CA VAL C 30 -8.21 -12.69 -6.21
C VAL C 30 -7.25 -12.01 -5.25
N GLU C 31 -6.78 -12.72 -4.26
CA GLU C 31 -5.84 -12.12 -3.26
C GLU C 31 -6.47 -10.89 -2.61
N GLU C 32 -5.92 -10.45 -1.51
CA GLU C 32 -6.49 -9.25 -0.82
C GLU C 32 -5.45 -8.63 0.09
N CYS C 33 -5.58 -7.36 0.38
CA CYS C 33 -4.58 -6.68 1.26
C CYS C 33 -5.26 -5.59 2.09
N LEU C 34 -4.50 -4.67 2.63
CA LEU C 34 -5.11 -3.58 3.44
C LEU C 34 -5.31 -2.34 2.60
N CYS C 35 -5.82 -1.29 3.20
CA CYS C 35 -6.02 -0.02 2.45
C CYS C 35 -5.85 1.17 3.40
N ILE C 36 -5.95 2.36 2.90
CA ILE C 36 -5.78 3.54 3.81
C ILE C 36 -7.11 4.31 3.92
N VAL C 37 -7.44 4.75 5.10
CA VAL C 37 -8.72 5.49 5.28
C VAL C 37 -8.45 6.91 5.76
N ARG C 38 -8.74 7.89 4.94
CA ARG C 38 -8.49 9.30 5.35
C ARG C 38 -9.55 10.23 4.74
N HIS C 39 -9.72 11.40 5.32
CA HIS C 39 -10.75 12.34 4.79
C HIS C 39 -10.31 12.92 3.44
N ASN C 40 -11.06 13.85 2.91
CA ASN C 40 -10.70 14.46 1.61
C ASN C 40 -9.72 15.63 1.81
N ASP C 41 -9.90 16.74 1.13
CA ASP C 41 -8.97 17.90 1.30
C ASP C 41 -7.55 17.51 0.89
N ASP C 42 -6.54 17.95 1.61
CA ASP C 42 -5.13 17.62 1.24
C ASP C 42 -4.98 16.13 0.90
N TRP C 43 -5.82 15.30 1.46
CA TRP C 43 -5.74 13.84 1.14
C TRP C 43 -5.97 13.62 -0.36
N GLY C 44 -7.08 14.09 -0.86
CA GLY C 44 -7.37 13.90 -2.31
C GLY C 44 -6.24 14.52 -3.14
N THR C 45 -5.68 15.60 -2.67
CA THR C 45 -4.58 16.25 -3.44
C THR C 45 -3.31 15.37 -3.42
N ALA C 46 -2.67 15.27 -2.28
CA ALA C 46 -1.44 14.43 -2.21
C ALA C 46 -1.72 13.02 -2.75
N LEU C 47 -2.74 12.37 -2.23
CA LEU C 47 -3.06 11.01 -2.71
C LEU C 47 -4.06 11.08 -3.87
N GLU C 48 -3.82 11.93 -4.83
CA GLU C 48 -4.76 12.05 -5.98
C GLU C 48 -4.64 10.81 -6.89
N ASP C 49 -3.70 9.94 -6.62
CA ASP C 49 -3.56 8.73 -7.47
C ASP C 49 -3.78 7.46 -6.63
N TYR C 50 -4.33 6.45 -7.23
CA TYR C 50 -4.58 5.18 -6.47
C TYR C 50 -5.44 5.47 -5.24
N LEU C 51 -6.41 6.35 -5.37
CA LEU C 51 -7.27 6.69 -4.20
C LEU C 51 -8.75 6.46 -4.54
N PHE C 52 -9.42 5.64 -3.76
CA PHE C 52 -10.87 5.40 -4.01
C PHE C 52 -11.71 6.25 -3.07
N SER C 53 -12.71 6.92 -3.58
CA SER C 53 -13.56 7.78 -2.71
C SER C 53 -14.78 7.01 -2.23
N ARG C 54 -15.03 7.01 -0.95
CA ARG C 54 -16.22 6.30 -0.41
C ARG C 54 -17.27 7.31 0.03
N LYS C 55 -18.46 6.87 0.33
CA LYS C 55 -19.52 7.83 0.75
C LYS C 55 -19.31 8.22 2.21
N ASN C 56 -18.46 9.18 2.44
CA ASN C 56 -18.16 9.61 3.83
C ASN C 56 -16.70 10.02 3.94
N MET C 57 -15.86 9.60 3.02
CA MET C 57 -14.43 9.97 3.07
C MET C 57 -13.70 9.44 1.83
N SER C 58 -12.40 9.34 1.89
CA SER C 58 -11.63 8.83 0.72
C SER C 58 -10.50 7.91 1.20
N ALA C 59 -10.52 6.67 0.80
CA ALA C 59 -9.45 5.73 1.24
C ALA C 59 -8.54 5.37 0.07
N MET C 60 -7.31 5.01 0.36
CA MET C 60 -6.36 4.63 -0.73
C MET C 60 -6.38 3.12 -0.95
N ALA C 61 -5.63 2.65 -1.90
CA ALA C 61 -5.58 1.17 -2.14
C ALA C 61 -4.57 0.53 -1.18
N LEU C 62 -3.90 -0.51 -1.62
CA LEU C 62 -2.91 -1.18 -0.73
C LEU C 62 -2.24 -2.34 -1.47
N GLY C 63 -2.95 -3.41 -1.67
CA GLY C 63 -2.36 -4.56 -2.39
C GLY C 63 -2.29 -4.25 -3.89
N PHE C 64 -3.03 -4.95 -4.69
CA PHE C 64 -3.02 -4.67 -6.16
C PHE C 64 -4.11 -3.66 -6.52
N GLY C 65 -4.39 -2.72 -5.65
CA GLY C 65 -5.46 -1.72 -5.94
C GLY C 65 -4.86 -0.49 -6.62
N ALA C 66 -3.57 -0.27 -6.46
CA ALA C 66 -2.95 0.94 -7.07
C ALA C 66 -2.41 0.65 -8.48
N ILE C 67 -2.18 -0.59 -8.81
CA ILE C 67 -1.62 -0.88 -10.17
C ILE C 67 -2.73 -1.20 -11.18
N PHE C 68 -3.97 -1.24 -10.74
CA PHE C 68 -5.07 -1.55 -11.71
C PHE C 68 -5.05 -0.56 -12.87
N ASN C 69 -5.45 -1.00 -14.05
CA ASN C 69 -5.46 -0.09 -15.22
C ASN C 69 -6.91 0.07 -15.73
N HIS C 70 -7.08 0.61 -16.90
CA HIS C 70 -8.45 0.75 -17.44
C HIS C 70 -8.69 -0.28 -18.54
N SER C 71 -9.91 -0.71 -18.72
CA SER C 71 -10.19 -1.72 -19.77
C SER C 71 -11.68 -1.73 -20.12
N LYS C 72 -12.02 -2.06 -21.34
CA LYS C 72 -13.45 -2.05 -21.76
C LYS C 72 -14.15 -3.34 -21.31
N ASP C 73 -13.41 -4.32 -20.88
CA ASP C 73 -14.06 -5.59 -20.45
C ASP C 73 -13.47 -6.07 -19.11
N PRO C 74 -13.72 -5.33 -18.07
CA PRO C 74 -13.19 -5.71 -16.74
C PRO C 74 -13.72 -7.08 -16.32
N ASN C 75 -12.89 -8.08 -16.34
CA ASN C 75 -13.35 -9.44 -15.95
C ASN C 75 -13.35 -9.60 -14.42
N ALA C 76 -12.85 -8.62 -13.70
CA ALA C 76 -12.83 -8.74 -12.22
C ALA C 76 -13.02 -7.36 -11.58
N ARG C 77 -13.59 -7.31 -10.41
CA ARG C 77 -13.80 -6.01 -9.72
C ARG C 77 -13.19 -6.06 -8.33
N HIS C 78 -13.59 -5.17 -7.45
CA HIS C 78 -13.02 -5.17 -6.08
C HIS C 78 -14.13 -5.09 -5.03
N GLU C 79 -13.80 -5.34 -3.79
CA GLU C 79 -14.84 -5.28 -2.72
C GLU C 79 -14.24 -4.74 -1.42
N LEU C 80 -14.98 -3.93 -0.70
CA LEU C 80 -14.45 -3.38 0.57
C LEU C 80 -15.11 -4.07 1.76
N THR C 81 -14.38 -4.25 2.84
CA THR C 81 -14.96 -4.92 4.03
C THR C 81 -16.10 -4.08 4.62
N ALA C 82 -15.79 -2.90 5.08
CA ALA C 82 -16.85 -2.04 5.67
C ALA C 82 -16.34 -0.63 5.90
N GLY C 83 -15.14 -0.49 6.42
CA GLY C 83 -14.60 0.86 6.68
C GLY C 83 -13.37 1.10 5.80
N LEU C 84 -13.41 0.67 4.56
CA LEU C 84 -12.25 0.88 3.66
C LEU C 84 -10.96 0.36 4.31
N LYS C 85 -11.00 -0.83 4.83
CA LYS C 85 -9.78 -1.39 5.48
C LYS C 85 -9.21 -2.55 4.66
N ARG C 86 -9.81 -3.70 4.72
CA ARG C 86 -9.29 -4.85 3.93
C ARG C 86 -9.89 -4.85 2.52
N MET C 87 -9.07 -4.89 1.52
CA MET C 87 -9.58 -4.88 0.12
C MET C 87 -9.58 -6.29 -0.47
N ARG C 88 -10.73 -6.80 -0.82
CA ARG C 88 -10.78 -8.16 -1.40
C ARG C 88 -11.20 -8.08 -2.87
N ILE C 89 -10.31 -8.45 -3.76
CA ILE C 89 -10.65 -8.39 -5.21
C ILE C 89 -11.30 -9.71 -5.66
N PHE C 90 -12.32 -9.64 -6.46
CA PHE C 90 -12.99 -10.89 -6.92
C PHE C 90 -13.11 -10.91 -8.45
N THR C 91 -13.65 -11.96 -9.01
CA THR C 91 -13.80 -12.02 -10.49
C THR C 91 -15.28 -12.07 -10.86
N ILE C 92 -15.87 -10.95 -11.19
CA ILE C 92 -17.30 -10.93 -11.57
C ILE C 92 -17.60 -11.99 -12.63
N LYS C 93 -16.67 -12.21 -13.53
CA LYS C 93 -16.89 -13.24 -14.59
C LYS C 93 -15.69 -14.18 -14.69
N PRO C 94 -15.96 -15.40 -15.08
CA PRO C 94 -14.87 -16.41 -15.19
C PRO C 94 -13.69 -15.86 -15.99
N ILE C 95 -12.50 -16.01 -15.48
CA ILE C 95 -11.30 -15.50 -16.20
C ILE C 95 -10.42 -16.67 -16.65
N ALA C 96 -9.79 -16.54 -17.79
CA ALA C 96 -8.94 -17.66 -18.31
C ALA C 96 -7.47 -17.41 -17.98
N ILE C 97 -6.65 -18.42 -18.15
CA ILE C 97 -5.20 -18.26 -17.86
C ILE C 97 -4.57 -17.27 -18.85
N GLY C 98 -4.24 -16.09 -18.40
CA GLY C 98 -3.63 -15.08 -19.30
C GLY C 98 -4.61 -13.93 -19.53
N GLU C 99 -5.36 -13.58 -18.52
CA GLU C 99 -6.34 -12.46 -18.69
C GLU C 99 -5.77 -11.17 -18.07
N GLU C 100 -6.24 -10.04 -18.51
CA GLU C 100 -5.72 -8.75 -17.95
C GLU C 100 -6.71 -8.19 -16.92
N ILE C 101 -6.33 -8.22 -15.67
CA ILE C 101 -7.23 -7.66 -14.61
C ILE C 101 -6.94 -6.17 -14.41
N THR C 102 -7.92 -5.34 -14.64
CA THR C 102 -7.70 -3.87 -14.50
C THR C 102 -8.91 -3.17 -13.85
N ILE C 103 -9.93 -3.91 -13.49
CA ILE C 103 -11.17 -3.30 -12.87
C ILE C 103 -11.50 -1.94 -13.54
N SER C 104 -12.03 -1.01 -12.80
CA SER C 104 -12.37 0.31 -13.41
C SER C 104 -12.51 1.38 -12.33
N TYR C 105 -13.01 2.53 -12.69
CA TYR C 105 -13.17 3.62 -11.68
C TYR C 105 -14.64 4.06 -11.63
N GLY C 106 -15.13 4.66 -12.69
CA GLY C 106 -16.55 5.11 -12.70
C GLY C 106 -16.65 6.49 -12.05
N ASP C 107 -17.82 6.86 -11.62
CA ASP C 107 -18.00 8.19 -10.97
C ASP C 107 -17.50 9.31 -11.89
N ASP C 108 -16.25 9.65 -11.84
CA ASP C 108 -15.73 10.74 -12.71
C ASP C 108 -14.23 10.55 -12.98
N TYR C 109 -13.75 9.34 -12.87
CA TYR C 109 -12.30 9.10 -13.11
C TYR C 109 -12.10 8.53 -14.51
N TRP C 110 -11.55 9.32 -15.40
CA TRP C 110 -11.31 8.84 -16.81
C TRP C 110 -12.64 8.43 -17.47
N LEU C 111 -13.13 7.27 -17.16
CA LEU C 111 -14.41 6.80 -17.78
C LEU C 111 -15.56 7.73 -17.40
N SER C 112 -15.75 7.97 -16.13
CA SER C 112 -16.88 8.84 -15.69
C SER C 112 -18.20 8.32 -16.25
N ARG C 113 -18.58 8.75 -17.43
CA ARG C 113 -19.85 8.25 -18.02
C ARG C 113 -19.57 7.04 -18.92
N PRO C 114 -20.33 5.99 -18.74
CA PRO C 114 -20.10 4.76 -19.56
C PRO C 114 -20.37 5.05 -21.04
N ARG C 115 -21.60 4.96 -21.47
CA ARG C 115 -21.92 5.23 -22.90
C ARG C 115 -20.98 4.43 -23.82
N LEU C 116 -21.01 3.13 -23.74
CA LEU C 116 -20.13 2.31 -24.61
C LEU C 116 -20.75 2.13 -26.00
N THR C 117 -20.60 3.12 -26.85
CA THR C 117 -21.19 3.01 -28.21
C THR C 117 -20.37 3.82 -29.21
N GLN C 118 -20.36 5.12 -29.08
CA GLN C 118 -19.58 5.97 -30.03
C GLN C 118 -19.99 5.67 -31.47
N ASN C 119 -21.26 5.80 -31.78
CA ASN C 119 -21.71 5.52 -33.17
C ASN C 119 -23.20 5.86 -33.32
N GLY D 1 -0.48 36.45 -22.02
CA GLY D 1 -0.92 35.08 -22.42
C GLY D 1 -2.45 35.05 -22.50
N LYS D 2 -3.02 33.88 -22.55
CA LYS D 2 -4.51 33.78 -22.61
C LYS D 2 -5.05 33.01 -21.40
N ALA D 3 -4.61 31.79 -21.21
CA ALA D 3 -5.10 30.99 -20.05
C ALA D 3 -3.93 30.67 -19.11
N PRO D 4 -3.73 31.53 -18.14
CA PRO D 4 -2.63 31.31 -17.16
C PRO D 4 -2.89 30.06 -16.34
N ARG D 5 -3.97 30.02 -15.61
CA ARG D 5 -4.28 28.82 -14.79
C ARG D 5 -5.72 28.89 -14.27
N LYS D 6 -6.57 28.04 -14.77
CA LYS D 6 -8.00 28.05 -14.31
C LYS D 6 -8.64 26.69 -14.54
N GLN D 7 -7.91 25.63 -14.30
CA GLN D 7 -8.48 24.27 -14.51
C GLN D 7 -8.70 23.57 -13.17
N LEU D 8 -7.69 23.50 -12.34
CA LEU D 8 -7.85 22.84 -11.02
C LEU D 8 -8.71 23.70 -10.09
N ALA D 9 -9.95 23.32 -9.92
CA ALA D 9 -10.85 24.13 -9.03
C ALA D 9 -11.74 23.19 -8.20
N THR D 10 -12.83 23.70 -7.69
CA THR D 10 -13.74 22.85 -6.88
C THR D 10 -14.28 21.69 -7.71
N LYS D 11 -13.67 20.53 -7.58
CA LYS D 11 -14.13 19.35 -8.36
C LYS D 11 -13.88 18.06 -7.58
N ALA D 12 -12.64 17.78 -7.27
CA ALA D 12 -12.33 16.54 -6.51
C ALA D 12 -12.96 15.32 -7.19
N ALA D 13 -12.20 14.63 -7.99
CA ALA D 13 -12.74 13.42 -8.68
C ALA D 13 -11.93 12.19 -8.29
N ARG D 14 -12.59 11.07 -8.09
CA ARG D 14 -11.84 9.83 -7.71
C ARG D 14 -12.50 8.59 -8.30
N SER D 16 -15.03 5.77 -8.16
CA SER D 16 -16.23 5.37 -7.37
C SER D 16 -16.01 4.02 -6.70
N ALA D 17 -16.93 3.58 -5.90
CA ALA D 17 -16.77 2.27 -5.21
C ALA D 17 -18.15 1.66 -4.90
N PRO D 18 -18.15 0.36 -4.67
CA PRO D 18 -19.42 -0.34 -4.36
C PRO D 18 -19.99 0.15 -3.02
N ALA D 19 -21.28 0.37 -2.95
CA ALA D 19 -21.89 0.84 -1.67
C ALA D 19 -22.03 -0.32 -0.69
N THR D 20 -20.94 -0.89 -0.25
CA THR D 20 -21.02 -2.02 0.71
C THR D 20 -21.93 -3.12 0.16
N GLY D 21 -21.36 -4.14 -0.43
CA GLY D 21 -22.19 -5.24 -0.98
C GLY D 21 -21.58 -5.75 -2.28
N MET A 1 -4.90 -12.09 2.28
CA MET A 1 -4.23 -11.31 3.37
C MET A 1 -3.42 -12.23 4.27
N PHE A 2 -3.07 -13.40 3.79
CA PHE A 2 -2.28 -14.35 4.62
C PHE A 2 -1.83 -15.54 3.79
N ASN A 3 -0.54 -15.78 3.71
CA ASN A 3 -0.04 -16.93 2.92
C ASN A 3 0.76 -17.88 3.80
N ASP A 4 0.99 -19.09 3.36
CA ASP A 4 1.75 -20.07 4.18
C ASP A 4 3.06 -19.45 4.69
N ARG A 5 3.58 -18.48 4.00
CA ARG A 5 4.86 -17.85 4.44
C ARG A 5 4.62 -16.95 5.66
N VAL A 6 3.60 -16.14 5.61
CA VAL A 6 3.32 -15.23 6.77
C VAL A 6 1.83 -14.87 6.81
N ILE A 7 1.44 -14.05 7.75
CA ILE A 7 0.01 -13.65 7.87
C ILE A 7 -0.11 -12.28 8.51
N VAL A 8 -1.12 -11.53 8.18
CA VAL A 8 -1.28 -10.18 8.80
C VAL A 8 -2.20 -10.25 10.01
N LYS A 9 -1.70 -9.88 11.16
CA LYS A 9 -2.54 -9.91 12.39
C LYS A 9 -2.52 -8.53 13.05
N LYS A 10 -3.58 -8.06 13.69
CA LYS A 10 -4.83 -8.85 13.87
C LYS A 10 -4.54 -10.23 14.46
N SER A 11 -3.95 -10.26 15.63
CA SER A 11 -3.63 -11.56 16.27
C SER A 11 -4.57 -11.81 17.46
N PRO A 12 -4.30 -12.86 18.20
CA PRO A 12 -5.13 -13.19 19.38
C PRO A 12 -5.09 -12.04 20.39
N LEU A 13 -3.94 -11.44 20.59
CA LEU A 13 -3.84 -10.32 21.56
C LEU A 13 -4.21 -8.99 20.89
N GLY A 14 -4.10 -8.92 19.59
CA GLY A 14 -4.44 -7.66 18.88
C GLY A 14 -3.18 -7.06 18.26
N GLY A 15 -3.17 -5.77 18.04
CA GLY A 15 -1.97 -5.13 17.43
C GLY A 15 -1.89 -5.51 15.95
N TYR A 16 -1.53 -4.58 15.10
CA TYR A 16 -1.44 -4.89 13.66
C TYR A 16 0.02 -5.12 13.25
N GLY A 17 0.58 -6.23 13.65
CA GLY A 17 1.99 -6.54 13.27
C GLY A 17 2.00 -7.71 12.30
N VAL A 18 3.16 -8.17 11.90
CA VAL A 18 3.20 -9.32 10.96
C VAL A 18 3.51 -10.61 11.72
N PHE A 19 2.95 -11.71 11.28
CA PHE A 19 3.23 -13.00 11.98
C PHE A 19 4.09 -13.89 11.08
N ALA A 20 5.19 -14.37 11.58
CA ALA A 20 6.08 -15.22 10.74
C ALA A 20 5.69 -16.69 10.88
N ARG A 21 4.81 -17.16 10.05
CA ARG A 21 4.42 -18.59 10.09
C ARG A 21 5.66 -19.47 9.87
N LYS A 22 6.67 -18.92 9.25
CA LYS A 22 7.92 -19.69 9.01
C LYS A 22 8.89 -19.49 10.18
N SER A 23 10.08 -20.08 10.13
CA SER A 23 10.50 -20.92 8.98
C SER A 23 11.43 -20.14 8.05
N PHE A 24 11.98 -19.05 8.53
CA PHE A 24 12.88 -18.23 7.66
C PHE A 24 14.35 -18.42 8.06
N GLU A 25 15.25 -18.08 7.18
CA GLU A 25 16.70 -18.22 7.51
C GLU A 25 17.27 -16.86 7.89
N LYS A 26 18.56 -16.72 7.87
CA LYS A 26 19.18 -15.41 8.23
C LYS A 26 19.45 -14.58 6.96
N GLY A 27 18.56 -13.69 6.63
CA GLY A 27 18.76 -12.85 5.42
C GLY A 27 17.90 -13.39 4.28
N GLU A 28 16.61 -13.47 4.47
CA GLU A 28 15.72 -14.00 3.40
C GLU A 28 14.55 -13.03 3.15
N LEU A 29 14.43 -12.54 1.95
CA LEU A 29 13.31 -11.60 1.65
C LEU A 29 11.97 -12.24 1.99
N VAL A 30 11.11 -11.53 2.68
CA VAL A 30 9.79 -12.10 3.04
C VAL A 30 8.69 -11.53 2.14
N GLU A 31 8.77 -10.26 1.84
CA GLU A 31 7.74 -9.64 0.96
C GLU A 31 8.18 -8.25 0.52
N GLU A 32 7.66 -7.77 -0.58
CA GLU A 32 8.05 -6.42 -1.07
C GLU A 32 6.90 -5.79 -1.86
N CYS A 33 6.81 -4.48 -1.86
CA CYS A 33 5.71 -3.82 -2.60
C CYS A 33 6.15 -2.43 -3.09
N LEU A 34 5.21 -1.57 -3.39
CA LEU A 34 5.58 -0.22 -3.89
C LEU A 34 5.50 0.81 -2.76
N CYS A 35 5.87 2.03 -3.03
CA CYS A 35 5.82 3.08 -1.98
C CYS A 35 5.56 4.45 -2.62
N ILE A 36 4.93 5.35 -1.91
CA ILE A 36 4.69 6.70 -2.50
C ILE A 36 5.86 7.63 -2.16
N VAL A 37 6.18 8.54 -3.03
CA VAL A 37 7.33 9.45 -2.75
C VAL A 37 6.90 10.92 -2.88
N ARG A 38 6.78 11.60 -1.78
CA ARG A 38 6.37 13.04 -1.83
C ARG A 38 7.22 13.87 -0.88
N HIS A 39 7.32 15.15 -1.10
CA HIS A 39 8.12 16.01 -0.19
C HIS A 39 7.41 16.17 1.16
N ASN A 40 8.02 16.84 2.09
CA ASN A 40 7.38 17.03 3.42
C ASN A 40 6.10 17.86 3.27
N ASP A 41 5.86 18.79 4.18
CA ASP A 41 4.61 19.64 4.08
C ASP A 41 3.36 18.79 4.33
N ASP A 42 2.26 19.16 3.73
CA ASP A 42 0.99 18.40 3.95
C ASP A 42 1.21 16.90 3.85
N TRP A 43 2.10 16.46 3.00
CA TRP A 43 2.36 15.00 2.87
C TRP A 43 2.78 14.41 4.22
N GLY A 44 3.81 14.96 4.81
CA GLY A 44 4.28 14.43 6.12
C GLY A 44 3.17 14.55 7.16
N THR A 45 2.29 15.51 7.02
CA THR A 45 1.20 15.67 8.02
C THR A 45 0.06 14.69 7.74
N ALA A 46 -0.60 14.83 6.61
CA ALA A 46 -1.74 13.92 6.28
C ALA A 46 -1.37 12.46 6.55
N LEU A 47 -0.22 12.03 6.09
CA LEU A 47 0.18 10.61 6.33
C LEU A 47 1.02 10.50 7.60
N GLU A 48 0.83 11.38 8.54
CA GLU A 48 1.64 11.31 9.80
C GLU A 48 1.31 10.02 10.57
N ASP A 49 1.89 8.92 10.16
CA ASP A 49 1.61 7.64 10.86
C ASP A 49 2.49 6.52 10.29
N TYR A 50 2.45 6.32 9.00
CA TYR A 50 3.28 5.24 8.39
C TYR A 50 4.13 5.82 7.25
N LEU A 51 4.89 6.85 7.53
CA LEU A 51 5.71 7.48 6.46
C LEU A 51 7.21 7.21 6.67
N PHE A 52 7.81 6.47 5.79
CA PHE A 52 9.27 6.22 5.89
C PHE A 52 10.03 7.31 5.14
N SER A 53 10.78 8.12 5.82
CA SER A 53 11.50 9.23 5.13
C SER A 53 13.00 8.96 5.06
N ARG A 54 13.59 9.17 3.92
CA ARG A 54 15.06 8.95 3.78
C ARG A 54 15.76 10.30 3.58
N LYS A 55 17.04 10.27 3.27
CA LYS A 55 17.77 11.55 3.10
C LYS A 55 17.53 12.08 1.69
N ASN A 56 16.36 12.61 1.49
CA ASN A 56 16.00 13.16 0.14
C ASN A 56 14.53 13.55 0.13
N MET A 57 13.70 12.84 0.87
CA MET A 57 12.24 13.19 0.91
C MET A 57 11.49 12.20 1.80
N SER A 58 10.18 12.22 1.74
CA SER A 58 9.38 11.27 2.57
C SER A 58 8.57 10.34 1.66
N ALA A 59 8.19 9.20 2.16
CA ALA A 59 7.41 8.25 1.33
C ALA A 59 6.49 7.40 2.20
N MET A 60 5.35 7.00 1.68
CA MET A 60 4.42 6.16 2.50
C MET A 60 4.70 4.68 2.26
N ALA A 61 4.33 3.84 3.18
CA ALA A 61 4.60 2.37 3.01
C ALA A 61 3.48 1.72 2.21
N LEU A 62 3.72 1.46 0.95
CA LEU A 62 2.67 0.82 0.08
C LEU A 62 2.26 -0.54 0.63
N GLY A 63 3.08 -1.54 0.43
CA GLY A 63 2.71 -2.91 0.91
C GLY A 63 2.58 -2.92 2.43
N PHE A 64 3.23 -3.84 3.09
CA PHE A 64 3.13 -3.91 4.57
C PHE A 64 4.22 -3.06 5.23
N GLY A 65 4.46 -1.89 4.70
CA GLY A 65 5.50 -1.00 5.29
C GLY A 65 4.91 -0.27 6.51
N ALA A 66 3.61 -0.15 6.56
CA ALA A 66 2.98 0.56 7.71
C ALA A 66 2.63 -0.41 8.84
N ILE A 67 1.88 -1.43 8.54
CA ILE A 67 1.47 -2.40 9.61
C ILE A 67 2.70 -2.88 10.40
N PHE A 68 3.87 -2.79 9.84
CA PHE A 68 5.09 -3.25 10.58
C PHE A 68 5.11 -2.68 12.00
N ASN A 69 5.15 -3.54 12.99
CA ASN A 69 5.19 -3.05 14.40
C ASN A 69 6.63 -2.95 14.89
N HIS A 70 6.82 -2.42 16.07
CA HIS A 70 8.20 -2.31 16.62
C HIS A 70 8.45 -3.41 17.66
N SER A 71 9.65 -3.85 17.82
CA SER A 71 9.95 -4.92 18.81
C SER A 71 11.37 -4.77 19.37
N LYS A 72 11.53 -4.98 20.64
CA LYS A 72 12.90 -4.85 21.24
C LYS A 72 13.89 -5.74 20.49
N ASP A 73 13.41 -6.79 19.86
CA ASP A 73 14.32 -7.69 19.11
C ASP A 73 13.87 -7.79 17.65
N PRO A 74 14.23 -6.78 16.87
CA PRO A 74 13.85 -6.78 15.44
C PRO A 74 14.49 -7.96 14.70
N ASN A 75 13.76 -9.01 14.50
CA ASN A 75 14.33 -10.19 13.79
C ASN A 75 14.35 -9.95 12.28
N ALA A 76 13.59 -9.01 11.80
CA ALA A 76 13.57 -8.73 10.34
C ALA A 76 13.62 -7.22 10.08
N ARG A 77 13.79 -6.82 8.85
CA ARG A 77 13.84 -5.37 8.54
C ARG A 77 13.31 -5.11 7.13
N HIS A 78 13.62 -3.97 6.57
CA HIS A 78 13.12 -3.66 5.20
C HIS A 78 14.25 -3.17 4.32
N GLU A 79 13.92 -2.73 3.13
CA GLU A 79 14.97 -2.17 2.26
C GLU A 79 14.39 -1.12 1.31
N LEU A 80 15.24 -0.42 0.61
CA LEU A 80 14.74 0.61 -0.36
C LEU A 80 15.60 0.60 -1.63
N THR A 81 14.98 0.43 -2.77
CA THR A 81 15.76 0.42 -4.04
C THR A 81 16.57 1.70 -4.19
N ALA A 82 17.13 1.94 -5.35
CA ALA A 82 17.93 3.17 -5.56
C ALA A 82 17.05 4.41 -5.43
N GLY A 83 16.93 4.94 -4.23
CA GLY A 83 16.10 6.15 -4.03
C GLY A 83 14.69 5.75 -3.60
N LEU A 84 13.97 6.64 -2.97
CA LEU A 84 12.59 6.30 -2.52
C LEU A 84 11.75 5.82 -3.71
N LYS A 85 11.47 4.55 -3.78
CA LYS A 85 10.67 4.01 -4.90
C LYS A 85 9.95 2.73 -4.50
N ARG A 86 10.69 1.77 -4.00
CA ARG A 86 10.05 0.49 -3.57
C ARG A 86 10.54 0.09 -2.17
N MET A 87 9.93 -0.89 -1.58
CA MET A 87 10.36 -1.33 -0.22
C MET A 87 10.31 -2.85 -0.10
N ARG A 88 11.35 -3.45 0.42
CA ARG A 88 11.36 -4.92 0.57
C ARG A 88 11.39 -5.32 2.05
N ILE A 89 11.33 -6.59 2.34
CA ILE A 89 11.36 -7.02 3.76
C ILE A 89 12.31 -8.22 3.92
N PHE A 90 13.41 -8.03 4.60
CA PHE A 90 14.37 -9.15 4.77
C PHE A 90 14.31 -9.69 6.21
N THR A 91 15.05 -10.74 6.49
CA THR A 91 15.06 -11.29 7.87
C THR A 91 16.48 -11.33 8.41
N ILE A 92 16.94 -10.25 8.97
CA ILE A 92 18.33 -10.22 9.52
C ILE A 92 18.59 -11.41 10.42
N LYS A 93 17.56 -11.97 11.00
CA LYS A 93 17.76 -13.15 11.90
C LYS A 93 16.73 -14.24 11.60
N PRO A 94 17.18 -15.47 11.51
CA PRO A 94 16.26 -16.59 11.24
C PRO A 94 15.02 -16.54 12.15
N ILE A 95 13.91 -17.06 11.71
CA ILE A 95 12.69 -17.01 12.55
C ILE A 95 12.03 -18.39 12.63
N ALA A 96 11.40 -18.69 13.73
CA ALA A 96 10.73 -20.01 13.88
C ALA A 96 9.25 -19.92 13.51
N ILE A 97 8.64 -21.02 13.16
CA ILE A 97 7.20 -20.99 12.79
C ILE A 97 6.36 -20.56 14.00
N GLY A 98 5.80 -19.38 13.95
CA GLY A 98 4.96 -18.91 15.09
C GLY A 98 5.61 -17.69 15.74
N GLU A 99 6.36 -16.93 14.98
CA GLU A 99 7.01 -15.72 15.56
C GLU A 99 6.30 -14.46 15.05
N GLU A 100 6.79 -13.31 15.44
CA GLU A 100 6.16 -12.04 14.96
C GLU A 100 7.19 -11.20 14.20
N ILE A 101 6.89 -10.86 12.99
CA ILE A 101 7.86 -10.06 12.18
C ILE A 101 7.60 -8.56 12.40
N THR A 102 8.63 -7.82 12.69
CA THR A 102 8.48 -6.36 12.92
C THR A 102 9.79 -5.64 12.63
N ILE A 103 9.73 -4.45 12.09
CA ILE A 103 10.98 -3.70 11.77
C ILE A 103 11.20 -2.57 12.78
N SER A 104 12.41 -2.08 12.89
CA SER A 104 12.68 -0.99 13.86
C SER A 104 12.57 0.37 13.17
N TYR A 105 13.01 1.42 13.83
CA TYR A 105 12.93 2.77 13.21
C TYR A 105 14.33 3.43 13.20
N GLY A 106 14.84 3.77 14.35
CA GLY A 106 16.18 4.41 14.40
C GLY A 106 16.04 5.93 14.29
N ASP A 107 17.12 6.63 14.08
CA ASP A 107 17.06 8.11 13.97
C ASP A 107 16.36 8.73 15.20
N ASP A 108 15.06 8.85 15.18
CA ASP A 108 14.36 9.45 16.35
C ASP A 108 13.11 8.64 16.72
N TYR A 109 12.42 8.12 15.74
CA TYR A 109 11.18 7.32 16.04
C TYR A 109 11.46 6.29 17.14
N TRP A 110 10.79 6.40 18.25
CA TRP A 110 11.00 5.45 19.37
C TRP A 110 12.47 5.41 19.78
N LEU A 111 12.78 4.80 20.89
CA LEU A 111 14.20 4.73 21.33
C LEU A 111 15.07 4.04 20.28
N SER A 112 16.29 3.77 20.60
CA SER A 112 17.19 3.09 19.62
C SER A 112 18.38 2.44 20.34
N ARG A 113 18.93 3.12 21.31
CA ARG A 113 20.08 2.53 22.06
C ARG A 113 19.77 1.10 22.53
N PRO A 114 18.64 0.94 23.16
CA PRO A 114 18.23 -0.40 23.65
C PRO A 114 18.28 -1.43 22.53
N ARG A 115 19.36 -2.16 22.44
CA ARG A 115 19.47 -3.18 21.36
C ARG A 115 19.07 -4.56 21.89
N LEU A 116 19.24 -4.79 23.16
CA LEU A 116 18.87 -6.12 23.73
C LEU A 116 19.60 -7.25 23.00
N THR A 117 19.05 -7.75 21.93
CA THR A 117 19.73 -8.83 21.17
C THR A 117 21.14 -8.39 20.76
N GLN A 118 22.02 -9.32 20.51
CA GLN A 118 23.40 -8.96 20.10
C GLN A 118 24.00 -7.97 21.11
N ASN A 119 25.22 -7.55 20.89
CA ASN A 119 25.86 -6.58 21.83
C ASN A 119 25.84 -5.18 21.24
N GLY B 1 1.36 20.85 36.81
CA GLY B 1 2.41 20.47 35.83
C GLY B 1 3.04 21.74 35.24
N LYS B 2 4.33 21.90 35.37
CA LYS B 2 5.00 23.11 34.82
C LYS B 2 6.12 22.71 33.86
N ALA B 3 5.95 21.64 33.13
CA ALA B 3 7.01 21.20 32.18
C ALA B 3 6.71 21.75 30.78
N PRO B 4 7.62 21.50 29.87
CA PRO B 4 7.45 21.98 28.47
C PRO B 4 6.13 21.46 27.89
N ARG B 5 5.69 22.03 26.79
CA ARG B 5 4.41 21.57 26.19
C ARG B 5 4.55 21.51 24.66
N LYS B 6 4.83 22.62 24.04
CA LYS B 6 4.98 22.63 22.56
C LYS B 6 6.36 22.12 22.15
N GLN B 7 6.46 21.51 21.00
CA GLN B 7 7.78 20.98 20.54
C GLN B 7 8.71 22.13 20.17
N LEU B 8 9.95 22.07 20.56
CA LEU B 8 10.90 23.16 20.23
C LEU B 8 12.34 22.70 20.47
N ALA B 9 12.73 21.61 19.88
CA ALA B 9 14.13 21.12 20.07
C ALA B 9 14.68 20.56 18.76
N THR B 10 14.22 19.42 18.34
CA THR B 10 14.71 18.83 17.06
C THR B 10 13.56 18.25 16.25
N LYS B 11 13.65 18.29 14.95
CA LYS B 11 12.55 17.74 14.11
C LYS B 11 12.94 16.38 13.55
N ALA B 12 14.15 16.24 13.07
CA ALA B 12 14.60 14.94 12.51
C ALA B 12 13.60 14.45 11.45
N ALA B 13 13.70 13.20 11.07
CA ALA B 13 12.76 12.67 10.04
C ALA B 13 11.70 11.76 10.69
N ARG B 14 11.09 10.90 9.93
CA ARG B 14 10.06 9.99 10.51
C ARG B 14 10.69 8.63 10.84
N SER B 16 13.62 5.88 10.33
CA SER B 16 14.97 5.73 9.73
C SER B 16 14.94 4.71 8.58
N ALA B 17 16.08 4.32 8.10
CA ALA B 17 16.12 3.33 6.98
C ALA B 17 17.56 2.87 6.71
N PRO B 18 17.70 1.69 6.17
CA PRO B 18 19.04 1.15 5.86
C PRO B 18 19.68 1.92 4.70
N ALA B 19 20.98 1.93 4.62
CA ALA B 19 21.66 2.65 3.52
C ALA B 19 21.16 4.10 3.45
N THR B 20 21.50 4.90 4.42
CA THR B 20 21.05 6.33 4.41
C THR B 20 22.00 7.17 3.57
N GLY B 21 21.51 8.26 3.03
CA GLY B 21 22.39 9.13 2.20
C GLY B 21 22.91 8.34 1.00
N MET C 1 6.93 -10.01 -4.97
CA MET C 1 6.12 -9.12 -5.85
C MET C 1 5.48 -9.91 -6.99
N PHE C 2 5.36 -11.20 -6.83
CA PHE C 2 4.75 -12.04 -7.90
C PHE C 2 4.54 -13.47 -7.42
N ASN C 3 3.33 -13.94 -7.46
CA ASN C 3 3.06 -15.33 -7.00
C ASN C 3 2.44 -16.16 -8.12
N ASP C 4 2.45 -17.46 -8.00
CA ASP C 4 1.88 -18.32 -9.07
C ASP C 4 0.46 -17.85 -9.46
N ARG C 5 -0.22 -17.20 -8.56
CA ARG C 5 -1.59 -16.73 -8.88
C ARG C 5 -1.54 -15.51 -9.81
N VAL C 6 -0.69 -14.57 -9.54
CA VAL C 6 -0.61 -13.36 -10.40
C VAL C 6 0.79 -12.73 -10.31
N ILE C 7 1.00 -11.64 -11.00
CA ILE C 7 2.34 -10.97 -10.94
C ILE C 7 2.19 -9.48 -11.23
N VAL C 8 3.05 -8.66 -10.68
CA VAL C 8 2.94 -7.20 -10.93
C VAL C 8 3.85 -6.79 -12.08
N LYS C 9 3.27 -6.24 -13.12
CA LYS C 9 4.09 -5.79 -14.28
C LYS C 9 3.80 -4.31 -14.57
N LYS C 10 4.74 -3.51 -15.03
CA LYS C 10 6.12 -3.98 -15.35
C LYS C 10 6.08 -5.20 -16.29
N SER C 11 5.50 -5.03 -17.45
CA SER C 11 5.41 -6.17 -18.42
C SER C 11 6.36 -5.92 -19.60
N PRO C 12 6.29 -6.78 -20.58
CA PRO C 12 7.16 -6.63 -21.77
C PRO C 12 6.89 -5.30 -22.47
N LEU C 13 5.65 -4.89 -22.54
CA LEU C 13 5.33 -3.60 -23.20
C LEU C 13 5.45 -2.44 -22.20
N GLY C 14 5.34 -2.73 -20.93
CA GLY C 14 5.45 -1.65 -19.92
C GLY C 14 4.12 -1.47 -19.21
N GLY C 15 3.86 -0.31 -18.67
CA GLY C 15 2.57 -0.08 -17.96
C GLY C 15 2.58 -0.83 -16.63
N TYR C 16 2.07 -0.22 -15.60
CA TYR C 16 2.05 -0.90 -14.27
C TYR C 16 0.66 -1.51 -13.99
N GLY C 17 0.32 -2.55 -14.69
CA GLY C 17 -1.01 -3.20 -14.44
C GLY C 17 -0.79 -4.57 -13.80
N VAL C 18 -1.83 -5.32 -13.58
CA VAL C 18 -1.64 -6.66 -12.96
C VAL C 18 -1.71 -7.74 -14.03
N PHE C 19 -0.96 -8.80 -13.87
CA PHE C 19 -1.00 -9.89 -14.87
C PHE C 19 -1.66 -11.13 -14.27
N ALA C 20 -2.66 -11.66 -14.91
CA ALA C 20 -3.37 -12.84 -14.35
C ALA C 20 -2.71 -14.13 -14.84
N ARG C 21 -1.74 -14.63 -14.12
CA ARG C 21 -1.09 -15.91 -14.52
C ARG C 21 -2.14 -17.02 -14.57
N LYS C 22 -3.23 -16.84 -13.86
CA LYS C 22 -4.31 -17.87 -13.87
C LYS C 22 -5.33 -17.56 -14.99
N SER C 23 -6.37 -18.35 -15.15
CA SER C 23 -6.62 -19.52 -14.25
C SER C 23 -7.67 -19.18 -13.18
N PHE C 24 -8.42 -18.13 -13.39
CA PHE C 24 -9.44 -17.74 -12.38
C PHE C 24 -10.85 -18.10 -12.87
N GLU C 25 -11.79 -18.16 -11.97
CA GLU C 25 -13.19 -18.47 -12.37
C GLU C 25 -14.02 -17.19 -12.42
N LYS C 26 -15.32 -17.30 -12.40
CA LYS C 26 -16.16 -16.08 -12.45
C LYS C 26 -16.57 -15.67 -11.02
N GLY C 27 -15.87 -14.73 -10.45
CA GLY C 27 -16.20 -14.29 -9.07
C GLY C 27 -15.24 -14.95 -8.07
N GLU C 28 -13.96 -14.72 -8.23
CA GLU C 28 -12.98 -15.33 -7.29
C GLU C 28 -12.01 -14.26 -6.77
N LEU C 29 -11.97 -14.08 -5.48
CA LEU C 29 -11.04 -13.06 -4.90
C LEU C 29 -9.61 -13.34 -5.35
N VAL C 30 -8.92 -12.32 -5.80
CA VAL C 30 -7.51 -12.53 -6.25
C VAL C 30 -6.53 -12.02 -5.20
N GLU C 31 -6.83 -10.90 -4.58
CA GLU C 31 -5.92 -10.35 -3.54
C GLU C 31 -6.61 -9.22 -2.77
N GLU C 32 -6.18 -8.95 -1.58
CA GLU C 32 -6.81 -7.87 -0.77
C GLU C 32 -5.80 -7.25 0.19
N CYS C 33 -5.95 -6.00 0.52
CA CYS C 33 -4.98 -5.36 1.45
C CYS C 33 -5.67 -4.25 2.25
N LEU C 34 -4.91 -3.34 2.80
CA LEU C 34 -5.51 -2.24 3.61
C LEU C 34 -5.64 -0.97 2.77
N CYS C 35 -6.22 0.05 3.33
CA CYS C 35 -6.39 1.33 2.59
C CYS C 35 -6.40 2.51 3.57
N ILE C 36 -5.94 3.66 3.14
CA ILE C 36 -5.95 4.84 4.05
C ILE C 36 -7.28 5.59 3.91
N VAL C 37 -7.77 6.18 4.97
CA VAL C 37 -9.06 6.90 4.89
C VAL C 37 -8.92 8.33 5.40
N ARG C 38 -8.94 9.30 4.51
CA ARG C 38 -8.80 10.71 4.95
C ARG C 38 -9.81 11.59 4.20
N HIS C 39 -10.14 12.73 4.74
CA HIS C 39 -11.11 13.63 4.05
C HIS C 39 -10.45 14.26 2.82
N ASN C 40 -11.19 15.02 2.05
CA ASN C 40 -10.61 15.66 0.84
C ASN C 40 -9.50 16.64 1.23
N ASP C 41 -9.45 17.80 0.62
CA ASP C 41 -8.39 18.81 0.96
C ASP C 41 -7.00 18.30 0.55
N ASP C 42 -5.98 18.70 1.27
CA ASP C 42 -4.59 18.27 0.91
C ASP C 42 -4.53 16.78 0.61
N TRP C 43 -5.31 15.99 1.30
CA TRP C 43 -5.29 14.52 1.05
C TRP C 43 -5.61 14.23 -0.42
N GLY C 44 -6.73 14.71 -0.90
CA GLY C 44 -7.11 14.45 -2.31
C GLY C 44 -6.04 15.03 -3.25
N THR C 45 -5.37 16.06 -2.84
CA THR C 45 -4.34 16.68 -3.72
C THR C 45 -3.03 15.89 -3.65
N ALA C 46 -2.40 15.86 -2.51
CA ALA C 46 -1.10 15.12 -2.37
C ALA C 46 -1.20 13.73 -3.02
N LEU C 47 -2.24 12.99 -2.73
CA LEU C 47 -2.37 11.64 -3.34
C LEU C 47 -3.18 11.70 -4.62
N GLU C 48 -3.18 12.82 -5.30
CA GLU C 48 -3.97 12.92 -6.56
C GLU C 48 -3.42 11.95 -7.62
N ASP C 49 -3.78 10.70 -7.53
CA ASP C 49 -3.27 9.70 -8.53
C ASP C 49 -3.91 8.34 -8.29
N TYR C 50 -3.83 7.83 -7.08
CA TYR C 50 -4.43 6.49 -6.79
C TYR C 50 -5.36 6.60 -5.58
N LEU C 51 -6.30 7.50 -5.62
CA LEU C 51 -7.21 7.67 -4.45
C LEU C 51 -8.63 7.20 -4.79
N PHE C 52 -9.08 6.16 -4.13
CA PHE C 52 -10.46 5.67 -4.36
C PHE C 52 -11.41 6.38 -3.37
N SER C 53 -12.30 7.19 -3.87
CA SER C 53 -13.21 7.93 -2.94
C SER C 53 -14.63 7.37 -3.00
N ARG C 54 -15.24 7.18 -1.85
CA ARG C 54 -16.64 6.67 -1.83
C ARG C 54 -17.57 7.75 -1.31
N LYS C 55 -18.83 7.43 -1.12
CA LYS C 55 -19.79 8.45 -0.61
C LYS C 55 -19.62 8.65 0.88
N ASN C 56 -18.57 9.32 1.27
CA ASN C 56 -18.31 9.55 2.70
C ASN C 56 -16.93 10.21 2.87
N MET C 57 -16.00 9.87 2.03
CA MET C 57 -14.64 10.48 2.12
C MET C 57 -13.71 9.90 1.04
N SER C 58 -12.44 10.15 1.14
CA SER C 58 -11.49 9.61 0.13
C SER C 58 -10.50 8.64 0.80
N ALA C 59 -9.92 7.75 0.05
CA ALA C 59 -8.96 6.78 0.64
C ALA C 59 -7.91 6.37 -0.39
N MET C 60 -6.71 6.07 0.05
CA MET C 60 -5.65 5.65 -0.91
C MET C 60 -5.64 4.13 -1.06
N ALA C 61 -5.14 3.64 -2.15
CA ALA C 61 -5.12 2.16 -2.37
C ALA C 61 -3.88 1.53 -1.71
N LEU C 62 -4.06 0.92 -0.57
CA LEU C 62 -2.91 0.30 0.15
C LEU C 62 -2.25 -0.79 -0.71
N GLY C 63 -2.86 -1.93 -0.81
CA GLY C 63 -2.26 -3.05 -1.60
C GLY C 63 -2.14 -2.64 -3.08
N PHE C 64 -2.61 -3.47 -3.96
CA PHE C 64 -2.52 -3.14 -5.41
C PHE C 64 -3.76 -2.37 -5.87
N GLY C 65 -4.21 -1.43 -5.07
CA GLY C 65 -5.40 -0.63 -5.46
C GLY C 65 -4.98 0.48 -6.43
N ALA C 66 -3.72 0.86 -6.41
CA ALA C 66 -3.25 1.94 -7.31
C ALA C 66 -2.74 1.37 -8.64
N ILE C 67 -1.81 0.46 -8.58
CA ILE C 67 -1.23 -0.12 -9.84
C ILE C 67 -2.36 -0.59 -10.77
N PHE C 68 -3.52 -0.86 -10.25
CA PHE C 68 -4.63 -1.34 -11.13
C PHE C 68 -4.79 -0.44 -12.36
N ASN C 69 -4.68 -1.01 -13.53
CA ASN C 69 -4.81 -0.20 -14.77
C ASN C 69 -6.25 -0.24 -15.28
N HIS C 70 -6.56 0.52 -16.30
CA HIS C 70 -7.94 0.52 -16.85
C HIS C 70 -7.98 -0.30 -18.14
N SER C 71 -9.10 -0.90 -18.44
CA SER C 71 -9.19 -1.72 -19.69
C SER C 71 -10.62 -1.69 -20.24
N LYS C 72 -10.77 -1.60 -21.53
CA LYS C 72 -12.13 -1.58 -22.12
C LYS C 72 -12.93 -2.80 -21.66
N ASP C 73 -12.25 -3.86 -21.31
CA ASP C 73 -12.97 -5.08 -20.84
C ASP C 73 -12.50 -5.46 -19.43
N PRO C 74 -13.02 -4.78 -18.44
CA PRO C 74 -12.64 -5.07 -17.04
C PRO C 74 -13.04 -6.48 -16.65
N ASN C 75 -12.12 -7.40 -16.70
CA ASN C 75 -12.45 -8.82 -16.33
C ASN C 75 -12.50 -8.97 -14.81
N ALA C 76 -11.92 -8.05 -14.08
CA ALA C 76 -11.94 -8.17 -12.59
C ALA C 76 -12.27 -6.81 -11.96
N ARG C 77 -12.49 -6.78 -10.68
CA ARG C 77 -12.81 -5.49 -10.00
C ARG C 77 -12.32 -5.50 -8.56
N HIS C 78 -12.83 -4.62 -7.74
CA HIS C 78 -12.38 -4.58 -6.32
C HIS C 78 -13.58 -4.55 -5.39
N GLU C 79 -13.33 -4.36 -4.12
CA GLU C 79 -14.46 -4.26 -3.17
C GLU C 79 -14.06 -3.41 -1.96
N LEU C 80 -15.02 -3.07 -1.13
CA LEU C 80 -14.71 -2.24 0.07
C LEU C 80 -15.53 -2.74 1.27
N THR C 81 -14.89 -3.08 2.35
CA THR C 81 -15.64 -3.57 3.54
C THR C 81 -16.68 -2.53 3.99
N ALA C 82 -17.24 -2.70 5.15
CA ALA C 82 -18.26 -1.74 5.64
C ALA C 82 -17.63 -0.36 5.85
N GLY C 83 -17.63 0.46 4.83
CA GLY C 83 -17.04 1.83 4.97
C GLY C 83 -15.58 1.81 4.51
N LEU C 84 -15.06 2.94 4.15
CA LEU C 84 -13.64 3.01 3.69
C LEU C 84 -12.71 2.40 4.74
N LYS C 85 -12.21 1.22 4.49
CA LYS C 85 -11.30 0.57 5.48
C LYS C 85 -10.35 -0.41 4.78
N ARG C 86 -10.90 -1.33 4.03
CA ARG C 86 -10.04 -2.32 3.32
C ARG C 86 -10.47 -2.43 1.85
N MET C 87 -9.69 -3.09 1.05
CA MET C 87 -10.05 -3.24 -0.39
C MET C 87 -9.72 -4.65 -0.90
N ARG C 88 -10.62 -5.27 -1.58
CA ARG C 88 -10.36 -6.65 -2.10
C ARG C 88 -10.33 -6.63 -3.63
N ILE C 89 -10.03 -7.75 -4.23
CA ILE C 89 -10.01 -7.82 -5.72
C ILE C 89 -10.71 -9.09 -6.21
N PHE C 90 -11.84 -8.94 -6.86
CA PHE C 90 -12.58 -10.14 -7.35
C PHE C 90 -12.45 -10.27 -8.87
N THR C 91 -12.96 -11.32 -9.42
CA THR C 91 -12.88 -11.51 -10.90
C THR C 91 -14.28 -11.66 -11.49
N ILE C 92 -14.95 -10.58 -11.78
CA ILE C 92 -16.32 -10.66 -12.35
C ILE C 92 -16.37 -11.62 -13.53
N LYS C 93 -15.26 -11.81 -14.20
CA LYS C 93 -15.25 -12.73 -15.37
C LYS C 93 -14.02 -13.65 -15.32
N PRO C 94 -14.22 -14.92 -15.56
CA PRO C 94 -13.10 -15.90 -15.55
C PRO C 94 -11.92 -15.38 -16.36
N ILE C 95 -10.72 -15.78 -16.04
CA ILE C 95 -9.54 -15.29 -16.80
C ILE C 95 -8.63 -16.47 -17.19
N ALA C 96 -7.97 -16.35 -18.31
CA ALA C 96 -7.07 -17.46 -18.76
C ALA C 96 -5.63 -17.18 -18.33
N ILE C 97 -4.82 -18.20 -18.24
CA ILE C 97 -3.41 -18.00 -17.83
C ILE C 97 -2.68 -17.13 -18.86
N GLY C 98 -2.34 -15.92 -18.50
CA GLY C 98 -1.62 -15.03 -19.45
C GLY C 98 -2.50 -13.82 -19.79
N GLU C 99 -3.37 -13.43 -18.88
CA GLU C 99 -4.24 -12.26 -19.17
C GLU C 99 -3.78 -11.06 -18.34
N GLU C 100 -4.47 -9.96 -18.43
CA GLU C 100 -4.09 -8.76 -17.63
C GLU C 100 -5.24 -8.34 -16.72
N ILE C 101 -5.01 -8.28 -15.44
CA ILE C 101 -6.10 -7.89 -14.51
C ILE C 101 -6.13 -6.38 -14.32
N THR C 102 -7.29 -5.79 -14.46
CA THR C 102 -7.41 -4.31 -14.31
C THR C 102 -8.84 -3.95 -13.88
N ILE C 103 -8.98 -2.95 -13.06
CA ILE C 103 -10.35 -2.56 -12.61
C ILE C 103 -10.79 -1.26 -13.30
N SER C 104 -12.07 -0.99 -13.33
CA SER C 104 -12.56 0.24 -14.00
C SER C 104 -12.70 1.39 -12.99
N TYR C 105 -13.33 2.46 -13.38
CA TYR C 105 -13.51 3.60 -12.44
C TYR C 105 -14.99 3.96 -12.31
N GLY C 106 -15.57 4.48 -13.35
CA GLY C 106 -17.02 4.86 -13.29
C GLY C 106 -17.15 6.30 -12.81
N ASP C 107 -18.35 6.71 -12.47
CA ASP C 107 -18.56 8.10 -11.98
C ASP C 107 -18.01 9.13 -12.98
N ASP C 108 -16.75 9.48 -12.88
CA ASP C 108 -16.20 10.48 -13.83
C ASP C 108 -14.83 10.03 -14.35
N TYR C 109 -14.03 9.41 -13.51
CA TYR C 109 -12.68 8.97 -13.96
C TYR C 109 -12.76 8.21 -15.29
N TRP C 110 -12.13 8.73 -16.31
CA TRP C 110 -12.17 8.07 -17.64
C TRP C 110 -13.63 7.87 -18.10
N LEU C 111 -13.82 7.51 -19.34
CA LEU C 111 -15.21 7.30 -19.84
C LEU C 111 -15.91 6.22 -19.03
N SER C 112 -17.09 5.82 -19.45
CA SER C 112 -17.82 4.76 -18.70
C SER C 112 -18.87 4.10 -19.62
N ARG C 113 -19.55 4.88 -20.40
CA ARG C 113 -20.59 4.31 -21.30
C ARG C 113 -20.02 3.13 -22.11
N PRO C 114 -18.87 3.35 -22.72
CA PRO C 114 -18.23 2.28 -23.52
C PRO C 114 -18.08 1.01 -22.70
N ARG C 115 -19.00 0.10 -22.85
CA ARG C 115 -18.91 -1.17 -22.07
C ARG C 115 -18.26 -2.28 -22.91
N LEU C 116 -18.39 -2.20 -24.20
CA LEU C 116 -17.79 -3.25 -25.08
C LEU C 116 -18.29 -4.64 -24.68
N THR C 117 -17.63 -5.29 -23.75
CA THR C 117 -18.10 -6.64 -23.31
C THR C 117 -19.56 -6.58 -22.86
N GLN C 118 -20.24 -7.69 -22.90
CA GLN C 118 -21.67 -7.69 -22.45
C GLN C 118 -22.46 -6.62 -23.20
N ASN C 119 -23.72 -6.50 -22.92
CA ASN C 119 -24.54 -5.46 -23.61
C ASN C 119 -24.79 -4.27 -22.68
N GLY D 1 -5.82 28.92 -30.26
CA GLY D 1 -6.77 28.11 -29.44
C GLY D 1 -7.60 29.06 -28.57
N LYS D 2 -8.90 28.99 -28.70
CA LYS D 2 -9.78 29.89 -27.89
C LYS D 2 -10.80 29.06 -27.10
N ALA D 3 -10.41 27.88 -26.67
CA ALA D 3 -11.36 27.03 -25.89
C ALA D 3 -11.17 27.24 -24.39
N PRO D 4 -12.00 26.60 -23.61
CA PRO D 4 -11.89 26.74 -22.14
C PRO D 4 -10.50 26.34 -21.66
N ARG D 5 -10.17 26.68 -20.43
CA ARG D 5 -8.82 26.32 -19.91
C ARG D 5 -8.92 25.86 -18.46
N LYS D 6 -9.40 26.70 -17.59
CA LYS D 6 -9.53 26.31 -16.15
C LYS D 6 -10.77 25.45 -15.95
N GLN D 7 -10.75 24.57 -14.99
CA GLN D 7 -11.95 23.72 -14.74
C GLN D 7 -13.06 24.54 -14.11
N LEU D 8 -14.28 24.34 -14.56
CA LEU D 8 -15.41 25.11 -13.99
C LEU D 8 -16.75 24.48 -14.39
N ALA D 9 -16.92 23.21 -14.10
CA ALA D 9 -18.19 22.53 -14.47
C ALA D 9 -18.63 21.58 -13.36
N THR D 10 -17.95 20.47 -13.22
CA THR D 10 -18.32 19.50 -12.16
C THR D 10 -17.06 18.95 -11.49
N LYS D 11 -17.13 18.64 -10.22
CA LYS D 11 -15.95 18.11 -9.51
C LYS D 11 -16.07 16.59 -9.32
N ALA D 12 -17.23 16.13 -8.94
CA ALA D 12 -17.41 14.66 -8.74
C ALA D 12 -16.33 14.11 -7.80
N ALA D 13 -16.18 12.81 -7.75
CA ALA D 13 -15.14 12.21 -6.86
C ALA D 13 -13.95 11.72 -7.68
N ARG D 14 -13.19 10.82 -7.14
CA ARG D 14 -12.01 10.30 -7.89
C ARG D 14 -12.37 8.97 -8.59
N SER D 16 -14.72 5.69 -8.88
CA SER D 16 -16.02 5.14 -8.40
C SER D 16 -15.79 3.89 -7.55
N ALA D 17 -16.83 3.18 -7.21
CA ALA D 17 -16.66 1.95 -6.38
C ALA D 17 -17.98 1.19 -6.29
N PRO D 18 -17.89 -0.10 -6.06
CA PRO D 18 -19.11 -0.95 -5.96
C PRO D 18 -19.86 -0.63 -4.67
N ALA D 19 -21.14 -0.88 -4.65
CA ALA D 19 -21.93 -0.60 -3.41
C ALA D 19 -21.72 0.85 -2.97
N THR D 20 -22.21 1.80 -3.72
CA THR D 20 -22.03 3.23 -3.33
C THR D 20 -23.12 3.65 -2.34
N GLY D 21 -22.85 4.63 -1.52
CA GLY D 21 -23.85 5.08 -0.53
C GLY D 21 -24.21 3.93 0.41
N MET A 1 -4.08 -12.95 3.37
CA MET A 1 -3.10 -12.14 4.16
C MET A 1 -1.87 -12.98 4.52
N PHE A 2 -1.55 -13.95 3.70
CA PHE A 2 -0.37 -14.81 4.01
C PHE A 2 0.54 -14.90 2.78
N ASN A 3 1.82 -14.76 2.97
CA ASN A 3 2.76 -14.84 1.81
C ASN A 3 3.62 -16.11 1.91
N ASP A 4 3.03 -17.20 2.30
CA ASP A 4 3.79 -18.48 2.40
C ASP A 4 5.04 -18.31 3.27
N ARG A 5 6.15 -17.92 2.70
CA ARG A 5 7.39 -17.75 3.51
C ARG A 5 7.12 -16.86 4.73
N VAL A 6 6.32 -15.84 4.57
CA VAL A 6 6.02 -14.93 5.71
C VAL A 6 4.54 -14.62 5.76
N ILE A 7 3.98 -14.51 6.93
CA ILE A 7 2.51 -14.21 7.03
C ILE A 7 2.27 -12.89 7.77
N VAL A 8 1.09 -12.35 7.68
CA VAL A 8 0.81 -11.06 8.37
C VAL A 8 0.06 -11.33 9.68
N LYS A 9 0.54 -10.78 10.77
CA LYS A 9 -0.16 -10.97 12.07
C LYS A 9 -0.05 -9.68 12.89
N LYS A 10 -1.08 -9.24 13.61
CA LYS A 10 -2.38 -9.96 13.70
C LYS A 10 -2.15 -11.41 14.11
N SER A 11 -1.48 -11.61 15.22
CA SER A 11 -1.17 -12.98 15.70
C SER A 11 -2.05 -13.33 16.91
N PRO A 12 -1.91 -14.54 17.38
CA PRO A 12 -2.71 -15.00 18.55
C PRO A 12 -2.50 -14.04 19.74
N LEU A 13 -1.42 -13.30 19.73
CA LEU A 13 -1.16 -12.36 20.86
C LEU A 13 -1.57 -10.93 20.47
N GLY A 14 -1.39 -10.57 19.21
CA GLY A 14 -1.76 -9.20 18.78
C GLY A 14 -0.56 -8.50 18.16
N GLY A 15 -0.75 -7.35 17.57
CA GLY A 15 0.38 -6.62 16.95
C GLY A 15 0.42 -6.93 15.45
N TYR A 16 0.24 -5.95 14.62
CA TYR A 16 0.27 -6.19 13.15
C TYR A 16 1.71 -6.11 12.62
N GLY A 17 2.55 -7.00 13.06
CA GLY A 17 3.95 -7.03 12.55
C GLY A 17 4.10 -8.18 11.56
N VAL A 18 5.31 -8.55 11.20
CA VAL A 18 5.48 -9.67 10.25
C VAL A 18 5.78 -10.96 11.01
N PHE A 19 5.05 -12.01 10.76
CA PHE A 19 5.33 -13.29 11.47
C PHE A 19 6.32 -14.12 10.67
N ALA A 20 7.39 -14.54 11.30
CA ALA A 20 8.41 -15.33 10.58
C ALA A 20 8.10 -16.82 10.66
N ARG A 21 7.37 -17.33 9.70
CA ARG A 21 7.06 -18.79 9.68
C ARG A 21 8.33 -19.58 9.37
N LYS A 22 9.30 -18.93 8.77
CA LYS A 22 10.58 -19.60 8.46
C LYS A 22 11.67 -19.10 9.43
N SER A 23 12.91 -19.52 9.31
CA SER A 23 13.33 -20.48 8.23
C SER A 23 14.17 -19.74 7.19
N PHE A 24 14.95 -18.78 7.62
CA PHE A 24 15.78 -18.01 6.64
C PHE A 24 17.25 -18.00 7.06
N GLU A 25 18.12 -17.70 6.14
CA GLU A 25 19.58 -17.66 6.47
C GLU A 25 20.07 -16.22 6.53
N LYS A 26 21.35 -15.99 6.41
CA LYS A 26 21.86 -14.59 6.48
C LYS A 26 22.17 -14.07 5.07
N GLY A 27 21.28 -13.31 4.51
CA GLY A 27 21.49 -12.77 3.14
C GLY A 27 20.36 -13.25 2.22
N GLU A 28 19.18 -13.38 2.74
CA GLU A 28 18.04 -13.85 1.89
C GLU A 28 16.97 -12.76 1.80
N LEU A 29 16.36 -12.61 0.66
CA LEU A 29 15.30 -11.56 0.51
C LEU A 29 13.96 -12.12 0.99
N VAL A 30 13.21 -11.32 1.73
CA VAL A 30 11.90 -11.81 2.24
C VAL A 30 10.79 -11.42 1.27
N GLU A 31 10.58 -10.15 1.06
CA GLU A 31 9.50 -9.71 0.12
C GLU A 31 9.78 -8.27 -0.36
N GLU A 32 9.37 -7.95 -1.55
CA GLU A 32 9.62 -6.58 -2.08
C GLU A 32 8.32 -6.00 -2.66
N CYS A 33 8.05 -4.76 -2.40
CA CYS A 33 6.82 -4.13 -2.95
C CYS A 33 7.11 -2.70 -3.40
N LEU A 34 6.14 -2.01 -3.94
CA LEU A 34 6.38 -0.61 -4.38
C LEU A 34 6.05 0.37 -3.26
N CYS A 35 6.41 1.62 -3.43
CA CYS A 35 6.12 2.63 -2.38
C CYS A 35 5.80 3.98 -3.02
N ILE A 36 5.31 4.91 -2.25
CA ILE A 36 5.02 6.25 -2.84
C ILE A 36 6.18 7.20 -2.54
N VAL A 37 6.25 8.31 -3.23
CA VAL A 37 7.38 9.26 -2.99
C VAL A 37 6.90 10.71 -3.11
N ARG A 38 6.95 11.45 -2.04
CA ARG A 38 6.53 12.88 -2.08
C ARG A 38 7.41 13.72 -1.16
N HIS A 39 7.73 14.93 -1.57
CA HIS A 39 8.59 15.79 -0.73
C HIS A 39 7.99 15.98 0.67
N ASN A 40 8.51 16.91 1.43
CA ASN A 40 7.97 17.13 2.81
C ASN A 40 6.98 18.30 2.82
N ASP A 41 5.75 18.05 3.20
CA ASP A 41 4.73 19.14 3.25
C ASP A 41 3.42 18.58 3.79
N ASP A 42 2.29 19.00 3.26
CA ASP A 42 0.99 18.44 3.73
C ASP A 42 1.06 16.91 3.68
N TRP A 43 1.74 16.38 2.70
CA TRP A 43 1.92 14.91 2.62
C TRP A 43 2.71 14.44 3.84
N GLY A 44 3.63 15.24 4.29
CA GLY A 44 4.45 14.86 5.46
C GLY A 44 3.53 14.61 6.66
N THR A 45 2.88 15.62 7.15
CA THR A 45 1.99 15.43 8.34
C THR A 45 0.79 14.54 7.98
N ALA A 46 0.26 14.68 6.81
CA ALA A 46 -0.89 13.80 6.43
C ALA A 46 -0.42 12.35 6.49
N LEU A 47 0.53 11.99 5.68
CA LEU A 47 1.09 10.62 5.73
C LEU A 47 2.30 10.57 6.66
N GLU A 48 2.27 11.32 7.73
CA GLU A 48 3.42 11.35 8.68
C GLU A 48 3.53 10.03 9.46
N ASP A 49 2.64 9.09 9.24
CA ASP A 49 2.75 7.79 9.93
C ASP A 49 2.92 6.69 8.88
N TYR A 50 3.60 5.63 9.23
CA TYR A 50 3.82 4.53 8.24
C TYR A 50 4.52 5.09 7.00
N LEU A 51 5.31 6.11 7.17
CA LEU A 51 6.00 6.73 6.00
C LEU A 51 7.50 6.90 6.28
N PHE A 52 8.32 6.61 5.31
CA PHE A 52 9.79 6.78 5.48
C PHE A 52 10.20 8.17 4.98
N SER A 53 11.36 8.63 5.37
CA SER A 53 11.79 9.98 4.92
C SER A 53 13.28 9.96 4.54
N ARG A 54 13.59 10.15 3.29
CA ARG A 54 15.01 10.16 2.86
C ARG A 54 15.52 11.60 2.75
N LYS A 55 16.76 11.78 2.38
CA LYS A 55 17.31 13.15 2.28
C LYS A 55 16.95 13.74 0.91
N ASN A 56 15.79 14.34 0.84
CA ASN A 56 15.33 14.92 -0.44
C ASN A 56 13.80 14.85 -0.52
N MET A 57 13.22 13.91 0.19
CA MET A 57 11.73 13.78 0.18
C MET A 57 11.29 12.65 1.12
N SER A 58 10.11 12.13 0.92
CA SER A 58 9.63 11.02 1.80
C SER A 58 8.89 9.98 0.95
N ALA A 59 8.60 8.84 1.51
CA ALA A 59 7.88 7.80 0.73
C ALA A 59 7.00 6.95 1.64
N MET A 60 5.90 6.45 1.14
CA MET A 60 5.01 5.62 2.00
C MET A 60 5.33 4.15 1.84
N ALA A 61 4.99 3.34 2.81
CA ALA A 61 5.29 1.88 2.71
C ALA A 61 4.16 1.16 1.98
N LEU A 62 4.26 1.05 0.68
CA LEU A 62 3.19 0.37 -0.10
C LEU A 62 2.95 -1.05 0.43
N GLY A 63 3.86 -1.95 0.17
CA GLY A 63 3.67 -3.36 0.64
C GLY A 63 3.67 -3.39 2.17
N PHE A 64 4.34 -4.35 2.75
CA PHE A 64 4.38 -4.45 4.23
C PHE A 64 5.48 -3.54 4.79
N GLY A 65 5.48 -2.29 4.41
CA GLY A 65 6.53 -1.37 4.92
C GLY A 65 6.03 -0.69 6.20
N ALA A 66 4.74 -0.55 6.34
CA ALA A 66 4.20 0.10 7.57
C ALA A 66 3.97 -0.94 8.67
N ILE A 67 3.34 -2.04 8.34
CA ILE A 67 3.09 -3.10 9.36
C ILE A 67 4.35 -3.40 10.17
N PHE A 68 5.51 -3.13 9.60
CA PHE A 68 6.78 -3.40 10.34
C PHE A 68 6.71 -2.80 11.75
N ASN A 69 6.84 -3.62 12.76
CA ASN A 69 6.78 -3.10 14.16
C ASN A 69 8.19 -2.83 14.69
N HIS A 70 8.29 -2.28 15.87
CA HIS A 70 9.64 -1.97 16.43
C HIS A 70 10.11 -3.10 17.35
N SER A 71 11.36 -3.45 17.28
CA SER A 71 11.89 -4.54 18.15
C SER A 71 13.32 -4.23 18.58
N LYS A 72 13.79 -4.87 19.62
CA LYS A 72 15.18 -4.59 20.09
C LYS A 72 16.19 -5.42 19.28
N ASP A 73 15.83 -6.60 18.89
CA ASP A 73 16.77 -7.46 18.11
C ASP A 73 16.12 -7.90 16.80
N PRO A 74 15.72 -6.95 16.00
CA PRO A 74 15.09 -7.27 14.70
C PRO A 74 16.13 -7.85 13.73
N ASN A 75 15.95 -9.08 13.36
CA ASN A 75 16.92 -9.72 12.43
C ASN A 75 16.51 -9.49 10.97
N ALA A 76 15.68 -8.52 10.72
CA ALA A 76 15.25 -8.24 9.32
C ALA A 76 15.58 -6.80 8.94
N ARG A 77 15.66 -6.51 7.67
CA ARG A 77 15.99 -5.12 7.25
C ARG A 77 15.27 -4.77 5.95
N HIS A 78 15.28 -3.53 5.56
CA HIS A 78 14.59 -3.12 4.30
C HIS A 78 15.54 -2.32 3.41
N GLU A 79 15.64 -2.68 2.16
CA GLU A 79 16.54 -1.94 1.23
C GLU A 79 15.71 -1.10 0.25
N LEU A 80 16.26 -0.01 -0.23
CA LEU A 80 15.51 0.84 -1.18
C LEU A 80 16.24 0.91 -2.53
N THR A 81 15.52 0.69 -3.60
CA THR A 81 16.16 0.74 -4.94
C THR A 81 16.82 2.11 -5.18
N ALA A 82 17.16 2.41 -6.40
CA ALA A 82 17.80 3.73 -6.68
C ALA A 82 16.76 4.85 -6.65
N GLY A 83 16.14 5.07 -5.52
CA GLY A 83 15.12 6.13 -5.43
C GLY A 83 14.31 5.96 -4.13
N LEU A 84 13.01 5.90 -4.24
CA LEU A 84 12.17 5.72 -3.03
C LEU A 84 10.85 5.04 -3.39
N LYS A 85 10.84 4.25 -4.43
CA LYS A 85 9.59 3.56 -4.83
C LYS A 85 9.67 2.06 -4.53
N ARG A 86 10.48 1.34 -5.26
CA ARG A 86 10.61 -0.13 -5.02
C ARG A 86 11.34 -0.39 -3.70
N MET A 87 10.73 -1.13 -2.81
CA MET A 87 11.41 -1.42 -1.51
C MET A 87 11.62 -2.92 -1.33
N ARG A 88 12.84 -3.33 -1.09
CA ARG A 88 13.10 -4.78 -0.90
C ARG A 88 13.29 -5.08 0.59
N ILE A 89 13.24 -6.33 0.97
CA ILE A 89 13.42 -6.67 2.41
C ILE A 89 14.32 -7.89 2.56
N PHE A 90 15.36 -7.78 3.35
CA PHE A 90 16.30 -8.92 3.50
C PHE A 90 16.39 -9.33 4.98
N THR A 91 17.02 -10.45 5.25
CA THR A 91 17.17 -10.90 6.66
C THR A 91 18.62 -10.74 7.10
N ILE A 92 18.90 -9.80 7.96
CA ILE A 92 20.31 -9.60 8.40
C ILE A 92 20.81 -10.83 9.16
N LYS A 93 19.93 -11.61 9.72
CA LYS A 93 20.37 -12.83 10.47
C LYS A 93 19.30 -13.92 10.42
N PRO A 94 19.70 -15.14 10.09
CA PRO A 94 18.77 -16.29 10.00
C PRO A 94 17.65 -16.21 11.05
N ILE A 95 16.49 -16.67 10.71
CA ILE A 95 15.35 -16.62 11.67
C ILE A 95 14.72 -18.00 11.84
N ALA A 96 14.18 -18.27 12.98
CA ALA A 96 13.55 -19.60 13.22
C ALA A 96 12.07 -19.56 12.81
N ILE A 97 11.49 -20.70 12.56
CA ILE A 97 10.07 -20.74 12.13
C ILE A 97 9.15 -20.05 13.15
N GLY A 98 9.58 -19.91 14.36
CA GLY A 98 8.71 -19.26 15.38
C GLY A 98 9.29 -17.90 15.76
N GLU A 99 9.42 -17.01 14.82
CA GLU A 99 10.01 -15.68 15.16
C GLU A 99 9.15 -14.55 14.61
N GLU A 100 9.49 -13.32 14.91
CA GLU A 100 8.72 -12.17 14.39
C GLU A 100 9.64 -11.25 13.57
N ILE A 101 9.29 -10.99 12.33
CA ILE A 101 10.15 -10.12 11.49
C ILE A 101 9.75 -8.65 11.65
N THR A 102 10.73 -7.79 11.74
CA THR A 102 10.45 -6.34 11.89
C THR A 102 11.67 -5.52 11.47
N ILE A 103 11.58 -4.22 11.53
CA ILE A 103 12.74 -3.38 11.13
C ILE A 103 12.80 -2.12 12.00
N SER A 104 13.96 -1.78 12.50
CA SER A 104 14.07 -0.58 13.36
C SER A 104 13.68 0.67 12.57
N TYR A 105 13.99 1.84 13.09
CA TYR A 105 13.63 3.09 12.37
C TYR A 105 14.88 3.95 12.13
N GLY A 106 15.38 4.61 13.13
CA GLY A 106 16.59 5.45 12.93
C GLY A 106 17.01 6.06 14.27
N ASP A 107 17.98 6.94 14.25
CA ASP A 107 18.45 7.57 15.52
C ASP A 107 17.46 8.65 15.98
N ASP A 108 16.54 9.04 15.14
CA ASP A 108 15.56 10.09 15.54
C ASP A 108 14.18 9.48 15.77
N TYR A 109 13.65 8.80 14.79
CA TYR A 109 12.29 8.19 14.96
C TYR A 109 12.24 7.31 16.21
N TRP A 110 11.76 7.85 17.29
CA TRP A 110 11.64 7.05 18.55
C TRP A 110 12.99 6.42 18.94
N LEU A 111 13.30 5.27 18.42
CA LEU A 111 14.58 4.61 18.78
C LEU A 111 15.76 5.58 18.63
N SER A 112 16.79 5.38 19.40
CA SER A 112 17.97 6.27 19.32
C SER A 112 19.15 5.67 20.07
N ARG A 113 19.00 5.44 21.34
CA ARG A 113 20.10 4.84 22.13
C ARG A 113 19.60 3.60 22.88
N PRO A 114 20.46 2.61 23.01
CA PRO A 114 20.06 1.37 23.71
C PRO A 114 19.60 1.68 25.14
N ARG A 115 18.33 1.90 25.32
CA ARG A 115 17.81 2.20 26.67
C ARG A 115 16.58 1.34 26.98
N LEU A 116 16.71 0.05 26.88
CA LEU A 116 15.54 -0.84 27.16
C LEU A 116 15.74 -1.57 28.50
N THR A 117 14.79 -1.46 29.39
CA THR A 117 14.92 -2.15 30.70
C THR A 117 13.75 -3.12 30.92
N GLN A 118 14.01 -4.24 31.54
CA GLN A 118 12.90 -5.21 31.78
C GLN A 118 12.18 -5.54 30.46
N ASN A 119 11.19 -6.38 30.52
CA ASN A 119 10.45 -6.74 29.27
C ASN A 119 9.02 -7.17 29.61
N GLY B 1 -2.55 13.68 32.02
CA GLY B 1 -1.13 14.00 31.69
C GLY B 1 -0.47 14.70 32.88
N LYS B 2 0.76 15.10 32.74
CA LYS B 2 1.46 15.78 33.86
C LYS B 2 1.17 17.29 33.82
N ALA B 3 1.37 17.92 32.70
CA ALA B 3 1.12 19.38 32.60
C ALA B 3 0.18 19.67 31.43
N PRO B 4 -0.36 20.87 31.40
CA PRO B 4 -1.28 21.26 30.32
C PRO B 4 -0.53 21.40 28.99
N ARG B 5 -0.52 20.37 28.20
CA ARG B 5 0.20 20.45 26.89
C ARG B 5 -0.73 20.95 25.79
N LYS B 6 -0.47 22.11 25.25
CA LYS B 6 -1.34 22.66 24.18
C LYS B 6 -0.80 22.27 22.80
N GLN B 7 -0.41 21.03 22.63
CA GLN B 7 0.13 20.60 21.32
C GLN B 7 1.27 21.52 20.87
N LEU B 8 2.47 21.26 21.29
CA LEU B 8 3.61 22.13 20.88
C LEU B 8 4.65 21.31 20.11
N ALA B 9 4.22 20.35 19.34
CA ALA B 9 5.19 19.53 18.56
C ALA B 9 4.84 19.56 17.06
N THR B 10 5.63 20.23 16.27
CA THR B 10 5.35 20.30 14.82
C THR B 10 6.45 19.60 14.02
N LYS B 11 7.17 18.69 14.64
CA LYS B 11 8.25 17.98 13.91
C LYS B 11 8.72 16.76 14.71
N ALA B 12 8.26 15.59 14.35
CA ALA B 12 8.68 14.37 15.09
C ALA B 12 9.55 13.48 14.20
N ALA B 13 10.16 14.05 13.20
CA ALA B 13 11.03 13.23 12.29
C ALA B 13 10.25 12.04 11.75
N ARG B 14 10.86 11.26 10.90
CA ARG B 14 10.16 10.08 10.33
C ARG B 14 11.06 8.84 10.44
N SER B 16 13.93 6.54 9.90
CA SER B 16 15.27 6.75 9.29
C SER B 16 15.39 5.96 7.98
N ALA B 17 16.56 5.97 7.38
CA ALA B 17 16.74 5.22 6.11
C ALA B 17 17.87 4.19 6.26
N PRO B 18 17.82 3.16 5.45
CA PRO B 18 18.85 2.10 5.51
C PRO B 18 20.18 2.58 4.92
N ALA B 19 20.22 3.79 4.41
CA ALA B 19 21.49 4.30 3.80
C ALA B 19 21.99 3.35 2.71
N THR B 20 22.99 3.74 1.99
CA THR B 20 23.52 2.86 0.91
C THR B 20 24.78 2.13 1.38
N GLY B 21 25.42 1.42 0.49
CA GLY B 21 26.65 0.68 0.90
C GLY B 21 26.60 -0.74 0.33
N MET C 1 6.37 -10.64 -6.51
CA MET C 1 5.24 -9.86 -7.08
C MET C 1 4.18 -10.79 -7.66
N PHE C 2 4.07 -11.98 -7.13
CA PHE C 2 3.05 -12.94 -7.64
C PHE C 2 2.21 -13.51 -6.50
N ASN C 3 0.92 -13.57 -6.67
CA ASN C 3 0.05 -14.11 -5.59
C ASN C 3 -0.56 -15.45 -6.01
N ASP C 4 0.22 -16.28 -6.65
CA ASP C 4 -0.30 -17.61 -7.08
C ASP C 4 -1.58 -17.46 -7.91
N ARG C 5 -2.73 -17.44 -7.27
CA ARG C 5 -4.01 -17.32 -8.04
C ARG C 5 -3.94 -16.12 -8.98
N VAL C 6 -3.34 -15.03 -8.56
CA VAL C 6 -3.25 -13.84 -9.44
C VAL C 6 -1.85 -13.25 -9.37
N ILE C 7 -1.36 -12.74 -10.47
CA ILE C 7 0.03 -12.17 -10.47
C ILE C 7 -0.02 -10.68 -10.85
N VAL C 8 1.04 -9.97 -10.61
CA VAL C 8 1.07 -8.52 -10.96
C VAL C 8 1.81 -8.30 -12.28
N LYS C 9 1.21 -7.61 -13.20
CA LYS C 9 1.88 -7.33 -14.50
C LYS C 9 1.50 -5.92 -14.97
N LYS C 10 2.41 -5.12 -15.53
CA LYS C 10 3.83 -5.55 -15.78
C LYS C 10 3.85 -6.87 -16.55
N SER C 11 3.19 -6.90 -17.68
CA SER C 11 3.14 -8.15 -18.49
C SER C 11 4.02 -8.01 -19.74
N PRO C 12 4.10 -9.07 -20.51
CA PRO C 12 4.93 -9.06 -21.73
C PRO C 12 4.51 -7.89 -22.65
N LEU C 13 3.31 -7.39 -22.47
CA LEU C 13 2.86 -6.27 -23.33
C LEU C 13 3.00 -4.93 -22.58
N GLY C 14 2.78 -4.94 -21.29
CA GLY C 14 2.92 -3.67 -20.51
C GLY C 14 1.63 -3.39 -19.77
N GLY C 15 1.63 -2.40 -18.90
CA GLY C 15 0.39 -2.07 -18.14
C GLY C 15 0.45 -2.76 -16.77
N TYR C 16 0.47 -1.99 -15.71
CA TYR C 16 0.54 -2.60 -14.35
C TYR C 16 -0.87 -2.93 -13.85
N GLY C 17 -1.54 -3.84 -14.49
CA GLY C 17 -2.90 -4.24 -14.03
C GLY C 17 -2.81 -5.61 -13.37
N VAL C 18 -3.90 -6.26 -13.14
CA VAL C 18 -3.84 -7.61 -12.50
C VAL C 18 -3.92 -8.70 -13.57
N PHE C 19 -3.00 -9.62 -13.58
CA PHE C 19 -3.06 -10.71 -14.59
C PHE C 19 -3.86 -11.88 -14.04
N ALA C 20 -4.85 -12.33 -14.77
CA ALA C 20 -5.69 -13.45 -14.29
C ALA C 20 -5.09 -14.80 -14.73
N ARG C 21 -4.25 -15.37 -13.91
CA ARG C 21 -3.67 -16.70 -14.26
C ARG C 21 -4.77 -17.77 -14.19
N LYS C 22 -5.82 -17.49 -13.45
CA LYS C 22 -6.95 -18.44 -13.35
C LYS C 22 -8.13 -17.93 -14.18
N SER C 23 -9.28 -18.60 -14.19
CA SER C 23 -9.48 -19.84 -13.39
C SER C 23 -10.41 -19.56 -12.22
N PHE C 24 -11.36 -18.69 -12.40
CA PHE C 24 -12.30 -18.36 -11.28
C PHE C 24 -13.76 -18.52 -11.70
N GLU C 25 -14.64 -18.64 -10.74
CA GLU C 25 -16.09 -18.79 -11.08
C GLU C 25 -16.83 -17.48 -10.79
N LYS C 26 -18.13 -17.55 -10.63
CA LYS C 26 -18.89 -16.30 -10.36
C LYS C 26 -19.25 -16.21 -8.87
N GLY C 27 -18.49 -15.46 -8.12
CA GLY C 27 -18.77 -15.33 -6.66
C GLY C 27 -17.54 -15.80 -5.87
N GLU C 28 -16.36 -15.57 -6.39
CA GLU C 28 -15.14 -16.01 -5.67
C GLU C 28 -14.29 -14.80 -5.29
N LEU C 29 -13.68 -14.83 -4.13
CA LEU C 29 -12.83 -13.68 -3.71
C LEU C 29 -11.43 -13.82 -4.29
N VAL C 30 -10.86 -12.75 -4.80
CA VAL C 30 -9.50 -12.83 -5.38
C VAL C 30 -8.44 -12.50 -4.33
N GLU C 31 -8.47 -11.31 -3.81
CA GLU C 31 -7.47 -10.92 -2.78
C GLU C 31 -7.99 -9.73 -1.95
N GLU C 32 -7.61 -9.65 -0.71
CA GLU C 32 -8.09 -8.53 0.13
C GLU C 32 -6.91 -7.88 0.87
N CYS C 33 -6.88 -6.57 0.94
CA CYS C 33 -5.77 -5.88 1.65
C CYS C 33 -6.32 -4.69 2.44
N LEU C 34 -5.47 -3.99 3.13
CA LEU C 34 -5.95 -2.81 3.92
C LEU C 34 -5.85 -1.54 3.08
N CYS C 35 -6.42 -0.47 3.55
CA CYS C 35 -6.36 0.81 2.79
C CYS C 35 -6.28 1.99 3.76
N ILE C 36 -5.99 3.16 3.26
CA ILE C 36 -5.93 4.35 4.17
C ILE C 36 -7.26 5.10 4.10
N VAL C 37 -7.52 5.97 5.04
CA VAL C 37 -8.80 6.72 5.03
C VAL C 37 -8.61 8.15 5.51
N ARG C 38 -8.83 9.12 4.66
CA ARG C 38 -8.68 10.55 5.07
C ARG C 38 -9.72 11.41 4.38
N HIS C 39 -10.25 12.39 5.07
CA HIS C 39 -11.29 13.27 4.45
C HIS C 39 -10.77 13.91 3.16
N ASN C 40 -11.47 14.88 2.64
CA ASN C 40 -11.03 15.54 1.38
C ASN C 40 -10.28 16.84 1.68
N ASP C 41 -9.05 16.92 1.27
CA ASP C 41 -8.24 18.16 1.51
C ASP C 41 -6.86 18.01 0.87
N ASP C 42 -5.82 18.49 1.51
CA ASP C 42 -4.46 18.31 0.94
C ASP C 42 -4.23 16.84 0.59
N TRP C 43 -4.77 15.96 1.40
CA TRP C 43 -4.66 14.51 1.11
C TRP C 43 -5.40 14.23 -0.21
N GLY C 44 -6.47 14.93 -0.45
CA GLY C 44 -7.24 14.71 -1.70
C GLY C 44 -6.33 14.93 -2.91
N THR C 45 -5.88 16.14 -3.12
CA THR C 45 -5.02 16.42 -4.30
C THR C 45 -3.67 15.72 -4.16
N ALA C 46 -3.13 15.65 -2.98
CA ALA C 46 -1.83 14.94 -2.81
C ALA C 46 -2.01 13.49 -3.23
N LEU C 47 -2.87 12.77 -2.57
CA LEU C 47 -3.15 11.37 -2.96
C LEU C 47 -4.37 11.33 -3.90
N GLU C 48 -4.51 12.31 -4.75
CA GLU C 48 -5.67 12.36 -5.67
C GLU C 48 -5.57 11.27 -6.77
N ASP C 49 -4.52 10.51 -6.77
CA ASP C 49 -4.40 9.42 -7.77
C ASP C 49 -4.34 8.07 -7.04
N TYR C 50 -4.81 7.02 -7.65
CA TYR C 50 -4.79 5.70 -6.97
C TYR C 50 -5.54 5.78 -5.64
N LEU C 51 -6.51 6.66 -5.56
CA LEU C 51 -7.26 6.82 -4.29
C LEU C 51 -8.77 6.77 -4.54
N PHE C 52 -9.49 6.09 -3.68
CA PHE C 52 -10.98 6.02 -3.83
C PHE C 52 -11.62 7.14 -3.01
N SER C 53 -12.85 7.47 -3.29
CA SER C 53 -13.53 8.55 -2.51
C SER C 53 -14.97 8.17 -2.19
N ARG C 54 -15.26 7.97 -0.93
CA ARG C 54 -16.66 7.61 -0.54
C ARG C 54 -17.42 8.85 -0.06
N LYS C 55 -18.66 8.70 0.27
CA LYS C 55 -19.46 9.87 0.74
C LYS C 55 -19.15 10.15 2.21
N ASN C 56 -18.13 10.93 2.46
CA ASN C 56 -17.75 11.25 3.86
C ASN C 56 -16.23 11.44 3.93
N MET C 57 -15.51 10.84 3.02
CA MET C 57 -14.02 11.00 3.02
C MET C 57 -13.41 10.24 1.83
N SER C 58 -12.15 9.91 1.91
CA SER C 58 -11.51 9.16 0.80
C SER C 58 -10.56 8.11 1.37
N ALA C 59 -10.07 7.23 0.55
CA ALA C 59 -9.14 6.17 1.05
C ALA C 59 -8.15 5.75 -0.03
N MET C 60 -6.96 5.36 0.35
CA MET C 60 -5.96 4.95 -0.67
C MET C 60 -5.99 3.44 -0.89
N ALA C 61 -5.56 2.99 -2.03
CA ALA C 61 -5.57 1.52 -2.31
C ALA C 61 -4.30 0.87 -1.76
N LEU C 62 -4.33 0.43 -0.54
CA LEU C 62 -3.13 -0.22 0.07
C LEU C 62 -2.66 -1.39 -0.79
N GLY C 63 -3.36 -2.48 -0.78
CA GLY C 63 -2.94 -3.66 -1.58
C GLY C 63 -2.98 -3.32 -3.07
N PHE C 64 -3.48 -4.21 -3.88
CA PHE C 64 -3.55 -3.94 -5.34
C PHE C 64 -4.81 -3.14 -5.68
N GLY C 65 -5.03 -2.05 -5.00
CA GLY C 65 -6.25 -1.24 -5.28
C GLY C 65 -5.93 -0.19 -6.34
N ALA C 66 -4.69 0.23 -6.43
CA ALA C 66 -4.32 1.26 -7.44
C ALA C 66 -3.92 0.59 -8.76
N ILE C 67 -3.10 -0.43 -8.70
CA ILE C 67 -2.68 -1.13 -9.95
C ILE C 67 -3.90 -1.46 -10.83
N PHE C 68 -5.06 -1.56 -10.24
CA PHE C 68 -6.28 -1.87 -11.04
C PHE C 68 -6.37 -0.94 -12.26
N ASN C 69 -6.38 -1.49 -13.44
CA ASN C 69 -6.46 -0.63 -14.66
C ASN C 69 -7.91 -0.51 -15.12
N HIS C 70 -8.15 0.29 -16.13
CA HIS C 70 -9.55 0.47 -16.63
C HIS C 70 -9.83 -0.47 -17.81
N SER C 71 -10.98 -1.05 -17.84
CA SER C 71 -11.33 -1.97 -18.97
C SER C 71 -12.81 -1.83 -19.33
N LYS C 72 -13.19 -2.27 -20.50
CA LYS C 72 -14.62 -2.15 -20.90
C LYS C 72 -15.44 -3.32 -20.35
N ASP C 73 -14.84 -4.48 -20.27
CA ASP C 73 -15.58 -5.66 -19.74
C ASP C 73 -14.83 -6.29 -18.57
N PRO C 74 -14.59 -5.51 -17.55
CA PRO C 74 -13.86 -6.02 -16.36
C PRO C 74 -14.74 -7.00 -15.60
N ASN C 75 -14.33 -8.24 -15.54
CA ASN C 75 -15.14 -9.26 -14.82
C ASN C 75 -14.73 -9.33 -13.33
N ALA C 76 -14.08 -8.31 -12.84
CA ALA C 76 -13.67 -8.32 -11.41
C ALA C 76 -14.24 -7.10 -10.68
N ARG C 77 -14.35 -7.16 -9.39
CA ARG C 77 -14.92 -6.01 -8.63
C ARG C 77 -14.22 -5.86 -7.27
N HIS C 78 -14.46 -4.77 -6.59
CA HIS C 78 -13.82 -4.58 -5.26
C HIS C 78 -14.87 -4.22 -4.21
N GLU C 79 -14.86 -4.88 -3.09
CA GLU C 79 -15.85 -4.58 -2.02
C GLU C 79 -15.17 -3.87 -0.84
N LEU C 80 -15.90 -3.07 -0.12
CA LEU C 80 -15.29 -2.35 1.04
C LEU C 80 -15.97 -2.76 2.34
N THR C 81 -15.19 -3.10 3.34
CA THR C 81 -15.79 -3.50 4.64
C THR C 81 -16.68 -2.39 5.20
N ALA C 82 -17.04 -2.47 6.44
CA ALA C 82 -17.91 -1.41 7.03
C ALA C 82 -17.09 -0.14 7.30
N GLY C 83 -16.55 0.47 6.28
CA GLY C 83 -15.75 1.69 6.47
C GLY C 83 -14.97 2.00 5.19
N LEU C 84 -13.67 2.16 5.31
CA LEU C 84 -12.85 2.46 4.09
C LEU C 84 -11.42 1.96 4.29
N LYS C 85 -11.23 0.95 5.10
CA LYS C 85 -9.86 0.43 5.34
C LYS C 85 -9.68 -0.93 4.67
N ARG C 86 -10.31 -1.95 5.19
CA ARG C 86 -10.18 -3.31 4.58
C ARG C 86 -10.89 -3.36 3.23
N MET C 87 -10.19 -3.73 2.19
CA MET C 87 -10.83 -3.80 0.85
C MET C 87 -10.77 -5.23 0.30
N ARG C 88 -11.89 -5.79 -0.06
CA ARG C 88 -11.88 -7.17 -0.61
C ARG C 88 -12.07 -7.12 -2.13
N ILE C 89 -11.79 -8.20 -2.81
CA ILE C 89 -11.94 -8.20 -4.30
C ILE C 89 -12.62 -9.49 -4.75
N PHE C 90 -13.68 -9.38 -5.50
CA PHE C 90 -14.39 -10.61 -5.97
C PHE C 90 -14.46 -10.65 -7.50
N THR C 91 -14.88 -11.76 -8.05
CA THR C 91 -14.98 -11.86 -9.53
C THR C 91 -16.45 -11.89 -9.95
N ILE C 92 -16.93 -10.82 -10.54
CA ILE C 92 -18.36 -10.78 -10.94
C ILE C 92 -18.65 -11.86 -11.99
N LYS C 93 -17.64 -12.29 -12.72
CA LYS C 93 -17.88 -13.35 -13.75
C LYS C 93 -16.62 -14.19 -13.96
N PRO C 94 -16.78 -15.51 -13.95
CA PRO C 94 -15.65 -16.45 -14.14
C PRO C 94 -14.61 -15.91 -15.12
N ILE C 95 -13.36 -16.22 -14.89
CA ILE C 95 -12.29 -15.70 -15.78
C ILE C 95 -11.42 -16.86 -16.28
N ALA C 96 -10.87 -16.73 -17.46
CA ALA C 96 -10.01 -17.81 -18.01
C ALA C 96 -8.55 -17.60 -17.58
N ILE C 97 -7.77 -18.63 -17.60
CA ILE C 97 -6.35 -18.52 -17.18
C ILE C 97 -5.61 -17.43 -17.96
N GLY C 98 -6.09 -17.08 -19.12
CA GLY C 98 -5.39 -16.04 -19.93
C GLY C 98 -6.23 -14.77 -19.97
N GLU C 99 -6.49 -14.17 -18.83
CA GLU C 99 -7.33 -12.93 -18.84
C GLU C 99 -6.67 -11.84 -17.99
N GLU C 100 -7.24 -10.66 -18.00
CA GLU C 100 -6.68 -9.55 -17.18
C GLU C 100 -7.73 -9.06 -16.18
N ILE C 101 -7.40 -9.06 -14.92
CA ILE C 101 -8.38 -8.60 -13.90
C ILE C 101 -8.28 -7.09 -13.67
N THR C 102 -9.39 -6.43 -13.56
CA THR C 102 -9.39 -4.96 -13.34
C THR C 102 -10.73 -4.52 -12.74
N ILE C 103 -10.88 -3.25 -12.47
CA ILE C 103 -12.17 -2.77 -11.90
C ILE C 103 -12.49 -1.36 -12.42
N SER C 104 -13.71 -1.14 -12.85
CA SER C 104 -14.07 0.20 -13.37
C SER C 104 -13.90 1.26 -12.29
N TYR C 105 -14.42 2.44 -12.51
CA TYR C 105 -14.28 3.51 -11.49
C TYR C 105 -15.66 4.03 -11.06
N GLY C 106 -16.30 4.82 -11.87
CA GLY C 106 -17.64 5.34 -11.49
C GLY C 106 -18.22 6.18 -12.64
N ASP C 107 -19.33 6.82 -12.41
CA ASP C 107 -19.94 7.66 -13.49
C ASP C 107 -19.18 8.97 -13.65
N ASP C 108 -18.34 9.31 -12.73
CA ASP C 108 -17.58 10.59 -12.84
C ASP C 108 -16.12 10.34 -13.18
N TYR C 109 -15.44 9.54 -12.40
CA TYR C 109 -14.00 9.26 -12.69
C TYR C 109 -13.82 8.74 -14.12
N TRP C 110 -13.48 9.62 -15.03
CA TRP C 110 -13.25 9.19 -16.45
C TRP C 110 -14.47 8.44 -17.01
N LEU C 111 -14.55 7.16 -16.78
CA LEU C 111 -15.70 6.38 -17.33
C LEU C 111 -17.03 7.04 -16.97
N SER C 112 -18.03 6.86 -17.77
CA SER C 112 -19.35 7.46 -17.48
C SER C 112 -20.42 6.85 -18.38
N ARG C 113 -20.27 6.99 -19.68
CA ARG C 113 -21.26 6.40 -20.61
C ARG C 113 -20.56 5.50 -21.64
N PRO C 114 -21.22 4.44 -22.02
CA PRO C 114 -20.64 3.50 -23.01
C PRO C 114 -20.28 4.24 -24.30
N ARG C 115 -19.08 4.73 -24.40
CA ARG C 115 -18.66 5.45 -25.63
C ARG C 115 -17.31 4.95 -26.12
N LEU C 116 -17.19 3.67 -26.35
CA LEU C 116 -15.89 3.12 -26.84
C LEU C 116 -15.99 2.71 -28.31
N THR C 117 -15.11 3.22 -29.13
CA THR C 117 -15.15 2.87 -30.57
C THR C 117 -13.83 2.23 -31.00
N GLN C 118 -13.89 1.26 -31.89
CA GLN C 118 -12.63 0.60 -32.34
C GLN C 118 -11.82 0.10 -31.14
N ASN C 119 -10.68 -0.49 -31.39
CA ASN C 119 -9.86 -1.00 -30.26
C ASN C 119 -8.38 -1.07 -30.67
N GLY D 1 -0.97 21.51 -27.59
CA GLY D 1 -2.41 21.48 -27.20
C GLY D 1 -3.22 22.30 -28.20
N LYS D 2 -4.51 22.42 -27.97
CA LYS D 2 -5.36 23.21 -28.90
C LYS D 2 -5.36 24.69 -28.49
N ALA D 3 -5.64 24.97 -27.25
CA ALA D 3 -5.65 26.38 -26.78
C ALA D 3 -4.75 26.55 -25.55
N PRO D 4 -4.44 27.78 -25.23
CA PRO D 4 -3.57 28.06 -24.06
C PRO D 4 -4.30 27.72 -22.76
N ARG D 5 -4.09 26.53 -22.24
CA ARG D 5 -4.77 26.15 -20.97
C ARG D 5 -3.91 26.53 -19.76
N LYS D 6 -4.38 27.44 -18.96
CA LYS D 6 -3.58 27.86 -17.77
C LYS D 6 -4.00 27.04 -16.54
N GLN D 7 -4.16 25.76 -16.69
CA GLN D 7 -4.57 24.91 -15.54
C GLN D 7 -5.83 25.47 -14.89
N LEU D 8 -6.98 25.09 -15.38
CA LEU D 8 -8.25 25.60 -14.79
C LEU D 8 -9.10 24.44 -14.27
N ALA D 9 -8.47 23.42 -13.75
CA ALA D 9 -9.24 22.26 -13.21
C ALA D 9 -8.86 21.99 -11.76
N THR D 10 -9.74 22.27 -10.84
CA THR D 10 -9.42 22.02 -9.40
C THR D 10 -10.34 20.96 -8.83
N LYS D 11 -10.90 20.12 -9.67
CA LYS D 11 -11.82 19.06 -9.16
C LYS D 11 -12.07 18.01 -10.25
N ALA D 12 -11.39 16.89 -10.19
CA ALA D 12 -11.60 15.84 -11.21
C ALA D 12 -12.26 14.61 -10.59
N ALA D 13 -12.94 14.78 -9.49
CA ALA D 13 -13.61 13.63 -8.83
C ALA D 13 -12.61 12.50 -8.59
N ARG D 14 -13.04 11.43 -7.97
CA ARG D 14 -12.11 10.29 -7.71
C ARG D 14 -12.76 8.98 -8.14
N SER D 16 -15.14 6.12 -8.25
CA SER D 16 -16.48 5.92 -7.62
C SER D 16 -16.41 4.82 -6.56
N ALA D 17 -17.53 4.46 -5.99
CA ALA D 17 -17.55 3.40 -4.96
C ALA D 17 -18.46 2.25 -5.37
N PRO D 18 -18.19 1.08 -4.85
CA PRO D 18 -19.01 -0.12 -5.18
C PRO D 18 -20.39 -0.05 -4.51
N ALA D 19 -20.64 0.95 -3.71
CA ALA D 19 -21.96 1.05 -3.03
C ALA D 19 -22.24 -0.21 -2.23
N THR D 20 -23.27 -0.21 -1.43
CA THR D 20 -23.59 -1.41 -0.62
C THR D 20 -24.70 -2.23 -1.28
N GLY D 21 -25.19 -3.25 -0.61
CA GLY D 21 -26.26 -4.08 -1.20
C GLY D 21 -25.94 -5.56 -1.02
N MET A 1 -5.84 -11.72 2.81
CA MET A 1 -4.76 -11.16 3.66
C MET A 1 -3.74 -12.24 4.02
N PHE A 2 -4.15 -13.24 4.75
CA PHE A 2 -3.20 -14.33 5.13
C PHE A 2 -2.47 -14.87 3.90
N ASN A 3 -1.21 -15.18 4.03
CA ASN A 3 -0.43 -15.72 2.88
C ASN A 3 0.45 -16.88 3.32
N ASP A 4 0.61 -17.87 2.50
CA ASP A 4 1.45 -19.06 2.87
C ASP A 4 2.78 -18.61 3.48
N ARG A 5 3.49 -17.73 2.84
CA ARG A 5 4.80 -17.28 3.38
C ARG A 5 4.61 -16.47 4.66
N VAL A 6 3.58 -15.67 4.73
CA VAL A 6 3.36 -14.84 5.95
C VAL A 6 1.87 -14.52 6.09
N ILE A 7 1.39 -14.38 7.30
CA ILE A 7 -0.05 -14.07 7.51
C ILE A 7 -0.23 -12.72 8.20
N VAL A 8 -1.41 -12.19 8.21
CA VAL A 8 -1.64 -10.88 8.88
C VAL A 8 -2.24 -11.08 10.27
N LYS A 9 -1.62 -10.53 11.28
CA LYS A 9 -2.14 -10.69 12.66
C LYS A 9 -1.77 -9.44 13.50
N LYS A 10 -2.71 -8.64 13.98
CA LYS A 10 -4.18 -8.90 13.81
C LYS A 10 -4.58 -10.22 14.48
N SER A 11 -4.49 -10.28 15.78
CA SER A 11 -4.88 -11.54 16.49
C SER A 11 -4.81 -11.35 18.02
N PRO A 12 -3.73 -10.80 18.49
CA PRO A 12 -3.54 -10.60 19.95
C PRO A 12 -4.30 -9.35 20.41
N LEU A 13 -3.83 -8.71 21.45
CA LEU A 13 -4.52 -7.50 21.95
C LEU A 13 -3.79 -6.23 21.48
N GLY A 14 -2.60 -6.38 20.97
CA GLY A 14 -1.84 -5.17 20.49
C GLY A 14 -2.57 -4.53 19.32
N GLY A 15 -1.86 -4.14 18.30
CA GLY A 15 -2.52 -3.49 17.13
C GLY A 15 -2.46 -4.43 15.93
N TYR A 16 -2.29 -3.88 14.75
CA TYR A 16 -2.23 -4.74 13.53
C TYR A 16 -0.78 -5.00 13.13
N GLY A 17 -0.28 -6.19 13.38
CA GLY A 17 1.12 -6.51 12.99
C GLY A 17 1.08 -7.67 11.98
N VAL A 18 2.21 -8.22 11.64
CA VAL A 18 2.20 -9.36 10.66
C VAL A 18 2.88 -10.58 11.29
N PHE A 19 2.26 -11.72 11.20
CA PHE A 19 2.86 -12.94 11.82
C PHE A 19 3.65 -13.74 10.78
N ALA A 20 4.49 -14.64 11.24
CA ALA A 20 5.30 -15.45 10.29
C ALA A 20 5.07 -16.95 10.53
N ARG A 21 4.22 -17.55 9.74
CA ARG A 21 3.97 -19.02 9.90
C ARG A 21 5.28 -19.79 9.71
N LYS A 22 6.26 -19.19 9.08
CA LYS A 22 7.56 -19.89 8.88
C LYS A 22 8.48 -19.57 10.07
N SER A 23 9.69 -20.09 10.12
CA SER A 23 10.21 -20.98 9.05
C SER A 23 11.18 -20.22 8.14
N PHE A 24 11.69 -19.11 8.60
CA PHE A 24 12.62 -18.31 7.75
C PHE A 24 14.05 -18.41 8.30
N GLU A 25 15.03 -18.16 7.48
CA GLU A 25 16.43 -18.23 7.96
C GLU A 25 16.98 -16.83 8.21
N LYS A 26 18.28 -16.68 8.23
CA LYS A 26 18.87 -15.33 8.48
C LYS A 26 19.24 -14.66 7.16
N GLY A 27 18.35 -13.93 6.57
CA GLY A 27 18.67 -13.27 5.27
C GLY A 27 17.65 -13.68 4.21
N GLU A 28 16.38 -13.54 4.51
CA GLU A 28 15.34 -13.94 3.52
C GLU A 28 14.35 -12.79 3.30
N LEU A 29 14.02 -12.52 2.06
CA LEU A 29 13.06 -11.41 1.79
C LEU A 29 11.64 -11.84 2.10
N VAL A 30 11.09 -11.37 3.19
CA VAL A 30 9.70 -11.76 3.56
C VAL A 30 8.71 -11.17 2.55
N GLU A 31 8.85 -9.91 2.23
CA GLU A 31 7.91 -9.28 1.26
C GLU A 31 8.46 -7.91 0.81
N GLU A 32 8.12 -7.49 -0.37
CA GLU A 32 8.62 -6.17 -0.85
C GLU A 32 7.52 -5.43 -1.62
N CYS A 33 7.45 -4.14 -1.46
CA CYS A 33 6.40 -3.36 -2.19
C CYS A 33 6.93 -1.98 -2.55
N LEU A 34 6.10 -1.15 -3.14
CA LEU A 34 6.57 0.21 -3.52
C LEU A 34 6.21 1.22 -2.42
N CYS A 35 6.53 2.47 -2.62
CA CYS A 35 6.21 3.49 -1.58
C CYS A 35 5.92 4.85 -2.23
N ILE A 36 5.52 5.81 -1.45
CA ILE A 36 5.25 7.16 -2.02
C ILE A 36 6.37 8.12 -1.63
N VAL A 37 7.28 8.40 -2.53
CA VAL A 37 8.41 9.31 -2.19
C VAL A 37 8.00 10.77 -2.42
N ARG A 38 7.51 11.42 -1.41
CA ARG A 38 7.09 12.84 -1.56
C ARG A 38 7.94 13.75 -0.67
N HIS A 39 8.09 14.99 -1.04
CA HIS A 39 8.90 15.92 -0.22
C HIS A 39 8.31 16.06 1.19
N ASN A 40 8.76 17.03 1.94
CA ASN A 40 8.23 17.20 3.32
C ASN A 40 7.39 18.48 3.43
N ASP A 41 6.11 18.33 3.67
CA ASP A 41 5.22 19.52 3.78
C ASP A 41 3.81 19.07 4.15
N ASP A 42 2.78 19.62 3.56
CA ASP A 42 1.40 19.16 3.87
C ASP A 42 1.33 17.64 3.74
N TRP A 43 2.19 17.07 2.95
CA TRP A 43 2.23 15.59 2.80
C TRP A 43 2.46 14.93 4.17
N GLY A 44 3.53 15.29 4.83
CA GLY A 44 3.82 14.71 6.17
C GLY A 44 2.63 14.98 7.10
N THR A 45 2.05 16.15 7.01
CA THR A 45 0.90 16.48 7.91
C THR A 45 -0.27 15.52 7.65
N ALA A 46 -0.84 15.57 6.48
CA ALA A 46 -1.98 14.67 6.17
C ALA A 46 -1.58 13.21 6.41
N LEU A 47 -0.44 12.81 5.90
CA LEU A 47 0.00 11.40 6.10
C LEU A 47 0.85 11.28 7.37
N GLU A 48 0.46 11.95 8.43
CA GLU A 48 1.26 11.87 9.69
C GLU A 48 1.16 10.48 10.30
N ASP A 49 1.62 9.47 9.60
CA ASP A 49 1.57 8.08 10.13
C ASP A 49 2.16 7.11 9.10
N TYR A 50 2.92 6.14 9.55
CA TYR A 50 3.52 5.16 8.60
C TYR A 50 4.36 5.88 7.54
N LEU A 51 4.98 6.97 7.90
CA LEU A 51 5.82 7.70 6.91
C LEU A 51 7.31 7.47 7.19
N PHE A 52 7.94 6.63 6.43
CA PHE A 52 9.40 6.41 6.62
C PHE A 52 10.18 7.40 5.76
N SER A 53 10.70 8.44 6.36
CA SER A 53 11.40 9.47 5.56
C SER A 53 12.92 9.34 5.67
N ARG A 54 13.64 9.83 4.70
CA ARG A 54 15.12 9.76 4.75
C ARG A 54 15.69 11.18 4.78
N LYS A 55 16.99 11.32 4.70
CA LYS A 55 17.59 12.68 4.73
C LYS A 55 17.54 13.30 3.34
N ASN A 56 16.37 13.70 2.93
CA ASN A 56 16.19 14.29 1.58
C ASN A 56 14.71 14.39 1.27
N MET A 57 13.92 13.51 1.85
CA MET A 57 12.45 13.56 1.59
C MET A 57 11.71 12.57 2.47
N SER A 58 10.42 12.42 2.27
CA SER A 58 9.64 11.46 3.09
C SER A 58 9.04 10.38 2.19
N ALA A 59 8.91 9.17 2.70
CA ALA A 59 8.34 8.08 1.88
C ALA A 59 7.26 7.32 2.65
N MET A 60 6.13 7.06 2.04
CA MET A 60 5.05 6.32 2.75
C MET A 60 5.23 4.82 2.53
N ALA A 61 4.73 4.01 3.44
CA ALA A 61 4.89 2.54 3.28
C ALA A 61 3.76 1.98 2.42
N LEU A 62 3.98 1.87 1.13
CA LEU A 62 2.93 1.35 0.22
C LEU A 62 2.46 -0.04 0.68
N GLY A 63 3.29 -1.03 0.55
CA GLY A 63 2.88 -2.41 0.94
C GLY A 63 2.63 -2.46 2.45
N PHE A 64 2.84 -3.60 3.05
CA PHE A 64 2.59 -3.74 4.52
C PHE A 64 3.72 -3.07 5.31
N GLY A 65 3.94 -1.80 5.10
CA GLY A 65 5.02 -1.10 5.86
C GLY A 65 4.43 -0.49 7.13
N ALA A 66 3.15 -0.23 7.15
CA ALA A 66 2.51 0.37 8.36
C ALA A 66 2.18 -0.71 9.38
N ILE A 67 1.65 -1.81 8.94
CA ILE A 67 1.29 -2.91 9.88
C ILE A 67 2.46 -3.24 10.82
N PHE A 68 3.67 -3.04 10.37
CA PHE A 68 4.84 -3.37 11.23
C PHE A 68 4.74 -2.63 12.57
N ASN A 69 5.10 -3.29 13.64
CA ASN A 69 5.02 -2.65 14.98
C ASN A 69 6.42 -2.57 15.60
N HIS A 70 6.52 -2.06 16.80
CA HIS A 70 7.86 -1.97 17.45
C HIS A 70 8.04 -3.11 18.46
N SER A 71 9.09 -3.86 18.32
CA SER A 71 9.32 -4.99 19.27
C SER A 71 10.75 -4.93 19.81
N LYS A 72 10.94 -5.24 21.07
CA LYS A 72 12.30 -5.20 21.67
C LYS A 72 13.29 -5.99 20.80
N ASP A 73 12.83 -7.02 20.16
CA ASP A 73 13.73 -7.83 19.29
C ASP A 73 13.22 -7.84 17.85
N PRO A 74 13.62 -6.84 17.09
CA PRO A 74 13.19 -6.75 15.68
C PRO A 74 13.60 -8.01 14.90
N ASN A 75 12.66 -8.87 14.62
CA ASN A 75 13.00 -10.12 13.88
C ASN A 75 13.17 -9.82 12.39
N ALA A 76 12.69 -8.71 11.93
CA ALA A 76 12.82 -8.38 10.47
C ALA A 76 13.12 -6.89 10.28
N ARG A 77 13.51 -6.51 9.11
CA ARG A 77 13.81 -5.07 8.85
C ARG A 77 13.20 -4.63 7.52
N HIS A 78 13.63 -3.51 6.98
CA HIS A 78 13.06 -3.04 5.69
C HIS A 78 14.15 -2.39 4.84
N GLU A 79 13.90 -2.22 3.57
CA GLU A 79 14.92 -1.59 2.68
C GLU A 79 14.24 -0.77 1.58
N LEU A 80 14.37 0.53 1.62
CA LEU A 80 13.72 1.38 0.58
C LEU A 80 14.68 1.60 -0.60
N THR A 81 15.11 0.54 -1.25
CA THR A 81 16.05 0.67 -2.40
C THR A 81 17.15 1.71 -2.11
N ALA A 82 17.48 1.88 -0.86
CA ALA A 82 18.55 2.88 -0.51
C ALA A 82 18.25 4.23 -1.15
N GLY A 83 17.01 4.51 -1.46
CA GLY A 83 16.68 5.82 -2.08
C GLY A 83 15.17 6.04 -2.05
N LEU A 84 14.48 5.48 -1.10
CA LEU A 84 13.00 5.67 -1.01
C LEU A 84 12.34 5.36 -2.36
N LYS A 85 11.84 4.16 -2.54
CA LYS A 85 11.17 3.80 -3.81
C LYS A 85 10.65 2.36 -3.75
N ARG A 86 11.33 1.49 -3.07
CA ARG A 86 10.86 0.08 -2.97
C ARG A 86 11.20 -0.49 -1.59
N MET A 87 10.24 -0.59 -0.72
CA MET A 87 10.52 -1.12 0.65
C MET A 87 10.54 -2.65 0.64
N ARG A 88 11.65 -3.24 0.98
CA ARG A 88 11.73 -4.72 1.00
C ARG A 88 11.85 -5.21 2.45
N ILE A 89 11.01 -6.11 2.86
CA ILE A 89 11.08 -6.62 4.26
C ILE A 89 12.01 -7.82 4.34
N PHE A 90 13.09 -7.70 5.07
CA PHE A 90 14.06 -8.83 5.18
C PHE A 90 13.96 -9.48 6.55
N THR A 91 14.84 -10.41 6.84
CA THR A 91 14.81 -11.08 8.16
C THR A 91 16.21 -11.07 8.79
N ILE A 92 16.50 -10.10 9.59
CA ILE A 92 17.84 -10.03 10.23
C ILE A 92 18.11 -11.32 11.03
N LYS A 93 17.09 -12.05 11.36
CA LYS A 93 17.29 -13.31 12.12
C LYS A 93 16.23 -14.34 11.73
N PRO A 94 16.63 -15.59 11.68
CA PRO A 94 15.67 -16.67 11.33
C PRO A 94 14.41 -16.58 12.18
N ILE A 95 13.26 -16.82 11.61
CA ILE A 95 12.00 -16.73 12.40
C ILE A 95 11.40 -18.13 12.63
N ALA A 96 10.71 -18.30 13.71
CA ALA A 96 10.08 -19.63 14.01
C ALA A 96 8.64 -19.64 13.52
N ILE A 97 8.11 -20.80 13.27
CA ILE A 97 6.69 -20.87 12.79
C ILE A 97 5.74 -20.33 13.87
N GLY A 98 5.12 -19.21 13.62
CA GLY A 98 4.20 -18.62 14.62
C GLY A 98 4.90 -17.46 15.32
N GLU A 99 5.69 -16.71 14.59
CA GLU A 99 6.43 -15.58 15.21
C GLU A 99 5.74 -14.25 14.89
N GLU A 100 5.94 -13.25 15.71
CA GLU A 100 5.31 -11.93 15.42
C GLU A 100 6.31 -11.05 14.68
N ILE A 101 6.00 -10.70 13.46
CA ILE A 101 6.93 -9.86 12.66
C ILE A 101 6.62 -8.37 12.88
N THR A 102 7.62 -7.64 13.33
CA THR A 102 7.46 -6.18 13.57
C THR A 102 8.82 -5.49 13.47
N ILE A 103 8.91 -4.39 12.78
CA ILE A 103 10.22 -3.70 12.65
C ILE A 103 10.27 -2.46 13.54
N SER A 104 11.44 -2.06 13.95
CA SER A 104 11.55 -0.85 14.83
C SER A 104 11.46 0.43 13.99
N TYR A 105 11.88 1.53 14.55
CA TYR A 105 11.80 2.82 13.79
C TYR A 105 13.17 3.51 13.79
N GLY A 106 13.61 3.98 14.92
CA GLY A 106 14.94 4.64 14.96
C GLY A 106 14.94 5.73 16.04
N ASP A 107 16.04 6.41 16.23
CA ASP A 107 16.10 7.47 17.26
C ASP A 107 14.95 8.46 17.07
N ASP A 108 14.63 8.78 15.85
CA ASP A 108 13.51 9.73 15.60
C ASP A 108 12.22 9.19 16.23
N TYR A 109 11.77 8.05 15.79
CA TYR A 109 10.51 7.49 16.35
C TYR A 109 10.83 6.52 17.49
N TRP A 110 11.62 6.93 18.44
CA TRP A 110 11.95 6.04 19.58
C TRP A 110 12.79 6.78 20.63
N LEU A 111 13.11 6.12 21.71
CA LEU A 111 13.92 6.79 22.77
C LEU A 111 15.29 7.20 22.22
N SER A 112 16.23 7.50 23.08
CA SER A 112 17.57 7.90 22.61
C SER A 112 18.27 6.74 21.89
N ARG A 113 18.79 5.81 22.64
CA ARG A 113 19.48 4.65 22.00
C ARG A 113 19.46 3.43 22.94
N PRO A 114 18.30 2.88 23.15
CA PRO A 114 18.17 1.69 24.04
C PRO A 114 18.80 0.47 23.39
N ARG A 115 19.70 -0.18 24.08
CA ARG A 115 20.36 -1.37 23.49
C ARG A 115 20.27 -2.56 24.44
N LEU A 116 19.58 -3.60 24.04
CA LEU A 116 19.45 -4.79 24.93
C LEU A 116 20.81 -5.51 25.05
N THR A 117 21.60 -5.47 24.03
CA THR A 117 22.93 -6.15 24.08
C THR A 117 23.82 -5.48 25.13
N GLN A 118 24.99 -6.02 25.34
CA GLN A 118 25.91 -5.41 26.36
C GLN A 118 26.22 -3.96 25.99
N ASN A 119 26.46 -3.13 26.98
CA ASN A 119 26.77 -1.70 26.69
C ASN A 119 28.24 -1.55 26.28
N GLY B 1 -10.48 9.56 10.31
CA GLY B 1 -9.85 8.87 11.46
C GLY B 1 -10.32 9.51 12.77
N LYS B 2 -10.31 8.78 13.84
CA LYS B 2 -10.76 9.34 15.14
C LYS B 2 -9.57 9.71 16.02
N ALA B 3 -9.37 10.98 16.28
CA ALA B 3 -8.22 11.39 17.14
C ALA B 3 -8.70 11.66 18.57
N PRO B 4 -8.09 10.98 19.52
CA PRO B 4 -8.49 11.18 20.94
C PRO B 4 -8.29 12.64 21.35
N ARG B 5 -8.27 12.91 22.63
CA ARG B 5 -8.08 14.30 23.10
C ARG B 5 -6.80 14.91 22.49
N LYS B 6 -5.86 14.07 22.16
CA LYS B 6 -4.60 14.59 21.56
C LYS B 6 -4.90 15.37 20.28
N GLN B 7 -4.22 16.47 20.08
CA GLN B 7 -4.47 17.28 18.86
C GLN B 7 -3.15 17.65 18.18
N LEU B 8 -2.21 18.15 18.94
CA LEU B 8 -0.90 18.54 18.33
C LEU B 8 0.16 17.48 18.63
N ALA B 9 0.66 16.84 17.61
CA ALA B 9 1.70 15.78 17.84
C ALA B 9 2.45 15.49 16.54
N THR B 10 2.91 16.52 15.87
CA THR B 10 3.66 16.31 14.60
C THR B 10 5.04 16.96 14.67
N LYS B 11 5.75 16.72 15.73
CA LYS B 11 7.11 17.34 15.86
C LYS B 11 8.18 16.24 15.95
N ALA B 12 8.67 15.79 14.83
CA ALA B 12 9.72 14.74 14.86
C ALA B 12 10.34 14.58 13.47
N ALA B 13 10.97 13.46 13.21
CA ALA B 13 11.61 13.25 11.88
C ALA B 13 11.17 11.91 11.29
N ARG B 14 9.90 11.60 11.37
CA ARG B 14 9.41 10.31 10.81
C ARG B 14 10.28 9.14 11.29
N SER B 16 13.25 6.36 11.09
CA SER B 16 14.57 6.28 10.40
C SER B 16 14.48 5.33 9.19
N ALA B 17 15.60 4.90 8.69
CA ALA B 17 15.58 3.96 7.53
C ALA B 17 16.88 3.15 7.47
N PRO B 18 17.01 2.35 6.44
CA PRO B 18 18.22 1.51 6.29
C PRO B 18 19.47 2.37 6.15
N ALA B 19 20.16 2.60 7.23
CA ALA B 19 21.39 3.44 7.17
C ALA B 19 21.09 4.78 6.50
N THR B 20 20.38 5.64 7.16
CA THR B 20 20.06 6.98 6.57
C THR B 20 21.26 7.92 6.72
N GLY B 21 22.33 7.65 6.04
CA GLY B 21 23.52 8.53 6.14
C GLY B 21 24.72 7.72 6.65
N MET C 1 7.88 -9.29 -5.65
CA MET C 1 6.68 -8.74 -6.35
C MET C 1 5.87 -9.88 -6.99
N PHE C 2 6.44 -10.56 -7.94
CA PHE C 2 5.70 -11.68 -8.61
C PHE C 2 5.12 -12.64 -7.57
N ASN C 3 3.94 -13.14 -7.80
CA ASN C 3 3.31 -14.08 -6.83
C ASN C 3 2.64 -15.24 -7.58
N ASP C 4 2.68 -16.42 -7.03
CA ASP C 4 2.08 -17.60 -7.71
C ASP C 4 0.66 -17.27 -8.21
N ARG C 5 -0.18 -16.73 -7.38
CA ARG C 5 -1.57 -16.41 -7.82
C ARG C 5 -1.56 -15.29 -8.84
N VAL C 6 -0.71 -14.31 -8.68
CA VAL C 6 -0.67 -13.18 -9.65
C VAL C 6 0.72 -12.56 -9.68
N ILE C 7 1.13 -12.03 -10.80
CA ILE C 7 2.48 -11.41 -10.89
C ILE C 7 2.37 -9.92 -11.22
N VAL C 8 3.46 -9.20 -11.08
CA VAL C 8 3.42 -7.74 -11.38
C VAL C 8 3.99 -7.47 -12.78
N LYS C 9 3.25 -6.79 -13.61
CA LYS C 9 3.75 -6.51 -14.98
C LYS C 9 3.14 -5.18 -15.48
N LYS C 10 3.89 -4.12 -15.73
CA LYS C 10 5.39 -4.14 -15.60
C LYS C 10 6.00 -5.15 -16.57
N SER C 11 5.89 -4.89 -17.85
CA SER C 11 6.50 -5.82 -18.85
C SER C 11 6.34 -5.27 -20.28
N PRO C 12 5.15 -4.84 -20.61
CA PRO C 12 4.89 -4.31 -21.97
C PRO C 12 5.39 -2.87 -22.10
N LEU C 13 4.78 -2.09 -22.94
CA LEU C 13 5.21 -0.68 -23.10
C LEU C 13 4.27 0.27 -22.34
N GLY C 14 3.14 -0.22 -21.89
CA GLY C 14 2.20 0.66 -21.15
C GLY C 14 2.84 1.11 -19.84
N GLY C 15 2.09 1.10 -18.77
CA GLY C 15 2.65 1.54 -17.46
C GLY C 15 2.81 0.32 -16.53
N TYR C 16 2.57 0.51 -15.26
CA TYR C 16 2.70 -0.62 -14.30
C TYR C 16 1.34 -1.25 -14.00
N GLY C 17 1.08 -2.40 -14.56
CA GLY C 17 -0.23 -3.07 -14.28
C GLY C 17 0.05 -4.41 -13.60
N VAL C 18 -0.94 -5.24 -13.43
CA VAL C 18 -0.69 -6.56 -12.78
C VAL C 18 -1.16 -7.68 -13.71
N PHE C 19 -0.34 -8.68 -13.90
CA PHE C 19 -0.72 -9.79 -14.83
C PHE C 19 -1.33 -10.95 -14.05
N ALA C 20 -1.99 -11.85 -14.73
CA ALA C 20 -2.60 -13.01 -14.04
C ALA C 20 -2.11 -14.33 -14.64
N ARG C 21 -1.14 -14.95 -14.02
CA ARG C 21 -0.64 -16.24 -14.54
C ARG C 21 -1.77 -17.28 -14.59
N LYS C 22 -2.81 -17.05 -13.84
CA LYS C 22 -3.96 -18.01 -13.85
C LYS C 22 -4.96 -17.57 -14.92
N SER C 23 -6.05 -18.28 -15.13
CA SER C 23 -6.37 -19.50 -14.32
C SER C 23 -7.43 -19.18 -13.27
N PHE C 24 -8.15 -18.10 -13.44
CA PHE C 24 -9.20 -17.74 -12.43
C PHE C 24 -10.60 -17.96 -13.02
N GLU C 25 -11.58 -18.11 -12.18
CA GLU C 25 -12.97 -18.32 -12.69
C GLU C 25 -13.77 -17.02 -12.59
N LYS C 26 -15.07 -17.11 -12.59
CA LYS C 26 -15.90 -15.89 -12.50
C LYS C 26 -16.36 -15.66 -11.05
N GLY C 27 -15.60 -14.95 -10.28
CA GLY C 27 -15.99 -14.70 -8.86
C GLY C 27 -14.87 -15.17 -7.93
N GLU C 28 -13.67 -14.73 -8.16
CA GLU C 28 -12.54 -15.17 -7.28
C GLU C 28 -11.78 -13.95 -6.76
N LEU C 29 -11.46 -13.93 -5.50
CA LEU C 29 -10.72 -12.78 -4.92
C LEU C 29 -9.25 -12.85 -5.31
N VAL C 30 -8.83 -12.03 -6.23
CA VAL C 30 -7.40 -12.04 -6.66
C VAL C 30 -6.50 -11.55 -5.52
N GLU C 31 -6.87 -10.46 -4.89
CA GLU C 31 -6.04 -9.94 -3.77
C GLU C 31 -6.81 -8.86 -3.01
N GLU C 32 -6.52 -8.69 -1.75
CA GLU C 32 -7.24 -7.66 -0.95
C GLU C 32 -6.28 -6.94 0.01
N CYS C 33 -6.44 -5.66 0.18
CA CYS C 33 -5.53 -4.92 1.10
C CYS C 33 -6.30 -3.78 1.80
N LEU C 34 -5.63 -3.00 2.58
CA LEU C 34 -6.32 -1.88 3.29
C LEU C 34 -6.19 -0.59 2.49
N CYS C 35 -6.72 0.49 3.00
CA CYS C 35 -6.63 1.78 2.26
C CYS C 35 -6.59 2.95 3.24
N ILE C 36 -6.40 4.15 2.74
CA ILE C 36 -6.36 5.33 3.64
C ILE C 36 -7.65 6.14 3.49
N VAL C 37 -8.57 5.99 4.41
CA VAL C 37 -9.86 6.74 4.30
C VAL C 37 -9.71 8.14 4.90
N ARG C 38 -9.38 9.11 4.09
CA ARG C 38 -9.23 10.49 4.61
C ARG C 38 -10.26 11.42 3.97
N HIS C 39 -10.62 12.49 4.63
CA HIS C 39 -11.61 13.43 4.06
C HIS C 39 -11.11 14.02 2.75
N ASN C 40 -11.75 15.04 2.26
CA ASN C 40 -11.30 15.65 0.98
C ASN C 40 -10.71 17.06 1.22
N ASP C 41 -9.45 17.22 0.97
CA ASP C 41 -8.79 18.54 1.18
C ASP C 41 -7.34 18.46 0.73
N ASP C 42 -6.41 19.03 1.46
CA ASP C 42 -4.98 18.93 1.07
C ASP C 42 -4.62 17.47 0.80
N TRP C 43 -5.33 16.57 1.41
CA TRP C 43 -5.09 15.12 1.18
C TRP C 43 -5.24 14.81 -0.32
N GLY C 44 -6.37 15.12 -0.88
CA GLY C 44 -6.59 14.84 -2.33
C GLY C 44 -5.52 15.56 -3.15
N THR C 45 -5.15 16.75 -2.75
CA THR C 45 -4.11 17.50 -3.51
C THR C 45 -2.78 16.75 -3.48
N ALA C 46 -2.18 16.60 -2.32
CA ALA C 46 -0.89 15.88 -2.24
C ALA C 46 -1.02 14.48 -2.85
N LEU C 47 -2.05 13.77 -2.48
CA LEU C 47 -2.23 12.40 -3.04
C LEU C 47 -3.08 12.45 -4.30
N GLU C 48 -2.86 13.41 -5.15
CA GLU C 48 -3.67 13.51 -6.41
C GLU C 48 -3.33 12.36 -7.36
N ASP C 49 -3.58 11.15 -6.95
CA ASP C 49 -3.28 9.97 -7.81
C ASP C 49 -3.65 8.68 -7.07
N TYR C 50 -4.23 7.74 -7.77
CA TYR C 50 -4.62 6.45 -7.12
C TYR C 50 -5.54 6.71 -5.92
N LEU C 51 -6.36 7.71 -6.01
CA LEU C 51 -7.29 8.01 -4.87
C LEU C 51 -8.72 7.58 -5.22
N PHE C 52 -9.16 6.46 -4.72
CA PHE C 52 -10.56 6.03 -4.99
C PHE C 52 -11.47 6.62 -3.91
N SER C 53 -12.20 7.65 -4.24
CA SER C 53 -13.06 8.31 -3.21
C SER C 53 -14.53 7.92 -3.39
N ARG C 54 -15.29 8.00 -2.33
CA ARG C 54 -16.74 7.68 -2.42
C ARG C 54 -17.57 8.93 -2.09
N LYS C 55 -18.86 8.80 -2.04
CA LYS C 55 -19.71 9.99 -1.71
C LYS C 55 -19.71 10.22 -0.21
N ASN C 56 -18.63 10.72 0.32
CA ASN C 56 -18.53 10.97 1.77
C ASN C 56 -17.08 11.26 2.13
N MET C 57 -16.16 10.74 1.36
CA MET C 57 -14.73 10.99 1.65
C MET C 57 -13.83 10.40 0.56
N SER C 58 -12.54 10.45 0.74
CA SER C 58 -11.61 9.89 -0.28
C SER C 58 -10.80 8.74 0.31
N ALA C 59 -10.47 7.76 -0.48
CA ALA C 59 -9.68 6.61 0.06
C ALA C 59 -8.51 6.29 -0.87
N MET C 60 -7.33 6.11 -0.33
CA MET C 60 -6.15 5.78 -1.19
C MET C 60 -6.04 4.26 -1.36
N ALA C 61 -5.44 3.82 -2.44
CA ALA C 61 -5.31 2.35 -2.66
C ALA C 61 -4.07 1.82 -1.94
N LEU C 62 -4.24 1.34 -0.74
CA LEU C 62 -3.08 0.81 0.03
C LEU C 62 -2.37 -0.29 -0.76
N GLY C 63 -3.00 -1.43 -0.89
CA GLY C 63 -2.35 -2.56 -1.63
C GLY C 63 -2.13 -2.18 -3.09
N PHE C 64 -2.15 -3.14 -3.97
CA PHE C 64 -1.93 -2.86 -5.42
C PHE C 64 -3.18 -2.23 -6.03
N GLY C 65 -3.62 -1.13 -5.51
CA GLY C 65 -4.83 -0.47 -6.08
C GLY C 65 -4.42 0.55 -7.15
N ALA C 66 -3.21 1.04 -7.07
CA ALA C 66 -2.75 2.04 -8.08
C ALA C 66 -2.24 1.33 -9.34
N ILE C 67 -1.50 0.26 -9.18
CA ILE C 67 -0.97 -0.46 -10.37
C ILE C 67 -2.08 -0.76 -11.38
N PHE C 68 -3.30 -0.92 -10.91
CA PHE C 68 -4.41 -1.22 -11.86
C PHE C 68 -4.49 -0.16 -12.96
N ASN C 69 -4.76 -0.59 -14.17
CA ASN C 69 -4.84 0.38 -15.30
C ASN C 69 -6.24 0.35 -15.90
N HIS C 70 -6.48 1.11 -16.93
CA HIS C 70 -7.82 1.13 -17.57
C HIS C 70 -7.82 0.26 -18.83
N SER C 71 -8.71 -0.68 -18.92
CA SER C 71 -8.77 -1.57 -20.11
C SER C 71 -10.19 -1.63 -20.66
N LYS C 72 -10.35 -1.64 -21.96
CA LYS C 72 -11.72 -1.70 -22.54
C LYS C 72 -12.52 -2.85 -21.92
N ASP C 73 -11.86 -3.92 -21.56
CA ASP C 73 -12.58 -5.07 -20.94
C ASP C 73 -12.02 -5.34 -19.54
N PRO C 74 -12.58 -4.67 -18.56
CA PRO C 74 -12.12 -4.86 -17.16
C PRO C 74 -12.27 -6.32 -16.75
N ASN C 75 -11.19 -7.05 -16.67
CA ASN C 75 -11.27 -8.47 -16.28
C ASN C 75 -11.45 -8.62 -14.77
N ALA C 76 -11.16 -7.57 -14.03
CA ALA C 76 -11.31 -7.66 -12.54
C ALA C 76 -11.87 -6.35 -11.98
N ARG C 77 -12.29 -6.35 -10.75
CA ARG C 77 -12.84 -5.11 -10.14
C ARG C 77 -12.28 -4.92 -8.73
N HIS C 78 -12.90 -4.07 -7.94
CA HIS C 78 -12.38 -3.85 -6.56
C HIS C 78 -13.54 -3.65 -5.59
N GLU C 79 -13.29 -3.77 -4.31
CA GLU C 79 -14.38 -3.58 -3.31
C GLU C 79 -13.83 -2.96 -2.03
N LEU C 80 -14.20 -1.74 -1.74
CA LEU C 80 -13.69 -1.08 -0.50
C LEU C 80 -14.64 -1.34 0.68
N THR C 81 -14.84 -2.59 1.02
CA THR C 81 -15.75 -2.94 2.16
C THR C 81 -17.03 -2.09 2.12
N ALA C 82 -17.44 -1.67 0.95
CA ALA C 82 -18.68 -0.84 0.84
C ALA C 82 -18.62 0.35 1.81
N GLY C 83 -17.44 0.76 2.20
CA GLY C 83 -17.34 1.91 3.15
C GLY C 83 -15.88 2.41 3.21
N LEU C 84 -15.14 2.25 2.14
CA LEU C 84 -13.73 2.73 2.15
C LEU C 84 -12.98 2.22 3.38
N LYS C 85 -12.27 1.13 3.24
CA LYS C 85 -11.50 0.58 4.41
C LYS C 85 -10.72 -0.67 3.99
N ARG C 86 -11.25 -1.45 3.09
CA ARG C 86 -10.54 -2.67 2.64
C ARG C 86 -10.81 -2.93 1.16
N MET C 87 -9.87 -2.62 0.31
CA MET C 87 -10.08 -2.83 -1.14
C MET C 87 -9.82 -4.29 -1.52
N ARG C 88 -10.82 -4.98 -2.03
CA ARG C 88 -10.62 -6.39 -2.45
C ARG C 88 -10.70 -6.51 -3.96
N ILE C 89 -9.71 -7.09 -4.57
CA ILE C 89 -9.73 -7.23 -6.05
C ILE C 89 -10.44 -8.53 -6.45
N PHE C 90 -11.53 -8.44 -7.14
CA PHE C 90 -12.28 -9.66 -7.56
C PHE C 90 -12.11 -9.91 -9.05
N THR C 91 -12.80 -10.88 -9.58
CA THR C 91 -12.69 -11.18 -11.03
C THR C 91 -14.08 -11.28 -11.66
N ILE C 92 -14.58 -10.19 -12.19
CA ILE C 92 -15.92 -10.22 -12.83
C ILE C 92 -15.98 -11.29 -13.92
N LYS C 93 -14.85 -11.71 -14.41
CA LYS C 93 -14.83 -12.75 -15.47
C LYS C 93 -13.59 -13.64 -15.34
N PRO C 94 -13.75 -14.91 -15.62
CA PRO C 94 -12.60 -15.84 -15.53
C PRO C 94 -11.40 -15.30 -16.31
N ILE C 95 -10.21 -15.46 -15.80
CA ILE C 95 -9.02 -14.95 -16.52
C ILE C 95 -8.18 -16.10 -17.09
N ALA C 96 -7.50 -15.86 -18.17
CA ALA C 96 -6.65 -16.92 -18.78
C ALA C 96 -5.22 -16.80 -18.28
N ILE C 97 -4.46 -17.86 -18.33
CA ILE C 97 -3.04 -17.79 -17.86
C ILE C 97 -2.25 -16.82 -18.75
N GLY C 98 -1.84 -15.71 -18.20
CA GLY C 98 -1.07 -14.72 -19.00
C GLY C 98 -1.99 -13.57 -19.40
N GLU C 99 -2.89 -13.19 -18.52
CA GLU C 99 -3.84 -12.10 -18.84
C GLU C 99 -3.39 -10.79 -18.19
N GLU C 100 -3.80 -9.68 -18.73
CA GLU C 100 -3.42 -8.37 -18.10
C GLU C 100 -4.54 -7.90 -17.17
N ILE C 101 -4.26 -7.83 -15.90
CA ILE C 101 -5.31 -7.41 -14.93
C ILE C 101 -5.31 -5.89 -14.75
N THR C 102 -6.43 -5.26 -15.02
CA THR C 102 -6.53 -3.79 -14.89
C THR C 102 -8.00 -3.42 -14.63
N ILE C 103 -8.26 -2.55 -13.69
CA ILE C 103 -9.68 -2.18 -13.41
C ILE C 103 -9.98 -0.78 -13.95
N SER C 104 -11.22 -0.52 -14.27
CA SER C 104 -11.58 0.83 -14.80
C SER C 104 -11.70 1.84 -13.67
N TYR C 105 -12.33 2.96 -13.94
CA TYR C 105 -12.47 4.00 -12.88
C TYR C 105 -13.94 4.40 -12.72
N GLY C 106 -14.50 5.06 -13.70
CA GLY C 106 -15.93 5.45 -13.60
C GLY C 106 -16.16 6.75 -14.37
N ASP C 107 -17.38 7.24 -14.39
CA ASP C 107 -17.67 8.50 -15.12
C ASP C 107 -16.71 9.60 -14.67
N ASP C 108 -16.42 9.67 -13.40
CA ASP C 108 -15.48 10.70 -12.89
C ASP C 108 -14.14 10.60 -13.61
N TYR C 109 -13.47 9.49 -13.47
CA TYR C 109 -12.15 9.33 -14.14
C TYR C 109 -12.31 8.64 -15.49
N TRP C 110 -13.19 9.13 -16.32
CA TRP C 110 -13.39 8.49 -17.65
C TRP C 110 -14.38 9.31 -18.50
N LEU C 111 -14.61 8.90 -19.70
CA LEU C 111 -15.57 9.65 -20.58
C LEU C 111 -16.97 9.65 -19.97
N SER C 112 -17.97 9.98 -20.74
CA SER C 112 -19.36 10.00 -20.20
C SER C 112 -19.79 8.58 -19.82
N ARG C 113 -20.16 7.78 -20.80
CA ARG C 113 -20.60 6.39 -20.48
C ARG C 113 -20.40 5.49 -21.70
N PRO C 114 -19.14 5.22 -22.03
CA PRO C 114 -18.84 4.35 -23.19
C PRO C 114 -19.21 2.91 -22.88
N ARG C 115 -20.00 2.29 -23.72
CA ARG C 115 -20.41 0.88 -23.47
C ARG C 115 -20.13 0.02 -24.69
N LEU C 116 -19.24 -0.94 -24.56
CA LEU C 116 -18.93 -1.82 -25.73
C LEU C 116 -20.12 -2.72 -26.05
N THR C 117 -20.89 -3.09 -25.06
CA THR C 117 -22.07 -3.97 -25.31
C THR C 117 -23.10 -3.24 -26.17
N GLN C 118 -24.15 -3.91 -26.54
CA GLN C 118 -25.20 -3.25 -27.37
C GLN C 118 -25.75 -2.02 -26.65
N ASN C 119 -26.17 -1.03 -27.40
CA ASN C 119 -26.73 0.20 -26.76
C ASN C 119 -28.19 -0.03 -26.35
N GLY D 1 8.27 13.67 -7.39
CA GLY D 1 7.74 13.19 -8.70
C GLY D 1 8.06 14.22 -9.78
N LYS D 2 8.14 13.79 -11.01
CA LYS D 2 8.44 14.74 -12.11
C LYS D 2 7.18 15.09 -12.89
N ALA D 3 6.74 16.32 -12.82
CA ALA D 3 5.51 16.72 -13.56
C ALA D 3 5.88 17.42 -14.87
N PRO D 4 5.39 16.92 -15.98
CA PRO D 4 5.70 17.53 -17.29
C PRO D 4 5.22 18.99 -17.32
N ARG D 5 5.11 19.56 -18.49
CA ARG D 5 4.65 20.98 -18.59
C ARG D 5 3.31 21.15 -17.87
N LYS D 6 2.54 20.09 -17.77
CA LYS D 6 1.22 20.20 -17.09
C LYS D 6 1.42 20.67 -15.65
N GLN D 7 0.55 21.54 -15.18
CA GLN D 7 0.69 22.04 -13.79
C GLN D 7 -0.66 21.98 -13.06
N LEU D 8 -1.70 22.48 -13.68
CA LEU D 8 -3.04 22.44 -13.03
C LEU D 8 -3.88 21.31 -13.61
N ALA D 9 -4.25 20.35 -12.79
CA ALA D 9 -5.07 19.21 -13.30
C ALA D 9 -5.71 18.47 -12.13
N THR D 10 -6.34 19.19 -11.22
CA THR D 10 -6.98 18.52 -10.06
C THR D 10 -8.46 18.91 -10.00
N LYS D 11 -9.16 18.82 -11.10
CA LYS D 11 -10.61 19.18 -11.09
C LYS D 11 -11.46 17.97 -11.48
N ALA D 12 -11.83 17.17 -10.52
CA ALA D 12 -12.66 15.98 -10.83
C ALA D 12 -13.21 15.35 -9.54
N ALA D 13 -13.61 14.11 -9.59
CA ALA D 13 -14.15 13.46 -8.36
C ALA D 13 -13.46 12.11 -8.13
N ARG D 14 -12.16 12.07 -8.26
CA ARG D 14 -11.42 10.80 -8.04
C ARG D 14 -12.07 9.65 -8.82
N SER D 16 -14.47 6.41 -9.38
CA SER D 16 -15.73 5.92 -8.76
C SER D 16 -15.43 4.72 -7.84
N ALA D 17 -16.44 3.97 -7.48
CA ALA D 17 -16.21 2.80 -6.59
C ALA D 17 -17.33 1.77 -6.77
N PRO D 18 -17.27 0.72 -5.98
CA PRO D 18 -18.30 -0.34 -6.07
C PRO D 18 -19.69 0.21 -5.74
N ALA D 19 -20.45 0.58 -6.74
CA ALA D 19 -21.81 1.12 -6.49
C ALA D 19 -21.74 2.29 -5.49
N THR D 20 -21.22 3.40 -5.90
CA THR D 20 -21.13 4.58 -4.98
C THR D 20 -22.48 5.29 -4.90
N GLY D 21 -23.47 4.66 -4.33
CA GLY D 21 -24.81 5.30 -4.23
C GLY D 21 -25.84 4.44 -4.95
N MET A 1 -1.30 -10.21 5.32
CA MET A 1 -2.44 -10.96 5.93
C MET A 1 -2.03 -12.40 6.23
N PHE A 2 -2.98 -13.23 6.59
CA PHE A 2 -2.64 -14.65 6.91
C PHE A 2 -2.00 -15.37 5.73
N ASN A 3 -0.71 -15.21 5.56
CA ASN A 3 0.00 -15.91 4.45
C ASN A 3 0.70 -17.16 5.00
N ASP A 4 0.80 -18.19 4.21
CA ASP A 4 1.45 -19.44 4.68
C ASP A 4 2.80 -19.15 5.35
N ARG A 5 3.42 -18.05 5.02
CA ARG A 5 4.74 -17.74 5.62
C ARG A 5 4.62 -16.69 6.73
N VAL A 6 3.66 -15.81 6.63
CA VAL A 6 3.50 -14.77 7.69
C VAL A 6 2.04 -14.31 7.78
N ILE A 7 1.53 -14.14 8.96
CA ILE A 7 0.10 -13.73 9.11
C ILE A 7 -0.01 -12.37 9.79
N VAL A 8 -1.12 -11.71 9.65
CA VAL A 8 -1.30 -10.38 10.31
C VAL A 8 -1.87 -10.57 11.72
N LYS A 9 -1.19 -10.05 12.70
CA LYS A 9 -1.67 -10.20 14.10
C LYS A 9 -1.22 -8.98 14.93
N LYS A 10 -2.08 -8.31 15.66
CA LYS A 10 -3.54 -8.66 15.78
C LYS A 10 -3.74 -10.09 16.30
N SER A 11 -3.51 -10.28 17.58
CA SER A 11 -3.73 -11.63 18.18
C SER A 11 -3.57 -11.59 19.71
N PRO A 12 -2.49 -11.02 20.17
CA PRO A 12 -2.23 -10.97 21.62
C PRO A 12 -3.21 -10.00 22.31
N LEU A 13 -3.57 -8.95 21.63
CA LEU A 13 -4.53 -7.97 22.23
C LEU A 13 -4.76 -6.81 21.27
N GLY A 14 -3.75 -6.45 20.52
CA GLY A 14 -3.91 -5.33 19.57
C GLY A 14 -2.56 -5.01 18.91
N GLY A 15 -2.39 -3.80 18.44
CA GLY A 15 -1.10 -3.44 17.79
C GLY A 15 -0.93 -4.25 16.50
N TYR A 16 -1.40 -3.73 15.39
CA TYR A 16 -1.27 -4.47 14.11
C TYR A 16 0.20 -4.75 13.81
N GLY A 17 0.68 -5.90 14.18
CA GLY A 17 2.10 -6.24 13.90
C GLY A 17 2.14 -7.50 13.02
N VAL A 18 3.29 -7.87 12.53
CA VAL A 18 3.36 -9.10 11.69
C VAL A 18 3.72 -10.30 12.56
N PHE A 19 3.11 -11.43 12.32
CA PHE A 19 3.42 -12.62 13.13
C PHE A 19 4.29 -13.60 12.34
N ALA A 20 5.34 -14.09 12.94
CA ALA A 20 6.23 -15.03 12.23
C ALA A 20 5.76 -16.46 12.41
N ARG A 21 4.89 -16.92 11.54
CA ARG A 21 4.41 -18.32 11.64
C ARG A 21 5.56 -19.29 11.32
N LYS A 22 6.63 -18.79 10.75
CA LYS A 22 7.79 -19.66 10.43
C LYS A 22 8.93 -19.35 11.41
N SER A 23 10.10 -19.97 11.29
CA SER A 23 10.35 -20.96 10.20
C SER A 23 11.33 -20.36 9.18
N PHE A 24 12.08 -19.36 9.58
CA PHE A 24 13.04 -18.72 8.64
C PHE A 24 14.48 -18.88 9.14
N GLU A 25 15.44 -18.67 8.29
CA GLU A 25 16.85 -18.78 8.73
C GLU A 25 17.50 -17.39 8.80
N LYS A 26 18.76 -17.32 9.14
CA LYS A 26 19.42 -15.99 9.21
C LYS A 26 19.71 -15.46 7.81
N GLY A 27 18.87 -14.57 7.33
CA GLY A 27 19.09 -14.02 5.96
C GLY A 27 18.03 -14.58 5.01
N GLU A 28 16.78 -14.31 5.27
CA GLU A 28 15.71 -14.83 4.37
C GLU A 28 14.69 -13.72 4.04
N LEU A 29 14.49 -13.45 2.79
CA LEU A 29 13.52 -12.38 2.40
C LEU A 29 12.09 -12.81 2.79
N VAL A 30 11.39 -11.98 3.51
CA VAL A 30 10.00 -12.34 3.91
C VAL A 30 9.01 -11.88 2.85
N GLU A 31 9.13 -10.67 2.38
CA GLU A 31 8.20 -10.16 1.34
C GLU A 31 8.71 -8.84 0.75
N GLU A 32 8.35 -8.55 -0.46
CA GLU A 32 8.82 -7.27 -1.10
C GLU A 32 7.70 -6.66 -1.94
N CYS A 33 7.52 -5.38 -1.83
CA CYS A 33 6.43 -4.72 -2.63
C CYS A 33 6.89 -3.33 -3.09
N LEU A 34 5.97 -2.53 -3.57
CA LEU A 34 6.35 -1.18 -4.06
C LEU A 34 6.08 -0.12 -2.98
N CYS A 35 6.53 1.08 -3.19
CA CYS A 35 6.29 2.16 -2.20
C CYS A 35 6.02 3.48 -2.91
N ILE A 36 5.91 4.56 -2.17
CA ILE A 36 5.64 5.88 -2.82
C ILE A 36 6.73 6.88 -2.44
N VAL A 37 6.99 7.85 -3.28
CA VAL A 37 8.04 8.86 -2.97
C VAL A 37 7.45 10.27 -3.05
N ARG A 38 7.20 10.89 -1.92
CA ARG A 38 6.65 12.28 -1.93
C ARG A 38 7.40 13.15 -0.92
N HIS A 39 7.57 14.40 -1.21
CA HIS A 39 8.29 15.31 -0.26
C HIS A 39 7.50 15.42 1.05
N ASN A 40 8.03 16.13 2.01
CA ASN A 40 7.31 16.29 3.31
C ASN A 40 6.03 17.11 3.10
N ASP A 41 5.79 18.12 3.94
CA ASP A 41 4.55 18.95 3.78
C ASP A 41 3.30 18.11 4.04
N ASP A 42 2.20 18.43 3.39
CA ASP A 42 0.93 17.67 3.61
C ASP A 42 1.19 16.16 3.56
N TRP A 43 2.21 15.74 2.87
CA TRP A 43 2.51 14.28 2.80
C TRP A 43 2.99 13.76 4.16
N GLY A 44 4.02 14.36 4.70
CA GLY A 44 4.55 13.90 6.01
C GLY A 44 3.46 14.01 7.08
N THR A 45 2.48 14.85 6.86
CA THR A 45 1.40 15.01 7.87
C THR A 45 0.25 14.03 7.60
N ALA A 46 -0.37 14.12 6.45
CA ALA A 46 -1.50 13.18 6.13
C ALA A 46 -1.08 11.74 6.43
N LEU A 47 0.00 11.30 5.85
CA LEU A 47 0.48 9.91 6.13
C LEU A 47 1.50 9.93 7.28
N GLU A 48 1.32 10.81 8.23
CA GLU A 48 2.28 10.90 9.36
C GLU A 48 2.20 9.65 10.26
N ASP A 49 2.54 8.50 9.73
CA ASP A 49 2.48 7.27 10.56
C ASP A 49 3.15 6.09 9.85
N TYR A 50 3.02 6.01 8.55
CA TYR A 50 3.63 4.88 7.81
C TYR A 50 4.47 5.37 6.64
N LEU A 51 5.39 6.27 6.88
CA LEU A 51 6.24 6.79 5.77
C LEU A 51 7.73 6.60 6.07
N PHE A 52 8.41 5.84 5.27
CA PHE A 52 9.88 5.67 5.46
C PHE A 52 10.61 6.76 4.68
N SER A 53 11.06 7.78 5.35
CA SER A 53 11.73 8.90 4.62
C SER A 53 13.26 8.78 4.69
N ARG A 54 13.93 9.35 3.73
CA ARG A 54 15.42 9.31 3.73
C ARG A 54 15.97 10.73 3.69
N LYS A 55 17.25 10.88 3.44
CA LYS A 55 17.84 12.24 3.42
C LYS A 55 17.60 12.87 2.05
N ASN A 56 16.41 13.37 1.84
CA ASN A 56 16.08 13.99 0.53
C ASN A 56 14.57 14.06 0.36
N MET A 57 13.83 13.20 1.02
CA MET A 57 12.34 13.23 0.87
C MET A 57 11.67 12.20 1.79
N SER A 58 10.40 11.95 1.58
CA SER A 58 9.69 10.96 2.43
C SER A 58 8.91 9.98 1.55
N ALA A 59 8.91 8.71 1.89
CA ALA A 59 8.18 7.72 1.07
C ALA A 59 7.17 6.95 1.93
N MET A 60 6.34 6.14 1.32
CA MET A 60 5.34 5.36 2.09
C MET A 60 5.61 3.87 1.93
N ALA A 61 5.22 3.07 2.90
CA ALA A 61 5.45 1.61 2.80
C ALA A 61 4.26 0.93 2.12
N LEU A 62 4.32 0.80 0.81
CA LEU A 62 3.20 0.16 0.06
C LEU A 62 2.91 -1.25 0.62
N GLY A 63 3.85 -2.14 0.52
CA GLY A 63 3.63 -3.53 1.03
C GLY A 63 3.42 -3.50 2.54
N PHE A 64 3.97 -4.45 3.24
CA PHE A 64 3.78 -4.50 4.72
C PHE A 64 4.89 -3.70 5.42
N GLY A 65 5.23 -2.55 4.90
CA GLY A 65 6.29 -1.73 5.54
C GLY A 65 5.67 -0.88 6.66
N ALA A 66 4.38 -0.66 6.61
CA ALA A 66 3.73 0.16 7.67
C ALA A 66 3.28 -0.72 8.83
N ILE A 67 2.43 -1.68 8.56
CA ILE A 67 1.91 -2.58 9.64
C ILE A 67 3.03 -3.05 10.59
N PHE A 68 4.27 -3.05 10.16
CA PHE A 68 5.36 -3.52 11.07
C PHE A 68 5.26 -2.84 12.44
N ASN A 69 5.75 -3.48 13.47
CA ASN A 69 5.65 -2.89 14.83
C ASN A 69 7.02 -2.66 15.44
N HIS A 70 7.07 -2.30 16.70
CA HIS A 70 8.37 -2.10 17.38
C HIS A 70 8.70 -3.30 18.28
N SER A 71 9.94 -3.51 18.58
CA SER A 71 10.30 -4.67 19.45
C SER A 71 11.70 -4.49 20.04
N LYS A 72 11.88 -4.87 21.28
CA LYS A 72 13.22 -4.73 21.91
C LYS A 72 14.28 -5.45 21.06
N ASP A 73 13.88 -6.48 20.36
CA ASP A 73 14.87 -7.23 19.53
C ASP A 73 14.32 -7.39 18.10
N PRO A 74 14.68 -6.46 17.24
CA PRO A 74 14.23 -6.51 15.84
C PRO A 74 14.57 -7.86 15.20
N ASN A 75 13.61 -8.72 15.05
CA ASN A 75 13.89 -10.04 14.44
C ASN A 75 13.90 -9.93 12.91
N ALA A 76 13.27 -8.92 12.37
CA ALA A 76 13.24 -8.76 10.89
C ALA A 76 13.40 -7.29 10.51
N ARG A 77 14.14 -7.00 9.49
CA ARG A 77 14.33 -5.58 9.07
C ARG A 77 13.85 -5.38 7.63
N HIS A 78 14.09 -4.23 7.06
CA HIS A 78 13.64 -3.99 5.66
C HIS A 78 14.78 -3.41 4.83
N GLU A 79 14.57 -3.26 3.54
CA GLU A 79 15.65 -2.72 2.66
C GLU A 79 15.03 -1.94 1.49
N LEU A 80 15.63 -0.85 1.10
CA LEU A 80 15.08 -0.07 -0.03
C LEU A 80 15.91 -0.32 -1.30
N THR A 81 15.27 -0.38 -2.44
CA THR A 81 16.01 -0.64 -3.70
C THR A 81 16.69 0.63 -4.20
N ALA A 82 17.87 0.92 -3.73
CA ALA A 82 18.59 2.15 -4.19
C ALA A 82 17.68 3.37 -4.09
N GLY A 83 17.78 4.10 -3.02
CA GLY A 83 16.94 5.32 -2.87
C GLY A 83 15.52 4.92 -2.46
N LEU A 84 14.53 5.64 -2.94
CA LEU A 84 13.12 5.31 -2.59
C LEU A 84 12.38 4.74 -3.80
N LYS A 85 12.27 3.44 -3.87
CA LYS A 85 11.56 2.82 -5.02
C LYS A 85 10.79 1.57 -4.57
N ARG A 86 11.47 0.66 -3.93
CA ARG A 86 10.78 -0.58 -3.46
C ARG A 86 11.23 -0.91 -2.03
N MET A 87 10.64 -1.90 -1.42
CA MET A 87 11.04 -2.26 -0.03
C MET A 87 11.03 -3.78 0.16
N ARG A 88 12.10 -4.33 0.67
CA ARG A 88 12.14 -5.80 0.90
C ARG A 88 12.24 -6.09 2.39
N ILE A 89 11.54 -7.09 2.86
CA ILE A 89 11.63 -7.43 4.31
C ILE A 89 12.58 -8.61 4.53
N PHE A 90 13.71 -8.36 5.12
CA PHE A 90 14.70 -9.46 5.34
C PHE A 90 14.70 -9.89 6.80
N THR A 91 15.38 -10.96 7.11
CA THR A 91 15.44 -11.43 8.52
C THR A 91 16.88 -11.37 9.04
N ILE A 92 17.13 -10.60 10.06
CA ILE A 92 18.52 -10.50 10.59
C ILE A 92 18.79 -11.61 11.61
N LYS A 93 17.94 -12.60 11.68
CA LYS A 93 18.17 -13.71 12.65
C LYS A 93 17.07 -14.79 12.49
N PRO A 94 17.47 -16.03 12.61
CA PRO A 94 16.51 -17.15 12.48
C PRO A 94 15.24 -16.89 13.29
N ILE A 95 14.09 -17.16 12.72
CA ILE A 95 12.82 -16.90 13.45
C ILE A 95 12.06 -18.21 13.70
N ALA A 96 11.47 -18.36 14.86
CA ALA A 96 10.72 -19.61 15.17
C ALA A 96 9.25 -19.46 14.76
N ILE A 97 8.61 -20.55 14.46
CA ILE A 97 7.18 -20.49 14.04
C ILE A 97 6.35 -19.66 15.02
N GLY A 98 6.79 -19.53 16.23
CA GLY A 98 6.00 -18.74 17.23
C GLY A 98 6.73 -17.44 17.54
N GLU A 99 7.00 -16.62 16.55
CA GLU A 99 7.68 -15.33 16.82
C GLU A 99 6.89 -14.15 16.26
N GLU A 100 7.33 -12.95 16.50
CA GLU A 100 6.61 -11.77 15.96
C GLU A 100 7.54 -10.95 15.06
N ILE A 101 7.11 -10.64 13.88
CA ILE A 101 7.98 -9.86 12.95
C ILE A 101 7.68 -8.37 13.09
N THR A 102 8.67 -7.60 13.47
CA THR A 102 8.49 -6.13 13.63
C THR A 102 9.81 -5.42 13.36
N ILE A 103 9.82 -4.49 12.45
CA ILE A 103 11.09 -3.78 12.13
C ILE A 103 11.26 -2.55 13.02
N SER A 104 12.46 -2.07 13.15
CA SER A 104 12.71 -0.87 14.01
C SER A 104 12.42 0.41 13.23
N TYR A 105 12.99 1.50 13.64
CA TYR A 105 12.75 2.79 12.92
C TYR A 105 14.05 3.57 12.76
N GLY A 106 14.60 4.04 13.85
CA GLY A 106 15.87 4.82 13.78
C GLY A 106 16.06 5.62 15.06
N ASP A 107 16.94 6.59 15.04
CA ASP A 107 17.18 7.41 16.26
C ASP A 107 16.00 8.36 16.50
N ASP A 108 15.33 8.76 15.45
CA ASP A 108 14.17 9.68 15.61
C ASP A 108 12.95 8.92 16.12
N TYR A 109 12.35 8.10 15.30
CA TYR A 109 11.17 7.32 15.75
C TYR A 109 11.52 6.46 16.96
N TRP A 110 11.19 6.91 18.15
CA TRP A 110 11.50 6.11 19.36
C TRP A 110 12.99 5.74 19.38
N LEU A 111 13.38 4.90 20.30
CA LEU A 111 14.81 4.49 20.37
C LEU A 111 15.20 3.71 19.12
N SER A 112 16.47 3.67 18.80
CA SER A 112 16.91 2.92 17.60
C SER A 112 17.56 1.59 17.99
N ARG A 113 18.47 1.62 18.92
CA ARG A 113 19.14 0.36 19.35
C ARG A 113 18.65 -0.05 20.74
N PRO A 114 17.46 -0.57 20.81
CA PRO A 114 16.88 -1.00 22.11
C PRO A 114 17.64 -2.21 22.66
N ARG A 115 18.91 -2.04 22.94
CA ARG A 115 19.69 -3.18 23.50
C ARG A 115 19.57 -3.24 25.03
N LEU A 116 18.74 -2.41 25.60
CA LEU A 116 18.59 -2.42 27.09
C LEU A 116 19.96 -2.30 27.76
N THR A 117 20.00 -2.40 29.06
CA THR A 117 21.31 -2.28 29.78
C THR A 117 22.01 -0.97 29.43
N GLN A 118 22.00 -0.02 30.33
CA GLN A 118 22.66 1.29 30.06
C GLN A 118 22.05 1.95 28.82
N ASN A 119 22.49 1.59 27.65
CA ASN A 119 21.92 2.20 26.41
C ASN A 119 20.57 1.55 26.08
N GLY B 1 -1.43 18.71 25.66
CA GLY B 1 -0.76 17.39 25.53
C GLY B 1 0.74 17.61 25.28
N LYS B 2 1.20 17.35 24.09
CA LYS B 2 2.65 17.54 23.79
C LYS B 2 2.90 18.97 23.28
N ALA B 3 3.17 19.88 24.17
CA ALA B 3 3.43 21.29 23.74
C ALA B 3 2.27 21.79 22.87
N PRO B 4 1.09 21.84 23.44
CA PRO B 4 -0.09 22.32 22.70
C PRO B 4 0.11 23.76 22.23
N ARG B 5 0.14 24.69 23.14
CA ARG B 5 0.35 26.12 22.77
C ARG B 5 -0.70 26.56 21.74
N LYS B 6 -0.44 26.37 20.47
CA LYS B 6 -1.43 26.78 19.44
C LYS B 6 -1.37 25.84 18.23
N GLN B 7 -0.26 25.80 17.56
CA GLN B 7 -0.14 24.90 16.37
C GLN B 7 0.96 23.88 16.58
N LEU B 8 1.14 22.97 15.65
CA LEU B 8 2.19 21.94 15.79
C LEU B 8 2.62 21.42 14.43
N ALA B 9 3.14 22.28 13.60
CA ALA B 9 3.57 21.82 12.24
C ALA B 9 4.86 22.56 11.83
N THR B 10 5.96 22.20 12.42
CA THR B 10 7.25 22.87 12.07
C THR B 10 8.21 21.87 11.43
N LYS B 11 8.54 20.82 12.12
CA LYS B 11 9.47 19.81 11.56
C LYS B 11 9.50 18.55 12.43
N ALA B 12 9.76 17.42 11.85
CA ALA B 12 9.80 16.15 12.64
C ALA B 12 10.29 14.99 11.78
N ALA B 13 11.45 14.48 12.06
CA ALA B 13 11.99 13.35 11.25
C ALA B 13 11.00 12.18 11.27
N ARG B 14 11.10 11.29 10.31
CA ARG B 14 10.18 10.13 10.26
C ARG B 14 10.97 8.83 10.38
N SER B 16 13.64 6.44 10.21
CA SER B 16 15.07 6.59 9.78
C SER B 16 15.36 5.69 8.57
N ALA B 17 14.56 4.68 8.36
CA ALA B 17 14.79 3.77 7.21
C ALA B 17 16.22 3.20 7.24
N PRO B 18 16.54 2.42 6.24
CA PRO B 18 17.90 1.81 6.17
C PRO B 18 18.99 2.89 6.15
N ALA B 19 20.17 2.55 5.73
CA ALA B 19 21.26 3.55 5.68
C ALA B 19 22.44 3.02 4.86
N THR B 20 22.87 3.74 3.86
CA THR B 20 24.02 3.27 3.04
C THR B 20 25.10 4.34 2.97
N GLY B 21 24.73 5.57 2.75
CA GLY B 21 25.74 6.66 2.68
C GLY B 21 25.40 7.61 1.53
N MET C 1 3.12 -8.06 -7.43
CA MET C 1 4.36 -8.39 -8.17
C MET C 1 4.24 -9.78 -8.81
N PHE C 2 5.32 -10.30 -9.33
CA PHE C 2 5.28 -11.64 -10.00
C PHE C 2 4.81 -12.73 -9.03
N ASN C 3 3.51 -12.87 -8.88
CA ASN C 3 2.98 -13.94 -7.99
C ASN C 3 2.53 -15.13 -8.83
N ASP C 4 2.64 -16.33 -8.30
CA ASP C 4 2.25 -17.53 -9.09
C ASP C 4 0.85 -17.35 -9.71
N ARG C 5 0.04 -16.50 -9.15
CA ARG C 5 -1.34 -16.33 -9.70
C ARG C 5 -1.44 -15.04 -10.53
N VAL C 6 -0.66 -14.04 -10.20
CA VAL C 6 -0.74 -12.76 -10.97
C VAL C 6 0.61 -12.02 -10.91
N ILE C 7 1.06 -11.48 -12.00
CA ILE C 7 2.37 -10.77 -11.99
C ILE C 7 2.20 -9.30 -12.34
N VAL C 8 3.16 -8.48 -12.00
CA VAL C 8 3.07 -7.03 -12.33
C VAL C 8 3.63 -6.76 -13.71
N LYS C 9 2.86 -6.17 -14.58
CA LYS C 9 3.34 -5.88 -15.95
C LYS C 9 2.64 -4.62 -16.48
N LYS C 10 3.34 -3.62 -17.01
CA LYS C 10 4.84 -3.66 -17.15
C LYS C 10 5.31 -4.85 -18.00
N SER C 11 5.11 -4.77 -19.29
CA SER C 11 5.59 -5.87 -20.18
C SER C 11 5.39 -5.51 -21.66
N PRO C 12 4.21 -5.07 -22.01
CA PRO C 12 3.92 -4.72 -23.42
C PRO C 12 4.68 -3.45 -23.82
N LEU C 13 4.84 -2.53 -22.91
CA LEU C 13 5.58 -1.27 -23.24
C LEU C 13 5.59 -0.35 -22.01
N GLY C 14 4.54 -0.37 -21.24
CA GLY C 14 4.49 0.50 -20.03
C GLY C 14 3.12 0.37 -19.37
N GLY C 15 2.71 1.37 -18.64
CA GLY C 15 1.38 1.32 -17.96
C GLY C 15 1.40 0.21 -16.90
N TYR C 16 1.78 0.53 -15.69
CA TYR C 16 1.81 -0.50 -14.63
C TYR C 16 0.43 -1.13 -14.45
N GLY C 17 0.19 -2.24 -15.09
CA GLY C 17 -1.14 -2.91 -14.94
C GLY C 17 -0.91 -4.32 -14.39
N VAL C 18 -1.95 -5.01 -14.03
CA VAL C 18 -1.78 -6.40 -13.51
C VAL C 18 -1.90 -7.39 -14.66
N PHE C 19 -1.09 -8.41 -14.66
CA PHE C 19 -1.17 -9.42 -15.76
C PHE C 19 -1.80 -10.70 -15.25
N ALA C 20 -2.76 -11.22 -15.97
CA ALA C 20 -3.43 -12.47 -15.53
C ALA C 20 -2.68 -13.70 -16.03
N ARG C 21 -1.72 -14.17 -15.27
CA ARG C 21 -0.98 -15.39 -15.68
C ARG C 21 -1.91 -16.61 -15.64
N LYS C 22 -3.05 -16.47 -15.00
CA LYS C 22 -4.01 -17.61 -14.93
C LYS C 22 -5.21 -17.31 -15.85
N SER C 23 -6.22 -18.15 -15.91
CA SER C 23 -6.27 -19.40 -15.10
C SER C 23 -7.33 -19.26 -13.99
N PHE C 24 -8.26 -18.37 -14.18
CA PHE C 24 -9.32 -18.17 -13.13
C PHE C 24 -10.70 -18.48 -13.71
N GLU C 25 -11.67 -18.67 -12.87
CA GLU C 25 -13.05 -18.95 -13.37
C GLU C 25 -13.95 -17.74 -13.12
N LYS C 26 -15.20 -17.83 -13.49
CA LYS C 26 -16.12 -16.68 -13.26
C LYS C 26 -16.47 -16.56 -11.78
N GLY C 27 -15.84 -15.67 -11.08
CA GLY C 27 -16.13 -15.50 -9.63
C GLY C 27 -14.97 -16.06 -8.80
N GLU C 28 -13.81 -15.50 -8.94
CA GLU C 28 -12.63 -15.99 -8.17
C GLU C 28 -11.86 -14.82 -7.56
N LEU C 29 -11.69 -14.82 -6.26
CA LEU C 29 -10.94 -13.71 -5.61
C LEU C 29 -9.47 -13.74 -6.04
N VAL C 30 -8.95 -12.65 -6.51
CA VAL C 30 -7.52 -12.62 -6.94
C VAL C 30 -6.62 -12.24 -5.77
N GLU C 31 -6.98 -11.23 -5.03
CA GLU C 31 -6.15 -10.81 -3.87
C GLU C 31 -6.90 -9.80 -3.01
N GLU C 32 -6.59 -9.74 -1.74
CA GLU C 32 -7.29 -8.77 -0.85
C GLU C 32 -6.31 -8.16 0.15
N CYS C 33 -6.38 -6.88 0.36
CA CYS C 33 -5.44 -6.22 1.32
C CYS C 33 -6.14 -5.11 2.08
N LEU C 34 -5.40 -4.28 2.78
CA LEU C 34 -6.03 -3.18 3.55
C LEU C 34 -5.99 -1.87 2.76
N CYS C 35 -6.67 -0.87 3.24
CA CYS C 35 -6.67 0.44 2.53
C CYS C 35 -6.65 1.59 3.54
N ILE C 36 -6.76 2.81 3.09
CA ILE C 36 -6.75 3.95 4.03
C ILE C 36 -8.02 4.80 3.86
N VAL C 37 -8.45 5.46 4.91
CA VAL C 37 -9.69 6.29 4.80
C VAL C 37 -9.40 7.73 5.23
N ARG C 38 -9.28 8.64 4.29
CA ARG C 38 -9.03 10.06 4.65
C ARG C 38 -9.94 10.99 3.85
N HIS C 39 -10.36 12.08 4.43
CA HIS C 39 -11.25 13.02 3.69
C HIS C 39 -10.52 13.60 2.47
N ASN C 40 -11.19 14.40 1.69
CA ASN C 40 -10.54 14.99 0.49
C ASN C 40 -9.44 15.99 0.92
N ASP C 41 -9.41 17.18 0.36
CA ASP C 41 -8.36 18.18 0.75
C ASP C 41 -6.97 17.69 0.34
N ASP C 42 -5.96 18.05 1.08
CA ASP C 42 -4.56 17.63 0.73
C ASP C 42 -4.51 16.13 0.41
N TRP C 43 -5.41 15.36 0.95
CA TRP C 43 -5.42 13.90 0.67
C TRP C 43 -5.82 13.64 -0.79
N GLY C 44 -6.95 14.13 -1.21
CA GLY C 44 -7.39 13.90 -2.61
C GLY C 44 -6.36 14.48 -3.58
N THR C 45 -5.57 15.42 -3.14
CA THR C 45 -4.56 16.03 -4.05
C THR C 45 -3.23 15.25 -3.98
N ALA C 46 -2.63 15.18 -2.82
CA ALA C 46 -1.34 14.43 -2.70
C ALA C 46 -1.46 13.05 -3.34
N LEU C 47 -2.43 12.28 -2.93
CA LEU C 47 -2.63 10.93 -3.53
C LEU C 47 -3.64 11.03 -4.68
N GLU C 48 -3.65 12.12 -5.39
CA GLU C 48 -4.64 12.29 -6.50
C GLU C 48 -4.33 11.33 -7.66
N ASP C 49 -4.42 10.05 -7.43
CA ASP C 49 -4.14 9.09 -8.53
C ASP C 49 -4.55 7.67 -8.13
N TYR C 50 -4.38 7.31 -6.89
CA TYR C 50 -4.74 5.92 -6.47
C TYR C 50 -5.65 5.96 -5.22
N LEU C 51 -6.74 6.68 -5.28
CA LEU C 51 -7.64 6.75 -4.10
C LEU C 51 -9.07 6.36 -4.49
N PHE C 52 -9.58 5.30 -3.91
CA PHE C 52 -10.98 4.90 -4.20
C PHE C 52 -11.91 5.60 -3.20
N SER C 53 -12.57 6.65 -3.62
CA SER C 53 -13.43 7.40 -2.67
C SER C 53 -14.90 7.02 -2.81
N ARG C 54 -15.66 7.21 -1.78
CA ARG C 54 -17.11 6.87 -1.83
C ARG C 54 -17.93 8.10 -1.46
N LYS C 55 -19.21 7.95 -1.28
CA LYS C 55 -20.07 9.12 -0.92
C LYS C 55 -19.92 9.43 0.57
N ASN C 56 -18.86 10.10 0.92
CA ASN C 56 -18.64 10.44 2.35
C ASN C 56 -17.16 10.76 2.59
N MET C 57 -16.28 10.24 1.77
CA MET C 57 -14.82 10.53 1.97
C MET C 57 -13.98 9.90 0.86
N SER C 58 -12.69 9.86 1.04
CA SER C 58 -11.80 9.25 0.00
C SER C 58 -10.83 8.27 0.65
N ALA C 59 -10.59 7.15 0.02
CA ALA C 59 -9.66 6.14 0.61
C ALA C 59 -8.54 5.81 -0.37
N MET C 60 -7.55 5.07 0.06
CA MET C 60 -6.43 4.69 -0.85
C MET C 60 -6.38 3.18 -1.05
N ALA C 61 -5.88 2.73 -2.17
CA ALA C 61 -5.80 1.27 -2.43
C ALA C 61 -4.50 0.70 -1.88
N LEU C 62 -4.51 0.25 -0.64
CA LEU C 62 -3.27 -0.33 -0.04
C LEU C 62 -2.72 -1.46 -0.90
N GLY C 63 -3.47 -2.53 -1.04
CA GLY C 63 -2.98 -3.68 -1.85
C GLY C 63 -2.79 -3.26 -3.31
N PHE C 64 -3.16 -4.11 -4.23
CA PHE C 64 -3.00 -3.75 -5.67
C PHE C 64 -4.25 -3.05 -6.20
N GLY C 65 -4.80 -2.14 -5.44
CA GLY C 65 -6.01 -1.41 -5.90
C GLY C 65 -5.59 -0.23 -6.77
N ALA C 66 -4.37 0.23 -6.63
CA ALA C 66 -3.90 1.39 -7.43
C ALA C 66 -3.30 0.91 -8.76
N ILE C 67 -2.29 0.11 -8.70
CA ILE C 67 -1.61 -0.40 -9.94
C ILE C 67 -2.63 -0.84 -11.01
N PHE C 68 -3.84 -1.17 -10.64
CA PHE C 68 -4.83 -1.62 -11.67
C PHE C 68 -4.88 -0.63 -12.83
N ASN C 69 -5.26 -1.09 -14.00
CA ASN C 69 -5.29 -0.19 -15.17
C ASN C 69 -6.70 -0.09 -15.76
N HIS C 70 -6.83 0.54 -16.90
CA HIS C 70 -8.17 0.65 -17.55
C HIS C 70 -8.26 -0.34 -18.72
N SER C 71 -9.44 -0.73 -19.10
CA SER C 71 -9.57 -1.69 -20.24
C SER C 71 -10.99 -1.65 -20.81
N LYS C 72 -11.11 -1.75 -22.11
CA LYS C 72 -12.46 -1.73 -22.73
C LYS C 72 -13.34 -2.83 -22.11
N ASP C 73 -12.74 -3.91 -21.66
CA ASP C 73 -13.54 -5.00 -21.06
C ASP C 73 -12.96 -5.39 -19.69
N PRO C 74 -13.48 -4.77 -18.66
CA PRO C 74 -12.99 -5.07 -17.29
C PRO C 74 -13.06 -6.56 -17.00
N ASN C 75 -11.95 -7.23 -17.02
CA ASN C 75 -11.95 -8.70 -16.75
C ASN C 75 -11.96 -8.96 -15.24
N ALA C 76 -11.53 -8.00 -14.47
CA ALA C 76 -11.51 -8.20 -12.99
C ALA C 76 -11.95 -6.90 -12.27
N ARG C 77 -12.72 -7.02 -11.23
CA ARG C 77 -13.18 -5.81 -10.50
C ARG C 77 -12.73 -5.87 -9.04
N HIS C 78 -13.19 -4.96 -8.23
CA HIS C 78 -12.77 -4.96 -6.80
C HIS C 78 -13.99 -4.85 -5.88
N GLU C 79 -13.79 -4.96 -4.59
CA GLU C 79 -14.94 -4.87 -3.64
C GLU C 79 -14.48 -4.29 -2.30
N LEU C 80 -15.27 -3.46 -1.69
CA LEU C 80 -14.88 -2.88 -0.38
C LEU C 80 -15.62 -3.59 0.76
N THR C 81 -14.96 -3.78 1.87
CA THR C 81 -15.62 -4.49 3.01
C THR C 81 -16.53 -3.52 3.78
N ALA C 82 -17.75 -3.37 3.35
CA ALA C 82 -18.68 -2.45 4.07
C ALA C 82 -18.04 -1.07 4.28
N GLY C 83 -18.30 -0.14 3.41
CA GLY C 83 -17.72 1.22 3.58
C GLY C 83 -16.25 1.21 3.14
N LEU C 84 -15.42 1.96 3.81
CA LEU C 84 -13.98 2.01 3.43
C LEU C 84 -13.12 1.33 4.49
N LYS C 85 -12.75 0.10 4.26
CA LYS C 85 -11.92 -0.63 5.26
C LYS C 85 -10.93 -1.56 4.55
N ARG C 86 -11.41 -2.41 3.69
CA ARG C 86 -10.50 -3.34 2.96
C ARG C 86 -10.90 -3.40 1.48
N MET C 87 -10.14 -4.09 0.68
CA MET C 87 -10.47 -4.18 -0.77
C MET C 87 -10.17 -5.56 -1.31
N ARG C 88 -11.11 -6.19 -1.97
CA ARG C 88 -10.86 -7.54 -2.54
C ARG C 88 -10.93 -7.47 -4.07
N ILE C 89 -10.06 -8.19 -4.74
CA ILE C 89 -10.10 -8.18 -6.23
C ILE C 89 -10.80 -9.43 -6.74
N PHE C 90 -11.97 -9.28 -7.30
CA PHE C 90 -12.72 -10.46 -7.81
C PHE C 90 -12.66 -10.53 -9.33
N THR C 91 -13.12 -11.60 -9.90
CA THR C 91 -13.11 -11.73 -11.38
C THR C 91 -14.54 -11.83 -11.91
N ILE C 92 -14.95 -10.90 -12.74
CA ILE C 92 -16.34 -10.96 -13.27
C ILE C 92 -16.40 -11.82 -14.54
N LYS C 93 -15.37 -12.58 -14.81
CA LYS C 93 -15.39 -13.44 -16.02
C LYS C 93 -14.11 -14.30 -16.08
N PRO C 94 -14.25 -15.52 -16.51
CA PRO C 94 -13.09 -16.43 -16.60
C PRO C 94 -11.90 -15.74 -17.30
N ILE C 95 -10.72 -15.91 -16.77
CA ILE C 95 -9.52 -15.25 -17.38
C ILE C 95 -8.53 -16.29 -17.91
N ALA C 96 -7.94 -16.03 -19.05
CA ALA C 96 -6.96 -17.00 -19.62
C ALA C 96 -5.54 -16.67 -19.13
N ILE C 97 -4.69 -17.67 -19.08
CA ILE C 97 -3.30 -17.42 -18.61
C ILE C 97 -2.67 -16.23 -19.33
N GLY C 98 -3.15 -15.91 -20.50
CA GLY C 98 -2.55 -14.77 -21.25
C GLY C 98 -3.52 -13.59 -21.28
N GLU C 99 -3.93 -13.10 -20.14
CA GLU C 99 -4.86 -11.94 -20.12
C GLU C 99 -4.31 -10.81 -19.25
N GLU C 100 -4.98 -9.69 -19.23
CA GLU C 100 -4.49 -8.56 -18.39
C GLU C 100 -5.55 -8.16 -17.37
N ILE C 101 -5.18 -8.08 -16.13
CA ILE C 101 -6.16 -7.72 -15.08
C ILE C 101 -6.19 -6.21 -14.84
N THR C 102 -7.31 -5.59 -15.07
CA THR C 102 -7.42 -4.12 -14.88
C THR C 102 -8.85 -3.76 -14.48
N ILE C 103 -9.03 -3.09 -13.37
CA ILE C 103 -10.41 -2.74 -12.94
C ILE C 103 -10.83 -1.39 -13.52
N SER C 104 -12.11 -1.14 -13.58
CA SER C 104 -12.59 0.16 -14.13
C SER C 104 -12.55 1.25 -13.06
N TYR C 105 -13.34 2.28 -13.22
CA TYR C 105 -13.34 3.37 -12.21
C TYR C 105 -14.77 3.83 -11.92
N GLY C 106 -15.42 4.43 -12.88
CA GLY C 106 -16.82 4.89 -12.66
C GLY C 106 -17.18 5.93 -13.73
N ASP C 107 -18.23 6.67 -13.51
CA ASP C 107 -18.64 7.70 -14.51
C ASP C 107 -17.68 8.89 -14.47
N ASP C 108 -17.09 9.16 -13.35
CA ASP C 108 -16.14 10.30 -13.24
C ASP C 108 -14.80 9.93 -13.89
N TYR C 109 -14.05 9.07 -13.26
CA TYR C 109 -12.73 8.67 -13.83
C TYR C 109 -12.92 8.07 -15.23
N TRP C 110 -12.71 8.84 -16.25
CA TRP C 110 -12.88 8.32 -17.64
C TRP C 110 -14.26 7.67 -17.80
N LEU C 111 -14.50 7.01 -18.90
CA LEU C 111 -15.82 6.37 -19.11
C LEU C 111 -16.03 5.24 -18.09
N SER C 112 -17.26 4.88 -17.84
CA SER C 112 -17.53 3.80 -16.85
C SER C 112 -17.90 2.50 -17.58
N ARG C 113 -18.82 2.57 -18.50
CA ARG C 113 -19.22 1.34 -19.24
C ARG C 113 -18.69 1.39 -20.68
N PRO C 114 -17.41 1.13 -20.82
CA PRO C 114 -16.78 1.15 -22.17
C PRO C 114 -17.29 -0.02 -23.01
N ARG C 115 -18.57 -0.04 -23.29
CA ARG C 115 -19.14 -1.14 -24.12
C ARG C 115 -19.02 -0.81 -25.61
N LEU C 116 -18.39 0.28 -25.95
CA LEU C 116 -18.25 0.65 -27.39
C LEU C 116 -19.63 0.66 -28.06
N THR C 117 -19.67 0.86 -29.35
CA THR C 117 -20.98 0.88 -30.06
C THR C 117 -21.93 1.92 -29.43
N GLN C 118 -22.12 3.04 -30.08
CA GLN C 118 -23.03 4.08 -29.53
C GLN C 118 -22.53 4.55 -28.16
N ASN C 119 -22.88 3.83 -27.11
CA ASN C 119 -22.42 4.24 -25.76
C ASN C 119 -20.97 3.80 -25.53
N GLY D 1 -2.78 24.32 -20.36
CA GLY D 1 -3.19 22.91 -20.57
C GLY D 1 -4.69 22.76 -20.32
N LYS D 2 -5.07 22.14 -19.25
CA LYS D 2 -6.53 21.97 -18.95
C LYS D 2 -7.04 23.16 -18.14
N ALA D 3 -7.51 24.18 -18.79
CA ALA D 3 -8.03 25.37 -18.05
C ALA D 3 -6.98 25.87 -17.05
N PRO D 4 -5.85 26.28 -17.56
CA PRO D 4 -4.77 26.79 -16.68
C PRO D 4 -5.25 28.00 -15.89
N ARG D 5 -5.47 29.10 -16.56
CA ARG D 5 -5.95 30.34 -15.86
C ARG D 5 -4.99 30.72 -14.72
N LYS D 6 -5.19 30.19 -13.55
CA LYS D 6 -4.29 30.53 -12.42
C LYS D 6 -4.14 29.33 -11.47
N GLN D 7 -5.21 28.91 -10.85
CA GLN D 7 -5.13 27.76 -9.92
C GLN D 7 -6.01 26.61 -10.40
N LEU D 8 -5.99 25.50 -9.72
CA LEU D 8 -6.83 24.35 -10.15
C LEU D 8 -7.12 23.43 -8.95
N ALA D 9 -7.79 23.95 -7.95
CA ALA D 9 -8.11 23.13 -6.76
C ALA D 9 -9.50 23.46 -6.23
N THR D 10 -10.52 23.05 -6.93
CA THR D 10 -11.91 23.36 -6.47
C THR D 10 -12.64 22.07 -6.11
N LYS D 11 -12.77 21.16 -7.05
CA LYS D 11 -13.47 19.89 -6.77
C LYS D 11 -13.27 18.89 -7.91
N ALA D 12 -13.29 17.61 -7.62
CA ALA D 12 -13.10 16.61 -8.70
C ALA D 12 -13.33 15.20 -8.14
N ALA D 13 -14.38 14.55 -8.58
CA ALA D 13 -14.66 13.18 -8.07
C ALA D 13 -13.47 12.25 -8.33
N ARG D 14 -13.38 11.17 -7.61
CA ARG D 14 -12.24 10.23 -7.82
C ARG D 14 -12.76 8.86 -8.26
N SER D 16 -14.90 6.03 -8.74
CA SER D 16 -16.33 5.79 -8.34
C SER D 16 -16.41 4.60 -7.39
N ALA D 17 -15.43 3.74 -7.39
CA ALA D 17 -15.46 2.55 -6.49
C ALA D 17 -16.74 1.74 -6.71
N PRO D 18 -16.90 0.69 -5.94
CA PRO D 18 -18.09 -0.16 -6.06
C PRO D 18 -19.37 0.65 -5.81
N ALA D 19 -20.46 -0.02 -5.52
CA ALA D 19 -21.73 0.71 -5.28
C ALA D 19 -22.77 -0.22 -4.65
N THR D 20 -23.32 0.16 -3.52
CA THR D 20 -24.34 -0.71 -2.87
C THR D 20 -25.62 0.08 -2.59
N GLY D 21 -25.49 1.27 -2.06
CA GLY D 21 -26.69 2.09 -1.77
C GLY D 21 -26.53 2.78 -0.43
N MET A 1 -1.38 -9.13 4.65
CA MET A 1 -2.52 -10.11 4.72
C MET A 1 -2.01 -11.45 5.23
N PHE A 2 -2.77 -12.50 5.04
CA PHE A 2 -2.33 -13.84 5.51
C PHE A 2 -1.53 -14.56 4.42
N ASN A 3 -0.41 -15.11 4.76
CA ASN A 3 0.43 -15.82 3.75
C ASN A 3 1.22 -16.95 4.42
N ASP A 4 1.35 -18.07 3.76
CA ASP A 4 2.11 -19.21 4.36
C ASP A 4 3.45 -18.75 4.92
N ARG A 5 4.18 -17.96 4.18
CA ARG A 5 5.50 -17.47 4.68
C ARG A 5 5.31 -16.39 5.76
N VAL A 6 4.29 -15.59 5.63
CA VAL A 6 4.05 -14.52 6.65
C VAL A 6 2.57 -14.17 6.72
N ILE A 7 2.03 -14.08 7.89
CA ILE A 7 0.59 -13.74 8.03
C ILE A 7 0.39 -12.41 8.75
N VAL A 8 -0.73 -11.77 8.53
CA VAL A 8 -0.96 -10.46 9.19
C VAL A 8 -1.64 -10.65 10.55
N LYS A 9 -1.03 -10.16 11.59
CA LYS A 9 -1.65 -10.29 12.94
C LYS A 9 -1.21 -9.11 13.83
N LYS A 10 -2.12 -8.31 14.37
CA LYS A 10 -3.59 -8.49 14.22
C LYS A 10 -4.05 -9.86 14.75
N SER A 11 -3.95 -10.06 16.04
CA SER A 11 -4.39 -11.36 16.61
C SER A 11 -4.54 -11.26 18.14
N PRO A 12 -3.45 -10.98 18.79
CA PRO A 12 -3.47 -10.88 20.28
C PRO A 12 -4.13 -9.58 20.74
N LEU A 13 -5.33 -9.31 20.28
CA LEU A 13 -6.04 -8.06 20.71
C LEU A 13 -5.11 -6.84 20.61
N GLY A 14 -4.12 -6.90 19.75
CA GLY A 14 -3.17 -5.76 19.62
C GLY A 14 -3.59 -4.87 18.45
N GLY A 15 -2.67 -4.53 17.59
CA GLY A 15 -3.01 -3.67 16.43
C GLY A 15 -2.66 -4.38 15.13
N TYR A 16 -1.59 -4.01 14.50
CA TYR A 16 -1.20 -4.66 13.22
C TYR A 16 0.31 -4.89 13.15
N GLY A 17 0.74 -6.11 13.24
CA GLY A 17 2.20 -6.41 13.16
C GLY A 17 2.42 -7.57 12.18
N VAL A 18 3.65 -7.91 11.89
CA VAL A 18 3.88 -9.04 10.94
C VAL A 18 4.15 -10.33 11.73
N PHE A 19 3.31 -11.32 11.58
CA PHE A 19 3.53 -12.59 12.32
C PHE A 19 4.41 -13.52 11.49
N ALA A 20 5.48 -14.00 12.07
CA ALA A 20 6.39 -14.90 11.31
C ALA A 20 5.98 -16.36 11.48
N ARG A 21 5.09 -16.84 10.67
CA ARG A 21 4.70 -18.28 10.75
C ARG A 21 5.94 -19.16 10.54
N LYS A 22 6.98 -18.61 9.95
CA LYS A 22 8.23 -19.37 9.74
C LYS A 22 9.29 -18.88 10.75
N SER A 23 10.50 -19.42 10.76
CA SER A 23 10.88 -20.50 9.79
C SER A 23 11.81 -19.90 8.71
N PHE A 24 12.46 -18.82 9.02
CA PHE A 24 13.35 -18.18 8.01
C PHE A 24 14.81 -18.21 8.48
N GLU A 25 15.74 -18.14 7.56
CA GLU A 25 17.16 -18.15 7.95
C GLU A 25 17.72 -16.73 7.95
N LYS A 26 18.86 -16.52 8.56
CA LYS A 26 19.45 -15.15 8.58
C LYS A 26 19.77 -14.69 7.16
N GLY A 27 18.80 -14.13 6.48
CA GLY A 27 19.05 -13.65 5.08
C GLY A 27 17.94 -14.15 4.17
N GLU A 28 16.71 -14.05 4.59
CA GLU A 28 15.59 -14.52 3.74
C GLU A 28 14.64 -13.36 3.41
N LEU A 29 14.60 -12.95 2.18
CA LEU A 29 13.70 -11.82 1.79
C LEU A 29 12.27 -12.11 2.25
N VAL A 30 11.76 -11.31 3.15
CA VAL A 30 10.37 -11.53 3.64
C VAL A 30 9.39 -10.76 2.75
N GLU A 31 9.26 -11.16 1.51
CA GLU A 31 8.31 -10.45 0.59
C GLU A 31 8.68 -8.97 0.49
N GLU A 32 8.18 -8.28 -0.50
CA GLU A 32 8.49 -6.84 -0.64
C GLU A 32 7.30 -6.09 -1.24
N CYS A 33 7.32 -4.79 -1.20
CA CYS A 33 6.19 -4.00 -1.77
C CYS A 33 6.68 -2.65 -2.28
N LEU A 34 5.79 -1.86 -2.82
CA LEU A 34 6.20 -0.51 -3.33
C LEU A 34 5.97 0.55 -2.25
N CYS A 35 6.23 1.79 -2.58
CA CYS A 35 6.03 2.88 -1.57
C CYS A 35 5.67 4.19 -2.28
N ILE A 36 5.38 5.22 -1.52
CA ILE A 36 5.03 6.52 -2.15
C ILE A 36 6.17 7.52 -1.92
N VAL A 37 6.45 8.35 -2.90
CA VAL A 37 7.56 9.33 -2.73
C VAL A 37 7.02 10.76 -2.81
N ARG A 38 7.10 11.51 -1.74
CA ARG A 38 6.59 12.90 -1.77
C ARG A 38 7.45 13.80 -0.87
N HIS A 39 7.45 15.09 -1.12
CA HIS A 39 8.26 16.00 -0.29
C HIS A 39 7.51 16.34 1.01
N ASN A 40 8.13 17.11 1.87
CA ASN A 40 7.47 17.47 3.16
C ASN A 40 6.22 18.33 2.89
N ASP A 41 6.02 19.41 3.61
CA ASP A 41 4.81 20.27 3.37
C ASP A 41 3.53 19.49 3.72
N ASP A 42 2.45 19.78 3.02
CA ASP A 42 1.15 19.08 3.32
C ASP A 42 1.37 17.57 3.45
N TRP A 43 2.19 17.00 2.60
CA TRP A 43 2.44 15.54 2.70
C TRP A 43 3.07 15.21 4.05
N GLY A 44 3.89 16.09 4.57
CA GLY A 44 4.53 15.83 5.88
C GLY A 44 3.45 15.80 6.97
N THR A 45 2.45 16.61 6.85
CA THR A 45 1.37 16.61 7.90
C THR A 45 0.35 15.51 7.62
N ALA A 46 -0.27 15.52 6.47
CA ALA A 46 -1.29 14.47 6.15
C ALA A 46 -0.73 13.09 6.46
N LEU A 47 0.33 12.71 5.82
CA LEU A 47 0.93 11.37 6.09
C LEU A 47 2.00 11.48 7.19
N GLU A 48 1.86 12.41 8.09
CA GLU A 48 2.87 12.58 9.17
C GLU A 48 3.22 11.24 9.82
N ASP A 49 2.33 10.27 9.75
CA ASP A 49 2.63 8.96 10.36
C ASP A 49 2.79 7.90 9.26
N TYR A 50 3.30 6.76 9.61
CA TYR A 50 3.48 5.67 8.60
C TYR A 50 4.26 6.21 7.39
N LEU A 51 5.12 7.16 7.61
CA LEU A 51 5.89 7.75 6.48
C LEU A 51 7.39 7.48 6.64
N PHE A 52 7.97 6.76 5.74
CA PHE A 52 9.44 6.51 5.81
C PHE A 52 10.18 7.63 5.06
N SER A 53 10.83 8.50 5.77
CA SER A 53 11.52 9.63 5.09
C SER A 53 13.03 9.43 5.07
N ARG A 54 13.70 10.01 4.11
CA ARG A 54 15.17 9.88 4.03
C ARG A 54 15.81 11.26 3.85
N LYS A 55 17.08 11.31 3.59
CA LYS A 55 17.75 12.63 3.42
C LYS A 55 17.55 13.12 1.99
N ASN A 56 16.39 13.66 1.74
CA ASN A 56 16.07 14.15 0.37
C ASN A 56 14.56 14.35 0.23
N MET A 57 13.78 13.62 0.98
CA MET A 57 12.29 13.77 0.88
C MET A 57 11.58 12.88 1.90
N SER A 58 10.30 12.67 1.73
CA SER A 58 9.56 11.82 2.69
C SER A 58 8.62 10.87 1.93
N ALA A 59 8.89 9.59 1.97
CA ALA A 59 8.02 8.62 1.25
C ALA A 59 7.10 7.90 2.25
N MET A 60 6.18 7.10 1.76
CA MET A 60 5.27 6.37 2.68
C MET A 60 5.56 4.87 2.61
N ALA A 61 5.07 4.12 3.57
CA ALA A 61 5.29 2.64 3.53
C ALA A 61 4.18 2.02 2.69
N LEU A 62 4.39 1.95 1.41
CA LEU A 62 3.34 1.44 0.50
C LEU A 62 2.69 0.15 1.03
N GLY A 63 3.29 -0.97 0.76
CA GLY A 63 2.70 -2.26 1.22
C GLY A 63 2.67 -2.31 2.75
N PHE A 64 3.12 -3.40 3.33
CA PHE A 64 3.11 -3.51 4.80
C PHE A 64 4.34 -2.83 5.42
N GLY A 65 4.59 -1.60 5.05
CA GLY A 65 5.76 -0.89 5.62
C GLY A 65 5.33 -0.12 6.87
N ALA A 66 4.07 0.21 6.97
CA ALA A 66 3.58 0.96 8.17
C ALA A 66 3.14 -0.02 9.26
N ILE A 67 2.54 -1.11 8.89
CA ILE A 67 2.06 -2.09 9.92
C ILE A 67 3.23 -2.54 10.80
N PHE A 68 4.44 -2.40 10.34
CA PHE A 68 5.59 -2.82 11.18
C PHE A 68 5.56 -2.10 12.53
N ASN A 69 5.52 -2.84 13.60
CA ASN A 69 5.47 -2.20 14.95
C ASN A 69 6.89 -1.96 15.47
N HIS A 70 7.01 -1.35 16.62
CA HIS A 70 8.35 -1.07 17.19
C HIS A 70 8.73 -2.15 18.21
N SER A 71 9.72 -2.95 17.89
CA SER A 71 10.14 -4.02 18.85
C SER A 71 11.57 -3.78 19.32
N LYS A 72 11.93 -4.31 20.46
CA LYS A 72 13.32 -4.11 20.96
C LYS A 72 14.31 -4.94 20.14
N ASP A 73 13.85 -5.98 19.50
CA ASP A 73 14.77 -6.82 18.68
C ASP A 73 14.15 -7.08 17.30
N PRO A 74 14.17 -6.06 16.46
CA PRO A 74 13.60 -6.21 15.10
C PRO A 74 14.41 -7.21 14.29
N ASN A 75 14.00 -8.45 14.27
CA ASN A 75 14.74 -9.49 13.50
C ASN A 75 14.56 -9.27 11.99
N ALA A 76 13.62 -8.43 11.60
CA ALA A 76 13.42 -8.19 10.15
C ALA A 76 13.73 -6.73 9.81
N ARG A 77 14.71 -6.50 8.98
CA ARG A 77 15.06 -5.10 8.60
C ARG A 77 14.42 -4.74 7.25
N HIS A 78 14.53 -3.51 6.85
CA HIS A 78 13.91 -3.11 5.55
C HIS A 78 14.99 -2.57 4.59
N GLU A 79 14.81 -2.79 3.32
CA GLU A 79 15.81 -2.30 2.32
C GLU A 79 15.12 -1.48 1.24
N LEU A 80 15.72 -0.39 0.82
CA LEU A 80 15.09 0.46 -0.23
C LEU A 80 15.92 0.41 -1.51
N THR A 81 15.28 0.21 -2.63
CA THR A 81 16.02 0.17 -3.92
C THR A 81 16.80 1.46 -4.13
N ALA A 82 17.28 1.69 -5.32
CA ALA A 82 18.04 2.95 -5.59
C ALA A 82 17.09 4.14 -5.66
N GLY A 83 16.37 4.41 -4.62
CA GLY A 83 15.43 5.56 -4.63
C GLY A 83 14.43 5.43 -3.47
N LEU A 84 13.17 5.59 -3.76
CA LEU A 84 12.13 5.47 -2.68
C LEU A 84 10.82 4.94 -3.27
N LYS A 85 10.90 4.17 -4.31
CA LYS A 85 9.66 3.64 -4.94
C LYS A 85 9.41 2.19 -4.51
N ARG A 86 10.46 1.41 -4.37
CA ARG A 86 10.26 -0.02 -3.98
C ARG A 86 11.26 -0.42 -2.90
N MET A 87 10.86 -1.27 -1.99
CA MET A 87 11.79 -1.73 -0.92
C MET A 87 11.43 -3.15 -0.48
N ARG A 88 12.39 -3.93 -0.10
CA ARG A 88 12.10 -5.34 0.32
C ARG A 88 12.38 -5.51 1.81
N ILE A 89 11.85 -6.55 2.41
CA ILE A 89 12.10 -6.77 3.86
C ILE A 89 13.01 -8.00 4.05
N PHE A 90 14.03 -7.87 4.85
CA PHE A 90 14.95 -9.02 5.06
C PHE A 90 14.93 -9.47 6.52
N THR A 91 15.72 -10.45 6.86
CA THR A 91 15.75 -10.94 8.27
C THR A 91 17.18 -10.91 8.81
N ILE A 92 17.49 -9.97 9.66
CA ILE A 92 18.86 -9.90 10.23
C ILE A 92 19.19 -11.19 11.00
N LYS A 93 18.19 -11.96 11.34
CA LYS A 93 18.46 -13.22 12.08
C LYS A 93 17.40 -14.27 11.71
N PRO A 94 17.71 -15.52 11.94
CA PRO A 94 16.75 -16.61 11.62
C PRO A 94 15.49 -16.46 12.47
N ILE A 95 14.34 -16.51 11.85
CA ILE A 95 13.07 -16.34 12.63
C ILE A 95 12.44 -17.70 12.93
N ALA A 96 11.63 -17.76 13.96
CA ALA A 96 10.99 -19.06 14.33
C ALA A 96 9.50 -19.03 14.03
N ILE A 97 8.91 -20.18 13.86
CA ILE A 97 7.46 -20.25 13.57
C ILE A 97 6.65 -19.64 14.72
N GLY A 98 6.14 -18.46 14.53
CA GLY A 98 5.35 -17.80 15.61
C GLY A 98 6.17 -16.66 16.22
N GLU A 99 7.00 -16.03 15.44
CA GLU A 99 7.83 -14.92 15.96
C GLU A 99 7.24 -13.57 15.54
N GLU A 100 7.50 -12.53 16.26
CA GLU A 100 6.94 -11.19 15.89
C GLU A 100 7.89 -10.47 14.93
N ILE A 101 7.45 -10.20 13.73
CA ILE A 101 8.33 -9.50 12.75
C ILE A 101 8.03 -8.00 12.76
N THR A 102 9.07 -7.20 12.86
CA THR A 102 8.91 -5.72 12.86
C THR A 102 10.19 -5.07 12.36
N ILE A 103 10.17 -3.79 12.10
CA ILE A 103 11.40 -3.11 11.60
C ILE A 103 11.73 -1.86 12.43
N SER A 104 11.01 -1.63 13.48
CA SER A 104 11.28 -0.43 14.32
C SER A 104 11.23 0.83 13.46
N TYR A 105 11.97 1.85 13.83
CA TYR A 105 11.95 3.11 13.02
C TYR A 105 13.38 3.62 12.80
N GLY A 106 13.97 4.25 13.78
CA GLY A 106 15.35 4.77 13.59
C GLY A 106 15.89 5.33 14.91
N ASP A 107 16.88 6.18 14.85
CA ASP A 107 17.45 6.76 16.11
C ASP A 107 16.72 8.05 16.47
N ASP A 108 15.55 8.26 15.94
CA ASP A 108 14.80 9.50 16.27
C ASP A 108 13.32 9.18 16.51
N TYR A 109 12.70 8.52 15.57
CA TYR A 109 11.27 8.16 15.74
C TYR A 109 11.09 7.28 16.98
N TRP A 110 10.32 7.75 17.94
CA TRP A 110 10.09 6.95 19.18
C TRP A 110 11.41 6.60 19.87
N LEU A 111 12.06 5.54 19.46
CA LEU A 111 13.35 5.15 20.11
C LEU A 111 14.40 6.24 19.91
N SER A 112 15.65 5.87 19.79
CA SER A 112 16.71 6.89 19.63
C SER A 112 18.06 6.23 19.31
N ARG A 113 18.38 5.18 20.01
CA ARG A 113 19.67 4.48 19.75
C ARG A 113 19.46 2.97 19.63
N PRO A 114 20.20 2.36 18.74
CA PRO A 114 20.07 0.89 18.54
C PRO A 114 20.89 0.14 19.60
N ARG A 115 20.40 0.08 20.80
CA ARG A 115 21.16 -0.63 21.88
C ARG A 115 20.21 -1.09 22.98
N LEU A 116 20.22 -2.37 23.28
CA LEU A 116 19.32 -2.89 24.35
C LEU A 116 20.15 -3.58 25.45
N THR A 117 20.77 -4.67 25.12
CA THR A 117 21.59 -5.40 26.13
C THR A 117 23.08 -5.32 25.76
N GLN A 118 23.38 -5.33 24.49
CA GLN A 118 24.81 -5.26 24.06
C GLN A 118 24.90 -4.89 22.58
N ASN A 119 25.93 -5.34 21.91
CA ASN A 119 26.07 -5.02 20.46
C ASN A 119 27.22 -5.84 19.84
N GLY B 1 -8.46 16.99 30.45
CA GLY B 1 -8.75 16.69 29.02
C GLY B 1 -7.45 16.44 28.27
N LYS B 2 -6.60 17.43 28.18
CA LYS B 2 -5.31 17.24 27.45
C LYS B 2 -5.56 16.67 26.05
N ALA B 3 -4.52 16.25 25.38
CA ALA B 3 -4.70 15.67 24.01
C ALA B 3 -3.35 15.23 23.44
N PRO B 4 -2.43 16.16 23.31
CA PRO B 4 -1.09 15.82 22.78
C PRO B 4 -0.33 14.93 23.75
N ARG B 5 -0.66 14.98 25.01
CA ARG B 5 0.04 14.15 26.02
C ARG B 5 1.55 14.42 26.00
N LYS B 6 2.28 13.75 25.14
CA LYS B 6 3.74 13.98 25.07
C LYS B 6 4.29 13.60 23.69
N GLN B 7 4.19 12.34 23.34
CA GLN B 7 4.69 11.90 22.01
C GLN B 7 3.57 11.28 21.18
N LEU B 8 2.43 11.91 21.15
CA LEU B 8 1.29 11.36 20.37
C LEU B 8 1.40 11.77 18.89
N ALA B 9 1.49 13.04 18.63
CA ALA B 9 1.61 13.50 17.22
C ALA B 9 3.06 13.85 16.88
N THR B 10 3.81 12.90 16.40
CA THR B 10 5.23 13.17 16.06
C THR B 10 5.33 13.86 14.70
N LYS B 11 5.60 15.14 14.70
CA LYS B 11 5.71 15.87 13.41
C LYS B 11 7.16 15.89 12.93
N ALA B 12 8.03 16.53 13.66
CA ALA B 12 9.47 16.59 13.25
C ALA B 12 10.07 15.18 13.22
N ALA B 13 11.12 14.98 12.48
CA ALA B 13 11.76 13.63 12.41
C ALA B 13 10.77 12.58 11.90
N ARG B 14 11.25 11.57 11.23
CA ARG B 14 10.34 10.52 10.70
C ARG B 14 11.00 9.14 10.83
N SER B 16 13.42 6.38 10.54
CA SER B 16 14.85 6.38 10.11
C SER B 16 15.01 5.73 8.74
N ALA B 17 16.20 5.72 8.22
CA ALA B 17 16.42 5.09 6.87
C ALA B 17 17.34 3.88 7.00
N PRO B 18 17.41 3.10 5.95
CA PRO B 18 18.27 1.88 5.96
C PRO B 18 19.75 2.28 6.03
N ALA B 19 20.29 2.78 4.95
CA ALA B 19 21.72 3.18 4.95
C ALA B 19 21.91 4.49 4.19
N THR B 20 22.18 5.56 4.89
CA THR B 20 22.37 6.87 4.21
C THR B 20 22.79 7.95 5.21
N GLY B 21 23.62 7.60 6.16
CA GLY B 21 24.07 8.59 7.16
C GLY B 21 25.34 9.28 6.67
N MET C 1 2.86 -7.27 -6.69
CA MET C 1 4.15 -7.97 -6.96
C MET C 1 3.90 -9.22 -7.82
N PHE C 2 4.84 -10.12 -7.87
CA PHE C 2 4.64 -11.35 -8.69
C PHE C 2 4.00 -12.45 -7.84
N ASN C 3 3.00 -13.10 -8.37
CA ASN C 3 2.33 -14.18 -7.60
C ASN C 3 1.74 -15.22 -8.56
N ASP C 4 1.82 -16.48 -8.21
CA ASP C 4 1.28 -17.54 -9.11
C ASP C 4 -0.13 -17.19 -9.58
N ARG C 5 -0.98 -16.77 -8.70
CA ARG C 5 -2.37 -16.42 -9.10
C ARG C 5 -2.40 -15.09 -9.85
N VAL C 6 -1.54 -14.17 -9.49
CA VAL C 6 -1.52 -12.86 -10.19
C VAL C 6 -0.13 -12.24 -10.11
N ILE C 7 0.37 -11.74 -11.21
CA ILE C 7 1.74 -11.14 -11.20
C ILE C 7 1.67 -9.65 -11.55
N VAL C 8 2.64 -8.90 -11.13
CA VAL C 8 2.64 -7.43 -11.42
C VAL C 8 3.32 -7.15 -12.77
N LYS C 9 2.62 -6.51 -13.67
CA LYS C 9 3.23 -6.18 -14.98
C LYS C 9 2.57 -4.92 -15.55
N LYS C 10 3.31 -3.85 -15.84
CA LYS C 10 4.80 -3.80 -15.69
C LYS C 10 5.49 -4.88 -16.54
N SER C 11 5.41 -4.76 -17.82
CA SER C 11 6.10 -5.76 -18.71
C SER C 11 6.19 -5.25 -20.15
N PRO C 12 5.05 -5.01 -20.75
CA PRO C 12 5.03 -4.52 -22.16
C PRO C 12 5.45 -3.04 -22.25
N LEU C 13 6.58 -2.70 -21.69
CA LEU C 13 7.04 -1.27 -21.76
C LEU C 13 5.90 -0.31 -21.38
N GLY C 14 4.96 -0.76 -20.60
CA GLY C 14 3.82 0.11 -20.22
C GLY C 14 4.08 0.74 -18.85
N GLY C 15 3.12 0.66 -17.96
CA GLY C 15 3.31 1.25 -16.61
C GLY C 15 3.12 0.17 -15.55
N TYR C 16 1.99 0.17 -14.88
CA TYR C 16 1.76 -0.86 -13.83
C TYR C 16 0.32 -1.35 -13.87
N GLY C 17 0.11 -2.57 -14.29
CA GLY C 17 -1.27 -3.13 -14.33
C GLY C 17 -1.25 -4.53 -13.70
N VAL C 18 -2.39 -5.15 -13.54
CA VAL C 18 -2.41 -6.50 -12.93
C VAL C 18 -2.45 -7.58 -14.03
N PHE C 19 -1.44 -8.39 -14.12
CA PHE C 19 -1.44 -9.45 -15.16
C PHE C 19 -2.11 -10.71 -14.63
N ALA C 20 -3.08 -11.21 -15.35
CA ALA C 20 -3.81 -12.43 -14.87
C ALA C 20 -3.15 -13.70 -15.40
N ARG C 21 -2.16 -14.20 -14.71
CA ARG C 21 -1.52 -15.47 -15.14
C ARG C 21 -2.58 -16.58 -15.20
N LYS C 22 -3.68 -16.40 -14.53
CA LYS C 22 -4.78 -17.41 -14.56
C LYS C 22 -5.92 -16.87 -15.45
N SER C 23 -7.01 -17.60 -15.64
CA SER C 23 -7.18 -18.94 -15.00
C SER C 23 -8.17 -18.82 -13.84
N PHE C 24 -9.03 -17.83 -13.88
CA PHE C 24 -10.01 -17.64 -12.77
C PHE C 24 -11.43 -17.82 -13.29
N GLU C 25 -12.35 -18.16 -12.41
CA GLU C 25 -13.76 -18.32 -12.84
C GLU C 25 -14.57 -17.08 -12.49
N LYS C 26 -15.73 -16.93 -13.07
CA LYS C 26 -16.56 -15.73 -12.76
C LYS C 26 -16.95 -15.71 -11.29
N GLY C 27 -16.09 -15.18 -10.45
CA GLY C 27 -16.41 -15.13 -9.00
C GLY C 27 -15.21 -15.64 -8.19
N GLU C 28 -14.03 -15.22 -8.53
CA GLU C 28 -12.82 -15.68 -7.79
C GLU C 28 -12.10 -14.49 -7.15
N LEU C 29 -12.12 -14.42 -5.84
CA LEU C 29 -11.43 -13.28 -5.15
C LEU C 29 -9.98 -13.17 -5.61
N VAL C 30 -9.64 -12.10 -6.26
CA VAL C 30 -8.24 -11.93 -6.73
C VAL C 30 -7.40 -11.25 -5.65
N GLU C 31 -7.19 -11.92 -4.55
CA GLU C 31 -6.38 -11.32 -3.45
C GLU C 31 -7.00 -10.00 -2.99
N GLU C 32 -6.62 -9.52 -1.84
CA GLU C 32 -7.20 -8.24 -1.34
C GLU C 32 -6.16 -7.47 -0.52
N CYS C 33 -6.42 -6.22 -0.23
CA CYS C 33 -5.44 -5.42 0.55
C CYS C 33 -6.15 -4.35 1.39
N LEU C 34 -5.42 -3.58 2.13
CA LEU C 34 -6.06 -2.52 2.96
C LEU C 34 -6.05 -1.19 2.21
N CYS C 35 -6.53 -0.14 2.82
CA CYS C 35 -6.55 1.18 2.14
C CYS C 35 -6.42 2.32 3.16
N ILE C 36 -6.34 3.54 2.71
CA ILE C 36 -6.23 4.68 3.66
C ILE C 36 -7.52 5.48 3.66
N VAL C 37 -7.95 5.96 4.80
CA VAL C 37 -9.22 6.74 4.85
C VAL C 37 -8.94 8.17 5.32
N ARG C 38 -9.17 9.14 4.47
CA ARG C 38 -8.93 10.55 4.87
C ARG C 38 -9.95 11.48 4.21
N HIS C 39 -10.18 12.63 4.78
CA HIS C 39 -11.16 13.58 4.18
C HIS C 39 -10.51 14.37 3.03
N ASN C 40 -11.26 15.20 2.37
CA ASN C 40 -10.70 16.00 1.25
C ASN C 40 -9.61 16.97 1.78
N ASP C 41 -9.62 18.21 1.36
CA ASP C 41 -8.60 19.19 1.85
C ASP C 41 -7.20 18.78 1.37
N ASP C 42 -6.17 19.06 2.15
CA ASP C 42 -4.78 18.70 1.74
C ASP C 42 -4.72 17.27 1.21
N TRP C 43 -5.40 16.36 1.86
CA TRP C 43 -5.39 14.95 1.38
C TRP C 43 -5.96 14.87 -0.04
N GLY C 44 -6.94 15.69 -0.34
CA GLY C 44 -7.53 15.67 -1.70
C GLY C 44 -6.48 16.12 -2.72
N THR C 45 -5.64 17.04 -2.36
CA THR C 45 -4.60 17.51 -3.33
C THR C 45 -3.38 16.58 -3.30
N ALA C 46 -2.76 16.40 -2.17
CA ALA C 46 -1.57 15.51 -2.10
C ALA C 46 -1.86 14.17 -2.76
N LEU C 47 -2.84 13.46 -2.29
CA LEU C 47 -3.18 12.15 -2.91
C LEU C 47 -4.27 12.34 -3.98
N GLU C 48 -4.30 13.48 -4.61
CA GLU C 48 -5.35 13.74 -5.64
C GLU C 48 -5.45 12.57 -6.63
N ASP C 49 -4.41 11.80 -6.78
CA ASP C 49 -4.46 10.64 -7.71
C ASP C 49 -4.42 9.33 -6.93
N TYR C 50 -4.71 8.24 -7.58
CA TYR C 50 -4.68 6.92 -6.88
C TYR C 50 -5.52 6.97 -5.61
N LEU C 51 -6.55 7.79 -5.60
CA LEU C 51 -7.40 7.91 -4.39
C LEU C 51 -8.83 7.44 -4.66
N PHE C 52 -9.26 6.41 -3.99
CA PHE C 52 -10.65 5.93 -4.18
C PHE C 52 -11.57 6.65 -3.20
N SER C 53 -12.39 7.55 -3.69
CA SER C 53 -13.27 8.33 -2.76
C SER C 53 -14.71 7.86 -2.85
N ARG C 54 -15.46 8.05 -1.80
CA ARG C 54 -16.89 7.63 -1.81
C ARG C 54 -17.76 8.78 -1.28
N LYS C 55 -19.03 8.54 -1.11
CA LYS C 55 -19.93 9.62 -0.61
C LYS C 55 -19.77 9.76 0.90
N ASN C 56 -18.74 10.41 1.33
CA ASN C 56 -18.50 10.58 2.79
C ASN C 56 -17.06 11.01 3.03
N MET C 57 -16.16 10.65 2.15
CA MET C 57 -14.73 11.04 2.34
C MET C 57 -13.88 10.59 1.14
N SER C 58 -12.58 10.57 1.30
CA SER C 58 -11.69 10.14 0.18
C SER C 58 -10.59 9.21 0.70
N ALA C 59 -10.64 7.96 0.33
CA ALA C 59 -9.59 7.01 0.80
C ALA C 59 -8.57 6.74 -0.31
N MET C 60 -7.51 6.03 -0.01
CA MET C 60 -6.48 5.73 -1.05
C MET C 60 -6.48 4.24 -1.37
N ALA C 61 -5.92 3.86 -2.49
CA ALA C 61 -5.84 2.42 -2.84
C ALA C 61 -4.63 1.81 -2.14
N LEU C 62 -4.80 1.36 -0.93
CA LEU C 62 -3.66 0.84 -0.14
C LEU C 62 -2.79 -0.12 -0.96
N GLY C 63 -3.18 -1.38 -1.00
CA GLY C 63 -2.36 -2.37 -1.76
C GLY C 63 -2.34 -2.02 -3.25
N PHE C 64 -2.60 -2.98 -4.10
CA PHE C 64 -2.58 -2.71 -5.56
C PHE C 64 -3.92 -2.12 -6.01
N GLY C 65 -4.39 -1.10 -5.36
CA GLY C 65 -5.68 -0.48 -5.77
C GLY C 65 -5.41 0.64 -6.76
N ALA C 66 -4.24 1.20 -6.73
CA ALA C 66 -3.91 2.31 -7.69
C ALA C 66 -3.30 1.76 -8.97
N ILE C 67 -2.51 0.73 -8.87
CA ILE C 67 -1.88 0.15 -10.09
C ILE C 67 -2.95 -0.26 -11.11
N PHE C 68 -4.16 -0.46 -10.68
CA PHE C 68 -5.24 -0.85 -11.63
C PHE C 68 -5.35 0.18 -12.74
N ASN C 69 -5.19 -0.24 -13.97
CA ASN C 69 -5.27 0.72 -15.10
C ASN C 69 -6.72 0.84 -15.60
N HIS C 70 -6.96 1.70 -16.55
CA HIS C 70 -8.35 1.87 -17.08
C HIS C 70 -8.54 1.03 -18.35
N SER C 71 -9.35 0.01 -18.29
CA SER C 71 -9.58 -0.82 -19.50
C SER C 71 -11.03 -0.74 -19.95
N LYS C 72 -11.30 -1.02 -21.19
CA LYS C 72 -12.71 -0.94 -21.68
C LYS C 72 -13.53 -2.11 -21.13
N ASP C 73 -12.88 -3.18 -20.77
CA ASP C 73 -13.61 -4.36 -20.22
C ASP C 73 -12.95 -4.85 -18.93
N PRO C 74 -13.13 -4.10 -17.87
CA PRO C 74 -12.54 -4.49 -16.57
C PRO C 74 -13.14 -5.81 -16.07
N ASN C 75 -12.50 -6.91 -16.35
CA ASN C 75 -13.03 -8.22 -15.90
C ASN C 75 -12.88 -8.37 -14.37
N ALA C 76 -12.11 -7.51 -13.75
CA ALA C 76 -11.93 -7.62 -12.28
C ALA C 76 -12.49 -6.38 -11.59
N ARG C 77 -13.50 -6.55 -10.76
CA ARG C 77 -14.09 -5.38 -10.06
C ARG C 77 -13.51 -5.28 -8.64
N HIS C 78 -13.83 -4.23 -7.94
CA HIS C 78 -13.29 -4.07 -6.56
C HIS C 78 -14.43 -4.02 -5.53
N GLU C 79 -14.20 -4.51 -4.35
CA GLU C 79 -15.25 -4.48 -3.30
C GLU C 79 -14.71 -3.86 -2.01
N LEU C 80 -15.51 -3.04 -1.36
CA LEU C 80 -15.02 -2.40 -0.11
C LEU C 80 -15.82 -2.92 1.10
N THR C 81 -15.13 -3.29 2.15
CA THR C 81 -15.84 -3.79 3.36
C THR C 81 -16.84 -2.75 3.86
N ALA C 82 -17.34 -2.93 5.05
CA ALA C 82 -18.32 -1.95 5.61
C ALA C 82 -17.60 -0.66 6.02
N GLY C 83 -16.95 0.00 5.10
CA GLY C 83 -16.24 1.25 5.44
C GLY C 83 -15.25 1.61 4.32
N LEU C 84 -14.03 1.91 4.68
CA LEU C 84 -13.01 2.27 3.65
C LEU C 84 -11.62 1.84 4.12
N LYS C 85 -11.54 0.83 4.94
CA LYS C 85 -10.21 0.39 5.45
C LYS C 85 -9.71 -0.84 4.68
N ARG C 86 -10.59 -1.72 4.31
CA ARG C 86 -10.15 -2.94 3.57
C ARG C 86 -11.07 -3.23 2.39
N MET C 87 -10.53 -3.73 1.31
CA MET C 87 -11.37 -4.05 0.12
C MET C 87 -10.76 -5.22 -0.66
N ARG C 88 -11.58 -6.04 -1.26
CA ARG C 88 -11.04 -7.22 -2.01
C ARG C 88 -11.29 -7.05 -3.51
N ILE C 89 -10.59 -7.77 -4.32
CA ILE C 89 -10.81 -7.67 -5.80
C ILE C 89 -11.48 -8.94 -6.32
N PHE C 90 -12.52 -8.80 -7.11
CA PHE C 90 -13.22 -10.00 -7.63
C PHE C 90 -13.14 -10.05 -9.16
N THR C 91 -13.74 -11.04 -9.77
CA THR C 91 -13.69 -11.13 -11.26
C THR C 91 -15.11 -11.23 -11.82
N ILE C 92 -15.60 -10.18 -12.41
CA ILE C 92 -16.97 -10.21 -12.99
C ILE C 92 -17.07 -11.28 -14.08
N LYS C 93 -15.96 -11.75 -14.57
CA LYS C 93 -15.98 -12.81 -15.61
C LYS C 93 -14.74 -13.71 -15.48
N PRO C 94 -14.82 -14.89 -16.04
CA PRO C 94 -13.68 -15.83 -15.97
C PRO C 94 -12.48 -15.24 -16.71
N ILE C 95 -11.33 -15.24 -16.09
CA ILE C 95 -10.13 -14.65 -16.76
C ILE C 95 -9.26 -15.76 -17.38
N ALA C 96 -8.47 -15.40 -18.35
CA ALA C 96 -7.61 -16.42 -19.03
C ALA C 96 -6.14 -16.22 -18.66
N ILE C 97 -5.35 -17.24 -18.78
CA ILE C 97 -3.90 -17.11 -18.47
C ILE C 97 -3.24 -16.09 -19.39
N GLY C 98 -2.94 -14.92 -18.88
CA GLY C 98 -2.30 -13.88 -19.73
C GLY C 98 -3.32 -12.79 -20.06
N GLU C 99 -4.26 -12.55 -19.17
CA GLU C 99 -5.28 -11.50 -19.42
C GLU C 99 -4.93 -10.23 -18.64
N GLU C 100 -5.39 -9.09 -19.09
CA GLU C 100 -5.08 -7.83 -18.36
C GLU C 100 -6.14 -7.56 -17.28
N ILE C 101 -5.73 -7.53 -16.05
CA ILE C 101 -6.71 -7.27 -14.95
C ILE C 101 -6.71 -5.79 -14.57
N THR C 102 -7.87 -5.20 -14.49
CA THR C 102 -7.98 -3.77 -14.11
C THR C 102 -9.36 -3.51 -13.50
N ILE C 103 -9.57 -2.36 -12.92
CA ILE C 103 -10.89 -2.07 -12.31
C ILE C 103 -11.45 -0.73 -12.81
N SER C 104 -10.80 -0.10 -13.75
CA SER C 104 -11.29 1.21 -14.26
C SER C 104 -11.48 2.18 -13.10
N TYR C 105 -12.38 3.12 -13.22
CA TYR C 105 -12.58 4.10 -12.12
C TYR C 105 -14.08 4.28 -11.81
N GLY C 106 -14.79 5.02 -12.62
CA GLY C 106 -16.25 5.21 -12.36
C GLY C 106 -16.89 5.99 -13.51
N ASP C 107 -18.02 6.60 -13.27
CA ASP C 107 -18.70 7.37 -14.35
C ASP C 107 -18.23 8.83 -14.35
N ASP C 108 -17.11 9.11 -13.73
CA ASP C 108 -16.60 10.50 -13.71
C ASP C 108 -15.10 10.52 -13.96
N TYR C 109 -14.35 9.76 -13.22
CA TYR C 109 -12.87 9.73 -13.43
C TYR C 109 -12.55 9.25 -14.84
N TRP C 110 -11.90 10.07 -15.62
CA TRP C 110 -11.54 9.67 -17.02
C TRP C 110 -12.79 9.28 -17.82
N LEU C 111 -13.21 8.05 -17.72
CA LEU C 111 -14.42 7.62 -18.49
C LEU C 111 -15.65 8.41 -18.05
N SER C 112 -16.81 7.81 -18.08
CA SER C 112 -18.05 8.56 -17.70
C SER C 112 -19.24 7.60 -17.61
N ARG C 113 -19.37 6.72 -18.56
CA ARG C 113 -20.52 5.76 -18.53
C ARG C 113 -20.03 4.33 -18.80
N PRO C 114 -20.63 3.39 -18.12
CA PRO C 114 -20.23 1.97 -18.30
C PRO C 114 -20.91 1.38 -19.54
N ARG C 115 -20.43 1.72 -20.71
CA ARG C 115 -21.06 1.18 -21.95
C ARG C 115 -20.06 1.20 -23.10
N LEU C 116 -19.84 0.07 -23.73
CA LEU C 116 -18.88 0.01 -24.86
C LEU C 116 -19.58 -0.50 -26.11
N THR C 117 -19.99 -1.74 -26.10
CA THR C 117 -20.68 -2.32 -27.30
C THR C 117 -22.15 -2.61 -26.96
N GLN C 118 -22.42 -3.00 -25.75
CA GLN C 118 -23.83 -3.29 -25.37
C GLN C 118 -23.97 -3.35 -23.84
N ASN C 119 -24.89 -4.13 -23.36
CA ASN C 119 -25.08 -4.23 -21.88
C ASN C 119 -26.04 -5.37 -21.54
N GLY D 1 4.71 25.45 -24.67
CA GLY D 1 5.07 24.86 -23.36
C GLY D 1 3.84 24.19 -22.75
N LYS D 2 2.83 24.95 -22.43
CA LYS D 2 1.61 24.36 -21.82
C LYS D 2 1.98 23.50 -20.61
N ALA D 3 1.04 22.75 -20.10
CA ALA D 3 1.34 21.87 -18.93
C ALA D 3 0.10 21.06 -18.53
N PRO D 4 -0.97 21.74 -18.21
CA PRO D 4 -2.21 21.05 -17.82
C PRO D 4 -2.82 20.31 -19.01
N ARG D 5 -2.51 20.74 -20.21
CA ARG D 5 -3.06 20.08 -21.42
C ARG D 5 -4.59 20.06 -21.39
N LYS D 6 -5.17 19.08 -20.75
CA LYS D 6 -6.66 19.02 -20.68
C LYS D 6 -7.11 18.20 -19.47
N GLN D 7 -6.78 16.93 -19.44
CA GLN D 7 -7.18 16.08 -18.29
C GLN D 7 -5.95 15.48 -17.61
N LEU D 8 -4.94 16.28 -17.38
CA LEU D 8 -3.71 15.75 -16.72
C LEU D 8 -3.88 15.75 -15.20
N ALA D 9 -4.20 16.87 -14.62
CA ALA D 9 -4.38 16.92 -13.15
C ALA D 9 -5.86 16.89 -12.79
N THR D 10 -6.42 15.73 -12.59
CA THR D 10 -7.87 15.64 -12.24
C THR D 10 -8.07 15.93 -10.75
N LYS D 11 -8.58 17.10 -10.43
CA LYS D 11 -8.80 17.45 -9.00
C LYS D 11 -10.23 17.08 -8.58
N ALA D 12 -11.21 17.72 -9.15
CA ALA D 12 -12.61 17.41 -8.79
C ALA D 12 -12.95 15.95 -9.16
N ALA D 13 -13.94 15.38 -8.52
CA ALA D 13 -14.31 13.97 -8.82
C ALA D 13 -13.15 13.03 -8.55
N ARG D 14 -13.43 11.80 -8.20
CA ARG D 14 -12.34 10.83 -7.92
C ARG D 14 -12.73 9.44 -8.42
N SER D 16 -14.60 6.31 -8.93
CA SER D 16 -16.01 5.94 -8.57
C SER D 16 -16.02 4.93 -7.42
N ALA D 17 -17.19 4.58 -6.95
CA ALA D 17 -17.27 3.60 -5.83
C ALA D 17 -17.96 2.31 -6.29
N PRO D 18 -17.87 1.28 -5.48
CA PRO D 18 -18.49 -0.02 -5.83
C PRO D 18 -20.02 0.11 -5.85
N ALA D 19 -20.62 0.21 -4.70
CA ALA D 19 -22.11 0.33 -4.65
C ALA D 19 -22.52 1.35 -3.58
N THR D 20 -22.99 2.50 -4.00
CA THR D 20 -23.41 3.54 -3.01
C THR D 20 -24.03 4.73 -3.72
N GLY D 21 -24.79 4.49 -4.75
CA GLY D 21 -25.44 5.62 -5.48
C GLY D 21 -26.81 5.91 -4.87
#